data_9C0D
#
_entry.id   9C0D
#
_cell.length_a   1.00
_cell.length_b   1.00
_cell.length_c   1.00
_cell.angle_alpha   90.00
_cell.angle_beta   90.00
_cell.angle_gamma   90.00
#
_symmetry.space_group_name_H-M   'P 1'
#
_entity_poly.entity_id   1
_entity_poly.type   'polypeptide(L)'
_entity_poly.pdbx_seq_one_letter_code
;MAKELKFAEDARAAMLRGVDKLADTVKVTLGPKGRNVVLEKSYGSPLITNDGVTIAKEIELEDHFENMGAKLVSEVASKT
NDIAGDGTTTATVLTQAIVREGLKNVTAGANPLGIRRGIELATKAAVEELHNISTVVDSKEAIAQVAAVSSGSDKVGHLI
ADAMEKVGNDGVITIEESKGIETELDVVEGMQFDRGYLSQYMVTDNDKMEAVLENPYILITDKKISNIQDILPLLEQILQ
QSRPLLIIADDVDGEALPTLVLNKIRGTFNVVAVKAPGFGDRRKAMLEDIAILTGGTVITDDLGLELKDVTIENLGNASK
VVVDKDNTTIVEGSGEKEAIEARVQLIKNQIAETTSDFDREKLQERLAKLAGGVAVVKVGAATETELKELKLRIEDALNA
TRAAVEEGMVSGGGTALVNVISKVSAVEAEGDVATGIKIVVRALEEPIRQIAENAGYEGSVIVDKLKNVELGTGFNAATG
EWVNMVEAGIVDPTKVTRSALQNAASVSALLLTTEAVVADKPEPAAPAAPAMDPSMMGGMM
;
_entity_poly.pdbx_strand_id   A,B,C,I,D,J,E,K,F,L,G,M,H,N
#
# COMPACT_ATOMS: atom_id res chain seq x y z
N MET A 1 30.11 -6.27 -18.61
CA MET A 1 28.74 -6.41 -18.14
C MET A 1 27.76 -5.66 -19.03
N ALA A 2 26.51 -5.58 -18.58
CA ALA A 2 25.47 -4.93 -19.38
C ALA A 2 25.79 -3.45 -19.57
N LYS A 3 25.45 -2.94 -20.75
CA LYS A 3 25.71 -1.55 -21.09
C LYS A 3 24.45 -0.71 -20.91
N GLU A 4 24.65 0.61 -20.86
CA GLU A 4 23.58 1.58 -20.59
C GLU A 4 23.57 2.62 -21.70
N LEU A 5 23.55 2.15 -22.94
CA LEU A 5 23.60 3.00 -24.13
C LEU A 5 22.65 4.19 -24.01
N LYS A 6 23.22 5.40 -24.05
CA LYS A 6 22.46 6.63 -23.92
C LYS A 6 23.03 7.68 -24.86
N PHE A 7 22.14 8.41 -25.53
CA PHE A 7 22.59 9.31 -26.60
C PHE A 7 22.12 10.74 -26.37
N ALA A 8 22.31 11.59 -27.38
CA ALA A 8 21.79 12.95 -27.42
C ALA A 8 22.29 13.80 -26.25
N GLU A 9 21.38 14.59 -25.66
CA GLU A 9 21.76 15.61 -24.70
C GLU A 9 21.88 15.10 -23.28
N ASP A 10 20.98 14.22 -22.84
CA ASP A 10 21.03 13.73 -21.46
C ASP A 10 22.36 13.05 -21.15
N ALA A 11 22.96 12.39 -22.14
CA ALA A 11 24.31 11.88 -21.96
C ALA A 11 25.28 13.02 -21.68
N ARG A 12 25.21 14.08 -22.47
CA ARG A 12 26.03 15.25 -22.21
C ARG A 12 25.62 15.92 -20.91
N ALA A 13 24.34 15.81 -20.54
CA ALA A 13 23.91 16.36 -19.26
C ALA A 13 24.59 15.67 -18.09
N ALA A 14 24.68 14.33 -18.13
CA ALA A 14 25.39 13.61 -17.09
C ALA A 14 26.88 13.90 -17.12
N MET A 15 27.43 14.01 -18.33
CA MET A 15 28.84 14.41 -18.47
C MET A 15 29.09 15.72 -17.72
N LEU A 16 28.24 16.71 -17.99
CA LEU A 16 28.35 18.02 -17.37
C LEU A 16 28.15 17.94 -15.86
N ARG A 17 27.21 17.12 -15.41
CA ARG A 17 26.98 16.99 -13.97
C ARG A 17 28.22 16.47 -13.27
N GLY A 18 28.85 15.44 -13.83
CA GLY A 18 30.07 14.93 -13.24
C GLY A 18 31.19 15.97 -13.23
N VAL A 19 31.37 16.65 -14.36
CA VAL A 19 32.42 17.66 -14.43
C VAL A 19 32.15 18.78 -13.43
N ASP A 20 30.88 19.16 -13.28
CA ASP A 20 30.52 20.22 -12.34
C ASP A 20 30.79 19.79 -10.90
N LYS A 21 30.48 18.54 -10.55
CA LYS A 21 30.78 18.09 -9.21
C LYS A 21 32.28 18.15 -8.93
N LEU A 22 33.08 17.65 -9.87
CA LEU A 22 34.53 17.67 -9.67
C LEU A 22 35.05 19.11 -9.57
N ALA A 23 34.55 20.00 -10.43
CA ALA A 23 35.01 21.38 -10.42
C ALA A 23 34.60 22.09 -9.14
N ASP A 24 33.39 21.84 -8.65
CA ASP A 24 32.96 22.45 -7.40
C ASP A 24 33.77 21.93 -6.23
N THR A 25 34.24 20.69 -6.30
CA THR A 25 35.10 20.19 -5.24
C THR A 25 36.50 20.82 -5.31
N VAL A 26 37.02 21.03 -6.52
CA VAL A 26 38.42 21.42 -6.67
C VAL A 26 38.60 22.92 -6.56
N LYS A 27 37.78 23.71 -7.28
CA LYS A 27 38.09 25.11 -7.51
C LYS A 27 38.11 25.95 -6.23
N VAL A 28 37.51 25.48 -5.15
CA VAL A 28 37.47 26.28 -3.93
C VAL A 28 38.86 26.44 -3.33
N THR A 29 39.83 25.62 -3.73
CA THR A 29 41.19 25.73 -3.25
C THR A 29 42.04 26.64 -4.11
N LEU A 30 41.49 27.17 -5.20
CA LEU A 30 42.28 27.99 -6.12
C LEU A 30 42.66 29.32 -5.47
N GLY A 31 43.86 29.78 -5.78
CA GLY A 31 44.32 31.08 -5.32
C GLY A 31 45.00 31.02 -3.98
N PRO A 32 45.73 32.08 -3.63
CA PRO A 32 46.40 32.10 -2.32
C PRO A 32 45.44 32.03 -1.16
N LYS A 33 44.23 32.58 -1.29
CA LYS A 33 43.24 32.55 -0.24
C LYS A 33 42.30 31.35 -0.37
N GLY A 34 42.78 30.24 -0.90
CA GLY A 34 41.93 29.09 -1.08
C GLY A 34 41.43 28.53 0.24
N ARG A 35 40.21 28.00 0.22
CA ARG A 35 39.63 27.40 1.40
C ARG A 35 39.90 25.89 1.42
N ASN A 36 39.80 25.33 2.62
CA ASN A 36 40.21 23.95 2.85
C ASN A 36 39.10 22.97 2.53
N VAL A 37 39.50 21.76 2.14
CA VAL A 37 38.58 20.67 1.83
C VAL A 37 39.00 19.47 2.67
N VAL A 38 38.02 18.77 3.24
CA VAL A 38 38.28 17.64 4.12
C VAL A 38 38.03 16.35 3.35
N LEU A 39 38.99 15.44 3.41
CA LEU A 39 38.91 14.16 2.74
C LEU A 39 38.85 13.04 3.75
N GLU A 40 37.97 12.06 3.51
CA GLU A 40 37.86 10.91 4.38
C GLU A 40 39.00 9.93 4.13
N LYS A 41 39.41 9.24 5.18
CA LYS A 41 40.42 8.21 5.09
C LYS A 41 39.91 6.93 5.75
N SER A 42 40.34 5.79 5.21
CA SER A 42 39.91 4.51 5.76
C SER A 42 40.38 4.33 7.19
N TYR A 43 41.62 4.71 7.48
CA TYR A 43 42.19 4.61 8.81
C TYR A 43 42.80 5.95 9.20
N GLY A 44 42.81 6.20 10.51
CA GLY A 44 43.38 7.43 11.02
C GLY A 44 42.43 8.60 10.88
N SER A 45 42.93 9.75 11.34
CA SER A 45 42.13 10.97 11.29
C SER A 45 41.92 11.42 9.85
N PRO A 46 40.80 12.08 9.56
CA PRO A 46 40.62 12.63 8.22
C PRO A 46 41.65 13.70 7.91
N LEU A 47 42.02 13.78 6.64
CA LEU A 47 43.03 14.73 6.20
C LEU A 47 42.36 15.99 5.66
N ILE A 48 42.82 17.14 6.16
CA ILE A 48 42.33 18.44 5.71
C ILE A 48 43.43 19.08 4.87
N THR A 49 43.07 19.48 3.65
CA THR A 49 44.07 20.02 2.74
C THR A 49 43.40 20.97 1.75
N ASN A 50 44.24 21.81 1.15
CA ASN A 50 43.82 22.67 0.05
C ASN A 50 44.63 22.40 -1.22
N ASP A 51 45.24 21.23 -1.29
CA ASP A 51 46.02 20.82 -2.46
C ASP A 51 45.06 20.26 -3.51
N GLY A 52 45.04 20.88 -4.69
CA GLY A 52 44.05 20.51 -5.69
C GLY A 52 44.23 19.11 -6.23
N VAL A 53 45.47 18.73 -6.53
CA VAL A 53 45.71 17.47 -7.23
C VAL A 53 45.31 16.28 -6.37
N THR A 54 45.60 16.34 -5.07
CA THR A 54 45.23 15.24 -4.19
C THR A 54 43.71 15.08 -4.13
N ILE A 55 42.99 16.20 -4.00
CA ILE A 55 41.54 16.15 -3.94
C ILE A 55 40.97 15.59 -5.24
N ALA A 56 41.50 16.03 -6.37
CA ALA A 56 41.05 15.49 -7.64
C ALA A 56 41.31 13.98 -7.73
N LYS A 57 42.45 13.54 -7.21
CA LYS A 57 42.74 12.11 -7.22
C LYS A 57 41.75 11.33 -6.38
N GLU A 58 41.38 11.87 -5.21
CA GLU A 58 40.52 11.13 -4.28
C GLU A 58 39.06 11.05 -4.70
N ILE A 59 38.66 11.79 -5.74
CA ILE A 59 37.24 11.86 -6.09
C ILE A 59 36.84 10.63 -6.89
N GLU A 60 35.72 10.03 -6.51
CA GLU A 60 35.15 8.90 -7.23
C GLU A 60 33.64 8.92 -7.02
N LEU A 61 32.89 8.93 -8.11
CA LEU A 61 31.44 9.13 -8.05
C LEU A 61 30.70 7.83 -8.32
N GLU A 62 29.56 7.67 -7.65
CA GLU A 62 28.77 6.44 -7.80
C GLU A 62 28.09 6.38 -9.16
N ASP A 63 27.49 7.48 -9.60
CA ASP A 63 26.91 7.53 -10.93
C ASP A 63 27.99 7.26 -11.96
N HIS A 64 27.73 6.30 -12.85
CA HIS A 64 28.78 5.86 -13.77
C HIS A 64 29.18 6.99 -14.72
N PHE A 65 28.22 7.72 -15.26
CA PHE A 65 28.54 8.77 -16.24
C PHE A 65 29.24 9.94 -15.57
N GLU A 66 28.79 10.33 -14.39
CA GLU A 66 29.51 11.35 -13.63
C GLU A 66 30.91 10.86 -13.29
N ASN A 67 31.06 9.56 -13.06
CA ASN A 67 32.39 8.99 -12.86
C ASN A 67 33.23 9.12 -14.11
N MET A 68 32.60 8.95 -15.28
CA MET A 68 33.31 9.17 -16.55
C MET A 68 33.84 10.59 -16.63
N GLY A 69 32.99 11.56 -16.30
CA GLY A 69 33.42 12.95 -16.33
C GLY A 69 34.56 13.21 -15.36
N ALA A 70 34.45 12.69 -14.14
CA ALA A 70 35.49 12.89 -13.15
C ALA A 70 36.82 12.29 -13.61
N LYS A 71 36.78 11.06 -14.13
CA LYS A 71 38.01 10.42 -14.59
C LYS A 71 38.62 11.17 -15.76
N LEU A 72 37.78 11.66 -16.67
CA LEU A 72 38.29 12.44 -17.79
C LEU A 72 39.03 13.68 -17.31
N VAL A 73 38.39 14.48 -16.47
CA VAL A 73 39.02 15.72 -16.03
C VAL A 73 40.27 15.43 -15.20
N SER A 74 40.24 14.35 -14.41
CA SER A 74 41.42 13.97 -13.64
C SER A 74 42.59 13.61 -14.57
N GLU A 75 42.32 12.85 -15.63
CA GLU A 75 43.39 12.53 -16.55
C GLU A 75 43.88 13.77 -17.29
N VAL A 76 43.01 14.77 -17.48
CA VAL A 76 43.46 16.03 -18.04
C VAL A 76 44.46 16.69 -17.11
N ALA A 77 44.09 16.81 -15.84
CA ALA A 77 44.97 17.44 -14.86
C ALA A 77 46.27 16.66 -14.71
N SER A 78 46.24 15.36 -15.02
CA SER A 78 47.43 14.54 -14.94
C SER A 78 48.52 15.04 -15.87
N LYS A 79 48.14 15.47 -17.08
CA LYS A 79 49.13 15.95 -18.04
C LYS A 79 49.79 17.25 -17.61
N THR A 80 49.24 17.94 -16.61
CA THR A 80 49.71 19.27 -16.26
C THR A 80 50.33 19.35 -14.87
N ASN A 81 49.94 18.48 -13.93
CA ASN A 81 50.46 18.61 -12.56
C ASN A 81 51.95 18.31 -12.48
N ASP A 82 52.51 17.72 -13.55
CA ASP A 82 53.94 17.40 -13.54
C ASP A 82 54.79 18.64 -13.30
N ILE A 83 54.47 19.73 -14.00
CA ILE A 83 55.19 20.98 -13.79
C ILE A 83 54.46 21.80 -12.73
N ALA A 84 55.23 22.42 -11.84
CA ALA A 84 54.70 23.18 -10.70
C ALA A 84 53.70 22.35 -9.91
N GLY A 85 52.75 23.04 -9.26
CA GLY A 85 51.74 22.36 -8.48
C GLY A 85 50.38 23.01 -8.54
N ASP A 86 50.22 24.01 -9.41
CA ASP A 86 48.98 24.76 -9.52
C ASP A 86 48.29 24.60 -10.87
N GLY A 87 49.00 24.15 -11.90
CA GLY A 87 48.39 23.99 -13.21
C GLY A 87 47.38 22.87 -13.30
N THR A 88 47.27 22.05 -12.27
CA THR A 88 46.30 20.97 -12.22
C THR A 88 44.92 21.44 -11.79
N THR A 89 44.78 22.72 -11.44
CA THR A 89 43.51 23.26 -10.98
C THR A 89 42.88 24.23 -11.96
N THR A 90 43.67 25.18 -12.49
CA THR A 90 43.12 26.15 -13.44
C THR A 90 42.54 25.44 -14.66
N ALA A 91 43.17 24.35 -15.08
CA ALA A 91 42.67 23.58 -16.21
C ALA A 91 41.27 23.07 -15.94
N THR A 92 41.02 22.58 -14.72
CA THR A 92 39.70 22.08 -14.38
C THR A 92 38.66 23.20 -14.43
N VAL A 93 38.99 24.37 -13.90
CA VAL A 93 38.04 25.48 -13.89
C VAL A 93 37.70 25.91 -15.31
N LEU A 94 38.73 26.07 -16.14
CA LEU A 94 38.49 26.46 -17.52
C LEU A 94 37.67 25.41 -18.26
N THR A 95 37.98 24.13 -18.03
CA THR A 95 37.23 23.07 -18.67
C THR A 95 35.77 23.11 -18.27
N GLN A 96 35.49 23.32 -16.98
CA GLN A 96 34.11 23.40 -16.52
C GLN A 96 33.37 24.54 -17.20
N ALA A 97 33.98 25.73 -17.20
CA ALA A 97 33.31 26.89 -17.78
C ALA A 97 33.03 26.67 -19.26
N ILE A 98 34.05 26.23 -20.01
CA ILE A 98 33.89 26.03 -21.44
C ILE A 98 32.81 24.99 -21.71
N VAL A 99 32.84 23.88 -20.97
CA VAL A 99 31.88 22.81 -21.21
C VAL A 99 30.46 23.30 -20.94
N ARG A 100 30.26 24.02 -19.83
CA ARG A 100 28.91 24.48 -19.50
C ARG A 100 28.38 25.42 -20.59
N GLU A 101 29.15 26.44 -20.93
CA GLU A 101 28.64 27.43 -21.88
C GLU A 101 28.48 26.82 -23.28
N GLY A 102 29.40 25.92 -23.66
CA GLY A 102 29.28 25.26 -24.94
C GLY A 102 28.07 24.36 -25.02
N LEU A 103 27.78 23.64 -23.94
CA LEU A 103 26.58 22.81 -23.92
C LEU A 103 25.33 23.66 -24.05
N LYS A 104 25.29 24.79 -23.33
CA LYS A 104 24.13 25.65 -23.42
C LYS A 104 23.95 26.19 -24.84
N ASN A 105 25.06 26.56 -25.49
CA ASN A 105 24.95 27.06 -26.87
C ASN A 105 24.53 25.94 -27.83
N VAL A 106 25.07 24.74 -27.65
CA VAL A 106 24.76 23.63 -28.54
C VAL A 106 23.29 23.24 -28.42
N THR A 107 22.74 23.35 -27.21
CA THR A 107 21.33 22.98 -27.01
C THR A 107 20.41 23.76 -27.94
N ALA A 108 20.81 24.98 -28.33
CA ALA A 108 20.02 25.83 -29.20
C ALA A 108 20.55 25.89 -30.62
N GLY A 109 21.03 24.75 -31.14
CA GLY A 109 21.60 24.72 -32.47
C GLY A 109 23.11 24.70 -32.43
N ALA A 110 23.76 25.61 -33.15
CA ALA A 110 25.21 25.81 -33.02
C ALA A 110 25.98 24.53 -33.28
N ASN A 111 26.03 24.09 -34.54
CA ASN A 111 26.74 22.88 -34.97
C ASN A 111 28.05 22.73 -34.21
N PRO A 112 28.21 21.63 -33.46
CA PRO A 112 29.36 21.52 -32.55
C PRO A 112 30.71 21.59 -33.24
N LEU A 113 30.82 21.19 -34.50
CA LEU A 113 32.10 21.25 -35.18
C LEU A 113 32.58 22.69 -35.31
N GLY A 114 31.67 23.61 -35.63
CA GLY A 114 32.04 25.01 -35.64
C GLY A 114 32.52 25.51 -34.29
N ILE A 115 31.87 25.05 -33.22
CA ILE A 115 32.29 25.44 -31.88
C ILE A 115 33.69 24.93 -31.60
N ARG A 116 33.98 23.68 -31.98
CA ARG A 116 35.31 23.13 -31.75
C ARG A 116 36.36 23.90 -32.55
N ARG A 117 36.04 24.24 -33.80
CA ARG A 117 36.98 25.02 -34.62
C ARG A 117 37.25 26.38 -34.00
N GLY A 118 36.19 27.06 -33.56
CA GLY A 118 36.37 28.36 -32.93
C GLY A 118 37.17 28.27 -31.65
N ILE A 119 36.92 27.24 -30.84
CA ILE A 119 37.69 27.06 -29.61
C ILE A 119 39.16 26.85 -29.93
N GLU A 120 39.46 26.02 -30.93
CA GLU A 120 40.85 25.78 -31.29
C GLU A 120 41.51 27.06 -31.78
N LEU A 121 40.82 27.83 -32.61
CA LEU A 121 41.40 29.07 -33.11
C LEU A 121 41.67 30.05 -31.98
N ALA A 122 40.71 30.20 -31.06
CA ALA A 122 40.90 31.11 -29.95
C ALA A 122 42.05 30.66 -29.06
N THR A 123 42.15 29.35 -28.81
CA THR A 123 43.24 28.84 -27.98
C THR A 123 44.59 29.07 -28.64
N LYS A 124 44.67 28.86 -29.96
CA LYS A 124 45.93 29.09 -30.66
C LYS A 124 46.32 30.57 -30.58
N ALA A 125 45.36 31.47 -30.78
CA ALA A 125 45.64 32.89 -30.67
C ALA A 125 46.09 33.26 -29.26
N ALA A 126 45.44 32.67 -28.24
CA ALA A 126 45.82 32.96 -26.86
C ALA A 126 47.22 32.47 -26.55
N VAL A 127 47.58 31.28 -27.03
CA VAL A 127 48.91 30.75 -26.81
C VAL A 127 49.94 31.65 -27.49
N GLU A 128 49.65 32.10 -28.70
CA GLU A 128 50.56 33.00 -29.40
C GLU A 128 50.74 34.30 -28.61
N GLU A 129 49.64 34.85 -28.10
CA GLU A 129 49.74 36.08 -27.32
C GLU A 129 50.54 35.87 -26.03
N LEU A 130 50.32 34.74 -25.36
CA LEU A 130 51.08 34.46 -24.15
C LEU A 130 52.57 34.37 -24.44
N HIS A 131 52.93 33.68 -25.51
CA HIS A 131 54.34 33.67 -25.92
C HIS A 131 54.83 35.05 -26.33
N ASN A 132 53.91 35.95 -26.72
CA ASN A 132 54.31 37.30 -27.08
C ASN A 132 54.68 38.12 -25.86
N ILE A 133 53.74 38.32 -24.95
CA ILE A 133 54.00 39.08 -23.74
C ILE A 133 54.53 38.14 -22.66
N SER A 134 55.80 38.34 -22.29
CA SER A 134 56.42 37.53 -21.27
C SER A 134 57.75 38.16 -20.89
N THR A 135 58.10 38.05 -19.62
CA THR A 135 59.39 38.48 -19.11
C THR A 135 60.36 37.31 -19.30
N VAL A 136 61.20 37.41 -20.33
CA VAL A 136 62.13 36.32 -20.62
C VAL A 136 63.13 36.19 -19.48
N VAL A 137 63.27 34.97 -18.97
CA VAL A 137 64.18 34.71 -17.86
C VAL A 137 65.37 33.93 -18.36
N ASP A 138 66.46 34.63 -18.65
CA ASP A 138 67.69 34.01 -19.11
C ASP A 138 68.94 34.51 -18.39
N SER A 139 68.90 35.70 -17.80
CA SER A 139 70.04 36.19 -17.03
C SER A 139 70.24 35.35 -15.78
N LYS A 140 71.51 35.18 -15.39
CA LYS A 140 71.83 34.40 -14.21
C LYS A 140 71.20 35.02 -12.97
N GLU A 141 71.26 36.34 -12.84
CA GLU A 141 70.68 37.01 -11.69
C GLU A 141 69.17 36.83 -11.64
N ALA A 142 68.51 36.94 -12.79
CA ALA A 142 67.06 36.74 -12.83
C ALA A 142 66.70 35.31 -12.47
N ILE A 143 67.46 34.33 -12.97
CA ILE A 143 67.19 32.94 -12.63
C ILE A 143 67.36 32.72 -11.13
N ALA A 144 68.43 33.28 -10.55
CA ALA A 144 68.66 33.13 -9.13
C ALA A 144 67.54 33.78 -8.33
N GLN A 145 67.06 34.94 -8.79
CA GLN A 145 65.96 35.61 -8.11
C GLN A 145 64.69 34.77 -8.15
N VAL A 146 64.34 34.25 -9.33
CA VAL A 146 63.13 33.47 -9.52
C VAL A 146 63.19 32.24 -8.63
N ALA A 147 64.35 31.58 -8.61
CA ALA A 147 64.53 30.44 -7.72
C ALA A 147 64.40 30.87 -6.26
N ALA A 148 64.86 32.09 -5.94
CA ALA A 148 64.77 32.58 -4.58
C ALA A 148 63.33 32.82 -4.16
N VAL A 149 62.43 32.99 -5.12
CA VAL A 149 61.01 33.11 -4.80
C VAL A 149 60.49 31.72 -4.48
N SER A 150 59.41 31.30 -5.15
CA SER A 150 58.69 30.08 -4.79
C SER A 150 58.57 30.01 -3.28
N SER A 151 59.30 29.08 -2.66
CA SER A 151 59.61 29.22 -1.24
C SER A 151 61.12 29.38 -1.11
N GLY A 152 61.87 28.36 -1.58
CA GLY A 152 63.29 28.42 -1.85
C GLY A 152 64.17 29.27 -0.95
N SER A 153 63.88 29.25 0.37
CA SER A 153 64.47 30.14 1.37
C SER A 153 65.14 31.36 0.76
N ASP A 154 66.47 31.42 0.86
CA ASP A 154 67.24 32.37 0.07
C ASP A 154 68.43 31.66 -0.57
N LYS A 155 69.00 30.69 0.12
CA LYS A 155 70.21 30.03 -0.36
C LYS A 155 69.92 29.16 -1.57
N VAL A 156 68.68 28.67 -1.70
CA VAL A 156 68.32 27.82 -2.82
C VAL A 156 68.50 28.56 -4.13
N GLY A 157 68.22 29.86 -4.15
CA GLY A 157 68.41 30.62 -5.37
C GLY A 157 69.84 30.58 -5.86
N HIS A 158 70.79 30.88 -4.97
CA HIS A 158 72.20 30.86 -5.35
C HIS A 158 72.66 29.45 -5.68
N LEU A 159 72.23 28.46 -4.90
CA LEU A 159 72.65 27.08 -5.15
C LEU A 159 72.19 26.62 -6.53
N ILE A 160 70.93 26.89 -6.86
CA ILE A 160 70.38 26.53 -8.16
C ILE A 160 71.10 27.31 -9.26
N ALA A 161 71.38 28.59 -9.03
CA ALA A 161 72.09 29.38 -10.02
C ALA A 161 73.47 28.80 -10.33
N ASP A 162 74.22 28.48 -9.28
CA ASP A 162 75.57 27.97 -9.48
C ASP A 162 75.56 26.59 -10.15
N ALA A 163 74.67 25.71 -9.71
CA ALA A 163 74.57 24.39 -10.34
C ALA A 163 74.16 24.52 -11.80
N MET A 164 73.18 25.38 -12.08
CA MET A 164 72.69 25.60 -13.43
C MET A 164 73.80 26.13 -14.34
N GLU A 165 74.59 27.10 -13.86
CA GLU A 165 75.71 27.58 -14.63
C GLU A 165 76.73 26.47 -14.88
N LYS A 166 77.02 25.68 -13.84
CA LYS A 166 78.04 24.64 -13.97
C LYS A 166 77.63 23.54 -14.94
N VAL A 167 76.38 23.09 -14.91
CA VAL A 167 75.94 21.99 -15.76
C VAL A 167 75.24 22.46 -17.01
N GLY A 168 74.91 23.74 -17.10
CA GLY A 168 74.18 24.25 -18.25
C GLY A 168 72.68 24.14 -18.08
N ASN A 169 71.98 24.62 -19.12
CA ASN A 169 70.53 24.69 -19.04
C ASN A 169 69.92 23.29 -18.95
N ASP A 170 70.38 22.36 -19.77
CA ASP A 170 69.88 21.00 -19.78
C ASP A 170 70.67 20.05 -18.89
N GLY A 171 71.66 20.57 -18.16
CA GLY A 171 72.46 19.71 -17.30
C GLY A 171 71.65 19.10 -16.18
N VAL A 172 72.08 17.92 -15.76
CA VAL A 172 71.37 17.16 -14.73
C VAL A 172 71.76 17.69 -13.37
N ILE A 173 70.75 18.01 -12.56
CA ILE A 173 70.94 18.48 -11.19
C ILE A 173 70.24 17.50 -10.26
N THR A 174 70.98 17.00 -9.27
CA THR A 174 70.46 16.03 -8.33
C THR A 174 70.49 16.60 -6.91
N ILE A 175 69.55 16.16 -6.09
CA ILE A 175 69.39 16.64 -4.73
C ILE A 175 69.59 15.45 -3.79
N GLU A 176 70.46 15.64 -2.79
CA GLU A 176 70.78 14.59 -1.84
C GLU A 176 70.74 15.14 -0.42
N GLU A 177 70.66 14.23 0.54
CA GLU A 177 70.62 14.59 1.95
C GLU A 177 72.01 14.46 2.54
N SER A 178 72.65 15.60 2.84
CA SER A 178 73.95 15.59 3.48
C SER A 178 73.81 15.19 4.95
N LYS A 179 74.77 14.40 5.43
CA LYS A 179 74.76 14.00 6.83
C LYS A 179 75.09 15.18 7.75
N GLY A 180 75.68 16.24 7.22
CA GLY A 180 75.99 17.42 8.01
C GLY A 180 74.79 18.33 8.16
N ILE A 181 75.06 19.52 8.69
CA ILE A 181 74.01 20.51 8.90
C ILE A 181 73.96 21.54 7.77
N GLU A 182 74.90 21.52 6.85
CA GLU A 182 74.98 22.50 5.78
C GLU A 182 74.63 21.86 4.44
N THR A 183 73.94 22.63 3.60
CA THR A 183 73.62 22.19 2.24
C THR A 183 74.77 22.57 1.31
N GLU A 184 75.27 21.59 0.56
CA GLU A 184 76.43 21.77 -0.29
C GLU A 184 76.11 21.35 -1.72
N LEU A 185 76.79 21.98 -2.67
CA LEU A 185 76.63 21.70 -4.09
C LEU A 185 77.89 21.03 -4.61
N ASP A 186 77.71 19.91 -5.31
CA ASP A 186 78.82 19.15 -5.88
C ASP A 186 78.51 18.80 -7.32
N VAL A 187 79.55 18.82 -8.17
CA VAL A 187 79.46 18.43 -9.56
C VAL A 187 80.37 17.21 -9.76
N VAL A 188 79.79 16.11 -10.21
CA VAL A 188 80.51 14.85 -10.37
C VAL A 188 80.23 14.29 -11.76
N GLU A 189 80.93 13.21 -12.08
CA GLU A 189 80.66 12.49 -13.32
C GLU A 189 79.42 11.64 -13.15
N GLY A 190 78.42 11.86 -14.01
CA GLY A 190 77.15 11.18 -13.92
C GLY A 190 76.53 10.97 -15.28
N MET A 191 75.37 10.31 -15.29
CA MET A 191 74.72 9.90 -16.53
C MET A 191 73.22 9.88 -16.31
N GLN A 192 72.49 10.67 -17.10
CA GLN A 192 71.04 10.56 -17.13
C GLN A 192 70.61 10.38 -18.57
N PHE A 193 69.75 9.39 -18.81
CA PHE A 193 69.21 9.13 -20.13
C PHE A 193 67.73 8.82 -20.00
N ASP A 194 67.00 9.07 -21.09
CA ASP A 194 65.54 8.98 -21.11
C ASP A 194 65.10 7.51 -21.27
N ARG A 195 65.31 6.75 -20.19
CA ARG A 195 64.85 5.37 -20.11
C ARG A 195 64.37 5.12 -18.68
N GLY A 196 63.06 5.00 -18.51
CA GLY A 196 62.50 4.72 -17.21
C GLY A 196 62.51 3.24 -16.89
N TYR A 197 61.98 2.93 -15.71
CA TYR A 197 61.90 1.54 -15.28
C TYR A 197 60.92 0.78 -16.16
N LEU A 198 61.16 -0.53 -16.27
CA LEU A 198 60.28 -1.39 -17.04
C LEU A 198 58.97 -1.68 -16.32
N SER A 199 58.95 -1.59 -14.99
CA SER A 199 57.72 -1.83 -14.23
C SER A 199 57.77 -1.01 -12.96
N GLN A 200 56.58 -0.74 -12.42
CA GLN A 200 56.44 0.04 -11.20
C GLN A 200 56.67 -0.78 -9.94
N TYR A 201 56.73 -2.11 -10.05
CA TYR A 201 56.90 -2.96 -8.88
C TYR A 201 58.27 -2.79 -8.22
N MET A 202 59.29 -2.41 -8.98
CA MET A 202 60.63 -2.24 -8.45
C MET A 202 60.91 -0.80 -8.01
N VAL A 203 59.87 0.01 -7.85
CA VAL A 203 60.06 1.40 -7.41
C VAL A 203 60.42 1.41 -5.93
N THR A 204 61.56 2.00 -5.61
CA THR A 204 62.03 2.09 -4.23
C THR A 204 61.30 3.16 -3.43
N ASP A 205 61.07 4.32 -4.04
CA ASP A 205 60.42 5.45 -3.38
C ASP A 205 59.03 5.59 -3.99
N ASN A 206 58.02 5.05 -3.29
CA ASN A 206 56.66 5.12 -3.79
C ASN A 206 56.15 6.55 -3.87
N ASP A 207 56.48 7.37 -2.86
CA ASP A 207 56.01 8.76 -2.85
C ASP A 207 56.57 9.54 -4.03
N LYS A 208 57.87 9.36 -4.31
CA LYS A 208 58.49 10.03 -5.44
C LYS A 208 58.42 9.22 -6.72
N MET A 209 57.91 7.99 -6.66
CA MET A 209 57.71 7.13 -7.83
C MET A 209 59.05 6.69 -8.40
N GLU A 210 60.14 7.26 -7.89
CA GLU A 210 61.48 7.02 -8.40
C GLU A 210 62.08 5.77 -7.77
N ALA A 211 62.93 5.10 -8.55
CA ALA A 211 63.70 3.96 -8.06
C ALA A 211 65.09 4.46 -7.67
N VAL A 212 65.47 4.22 -6.43
CA VAL A 212 66.73 4.72 -5.87
C VAL A 212 67.60 3.53 -5.51
N LEU A 213 68.82 3.51 -6.05
CA LEU A 213 69.79 2.47 -5.75
C LEU A 213 71.08 3.11 -5.25
N GLU A 214 71.61 2.60 -4.15
CA GLU A 214 72.82 3.12 -3.54
C GLU A 214 73.95 2.13 -3.75
N ASN A 215 75.03 2.60 -4.37
CA ASN A 215 76.16 1.75 -4.74
C ASN A 215 75.71 0.47 -5.43
N PRO A 216 75.01 0.56 -6.56
CA PRO A 216 74.51 -0.64 -7.22
C PRO A 216 75.47 -1.16 -8.28
N TYR A 217 75.31 -2.44 -8.60
CA TYR A 217 76.00 -3.02 -9.73
C TYR A 217 75.22 -2.74 -11.00
N ILE A 218 75.93 -2.50 -12.10
CA ILE A 218 75.34 -2.06 -13.35
C ILE A 218 75.62 -3.11 -14.42
N LEU A 219 74.57 -3.66 -15.00
CA LEU A 219 74.68 -4.60 -16.11
C LEU A 219 74.45 -3.83 -17.41
N ILE A 220 75.45 -3.87 -18.28
CA ILE A 220 75.42 -3.13 -19.54
C ILE A 220 75.50 -4.14 -20.68
N THR A 221 74.45 -4.19 -21.50
CA THR A 221 74.41 -5.12 -22.61
C THR A 221 73.44 -4.60 -23.67
N ASP A 222 73.70 -4.96 -24.92
CA ASP A 222 72.81 -4.64 -26.03
C ASP A 222 71.88 -5.79 -26.38
N LYS A 223 72.03 -6.94 -25.73
CA LYS A 223 71.22 -8.10 -26.04
C LYS A 223 69.85 -8.01 -25.38
N LYS A 224 68.94 -8.86 -25.85
CA LYS A 224 67.61 -8.94 -25.28
C LYS A 224 67.57 -10.05 -24.24
N ILE A 225 67.06 -9.73 -23.05
CA ILE A 225 67.05 -10.66 -21.93
C ILE A 225 65.62 -11.12 -21.73
N SER A 226 65.29 -12.29 -22.29
CA SER A 226 63.99 -12.90 -22.10
C SER A 226 64.02 -14.14 -21.22
N ASN A 227 65.20 -14.67 -20.94
CA ASN A 227 65.36 -15.86 -20.11
C ASN A 227 66.10 -15.50 -18.83
N ILE A 228 65.54 -15.89 -17.70
CA ILE A 228 66.20 -15.65 -16.41
C ILE A 228 67.42 -16.54 -16.25
N GLN A 229 67.50 -17.65 -16.98
CA GLN A 229 68.64 -18.55 -16.86
C GLN A 229 69.93 -17.91 -17.33
N ASP A 230 69.84 -16.95 -18.26
CA ASP A 230 71.04 -16.32 -18.80
C ASP A 230 71.80 -15.50 -17.76
N ILE A 231 71.15 -15.15 -16.65
CA ILE A 231 71.75 -14.28 -15.64
C ILE A 231 71.77 -14.90 -14.26
N LEU A 232 71.37 -16.16 -14.12
CA LEU A 232 71.35 -16.78 -12.80
C LEU A 232 72.69 -16.80 -12.10
N PRO A 233 73.81 -17.16 -12.73
CA PRO A 233 75.10 -17.07 -12.02
C PRO A 233 75.42 -15.67 -11.53
N LEU A 234 75.19 -14.66 -12.38
CA LEU A 234 75.44 -13.29 -11.97
C LEU A 234 74.48 -12.86 -10.87
N LEU A 235 73.22 -13.30 -10.94
CA LEU A 235 72.27 -13.01 -9.87
C LEU A 235 72.75 -13.60 -8.56
N GLU A 236 73.25 -14.83 -8.58
CA GLU A 236 73.76 -15.46 -7.36
C GLU A 236 74.99 -14.71 -6.84
N GLN A 237 75.87 -14.28 -7.75
CA GLN A 237 77.05 -13.52 -7.33
C GLN A 237 76.64 -12.22 -6.64
N ILE A 238 75.67 -11.52 -7.22
CA ILE A 238 75.24 -10.24 -6.65
C ILE A 238 74.51 -10.46 -5.33
N LEU A 239 73.72 -11.53 -5.24
CA LEU A 239 73.09 -11.89 -3.97
C LEU A 239 74.14 -12.17 -2.90
N GLN A 240 75.23 -12.84 -3.27
CA GLN A 240 76.34 -13.00 -2.36
C GLN A 240 76.92 -11.65 -1.93
N GLN A 241 77.07 -10.73 -2.90
CA GLN A 241 77.53 -9.39 -2.57
C GLN A 241 76.48 -8.55 -1.87
N SER A 242 75.20 -8.94 -1.97
CA SER A 242 74.10 -8.23 -1.31
C SER A 242 74.05 -6.75 -1.71
N ARG A 243 74.29 -6.47 -2.98
CA ARG A 243 74.26 -5.11 -3.50
C ARG A 243 73.15 -4.96 -4.54
N PRO A 244 72.63 -3.75 -4.74
CA PRO A 244 71.64 -3.55 -5.79
C PRO A 244 72.26 -3.77 -7.16
N LEU A 245 71.40 -4.17 -8.11
CA LEU A 245 71.83 -4.41 -9.49
C LEU A 245 71.02 -3.54 -10.43
N LEU A 246 71.70 -2.89 -11.36
CA LEU A 246 71.07 -2.15 -12.44
C LEU A 246 71.31 -2.90 -13.75
N ILE A 247 70.25 -3.09 -14.53
CA ILE A 247 70.30 -3.82 -15.78
C ILE A 247 69.99 -2.85 -16.92
N ILE A 248 70.92 -2.73 -17.86
CA ILE A 248 70.74 -1.93 -19.06
C ILE A 248 70.83 -2.88 -20.24
N ALA A 249 69.68 -3.20 -20.84
CA ALA A 249 69.63 -4.13 -21.94
C ALA A 249 68.72 -3.58 -23.02
N ASP A 250 68.71 -4.24 -24.18
CA ASP A 250 67.81 -3.85 -25.26
C ASP A 250 66.36 -3.99 -24.83
N ASP A 251 66.03 -5.11 -24.18
CA ASP A 251 64.69 -5.34 -23.68
C ASP A 251 64.72 -6.53 -22.74
N VAL A 252 64.05 -6.40 -21.60
CA VAL A 252 63.89 -7.48 -20.64
C VAL A 252 62.41 -7.84 -20.60
N ASP A 253 62.09 -9.06 -21.02
CA ASP A 253 60.70 -9.50 -21.14
C ASP A 253 60.67 -11.01 -20.94
N GLY A 254 59.58 -11.63 -21.36
CA GLY A 254 59.49 -13.08 -21.27
C GLY A 254 59.25 -13.53 -19.85
N GLU A 255 60.03 -14.52 -19.42
CA GLU A 255 59.93 -15.03 -18.05
C GLU A 255 60.89 -14.35 -17.10
N ALA A 256 61.98 -13.77 -17.61
CA ALA A 256 62.95 -13.12 -16.74
C ALA A 256 62.35 -11.93 -16.01
N LEU A 257 61.55 -11.12 -16.73
CA LEU A 257 60.97 -9.93 -16.12
C LEU A 257 60.03 -10.26 -14.95
N PRO A 258 59.04 -11.15 -15.09
CA PRO A 258 58.22 -11.49 -13.92
C PRO A 258 59.02 -12.10 -12.78
N THR A 259 60.04 -12.90 -13.10
CA THR A 259 60.88 -13.48 -12.05
C THR A 259 61.60 -12.40 -11.26
N LEU A 260 62.18 -11.43 -11.96
CA LEU A 260 62.86 -10.33 -11.29
C LEU A 260 61.87 -9.48 -10.50
N VAL A 261 60.67 -9.26 -11.04
CA VAL A 261 59.65 -8.50 -10.32
C VAL A 261 59.28 -9.19 -9.02
N LEU A 262 59.08 -10.51 -9.09
CA LEU A 262 58.74 -11.28 -7.88
C LEU A 262 59.89 -11.25 -6.87
N ASN A 263 61.12 -11.37 -7.36
CA ASN A 263 62.27 -11.32 -6.45
C ASN A 263 62.37 -9.96 -5.76
N LYS A 264 62.13 -8.88 -6.51
CA LYS A 264 62.19 -7.55 -5.92
C LYS A 264 61.06 -7.34 -4.93
N ILE A 265 59.86 -7.83 -5.25
CA ILE A 265 58.74 -7.71 -4.32
C ILE A 265 59.03 -8.46 -3.03
N ARG A 266 59.57 -9.68 -3.15
CA ARG A 266 59.95 -10.45 -1.97
C ARG A 266 61.19 -9.88 -1.27
N GLY A 267 61.87 -8.93 -1.89
CA GLY A 267 63.07 -8.36 -1.32
C GLY A 267 64.33 -9.18 -1.53
N THR A 268 64.24 -10.29 -2.26
CA THR A 268 65.42 -11.12 -2.49
C THR A 268 66.49 -10.37 -3.26
N PHE A 269 66.09 -9.60 -4.27
CA PHE A 269 67.03 -8.89 -5.12
C PHE A 269 66.59 -7.44 -5.27
N ASN A 270 67.54 -6.52 -5.10
CA ASN A 270 67.29 -5.10 -5.33
C ASN A 270 67.74 -4.74 -6.75
N VAL A 271 67.03 -5.31 -7.72
CA VAL A 271 67.40 -5.23 -9.12
C VAL A 271 66.44 -4.29 -9.84
N VAL A 272 66.99 -3.49 -10.76
CA VAL A 272 66.20 -2.62 -11.63
C VAL A 272 66.69 -2.81 -13.05
N ALA A 273 65.76 -3.04 -13.97
CA ALA A 273 66.09 -3.25 -15.38
C ALA A 273 65.43 -2.16 -16.22
N VAL A 274 66.22 -1.55 -17.11
CA VAL A 274 65.74 -0.50 -17.99
C VAL A 274 66.23 -0.79 -19.41
N LYS A 275 65.54 -0.18 -20.37
CA LYS A 275 65.89 -0.35 -21.77
C LYS A 275 67.15 0.45 -22.13
N ALA A 276 67.85 -0.02 -23.14
CA ALA A 276 69.07 0.65 -23.58
C ALA A 276 68.73 1.88 -24.40
N PRO A 277 69.24 3.06 -24.05
CA PRO A 277 68.99 4.25 -24.87
C PRO A 277 69.66 4.14 -26.23
N GLY A 278 69.03 4.76 -27.22
CA GLY A 278 69.51 4.73 -28.58
C GLY A 278 69.05 3.49 -29.32
N PHE A 279 69.21 3.54 -30.64
CA PHE A 279 68.80 2.45 -31.50
C PHE A 279 69.84 2.26 -32.60
N GLY A 280 69.88 1.04 -33.15
CA GLY A 280 70.79 0.74 -34.23
C GLY A 280 72.24 0.87 -33.78
N ASP A 281 73.08 1.35 -34.70
CA ASP A 281 74.48 1.56 -34.36
C ASP A 281 74.65 2.63 -33.30
N ARG A 282 73.68 3.54 -33.19
CA ARG A 282 73.78 4.61 -32.21
C ARG A 282 73.73 4.06 -30.79
N ARG A 283 72.89 3.05 -30.54
CA ARG A 283 72.68 2.56 -29.18
C ARG A 283 73.98 2.13 -28.53
N LYS A 284 74.82 1.41 -29.27
CA LYS A 284 76.10 0.98 -28.76
C LYS A 284 77.01 2.15 -28.40
N ALA A 285 76.78 3.32 -28.99
CA ALA A 285 77.60 4.49 -28.67
C ALA A 285 77.45 4.88 -27.21
N MET A 286 76.23 5.25 -26.79
CA MET A 286 76.08 5.56 -25.37
C MET A 286 76.17 4.32 -24.50
N LEU A 287 76.03 3.11 -25.05
CA LEU A 287 76.31 1.93 -24.25
C LEU A 287 77.78 1.88 -23.85
N GLU A 288 78.68 2.10 -24.82
CA GLU A 288 80.10 2.16 -24.53
C GLU A 288 80.42 3.35 -23.62
N ASP A 289 79.74 4.47 -23.82
CA ASP A 289 79.95 5.62 -22.95
C ASP A 289 79.59 5.28 -21.50
N ILE A 290 78.47 4.60 -21.30
CA ILE A 290 78.08 4.18 -19.96
C ILE A 290 79.08 3.21 -19.37
N ALA A 291 79.56 2.26 -20.20
CA ALA A 291 80.57 1.32 -19.71
C ALA A 291 81.83 2.04 -19.27
N ILE A 292 82.26 3.03 -20.05
CA ILE A 292 83.45 3.80 -19.69
C ILE A 292 83.22 4.58 -18.40
N LEU A 293 82.05 5.22 -18.27
CA LEU A 293 81.78 6.04 -17.11
C LEU A 293 81.68 5.20 -15.84
N THR A 294 81.06 4.03 -15.92
CA THR A 294 80.84 3.17 -14.77
C THR A 294 81.95 2.15 -14.56
N GLY A 295 82.89 2.03 -15.49
CA GLY A 295 83.94 1.04 -15.40
C GLY A 295 83.53 -0.35 -15.80
N GLY A 296 82.28 -0.55 -16.21
CA GLY A 296 81.80 -1.85 -16.64
C GLY A 296 82.12 -2.13 -18.09
N THR A 297 81.59 -3.25 -18.57
CA THR A 297 81.80 -3.68 -19.95
C THR A 297 80.46 -3.99 -20.60
N VAL A 298 80.30 -3.55 -21.85
CA VAL A 298 79.09 -3.84 -22.61
C VAL A 298 79.10 -5.30 -23.03
N ILE A 299 78.04 -6.02 -22.71
CA ILE A 299 77.93 -7.44 -23.06
C ILE A 299 77.23 -7.50 -24.42
N THR A 300 78.03 -7.70 -25.47
CA THR A 300 77.50 -7.73 -26.83
C THR A 300 78.09 -8.92 -27.57
N ASP A 301 77.36 -9.39 -28.58
CA ASP A 301 77.83 -10.50 -29.38
C ASP A 301 79.05 -10.14 -30.22
N ASP A 302 79.25 -8.84 -30.48
CA ASP A 302 80.44 -8.42 -31.22
C ASP A 302 81.72 -8.72 -30.45
N LEU A 303 81.69 -8.52 -29.13
CA LEU A 303 82.84 -8.80 -28.28
C LEU A 303 82.93 -10.25 -27.84
N GLY A 304 81.96 -11.08 -28.23
CA GLY A 304 81.98 -12.48 -27.83
C GLY A 304 81.65 -12.72 -26.38
N LEU A 305 80.94 -11.80 -25.73
CA LEU A 305 80.56 -11.94 -24.33
C LEU A 305 79.13 -12.44 -24.25
N GLU A 306 78.92 -13.48 -23.43
CA GLU A 306 77.60 -14.06 -23.22
C GLU A 306 77.06 -13.64 -21.86
N LEU A 307 75.73 -13.63 -21.76
CA LEU A 307 75.08 -13.20 -20.52
C LEU A 307 75.45 -14.13 -19.36
N LYS A 308 75.48 -15.44 -19.61
CA LYS A 308 75.85 -16.39 -18.57
C LYS A 308 77.30 -16.28 -18.15
N ASP A 309 78.15 -15.68 -18.99
CA ASP A 309 79.56 -15.52 -18.69
C ASP A 309 79.88 -14.19 -18.03
N VAL A 310 78.87 -13.36 -17.75
CA VAL A 310 79.12 -12.08 -17.12
C VAL A 310 79.48 -12.28 -15.66
N THR A 311 80.55 -11.66 -15.22
CA THR A 311 81.01 -11.73 -13.85
C THR A 311 80.80 -10.38 -13.17
N ILE A 312 81.17 -10.32 -11.88
CA ILE A 312 81.04 -9.09 -11.12
C ILE A 312 81.98 -8.01 -11.68
N GLU A 313 83.15 -8.42 -12.16
CA GLU A 313 84.14 -7.46 -12.65
C GLU A 313 83.62 -6.67 -13.84
N ASN A 314 82.93 -7.33 -14.77
CA ASN A 314 82.43 -6.67 -15.97
C ASN A 314 81.28 -5.72 -15.68
N LEU A 315 80.72 -5.74 -14.48
CA LEU A 315 79.59 -4.90 -14.15
C LEU A 315 80.04 -3.48 -13.82
N GLY A 316 79.28 -2.50 -14.31
CA GLY A 316 79.53 -1.13 -13.95
C GLY A 316 79.18 -0.85 -12.50
N ASN A 317 79.82 0.18 -11.95
CA ASN A 317 79.60 0.58 -10.57
C ASN A 317 79.42 2.09 -10.49
N ALA A 318 78.57 2.51 -9.56
CA ALA A 318 78.33 3.92 -9.31
C ALA A 318 77.89 4.09 -7.87
N SER A 319 78.00 5.33 -7.39
CA SER A 319 77.60 5.60 -6.02
C SER A 319 76.09 5.52 -5.84
N LYS A 320 75.35 6.10 -6.78
CA LYS A 320 73.90 6.16 -6.66
C LYS A 320 73.28 6.20 -8.05
N VAL A 321 72.14 5.54 -8.20
CA VAL A 321 71.37 5.53 -9.44
C VAL A 321 69.93 5.85 -9.12
N VAL A 322 69.35 6.80 -9.85
CA VAL A 322 67.95 7.19 -9.68
C VAL A 322 67.23 6.88 -10.98
N VAL A 323 66.14 6.11 -10.89
CA VAL A 323 65.34 5.73 -12.04
C VAL A 323 63.92 6.21 -11.81
N ASP A 324 63.47 7.12 -12.66
CA ASP A 324 62.09 7.59 -12.64
C ASP A 324 61.28 6.82 -13.69
N LYS A 325 60.05 7.28 -13.92
CA LYS A 325 59.19 6.60 -14.88
C LYS A 325 59.74 6.67 -16.29
N ASP A 326 60.47 7.73 -16.62
CA ASP A 326 60.90 7.97 -17.99
C ASP A 326 62.40 8.09 -18.16
N ASN A 327 63.16 8.35 -17.10
CA ASN A 327 64.59 8.58 -17.20
C ASN A 327 65.33 7.80 -16.13
N THR A 328 66.59 7.49 -16.41
CA THR A 328 67.47 6.82 -15.46
C THR A 328 68.72 7.67 -15.27
N THR A 329 69.02 8.00 -14.02
CA THR A 329 70.14 8.86 -13.68
C THR A 329 71.21 8.08 -12.94
N ILE A 330 72.47 8.26 -13.35
CA ILE A 330 73.61 7.61 -12.74
C ILE A 330 74.45 8.68 -12.06
N VAL A 331 74.86 8.43 -10.82
CA VAL A 331 75.64 9.38 -10.05
C VAL A 331 76.97 8.75 -9.67
N GLU A 332 78.07 9.45 -9.96
CA GLU A 332 79.41 9.06 -9.56
C GLU A 332 79.78 7.67 -10.08
N GLY A 333 79.86 7.57 -11.40
CA GLY A 333 80.32 6.34 -12.01
C GLY A 333 81.73 6.00 -11.61
N SER A 334 82.02 4.70 -11.52
CA SER A 334 83.31 4.23 -11.04
C SER A 334 84.35 4.09 -12.15
N GLY A 335 84.02 4.47 -13.38
CA GLY A 335 84.97 4.36 -14.46
C GLY A 335 86.09 5.37 -14.33
N GLU A 336 87.18 5.09 -15.05
CA GLU A 336 88.35 5.94 -15.00
C GLU A 336 88.06 7.29 -15.64
N LYS A 337 88.58 8.35 -15.01
CA LYS A 337 88.41 9.69 -15.58
C LYS A 337 89.12 9.81 -16.91
N GLU A 338 90.31 9.21 -17.04
CA GLU A 338 91.07 9.31 -18.28
C GLU A 338 90.33 8.66 -19.44
N ALA A 339 89.71 7.51 -19.21
CA ALA A 339 88.94 6.86 -20.27
C ALA A 339 87.76 7.71 -20.69
N ILE A 340 87.07 8.32 -19.73
CA ILE A 340 85.95 9.22 -20.05
C ILE A 340 86.45 10.40 -20.87
N GLU A 341 87.61 10.94 -20.49
CA GLU A 341 88.19 12.06 -21.24
C GLU A 341 88.54 11.64 -22.67
N ALA A 342 89.09 10.44 -22.83
CA ALA A 342 89.41 9.94 -24.16
C ALA A 342 88.15 9.77 -25.00
N ARG A 343 87.09 9.24 -24.40
CA ARG A 343 85.82 9.11 -25.10
C ARG A 343 85.27 10.48 -25.49
N VAL A 344 85.39 11.45 -24.59
CA VAL A 344 84.91 12.81 -24.87
C VAL A 344 85.70 13.41 -26.03
N GLN A 345 87.02 13.21 -26.03
CA GLN A 345 87.83 13.72 -27.13
C GLN A 345 87.48 13.04 -28.45
N LEU A 346 87.21 11.74 -28.40
CA LEU A 346 86.80 11.02 -29.60
C LEU A 346 85.48 11.58 -30.14
N ILE A 347 84.52 11.84 -29.24
CA ILE A 347 83.25 12.39 -29.68
C ILE A 347 83.42 13.80 -30.24
N LYS A 348 84.32 14.59 -29.62
CA LYS A 348 84.60 15.92 -30.15
C LYS A 348 85.21 15.85 -31.54
N ASN A 349 86.13 14.90 -31.75
CA ASN A 349 86.71 14.72 -33.08
C ASN A 349 85.64 14.30 -34.08
N GLN A 350 84.74 13.40 -33.67
CA GLN A 350 83.66 12.99 -34.55
C GLN A 350 82.77 14.18 -34.91
N ILE A 351 82.47 15.03 -33.93
CA ILE A 351 81.66 16.22 -34.19
C ILE A 351 82.36 17.14 -35.17
N ALA A 352 83.65 17.37 -34.97
CA ALA A 352 84.41 18.20 -35.89
C ALA A 352 84.54 17.56 -37.26
N GLU A 353 84.34 16.24 -37.35
CA GLU A 353 84.49 15.52 -38.61
C GLU A 353 83.15 15.22 -39.28
N THR A 354 82.09 15.00 -38.51
CA THR A 354 80.81 14.64 -39.11
C THR A 354 80.25 15.81 -39.92
N THR A 355 79.54 15.47 -40.99
CA THR A 355 78.93 16.46 -41.86
C THR A 355 77.41 16.48 -41.77
N SER A 356 76.79 15.45 -41.22
CA SER A 356 75.34 15.41 -41.06
C SER A 356 74.95 16.18 -39.81
N ASP A 357 74.05 17.16 -39.98
CA ASP A 357 73.61 17.95 -38.84
C ASP A 357 72.85 17.09 -37.83
N PHE A 358 72.15 16.06 -38.32
CA PHE A 358 71.48 15.13 -37.41
C PHE A 358 72.50 14.32 -36.62
N ASP A 359 73.49 13.74 -37.31
CA ASP A 359 74.54 12.99 -36.62
C ASP A 359 75.37 13.91 -35.73
N ARG A 360 75.66 15.13 -36.20
CA ARG A 360 76.37 16.07 -35.37
C ARG A 360 75.57 16.41 -34.11
N GLU A 361 74.26 16.57 -34.25
CA GLU A 361 73.42 16.86 -33.09
C GLU A 361 73.42 15.70 -32.11
N LYS A 362 73.34 14.47 -32.61
CA LYS A 362 73.36 13.31 -31.72
C LYS A 362 74.70 13.20 -31.00
N LEU A 363 75.80 13.41 -31.73
CA LEU A 363 77.11 13.37 -31.11
C LEU A 363 77.28 14.50 -30.10
N GLN A 364 76.72 15.67 -30.40
CA GLN A 364 76.75 16.78 -29.46
C GLN A 364 75.95 16.47 -28.21
N GLU A 365 74.81 15.78 -28.37
CA GLU A 365 74.04 15.34 -27.22
C GLU A 365 74.87 14.40 -26.35
N ARG A 366 75.53 13.43 -26.97
CA ARG A 366 76.39 12.53 -26.22
C ARG A 366 77.51 13.28 -25.51
N LEU A 367 78.14 14.21 -26.21
CA LEU A 367 79.26 14.96 -25.65
C LEU A 367 78.82 15.79 -24.46
N ALA A 368 77.69 16.50 -24.60
CA ALA A 368 77.19 17.33 -23.51
C ALA A 368 76.77 16.48 -22.33
N LYS A 369 76.12 15.34 -22.60
CA LYS A 369 75.71 14.45 -21.52
C LYS A 369 76.92 13.93 -20.76
N LEU A 370 77.99 13.60 -21.48
CA LEU A 370 79.18 13.04 -20.85
C LEU A 370 79.95 14.11 -20.08
N ALA A 371 80.11 15.30 -20.68
CA ALA A 371 81.02 16.30 -20.12
C ALA A 371 80.36 17.23 -19.12
N GLY A 372 79.05 17.45 -19.22
CA GLY A 372 78.40 18.37 -18.32
C GLY A 372 78.36 17.88 -16.89
N GLY A 373 78.45 16.57 -16.70
CA GLY A 373 78.42 16.01 -15.36
C GLY A 373 77.03 16.12 -14.76
N VAL A 374 76.98 15.85 -13.46
CA VAL A 374 75.73 15.90 -12.70
C VAL A 374 75.93 16.80 -11.49
N ALA A 375 75.05 17.78 -11.33
CA ALA A 375 75.07 18.63 -10.14
C ALA A 375 74.43 17.88 -8.98
N VAL A 376 75.14 17.79 -7.87
CA VAL A 376 74.68 17.09 -6.68
C VAL A 376 74.49 18.13 -5.58
N VAL A 377 73.29 18.18 -5.03
CA VAL A 377 72.96 19.09 -3.95
C VAL A 377 72.79 18.25 -2.69
N LYS A 378 73.81 18.29 -1.82
CA LYS A 378 73.78 17.54 -0.57
C LYS A 378 73.17 18.44 0.50
N VAL A 379 71.88 18.25 0.75
CA VAL A 379 71.14 19.10 1.69
C VAL A 379 71.47 18.69 3.11
N GLY A 380 71.88 19.65 3.93
CA GLY A 380 72.15 19.41 5.33
C GLY A 380 71.28 20.31 6.21
N ALA A 381 70.83 19.76 7.33
CA ALA A 381 70.01 20.51 8.27
C ALA A 381 70.15 19.87 9.64
N ALA A 382 69.73 20.62 10.67
CA ALA A 382 69.89 20.16 12.05
C ALA A 382 69.03 18.94 12.33
N THR A 383 67.78 18.94 11.86
CA THR A 383 66.84 17.88 12.18
C THR A 383 66.37 17.21 10.90
N GLU A 384 65.94 15.95 11.05
CA GLU A 384 65.42 15.20 9.90
C GLU A 384 64.18 15.86 9.32
N THR A 385 63.32 16.41 10.19
CA THR A 385 62.18 17.16 9.70
C THR A 385 62.63 18.37 8.89
N GLU A 386 63.63 19.09 9.39
CA GLU A 386 64.18 20.21 8.64
C GLU A 386 64.78 19.75 7.32
N LEU A 387 65.49 18.61 7.33
CA LEU A 387 66.09 18.09 6.11
C LEU A 387 65.01 17.76 5.08
N LYS A 388 63.94 17.10 5.51
CA LYS A 388 62.86 16.74 4.59
C LYS A 388 62.15 17.97 4.05
N GLU A 389 61.87 18.94 4.93
CA GLU A 389 61.23 20.18 4.47
C GLU A 389 62.10 20.90 3.46
N LEU A 390 63.41 21.00 3.73
CA LEU A 390 64.31 21.66 2.80
C LEU A 390 64.38 20.91 1.48
N LYS A 391 64.41 19.58 1.53
CA LYS A 391 64.43 18.77 0.30
C LYS A 391 63.19 19.04 -0.55
N LEU A 392 62.02 19.01 0.09
CA LEU A 392 60.78 19.27 -0.64
C LEU A 392 60.76 20.68 -1.20
N ARG A 393 61.24 21.65 -0.41
CA ARG A 393 61.27 23.04 -0.88
C ARG A 393 62.20 23.20 -2.07
N ILE A 394 63.34 22.51 -2.04
CA ILE A 394 64.28 22.60 -3.15
C ILE A 394 63.72 21.94 -4.40
N GLU A 395 62.97 20.84 -4.25
CA GLU A 395 62.48 20.11 -5.41
C GLU A 395 61.60 20.99 -6.29
N ASP A 396 60.52 21.55 -5.72
CA ASP A 396 59.61 22.36 -6.51
C ASP A 396 60.29 23.65 -6.95
N ALA A 397 61.21 24.16 -6.14
CA ALA A 397 61.96 25.35 -6.55
C ALA A 397 62.76 25.08 -7.82
N LEU A 398 63.44 23.93 -7.87
CA LEU A 398 64.18 23.57 -9.07
C LEU A 398 63.25 23.38 -10.26
N ASN A 399 62.12 22.71 -10.04
CA ASN A 399 61.17 22.49 -11.12
C ASN A 399 60.67 23.80 -11.71
N ALA A 400 60.26 24.72 -10.82
CA ALA A 400 59.77 26.02 -11.28
C ALA A 400 60.89 26.84 -11.92
N THR A 401 62.10 26.71 -11.41
CA THR A 401 63.23 27.43 -12.01
C THR A 401 63.46 26.97 -13.44
N ARG A 402 63.46 25.66 -13.66
CA ARG A 402 63.61 25.15 -15.02
C ARG A 402 62.46 25.59 -15.90
N ALA A 403 61.23 25.52 -15.38
CA ALA A 403 60.07 25.91 -16.17
C ALA A 403 60.14 27.38 -16.57
N ALA A 404 60.58 28.24 -15.67
CA ALA A 404 60.76 29.64 -16.02
C ALA A 404 61.91 29.82 -17.01
N VAL A 405 62.97 29.01 -16.88
CA VAL A 405 64.11 29.14 -17.78
C VAL A 405 63.71 28.84 -19.21
N GLU A 406 62.96 27.76 -19.42
CA GLU A 406 62.63 27.37 -20.79
C GLU A 406 61.67 28.35 -21.45
N GLU A 407 60.61 28.72 -20.75
CA GLU A 407 59.57 29.56 -21.36
C GLU A 407 59.72 31.03 -20.99
N GLY A 408 59.66 31.34 -19.71
CA GLY A 408 59.71 32.70 -19.23
C GLY A 408 58.85 32.88 -18.01
N MET A 409 58.56 34.13 -17.68
CA MET A 409 57.81 34.48 -16.49
C MET A 409 56.74 35.51 -16.87
N VAL A 410 55.52 35.31 -16.36
CA VAL A 410 54.41 36.21 -16.64
C VAL A 410 53.67 36.50 -15.33
N SER A 411 52.71 37.40 -15.42
CA SER A 411 51.94 37.81 -14.24
C SER A 411 51.17 36.63 -13.68
N GLY A 412 51.19 36.49 -12.35
CA GLY A 412 50.50 35.42 -11.67
C GLY A 412 49.05 35.79 -11.36
N GLY A 413 48.39 34.88 -10.64
CA GLY A 413 47.02 35.10 -10.24
C GLY A 413 46.03 35.18 -11.38
N GLY A 414 46.36 34.61 -12.54
CA GLY A 414 45.47 34.65 -13.67
C GLY A 414 45.44 35.96 -14.41
N THR A 415 46.27 36.93 -14.02
CA THR A 415 46.27 38.23 -14.68
C THR A 415 46.67 38.10 -16.15
N ALA A 416 47.63 37.23 -16.43
CA ALA A 416 48.06 37.02 -17.81
C ALA A 416 46.90 36.53 -18.68
N LEU A 417 46.03 35.69 -18.12
CA LEU A 417 44.91 35.17 -18.88
C LEU A 417 43.99 36.29 -19.34
N VAL A 418 43.67 37.23 -18.44
CA VAL A 418 42.85 38.37 -18.85
C VAL A 418 43.62 39.26 -19.81
N ASN A 419 44.93 39.40 -19.61
CA ASN A 419 45.72 40.30 -20.44
C ASN A 419 45.70 39.91 -21.92
N VAL A 420 45.36 38.66 -22.23
CA VAL A 420 45.31 38.22 -23.63
C VAL A 420 43.89 38.22 -24.18
N ILE A 421 42.90 38.72 -23.43
CA ILE A 421 41.53 38.70 -23.89
C ILE A 421 41.36 39.52 -25.16
N SER A 422 41.98 40.70 -25.21
CA SER A 422 41.79 41.60 -26.34
C SER A 422 42.26 40.95 -27.65
N LYS A 423 43.42 40.29 -27.61
CA LYS A 423 43.93 39.66 -28.82
C LYS A 423 43.00 38.56 -29.29
N VAL A 424 42.45 37.77 -28.37
CA VAL A 424 41.52 36.71 -28.77
C VAL A 424 40.26 37.31 -29.38
N SER A 425 39.73 38.37 -28.77
CA SER A 425 38.57 39.02 -29.33
C SER A 425 38.86 39.63 -30.69
N ALA A 426 40.12 39.97 -30.96
CA ALA A 426 40.48 40.52 -32.27
C ALA A 426 40.46 39.49 -33.38
N VAL A 427 40.32 38.20 -33.06
CA VAL A 427 40.30 37.16 -34.09
C VAL A 427 38.99 37.23 -34.85
N GLU A 428 39.08 37.21 -36.17
CA GLU A 428 37.90 37.36 -37.02
C GLU A 428 37.32 35.99 -37.38
N ALA A 429 36.02 35.83 -37.17
CA ALA A 429 35.33 34.59 -37.50
C ALA A 429 33.85 34.88 -37.64
N GLU A 430 33.13 33.90 -38.16
CA GLU A 430 31.69 34.02 -38.39
C GLU A 430 30.99 32.75 -37.93
N GLY A 431 29.69 32.90 -37.63
CA GLY A 431 28.87 31.75 -37.29
C GLY A 431 29.34 31.06 -36.03
N ASP A 432 29.32 29.72 -36.06
CA ASP A 432 29.69 28.95 -34.89
C ASP A 432 31.14 29.15 -34.51
N VAL A 433 31.99 29.49 -35.47
CA VAL A 433 33.38 29.80 -35.14
C VAL A 433 33.44 31.04 -34.26
N ALA A 434 32.70 32.08 -34.64
CA ALA A 434 32.64 33.28 -33.80
C ALA A 434 31.99 32.97 -32.46
N THR A 435 31.00 32.08 -32.44
CA THR A 435 30.37 31.69 -31.19
C THR A 435 31.38 31.04 -30.25
N GLY A 436 32.20 30.13 -30.78
CA GLY A 436 33.25 29.52 -29.97
C GLY A 436 34.28 30.52 -29.51
N ILE A 437 34.59 31.51 -30.36
CA ILE A 437 35.50 32.56 -29.95
C ILE A 437 34.95 33.32 -28.74
N LYS A 438 33.66 33.69 -28.81
CA LYS A 438 33.03 34.35 -27.67
C LYS A 438 33.01 33.44 -26.45
N ILE A 439 32.82 32.14 -26.67
CA ILE A 439 32.83 31.19 -25.57
C ILE A 439 34.16 31.25 -24.83
N VAL A 440 35.25 31.17 -25.58
CA VAL A 440 36.57 31.21 -24.97
C VAL A 440 36.82 32.56 -24.30
N VAL A 441 36.39 33.64 -24.94
CA VAL A 441 36.59 34.97 -24.36
C VAL A 441 35.89 35.07 -23.01
N ARG A 442 34.65 34.59 -22.94
CA ARG A 442 33.93 34.60 -21.67
C ARG A 442 34.59 33.71 -20.64
N ALA A 443 35.05 32.52 -21.05
CA ALA A 443 35.57 31.56 -20.09
C ALA A 443 36.93 31.97 -19.54
N LEU A 444 37.70 32.75 -20.31
CA LEU A 444 39.05 33.11 -19.87
C LEU A 444 39.05 33.90 -18.57
N GLU A 445 37.93 34.50 -18.18
CA GLU A 445 37.87 35.28 -16.95
C GLU A 445 37.64 34.43 -15.71
N GLU A 446 37.41 33.13 -15.87
CA GLU A 446 37.04 32.30 -14.72
C GLU A 446 38.08 32.24 -13.62
N PRO A 447 39.38 32.04 -13.91
CA PRO A 447 40.33 31.93 -12.79
C PRO A 447 40.39 33.16 -11.91
N ILE A 448 40.51 34.35 -12.49
CA ILE A 448 40.62 35.56 -11.69
C ILE A 448 39.34 35.81 -10.91
N ARG A 449 38.19 35.61 -11.56
CA ARG A 449 36.91 35.81 -10.88
C ARG A 449 36.75 34.85 -9.72
N GLN A 450 37.12 33.58 -9.92
CA GLN A 450 37.02 32.59 -8.86
C GLN A 450 37.95 32.93 -7.71
N ILE A 451 39.16 33.38 -8.02
CA ILE A 451 40.11 33.76 -6.97
C ILE A 451 39.56 34.93 -6.17
N ALA A 452 38.99 35.92 -6.86
CA ALA A 452 38.41 37.06 -6.15
C ALA A 452 37.25 36.63 -5.27
N GLU A 453 36.41 35.72 -5.76
CA GLU A 453 35.28 35.25 -4.96
C GLU A 453 35.75 34.48 -3.73
N ASN A 454 36.81 33.68 -3.88
CA ASN A 454 37.32 32.93 -2.73
C ASN A 454 37.83 33.85 -1.64
N ALA A 455 38.35 35.02 -2.01
CA ALA A 455 38.80 36.00 -1.04
C ALA A 455 37.67 36.91 -0.55
N GLY A 456 36.45 36.71 -1.05
CA GLY A 456 35.31 37.49 -0.62
C GLY A 456 35.02 38.72 -1.43
N TYR A 457 35.87 39.06 -2.40
CA TYR A 457 35.63 40.21 -3.25
C TYR A 457 34.73 39.83 -4.41
N GLU A 458 33.97 40.79 -4.90
CA GLU A 458 33.07 40.55 -6.03
C GLU A 458 33.89 40.31 -7.29
N GLY A 459 33.67 39.16 -7.93
CA GLY A 459 34.47 38.80 -9.09
C GLY A 459 34.26 39.73 -10.27
N SER A 460 33.01 40.11 -10.53
CA SER A 460 32.73 40.93 -11.70
C SER A 460 33.41 42.28 -11.60
N VAL A 461 33.40 42.90 -10.41
CA VAL A 461 34.06 44.18 -10.22
C VAL A 461 35.55 44.05 -10.50
N ILE A 462 36.17 42.99 -9.97
CA ILE A 462 37.61 42.80 -10.17
C ILE A 462 37.91 42.62 -11.65
N VAL A 463 37.11 41.82 -12.34
CA VAL A 463 37.36 41.58 -13.76
C VAL A 463 37.23 42.87 -14.55
N ASP A 464 36.16 43.63 -14.29
CA ASP A 464 35.95 44.87 -15.04
C ASP A 464 37.07 45.87 -14.78
N LYS A 465 37.49 46.00 -13.52
CA LYS A 465 38.56 46.94 -13.22
C LYS A 465 39.87 46.48 -13.85
N LEU A 466 40.15 45.18 -13.82
CA LEU A 466 41.38 44.67 -14.41
C LEU A 466 41.42 44.89 -15.92
N LYS A 467 40.27 44.79 -16.57
CA LYS A 467 40.24 45.01 -18.02
C LYS A 467 40.59 46.44 -18.40
N ASN A 468 40.59 47.38 -17.45
CA ASN A 468 40.80 48.78 -17.76
C ASN A 468 42.01 49.38 -17.05
N VAL A 469 42.86 48.55 -16.45
CA VAL A 469 44.08 49.02 -15.84
C VAL A 469 45.25 48.75 -16.76
N GLU A 470 46.40 49.36 -16.46
CA GLU A 470 47.59 49.18 -17.28
C GLU A 470 48.10 47.75 -17.19
N LEU A 471 48.70 47.29 -18.29
CA LEU A 471 49.32 45.97 -18.31
C LEU A 471 50.44 45.89 -17.28
N GLY A 472 50.54 44.74 -16.62
CA GLY A 472 51.51 44.53 -15.58
C GLY A 472 50.99 44.79 -14.17
N THR A 473 49.82 45.39 -14.05
CA THR A 473 49.19 45.65 -12.75
C THR A 473 47.93 44.80 -12.66
N GLY A 474 47.83 44.00 -11.61
CA GLY A 474 46.68 43.15 -11.42
C GLY A 474 46.08 43.30 -10.03
N PHE A 475 45.39 42.27 -9.56
CA PHE A 475 44.74 42.29 -8.26
C PHE A 475 45.45 41.34 -7.32
N ASN A 476 45.90 41.86 -6.19
CA ASN A 476 46.51 41.04 -5.15
C ASN A 476 45.40 40.48 -4.27
N ALA A 477 45.10 39.20 -4.43
CA ALA A 477 44.03 38.58 -3.65
C ALA A 477 44.39 38.54 -2.17
N ALA A 478 45.67 38.45 -1.84
CA ALA A 478 46.07 38.37 -0.44
C ALA A 478 45.73 39.65 0.32
N THR A 479 45.89 40.80 -0.32
CA THR A 479 45.70 42.09 0.34
C THR A 479 44.50 42.87 -0.19
N GLY A 480 43.96 42.53 -1.35
CA GLY A 480 42.90 43.31 -1.92
C GLY A 480 43.33 44.64 -2.51
N GLU A 481 44.60 44.78 -2.85
CA GLU A 481 45.14 46.02 -3.37
C GLU A 481 45.68 45.81 -4.78
N TRP A 482 45.45 46.81 -5.64
CA TRP A 482 45.89 46.74 -7.03
C TRP A 482 47.32 47.24 -7.11
N VAL A 483 48.26 46.31 -7.25
CA VAL A 483 49.68 46.61 -7.28
C VAL A 483 50.30 45.91 -8.49
N ASN A 484 51.59 46.16 -8.69
CA ASN A 484 52.34 45.50 -9.75
C ASN A 484 52.69 44.09 -9.32
N MET A 485 52.14 43.10 -10.02
CA MET A 485 52.38 41.71 -9.67
C MET A 485 53.85 41.34 -9.81
N VAL A 486 54.51 41.84 -10.85
CA VAL A 486 55.94 41.57 -11.03
C VAL A 486 56.72 42.13 -9.84
N GLU A 487 56.39 43.36 -9.43
CA GLU A 487 57.06 43.95 -8.27
C GLU A 487 56.66 43.24 -6.99
N ALA A 488 55.41 42.82 -6.88
CA ALA A 488 54.92 42.15 -5.68
C ALA A 488 55.23 40.66 -5.65
N GLY A 489 55.83 40.11 -6.71
CA GLY A 489 56.19 38.72 -6.71
C GLY A 489 55.07 37.75 -7.04
N ILE A 490 53.89 38.25 -7.40
CA ILE A 490 52.78 37.37 -7.77
C ILE A 490 52.97 37.03 -9.24
N VAL A 491 53.80 36.02 -9.49
CA VAL A 491 54.20 35.64 -10.84
C VAL A 491 54.06 34.14 -11.00
N ASP A 492 53.55 33.72 -12.16
CA ASP A 492 53.36 32.31 -12.48
C ASP A 492 54.06 31.96 -13.78
N PRO A 493 54.70 30.80 -13.86
CA PRO A 493 55.46 30.47 -15.07
C PRO A 493 54.56 30.39 -16.30
N THR A 494 55.12 30.82 -17.43
CA THR A 494 54.36 30.83 -18.68
C THR A 494 53.95 29.42 -19.09
N LYS A 495 54.85 28.46 -18.90
CA LYS A 495 54.57 27.09 -19.31
C LYS A 495 53.35 26.53 -18.60
N VAL A 496 53.22 26.79 -17.31
CA VAL A 496 52.09 26.26 -16.55
C VAL A 496 50.77 26.75 -17.14
N THR A 497 50.67 28.07 -17.34
CA THR A 497 49.43 28.64 -17.84
C THR A 497 49.12 28.14 -19.25
N ARG A 498 50.12 28.15 -20.13
CA ARG A 498 49.85 27.75 -21.50
C ARG A 498 49.50 26.26 -21.58
N SER A 499 50.14 25.41 -20.77
CA SER A 499 49.82 23.99 -20.77
C SER A 499 48.41 23.77 -20.24
N ALA A 500 48.04 24.46 -19.17
CA ALA A 500 46.69 24.31 -18.64
C ALA A 500 45.66 24.73 -19.67
N LEU A 501 45.90 25.86 -20.34
CA LEU A 501 44.95 26.33 -21.34
C LEU A 501 44.83 25.35 -22.49
N GLN A 502 45.96 24.85 -22.99
CA GLN A 502 45.93 23.90 -24.11
C GLN A 502 45.18 22.63 -23.73
N ASN A 503 45.49 22.08 -22.55
CA ASN A 503 44.81 20.85 -22.15
C ASN A 503 43.32 21.06 -21.99
N ALA A 504 42.92 22.16 -21.32
CA ALA A 504 41.51 22.43 -21.13
C ALA A 504 40.79 22.60 -22.45
N ALA A 505 41.38 23.36 -23.38
CA ALA A 505 40.74 23.57 -24.66
C ALA A 505 40.59 22.27 -25.44
N SER A 506 41.66 21.48 -25.50
CA SER A 506 41.60 20.23 -26.25
C SER A 506 40.55 19.29 -25.69
N VAL A 507 40.52 19.15 -24.36
CA VAL A 507 39.60 18.20 -23.77
C VAL A 507 38.17 18.69 -23.87
N SER A 508 37.95 20.00 -23.74
CA SER A 508 36.61 20.54 -23.95
C SER A 508 36.15 20.33 -25.38
N ALA A 509 37.05 20.50 -26.35
CA ALA A 509 36.69 20.23 -27.74
C ALA A 509 36.31 18.77 -27.93
N LEU A 510 37.07 17.86 -27.32
CA LEU A 510 36.75 16.44 -27.44
C LEU A 510 35.39 16.14 -26.82
N LEU A 511 35.10 16.74 -25.67
CA LEU A 511 33.85 16.43 -24.97
C LEU A 511 32.65 17.01 -25.70
N LEU A 512 32.77 18.23 -26.24
CA LEU A 512 31.61 18.87 -26.87
C LEU A 512 31.14 18.12 -28.10
N THR A 513 32.00 17.32 -28.71
CA THR A 513 31.64 16.55 -29.89
C THR A 513 31.07 15.19 -29.55
N THR A 514 30.93 14.86 -28.28
CA THR A 514 30.39 13.56 -27.89
C THR A 514 28.91 13.48 -28.24
N GLU A 515 28.49 12.34 -28.77
CA GLU A 515 27.09 12.10 -29.11
C GLU A 515 26.49 10.90 -28.42
N ALA A 516 27.26 9.87 -28.14
CA ALA A 516 26.77 8.67 -27.47
C ALA A 516 27.74 8.27 -26.38
N VAL A 517 27.21 7.82 -25.25
CA VAL A 517 28.02 7.39 -24.11
C VAL A 517 27.68 5.93 -23.81
N VAL A 518 28.70 5.09 -23.80
CA VAL A 518 28.55 3.68 -23.48
C VAL A 518 29.19 3.44 -22.12
N ALA A 519 28.39 3.11 -21.13
CA ALA A 519 28.88 2.89 -19.78
C ALA A 519 28.31 1.60 -19.22
N ASP A 520 29.05 0.99 -18.30
CA ASP A 520 28.61 -0.25 -17.69
C ASP A 520 27.38 -0.01 -16.83
N LYS A 521 26.37 -0.84 -17.02
CA LYS A 521 25.16 -0.72 -16.22
C LYS A 521 25.45 -1.16 -14.79
N PRO A 522 25.02 -0.37 -13.78
CA PRO A 522 25.25 -0.79 -12.40
C PRO A 522 24.59 -2.13 -12.12
N GLU A 523 25.28 -2.96 -11.35
CA GLU A 523 24.76 -4.29 -11.03
C GLU A 523 23.76 -4.18 -9.89
N PRO A 524 22.51 -4.63 -10.08
CA PRO A 524 21.48 -4.58 -9.04
C PRO A 524 21.77 -5.56 -7.91
N MET B 1 -9.32 34.48 -6.21
CA MET B 1 -8.86 33.46 -5.29
C MET B 1 -7.38 33.12 -5.54
N ALA B 2 -6.97 31.91 -5.17
CA ALA B 2 -5.55 31.60 -5.02
C ALA B 2 -4.81 31.70 -6.35
N LYS B 3 -3.60 32.25 -6.31
CA LYS B 3 -2.76 32.28 -7.50
C LYS B 3 -1.70 31.18 -7.40
N GLU B 4 -0.96 31.00 -8.50
CA GLU B 4 0.07 29.98 -8.62
C GLU B 4 1.33 30.57 -9.24
N LEU B 5 1.78 31.70 -8.67
CA LEU B 5 2.92 32.44 -9.22
C LEU B 5 4.06 31.53 -9.59
N LYS B 6 4.57 31.71 -10.81
CA LYS B 6 5.68 30.94 -11.32
C LYS B 6 6.58 31.87 -12.14
N PHE B 7 7.89 31.68 -12.00
CA PHE B 7 8.84 32.59 -12.63
C PHE B 7 9.82 31.86 -13.54
N ALA B 8 10.82 32.60 -14.01
CA ALA B 8 11.95 32.08 -14.78
C ALA B 8 11.49 31.30 -16.01
N GLU B 9 12.25 30.27 -16.37
CA GLU B 9 12.05 29.58 -17.64
C GLU B 9 10.85 28.65 -17.63
N ASP B 10 10.47 28.09 -16.48
CA ASP B 10 9.39 27.13 -16.44
C ASP B 10 8.07 27.77 -16.86
N ALA B 11 7.85 29.04 -16.50
CA ALA B 11 6.70 29.77 -17.03
C ALA B 11 6.78 29.88 -18.55
N ARG B 12 7.96 30.22 -19.07
CA ARG B 12 8.13 30.25 -20.52
C ARG B 12 8.00 28.86 -21.11
N ALA B 13 8.40 27.82 -20.38
CA ALA B 13 8.21 26.46 -20.87
C ALA B 13 6.73 26.15 -21.04
N ALA B 14 5.91 26.52 -20.05
CA ALA B 14 4.47 26.29 -20.17
C ALA B 14 3.88 27.10 -21.32
N MET B 15 4.31 28.36 -21.45
CA MET B 15 3.84 29.21 -22.54
C MET B 15 4.17 28.57 -23.89
N LEU B 16 5.40 28.08 -24.04
CA LEU B 16 5.81 27.43 -25.27
C LEU B 16 5.00 26.17 -25.52
N ARG B 17 4.73 25.39 -24.48
CA ARG B 17 3.94 24.17 -24.67
C ARG B 17 2.55 24.51 -25.19
N GLY B 18 1.90 25.51 -24.60
CA GLY B 18 0.58 25.89 -25.08
C GLY B 18 0.61 26.37 -26.52
N VAL B 19 1.58 27.24 -26.84
CA VAL B 19 1.68 27.76 -28.20
C VAL B 19 1.94 26.62 -29.18
N ASP B 20 2.79 25.66 -28.78
CA ASP B 20 3.08 24.53 -29.65
C ASP B 20 1.84 23.68 -29.89
N LYS B 21 1.04 23.46 -28.84
CA LYS B 21 -0.20 22.70 -29.04
C LYS B 21 -1.11 23.41 -30.04
N LEU B 22 -1.30 24.72 -29.86
CA LEU B 22 -2.19 25.45 -30.77
C LEU B 22 -1.64 25.43 -32.19
N ALA B 23 -0.33 25.61 -32.34
CA ALA B 23 0.26 25.64 -33.67
C ALA B 23 0.19 24.27 -34.34
N ASP B 24 0.43 23.20 -33.60
CA ASP B 24 0.31 21.88 -34.17
C ASP B 24 -1.13 21.57 -34.56
N THR B 25 -2.08 22.19 -33.88
CA THR B 25 -3.47 22.00 -34.29
C THR B 25 -3.82 22.82 -35.53
N VAL B 26 -3.26 24.01 -35.66
CA VAL B 26 -3.70 24.91 -36.73
C VAL B 26 -2.92 24.70 -38.02
N LYS B 27 -1.59 24.65 -37.93
CA LYS B 27 -0.74 24.73 -39.12
C LYS B 27 -0.98 23.61 -40.12
N VAL B 28 -1.56 22.49 -39.67
CA VAL B 28 -1.80 21.37 -40.58
C VAL B 28 -2.78 21.72 -41.67
N THR B 29 -3.59 22.76 -41.46
CA THR B 29 -4.54 23.20 -42.47
C THR B 29 -3.94 24.19 -43.45
N LEU B 30 -2.69 24.60 -43.26
CA LEU B 30 -2.09 25.61 -44.11
C LEU B 30 -1.86 25.07 -45.51
N GLY B 31 -2.00 25.94 -46.50
CA GLY B 31 -1.71 25.59 -47.87
C GLY B 31 -2.91 25.02 -48.60
N PRO B 32 -2.86 25.06 -49.94
CA PRO B 32 -3.96 24.48 -50.72
C PRO B 32 -4.14 23.00 -50.49
N LYS B 33 -3.06 22.25 -50.26
CA LYS B 33 -3.12 20.83 -49.98
C LYS B 33 -3.29 20.53 -48.50
N GLY B 34 -3.85 21.46 -47.74
CA GLY B 34 -3.98 21.25 -46.31
C GLY B 34 -4.90 20.09 -45.98
N ARG B 35 -4.60 19.42 -44.89
CA ARG B 35 -5.38 18.29 -44.43
C ARG B 35 -6.49 18.76 -43.48
N ASN B 36 -7.43 17.87 -43.23
CA ASN B 36 -8.64 18.22 -42.50
C ASN B 36 -8.55 17.85 -41.03
N VAL B 37 -9.06 18.74 -40.18
CA VAL B 37 -9.08 18.56 -38.74
C VAL B 37 -10.52 18.39 -38.30
N VAL B 38 -10.74 17.56 -37.29
CA VAL B 38 -12.08 17.23 -36.81
C VAL B 38 -12.28 17.85 -35.44
N LEU B 39 -13.39 18.56 -35.28
CA LEU B 39 -13.73 19.23 -34.02
C LEU B 39 -14.96 18.60 -33.41
N GLU B 40 -15.04 18.61 -32.09
CA GLU B 40 -16.20 18.08 -31.40
C GLU B 40 -17.29 19.14 -31.29
N LYS B 41 -18.54 18.67 -31.30
CA LYS B 41 -19.69 19.52 -31.07
C LYS B 41 -20.59 18.91 -30.01
N SER B 42 -21.26 19.77 -29.25
CA SER B 42 -22.14 19.28 -28.19
C SER B 42 -23.30 18.49 -28.75
N TYR B 43 -23.89 18.96 -29.86
CA TYR B 43 -25.01 18.29 -30.48
C TYR B 43 -24.74 18.12 -31.96
N GLY B 44 -25.34 17.07 -32.54
CA GLY B 44 -25.18 16.79 -33.95
C GLY B 44 -23.84 16.14 -34.25
N SER B 45 -23.64 15.88 -35.54
CA SER B 45 -22.40 15.26 -35.98
C SER B 45 -21.23 16.21 -35.76
N PRO B 46 -20.07 15.69 -35.39
CA PRO B 46 -18.89 16.54 -35.27
C PRO B 46 -18.51 17.12 -36.61
N LEU B 47 -17.97 18.34 -36.58
CA LEU B 47 -17.67 19.08 -37.78
C LEU B 47 -16.23 18.83 -38.20
N ILE B 48 -16.04 18.50 -39.48
CA ILE B 48 -14.72 18.30 -40.07
C ILE B 48 -14.43 19.48 -40.98
N THR B 49 -13.30 20.14 -40.76
CA THR B 49 -12.98 21.33 -41.53
C THR B 49 -11.48 21.51 -41.60
N ASN B 50 -11.06 22.30 -42.58
CA ASN B 50 -9.68 22.75 -42.72
C ASN B 50 -9.56 24.27 -42.62
N ASP B 51 -10.55 24.91 -42.01
CA ASP B 51 -10.56 26.35 -41.83
C ASP B 51 -9.81 26.69 -40.55
N GLY B 52 -8.73 27.47 -40.68
CA GLY B 52 -7.86 27.70 -39.54
C GLY B 52 -8.51 28.48 -38.41
N VAL B 53 -9.24 29.55 -38.76
CA VAL B 53 -9.74 30.46 -37.74
C VAL B 53 -10.75 29.76 -36.84
N THR B 54 -11.62 28.93 -37.42
CA THR B 54 -12.61 28.21 -36.62
C THR B 54 -11.93 27.28 -35.64
N ILE B 55 -10.93 26.53 -36.11
CA ILE B 55 -10.21 25.60 -35.24
C ILE B 55 -9.51 26.35 -34.12
N ALA B 56 -8.88 27.47 -34.44
CA ALA B 56 -8.23 28.27 -33.40
C ALA B 56 -9.24 28.76 -32.38
N LYS B 57 -10.44 29.15 -32.84
CA LYS B 57 -11.47 29.61 -31.92
C LYS B 57 -11.92 28.49 -30.99
N GLU B 58 -12.05 27.27 -31.52
CA GLU B 58 -12.58 26.17 -30.72
C GLU B 58 -11.59 25.62 -29.70
N ILE B 59 -10.33 26.02 -29.75
CA ILE B 59 -9.31 25.43 -28.89
C ILE B 59 -9.40 26.04 -27.50
N GLU B 60 -9.36 25.18 -26.48
CA GLU B 60 -9.35 25.62 -25.08
C GLU B 60 -8.65 24.54 -24.28
N LEU B 61 -7.55 24.90 -23.62
CA LEU B 61 -6.69 23.94 -22.93
C LEU B 61 -7.00 23.92 -21.44
N GLU B 62 -6.96 22.73 -20.85
CA GLU B 62 -7.25 22.59 -19.42
C GLU B 62 -6.15 23.20 -18.57
N ASP B 63 -4.89 22.93 -18.90
CA ASP B 63 -3.78 23.56 -18.20
C ASP B 63 -3.89 25.07 -18.34
N HIS B 64 -3.75 25.78 -17.21
CA HIS B 64 -4.01 27.21 -17.22
C HIS B 64 -2.99 27.97 -18.05
N PHE B 65 -1.70 27.66 -17.90
CA PHE B 65 -0.68 28.41 -18.62
C PHE B 65 -0.73 28.12 -20.11
N GLU B 66 -0.92 26.85 -20.48
CA GLU B 66 -1.09 26.52 -21.89
C GLU B 66 -2.35 27.18 -22.44
N ASN B 67 -3.38 27.30 -21.61
CA ASN B 67 -4.58 28.03 -22.00
C ASN B 67 -4.26 29.49 -22.25
N MET B 68 -3.40 30.08 -21.42
CA MET B 68 -2.98 31.46 -21.63
C MET B 68 -2.28 31.62 -22.96
N GLY B 69 -1.39 30.68 -23.28
CA GLY B 69 -0.71 30.73 -24.57
C GLY B 69 -1.69 30.64 -25.73
N ALA B 70 -2.62 29.69 -25.65
CA ALA B 70 -3.61 29.53 -26.72
C ALA B 70 -4.43 30.79 -26.89
N LYS B 71 -4.89 31.39 -25.78
CA LYS B 71 -5.69 32.60 -25.86
C LYS B 71 -4.88 33.75 -26.45
N LEU B 72 -3.60 33.86 -26.07
CA LEU B 72 -2.77 34.91 -26.64
C LEU B 72 -2.67 34.77 -28.15
N VAL B 73 -2.31 33.57 -28.63
CA VAL B 73 -2.15 33.42 -30.07
C VAL B 73 -3.47 33.59 -30.80
N SER B 74 -4.58 33.16 -30.19
CA SER B 74 -5.89 33.38 -30.79
C SER B 74 -6.20 34.87 -30.92
N GLU B 75 -5.89 35.65 -29.89
CA GLU B 75 -6.14 37.08 -29.98
C GLU B 75 -5.22 37.73 -31.02
N VAL B 76 -4.03 37.16 -31.24
CA VAL B 76 -3.20 37.65 -32.34
C VAL B 76 -3.89 37.41 -33.67
N ALA B 77 -4.35 36.18 -33.89
CA ALA B 77 -5.00 35.85 -35.15
C ALA B 77 -6.27 36.67 -35.35
N SER B 78 -6.86 37.12 -34.25
CA SER B 78 -8.06 37.95 -34.33
C SER B 78 -7.80 39.24 -35.09
N LYS B 79 -6.64 39.86 -34.85
CA LYS B 79 -6.33 41.12 -35.51
C LYS B 79 -6.12 40.96 -37.01
N THR B 80 -6.00 39.74 -37.51
CA THR B 80 -5.64 39.51 -38.89
C THR B 80 -6.72 38.82 -39.71
N ASN B 81 -7.58 38.00 -39.08
CA ASN B 81 -8.56 37.25 -39.86
C ASN B 81 -9.59 38.17 -40.51
N ASP B 82 -9.64 39.43 -40.09
CA ASP B 82 -10.60 40.38 -40.64
C ASP B 82 -10.44 40.50 -42.16
N ILE B 83 -9.20 40.62 -42.63
CA ILE B 83 -8.93 40.68 -44.06
C ILE B 83 -8.64 39.28 -44.57
N ALA B 84 -9.19 38.96 -45.75
CA ALA B 84 -9.10 37.63 -46.34
C ALA B 84 -9.51 36.55 -45.36
N GLY B 85 -8.96 35.35 -45.52
CA GLY B 85 -9.27 34.25 -44.63
C GLY B 85 -8.09 33.34 -44.34
N ASP B 86 -6.90 33.74 -44.78
CA ASP B 86 -5.71 32.93 -44.60
C ASP B 86 -4.66 33.56 -43.71
N GLY B 87 -4.72 34.87 -43.47
CA GLY B 87 -3.74 35.52 -42.63
C GLY B 87 -3.83 35.18 -41.17
N THR B 88 -4.87 34.47 -40.76
CA THR B 88 -5.03 34.05 -39.38
C THR B 88 -4.25 32.78 -39.06
N THR B 89 -3.58 32.19 -40.04
CA THR B 89 -2.82 30.96 -39.84
C THR B 89 -1.31 31.18 -39.94
N THR B 90 -0.85 31.90 -40.96
CA THR B 90 0.58 32.14 -41.13
C THR B 90 1.15 32.83 -39.91
N ALA B 91 0.38 33.74 -39.31
CA ALA B 91 0.82 34.44 -38.12
C ALA B 91 1.11 33.46 -36.99
N THR B 92 0.23 32.47 -36.81
CA THR B 92 0.45 31.48 -35.76
C THR B 92 1.72 30.67 -35.99
N VAL B 93 1.96 30.26 -37.24
CA VAL B 93 3.14 29.46 -37.54
C VAL B 93 4.40 30.26 -37.28
N LEU B 94 4.44 31.50 -37.77
CA LEU B 94 5.60 32.35 -37.54
C LEU B 94 5.81 32.59 -36.06
N THR B 95 4.72 32.82 -35.31
CA THR B 95 4.84 33.02 -33.88
C THR B 95 5.42 31.81 -33.19
N GLN B 96 4.96 30.61 -33.57
CA GLN B 96 5.49 29.39 -32.96
C GLN B 96 6.98 29.27 -33.22
N ALA B 97 7.39 29.43 -34.48
CA ALA B 97 8.80 29.26 -34.81
C ALA B 97 9.67 30.27 -34.07
N ILE B 98 9.28 31.54 -34.11
CA ILE B 98 10.06 32.59 -33.46
C ILE B 98 10.16 32.32 -31.97
N VAL B 99 9.04 31.96 -31.34
CA VAL B 99 9.04 31.74 -29.90
C VAL B 99 9.95 30.57 -29.55
N ARG B 100 9.86 29.47 -30.29
CA ARG B 100 10.68 28.31 -29.97
C ARG B 100 12.16 28.65 -30.06
N GLU B 101 12.58 29.20 -31.20
CA GLU B 101 14.01 29.45 -31.38
C GLU B 101 14.51 30.53 -30.43
N GLY B 102 13.69 31.55 -30.18
CA GLY B 102 14.10 32.59 -29.25
C GLY B 102 14.24 32.07 -27.83
N LEU B 103 13.32 31.20 -27.41
CA LEU B 103 13.44 30.59 -26.09
C LEU B 103 14.71 29.77 -25.98
N LYS B 104 15.01 28.98 -27.03
CA LYS B 104 16.22 28.18 -26.99
C LYS B 104 17.46 29.06 -26.90
N ASN B 105 17.48 30.17 -27.64
CA ASN B 105 18.62 31.08 -27.57
C ASN B 105 18.73 31.75 -26.22
N VAL B 106 17.59 32.16 -25.65
CA VAL B 106 17.60 32.87 -24.36
C VAL B 106 18.06 31.94 -23.25
N THR B 107 17.73 30.65 -23.36
CA THR B 107 18.13 29.69 -22.34
C THR B 107 19.65 29.70 -22.12
N ALA B 108 20.40 30.03 -23.17
CA ALA B 108 21.86 30.07 -23.12
C ALA B 108 22.41 31.49 -23.09
N GLY B 109 21.77 32.38 -22.34
CA GLY B 109 22.21 33.77 -22.28
C GLY B 109 21.36 34.66 -23.15
N ALA B 110 22.00 35.44 -24.02
CA ALA B 110 21.27 36.20 -25.04
C ALA B 110 20.20 37.10 -24.45
N ASN B 111 20.62 38.18 -23.78
CA ASN B 111 19.74 39.15 -23.14
C ASN B 111 18.51 39.41 -23.99
N PRO B 112 17.32 39.12 -23.47
CA PRO B 112 16.11 39.16 -24.30
C PRO B 112 15.83 40.51 -24.93
N LEU B 113 16.25 41.61 -24.32
CA LEU B 113 16.00 42.92 -24.91
C LEU B 113 16.69 43.06 -26.26
N GLY B 114 17.94 42.57 -26.36
CA GLY B 114 18.60 42.56 -27.65
C GLY B 114 17.87 41.73 -28.67
N ILE B 115 17.32 40.59 -28.24
CA ILE B 115 16.55 39.74 -29.15
C ILE B 115 15.32 40.48 -29.65
N ARG B 116 14.62 41.18 -28.76
CA ARG B 116 13.44 41.93 -29.18
C ARG B 116 13.82 43.05 -30.15
N ARG B 117 14.94 43.74 -29.88
CA ARG B 117 15.39 44.80 -30.78
C ARG B 117 15.70 44.23 -32.15
N GLY B 118 16.42 43.11 -32.19
CA GLY B 118 16.74 42.50 -33.47
C GLY B 118 15.52 42.04 -34.23
N ILE B 119 14.55 41.45 -33.51
CA ILE B 119 13.32 41.01 -34.14
C ILE B 119 12.58 42.20 -34.75
N GLU B 120 12.49 43.30 -34.00
CA GLU B 120 11.80 44.47 -34.53
C GLU B 120 12.51 45.04 -35.74
N LEU B 121 13.85 45.09 -35.70
CA LEU B 121 14.59 45.60 -36.85
C LEU B 121 14.38 44.72 -38.08
N ALA B 122 14.46 43.41 -37.90
CA ALA B 122 14.27 42.50 -39.02
C ALA B 122 12.86 42.61 -39.58
N THR B 123 11.86 42.73 -38.70
CA THR B 123 10.48 42.85 -39.16
C THR B 123 10.28 44.14 -39.93
N LYS B 124 10.86 45.24 -39.45
CA LYS B 124 10.73 46.51 -40.16
C LYS B 124 11.39 46.43 -41.52
N ALA B 125 12.57 45.82 -41.61
CA ALA B 125 13.22 45.66 -42.90
C ALA B 125 12.40 44.79 -43.84
N ALA B 126 11.81 43.71 -43.30
CA ALA B 126 11.00 42.84 -44.14
C ALA B 126 9.76 43.55 -44.65
N VAL B 127 9.11 44.35 -43.81
CA VAL B 127 7.94 45.09 -44.25
C VAL B 127 8.33 46.09 -45.33
N GLU B 128 9.47 46.77 -45.16
CA GLU B 128 9.94 47.69 -46.17
C GLU B 128 10.19 46.97 -47.50
N GLU B 129 10.82 45.79 -47.44
CA GLU B 129 11.08 45.05 -48.65
C GLU B 129 9.79 44.59 -49.31
N LEU B 130 8.81 44.15 -48.52
CA LEU B 130 7.53 43.73 -49.10
C LEU B 130 6.85 44.89 -49.80
N HIS B 131 6.86 46.07 -49.18
CA HIS B 131 6.33 47.24 -49.86
C HIS B 131 7.16 47.62 -51.07
N ASN B 132 8.43 47.20 -51.12
CA ASN B 132 9.28 47.48 -52.27
C ASN B 132 8.89 46.61 -53.46
N ILE B 133 8.98 45.30 -53.32
CA ILE B 133 8.62 44.40 -54.41
C ILE B 133 7.14 44.06 -54.30
N SER B 134 6.37 44.47 -55.30
CA SER B 134 4.94 44.22 -55.33
C SER B 134 4.40 44.62 -56.69
N THR B 135 3.39 43.89 -57.15
CA THR B 135 2.67 44.23 -58.37
C THR B 135 1.55 45.18 -57.99
N VAL B 136 1.75 46.47 -58.25
CA VAL B 136 0.75 47.47 -57.87
C VAL B 136 -0.52 47.23 -58.67
N VAL B 137 -1.63 47.09 -57.96
CA VAL B 137 -2.92 46.84 -58.60
C VAL B 137 -3.76 48.10 -58.54
N ASP B 138 -3.73 48.88 -59.62
CA ASP B 138 -4.52 50.10 -59.72
C ASP B 138 -5.29 50.22 -61.02
N SER B 139 -4.90 49.53 -62.08
CA SER B 139 -5.63 49.58 -63.34
C SER B 139 -6.99 48.91 -63.18
N LYS B 140 -7.98 49.45 -63.90
CA LYS B 140 -9.32 48.89 -63.84
C LYS B 140 -9.34 47.44 -64.31
N GLU B 141 -8.62 47.14 -65.39
CA GLU B 141 -8.56 45.77 -65.89
C GLU B 141 -7.88 44.86 -64.87
N ALA B 142 -6.81 45.35 -64.25
CA ALA B 142 -6.13 44.55 -63.23
C ALA B 142 -7.04 44.30 -62.03
N ILE B 143 -7.79 45.31 -61.62
CA ILE B 143 -8.72 45.14 -60.50
C ILE B 143 -9.79 44.12 -60.87
N ALA B 144 -10.32 44.21 -62.09
CA ALA B 144 -11.33 43.24 -62.53
C ALA B 144 -10.77 41.83 -62.55
N GLN B 145 -9.52 41.68 -63.01
CA GLN B 145 -8.89 40.36 -63.03
C GLN B 145 -8.70 39.82 -61.62
N VAL B 146 -8.23 40.68 -60.70
CA VAL B 146 -8.01 40.25 -59.32
C VAL B 146 -9.34 39.83 -58.69
N ALA B 147 -10.41 40.56 -58.99
CA ALA B 147 -11.73 40.14 -58.53
C ALA B 147 -12.12 38.80 -59.14
N ALA B 148 -11.83 38.62 -60.42
CA ALA B 148 -12.19 37.37 -61.10
C ALA B 148 -11.39 36.19 -60.53
N VAL B 149 -10.10 36.39 -60.29
CA VAL B 149 -9.25 35.33 -59.73
C VAL B 149 -9.65 35.13 -58.27
N SER B 150 -9.07 34.10 -57.64
CA SER B 150 -9.57 33.47 -56.43
C SER B 150 -10.83 32.69 -56.82
N SER B 151 -11.96 32.97 -56.18
CA SER B 151 -13.21 32.34 -56.60
C SER B 151 -13.89 33.29 -57.56
N GLY B 152 -14.33 34.47 -57.12
CA GLY B 152 -14.71 35.57 -57.98
C GLY B 152 -15.69 35.27 -59.11
N SER B 153 -16.24 34.05 -59.13
CA SER B 153 -17.00 33.50 -60.27
C SER B 153 -16.32 34.01 -61.55
N ASP B 154 -17.05 34.59 -62.47
CA ASP B 154 -16.48 35.42 -63.52
C ASP B 154 -17.17 36.77 -63.64
N LYS B 155 -18.49 36.81 -63.49
CA LYS B 155 -19.22 38.07 -63.63
C LYS B 155 -18.91 39.01 -62.47
N VAL B 156 -18.56 38.46 -61.31
CA VAL B 156 -18.32 39.31 -60.14
C VAL B 156 -17.15 40.25 -60.39
N GLY B 157 -16.19 39.83 -61.21
CA GLY B 157 -15.09 40.73 -61.55
C GLY B 157 -15.57 42.00 -62.23
N HIS B 158 -16.37 41.86 -63.29
CA HIS B 158 -16.91 43.02 -63.98
C HIS B 158 -17.85 43.80 -63.08
N LEU B 159 -18.66 43.09 -62.28
CA LEU B 159 -19.59 43.77 -61.38
C LEU B 159 -18.83 44.67 -60.40
N ILE B 160 -17.79 44.12 -59.78
CA ILE B 160 -17.00 44.90 -58.83
C ILE B 160 -16.28 46.04 -59.53
N ALA B 161 -15.76 45.79 -60.73
CA ALA B 161 -15.08 46.84 -61.48
C ALA B 161 -16.02 48.01 -61.73
N ASP B 162 -17.21 47.73 -62.25
CA ASP B 162 -18.17 48.80 -62.49
C ASP B 162 -18.57 49.47 -61.19
N ALA B 163 -18.77 48.69 -60.13
CA ALA B 163 -19.22 49.26 -58.86
C ALA B 163 -18.20 50.25 -58.31
N MET B 164 -16.95 49.83 -58.18
CA MET B 164 -15.96 50.74 -57.58
C MET B 164 -15.46 51.77 -58.58
N GLU B 165 -15.78 51.62 -59.87
CA GLU B 165 -15.58 52.74 -60.79
C GLU B 165 -16.66 53.80 -60.60
N LYS B 166 -17.90 53.37 -60.35
CA LYS B 166 -18.98 54.32 -60.15
C LYS B 166 -18.87 55.04 -58.81
N VAL B 167 -18.55 54.31 -57.74
CA VAL B 167 -18.52 54.88 -56.40
C VAL B 167 -17.11 55.23 -55.94
N GLY B 168 -16.09 54.91 -56.74
CA GLY B 168 -14.73 55.15 -56.34
C GLY B 168 -14.15 53.98 -55.55
N ASN B 169 -12.84 54.05 -55.33
CA ASN B 169 -12.15 53.00 -54.60
C ASN B 169 -12.65 52.91 -53.16
N ASP B 170 -12.87 54.06 -52.53
CA ASP B 170 -13.36 54.12 -51.16
C ASP B 170 -14.88 54.16 -51.07
N GLY B 171 -15.57 54.09 -52.21
CA GLY B 171 -17.02 54.12 -52.19
C GLY B 171 -17.62 52.90 -51.54
N VAL B 172 -18.83 53.09 -51.01
CA VAL B 172 -19.54 52.04 -50.30
C VAL B 172 -20.18 51.11 -51.30
N ILE B 173 -19.91 49.82 -51.18
CA ILE B 173 -20.49 48.79 -52.03
C ILE B 173 -21.28 47.83 -51.14
N THR B 174 -22.54 47.61 -51.49
CA THR B 174 -23.43 46.75 -50.72
C THR B 174 -23.91 45.59 -51.57
N ILE B 175 -24.15 44.46 -50.92
CA ILE B 175 -24.54 43.23 -51.57
C ILE B 175 -25.92 42.84 -51.07
N GLU B 176 -26.84 42.58 -52.00
CA GLU B 176 -28.22 42.24 -51.66
C GLU B 176 -28.65 41.03 -52.47
N GLU B 177 -29.73 40.40 -52.03
CA GLU B 177 -30.29 39.23 -52.69
C GLU B 177 -31.45 39.66 -53.57
N SER B 178 -31.25 39.60 -54.88
CA SER B 178 -32.32 39.91 -55.83
C SER B 178 -33.33 38.77 -55.86
N LYS B 179 -34.62 39.14 -55.92
CA LYS B 179 -35.66 38.13 -56.02
C LYS B 179 -35.64 37.42 -57.36
N GLY B 180 -35.01 38.01 -58.37
CA GLY B 180 -34.89 37.39 -59.67
C GLY B 180 -33.76 36.39 -59.73
N ILE B 181 -33.49 35.90 -60.94
CA ILE B 181 -32.43 34.93 -61.15
C ILE B 181 -31.12 35.58 -61.58
N GLU B 182 -31.11 36.88 -61.85
CA GLU B 182 -29.93 37.58 -62.33
C GLU B 182 -29.37 38.49 -61.26
N THR B 183 -28.05 38.59 -61.19
CA THR B 183 -27.37 39.51 -60.29
C THR B 183 -27.22 40.86 -60.97
N GLU B 184 -27.63 41.92 -60.28
CA GLU B 184 -27.66 43.26 -60.84
C GLU B 184 -26.93 44.22 -59.91
N LEU B 185 -26.32 45.24 -60.51
CA LEU B 185 -25.60 46.27 -59.79
C LEU B 185 -26.37 47.58 -59.86
N ASP B 186 -26.57 48.21 -58.71
CA ASP B 186 -27.31 49.45 -58.62
C ASP B 186 -26.55 50.46 -57.76
N VAL B 187 -26.61 51.72 -58.16
CA VAL B 187 -26.00 52.82 -57.41
C VAL B 187 -27.12 53.73 -56.95
N VAL B 188 -27.25 53.90 -55.63
CA VAL B 188 -28.30 54.69 -55.03
C VAL B 188 -27.69 55.68 -54.05
N GLU B 189 -28.54 56.54 -53.51
CA GLU B 189 -28.13 57.48 -52.47
C GLU B 189 -28.07 56.75 -51.13
N GLY B 190 -26.90 56.78 -50.49
CA GLY B 190 -26.73 56.08 -49.24
C GLY B 190 -25.70 56.77 -48.39
N MET B 191 -25.54 56.27 -47.16
CA MET B 191 -24.65 56.88 -46.20
C MET B 191 -24.05 55.79 -45.32
N GLN B 192 -22.72 55.75 -45.28
CA GLN B 192 -22.00 54.89 -44.36
C GLN B 192 -21.03 55.72 -43.53
N PHE B 193 -21.08 55.55 -42.22
CA PHE B 193 -20.22 56.28 -41.31
C PHE B 193 -19.68 55.34 -40.25
N ASP B 194 -18.50 55.68 -39.72
CA ASP B 194 -17.77 54.81 -38.80
C ASP B 194 -18.34 54.92 -37.39
N ARG B 195 -19.55 54.37 -37.24
CA ARG B 195 -20.20 54.27 -35.93
C ARG B 195 -20.92 52.93 -35.89
N GLY B 196 -20.39 52.00 -35.08
CA GLY B 196 -21.01 50.71 -34.92
C GLY B 196 -22.13 50.72 -33.89
N TYR B 197 -22.72 49.55 -33.69
CA TYR B 197 -23.78 49.41 -32.70
C TYR B 197 -23.23 49.62 -31.30
N LEU B 198 -24.10 50.08 -30.40
CA LEU B 198 -23.72 50.28 -29.02
C LEU B 198 -23.67 48.97 -28.22
N SER B 199 -24.31 47.92 -28.72
CA SER B 199 -24.32 46.64 -28.04
C SER B 199 -24.54 45.53 -29.06
N GLN B 200 -24.06 44.34 -28.72
CA GLN B 200 -24.17 43.18 -29.59
C GLN B 200 -25.53 42.49 -29.48
N TYR B 201 -26.36 42.87 -28.51
CA TYR B 201 -27.64 42.22 -28.31
C TYR B 201 -28.65 42.56 -29.40
N MET B 202 -28.50 43.70 -30.07
CA MET B 202 -29.39 44.10 -31.13
C MET B 202 -28.92 43.65 -32.51
N VAL B 203 -27.89 42.81 -32.57
CA VAL B 203 -27.40 42.29 -33.83
C VAL B 203 -28.45 41.39 -34.45
N THR B 204 -28.84 41.69 -35.69
CA THR B 204 -29.85 40.90 -36.39
C THR B 204 -29.27 39.66 -37.05
N ASP B 205 -28.08 39.78 -37.63
CA ASP B 205 -27.40 38.67 -38.30
C ASP B 205 -26.23 38.24 -37.42
N ASN B 206 -26.43 37.18 -36.65
CA ASN B 206 -25.38 36.71 -35.76
C ASN B 206 -24.17 36.20 -36.53
N ASP B 207 -24.41 35.49 -37.63
CA ASP B 207 -23.30 34.95 -38.43
C ASP B 207 -22.44 36.08 -39.00
N LYS B 208 -23.08 37.11 -39.54
CA LYS B 208 -22.36 38.25 -40.08
C LYS B 208 -22.08 39.33 -39.05
N MET B 209 -22.62 39.19 -37.83
CA MET B 209 -22.38 40.13 -36.73
C MET B 209 -23.05 41.47 -37.01
N GLU B 210 -23.55 41.66 -38.22
CA GLU B 210 -24.13 42.91 -38.65
C GLU B 210 -25.58 43.02 -38.22
N ALA B 211 -26.02 44.26 -37.98
CA ALA B 211 -27.42 44.56 -37.69
C ALA B 211 -28.08 45.04 -38.96
N VAL B 212 -29.14 44.34 -39.37
CA VAL B 212 -29.82 44.61 -40.63
C VAL B 212 -31.24 45.09 -40.33
N LEU B 213 -31.59 46.25 -40.87
CA LEU B 213 -32.93 46.82 -40.72
C LEU B 213 -33.49 47.10 -42.10
N GLU B 214 -34.74 46.67 -42.33
CA GLU B 214 -35.42 46.84 -43.60
C GLU B 214 -36.52 47.88 -43.44
N ASN B 215 -36.44 48.93 -44.24
CA ASN B 215 -37.35 50.07 -44.16
C ASN B 215 -37.51 50.56 -42.71
N PRO B 216 -36.44 50.96 -42.05
CA PRO B 216 -36.54 51.38 -40.65
C PRO B 216 -36.76 52.87 -40.51
N TYR B 217 -37.29 53.25 -39.35
CA TYR B 217 -37.37 54.65 -38.97
C TYR B 217 -36.04 55.10 -38.38
N ILE B 218 -35.65 56.33 -38.69
CA ILE B 218 -34.34 56.84 -38.32
C ILE B 218 -34.54 58.02 -37.37
N LEU B 219 -33.98 57.91 -36.18
CA LEU B 219 -33.98 58.99 -35.21
C LEU B 219 -32.65 59.72 -35.29
N ILE B 220 -32.70 61.02 -35.59
CA ILE B 220 -31.51 61.84 -35.78
C ILE B 220 -31.53 62.93 -34.73
N THR B 221 -30.53 62.94 -33.85
CA THR B 221 -30.45 63.92 -32.79
C THR B 221 -29.01 64.04 -32.32
N ASP B 222 -28.65 65.23 -31.83
CA ASP B 222 -27.34 65.46 -31.24
C ASP B 222 -27.35 65.37 -29.73
N LYS B 223 -28.52 65.17 -29.12
CA LYS B 223 -28.62 65.13 -27.67
C LYS B 223 -28.20 63.76 -27.14
N LYS B 224 -27.97 63.70 -25.83
CA LYS B 224 -27.63 62.47 -25.16
C LYS B 224 -28.90 61.84 -24.58
N ILE B 225 -29.11 60.57 -24.88
CA ILE B 225 -30.33 59.86 -24.49
C ILE B 225 -29.96 58.90 -23.36
N SER B 226 -30.18 59.33 -22.12
CA SER B 226 -29.97 58.49 -20.96
C SER B 226 -31.26 58.06 -20.28
N ASN B 227 -32.40 58.67 -20.64
CA ASN B 227 -33.69 58.36 -20.05
C ASN B 227 -34.60 57.77 -21.12
N ILE B 228 -35.19 56.61 -20.82
CA ILE B 228 -36.13 55.99 -21.75
C ILE B 228 -37.43 56.77 -21.83
N GLN B 229 -37.73 57.59 -20.82
CA GLN B 229 -38.99 58.35 -20.83
C GLN B 229 -39.00 59.40 -21.93
N ASP B 230 -37.82 59.86 -22.36
CA ASP B 230 -37.76 60.91 -23.37
C ASP B 230 -38.25 60.44 -24.73
N ILE B 231 -38.35 59.13 -24.94
CA ILE B 231 -38.71 58.57 -26.24
C ILE B 231 -39.90 57.63 -26.18
N LEU B 232 -40.54 57.49 -25.03
CA LEU B 232 -41.66 56.56 -24.92
C LEU B 232 -42.80 56.86 -25.89
N PRO B 233 -43.25 58.11 -26.07
CA PRO B 233 -44.30 58.34 -27.08
C PRO B 233 -43.88 57.92 -28.49
N LEU B 234 -42.66 58.24 -28.88
CA LEU B 234 -42.17 57.84 -30.19
C LEU B 234 -42.01 56.32 -30.28
N LEU B 235 -41.58 55.69 -29.20
CA LEU B 235 -41.50 54.23 -29.17
C LEU B 235 -42.87 53.61 -29.38
N GLU B 236 -43.89 54.15 -28.71
CA GLU B 236 -45.25 53.65 -28.88
C GLU B 236 -45.74 53.87 -30.30
N GLN B 237 -45.43 55.04 -30.89
CA GLN B 237 -45.83 55.30 -32.26
C GLN B 237 -45.20 54.30 -33.22
N ILE B 238 -43.92 54.02 -33.03
CA ILE B 238 -43.22 53.09 -33.92
C ILE B 238 -43.71 51.66 -33.70
N LEU B 239 -44.02 51.30 -32.46
CA LEU B 239 -44.63 50.00 -32.18
C LEU B 239 -45.96 49.86 -32.88
N GLN B 240 -46.76 50.94 -32.89
CA GLN B 240 -47.99 50.94 -33.68
C GLN B 240 -47.69 50.74 -35.16
N GLN B 241 -46.66 51.41 -35.67
CA GLN B 241 -46.25 51.22 -37.05
C GLN B 241 -45.56 49.87 -37.28
N SER B 242 -45.07 49.24 -36.22
CA SER B 242 -44.40 47.94 -36.29
C SER B 242 -43.23 47.95 -37.29
N ARG B 243 -42.47 49.05 -37.30
CA ARG B 243 -41.32 49.18 -38.17
C ARG B 243 -40.04 49.26 -37.35
N PRO B 244 -38.89 48.88 -37.92
CA PRO B 244 -37.64 49.05 -37.20
C PRO B 244 -37.31 50.52 -36.98
N LEU B 245 -36.56 50.78 -35.92
CA LEU B 245 -36.16 52.14 -35.58
C LEU B 245 -34.64 52.21 -35.49
N LEU B 246 -34.06 53.23 -36.13
CA LEU B 246 -32.64 53.54 -36.01
C LEU B 246 -32.49 54.81 -35.20
N ILE B 247 -31.59 54.79 -34.21
CA ILE B 247 -31.35 55.92 -33.33
C ILE B 247 -29.94 56.43 -33.57
N ILE B 248 -29.82 57.69 -33.94
CA ILE B 248 -28.53 58.36 -34.11
C ILE B 248 -28.50 59.50 -33.10
N ALA B 249 -27.73 59.31 -32.02
CA ALA B 249 -27.64 60.29 -30.96
C ALA B 249 -26.19 60.46 -30.54
N ASP B 250 -25.94 61.46 -29.71
CA ASP B 250 -24.59 61.67 -29.18
C ASP B 250 -24.15 60.47 -28.36
N ASP B 251 -25.02 59.98 -27.49
CA ASP B 251 -24.73 58.80 -26.68
C ASP B 251 -26.02 58.30 -26.05
N VAL B 252 -26.22 56.99 -26.10
CA VAL B 252 -27.36 56.34 -25.46
C VAL B 252 -26.82 55.48 -24.33
N ASP B 253 -27.17 55.82 -23.10
CA ASP B 253 -26.64 55.15 -21.93
C ASP B 253 -27.67 55.24 -20.82
N GLY B 254 -27.25 55.00 -19.58
CA GLY B 254 -28.16 55.13 -18.46
C GLY B 254 -29.13 53.96 -18.39
N GLU B 255 -30.40 54.28 -18.19
CA GLU B 255 -31.44 53.26 -18.14
C GLU B 255 -32.07 52.98 -19.50
N ALA B 256 -31.99 53.94 -20.43
CA ALA B 256 -32.61 53.76 -21.73
C ALA B 256 -31.96 52.62 -22.50
N LEU B 257 -30.63 52.53 -22.45
CA LEU B 257 -29.93 51.48 -23.19
C LEU B 257 -30.29 50.07 -22.73
N PRO B 258 -30.26 49.73 -21.44
CA PRO B 258 -30.71 48.39 -21.04
C PRO B 258 -32.17 48.12 -21.37
N THR B 259 -33.02 49.13 -21.26
CA THR B 259 -34.43 48.96 -21.60
C THR B 259 -34.59 48.61 -23.07
N LEU B 260 -33.89 49.32 -23.95
CA LEU B 260 -33.96 49.03 -25.38
C LEU B 260 -33.36 47.66 -25.69
N VAL B 261 -32.28 47.30 -24.99
CA VAL B 261 -31.68 45.99 -25.20
C VAL B 261 -32.65 44.89 -24.82
N LEU B 262 -33.33 45.04 -23.68
CA LEU B 262 -34.31 44.06 -23.25
C LEU B 262 -35.48 43.98 -24.22
N ASN B 263 -35.95 45.13 -24.70
CA ASN B 263 -37.05 45.13 -25.66
C ASN B 263 -36.65 44.43 -26.96
N LYS B 264 -35.43 44.66 -27.43
CA LYS B 264 -34.97 44.02 -28.66
C LYS B 264 -34.80 42.51 -28.45
N ILE B 265 -34.28 42.10 -27.29
CA ILE B 265 -34.14 40.68 -27.00
C ILE B 265 -35.51 40.01 -26.97
N ARG B 266 -36.48 40.65 -26.30
CA ARG B 266 -37.83 40.12 -26.27
C ARG B 266 -38.54 40.25 -27.60
N GLY B 267 -37.96 40.97 -28.56
CA GLY B 267 -38.59 41.18 -29.85
C GLY B 267 -39.65 42.27 -29.88
N THR B 268 -39.85 42.98 -28.77
CA THR B 268 -40.86 44.02 -28.74
C THR B 268 -40.54 45.14 -29.71
N PHE B 269 -39.27 45.53 -29.80
CA PHE B 269 -38.84 46.63 -30.64
C PHE B 269 -37.62 46.23 -31.45
N ASN B 270 -37.67 46.49 -32.75
CA ASN B 270 -36.52 46.28 -33.62
C ASN B 270 -35.74 47.59 -33.75
N VAL B 271 -35.12 47.97 -32.64
CA VAL B 271 -34.46 49.27 -32.50
C VAL B 271 -32.96 49.08 -32.39
N VAL B 272 -32.22 49.95 -33.06
CA VAL B 272 -30.76 49.98 -33.00
C VAL B 272 -30.33 51.42 -32.73
N ALA B 273 -29.46 51.61 -31.75
CA ALA B 273 -28.97 52.93 -31.39
C ALA B 273 -27.46 52.98 -31.60
N VAL B 274 -26.99 54.03 -32.27
CA VAL B 274 -25.57 54.23 -32.55
C VAL B 274 -25.19 55.66 -32.21
N LYS B 275 -23.90 55.87 -32.02
CA LYS B 275 -23.37 57.19 -31.70
C LYS B 275 -23.35 58.08 -32.94
N ALA B 276 -23.43 59.38 -32.71
CA ALA B 276 -23.42 60.34 -33.80
C ALA B 276 -22.00 60.57 -34.29
N PRO B 277 -21.73 60.40 -35.58
CA PRO B 277 -20.38 60.69 -36.10
C PRO B 277 -20.08 62.18 -36.05
N GLY B 278 -18.79 62.47 -35.90
CA GLY B 278 -18.33 63.84 -35.79
C GLY B 278 -18.38 64.35 -34.37
N PHE B 279 -17.70 65.47 -34.14
CA PHE B 279 -17.63 66.07 -32.82
C PHE B 279 -17.71 67.58 -32.94
N GLY B 280 -18.18 68.22 -31.86
CA GLY B 280 -18.27 69.67 -31.85
C GLY B 280 -19.21 70.17 -32.93
N ASP B 281 -18.84 71.31 -33.53
CA ASP B 281 -19.65 71.85 -34.60
C ASP B 281 -19.66 70.94 -35.82
N ARG B 282 -18.64 70.10 -35.97
CA ARG B 282 -18.58 69.21 -37.11
C ARG B 282 -19.71 68.18 -37.07
N ARG B 283 -20.03 67.67 -35.88
CA ARG B 283 -21.00 66.58 -35.77
C ARG B 283 -22.34 66.95 -36.39
N LYS B 284 -22.82 68.16 -36.10
CA LYS B 284 -24.08 68.62 -36.67
C LYS B 284 -24.02 68.71 -38.19
N ALA B 285 -22.84 68.83 -38.77
CA ALA B 285 -22.73 68.87 -40.24
C ALA B 285 -23.25 67.58 -40.86
N MET B 286 -22.61 66.44 -40.56
CA MET B 286 -23.16 65.21 -41.12
C MET B 286 -24.47 64.82 -40.47
N LEU B 287 -24.82 65.37 -39.30
CA LEU B 287 -26.17 65.15 -38.79
C LEU B 287 -27.22 65.75 -39.72
N GLU B 288 -27.02 67.00 -40.13
CA GLU B 288 -27.90 67.64 -41.09
C GLU B 288 -27.85 66.93 -42.44
N ASP B 289 -26.67 66.46 -42.83
CA ASP B 289 -26.57 65.72 -44.09
C ASP B 289 -27.41 64.44 -44.04
N ILE B 290 -27.37 63.73 -42.91
CA ILE B 290 -28.17 62.52 -42.75
C ILE B 290 -29.65 62.86 -42.76
N ALA B 291 -30.03 63.95 -42.09
CA ALA B 291 -31.43 64.37 -42.08
C ALA B 291 -31.91 64.67 -43.50
N ILE B 292 -31.08 65.35 -44.29
CA ILE B 292 -31.43 65.67 -45.67
C ILE B 292 -31.55 64.40 -46.50
N LEU B 293 -30.60 63.48 -46.35
CA LEU B 293 -30.60 62.27 -47.17
C LEU B 293 -31.78 61.37 -46.84
N THR B 294 -32.13 61.26 -45.55
CA THR B 294 -33.20 60.38 -45.12
C THR B 294 -34.55 61.07 -45.05
N GLY B 295 -34.60 62.39 -45.20
CA GLY B 295 -35.84 63.11 -45.08
C GLY B 295 -36.25 63.42 -43.65
N GLY B 296 -35.47 63.02 -42.66
CA GLY B 296 -35.77 63.28 -41.27
C GLY B 296 -35.29 64.65 -40.83
N THR B 297 -35.42 64.89 -39.53
CA THR B 297 -35.04 66.16 -38.93
C THR B 297 -34.13 65.90 -37.74
N VAL B 298 -33.07 66.69 -37.62
CA VAL B 298 -32.16 66.58 -36.49
C VAL B 298 -32.84 67.18 -35.26
N ILE B 299 -32.90 66.41 -34.17
CA ILE B 299 -33.50 66.87 -32.93
C ILE B 299 -32.39 67.49 -32.09
N THR B 300 -32.33 68.81 -32.08
CA THR B 300 -31.30 69.54 -31.35
C THR B 300 -31.93 70.67 -30.58
N ASP B 301 -31.25 71.08 -29.51
CA ASP B 301 -31.72 72.18 -28.69
C ASP B 301 -31.67 73.51 -29.43
N ASP B 302 -30.84 73.62 -30.47
CA ASP B 302 -30.78 74.85 -31.26
C ASP B 302 -32.10 75.09 -31.99
N LEU B 303 -32.71 74.03 -32.50
CA LEU B 303 -33.99 74.11 -33.20
C LEU B 303 -35.18 74.09 -32.26
N GLY B 304 -34.97 73.95 -30.96
CA GLY B 304 -36.07 73.90 -30.02
C GLY B 304 -36.87 72.63 -30.05
N LEU B 305 -36.29 71.55 -30.54
CA LEU B 305 -36.98 70.25 -30.62
C LEU B 305 -36.58 69.39 -29.43
N GLU B 306 -37.57 68.82 -28.75
CA GLU B 306 -37.33 67.96 -27.61
C GLU B 306 -37.56 66.50 -28.00
N LEU B 307 -36.92 65.60 -27.25
CA LEU B 307 -37.02 64.17 -27.56
C LEU B 307 -38.44 63.67 -27.41
N LYS B 308 -39.14 64.12 -26.36
CA LYS B 308 -40.51 63.69 -26.14
C LYS B 308 -41.46 64.25 -27.20
N ASP B 309 -41.07 65.32 -27.89
CA ASP B 309 -41.89 65.93 -28.92
C ASP B 309 -41.62 65.38 -30.31
N VAL B 310 -40.72 64.41 -30.44
CA VAL B 310 -40.40 63.84 -31.75
C VAL B 310 -41.56 62.97 -32.22
N THR B 311 -42.01 63.20 -33.45
CA THR B 311 -43.08 62.45 -34.06
C THR B 311 -42.52 61.54 -35.17
N ILE B 312 -43.42 60.77 -35.78
CA ILE B 312 -43.02 59.90 -36.87
C ILE B 312 -42.55 60.71 -38.07
N GLU B 313 -43.15 61.88 -38.30
CA GLU B 313 -42.80 62.69 -39.45
C GLU B 313 -41.34 63.14 -39.41
N ASN B 314 -40.86 63.55 -38.24
CA ASN B 314 -39.48 64.03 -38.10
C ASN B 314 -38.44 62.94 -38.27
N LEU B 315 -38.85 61.67 -38.28
CA LEU B 315 -37.90 60.58 -38.36
C LEU B 315 -37.45 60.36 -39.80
N GLY B 316 -36.15 60.08 -39.96
CA GLY B 316 -35.65 59.71 -41.26
C GLY B 316 -36.12 58.33 -41.68
N ASN B 317 -36.12 58.12 -43.01
CA ASN B 317 -36.56 56.86 -43.57
C ASN B 317 -35.58 56.41 -44.65
N ALA B 318 -35.36 55.11 -44.73
CA ALA B 318 -34.50 54.52 -45.74
C ALA B 318 -34.98 53.11 -46.02
N SER B 319 -34.61 52.59 -47.19
CA SER B 319 -35.02 51.24 -47.57
C SER B 319 -34.36 50.19 -46.69
N LYS B 320 -33.07 50.36 -46.40
CA LYS B 320 -32.33 49.37 -45.64
C LYS B 320 -31.19 50.04 -44.91
N VAL B 321 -30.91 49.56 -43.69
CA VAL B 321 -29.79 50.06 -42.89
C VAL B 321 -29.01 48.86 -42.38
N VAL B 322 -27.69 48.90 -42.57
CA VAL B 322 -26.79 47.85 -42.12
C VAL B 322 -25.84 48.44 -41.10
N VAL B 323 -25.79 47.84 -39.91
CA VAL B 323 -24.93 48.31 -38.83
C VAL B 323 -24.00 47.18 -38.44
N ASP B 324 -22.70 47.38 -38.64
CA ASP B 324 -21.69 46.44 -38.20
C ASP B 324 -21.13 46.88 -36.85
N LYS B 325 -20.06 46.23 -36.41
CA LYS B 325 -19.46 46.55 -35.12
C LYS B 325 -18.89 47.96 -35.10
N ASP B 326 -18.44 48.47 -36.24
CA ASP B 326 -17.74 49.74 -36.30
C ASP B 326 -18.36 50.77 -37.21
N ASN B 327 -19.22 50.37 -38.15
CA ASN B 327 -19.79 51.29 -39.11
C ASN B 327 -21.28 51.05 -39.25
N THR B 328 -21.99 52.10 -39.64
CA THR B 328 -23.43 52.04 -39.91
C THR B 328 -23.67 52.47 -41.35
N THR B 329 -24.37 51.64 -42.10
CA THR B 329 -24.62 51.88 -43.51
C THR B 329 -26.10 52.14 -43.74
N ILE B 330 -26.40 53.18 -44.50
CA ILE B 330 -27.78 53.56 -44.84
C ILE B 330 -27.95 53.38 -46.34
N VAL B 331 -29.03 52.72 -46.73
CA VAL B 331 -29.31 52.42 -48.14
C VAL B 331 -30.62 53.08 -48.52
N GLU B 332 -30.59 53.85 -49.61
CA GLU B 332 -31.79 54.44 -50.21
C GLU B 332 -32.55 55.31 -49.21
N GLY B 333 -31.90 56.38 -48.77
CA GLY B 333 -32.56 57.34 -47.92
C GLY B 333 -33.74 57.99 -48.62
N SER B 334 -34.76 58.34 -47.84
CA SER B 334 -36.00 58.86 -48.37
C SER B 334 -36.00 60.37 -48.57
N GLY B 335 -34.88 61.04 -48.30
CA GLY B 335 -34.84 62.47 -48.47
C GLY B 335 -34.90 62.90 -49.92
N GLU B 336 -35.26 64.17 -50.12
CA GLU B 336 -35.40 64.71 -51.45
C GLU B 336 -34.05 64.79 -52.15
N LYS B 337 -34.02 64.42 -53.42
CA LYS B 337 -32.79 64.51 -54.20
C LYS B 337 -32.33 65.96 -54.33
N GLU B 338 -33.27 66.89 -54.51
CA GLU B 338 -32.91 68.28 -54.69
C GLU B 338 -32.25 68.85 -53.43
N ALA B 339 -32.77 68.49 -52.25
CA ALA B 339 -32.16 68.96 -51.01
C ALA B 339 -30.75 68.40 -50.84
N ILE B 340 -30.56 67.12 -51.20
CA ILE B 340 -29.23 66.53 -51.14
C ILE B 340 -28.28 67.24 -52.10
N GLU B 341 -28.78 67.57 -53.29
CA GLU B 341 -27.96 68.31 -54.26
C GLU B 341 -27.60 69.69 -53.74
N ALA B 342 -28.55 70.36 -53.10
CA ALA B 342 -28.26 71.67 -52.52
C ALA B 342 -27.21 71.57 -51.41
N ARG B 343 -27.32 70.55 -50.57
CA ARG B 343 -26.31 70.33 -49.53
C ARG B 343 -24.95 70.05 -50.14
N VAL B 344 -24.92 69.25 -51.22
CA VAL B 344 -23.68 68.94 -51.90
C VAL B 344 -23.06 70.20 -52.48
N GLN B 345 -23.87 71.06 -53.10
CA GLN B 345 -23.37 72.31 -53.64
C GLN B 345 -22.85 73.22 -52.54
N LEU B 346 -23.55 73.25 -51.41
CA LEU B 346 -23.07 74.04 -50.27
C LEU B 346 -21.72 73.54 -49.79
N ILE B 347 -21.55 72.23 -49.69
CA ILE B 347 -20.28 71.67 -49.24
C ILE B 347 -19.18 71.97 -50.27
N LYS B 348 -19.52 71.90 -51.56
CA LYS B 348 -18.55 72.24 -52.59
C LYS B 348 -18.12 73.69 -52.49
N ASN B 349 -19.07 74.59 -52.24
CA ASN B 349 -18.75 76.00 -52.05
C ASN B 349 -17.86 76.19 -50.83
N GLN B 350 -18.17 75.48 -49.75
CA GLN B 350 -17.33 75.56 -48.55
C GLN B 350 -15.92 75.08 -48.84
N ILE B 351 -15.78 73.99 -49.60
CA ILE B 351 -14.47 73.47 -49.98
C ILE B 351 -13.71 74.51 -50.80
N ALA B 352 -14.38 75.11 -51.77
CA ALA B 352 -13.74 76.13 -52.59
C ALA B 352 -13.42 77.38 -51.78
N GLU B 353 -14.08 77.56 -50.63
CA GLU B 353 -13.88 78.74 -49.80
C GLU B 353 -12.97 78.49 -48.61
N THR B 354 -12.98 77.28 -48.05
CA THR B 354 -12.17 77.01 -46.87
C THR B 354 -10.68 77.09 -47.20
N THR B 355 -9.89 77.53 -46.22
CA THR B 355 -8.46 77.64 -46.38
C THR B 355 -7.68 76.63 -45.56
N SER B 356 -8.29 76.01 -44.56
CA SER B 356 -7.63 75.00 -43.75
C SER B 356 -7.66 73.67 -44.46
N ASP B 357 -6.48 73.07 -44.64
CA ASP B 357 -6.41 71.78 -45.31
C ASP B 357 -7.12 70.69 -44.51
N PHE B 358 -7.11 70.81 -43.18
CA PHE B 358 -7.84 69.87 -42.34
C PHE B 358 -9.35 70.03 -42.55
N ASP B 359 -9.84 71.28 -42.48
CA ASP B 359 -11.25 71.53 -42.71
C ASP B 359 -11.64 71.19 -44.15
N ARG B 360 -10.77 71.52 -45.10
CA ARG B 360 -11.05 71.14 -46.48
C ARG B 360 -11.14 69.64 -46.64
N GLU B 361 -10.25 68.90 -45.97
CA GLU B 361 -10.29 67.44 -46.04
C GLU B 361 -11.58 66.89 -45.43
N LYS B 362 -12.01 67.45 -44.29
CA LYS B 362 -13.25 66.99 -43.68
C LYS B 362 -14.45 67.28 -44.57
N LEU B 363 -14.49 68.47 -45.16
CA LEU B 363 -15.57 68.82 -46.06
C LEU B 363 -15.56 67.95 -47.30
N GLN B 364 -14.36 67.61 -47.79
CA GLN B 364 -14.24 66.71 -48.93
C GLN B 364 -14.73 65.31 -48.57
N GLU B 365 -14.45 64.87 -47.35
CA GLU B 365 -14.98 63.58 -46.89
C GLU B 365 -16.49 63.59 -46.88
N ARG B 366 -17.08 64.66 -46.34
CA ARG B 366 -18.54 64.77 -46.34
C ARG B 366 -19.09 64.78 -47.76
N LEU B 367 -18.44 65.54 -48.66
CA LEU B 367 -18.90 65.62 -50.05
C LEU B 367 -18.82 64.27 -50.73
N ALA B 368 -17.71 63.55 -50.54
CA ALA B 368 -17.56 62.24 -51.15
C ALA B 368 -18.59 61.27 -50.61
N LYS B 369 -18.83 61.30 -49.29
CA LYS B 369 -19.83 60.43 -48.71
C LYS B 369 -21.23 60.73 -49.25
N LEU B 370 -21.54 62.01 -49.46
CA LEU B 370 -22.86 62.37 -49.94
C LEU B 370 -23.04 62.06 -51.42
N ALA B 371 -22.01 62.32 -52.23
CA ALA B 371 -22.16 62.27 -53.68
C ALA B 371 -21.79 60.93 -54.28
N GLY B 372 -20.87 60.19 -53.68
CA GLY B 372 -20.47 58.91 -54.25
C GLY B 372 -21.57 57.87 -54.22
N GLY B 373 -22.53 58.02 -53.32
CA GLY B 373 -23.62 57.08 -53.23
C GLY B 373 -23.16 55.74 -52.69
N VAL B 374 -24.03 54.75 -52.85
CA VAL B 374 -23.78 53.40 -52.39
C VAL B 374 -24.04 52.44 -53.54
N ALA B 375 -23.08 51.57 -53.83
CA ALA B 375 -23.27 50.55 -54.83
C ALA B 375 -24.05 49.38 -54.22
N VAL B 376 -25.12 48.98 -54.89
CA VAL B 376 -25.98 47.90 -54.42
C VAL B 376 -25.87 46.75 -55.42
N VAL B 377 -25.50 45.58 -54.94
CA VAL B 377 -25.37 44.39 -55.76
C VAL B 377 -26.52 43.47 -55.38
N LYS B 378 -27.55 43.43 -56.23
CA LYS B 378 -28.71 42.57 -56.00
C LYS B 378 -28.43 41.22 -56.64
N VAL B 379 -28.00 40.26 -55.83
CA VAL B 379 -27.62 38.95 -56.33
C VAL B 379 -28.87 38.14 -56.62
N GLY B 380 -28.95 37.60 -57.83
CA GLY B 380 -30.06 36.75 -58.22
C GLY B 380 -29.57 35.37 -58.65
N ALA B 381 -30.33 34.35 -58.30
CA ALA B 381 -30.00 32.98 -58.66
C ALA B 381 -31.27 32.14 -58.62
N ALA B 382 -31.18 30.95 -59.22
CA ALA B 382 -32.36 30.09 -59.32
C ALA B 382 -32.79 29.55 -57.97
N THR B 383 -31.83 29.08 -57.17
CA THR B 383 -32.14 28.43 -55.90
C THR B 383 -31.56 29.26 -54.75
N GLU B 384 -32.18 29.10 -53.58
CA GLU B 384 -31.70 29.81 -52.40
C GLU B 384 -30.29 29.37 -52.01
N THR B 385 -29.99 28.08 -52.19
CA THR B 385 -28.62 27.62 -51.96
C THR B 385 -27.66 28.31 -52.91
N GLU B 386 -28.03 28.43 -54.18
CA GLU B 386 -27.20 29.15 -55.14
C GLU B 386 -27.06 30.61 -54.75
N LEU B 387 -28.15 31.23 -54.31
CA LEU B 387 -28.08 32.64 -53.90
C LEU B 387 -27.13 32.82 -52.73
N LYS B 388 -27.21 31.95 -51.73
CA LYS B 388 -26.33 32.06 -50.58
C LYS B 388 -24.88 31.82 -50.95
N GLU B 389 -24.62 30.80 -51.78
CA GLU B 389 -23.26 30.54 -52.22
C GLU B 389 -22.69 31.71 -52.98
N LEU B 390 -23.48 32.29 -53.89
CA LEU B 390 -23.02 33.45 -54.65
C LEU B 390 -22.77 34.63 -53.73
N LYS B 391 -23.64 34.84 -52.74
CA LYS B 391 -23.45 35.94 -51.79
C LYS B 391 -22.13 35.77 -51.04
N LEU B 392 -21.88 34.58 -50.51
CA LEU B 392 -20.64 34.33 -49.80
C LEU B 392 -19.43 34.51 -50.71
N ARG B 393 -19.53 34.02 -51.95
CA ARG B 393 -18.44 34.15 -52.90
C ARG B 393 -18.15 35.61 -53.22
N ILE B 394 -19.20 36.42 -53.36
CA ILE B 394 -19.02 37.84 -53.65
C ILE B 394 -18.41 38.57 -52.46
N GLU B 395 -18.77 38.15 -51.24
CA GLU B 395 -18.28 38.86 -50.05
C GLU B 395 -16.75 38.85 -49.97
N ASP B 396 -16.16 37.66 -49.90
CA ASP B 396 -14.71 37.57 -49.78
C ASP B 396 -14.03 38.10 -51.04
N ALA B 397 -14.66 37.95 -52.19
CA ALA B 397 -14.10 38.51 -53.41
C ALA B 397 -13.97 40.01 -53.32
N LEU B 398 -15.01 40.68 -52.83
CA LEU B 398 -14.96 42.13 -52.63
C LEU B 398 -13.89 42.50 -51.62
N ASN B 399 -13.82 41.74 -50.51
CA ASN B 399 -12.83 42.05 -49.49
C ASN B 399 -11.42 41.96 -50.05
N ALA B 400 -11.13 40.87 -50.77
CA ALA B 400 -9.81 40.69 -51.35
C ALA B 400 -9.53 41.73 -52.43
N THR B 401 -10.57 42.11 -53.19
CA THR B 401 -10.38 43.14 -54.20
C THR B 401 -9.98 44.47 -53.57
N ARG B 402 -10.66 44.85 -52.49
CA ARG B 402 -10.28 46.07 -51.79
C ARG B 402 -8.87 45.95 -51.23
N ALA B 403 -8.53 44.81 -50.64
CA ALA B 403 -7.21 44.63 -50.07
C ALA B 403 -6.12 44.74 -51.13
N ALA B 404 -6.37 44.18 -52.31
CA ALA B 404 -5.43 44.35 -53.41
C ALA B 404 -5.37 45.79 -53.88
N VAL B 405 -6.51 46.47 -53.90
CA VAL B 405 -6.53 47.87 -54.37
C VAL B 405 -5.67 48.75 -53.49
N GLU B 406 -5.79 48.61 -52.17
CA GLU B 406 -5.07 49.50 -51.27
C GLU B 406 -3.56 49.24 -51.32
N GLU B 407 -3.15 47.98 -51.14
CA GLU B 407 -1.73 47.67 -51.02
C GLU B 407 -1.14 47.19 -52.35
N GLY B 408 -1.67 46.09 -52.86
CA GLY B 408 -1.17 45.53 -54.10
C GLY B 408 -1.25 44.01 -54.06
N MET B 409 -0.52 43.39 -54.98
CA MET B 409 -0.50 41.95 -55.14
C MET B 409 0.94 41.46 -55.14
N VAL B 410 1.18 40.33 -54.46
CA VAL B 410 2.50 39.72 -54.41
C VAL B 410 2.35 38.22 -54.61
N SER B 411 3.48 37.54 -54.69
CA SER B 411 3.49 36.10 -54.91
C SER B 411 2.82 35.38 -53.75
N GLY B 412 1.97 34.40 -54.08
CA GLY B 412 1.27 33.63 -53.09
C GLY B 412 2.07 32.44 -52.60
N GLY B 413 1.43 31.65 -51.74
CA GLY B 413 2.04 30.44 -51.23
C GLY B 413 3.27 30.66 -50.39
N GLY B 414 3.43 31.84 -49.81
CA GLY B 414 4.59 32.14 -49.00
C GLY B 414 5.84 32.46 -49.76
N THR B 415 5.78 32.49 -51.10
CA THR B 415 6.97 32.77 -51.89
C THR B 415 7.51 34.16 -51.60
N ALA B 416 6.61 35.13 -51.41
CA ALA B 416 7.05 36.49 -51.11
C ALA B 416 7.86 36.53 -49.83
N LEU B 417 7.48 35.71 -48.84
CA LEU B 417 8.22 35.70 -47.58
C LEU B 417 9.67 35.30 -47.78
N VAL B 418 9.91 34.25 -48.57
CA VAL B 418 11.28 33.85 -48.85
C VAL B 418 11.98 34.90 -49.71
N ASN B 419 11.24 35.53 -50.63
CA ASN B 419 11.85 36.48 -51.54
C ASN B 419 12.47 37.67 -50.83
N VAL B 420 12.06 37.93 -49.58
CA VAL B 420 12.62 39.05 -48.83
C VAL B 420 13.71 38.62 -47.84
N ILE B 421 14.12 37.36 -47.88
CA ILE B 421 15.11 36.87 -46.92
C ILE B 421 16.45 37.58 -47.12
N SER B 422 16.84 37.79 -48.37
CA SER B 422 18.15 38.39 -48.63
C SER B 422 18.25 39.78 -48.04
N LYS B 423 17.22 40.60 -48.20
CA LYS B 423 17.25 41.95 -47.66
C LYS B 423 17.34 41.94 -46.14
N VAL B 424 16.62 41.03 -45.49
CA VAL B 424 16.68 40.94 -44.03
C VAL B 424 18.06 40.53 -43.58
N SER B 425 18.66 39.54 -44.27
CA SER B 425 20.02 39.14 -43.93
C SER B 425 21.02 40.26 -44.18
N ALA B 426 20.72 41.18 -45.09
CA ALA B 426 21.61 42.30 -45.36
C ALA B 426 21.64 43.33 -44.23
N VAL B 427 20.74 43.24 -43.25
CA VAL B 427 20.70 44.22 -42.17
C VAL B 427 21.90 43.98 -41.26
N GLU B 428 22.60 45.05 -40.91
CA GLU B 428 23.80 44.95 -40.10
C GLU B 428 23.47 45.11 -38.62
N ALA B 429 23.96 44.18 -37.80
CA ALA B 429 23.74 44.23 -36.36
C ALA B 429 24.81 43.39 -35.68
N GLU B 430 24.85 43.50 -34.36
CA GLU B 430 25.83 42.77 -33.56
C GLU B 430 25.16 42.21 -32.32
N GLY B 431 25.80 41.18 -31.75
CA GLY B 431 25.33 40.62 -30.49
C GLY B 431 23.94 40.05 -30.59
N ASP B 432 23.13 40.31 -29.56
CA ASP B 432 21.78 39.77 -29.51
C ASP B 432 20.91 40.35 -30.61
N VAL B 433 21.22 41.56 -31.09
CA VAL B 433 20.49 42.10 -32.23
C VAL B 433 20.72 41.23 -33.46
N ALA B 434 21.97 40.87 -33.72
CA ALA B 434 22.26 39.97 -34.84
C ALA B 434 21.64 38.61 -34.61
N THR B 435 21.62 38.15 -33.35
CA THR B 435 20.99 36.86 -33.06
C THR B 435 19.51 36.89 -33.40
N GLY B 436 18.81 37.97 -33.03
CA GLY B 436 17.42 38.09 -33.40
C GLY B 436 17.22 38.20 -34.90
N ILE B 437 18.14 38.86 -35.59
CA ILE B 437 18.07 38.92 -37.04
C ILE B 437 18.15 37.51 -37.63
N LYS B 438 19.09 36.70 -37.14
CA LYS B 438 19.18 35.32 -37.61
C LYS B 438 17.92 34.53 -37.24
N ILE B 439 17.34 34.83 -36.08
CA ILE B 439 16.11 34.17 -35.67
C ILE B 439 15.02 34.41 -36.69
N VAL B 440 14.83 35.67 -37.07
CA VAL B 440 13.79 36.01 -38.03
C VAL B 440 14.10 35.40 -39.39
N VAL B 441 15.38 35.42 -39.79
CA VAL B 441 15.76 34.85 -41.08
C VAL B 441 15.40 33.38 -41.13
N ARG B 442 15.72 32.65 -40.06
CA ARG B 442 15.38 31.23 -40.02
C ARG B 442 13.87 31.01 -40.00
N ALA B 443 13.15 31.83 -39.25
CA ALA B 443 11.71 31.60 -39.08
C ALA B 443 10.93 31.95 -40.34
N LEU B 444 11.44 32.85 -41.18
CA LEU B 444 10.70 33.27 -42.36
C LEU B 444 10.45 32.13 -43.34
N GLU B 445 11.17 31.03 -43.22
CA GLU B 445 10.98 29.89 -44.12
C GLU B 445 9.88 28.95 -43.67
N GLU B 446 9.27 29.18 -42.52
CA GLU B 446 8.30 28.21 -41.99
C GLU B 446 7.07 28.02 -42.86
N PRO B 447 6.42 29.07 -43.39
CA PRO B 447 5.20 28.81 -44.17
C PRO B 447 5.42 27.94 -45.39
N ILE B 448 6.43 28.26 -46.21
CA ILE B 448 6.66 27.49 -47.42
C ILE B 448 7.05 26.06 -47.09
N ARG B 449 7.91 25.89 -46.09
CA ARG B 449 8.32 24.54 -45.69
C ARG B 449 7.13 23.73 -45.21
N GLN B 450 6.27 24.34 -44.40
CA GLN B 450 5.10 23.64 -43.89
C GLN B 450 4.15 23.28 -45.01
N ILE B 451 3.96 24.18 -45.97
CA ILE B 451 3.09 23.89 -47.10
C ILE B 451 3.64 22.72 -47.91
N ALA B 452 4.96 22.72 -48.14
CA ALA B 452 5.57 21.61 -48.87
C ALA B 452 5.42 20.30 -48.12
N GLU B 453 5.59 20.32 -46.79
CA GLU B 453 5.45 19.10 -46.01
C GLU B 453 4.02 18.58 -46.05
N ASN B 454 3.04 19.49 -46.00
CA ASN B 454 1.65 19.06 -46.03
C ASN B 454 1.31 18.35 -47.33
N ALA B 455 1.95 18.76 -48.43
CA ALA B 455 1.74 18.10 -49.72
C ALA B 455 2.63 16.88 -49.89
N GLY B 456 3.45 16.55 -48.90
CA GLY B 456 4.30 15.37 -48.96
C GLY B 456 5.70 15.62 -49.51
N TYR B 457 5.98 16.81 -50.01
CA TYR B 457 7.30 17.14 -50.53
C TYR B 457 8.22 17.53 -49.38
N GLU B 458 9.51 17.29 -49.56
CA GLU B 458 10.49 17.64 -48.53
C GLU B 458 10.64 19.15 -48.46
N GLY B 459 10.42 19.70 -47.26
CA GLY B 459 10.44 21.15 -47.10
C GLY B 459 11.81 21.74 -47.35
N SER B 460 12.86 21.10 -46.85
CA SER B 460 14.20 21.66 -47.00
C SER B 460 14.61 21.77 -48.45
N VAL B 461 14.29 20.74 -49.25
CA VAL B 461 14.61 20.78 -50.68
C VAL B 461 13.89 21.93 -51.35
N ILE B 462 12.61 22.11 -51.04
CA ILE B 462 11.83 23.19 -51.64
C ILE B 462 12.42 24.54 -51.27
N VAL B 463 12.78 24.72 -49.99
CA VAL B 463 13.33 25.99 -49.55
C VAL B 463 14.64 26.28 -50.27
N ASP B 464 15.52 25.27 -50.32
CA ASP B 464 16.83 25.49 -50.94
C ASP B 464 16.68 25.80 -52.43
N LYS B 465 15.82 25.08 -53.12
CA LYS B 465 15.63 25.35 -54.54
C LYS B 465 15.01 26.72 -54.76
N LEU B 466 14.05 27.11 -53.92
CA LEU B 466 13.39 28.41 -54.08
C LEU B 466 14.38 29.54 -53.84
N LYS B 467 15.32 29.35 -52.92
CA LYS B 467 16.30 30.41 -52.67
C LYS B 467 17.20 30.67 -53.86
N ASN B 468 17.24 29.77 -54.84
CA ASN B 468 18.17 29.88 -55.96
C ASN B 468 17.47 29.97 -57.31
N VAL B 469 16.16 30.21 -57.34
CA VAL B 469 15.44 30.40 -58.58
C VAL B 469 15.16 31.89 -58.78
N GLU B 470 14.75 32.25 -59.99
CA GLU B 470 14.48 33.64 -60.30
C GLU B 470 13.27 34.15 -59.53
N LEU B 471 13.29 35.43 -59.21
CA LEU B 471 12.16 36.06 -58.53
C LEU B 471 10.91 35.97 -59.41
N GLY B 472 9.78 35.72 -58.75
CA GLY B 472 8.51 35.55 -59.45
C GLY B 472 8.16 34.11 -59.75
N THR B 473 9.10 33.18 -59.60
CA THR B 473 8.86 31.76 -59.80
C THR B 473 8.96 31.07 -58.45
N GLY B 474 7.91 30.36 -58.07
CA GLY B 474 7.89 29.66 -56.80
C GLY B 474 7.52 28.21 -56.95
N PHE B 475 6.95 27.62 -55.90
CA PHE B 475 6.57 26.22 -55.91
C PHE B 475 5.05 26.11 -55.87
N ASN B 476 4.48 25.41 -56.84
CA ASN B 476 3.05 25.13 -56.87
C ASN B 476 2.81 23.87 -56.05
N ALA B 477 2.26 24.04 -54.85
CA ALA B 477 2.00 22.89 -53.99
C ALA B 477 0.95 21.96 -54.58
N ALA B 478 0.01 22.50 -55.37
CA ALA B 478 -1.04 21.68 -55.94
C ALA B 478 -0.48 20.66 -56.93
N THR B 479 0.50 21.07 -57.73
CA THR B 479 1.03 20.20 -58.78
C THR B 479 2.45 19.73 -58.53
N GLY B 480 3.18 20.37 -57.63
CA GLY B 480 4.57 20.02 -57.44
C GLY B 480 5.50 20.50 -58.52
N GLU B 481 5.07 21.49 -59.31
CA GLU B 481 5.87 22.01 -60.41
C GLU B 481 6.25 23.46 -60.14
N TRP B 482 7.47 23.81 -60.55
CA TRP B 482 7.99 25.16 -60.35
C TRP B 482 7.58 26.01 -61.55
N VAL B 483 6.59 26.88 -61.33
CA VAL B 483 6.03 27.71 -62.37
C VAL B 483 5.97 29.16 -61.86
N ASN B 484 5.52 30.05 -62.73
CA ASN B 484 5.34 31.44 -62.38
C ASN B 484 4.02 31.59 -61.61
N MET B 485 4.12 31.97 -60.33
CA MET B 485 2.92 32.10 -59.50
C MET B 485 1.98 33.17 -60.04
N VAL B 486 2.54 34.29 -60.51
CA VAL B 486 1.70 35.33 -61.10
C VAL B 486 0.97 34.80 -62.31
N GLU B 487 1.67 34.07 -63.19
CA GLU B 487 1.03 33.48 -64.35
C GLU B 487 0.07 32.37 -63.94
N ALA B 488 0.44 31.59 -62.93
CA ALA B 488 -0.39 30.47 -62.49
C ALA B 488 -1.53 30.90 -61.57
N GLY B 489 -1.58 32.18 -61.18
CA GLY B 489 -2.66 32.66 -60.35
C GLY B 489 -2.50 32.42 -58.87
N ILE B 490 -1.35 31.93 -58.43
CA ILE B 490 -1.12 31.70 -56.99
C ILE B 490 -0.57 33.02 -56.45
N VAL B 491 -1.50 33.91 -56.11
CA VAL B 491 -1.18 35.26 -55.67
C VAL B 491 -1.90 35.54 -54.37
N ASP B 492 -1.25 36.27 -53.48
CA ASP B 492 -1.80 36.64 -52.19
C ASP B 492 -1.67 38.14 -51.96
N PRO B 493 -2.63 38.76 -51.28
CA PRO B 493 -2.54 40.20 -51.04
C PRO B 493 -1.34 40.57 -50.19
N THR B 494 -0.74 41.71 -50.52
CA THR B 494 0.40 42.20 -49.76
C THR B 494 -0.01 42.51 -48.33
N LYS B 495 -1.20 43.09 -48.15
CA LYS B 495 -1.65 43.48 -46.83
C LYS B 495 -1.76 42.28 -45.89
N VAL B 496 -2.28 41.16 -46.39
CA VAL B 496 -2.44 39.98 -45.54
C VAL B 496 -1.10 39.53 -45.00
N THR B 497 -0.11 39.37 -45.89
CA THR B 497 1.19 38.88 -45.47
C THR B 497 1.86 39.85 -44.52
N ARG B 498 1.84 41.14 -44.85
CA ARG B 498 2.53 42.11 -43.99
C ARG B 498 1.84 42.21 -42.63
N SER B 499 0.51 42.14 -42.59
CA SER B 499 -0.18 42.20 -41.31
C SER B 499 0.11 40.97 -40.47
N ALA B 500 0.12 39.80 -41.09
CA ALA B 500 0.45 38.59 -40.34
C ALA B 500 1.85 38.67 -39.78
N LEU B 501 2.81 39.12 -40.59
CA LEU B 501 4.18 39.22 -40.12
C LEU B 501 4.31 40.22 -38.97
N GLN B 502 3.66 41.38 -39.11
CA GLN B 502 3.75 42.39 -38.06
C GLN B 502 3.16 41.88 -36.76
N ASN B 503 1.97 41.27 -36.83
CA ASN B 503 1.34 40.76 -35.61
C ASN B 503 2.18 39.68 -34.97
N ALA B 504 2.69 38.73 -35.77
CA ALA B 504 3.49 37.66 -35.21
C ALA B 504 4.75 38.21 -34.55
N ALA B 505 5.44 39.15 -35.21
CA ALA B 505 6.65 39.70 -34.64
C ALA B 505 6.36 40.44 -33.34
N SER B 506 5.32 41.28 -33.33
CA SER B 506 5.02 42.05 -32.13
C SER B 506 4.69 41.13 -30.96
N VAL B 507 3.85 40.12 -31.20
CA VAL B 507 3.44 39.25 -30.11
C VAL B 507 4.58 38.37 -29.64
N SER B 508 5.43 37.92 -30.57
CA SER B 508 6.61 37.17 -30.16
C SER B 508 7.55 38.01 -29.32
N ALA B 509 7.73 39.28 -29.69
CA ALA B 509 8.56 40.16 -28.88
C ALA B 509 7.98 40.35 -27.49
N LEU B 510 6.66 40.51 -27.40
CA LEU B 510 6.03 40.64 -26.10
C LEU B 510 6.21 39.37 -25.26
N LEU B 511 6.08 38.21 -25.88
CA LEU B 511 6.16 36.96 -25.13
C LEU B 511 7.59 36.66 -24.69
N LEU B 512 8.58 36.96 -25.52
CA LEU B 512 9.96 36.64 -25.18
C LEU B 512 10.44 37.41 -23.96
N THR B 513 9.87 38.59 -23.70
CA THR B 513 10.26 39.39 -22.56
C THR B 513 9.50 39.03 -21.29
N THR B 514 8.61 38.05 -21.36
CA THR B 514 7.87 37.63 -20.18
C THR B 514 8.81 37.06 -19.14
N GLU B 515 8.64 37.45 -17.88
CA GLU B 515 9.47 36.96 -16.80
C GLU B 515 8.70 36.27 -15.69
N ALA B 516 7.48 36.72 -15.39
CA ALA B 516 6.66 36.08 -14.37
C ALA B 516 5.24 35.95 -14.89
N VAL B 517 4.63 34.80 -14.61
CA VAL B 517 3.26 34.50 -15.04
C VAL B 517 2.42 34.30 -13.80
N VAL B 518 1.33 35.06 -13.69
CA VAL B 518 0.36 34.94 -12.63
C VAL B 518 -0.89 34.31 -13.24
N ALA B 519 -1.26 33.14 -12.74
CA ALA B 519 -2.33 32.37 -13.32
C ALA B 519 -3.23 31.88 -12.20
N ASP B 520 -4.48 31.54 -12.53
CA ASP B 520 -5.39 31.10 -11.49
C ASP B 520 -5.13 29.62 -11.21
N LYS B 521 -4.89 29.29 -9.94
CA LYS B 521 -4.66 27.90 -9.55
C LYS B 521 -5.92 27.06 -9.75
N PRO B 522 -5.82 25.87 -10.36
CA PRO B 522 -7.02 25.03 -10.55
C PRO B 522 -7.67 24.68 -9.22
N GLU B 523 -8.99 24.65 -9.23
CA GLU B 523 -9.75 24.30 -8.03
C GLU B 523 -9.80 22.79 -7.85
N PRO B 524 -9.35 22.26 -6.71
CA PRO B 524 -9.38 20.82 -6.45
C PRO B 524 -10.80 20.28 -6.26
N MET C 1 36.00 3.59 -2.88
CA MET C 1 34.57 3.32 -3.00
C MET C 1 33.84 4.66 -3.11
N ALA C 2 32.65 4.63 -3.69
CA ALA C 2 31.99 5.84 -4.17
C ALA C 2 31.85 6.89 -3.08
N LYS C 3 32.23 8.12 -3.41
CA LYS C 3 32.17 9.22 -2.47
C LYS C 3 30.78 9.86 -2.50
N GLU C 4 30.52 10.69 -1.50
CA GLU C 4 29.25 11.39 -1.35
C GLU C 4 29.49 12.89 -1.19
N LEU C 5 30.32 13.45 -2.07
CA LEU C 5 30.75 14.85 -1.97
C LEU C 5 29.56 15.78 -1.74
N LYS C 6 29.78 16.78 -0.89
CA LYS C 6 28.74 17.69 -0.46
C LYS C 6 29.35 19.06 -0.19
N PHE C 7 28.63 20.12 -0.58
CA PHE C 7 29.20 21.46 -0.49
C PHE C 7 28.37 22.39 0.38
N ALA C 8 28.75 23.67 0.39
CA ALA C 8 28.00 24.74 1.02
C ALA C 8 27.75 24.50 2.51
N GLU C 9 26.62 24.96 3.01
CA GLU C 9 26.34 24.96 4.44
C GLU C 9 25.92 23.59 4.97
N ASP C 10 25.33 22.74 4.13
CA ASP C 10 24.87 21.44 4.62
C ASP C 10 26.03 20.60 5.10
N ALA C 11 27.16 20.64 4.41
CA ALA C 11 28.36 19.98 4.91
C ALA C 11 28.77 20.56 6.26
N ARG C 12 28.76 21.90 6.36
CA ARG C 12 29.04 22.52 7.64
C ARG C 12 27.97 22.20 8.66
N ALA C 13 26.72 22.02 8.22
CA ALA C 13 25.66 21.65 9.15
C ALA C 13 25.93 20.29 9.78
N ALA C 14 26.34 19.31 8.96
CA ALA C 14 26.69 18.00 9.50
C ALA C 14 27.93 18.08 10.37
N MET C 15 28.90 18.90 9.97
CA MET C 15 30.09 19.13 10.78
C MET C 15 29.68 19.58 12.18
N LEU C 16 28.82 20.59 12.24
CA LEU C 16 28.35 21.13 13.51
C LEU C 16 27.57 20.10 14.30
N ARG C 17 26.74 19.31 13.63
CA ARG C 17 25.96 18.30 14.34
C ARG C 17 26.87 17.29 15.03
N GLY C 18 27.89 16.82 14.30
CA GLY C 18 28.82 15.89 14.92
C GLY C 18 29.56 16.50 16.09
N VAL C 19 30.06 17.73 15.91
CA VAL C 19 30.79 18.38 16.99
C VAL C 19 29.88 18.59 18.20
N ASP C 20 28.62 18.95 17.96
CA ASP C 20 27.68 19.15 19.05
C ASP C 20 27.41 17.84 19.79
N LYS C 21 27.27 16.74 19.06
CA LYS C 21 27.07 15.45 19.74
C LYS C 21 28.26 15.14 20.64
N LEU C 22 29.48 15.29 20.12
CA LEU C 22 30.65 15.00 20.94
C LEU C 22 30.73 15.92 22.15
N ALA C 23 30.46 17.21 21.94
CA ALA C 23 30.55 18.16 23.04
C ALA C 23 29.50 17.89 24.10
N ASP C 24 28.28 17.56 23.69
CA ASP C 24 27.25 17.22 24.67
C ASP C 24 27.59 15.94 25.40
N THR C 25 28.32 15.03 24.76
CA THR C 25 28.77 13.85 25.48
C THR C 25 29.85 14.17 26.49
N VAL C 26 30.77 15.08 26.16
CA VAL C 26 31.96 15.27 26.99
C VAL C 26 31.72 16.31 28.09
N LYS C 27 31.18 17.48 27.74
CA LYS C 27 31.22 18.64 28.63
C LYS C 27 30.50 18.42 29.95
N VAL C 28 29.61 17.44 30.04
CA VAL C 28 28.87 17.24 31.29
C VAL C 28 29.79 16.78 32.41
N THR C 29 30.99 16.29 32.09
CA THR C 29 31.95 15.88 33.11
C THR C 29 32.88 17.01 33.53
N LEU C 30 32.74 18.19 32.93
CA LEU C 30 33.65 19.28 33.24
C LEU C 30 33.43 19.79 34.66
N GLY C 31 34.52 20.19 35.30
CA GLY C 31 34.46 20.80 36.61
C GLY C 31 34.49 19.79 37.74
N PRO C 32 34.75 20.26 38.96
CA PRO C 32 34.78 19.35 40.11
C PRO C 32 33.45 18.64 40.35
N LYS C 33 32.33 19.29 40.05
CA LYS C 33 31.01 18.70 40.22
C LYS C 33 30.52 18.03 38.96
N GLY C 34 31.41 17.51 38.12
CA GLY C 34 30.99 16.89 36.88
C GLY C 34 30.13 15.67 37.12
N ARG C 35 29.16 15.47 36.25
CA ARG C 35 28.27 14.33 36.33
C ARG C 35 28.83 13.15 35.56
N ASN C 36 28.37 11.96 35.92
CA ASN C 36 28.93 10.72 35.40
C ASN C 36 28.32 10.36 34.05
N VAL C 37 29.11 9.67 33.24
CA VAL C 37 28.69 9.18 31.93
C VAL C 37 28.94 7.68 31.89
N VAL C 38 28.02 6.94 31.29
CA VAL C 38 28.10 5.49 31.23
C VAL C 38 28.53 5.07 29.83
N LEU C 39 29.53 4.21 29.76
CA LEU C 39 30.04 3.70 28.49
C LEU C 39 29.74 2.20 28.39
N GLU C 40 29.38 1.76 27.20
CA GLU C 40 29.14 0.35 26.96
C GLU C 40 30.44 -0.38 26.71
N LYS C 41 30.47 -1.66 27.09
CA LYS C 41 31.63 -2.51 26.88
C LYS C 41 31.19 -3.83 26.27
N SER C 42 32.06 -4.39 25.42
CA SER C 42 31.73 -5.66 24.76
C SER C 42 31.59 -6.79 25.77
N TYR C 43 32.50 -6.87 26.73
CA TYR C 43 32.46 -7.91 27.75
C TYR C 43 32.56 -7.28 29.13
N GLY C 44 32.01 -7.97 30.12
CA GLY C 44 32.09 -7.54 31.49
C GLY C 44 31.11 -6.43 31.80
N SER C 45 31.16 -5.96 33.05
CA SER C 45 30.27 -4.92 33.49
C SER C 45 30.60 -3.62 32.79
N PRO C 46 29.57 -2.82 32.46
CA PRO C 46 29.83 -1.52 31.83
C PRO C 46 30.56 -0.58 32.78
N LEU C 47 31.35 0.31 32.19
CA LEU C 47 32.16 1.25 32.95
C LEU C 47 31.44 2.59 33.09
N ILE C 48 31.38 3.09 34.31
CA ILE C 48 30.85 4.42 34.60
C ILE C 48 32.01 5.32 34.98
N THR C 49 32.12 6.46 34.31
CA THR C 49 33.25 7.35 34.54
C THR C 49 32.87 8.77 34.23
N ASN C 50 33.66 9.70 34.76
CA ASN C 50 33.57 11.12 34.44
C ASN C 50 34.88 11.64 33.84
N ASP C 51 35.71 10.74 33.34
CA ASP C 51 36.97 11.11 32.70
C ASP C 51 36.72 11.50 31.25
N GLY C 52 37.05 12.73 30.90
CA GLY C 52 36.70 13.24 29.58
C GLY C 52 37.39 12.52 28.45
N VAL C 53 38.70 12.28 28.59
CA VAL C 53 39.48 11.77 27.47
C VAL C 53 39.03 10.38 27.08
N THR C 54 38.72 9.53 28.07
CA THR C 54 38.24 8.17 27.76
C THR C 54 36.93 8.22 26.99
N ILE C 55 36.00 9.07 27.45
CA ILE C 55 34.71 9.17 26.77
C ILE C 55 34.89 9.67 25.34
N ALA C 56 35.75 10.67 25.16
CA ALA C 56 36.02 11.16 23.81
C ALA C 56 36.61 10.06 22.94
N LYS C 57 37.49 9.24 23.51
CA LYS C 57 38.07 8.14 22.74
C LYS C 57 37.00 7.13 22.32
N GLU C 58 36.05 6.84 23.21
CA GLU C 58 35.07 5.80 22.94
C GLU C 58 33.98 6.23 21.94
N ILE C 59 33.93 7.50 21.57
CA ILE C 59 32.84 7.99 20.72
C ILE C 59 33.10 7.61 19.27
N GLU C 60 32.07 7.08 18.60
CA GLU C 60 32.13 6.76 17.18
C GLU C 60 30.72 6.81 16.63
N LEU C 61 30.46 7.74 15.71
CA LEU C 61 29.12 7.99 15.22
C LEU C 61 28.90 7.29 13.89
N GLU C 62 27.65 6.88 13.66
CA GLU C 62 27.33 6.15 12.43
C GLU C 62 27.34 7.07 11.21
N ASP C 63 26.76 8.26 11.34
CA ASP C 63 26.81 9.22 10.24
C ASP C 63 28.26 9.56 9.92
N HIS C 64 28.61 9.47 8.63
CA HIS C 64 30.01 9.63 8.26
C HIS C 64 30.51 11.05 8.52
N PHE C 65 29.71 12.06 8.23
CA PHE C 65 30.15 13.43 8.46
C PHE C 65 30.25 13.73 9.95
N GLU C 66 29.26 13.29 10.73
CA GLU C 66 29.33 13.48 12.17
C GLU C 66 30.49 12.69 12.77
N ASN C 67 30.76 11.50 12.23
CA ASN C 67 31.94 10.75 12.66
C ASN C 67 33.21 11.52 12.32
N MET C 68 33.22 12.20 11.17
CA MET C 68 34.37 13.02 10.80
C MET C 68 34.59 14.13 11.82
N GLY C 69 33.50 14.80 12.22
CA GLY C 69 33.62 15.84 13.22
C GLY C 69 34.12 15.31 14.56
N ALA C 70 33.59 14.15 14.97
CA ALA C 70 34.03 13.55 16.22
C ALA C 70 35.52 13.21 16.17
N LYS C 71 35.97 12.62 15.07
CA LYS C 71 37.39 12.28 14.95
C LYS C 71 38.25 13.52 14.96
N LEU C 72 37.80 14.59 14.29
CA LEU C 72 38.57 15.83 14.29
C LEU C 72 38.73 16.36 15.71
N VAL C 73 37.63 16.51 16.44
CA VAL C 73 37.74 17.09 17.77
C VAL C 73 38.51 16.17 18.71
N SER C 74 38.39 14.85 18.54
CA SER C 74 39.18 13.93 19.36
C SER C 74 40.67 14.10 19.10
N GLU C 75 41.07 14.20 17.83
CA GLU C 75 42.49 14.42 17.55
C GLU C 75 42.95 15.76 18.07
N VAL C 76 42.06 16.75 18.13
CA VAL C 76 42.43 18.03 18.74
C VAL C 76 42.73 17.84 20.21
N ALA C 77 41.81 17.17 20.93
CA ALA C 77 41.98 16.98 22.37
C ALA C 77 43.22 16.13 22.66
N SER C 78 43.61 15.30 21.69
CA SER C 78 44.80 14.48 21.88
C SER C 78 46.05 15.33 22.07
N LYS C 79 46.16 16.43 21.32
CA LYS C 79 47.35 17.27 21.41
C LYS C 79 47.50 17.93 22.77
N THR C 80 46.45 17.96 23.57
CA THR C 80 46.50 18.59 24.89
C THR C 80 46.41 17.59 26.03
N ASN C 81 45.90 16.39 25.77
CA ASN C 81 45.70 15.41 26.84
C ASN C 81 47.01 15.00 27.49
N ASP C 82 48.13 15.19 26.79
CA ASP C 82 49.43 14.76 27.30
C ASP C 82 49.74 15.39 28.64
N ILE C 83 49.55 16.71 28.75
CA ILE C 83 49.79 17.40 30.00
C ILE C 83 48.52 17.42 30.83
N ALA C 84 48.68 17.21 32.15
CA ALA C 84 47.56 17.11 33.09
C ALA C 84 46.52 16.09 32.60
N GLY C 85 45.27 16.29 33.00
CA GLY C 85 44.20 15.41 32.59
C GLY C 85 42.89 16.13 32.34
N ASP C 86 42.92 17.46 32.36
CA ASP C 86 41.71 18.26 32.17
C ASP C 86 41.73 19.12 30.92
N GLY C 87 42.89 19.37 30.34
CA GLY C 87 42.96 20.19 29.14
C GLY C 87 42.38 19.54 27.90
N THR C 88 42.02 18.28 27.97
CA THR C 88 41.38 17.58 26.86
C THR C 88 39.88 17.81 26.81
N THR C 89 39.33 18.57 27.75
CA THR C 89 37.89 18.82 27.81
C THR C 89 37.54 20.27 27.50
N THR C 90 38.21 21.23 28.12
CA THR C 90 37.92 22.63 27.88
C THR C 90 38.09 22.98 26.42
N ALA C 91 39.06 22.35 25.76
CA ALA C 91 39.27 22.56 24.34
C ALA C 91 38.03 22.20 23.54
N THR C 92 37.40 21.08 23.89
CA THR C 92 36.20 20.66 23.19
C THR C 92 35.06 21.66 23.37
N VAL C 93 34.88 22.15 24.60
CA VAL C 93 33.80 23.10 24.87
C VAL C 93 34.02 24.38 24.09
N LEU C 94 35.23 24.92 24.15
CA LEU C 94 35.54 26.14 23.42
C LEU C 94 35.36 25.94 21.92
N THR C 95 35.81 24.79 21.40
CA THR C 95 35.66 24.52 19.98
C THR C 95 34.19 24.48 19.58
N GLN C 96 33.36 23.83 20.39
CA GLN C 96 31.93 23.77 20.09
C GLN C 96 31.32 25.17 20.04
N ALA C 97 31.61 25.98 21.07
CA ALA C 97 31.00 27.31 21.13
C ALA C 97 31.43 28.16 19.94
N ILE C 98 32.74 28.17 19.67
CA ILE C 98 33.27 29.00 18.59
C ILE C 98 32.66 28.54 17.26
N VAL C 99 32.61 27.23 17.04
CA VAL C 99 32.11 26.71 15.77
C VAL C 99 30.65 27.09 15.60
N ARG C 100 29.84 26.92 16.63
CA ARG C 100 28.42 27.24 16.52
C ARG C 100 28.20 28.70 16.17
N GLU C 101 28.80 29.60 16.96
CA GLU C 101 28.55 31.01 16.74
C GLU C 101 29.14 31.48 15.42
N GLY C 102 30.30 30.94 15.04
CA GLY C 102 30.90 31.31 13.77
C GLY C 102 30.07 30.85 12.59
N LEU C 103 29.51 29.64 12.68
CA LEU C 103 28.63 29.15 11.62
C LEU C 103 27.41 30.04 11.49
N LYS C 104 26.82 30.41 12.63
CA LYS C 104 25.64 31.27 12.57
C LYS C 104 25.97 32.61 11.94
N ASN C 105 27.14 33.18 12.28
CA ASN C 105 27.53 34.46 11.69
C ASN C 105 27.82 34.33 10.19
N VAL C 106 28.48 33.25 9.80
CA VAL C 106 28.83 33.05 8.39
C VAL C 106 27.58 32.86 7.55
N THR C 107 26.55 32.25 8.14
CA THR C 107 25.30 32.03 7.39
C THR C 107 24.72 33.35 6.89
N ALA C 108 25.01 34.45 7.58
CA ALA C 108 24.51 35.77 7.21
C ALA C 108 25.58 36.65 6.58
N GLY C 109 26.42 36.08 5.73
CA GLY C 109 27.50 36.83 5.12
C GLY C 109 28.81 36.61 5.85
N ALA C 110 29.46 37.69 6.25
CA ALA C 110 30.63 37.59 7.13
C ALA C 110 31.72 36.70 6.55
N ASN C 111 32.39 37.18 5.51
CA ASN C 111 33.46 36.46 4.82
C ASN C 111 34.31 35.69 5.81
N PRO C 112 34.38 34.36 5.68
CA PRO C 112 35.03 33.54 6.72
C PRO C 112 36.49 33.87 6.95
N LEU C 113 37.19 34.37 5.95
CA LEU C 113 38.60 34.71 6.14
C LEU C 113 38.77 35.80 7.19
N GLY C 114 37.91 36.80 7.16
CA GLY C 114 37.94 37.82 8.21
C GLY C 114 37.67 37.23 9.58
N ILE C 115 36.75 36.27 9.66
CA ILE C 115 36.45 35.62 10.93
C ILE C 115 37.68 34.88 11.43
N ARG C 116 38.37 34.16 10.54
CA ARG C 116 39.57 33.44 10.95
C ARG C 116 40.65 34.40 11.42
N ARG C 117 40.83 35.52 10.71
CA ARG C 117 41.81 36.52 11.13
C ARG C 117 41.48 37.07 12.52
N GLY C 118 40.20 37.39 12.74
CA GLY C 118 39.80 37.91 14.04
C GLY C 118 40.00 36.90 15.15
N ILE C 119 39.66 35.63 14.88
CA ILE C 119 39.86 34.59 15.87
C ILE C 119 41.32 34.46 16.22
N GLU C 120 42.20 34.46 15.22
CA GLU C 120 43.62 34.34 15.49
C GLU C 120 44.14 35.53 16.29
N LEU C 121 43.70 36.74 15.94
CA LEU C 121 44.15 37.91 16.67
C LEU C 121 43.69 37.86 18.13
N ALA C 122 42.43 37.50 18.35
CA ALA C 122 41.92 37.42 19.71
C ALA C 122 42.65 36.35 20.50
N THR C 123 42.93 35.21 19.88
CA THR C 123 43.65 34.14 20.57
C THR C 123 45.07 34.56 20.92
N LYS C 124 45.74 35.26 20.00
CA LYS C 124 47.08 35.74 20.31
C LYS C 124 47.07 36.73 21.46
N ALA C 125 46.10 37.65 21.47
CA ALA C 125 46.01 38.60 22.57
C ALA C 125 45.72 37.88 23.88
N ALA C 126 44.84 36.89 23.85
CA ALA C 126 44.52 36.14 25.06
C ALA C 126 45.73 35.38 25.59
N VAL C 127 46.51 34.78 24.69
CA VAL C 127 47.71 34.06 25.12
C VAL C 127 48.70 35.04 25.75
N GLU C 128 48.86 36.22 25.14
CA GLU C 128 49.75 37.22 25.70
C GLU C 128 49.28 37.64 27.10
N GLU C 129 47.98 37.86 27.26
CA GLU C 129 47.46 38.25 28.56
C GLU C 129 47.65 37.14 29.59
N LEU C 130 47.43 35.88 29.20
CA LEU C 130 47.64 34.77 30.13
C LEU C 130 49.08 34.71 30.58
N HIS C 131 50.03 34.88 29.65
CA HIS C 131 51.43 34.94 30.05
C HIS C 131 51.71 36.18 30.88
N ASN C 132 50.89 37.22 30.78
CA ASN C 132 51.09 38.42 31.60
C ASN C 132 50.69 38.17 33.05
N ILE C 133 49.43 37.85 33.29
CA ILE C 133 48.97 37.58 34.65
C ILE C 133 49.21 36.10 34.96
N SER C 134 50.12 35.84 35.90
CA SER C 134 50.43 34.48 36.29
C SER C 134 51.28 34.53 37.56
N THR C 135 51.04 33.57 38.45
CA THR C 135 51.86 33.39 39.63
C THR C 135 53.04 32.51 39.25
N VAL C 136 54.20 33.14 39.05
CA VAL C 136 55.37 32.40 38.61
C VAL C 136 55.79 31.42 39.69
N VAL C 137 55.97 30.16 39.32
CA VAL C 137 56.34 29.12 40.27
C VAL C 137 57.78 28.71 40.03
N ASP C 138 58.69 29.28 40.80
CA ASP C 138 60.11 28.96 40.71
C ASP C 138 60.77 28.68 42.04
N SER C 139 60.21 29.16 43.16
CA SER C 139 60.77 28.87 44.46
C SER C 139 60.62 27.39 44.80
N LYS C 140 61.60 26.86 45.51
CA LYS C 140 61.57 25.44 45.89
C LYS C 140 60.35 25.14 46.76
N GLU C 141 60.06 26.01 47.73
CA GLU C 141 58.91 25.80 48.59
C GLU C 141 57.61 25.85 47.80
N ALA C 142 57.49 26.81 46.87
CA ALA C 142 56.30 26.91 46.04
C ALA C 142 56.15 25.66 45.18
N ILE C 143 57.24 25.18 44.60
CA ILE C 143 57.18 23.97 43.78
C ILE C 143 56.72 22.78 44.62
N ALA C 144 57.28 22.64 45.82
CA ALA C 144 56.90 21.53 46.68
C ALA C 144 55.43 21.62 47.07
N GLN C 145 54.95 22.82 47.35
CA GLN C 145 53.55 23.02 47.68
C GLN C 145 52.66 22.64 46.51
N VAL C 146 52.99 23.13 45.32
CA VAL C 146 52.19 22.91 44.12
C VAL C 146 52.11 21.42 43.84
N ALA C 147 53.24 20.73 43.96
CA ALA C 147 53.28 19.29 43.73
C ALA C 147 52.36 18.57 44.71
N ALA C 148 52.43 18.96 45.99
CA ALA C 148 51.64 18.27 47.00
C ALA C 148 50.17 18.68 46.96
N VAL C 149 49.91 19.97 46.70
CA VAL C 149 48.55 20.48 46.84
C VAL C 149 47.60 19.90 45.79
N SER C 150 48.08 19.67 44.57
CA SER C 150 47.19 19.24 43.49
C SER C 150 46.57 17.89 43.79
N SER C 151 47.39 16.83 43.77
CA SER C 151 46.93 15.52 44.19
C SER C 151 48.05 14.78 44.90
N GLY C 152 49.19 15.43 45.08
CA GLY C 152 50.39 14.74 45.52
C GLY C 152 50.51 14.50 47.00
N SER C 153 49.39 14.18 47.66
CA SER C 153 49.35 13.86 49.10
C SER C 153 50.18 14.91 49.83
N ASP C 154 51.13 14.53 50.67
CA ASP C 154 52.07 15.49 51.23
C ASP C 154 53.52 15.10 51.01
N LYS C 155 53.86 13.81 51.16
CA LYS C 155 55.26 13.40 51.03
C LYS C 155 55.75 13.56 49.60
N VAL C 156 54.86 13.36 48.62
CA VAL C 156 55.26 13.46 47.22
C VAL C 156 55.77 14.87 46.93
N GLY C 157 55.21 15.87 47.61
CA GLY C 157 55.71 17.23 47.42
C GLY C 157 57.19 17.35 47.73
N HIS C 158 57.59 16.89 48.92
CA HIS C 158 58.99 16.96 49.31
C HIS C 158 59.86 16.06 48.43
N LEU C 159 59.36 14.86 48.09
CA LEU C 159 60.14 13.96 47.27
C LEU C 159 60.44 14.58 45.91
N ILE C 160 59.40 15.13 45.27
CA ILE C 160 59.56 15.80 43.99
C ILE C 160 60.47 17.00 44.13
N ALA C 161 60.31 17.76 45.21
CA ALA C 161 61.16 18.92 45.43
C ALA C 161 62.63 18.53 45.51
N ASP C 162 62.95 17.52 46.32
CA ASP C 162 64.34 17.12 46.49
C ASP C 162 64.92 16.56 45.19
N ALA C 163 64.15 15.75 44.46
CA ALA C 163 64.65 15.20 43.19
C ALA C 163 64.83 16.31 42.15
N MET C 164 63.83 17.17 42.01
CA MET C 164 63.90 18.33 41.13
C MET C 164 65.11 19.20 41.42
N GLU C 165 65.42 19.42 42.70
CA GLU C 165 66.62 20.17 43.03
C GLU C 165 67.87 19.39 42.60
N LYS C 166 67.90 18.09 42.91
CA LYS C 166 69.10 17.29 42.66
C LYS C 166 69.44 17.15 41.18
N VAL C 167 68.44 16.89 40.34
CA VAL C 167 68.66 16.65 38.92
C VAL C 167 68.51 17.91 38.09
N GLY C 168 67.93 18.96 38.65
CA GLY C 168 67.67 20.17 37.93
C GLY C 168 66.24 20.26 37.40
N ASN C 169 65.99 21.32 36.63
CA ASN C 169 64.67 21.53 36.03
C ASN C 169 64.42 20.56 34.88
N ASP C 170 65.40 20.38 34.01
CA ASP C 170 65.30 19.43 32.91
C ASP C 170 65.82 18.05 33.26
N GLY C 171 66.20 17.83 34.52
CA GLY C 171 66.72 16.54 34.90
C GLY C 171 65.67 15.45 34.82
N VAL C 172 66.15 14.23 34.60
CA VAL C 172 65.28 13.07 34.44
C VAL C 172 64.91 12.54 35.81
N ILE C 173 63.61 12.36 36.04
CA ILE C 173 63.07 11.78 37.26
C ILE C 173 62.29 10.54 36.89
N THR C 174 62.60 9.42 37.53
CA THR C 174 61.96 8.15 37.28
C THR C 174 61.25 7.64 38.52
N ILE C 175 60.18 6.90 38.32
CA ILE C 175 59.34 6.38 39.39
C ILE C 175 59.37 4.86 39.33
N GLU C 176 59.66 4.23 40.46
CA GLU C 176 59.77 2.78 40.54
C GLU C 176 59.01 2.27 41.76
N GLU C 177 58.74 0.97 41.76
CA GLU C 177 58.02 0.32 42.85
C GLU C 177 59.03 -0.35 43.78
N SER C 178 59.19 0.21 44.98
CA SER C 178 60.06 -0.39 45.97
C SER C 178 59.40 -1.63 46.57
N LYS C 179 60.22 -2.67 46.81
CA LYS C 179 59.70 -3.87 47.44
C LYS C 179 59.33 -3.66 48.90
N GLY C 180 59.83 -2.58 49.52
CA GLY C 180 59.51 -2.26 50.88
C GLY C 180 58.20 -1.50 51.00
N ILE C 181 57.95 -1.01 52.22
CA ILE C 181 56.73 -0.26 52.49
C ILE C 181 56.95 1.25 52.41
N GLU C 182 58.19 1.70 52.27
CA GLU C 182 58.51 3.12 52.25
C GLU C 182 58.90 3.56 50.84
N THR C 183 58.47 4.76 50.47
CA THR C 183 58.87 5.37 49.21
C THR C 183 60.19 6.11 49.41
N GLU C 184 61.15 5.82 48.54
CA GLU C 184 62.50 6.36 48.66
C GLU C 184 62.93 7.03 47.37
N LEU C 185 63.81 8.02 47.49
CA LEU C 185 64.33 8.76 46.35
C LEU C 185 65.80 8.42 46.17
N ASP C 186 66.19 8.09 44.95
CA ASP C 186 67.57 7.74 44.62
C ASP C 186 68.00 8.47 43.35
N VAL C 187 69.26 8.90 43.33
CA VAL C 187 69.85 9.53 42.16
C VAL C 187 70.99 8.64 41.68
N VAL C 188 70.89 8.18 40.44
CA VAL C 188 71.87 7.26 39.85
C VAL C 188 72.31 7.82 38.50
N GLU C 189 73.28 7.13 37.91
CA GLU C 189 73.74 7.47 36.57
C GLU C 189 72.76 6.92 35.53
N GLY C 190 72.23 7.79 34.69
CA GLY C 190 71.24 7.39 33.72
C GLY C 190 71.29 8.24 32.48
N MET C 191 70.54 7.81 31.47
CA MET C 191 70.55 8.47 30.17
C MET C 191 69.14 8.47 29.60
N GLN C 192 68.62 9.65 29.28
CA GLN C 192 67.37 9.78 28.55
C GLN C 192 67.61 10.66 27.32
N PHE C 193 67.18 10.18 26.17
CA PHE C 193 67.34 10.90 24.92
C PHE C 193 66.06 10.78 24.11
N ASP C 194 65.82 11.78 23.26
CA ASP C 194 64.57 11.91 22.51
C ASP C 194 64.57 10.96 21.31
N ARG C 195 64.47 9.67 21.60
CA ARG C 195 64.33 8.65 20.58
C ARG C 195 63.35 7.60 21.11
N GLY C 196 62.14 7.58 20.55
CA GLY C 196 61.15 6.60 20.93
C GLY C 196 61.35 5.28 20.21
N TYR C 197 60.45 4.35 20.51
CA TYR C 197 60.51 3.04 19.87
C TYR C 197 60.20 3.17 18.38
N LEU C 198 60.75 2.25 17.60
CA LEU C 198 60.50 2.22 16.16
C LEU C 198 59.12 1.68 15.82
N SER C 199 58.48 0.96 16.73
CA SER C 199 57.17 0.38 16.48
C SER C 199 56.46 0.15 17.81
N GLN C 200 55.13 0.14 17.75
CA GLN C 200 54.31 -0.05 18.94
C GLN C 200 54.16 -1.51 19.33
N TYR C 201 54.56 -2.44 18.46
CA TYR C 201 54.39 -3.86 18.75
C TYR C 201 55.29 -4.34 19.89
N MET C 202 56.43 -3.69 20.09
CA MET C 202 57.36 -4.05 21.15
C MET C 202 57.11 -3.29 22.45
N VAL C 203 55.96 -2.64 22.58
CA VAL C 203 55.62 -1.95 23.82
C VAL C 203 55.32 -2.98 24.89
N THR C 204 56.03 -2.88 26.03
CA THR C 204 55.82 -3.80 27.14
C THR C 204 54.62 -3.41 27.98
N ASP C 205 54.42 -2.12 28.24
CA ASP C 205 53.32 -1.63 29.05
C ASP C 205 52.33 -0.94 28.12
N ASN C 206 51.26 -1.67 27.76
CA ASN C 206 50.26 -1.13 26.86
C ASN C 206 49.54 0.07 27.48
N ASP C 207 49.22 -0.02 28.77
CA ASP C 207 48.52 1.07 29.43
C ASP C 207 49.34 2.36 29.43
N LYS C 208 50.64 2.24 29.73
CA LYS C 208 51.52 3.40 29.74
C LYS C 208 52.19 3.64 28.40
N MET C 209 51.98 2.75 27.42
CA MET C 209 52.53 2.91 26.07
C MET C 209 54.05 2.75 26.08
N GLU C 210 54.64 2.69 27.26
CA GLU C 210 56.09 2.66 27.39
C GLU C 210 56.61 1.24 27.28
N ALA C 211 57.83 1.13 26.77
CA ALA C 211 58.55 -0.14 26.70
C ALA C 211 59.50 -0.22 27.90
N VAL C 212 59.33 -1.25 28.71
CA VAL C 212 60.08 -1.41 29.95
C VAL C 212 60.95 -2.65 29.82
N LEU C 213 62.26 -2.47 30.03
CA LEU C 213 63.22 -3.56 30.01
C LEU C 213 64.00 -3.58 31.32
N GLU C 214 64.10 -4.75 31.93
CA GLU C 214 64.78 -4.93 33.20
C GLU C 214 66.09 -5.68 32.97
N ASN C 215 67.20 -5.07 33.37
CA ASN C 215 68.53 -5.59 33.12
C ASN C 215 68.72 -6.04 31.67
N PRO C 216 68.55 -5.15 30.70
CA PRO C 216 68.66 -5.54 29.30
C PRO C 216 70.08 -5.36 28.76
N TYR C 217 70.34 -6.07 27.67
CA TYR C 217 71.56 -5.85 26.91
C TYR C 217 71.36 -4.70 25.94
N ILE C 218 72.40 -3.90 25.76
CA ILE C 218 72.31 -2.67 24.97
C ILE C 218 73.24 -2.80 23.77
N LEU C 219 72.68 -2.70 22.58
CA LEU C 219 73.45 -2.68 21.34
C LEU C 219 73.64 -1.23 20.91
N ILE C 220 74.91 -0.81 20.79
CA ILE C 220 75.25 0.55 20.45
C ILE C 220 76.02 0.54 19.14
N THR C 221 75.48 1.20 18.13
CA THR C 221 76.12 1.23 16.81
C THR C 221 75.60 2.43 16.04
N ASP C 222 76.43 2.94 15.14
CA ASP C 222 76.04 4.02 14.24
C ASP C 222 75.63 3.51 12.86
N LYS C 223 75.73 2.21 12.63
CA LYS C 223 75.41 1.65 11.33
C LYS C 223 73.91 1.48 11.17
N LYS C 224 73.49 1.27 9.92
CA LYS C 224 72.10 1.01 9.61
C LYS C 224 71.86 -0.49 9.53
N ILE C 225 70.85 -0.95 10.25
CA ILE C 225 70.56 -2.38 10.37
C ILE C 225 69.32 -2.66 9.54
N SER C 226 69.52 -3.12 8.30
CA SER C 226 68.42 -3.54 7.44
C SER C 226 68.36 -5.03 7.22
N ASN C 227 69.40 -5.78 7.60
CA ASN C 227 69.44 -7.23 7.44
C ASN C 227 69.47 -7.88 8.81
N ILE C 228 68.58 -8.85 9.01
CA ILE C 228 68.55 -9.59 10.26
C ILE C 228 69.76 -10.53 10.37
N GLN C 229 70.38 -10.88 9.25
CA GLN C 229 71.52 -11.79 9.28
C GLN C 229 72.73 -11.17 9.99
N ASP C 230 72.83 -9.84 9.97
CA ASP C 230 73.96 -9.17 10.58
C ASP C 230 74.01 -9.34 12.09
N ILE C 231 72.90 -9.72 12.71
CA ILE C 231 72.80 -9.80 14.16
C ILE C 231 72.37 -11.18 14.64
N LEU C 232 72.24 -12.15 13.76
CA LEU C 232 71.78 -13.48 14.18
C LEU C 232 72.68 -14.13 15.23
N PRO C 233 74.01 -14.13 15.11
CA PRO C 233 74.81 -14.71 16.21
C PRO C 233 74.59 -14.02 17.54
N LEU C 234 74.52 -12.69 17.55
CA LEU C 234 74.27 -11.97 18.79
C LEU C 234 72.85 -12.24 19.30
N LEU C 235 71.88 -12.36 18.40
CA LEU C 235 70.53 -12.71 18.82
C LEU C 235 70.51 -14.08 19.48
N GLU C 236 71.23 -15.05 18.92
CA GLU C 236 71.30 -16.37 19.53
C GLU C 236 71.99 -16.32 20.88
N GLN C 237 73.06 -15.53 20.99
CA GLN C 237 73.75 -15.39 22.27
C GLN C 237 72.82 -14.82 23.34
N ILE C 238 72.06 -13.78 22.98
CA ILE C 238 71.15 -13.15 23.94
C ILE C 238 70.00 -14.08 24.28
N LEU C 239 69.51 -14.84 23.31
CA LEU C 239 68.49 -15.85 23.59
C LEU C 239 69.01 -16.90 24.55
N GLN C 240 70.28 -17.29 24.40
CA GLN C 240 70.90 -18.17 25.39
C GLN C 240 70.93 -17.51 26.76
N GLN C 241 71.27 -16.23 26.81
CA GLN C 241 71.24 -15.50 28.08
C GLN C 241 69.84 -15.19 28.55
N SER C 242 68.84 -15.24 27.66
CA SER C 242 67.44 -15.00 28.00
C SER C 242 67.25 -13.63 28.67
N ARG C 243 67.96 -12.62 28.18
CA ARG C 243 67.84 -11.26 28.70
C ARG C 243 67.27 -10.33 27.63
N PRO C 244 66.64 -9.23 28.04
CA PRO C 244 66.17 -8.25 27.05
C PRO C 244 67.35 -7.60 26.33
N LEU C 245 67.08 -7.15 25.11
CA LEU C 245 68.09 -6.50 24.28
C LEU C 245 67.59 -5.12 23.86
N LEU C 246 68.44 -4.12 24.00
CA LEU C 246 68.19 -2.78 23.50
C LEU C 246 69.12 -2.52 22.32
N ILE C 247 68.55 -2.01 21.23
CA ILE C 247 69.30 -1.73 20.01
C ILE C 247 69.30 -0.24 19.76
N ILE C 248 70.49 0.35 19.69
CA ILE C 248 70.66 1.76 19.37
C ILE C 248 71.46 1.81 18.07
N ALA C 249 70.78 2.12 16.97
CA ALA C 249 71.41 2.15 15.65
C ALA C 249 70.94 3.40 14.92
N ASP C 250 71.58 3.66 13.77
CA ASP C 250 71.17 4.77 12.94
C ASP C 250 69.74 4.57 12.45
N ASP C 251 69.41 3.37 11.99
CA ASP C 251 68.07 3.05 11.54
C ASP C 251 67.95 1.54 11.39
N VAL C 252 66.85 0.99 11.87
CA VAL C 252 66.53 -0.43 11.74
C VAL C 252 65.30 -0.53 10.84
N ASP C 253 65.47 -1.12 9.66
CA ASP C 253 64.40 -1.19 8.68
C ASP C 253 64.62 -2.44 7.83
N GLY C 254 63.98 -2.49 6.67
CA GLY C 254 64.18 -3.60 5.77
C GLY C 254 63.45 -4.84 6.27
N GLU C 255 64.17 -5.97 6.26
CA GLU C 255 63.61 -7.22 6.75
C GLU C 255 63.90 -7.47 8.23
N ALA C 256 64.95 -6.85 8.76
CA ALA C 256 65.29 -7.07 10.16
C ALA C 256 64.19 -6.57 11.10
N LEU C 257 63.62 -5.41 10.80
CA LEU C 257 62.59 -4.84 11.66
C LEU C 257 61.34 -5.71 11.75
N PRO C 258 60.73 -6.16 10.64
CA PRO C 258 59.58 -7.07 10.79
C PRO C 258 59.93 -8.37 11.47
N THR C 259 61.14 -8.90 11.24
CA THR C 259 61.55 -10.13 11.92
C THR C 259 61.61 -9.93 13.43
N LEU C 260 62.21 -8.82 13.87
CA LEU C 260 62.28 -8.53 15.29
C LEU C 260 60.89 -8.29 15.88
N VAL C 261 60.02 -7.62 15.12
CA VAL C 261 58.66 -7.39 15.58
C VAL C 261 57.93 -8.71 15.77
N LEU C 262 58.06 -9.61 14.81
CA LEU C 262 57.42 -10.93 14.93
C LEU C 262 57.99 -11.72 16.10
N ASN C 263 59.31 -11.66 16.30
CA ASN C 263 59.91 -12.36 17.43
C ASN C 263 59.41 -11.82 18.75
N LYS C 264 59.30 -10.49 18.86
CA LYS C 264 58.80 -9.89 20.09
C LYS C 264 57.34 -10.24 20.33
N ILE C 265 56.53 -10.23 19.27
CA ILE C 265 55.11 -10.61 19.41
C ILE C 265 55.00 -12.05 19.87
N ARG C 266 55.78 -12.95 19.27
CA ARG C 266 55.78 -14.34 19.70
C ARG C 266 56.43 -14.54 21.06
N GLY C 267 57.10 -13.52 21.60
CA GLY C 267 57.79 -13.64 22.87
C GLY C 267 59.15 -14.27 22.79
N THR C 268 59.63 -14.60 21.59
CA THR C 268 60.95 -15.23 21.46
C THR C 268 62.05 -14.30 21.95
N PHE C 269 61.96 -13.02 21.62
CA PHE C 269 62.99 -12.06 21.96
C PHE C 269 62.36 -10.81 22.58
N ASN C 270 62.89 -10.39 23.72
CA ASN C 270 62.47 -9.14 24.35
C ASN C 270 63.41 -8.03 23.91
N VAL C 271 63.29 -7.68 22.64
CA VAL C 271 64.21 -6.76 21.98
C VAL C 271 63.47 -5.46 21.65
N VAL C 272 64.15 -4.34 21.85
CA VAL C 272 63.65 -3.02 21.49
C VAL C 272 64.74 -2.31 20.70
N ALA C 273 64.39 -1.76 19.55
CA ALA C 273 65.31 -1.03 18.70
C ALA C 273 64.85 0.41 18.57
N VAL C 274 65.78 1.35 18.75
CA VAL C 274 65.49 2.77 18.63
C VAL C 274 66.58 3.41 17.78
N LYS C 275 66.24 4.57 17.22
CA LYS C 275 67.19 5.31 16.40
C LYS C 275 68.26 5.97 17.27
N ALA C 276 69.42 6.19 16.68
CA ALA C 276 70.53 6.82 17.38
C ALA C 276 70.31 8.33 17.47
N PRO C 277 70.39 8.91 18.66
CA PRO C 277 70.25 10.37 18.79
C PRO C 277 71.44 11.10 18.18
N GLY C 278 71.15 12.29 17.66
CA GLY C 278 72.15 13.11 17.02
C GLY C 278 72.37 12.73 15.57
N PHE C 279 73.07 13.61 14.85
CA PHE C 279 73.33 13.41 13.43
C PHE C 279 74.75 13.83 13.11
N GLY C 280 75.28 13.27 12.03
CA GLY C 280 76.62 13.61 11.61
C GLY C 280 77.64 13.22 12.67
N ASP C 281 78.66 14.07 12.81
CA ASP C 281 79.69 13.84 13.83
C ASP C 281 79.12 13.92 15.23
N ARG C 282 78.02 14.65 15.41
CA ARG C 282 77.43 14.78 16.73
C ARG C 282 76.89 13.45 17.23
N ARG C 283 76.30 12.65 16.34
CA ARG C 283 75.71 11.37 16.73
C ARG C 283 76.72 10.48 17.44
N LYS C 284 77.94 10.39 16.90
CA LYS C 284 78.97 9.59 17.55
C LYS C 284 79.34 10.12 18.93
N ALA C 285 79.13 11.41 19.19
CA ALA C 285 79.47 11.97 20.49
C ALA C 285 78.68 11.30 21.61
N MET C 286 77.36 11.46 21.61
CA MET C 286 76.59 10.77 22.65
C MET C 286 76.43 9.28 22.39
N LEU C 287 76.78 8.77 21.19
CA LEU C 287 76.93 7.32 21.08
C LEU C 287 78.09 6.82 21.96
N GLU C 288 79.23 7.51 21.91
CA GLU C 288 80.35 7.18 22.79
C GLU C 288 79.98 7.42 24.25
N ASP C 289 79.20 8.48 24.51
CA ASP C 289 78.77 8.74 25.87
C ASP C 289 77.91 7.59 26.41
N ILE C 290 76.99 7.09 25.59
CA ILE C 290 76.16 5.95 25.99
C ILE C 290 77.03 4.72 26.20
N ALA C 291 78.01 4.50 25.31
CA ALA C 291 78.90 3.35 25.47
C ALA C 291 79.66 3.42 26.78
N ILE C 292 80.14 4.62 27.13
CA ILE C 292 80.86 4.80 28.39
C ILE C 292 79.94 4.56 29.57
N LEU C 293 78.73 5.12 29.53
CA LEU C 293 77.82 5.01 30.66
C LEU C 293 77.37 3.58 30.88
N THR C 294 77.11 2.83 29.81
CA THR C 294 76.59 1.48 29.92
C THR C 294 77.69 0.42 29.92
N GLY C 295 78.94 0.80 29.68
CA GLY C 295 80.03 -0.15 29.60
C GLY C 295 80.15 -0.87 28.28
N GLY C 296 79.27 -0.57 27.32
CA GLY C 296 79.32 -1.20 26.01
C GLY C 296 80.29 -0.50 25.08
N THR C 297 80.27 -0.94 23.84
CA THR C 297 81.14 -0.41 22.80
C THR C 297 80.31 -0.04 21.58
N VAL C 298 80.61 1.11 20.99
CA VAL C 298 79.93 1.55 19.78
C VAL C 298 80.45 0.74 18.61
N ILE C 299 79.54 0.13 17.86
CA ILE C 299 79.89 -0.68 16.69
C ILE C 299 79.87 0.25 15.48
N THR C 300 81.07 0.69 15.06
CA THR C 300 81.19 1.63 13.95
C THR C 300 82.28 1.15 13.02
N ASP C 301 82.17 1.55 11.75
CA ASP C 301 83.16 1.19 10.76
C ASP C 301 84.51 1.85 11.02
N ASP C 302 84.53 2.96 11.78
CA ASP C 302 85.79 3.60 12.13
C ASP C 302 86.65 2.69 13.01
N LEU C 303 86.03 1.98 13.94
CA LEU C 303 86.73 1.07 14.83
C LEU C 303 86.93 -0.31 14.23
N GLY C 304 86.44 -0.55 13.01
CA GLY C 304 86.59 -1.86 12.40
C GLY C 304 85.73 -2.94 12.98
N LEU C 305 84.63 -2.58 13.65
CA LEU C 305 83.73 -3.55 14.27
C LEU C 305 82.54 -3.80 13.35
N GLU C 306 82.25 -5.06 13.10
CA GLU C 306 81.13 -5.46 12.27
C GLU C 306 79.98 -5.97 13.13
N LEU C 307 78.77 -5.86 12.59
CA LEU C 307 77.57 -6.27 13.33
C LEU C 307 77.60 -7.76 13.64
N LYS C 308 78.03 -8.57 12.67
CA LYS C 308 78.10 -10.01 12.89
C LYS C 308 79.18 -10.39 13.90
N ASP C 309 80.15 -9.51 14.13
CA ASP C 309 81.24 -9.77 15.07
C ASP C 309 80.95 -9.26 16.47
N VAL C 310 79.76 -8.69 16.70
CA VAL C 310 79.42 -8.17 18.02
C VAL C 310 79.15 -9.33 18.97
N THR C 311 79.78 -9.29 20.14
CA THR C 311 79.62 -10.31 21.16
C THR C 311 78.84 -9.72 22.35
N ILE C 312 78.61 -10.57 23.35
CA ILE C 312 77.91 -10.13 24.55
C ILE C 312 78.73 -9.09 25.30
N GLU C 313 80.05 -9.23 25.29
CA GLU C 313 80.91 -8.32 26.04
C GLU C 313 80.79 -6.88 25.57
N ASN C 314 80.73 -6.68 24.25
CA ASN C 314 80.66 -5.34 23.69
C ASN C 314 79.32 -4.66 23.95
N LEU C 315 78.31 -5.39 24.42
CA LEU C 315 76.99 -4.82 24.63
C LEU C 315 76.94 -4.05 25.94
N GLY C 316 76.28 -2.89 25.90
CA GLY C 316 76.04 -2.14 27.11
C GLY C 316 75.05 -2.84 28.03
N ASN C 317 75.16 -2.53 29.32
CA ASN C 317 74.29 -3.11 30.33
C ASN C 317 73.77 -2.01 31.25
N ALA C 318 72.53 -2.19 31.70
CA ALA C 318 71.91 -1.27 32.64
C ALA C 318 70.87 -2.03 33.44
N SER C 319 70.49 -1.45 34.58
CA SER C 319 69.50 -2.11 35.43
C SER C 319 68.11 -2.07 34.80
N LYS C 320 67.74 -0.94 34.20
CA LYS C 320 66.40 -0.78 33.66
C LYS C 320 66.44 0.24 32.52
N VAL C 321 65.64 -0.02 31.49
CA VAL C 321 65.52 0.89 30.35
C VAL C 321 64.03 1.11 30.09
N VAL C 322 63.63 2.38 29.98
CA VAL C 322 62.25 2.76 29.69
C VAL C 322 62.23 3.47 28.35
N VAL C 323 61.41 2.98 27.42
CA VAL C 323 61.28 3.56 26.10
C VAL C 323 59.83 3.96 25.90
N ASP C 324 59.58 5.25 25.73
CA ASP C 324 58.26 5.76 25.42
C ASP C 324 58.15 5.98 23.91
N LYS C 325 57.07 6.63 23.48
CA LYS C 325 56.86 6.87 22.06
C LYS C 325 57.93 7.79 21.48
N ASP C 326 58.48 8.70 22.28
CA ASP C 326 59.38 9.72 21.77
C ASP C 326 60.75 9.72 22.43
N ASN C 327 60.92 9.12 23.60
CA ASN C 327 62.17 9.17 24.33
C ASN C 327 62.53 7.79 24.86
N THR C 328 63.82 7.57 25.04
CA THR C 328 64.35 6.33 25.62
C THR C 328 65.15 6.68 26.86
N THR C 329 64.82 6.05 27.98
CA THR C 329 65.45 6.32 29.26
C THR C 329 66.25 5.11 29.72
N ILE C 330 67.47 5.36 30.15
CA ILE C 330 68.37 4.33 30.65
C ILE C 330 68.60 4.57 32.14
N VAL C 331 68.49 3.52 32.94
CA VAL C 331 68.62 3.60 34.39
C VAL C 331 69.78 2.71 34.82
N GLU C 332 70.70 3.30 35.59
CA GLU C 332 71.80 2.57 36.22
C GLU C 332 72.65 1.82 35.19
N GLY C 333 73.30 2.60 34.32
CA GLY C 333 74.22 2.02 33.37
C GLY C 333 75.39 1.34 34.07
N SER C 334 75.89 0.28 33.44
CA SER C 334 76.94 -0.54 34.03
C SER C 334 78.34 -0.03 33.74
N GLY C 335 78.48 1.09 33.04
CA GLY C 335 79.80 1.61 32.73
C GLY C 335 80.53 2.12 33.96
N GLU C 336 81.85 2.19 33.84
CA GLU C 336 82.68 2.64 34.95
C GLU C 336 82.42 4.10 35.27
N LYS C 337 82.36 4.41 36.57
CA LYS C 337 82.17 5.79 36.99
C LYS C 337 83.33 6.67 36.56
N GLU C 338 84.56 6.14 36.64
CA GLU C 338 85.74 6.92 36.30
C GLU C 338 85.74 7.30 34.82
N ALA C 339 85.34 6.37 33.95
CA ALA C 339 85.28 6.68 32.52
C ALA C 339 84.23 7.75 32.24
N ILE C 340 83.08 7.66 32.91
CA ILE C 340 82.05 8.67 32.76
C ILE C 340 82.56 10.03 33.23
N GLU C 341 83.30 10.05 34.35
CA GLU C 341 83.87 11.29 34.84
C GLU C 341 84.88 11.86 33.86
N ALA C 342 85.71 11.00 33.24
CA ALA C 342 86.66 11.47 32.25
C ALA C 342 85.94 12.05 31.04
N ARG C 343 84.88 11.40 30.58
CA ARG C 343 84.09 11.92 29.47
C ARG C 343 83.47 13.27 29.84
N VAL C 344 82.97 13.39 31.07
CA VAL C 344 82.39 14.65 31.53
C VAL C 344 83.43 15.75 31.55
N GLN C 345 84.63 15.44 32.03
CA GLN C 345 85.71 16.43 32.05
C GLN C 345 86.10 16.82 30.64
N LEU C 346 86.14 15.86 29.72
CA LEU C 346 86.44 16.17 28.32
C LEU C 346 85.38 17.11 27.74
N ILE C 347 84.12 16.85 28.02
CA ILE C 347 83.05 17.71 27.51
C ILE C 347 83.14 19.10 28.13
N LYS C 348 83.49 19.17 29.41
CA LYS C 348 83.66 20.47 30.06
C LYS C 348 84.81 21.24 29.44
N ASN C 349 85.91 20.56 29.13
CA ASN C 349 87.03 21.20 28.45
C ASN C 349 86.61 21.70 27.07
N GLN C 350 85.85 20.87 26.34
CA GLN C 350 85.35 21.29 25.03
C GLN C 350 84.47 22.53 25.16
N ILE C 351 83.61 22.56 26.17
CA ILE C 351 82.74 23.72 26.38
C ILE C 351 83.57 24.96 26.67
N ALA C 352 84.58 24.83 27.53
CA ALA C 352 85.46 25.96 27.84
C ALA C 352 86.29 26.36 26.63
N GLU C 353 86.44 25.46 25.65
CA GLU C 353 87.25 25.73 24.48
C GLU C 353 86.44 26.13 23.25
N THR C 354 85.23 25.59 23.10
CA THR C 354 84.43 25.88 21.92
C THR C 354 84.03 27.36 21.89
N THR C 355 83.96 27.91 20.68
CA THR C 355 83.57 29.30 20.48
C THR C 355 82.19 29.45 19.87
N SER C 356 81.63 28.41 19.27
CA SER C 356 80.30 28.47 18.68
C SER C 356 79.26 28.27 19.77
N ASP C 357 78.33 29.23 19.87
CA ASP C 357 77.28 29.12 20.87
C ASP C 357 76.38 27.92 20.61
N PHE C 358 76.19 27.57 19.34
CA PHE C 358 75.42 26.37 19.00
C PHE C 358 76.15 25.11 19.47
N ASP C 359 77.44 25.00 19.13
CA ASP C 359 78.23 23.86 19.56
C ASP C 359 78.38 23.84 21.07
N ARG C 360 78.57 25.01 21.68
CA ARG C 360 78.63 25.08 23.14
C ARG C 360 77.34 24.61 23.77
N GLU C 361 76.19 24.99 23.18
CA GLU C 361 74.90 24.56 23.70
C GLU C 361 74.73 23.05 23.58
N LYS C 362 75.15 22.48 22.44
CA LYS C 362 75.05 21.03 22.27
C LYS C 362 75.95 20.29 23.27
N LEU C 363 77.17 20.78 23.45
CA LEU C 363 78.07 20.17 24.42
C LEU C 363 77.54 20.31 25.83
N GLN C 364 76.91 21.46 26.13
CA GLN C 364 76.29 21.65 27.43
C GLN C 364 75.13 20.69 27.64
N GLU C 365 74.35 20.45 26.59
CA GLU C 365 73.28 19.46 26.67
C GLU C 365 73.83 18.09 26.98
N ARG C 366 74.90 17.70 26.29
CA ARG C 366 75.53 16.40 26.57
C ARG C 366 76.05 16.35 28.00
N LEU C 367 76.70 17.43 28.45
CA LEU C 367 77.26 17.47 29.79
C LEU C 367 76.16 17.36 30.85
N ALA C 368 75.06 18.09 30.67
CA ALA C 368 73.97 18.04 31.62
C ALA C 368 73.32 16.66 31.64
N LYS C 369 73.15 16.07 30.46
CA LYS C 369 72.58 14.72 30.40
C LYS C 369 73.48 13.71 31.11
N LEU C 370 74.79 13.85 30.96
CA LEU C 370 75.70 12.89 31.56
C LEU C 370 75.82 13.09 33.07
N ALA C 371 75.85 14.35 33.52
CA ALA C 371 76.18 14.64 34.91
C ALA C 371 74.97 14.76 35.82
N GLY C 372 73.82 15.20 35.29
CA GLY C 372 72.66 15.37 36.14
C GLY C 372 72.12 14.07 36.68
N GLY C 373 72.40 12.96 36.03
CA GLY C 373 71.92 11.68 36.49
C GLY C 373 70.42 11.55 36.30
N VAL C 374 69.88 10.52 36.94
CA VAL C 374 68.45 10.23 36.88
C VAL C 374 67.93 10.06 38.29
N ALA C 375 66.88 10.79 38.62
CA ALA C 375 66.21 10.63 39.90
C ALA C 375 65.32 9.39 39.86
N VAL C 376 65.48 8.51 40.84
CA VAL C 376 64.71 7.28 40.92
C VAL C 376 63.85 7.35 42.17
N VAL C 377 62.54 7.20 41.99
CA VAL C 377 61.58 7.20 43.09
C VAL C 377 61.10 5.78 43.26
N LYS C 378 61.60 5.10 44.30
CA LYS C 378 61.21 3.72 44.59
C LYS C 378 60.01 3.78 45.53
N VAL C 379 58.82 3.66 44.97
CA VAL C 379 57.59 3.78 45.76
C VAL C 379 57.36 2.49 46.54
N GLY C 380 57.16 2.63 47.85
CA GLY C 380 56.86 1.50 48.71
C GLY C 380 55.54 1.70 49.42
N ALA C 381 54.80 0.61 49.56
CA ALA C 381 53.51 0.65 50.25
C ALA C 381 53.20 -0.75 50.77
N ALA C 382 52.23 -0.83 51.68
CA ALA C 382 51.90 -2.10 52.32
C ALA C 382 51.26 -3.07 51.32
N THR C 383 50.35 -2.59 50.50
CA THR C 383 49.61 -3.45 49.58
C THR C 383 49.89 -3.04 48.14
N GLU C 384 49.72 -4.01 47.24
CA GLU C 384 49.94 -3.74 45.83
C GLU C 384 48.94 -2.71 45.30
N THR C 385 47.70 -2.76 45.78
CA THR C 385 46.73 -1.73 45.43
C THR C 385 47.21 -0.35 45.89
N GLU C 386 47.73 -0.28 47.12
CA GLU C 386 48.30 0.97 47.61
C GLU C 386 49.48 1.41 46.77
N LEU C 387 50.34 0.47 46.39
CA LEU C 387 51.50 0.81 45.57
C LEU C 387 51.07 1.37 44.23
N LYS C 388 50.09 0.75 43.58
CA LYS C 388 49.61 1.22 42.29
C LYS C 388 48.95 2.58 42.41
N GLU C 389 48.12 2.77 43.44
CA GLU C 389 47.48 4.07 43.64
C GLU C 389 48.52 5.16 43.86
N LEU C 390 49.52 4.88 44.69
CA LEU C 390 50.57 5.86 44.94
C LEU C 390 51.35 6.15 43.67
N LYS C 391 51.65 5.13 42.87
CA LYS C 391 52.37 5.33 41.61
C LYS C 391 51.59 6.26 40.69
N LEU C 392 50.29 5.96 40.53
CA LEU C 392 49.46 6.79 39.66
C LEU C 392 49.38 8.22 40.19
N ARG C 393 49.23 8.38 41.50
CA ARG C 393 49.16 9.71 42.10
C ARG C 393 50.45 10.49 41.90
N ILE C 394 51.59 9.80 42.00
CA ILE C 394 52.88 10.46 41.80
C ILE C 394 53.06 10.84 40.35
N GLU C 395 52.57 10.04 39.41
CA GLU C 395 52.80 10.32 37.99
C GLU C 395 52.21 11.67 37.58
N ASP C 396 50.91 11.86 37.83
CA ASP C 396 50.28 13.11 37.42
C ASP C 396 50.78 14.27 38.27
N ALA C 397 51.13 14.00 39.53
CA ALA C 397 51.71 15.05 40.36
C ALA C 397 53.01 15.56 39.77
N LEU C 398 53.87 14.64 39.31
CA LEU C 398 55.12 15.05 38.66
C LEU C 398 54.85 15.81 37.37
N ASN C 399 53.89 15.33 36.58
CA ASN C 399 53.59 16.00 35.32
C ASN C 399 53.11 17.43 35.58
N ALA C 400 52.19 17.60 36.52
CA ALA C 400 51.67 18.93 36.84
C ALA C 400 52.76 19.79 37.46
N THR C 401 53.65 19.20 38.25
CA THR C 401 54.74 19.96 38.84
C THR C 401 55.65 20.53 37.76
N ARG C 402 56.01 19.69 36.77
CA ARG C 402 56.83 20.18 35.68
C ARG C 402 56.09 21.26 34.89
N ALA C 403 54.79 21.05 34.63
CA ALA C 403 54.03 22.03 33.87
C ALA C 403 53.97 23.37 34.59
N ALA C 404 53.80 23.34 35.90
CA ALA C 404 53.84 24.58 36.67
C ALA C 404 55.23 25.20 36.65
N VAL C 405 56.27 24.37 36.70
CA VAL C 405 57.64 24.88 36.72
C VAL C 405 57.93 25.66 35.44
N GLU C 406 57.57 25.10 34.29
CA GLU C 406 57.92 25.75 33.02
C GLU C 406 57.14 27.05 32.82
N GLU C 407 55.81 27.00 32.99
CA GLU C 407 54.99 28.16 32.67
C GLU C 407 54.63 28.96 33.91
N GLY C 408 53.95 28.33 34.85
CA GLY C 408 53.54 28.99 36.08
C GLY C 408 52.20 28.47 36.55
N MET C 409 51.55 29.26 37.40
CA MET C 409 50.28 28.89 38.00
C MET C 409 49.30 30.05 37.83
N VAL C 410 48.05 29.73 37.52
CA VAL C 410 47.00 30.72 37.38
C VAL C 410 45.74 30.20 38.06
N SER C 411 44.73 31.06 38.12
CA SER C 411 43.48 30.71 38.77
C SER C 411 42.80 29.55 38.05
N GLY C 412 42.31 28.59 38.82
CA GLY C 412 41.64 27.42 38.27
C GLY C 412 40.16 27.67 38.03
N GLY C 413 39.49 26.60 37.61
CA GLY C 413 38.07 26.68 37.37
C GLY C 413 37.64 27.60 36.25
N GLY C 414 38.54 27.89 35.32
CA GLY C 414 38.22 28.78 34.23
C GLY C 414 38.23 30.25 34.57
N THR C 415 38.58 30.60 35.81
CA THR C 415 38.59 32.01 36.21
C THR C 415 39.59 32.81 35.39
N ALA C 416 40.74 32.19 35.08
CA ALA C 416 41.75 32.88 34.29
C ALA C 416 41.20 33.25 32.91
N LEU C 417 40.38 32.38 32.34
CA LEU C 417 39.83 32.66 31.02
C LEU C 417 38.97 33.92 31.03
N VAL C 418 38.12 34.07 32.04
CA VAL C 418 37.32 35.29 32.14
C VAL C 418 38.20 36.48 32.47
N ASN C 419 39.24 36.28 33.27
CA ASN C 419 40.09 37.39 33.68
C ASN C 419 40.78 38.06 32.50
N VAL C 420 40.90 37.39 31.35
CA VAL C 420 41.53 37.98 30.18
C VAL C 420 40.52 38.53 29.17
N ILE C 421 39.24 38.55 29.51
CA ILE C 421 38.23 39.00 28.56
C ILE C 421 38.43 40.47 28.21
N SER C 422 38.74 41.29 29.22
CA SER C 422 38.86 42.73 28.98
C SER C 422 39.96 43.04 27.99
N LYS C 423 41.11 42.38 28.12
CA LYS C 423 42.22 42.64 27.21
C LYS C 423 41.85 42.26 25.79
N VAL C 424 41.16 41.14 25.61
CA VAL C 424 40.75 40.72 24.27
C VAL C 424 39.76 41.72 23.68
N SER C 425 38.81 42.17 24.49
CA SER C 425 37.88 43.19 24.01
C SER C 425 38.58 44.50 23.67
N ALA C 426 39.73 44.76 24.30
CA ALA C 426 40.47 45.98 24.00
C ALA C 426 41.15 45.95 22.63
N VAL C 427 41.18 44.82 21.96
CA VAL C 427 41.84 44.72 20.66
C VAL C 427 40.98 45.43 19.62
N GLU C 428 41.62 46.29 18.82
CA GLU C 428 40.90 47.09 17.84
C GLU C 428 40.86 46.38 16.49
N ALA C 429 39.67 46.31 15.91
CA ALA C 429 39.48 45.69 14.61
C ALA C 429 38.17 46.21 14.02
N GLU C 430 37.97 45.90 12.74
CA GLU C 430 36.78 46.33 12.01
C GLU C 430 36.25 45.17 11.17
N GLY C 431 34.95 45.26 10.86
CA GLY C 431 34.35 44.29 9.96
C GLY C 431 34.37 42.88 10.53
N ASP C 432 34.66 41.92 9.66
CA ASP C 432 34.65 40.52 10.07
C ASP C 432 35.72 40.24 11.11
N VAL C 433 36.81 41.00 11.11
CA VAL C 433 37.82 40.85 12.16
C VAL C 433 37.22 41.19 13.52
N ALA C 434 36.49 42.31 13.59
CA ALA C 434 35.81 42.66 14.83
C ALA C 434 34.75 41.63 15.19
N THR C 435 34.07 41.09 14.19
CA THR C 435 33.06 40.06 14.44
C THR C 435 33.70 38.83 15.07
N GLY C 436 34.84 38.39 14.54
CA GLY C 436 35.55 37.27 15.15
C GLY C 436 36.05 37.58 16.55
N ILE C 437 36.47 38.83 16.78
CA ILE C 437 36.87 39.22 18.12
C ILE C 437 35.70 39.08 19.09
N LYS C 438 34.52 39.55 18.69
CA LYS C 438 33.34 39.40 19.53
C LYS C 438 33.00 37.91 19.72
N ILE C 439 33.21 37.11 18.67
CA ILE C 439 32.96 35.68 18.76
C ILE C 439 33.81 35.07 19.88
N VAL C 440 35.10 35.36 19.86
CA VAL C 440 35.99 34.82 20.87
C VAL C 440 35.64 35.35 22.26
N VAL C 441 35.29 36.63 22.34
CA VAL C 441 34.93 37.21 23.63
C VAL C 441 33.73 36.51 24.21
N ARG C 442 32.71 36.26 23.39
CA ARG C 442 31.53 35.54 23.87
C ARG C 442 31.87 34.10 24.24
N ALA C 443 32.70 33.43 23.44
CA ALA C 443 32.96 32.01 23.67
C ALA C 443 33.83 31.78 24.90
N LEU C 444 34.66 32.75 25.28
CA LEU C 444 35.57 32.56 26.39
C LEU C 444 34.85 32.28 27.70
N GLU C 445 33.56 32.64 27.81
CA GLU C 445 32.82 32.41 29.04
C GLU C 445 32.27 31.00 29.16
N GLU C 446 32.40 30.17 28.13
CA GLU C 446 31.76 28.85 28.15
C GLU C 446 32.24 27.95 29.28
N PRO C 447 33.54 27.82 29.57
CA PRO C 447 33.94 26.88 30.63
C PRO C 447 33.34 27.20 31.99
N ILE C 448 33.45 28.45 32.44
CA ILE C 448 32.94 28.80 33.77
C ILE C 448 31.43 28.65 33.82
N ARG C 449 30.74 29.08 32.77
CA ARG C 449 29.29 28.96 32.73
C ARG C 449 28.86 27.50 32.78
N GLN C 450 29.54 26.65 32.02
CA GLN C 450 29.21 25.23 32.02
C GLN C 450 29.48 24.60 33.38
N ILE C 451 30.58 24.98 34.02
CA ILE C 451 30.87 24.46 35.36
C ILE C 451 29.79 24.88 36.34
N ALA C 452 29.36 26.14 36.26
CA ALA C 452 28.30 26.62 37.15
C ALA C 452 27.00 25.87 36.90
N GLU C 453 26.67 25.63 35.64
CA GLU C 453 25.44 24.90 35.32
C GLU C 453 25.51 23.46 35.83
N ASN C 454 26.68 22.82 35.72
CA ASN C 454 26.81 21.45 36.20
C ASN C 454 26.57 21.36 37.69
N ALA C 455 26.93 22.40 38.44
CA ALA C 455 26.69 22.44 39.87
C ALA C 455 25.31 22.95 40.23
N GLY C 456 24.49 23.26 39.24
CA GLY C 456 23.13 23.72 39.48
C GLY C 456 22.95 25.21 39.61
N TYR C 457 24.03 25.98 39.60
CA TYR C 457 23.95 27.43 39.69
C TYR C 457 23.73 28.02 38.31
N GLU C 458 23.08 29.16 38.27
CA GLU C 458 22.82 29.84 37.00
C GLU C 458 24.12 30.39 36.43
N GLY C 459 24.45 29.98 35.19
CA GLY C 459 25.72 30.36 34.62
C GLY C 459 25.84 31.86 34.38
N SER C 460 24.78 32.48 33.88
CA SER C 460 24.84 33.90 33.55
C SER C 460 25.12 34.75 34.78
N VAL C 461 24.48 34.42 35.90
CA VAL C 461 24.71 35.15 37.14
C VAL C 461 26.16 35.04 37.56
N ILE C 462 26.71 33.83 37.51
CA ILE C 462 28.10 33.62 37.91
C ILE C 462 29.04 34.42 37.00
N VAL C 463 28.79 34.40 35.69
CA VAL C 463 29.66 35.10 34.76
C VAL C 463 29.60 36.60 35.04
N ASP C 464 28.39 37.14 35.19
CA ASP C 464 28.25 38.57 35.41
C ASP C 464 28.91 39.00 36.72
N LYS C 465 28.71 38.23 37.78
CA LYS C 465 29.33 38.58 39.05
C LYS C 465 30.84 38.48 38.98
N LEU C 466 31.36 37.45 38.29
CA LEU C 466 32.80 37.29 38.17
C LEU C 466 33.43 38.44 37.40
N LYS C 467 32.72 38.94 36.38
CA LYS C 467 33.26 40.05 35.60
C LYS C 467 33.42 41.33 36.44
N ASN C 468 32.79 41.41 37.61
CA ASN C 468 32.79 42.63 38.39
C ASN C 468 33.44 42.46 39.76
N VAL C 469 34.09 41.33 40.03
CA VAL C 469 34.78 41.13 41.27
C VAL C 469 36.28 41.35 41.05
N GLU C 470 37.02 41.47 42.15
CA GLU C 470 38.45 41.71 42.08
C GLU C 470 39.18 40.51 41.46
N LEU C 471 40.27 40.80 40.76
CA LEU C 471 41.10 39.75 40.21
C LEU C 471 41.66 38.88 41.32
N GLY C 472 41.71 37.57 41.07
CA GLY C 472 42.16 36.61 42.04
C GLY C 472 41.06 35.94 42.83
N THR C 473 39.84 36.46 42.75
CA THR C 473 38.68 35.89 43.42
C THR C 473 37.72 35.36 42.36
N GLY C 474 37.37 34.08 42.46
CA GLY C 474 36.47 33.48 41.51
C GLY C 474 35.31 32.77 42.19
N PHE C 475 34.74 31.78 41.52
CA PHE C 475 33.60 31.03 42.04
C PHE C 475 34.04 29.61 42.36
N ASN C 476 33.83 29.20 43.60
CA ASN C 476 34.11 27.83 44.01
C ASN C 476 32.89 26.98 43.70
N ALA C 477 32.98 26.17 42.64
CA ALA C 477 31.85 25.33 42.27
C ALA C 477 31.55 24.28 43.33
N ALA C 478 32.56 23.85 44.08
CA ALA C 478 32.34 22.83 45.10
C ALA C 478 31.44 23.33 46.22
N THR C 479 31.60 24.59 46.61
CA THR C 479 30.85 25.14 47.74
C THR C 479 29.84 26.22 47.36
N GLY C 480 29.94 26.79 46.17
CA GLY C 480 29.06 27.89 45.81
C GLY C 480 29.39 29.19 46.49
N GLU C 481 30.63 29.37 46.93
CA GLU C 481 31.05 30.57 47.63
C GLU C 481 32.17 31.26 46.87
N TRP C 482 32.13 32.59 46.87
CA TRP C 482 33.12 33.40 46.17
C TRP C 482 34.30 33.62 47.10
N VAL C 483 35.39 32.90 46.85
CA VAL C 483 36.59 32.96 47.67
C VAL C 483 37.80 33.15 46.76
N ASN C 484 38.97 33.27 47.38
CA ASN C 484 40.22 33.39 46.64
C ASN C 484 40.64 32.00 46.18
N MET C 485 40.68 31.81 44.86
CA MET C 485 41.05 30.50 44.32
C MET C 485 42.47 30.12 44.68
N VAL C 486 43.39 31.09 44.65
CA VAL C 486 44.77 30.82 45.03
C VAL C 486 44.83 30.36 46.49
N GLU C 487 44.11 31.06 47.37
CA GLU C 487 44.07 30.66 48.76
C GLU C 487 43.32 29.34 48.94
N ALA C 488 42.26 29.13 48.16
CA ALA C 488 41.46 27.92 48.29
C ALA C 488 42.05 26.74 47.53
N GLY C 489 43.15 26.94 46.80
CA GLY C 489 43.78 25.85 46.09
C GLY C 489 43.16 25.48 44.77
N ILE C 490 42.20 26.26 44.28
CA ILE C 490 41.59 25.99 42.97
C ILE C 490 42.48 26.67 41.94
N VAL C 491 43.54 25.96 41.55
CA VAL C 491 44.57 26.50 40.66
C VAL C 491 44.81 25.52 39.52
N ASP C 492 45.03 26.05 38.33
CA ASP C 492 45.30 25.26 37.15
C ASP C 492 46.58 25.75 36.47
N PRO C 493 47.34 24.84 35.87
CA PRO C 493 48.57 25.25 35.19
C PRO C 493 48.28 26.17 34.02
N THR C 494 49.18 27.15 33.83
CA THR C 494 49.04 28.08 32.72
C THR C 494 49.15 27.36 31.39
N LYS C 495 50.07 26.39 31.31
CA LYS C 495 50.29 25.67 30.06
C LYS C 495 49.04 24.95 29.60
N VAL C 496 48.31 24.31 30.52
CA VAL C 496 47.12 23.57 30.14
C VAL C 496 46.10 24.49 29.48
N THR C 497 45.80 25.60 30.14
CA THR C 497 44.79 26.52 29.61
C THR C 497 45.23 27.12 28.28
N ARG C 498 46.48 27.57 28.20
CA ARG C 498 46.92 28.20 26.96
C ARG C 498 46.97 27.20 25.81
N SER C 499 47.39 25.96 26.07
CA SER C 499 47.41 24.95 25.02
C SER C 499 46.00 24.61 24.56
N ALA C 500 45.07 24.46 25.50
CA ALA C 500 43.70 24.19 25.11
C ALA C 500 43.13 25.32 24.26
N LEU C 501 43.38 26.56 24.67
CA LEU C 501 42.86 27.70 23.91
C LEU C 501 43.47 27.74 22.52
N GLN C 502 44.78 27.54 22.42
CA GLN C 502 45.43 27.59 21.12
C GLN C 502 44.90 26.49 20.19
N ASN C 503 44.80 25.27 20.70
CA ASN C 503 44.30 24.17 19.87
C ASN C 503 42.86 24.43 19.43
N ALA C 504 42.01 24.84 20.36
CA ALA C 504 40.61 25.10 19.99
C ALA C 504 40.51 26.19 18.95
N ALA C 505 41.24 27.28 19.13
CA ALA C 505 41.17 28.38 18.17
C ALA C 505 41.66 27.96 16.80
N SER C 506 42.81 27.27 16.74
CA SER C 506 43.35 26.85 15.46
C SER C 506 42.38 25.92 14.74
N VAL C 507 41.83 24.95 15.46
CA VAL C 507 40.97 23.97 14.80
C VAL C 507 39.63 24.58 14.40
N SER C 508 39.12 25.50 15.21
CA SER C 508 37.91 26.21 14.82
C SER C 508 38.15 27.05 13.58
N ALA C 509 39.32 27.69 13.47
CA ALA C 509 39.64 28.45 12.27
C ALA C 509 39.70 27.52 11.06
N LEU C 510 40.31 26.35 11.22
CA LEU C 510 40.38 25.40 10.11
C LEU C 510 38.99 24.95 9.69
N LEU C 511 38.11 24.67 10.66
CA LEU C 511 36.79 24.17 10.32
C LEU C 511 35.91 25.23 9.68
N LEU C 512 36.01 26.48 10.17
CA LEU C 512 35.14 27.53 9.65
C LEU C 512 35.41 27.83 8.18
N THR C 513 36.64 27.61 7.73
CA THR C 513 37.00 27.85 6.34
C THR C 513 36.65 26.67 5.43
N THR C 514 36.12 25.58 5.98
CA THR C 514 35.75 24.44 5.17
C THR C 514 34.63 24.81 4.22
N GLU C 515 34.75 24.39 2.95
CA GLU C 515 33.74 24.67 1.94
C GLU C 515 33.14 23.43 1.32
N ALA C 516 33.91 22.36 1.16
CA ALA C 516 33.41 21.13 0.57
C ALA C 516 33.92 19.94 1.37
N VAL C 517 33.05 18.97 1.58
CA VAL C 517 33.39 17.76 2.35
C VAL C 517 33.21 16.55 1.45
N VAL C 518 34.26 15.75 1.32
CA VAL C 518 34.23 14.50 0.57
C VAL C 518 34.27 13.37 1.58
N ALA C 519 33.21 12.57 1.62
CA ALA C 519 33.09 11.48 2.57
C ALA C 519 32.78 10.19 1.83
N ASP C 520 32.97 9.07 2.53
CA ASP C 520 32.66 7.77 1.96
C ASP C 520 31.17 7.48 2.10
N LYS C 521 30.52 7.22 0.97
CA LYS C 521 29.10 6.95 0.99
C LYS C 521 28.83 5.64 1.72
N PRO C 522 27.87 5.61 2.65
CA PRO C 522 27.58 4.36 3.36
C PRO C 522 27.17 3.26 2.40
N GLU C 523 27.67 2.06 2.65
CA GLU C 523 27.37 0.94 1.77
C GLU C 523 25.98 0.40 2.07
N PRO C 524 25.08 0.33 1.08
CA PRO C 524 23.71 -0.18 1.26
C PRO C 524 23.71 -1.69 1.52
N MET D 1 -12.52 30.86 13.37
CA MET D 1 -12.23 29.46 13.07
C MET D 1 -10.80 29.18 13.53
N ALA D 2 -10.45 27.90 13.64
CA ALA D 2 -9.23 27.50 14.35
C ALA D 2 -8.00 28.22 13.83
N LYS D 3 -7.21 28.74 14.77
CA LYS D 3 -6.01 29.48 14.45
C LYS D 3 -4.83 28.52 14.29
N GLU D 4 -3.73 29.06 13.75
CA GLU D 4 -2.56 28.27 13.41
C GLU D 4 -1.31 28.91 14.02
N LEU D 5 -1.38 29.16 15.33
CA LEU D 5 -0.31 29.82 16.07
C LEU D 5 1.07 29.28 15.72
N LYS D 6 1.98 30.18 15.35
CA LYS D 6 3.32 29.82 14.94
C LYS D 6 4.27 30.91 15.40
N PHE D 7 5.42 30.50 15.95
CA PHE D 7 6.33 31.46 16.56
C PHE D 7 7.74 31.39 16.00
N ALA D 8 8.66 32.11 16.63
CA ALA D 8 10.09 32.05 16.34
C ALA D 8 10.40 32.34 14.89
N GLU D 9 11.43 31.69 14.35
CA GLU D 9 11.92 32.00 13.02
C GLU D 9 11.03 31.43 11.92
N ASP D 10 10.31 30.34 12.19
CA ASP D 10 9.49 29.73 11.15
C ASP D 10 8.41 30.67 10.66
N ALA D 11 7.77 31.41 11.57
CA ALA D 11 6.82 32.43 11.17
C ALA D 11 7.51 33.49 10.33
N ARG D 12 8.67 33.95 10.78
CA ARG D 12 9.42 34.94 10.01
C ARG D 12 9.89 34.35 8.69
N ALA D 13 10.19 33.05 8.68
CA ALA D 13 10.56 32.39 7.43
C ALA D 13 9.41 32.44 6.42
N ALA D 14 8.19 32.16 6.90
CA ALA D 14 7.04 32.22 6.01
C ALA D 14 6.78 33.63 5.51
N MET D 15 6.91 34.62 6.41
CA MET D 15 6.76 36.01 6.00
C MET D 15 7.79 36.38 4.93
N LEU D 16 9.04 35.95 5.13
CA LEU D 16 10.08 36.21 4.14
C LEU D 16 9.76 35.56 2.81
N ARG D 17 9.23 34.33 2.85
CA ARG D 17 8.89 33.65 1.60
C ARG D 17 7.80 34.42 0.85
N GLY D 18 6.78 34.87 1.57
CA GLY D 18 5.73 35.64 0.91
C GLY D 18 6.24 36.93 0.33
N VAL D 19 7.05 37.65 1.09
CA VAL D 19 7.60 38.92 0.60
C VAL D 19 8.50 38.67 -0.60
N ASP D 20 9.27 37.59 -0.58
CA ASP D 20 10.13 37.26 -1.71
C ASP D 20 9.32 36.95 -2.95
N LYS D 21 8.21 36.22 -2.79
CA LYS D 21 7.36 35.95 -3.94
C LYS D 21 6.83 37.25 -4.53
N LEU D 22 6.32 38.13 -3.68
CA LEU D 22 5.77 39.39 -4.19
C LEU D 22 6.86 40.23 -4.86
N ALA D 23 8.04 40.29 -4.25
CA ALA D 23 9.11 41.10 -4.82
C ALA D 23 9.61 40.53 -6.13
N ASP D 24 9.72 39.20 -6.23
CA ASP D 24 10.13 38.59 -7.49
C ASP D 24 9.09 38.82 -8.57
N THR D 25 7.82 38.91 -8.19
CA THR D 25 6.80 39.23 -9.19
C THR D 25 6.85 40.69 -9.61
N VAL D 26 7.17 41.60 -8.71
CA VAL D 26 7.05 43.02 -9.01
C VAL D 26 8.32 43.59 -9.61
N LYS D 27 9.48 43.34 -8.99
CA LYS D 27 10.69 44.09 -9.29
C LYS D 27 11.16 43.97 -10.73
N VAL D 28 10.72 42.94 -11.45
CA VAL D 28 11.17 42.77 -12.83
C VAL D 28 10.69 43.90 -13.72
N THR D 29 9.67 44.64 -13.30
CA THR D 29 9.16 45.76 -14.07
C THR D 29 9.87 47.07 -13.74
N LEU D 30 10.79 47.06 -12.79
CA LEU D 30 11.45 48.29 -12.37
C LEU D 30 12.36 48.81 -13.48
N GLY D 31 12.43 50.13 -13.60
CA GLY D 31 13.33 50.77 -14.54
C GLY D 31 12.73 50.95 -15.91
N PRO D 32 13.34 51.83 -16.71
CA PRO D 32 12.84 52.04 -18.09
C PRO D 32 12.88 50.79 -18.93
N LYS D 33 13.87 49.92 -18.72
CA LYS D 33 13.99 48.68 -19.47
C LYS D 33 13.29 47.51 -18.78
N GLY D 34 12.24 47.78 -18.03
CA GLY D 34 11.55 46.71 -17.32
C GLY D 34 10.91 45.72 -18.26
N ARG D 35 10.88 44.46 -17.82
CA ARG D 35 10.27 43.40 -18.59
C ARG D 35 8.79 43.26 -18.24
N ASN D 36 8.06 42.60 -19.12
CA ASN D 36 6.61 42.52 -19.02
C ASN D 36 6.19 41.32 -18.18
N VAL D 37 5.05 41.46 -17.51
CA VAL D 37 4.47 40.41 -16.68
C VAL D 37 3.04 40.17 -17.16
N VAL D 38 2.66 38.90 -17.22
CA VAL D 38 1.35 38.51 -17.71
C VAL D 38 0.47 38.16 -16.54
N LEU D 39 -0.71 38.79 -16.48
CA LEU D 39 -1.68 38.57 -15.43
C LEU D 39 -2.89 37.88 -16.03
N GLU D 40 -3.49 36.97 -15.27
CA GLU D 40 -4.68 36.27 -15.75
C GLU D 40 -5.92 37.14 -15.54
N LYS D 41 -6.92 36.91 -16.38
CA LYS D 41 -8.21 37.56 -16.25
C LYS D 41 -9.32 36.54 -16.38
N SER D 42 -10.38 36.73 -15.60
CA SER D 42 -11.49 35.78 -15.62
C SER D 42 -12.13 35.71 -16.98
N TYR D 43 -12.30 36.86 -17.64
CA TYR D 43 -12.88 36.93 -18.97
C TYR D 43 -11.97 37.75 -19.88
N GLY D 44 -12.02 37.44 -21.17
CA GLY D 44 -11.21 38.15 -22.14
C GLY D 44 -9.77 37.68 -22.14
N SER D 45 -8.99 38.31 -23.01
CA SER D 45 -7.58 37.98 -23.12
C SER D 45 -6.84 38.36 -21.84
N PRO D 46 -5.84 37.58 -21.45
CA PRO D 46 -5.03 37.96 -20.29
C PRO D 46 -4.29 39.26 -20.56
N LEU D 47 -4.12 40.05 -19.50
CA LEU D 47 -3.53 41.37 -19.62
C LEU D 47 -2.02 41.28 -19.41
N ILE D 48 -1.25 41.83 -20.34
CA ILE D 48 0.20 41.90 -20.25
C ILE D 48 0.58 43.34 -19.94
N THR D 49 1.34 43.54 -18.87
CA THR D 49 1.71 44.89 -18.47
C THR D 49 3.03 44.87 -17.72
N ASN D 50 3.64 46.05 -17.65
CA ASN D 50 4.84 46.27 -16.84
C ASN D 50 4.57 47.30 -15.75
N ASP D 51 3.30 47.53 -15.42
CA ASP D 51 2.92 48.47 -14.38
C ASP D 51 2.97 47.77 -13.03
N GLY D 52 3.79 48.30 -12.12
CA GLY D 52 4.03 47.58 -10.87
C GLY D 52 2.80 47.51 -9.98
N VAL D 53 2.07 48.62 -9.84
CA VAL D 53 1.02 48.69 -8.84
C VAL D 53 -0.12 47.73 -9.18
N THR D 54 -0.45 47.59 -10.47
CA THR D 54 -1.51 46.67 -10.86
C THR D 54 -1.13 45.23 -10.53
N ILE D 55 0.11 44.86 -10.85
CA ILE D 55 0.57 43.50 -10.57
C ILE D 55 0.56 43.24 -9.08
N ALA D 56 1.02 44.21 -8.28
CA ALA D 56 0.99 44.04 -6.83
C ALA D 56 -0.44 43.88 -6.33
N LYS D 57 -1.38 44.62 -6.91
CA LYS D 57 -2.77 44.49 -6.50
C LYS D 57 -3.31 43.11 -6.82
N GLU D 58 -2.95 42.56 -7.98
CA GLU D 58 -3.51 41.29 -8.41
C GLU D 58 -2.97 40.08 -7.66
N ILE D 59 -1.91 40.24 -6.87
CA ILE D 59 -1.25 39.10 -6.24
C ILE D 59 -2.06 38.64 -5.04
N GLU D 60 -2.27 37.33 -4.93
CA GLU D 60 -2.94 36.73 -3.78
C GLU D 60 -2.46 35.31 -3.65
N LEU D 61 -1.79 34.99 -2.54
CA LEU D 61 -1.14 33.71 -2.36
C LEU D 61 -2.02 32.76 -1.56
N GLU D 62 -1.93 31.46 -1.89
CA GLU D 62 -2.74 30.46 -1.21
C GLU D 62 -2.27 30.23 0.22
N ASP D 63 -0.96 30.11 0.42
CA ASP D 63 -0.41 29.98 1.76
C ASP D 63 -0.81 31.18 2.60
N HIS D 64 -1.37 30.91 3.78
CA HIS D 64 -1.92 32.00 4.60
C HIS D 64 -0.83 32.95 5.06
N PHE D 65 0.35 32.44 5.42
CA PHE D 65 1.41 33.31 5.89
C PHE D 65 2.10 34.04 4.74
N GLU D 66 2.30 33.37 3.61
CA GLU D 66 2.81 34.08 2.46
C GLU D 66 1.81 35.13 1.99
N ASN D 67 0.52 34.84 2.11
CA ASN D 67 -0.49 35.85 1.85
C ASN D 67 -0.43 36.97 2.89
N MET D 68 -0.06 36.63 4.13
CA MET D 68 0.16 37.65 5.14
C MET D 68 1.19 38.66 4.66
N GLY D 69 2.34 38.16 4.22
CA GLY D 69 3.40 39.05 3.77
C GLY D 69 3.05 39.83 2.52
N ALA D 70 2.41 39.16 1.56
CA ALA D 70 2.01 39.84 0.34
C ALA D 70 1.04 40.99 0.64
N LYS D 71 0.04 40.73 1.50
CA LYS D 71 -0.90 41.79 1.83
C LYS D 71 -0.23 42.92 2.58
N LEU D 72 0.71 42.60 3.48
CA LEU D 72 1.41 43.66 4.19
C LEU D 72 2.16 44.58 3.23
N VAL D 73 2.97 44.00 2.35
CA VAL D 73 3.78 44.82 1.44
C VAL D 73 2.89 45.59 0.47
N SER D 74 1.80 44.97 0.01
CA SER D 74 0.87 45.67 -0.86
C SER D 74 0.24 46.86 -0.15
N GLU D 75 -0.09 46.70 1.13
CA GLU D 75 -0.61 47.82 1.89
C GLU D 75 0.43 48.92 2.02
N VAL D 76 1.71 48.55 2.16
CA VAL D 76 2.77 49.55 2.19
C VAL D 76 2.78 50.35 0.89
N ALA D 77 2.67 49.64 -0.24
CA ALA D 77 2.74 50.30 -1.54
C ALA D 77 1.63 51.34 -1.70
N SER D 78 0.55 51.19 -0.92
CA SER D 78 -0.59 52.09 -1.04
C SER D 78 -0.21 53.52 -0.68
N LYS D 79 0.55 53.69 0.40
CA LYS D 79 0.89 55.04 0.85
C LYS D 79 1.76 55.80 -0.14
N THR D 80 2.41 55.09 -1.07
CA THR D 80 3.36 55.72 -1.97
C THR D 80 2.84 55.82 -3.41
N ASN D 81 2.01 54.88 -3.85
CA ASN D 81 1.57 54.92 -5.25
C ASN D 81 0.70 56.14 -5.54
N ASP D 82 0.21 56.81 -4.48
CA ASP D 82 -0.65 57.98 -4.68
C ASP D 82 0.07 59.05 -5.49
N ILE D 83 1.33 59.30 -5.17
CA ILE D 83 2.11 60.27 -5.93
C ILE D 83 2.90 59.56 -7.01
N ALA D 84 2.94 60.15 -8.20
CA ALA D 84 3.56 59.55 -9.39
C ALA D 84 3.03 58.14 -9.62
N GLY D 85 3.87 57.29 -10.23
CA GLY D 85 3.47 55.93 -10.51
C GLY D 85 4.59 54.92 -10.37
N ASP D 86 5.74 55.37 -9.86
CA ASP D 86 6.91 54.50 -9.72
C ASP D 86 7.31 54.23 -8.28
N GLY D 87 6.85 55.03 -7.32
CA GLY D 87 7.24 54.83 -5.95
C GLY D 87 6.66 53.60 -5.29
N THR D 88 5.68 52.96 -5.91
CA THR D 88 5.09 51.75 -5.36
C THR D 88 5.94 50.52 -5.61
N THR D 89 7.02 50.63 -6.38
CA THR D 89 7.88 49.50 -6.70
C THR D 89 9.19 49.54 -5.94
N THR D 90 9.86 50.70 -5.90
CA THR D 90 11.11 50.81 -5.18
C THR D 90 10.95 50.45 -3.72
N ALA D 91 9.81 50.82 -3.14
CA ALA D 91 9.53 50.49 -1.75
C ALA D 91 9.53 48.98 -1.53
N THR D 92 8.92 48.24 -2.46
CA THR D 92 8.88 46.78 -2.34
C THR D 92 10.28 46.18 -2.41
N VAL D 93 11.10 46.66 -3.35
CA VAL D 93 12.44 46.13 -3.50
C VAL D 93 13.26 46.38 -2.24
N LEU D 94 13.22 47.62 -1.74
CA LEU D 94 13.94 47.94 -0.51
C LEU D 94 13.45 47.11 0.65
N THR D 95 12.13 46.93 0.76
CA THR D 95 11.58 46.13 1.84
C THR D 95 12.09 44.70 1.77
N GLN D 96 12.09 44.11 0.57
CA GLN D 96 12.58 42.74 0.43
C GLN D 96 14.02 42.64 0.87
N ALA D 97 14.88 43.54 0.37
CA ALA D 97 16.30 43.46 0.70
C ALA D 97 16.52 43.61 2.21
N ILE D 98 15.91 44.63 2.80
CA ILE D 98 16.10 44.89 4.23
C ILE D 98 15.63 43.70 5.04
N VAL D 99 14.43 43.18 4.72
CA VAL D 99 13.88 42.06 5.48
C VAL D 99 14.79 40.85 5.39
N ARG D 100 15.21 40.50 4.17
CA ARG D 100 16.04 39.32 4.00
C ARG D 100 17.33 39.42 4.81
N GLU D 101 18.06 40.52 4.64
CA GLU D 101 19.35 40.64 5.32
C GLU D 101 19.17 40.75 6.82
N GLY D 102 18.12 41.45 7.27
CA GLY D 102 17.87 41.56 8.69
C GLY D 102 17.52 40.22 9.32
N LEU D 103 16.73 39.41 8.62
CA LEU D 103 16.40 38.08 9.13
C LEU D 103 17.65 37.24 9.23
N LYS D 104 18.52 37.30 8.22
CA LYS D 104 19.75 36.54 8.28
C LYS D 104 20.61 36.97 9.46
N ASN D 105 20.69 38.28 9.72
CA ASN D 105 21.47 38.76 10.86
C ASN D 105 20.83 38.35 12.18
N VAL D 106 19.50 38.42 12.28
CA VAL D 106 18.82 38.08 13.52
C VAL D 106 18.99 36.60 13.84
N THR D 107 19.04 35.76 12.79
CA THR D 107 19.19 34.33 13.01
C THR D 107 20.45 34.01 13.81
N ALA D 108 21.47 34.88 13.73
CA ALA D 108 22.73 34.70 14.44
C ALA D 108 22.85 35.63 15.64
N GLY D 109 21.78 35.82 16.39
CA GLY D 109 21.80 36.73 17.53
C GLY D 109 21.26 38.09 17.15
N ALA D 110 22.04 39.14 17.37
CA ALA D 110 21.71 40.47 16.86
C ALA D 110 20.33 40.92 17.32
N ASN D 111 20.19 41.24 18.61
CA ASN D 111 18.94 41.65 19.24
C ASN D 111 18.14 42.56 18.32
N PRO D 112 16.92 42.16 17.95
CA PRO D 112 16.18 42.88 16.90
C PRO D 112 15.92 44.34 17.23
N LEU D 113 15.79 44.71 18.49
CA LEU D 113 15.54 46.10 18.82
C LEU D 113 16.68 47.00 18.38
N GLY D 114 17.92 46.55 18.58
CA GLY D 114 19.05 47.31 18.08
C GLY D 114 19.03 47.46 16.58
N ILE D 115 18.61 46.40 15.88
CA ILE D 115 18.50 46.47 14.43
C ILE D 115 17.46 47.50 14.02
N ARG D 116 16.32 47.51 14.70
CA ARG D 116 15.29 48.50 14.38
C ARG D 116 15.78 49.92 14.64
N ARG D 117 16.48 50.12 15.75
CA ARG D 117 17.01 51.44 16.06
C ARG D 117 18.00 51.89 15.00
N GLY D 118 18.90 51.00 14.59
CA GLY D 118 19.86 51.33 13.56
C GLY D 118 19.20 51.64 12.23
N ILE D 119 18.18 50.86 11.87
CA ILE D 119 17.45 51.12 10.63
C ILE D 119 16.80 52.49 10.67
N GLU D 120 16.16 52.82 11.79
CA GLU D 120 15.52 54.13 11.90
C GLU D 120 16.54 55.26 11.81
N LEU D 121 17.68 55.11 12.49
CA LEU D 121 18.69 56.15 12.43
C LEU D 121 19.22 56.33 11.01
N ALA D 122 19.52 55.22 10.33
CA ALA D 122 20.01 55.30 8.97
C ALA D 122 19.00 55.95 8.04
N THR D 123 17.72 55.59 8.20
CA THR D 123 16.69 56.16 7.35
C THR D 123 16.54 57.65 7.61
N LYS D 124 16.59 58.07 8.87
CA LYS D 124 16.51 59.49 9.18
C LYS D 124 17.68 60.25 8.57
N ALA D 125 18.89 59.71 8.69
CA ALA D 125 20.05 60.36 8.08
C ALA D 125 19.92 60.43 6.57
N ALA D 126 19.41 59.36 5.95
CA ALA D 126 19.24 59.35 4.51
C ALA D 126 18.22 60.38 4.06
N VAL D 127 17.12 60.52 4.79
CA VAL D 127 16.12 61.53 4.45
C VAL D 127 16.72 62.92 4.58
N GLU D 128 17.49 63.14 5.64
CA GLU D 128 18.16 64.43 5.82
C GLU D 128 19.08 64.73 4.64
N GLU D 129 19.87 63.73 4.22
CA GLU D 129 20.78 63.94 3.10
C GLU D 129 20.01 64.20 1.81
N LEU D 130 18.91 63.49 1.59
CA LEU D 130 18.11 63.71 0.39
C LEU D 130 17.57 65.13 0.35
N HIS D 131 17.07 65.62 1.49
CA HIS D 131 16.66 67.02 1.55
C HIS D 131 17.84 67.96 1.39
N ASN D 132 19.05 67.50 1.72
CA ASN D 132 20.24 68.35 1.56
C ASN D 132 20.60 68.53 0.09
N ILE D 133 20.90 67.44 -0.60
CA ILE D 133 21.25 67.52 -2.02
C ILE D 133 19.96 67.38 -2.84
N SER D 134 19.60 68.45 -3.55
CA SER D 134 18.41 68.44 -4.38
C SER D 134 18.41 69.70 -5.22
N THR D 135 17.87 69.57 -6.43
CA THR D 135 17.68 70.71 -7.32
C THR D 135 16.33 71.33 -6.98
N VAL D 136 16.35 72.44 -6.23
CA VAL D 136 15.12 73.08 -5.80
C VAL D 136 14.38 73.60 -7.02
N VAL D 137 13.12 73.17 -7.18
CA VAL D 137 12.31 73.58 -8.31
C VAL D 137 11.30 74.61 -7.84
N ASP D 138 11.63 75.88 -8.00
CA ASP D 138 10.75 76.98 -7.63
C ASP D 138 10.61 78.04 -8.70
N SER D 139 11.55 78.15 -9.63
CA SER D 139 11.43 79.11 -10.72
C SER D 139 10.28 78.71 -11.65
N LYS D 140 9.67 79.72 -12.27
CA LYS D 140 8.57 79.45 -13.19
C LYS D 140 9.02 78.63 -14.38
N GLU D 141 10.22 78.92 -14.91
CA GLU D 141 10.72 78.18 -16.05
C GLU D 141 10.95 76.71 -15.71
N ALA D 142 11.54 76.45 -14.54
CA ALA D 142 11.74 75.07 -14.13
C ALA D 142 10.42 74.36 -13.90
N ILE D 143 9.44 75.06 -13.32
CA ILE D 143 8.13 74.47 -13.11
C ILE D 143 7.49 74.11 -14.45
N ALA D 144 7.60 75.00 -15.43
CA ALA D 144 7.08 74.71 -16.76
C ALA D 144 7.80 73.53 -17.39
N GLN D 145 9.12 73.44 -17.19
CA GLN D 145 9.88 72.32 -17.73
C GLN D 145 9.40 71.00 -17.14
N VAL D 146 9.24 70.96 -15.82
CA VAL D 146 8.79 69.73 -15.17
C VAL D 146 7.37 69.41 -15.62
N ALA D 147 6.55 70.42 -15.84
CA ALA D 147 5.23 70.19 -16.45
C ALA D 147 5.38 69.68 -17.87
N ALA D 148 6.54 69.92 -18.49
CA ALA D 148 6.79 69.47 -19.85
C ALA D 148 7.57 68.17 -19.90
N VAL D 149 7.73 67.47 -18.77
CA VAL D 149 8.41 66.18 -18.74
C VAL D 149 7.39 65.14 -18.27
N SER D 150 7.86 63.92 -18.04
CA SER D 150 7.00 62.74 -17.97
C SER D 150 6.37 62.56 -19.34
N SER D 151 5.04 62.51 -19.42
CA SER D 151 4.43 62.55 -20.74
C SER D 151 4.34 64.00 -21.20
N GLY D 152 3.47 64.78 -20.54
CA GLY D 152 3.47 66.23 -20.61
C GLY D 152 3.48 66.89 -21.98
N SER D 153 3.35 66.08 -23.04
CA SER D 153 3.61 66.49 -24.42
C SER D 153 4.58 67.67 -24.47
N ASP D 154 4.13 68.78 -25.01
CA ASP D 154 4.82 70.06 -24.86
C ASP D 154 3.88 71.17 -24.40
N LYS D 155 2.65 71.19 -24.89
CA LYS D 155 1.73 72.28 -24.55
C LYS D 155 1.30 72.20 -23.09
N VAL D 156 1.26 70.99 -22.52
CA VAL D 156 0.82 70.82 -21.15
C VAL D 156 1.74 71.60 -20.20
N GLY D 157 3.02 71.73 -20.56
CA GLY D 157 3.92 72.49 -19.73
C GLY D 157 3.49 73.92 -19.57
N HIS D 158 3.26 74.62 -20.69
CA HIS D 158 2.81 76.00 -20.63
C HIS D 158 1.42 76.09 -20.01
N LEU D 159 0.54 75.13 -20.32
CA LEU D 159 -0.80 75.15 -19.75
C LEU D 159 -0.75 75.10 -18.24
N ILE D 160 0.04 74.16 -17.69
CA ILE D 160 0.15 74.02 -16.24
C ILE D 160 0.83 75.23 -15.64
N ALA D 161 1.85 75.77 -16.32
CA ALA D 161 2.52 76.96 -15.81
C ALA D 161 1.54 78.11 -15.66
N ASP D 162 0.78 78.40 -16.72
CA ASP D 162 -0.23 79.46 -16.63
C ASP D 162 -1.27 79.14 -15.57
N ALA D 163 -1.70 77.89 -15.49
CA ALA D 163 -2.75 77.52 -14.54
C ALA D 163 -2.31 77.79 -13.11
N MET D 164 -1.16 77.24 -12.70
CA MET D 164 -0.78 77.38 -11.30
C MET D 164 -0.22 78.77 -11.01
N GLU D 165 0.16 79.52 -12.04
CA GLU D 165 0.41 80.95 -11.84
C GLU D 165 -0.88 81.69 -11.55
N LYS D 166 -1.96 81.36 -12.27
CA LYS D 166 -3.23 82.04 -12.05
C LYS D 166 -3.83 81.68 -10.69
N VAL D 167 -3.77 80.41 -10.30
CA VAL D 167 -4.46 79.94 -9.11
C VAL D 167 -3.52 79.77 -7.93
N GLY D 168 -2.22 79.96 -8.11
CA GLY D 168 -1.26 79.73 -7.06
C GLY D 168 -0.80 78.28 -7.03
N ASN D 169 0.21 78.04 -6.19
CA ASN D 169 0.77 76.70 -6.07
C ASN D 169 -0.26 75.73 -5.51
N ASP D 170 -1.04 76.16 -4.52
CA ASP D 170 -2.06 75.32 -3.91
C ASP D 170 -3.43 75.48 -4.56
N GLY D 171 -3.53 76.27 -5.61
CA GLY D 171 -4.80 76.46 -6.28
C GLY D 171 -5.32 75.19 -6.93
N VAL D 172 -6.63 75.08 -7.00
CA VAL D 172 -7.28 73.89 -7.53
C VAL D 172 -7.26 73.97 -9.05
N ILE D 173 -6.76 72.91 -9.68
CA ILE D 173 -6.69 72.80 -11.13
C ILE D 173 -7.51 71.57 -11.55
N THR D 174 -8.44 71.78 -12.47
CA THR D 174 -9.32 70.73 -12.94
C THR D 174 -9.11 70.48 -14.42
N ILE D 175 -9.34 69.24 -14.84
CA ILE D 175 -9.14 68.81 -16.22
C ILE D 175 -10.48 68.35 -16.77
N GLU D 176 -10.86 68.87 -17.93
CA GLU D 176 -12.13 68.55 -18.55
C GLU D 176 -11.93 68.23 -20.02
N GLU D 177 -12.93 67.60 -20.62
CA GLU D 177 -12.89 67.22 -22.04
C GLU D 177 -13.67 68.26 -22.84
N SER D 178 -12.94 69.06 -23.62
CA SER D 178 -13.58 70.02 -24.51
C SER D 178 -14.19 69.31 -25.70
N LYS D 179 -15.37 69.78 -26.13
CA LYS D 179 -16.01 69.21 -27.31
C LYS D 179 -15.28 69.57 -28.60
N GLY D 180 -14.40 70.57 -28.55
CA GLY D 180 -13.62 70.96 -29.70
C GLY D 180 -12.37 70.12 -29.85
N ILE D 181 -11.50 70.56 -30.75
CA ILE D 181 -10.25 69.86 -31.01
C ILE D 181 -9.06 70.49 -30.28
N GLU D 182 -9.26 71.62 -29.62
CA GLU D 182 -8.19 72.33 -28.95
C GLU D 182 -8.35 72.23 -27.44
N THR D 183 -7.22 72.13 -26.74
CA THR D 183 -7.20 72.14 -25.28
C THR D 183 -7.07 73.58 -24.78
N GLU D 184 -7.97 73.97 -23.88
CA GLU D 184 -8.04 75.34 -23.40
C GLU D 184 -8.00 75.36 -21.88
N LEU D 185 -7.48 76.47 -21.34
CA LEU D 185 -7.36 76.67 -19.91
C LEU D 185 -8.34 77.76 -19.48
N ASP D 186 -9.11 77.48 -18.44
CA ASP D 186 -10.13 78.41 -17.93
C ASP D 186 -10.01 78.51 -16.42
N VAL D 187 -10.26 79.71 -15.90
CA VAL D 187 -10.29 79.96 -14.47
C VAL D 187 -11.67 80.48 -14.11
N VAL D 188 -12.37 79.76 -13.24
CA VAL D 188 -13.72 80.08 -12.84
C VAL D 188 -13.81 80.10 -11.33
N GLU D 189 -15.00 80.41 -10.83
CA GLU D 189 -15.27 80.38 -9.39
C GLU D 189 -15.58 78.94 -8.98
N GLY D 190 -14.80 78.42 -8.04
CA GLY D 190 -14.96 77.05 -7.61
C GLY D 190 -14.57 76.90 -6.15
N MET D 191 -14.72 75.68 -5.64
CA MET D 191 -14.46 75.41 -4.23
C MET D 191 -14.11 73.94 -4.07
N GLN D 192 -12.91 73.68 -3.54
CA GLN D 192 -12.52 72.33 -3.17
C GLN D 192 -12.19 72.31 -1.69
N PHE D 193 -12.77 71.33 -0.98
CA PHE D 193 -12.54 71.17 0.45
C PHE D 193 -12.30 69.70 0.75
N ASP D 194 -11.57 69.46 1.84
CA ASP D 194 -11.10 68.12 2.19
C ASP D 194 -12.23 67.33 2.86
N ARG D 195 -13.20 66.95 2.03
CA ARG D 195 -14.31 66.09 2.47
C ARG D 195 -14.63 65.13 1.33
N GLY D 196 -14.28 63.86 1.51
CA GLY D 196 -14.60 62.85 0.53
C GLY D 196 -16.01 62.30 0.69
N TYR D 197 -16.36 61.37 -0.19
CA TYR D 197 -17.66 60.74 -0.14
C TYR D 197 -17.80 59.90 1.13
N LEU D 198 -19.05 59.75 1.58
CA LEU D 198 -19.31 58.91 2.75
C LEU D 198 -19.23 57.43 2.44
N SER D 199 -19.54 57.02 1.21
CA SER D 199 -19.47 55.62 0.82
C SER D 199 -18.97 55.51 -0.61
N GLN D 200 -18.36 54.38 -0.92
CA GLN D 200 -17.86 54.11 -2.26
C GLN D 200 -18.94 53.69 -3.23
N TYR D 201 -20.15 53.40 -2.75
CA TYR D 201 -21.21 52.94 -3.64
C TYR D 201 -21.71 54.00 -4.60
N MET D 202 -21.66 55.28 -4.24
CA MET D 202 -22.12 56.32 -5.15
C MET D 202 -21.00 56.89 -6.01
N VAL D 203 -19.88 56.17 -6.12
CA VAL D 203 -18.78 56.60 -6.98
C VAL D 203 -19.21 56.48 -8.43
N THR D 204 -19.17 57.59 -9.17
CA THR D 204 -19.59 57.62 -10.56
C THR D 204 -18.51 57.07 -11.50
N ASP D 205 -17.25 57.40 -11.24
CA ASP D 205 -16.12 56.96 -12.06
C ASP D 205 -15.36 55.90 -11.25
N ASN D 206 -15.63 54.63 -11.54
CA ASN D 206 -14.96 53.56 -10.81
C ASN D 206 -13.46 53.55 -11.08
N ASP D 207 -13.05 53.78 -12.32
CA ASP D 207 -11.63 53.78 -12.65
C ASP D 207 -10.90 54.89 -11.91
N LYS D 208 -11.47 56.09 -11.89
CA LYS D 208 -10.84 57.21 -11.18
C LYS D 208 -11.28 57.30 -9.73
N MET D 209 -12.20 56.45 -9.28
CA MET D 209 -12.63 56.38 -7.88
C MET D 209 -13.40 57.63 -7.49
N GLU D 210 -13.41 58.63 -8.38
CA GLU D 210 -14.04 59.91 -8.09
C GLU D 210 -15.53 59.87 -8.41
N ALA D 211 -16.28 60.68 -7.69
CA ALA D 211 -17.71 60.89 -7.94
C ALA D 211 -17.88 62.17 -8.75
N VAL D 212 -18.51 62.06 -9.92
CA VAL D 212 -18.66 63.16 -10.85
C VAL D 212 -20.14 63.47 -11.01
N LEU D 213 -20.51 64.72 -10.78
CA LEU D 213 -21.88 65.19 -10.96
C LEU D 213 -21.87 66.38 -11.91
N GLU D 214 -22.75 66.34 -12.90
CA GLU D 214 -22.86 67.40 -13.91
C GLU D 214 -24.13 68.19 -13.64
N ASN D 215 -23.98 69.50 -13.43
CA ASN D 215 -25.08 70.39 -13.07
C ASN D 215 -25.94 69.81 -11.94
N PRO D 216 -25.36 69.53 -10.77
CA PRO D 216 -26.12 68.93 -9.69
C PRO D 216 -26.73 69.97 -8.77
N TYR D 217 -27.76 69.54 -8.04
CA TYR D 217 -28.31 70.33 -6.96
C TYR D 217 -27.48 70.11 -5.70
N ILE D 218 -27.27 71.19 -4.95
CA ILE D 218 -26.37 71.17 -3.79
C ILE D 218 -27.19 71.44 -2.55
N LEU D 219 -27.16 70.51 -1.61
CA LEU D 219 -27.83 70.66 -0.32
C LEU D 219 -26.78 71.11 0.70
N ILE D 220 -27.02 72.27 1.31
CA ILE D 220 -26.08 72.87 2.25
C ILE D 220 -26.78 73.00 3.60
N THR D 221 -26.23 72.33 4.61
CA THR D 221 -26.81 72.36 5.94
C THR D 221 -25.74 71.98 6.96
N ASP D 222 -25.96 72.40 8.20
CA ASP D 222 -25.11 72.03 9.32
C ASP D 222 -25.73 70.95 10.21
N LYS D 223 -26.95 70.53 9.92
CA LYS D 223 -27.64 69.55 10.74
C LYS D 223 -27.17 68.14 10.39
N LYS D 224 -27.50 67.21 11.28
CA LYS D 224 -27.19 65.80 11.06
C LYS D 224 -28.41 65.10 10.45
N ILE D 225 -28.17 64.40 9.35
CA ILE D 225 -29.24 63.74 8.60
C ILE D 225 -29.17 62.25 8.91
N SER D 226 -29.99 61.81 9.86
CA SER D 226 -30.08 60.39 10.20
C SER D 226 -31.39 59.77 9.75
N ASN D 227 -32.38 60.56 9.36
CA ASN D 227 -33.68 60.08 8.91
C ASN D 227 -33.89 60.47 7.46
N ILE D 228 -34.26 59.50 6.62
CA ILE D 228 -34.56 59.79 5.23
C ILE D 228 -35.85 60.57 5.08
N GLN D 229 -36.74 60.52 6.09
CA GLN D 229 -38.01 61.22 6.01
C GLN D 229 -37.82 62.74 5.99
N ASP D 230 -36.70 63.22 6.56
CA ASP D 230 -36.47 64.66 6.61
C ASP D 230 -36.24 65.27 5.24
N ILE D 231 -35.92 64.46 4.22
CA ILE D 231 -35.56 64.95 2.91
C ILE D 231 -36.44 64.35 1.81
N LEU D 232 -37.45 63.57 2.15
CA LEU D 232 -38.28 62.94 1.12
C LEU D 232 -38.96 63.93 0.18
N PRO D 233 -39.57 65.03 0.64
CA PRO D 233 -40.13 65.99 -0.32
C PRO D 233 -39.09 66.57 -1.27
N LEU D 234 -37.91 66.90 -0.74
CA LEU D 234 -36.85 67.42 -1.60
C LEU D 234 -36.33 66.35 -2.55
N LEU D 235 -36.24 65.11 -2.08
CA LEU D 235 -35.85 64.01 -2.96
C LEU D 235 -36.84 63.85 -4.10
N GLU D 236 -38.14 63.93 -3.80
CA GLU D 236 -39.16 63.84 -4.84
C GLU D 236 -39.06 65.00 -5.82
N GLN D 237 -38.82 66.22 -5.30
CA GLN D 237 -38.66 67.37 -6.18
C GLN D 237 -37.48 67.18 -7.13
N ILE D 238 -36.35 66.70 -6.61
CA ILE D 238 -35.17 66.52 -7.43
C ILE D 238 -35.37 65.39 -8.43
N LEU D 239 -36.07 64.33 -8.01
CA LEU D 239 -36.41 63.25 -8.94
C LEU D 239 -37.29 63.77 -10.07
N GLN D 240 -38.23 64.66 -9.75
CA GLN D 240 -39.01 65.32 -10.80
C GLN D 240 -38.10 66.12 -11.73
N GLN D 241 -37.15 66.84 -11.15
CA GLN D 241 -36.17 67.57 -11.97
C GLN D 241 -35.16 66.63 -12.64
N SER D 242 -35.02 65.40 -12.14
CA SER D 242 -34.10 64.41 -12.71
C SER D 242 -32.67 64.93 -12.79
N ARG D 243 -32.23 65.65 -11.76
CA ARG D 243 -30.88 66.19 -11.69
C ARG D 243 -30.10 65.55 -10.56
N PRO D 244 -28.78 65.51 -10.64
CA PRO D 244 -27.98 65.01 -9.51
C PRO D 244 -28.11 65.92 -8.30
N LEU D 245 -27.94 65.32 -7.13
CA LEU D 245 -28.02 66.04 -5.86
C LEU D 245 -26.74 65.88 -5.08
N LEU D 246 -26.21 66.99 -4.57
CA LEU D 246 -25.08 67.00 -3.67
C LEU D 246 -25.55 67.40 -2.28
N ILE D 247 -25.15 66.63 -1.27
CA ILE D 247 -25.55 66.85 0.10
C ILE D 247 -24.33 67.21 0.92
N ILE D 248 -24.38 68.37 1.57
CA ILE D 248 -23.32 68.83 2.47
C ILE D 248 -23.96 69.01 3.84
N ALA D 249 -23.72 68.08 4.75
CA ALA D 249 -24.30 68.12 6.08
C ALA D 249 -23.24 67.78 7.11
N ASP D 250 -23.62 67.92 8.38
CA ASP D 250 -22.71 67.55 9.46
C ASP D 250 -22.38 66.06 9.41
N ASP D 251 -23.40 65.22 9.22
CA ASP D 251 -23.22 63.79 9.12
C ASP D 251 -24.49 63.15 8.60
N VAL D 252 -24.35 62.23 7.66
CA VAL D 252 -25.46 61.46 7.12
C VAL D 252 -25.25 60.00 7.50
N ASP D 253 -26.12 59.48 8.35
CA ASP D 253 -25.98 58.13 8.88
C ASP D 253 -27.37 57.61 9.19
N GLY D 254 -27.44 56.53 9.99
CA GLY D 254 -28.72 55.99 10.37
C GLY D 254 -29.33 55.17 9.24
N GLU D 255 -30.60 55.45 8.94
CA GLU D 255 -31.29 54.78 7.85
C GLU D 255 -31.25 55.59 6.56
N ALA D 256 -31.04 56.90 6.63
CA ALA D 256 -31.01 57.73 5.43
C ALA D 256 -29.85 57.34 4.52
N LEU D 257 -28.67 57.10 5.10
CA LEU D 257 -27.51 56.76 4.30
C LEU D 257 -27.68 55.45 3.54
N PRO D 258 -28.08 54.33 4.16
CA PRO D 258 -28.32 53.11 3.35
C PRO D 258 -29.41 53.28 2.32
N THR D 259 -30.45 54.06 2.64
CA THR D 259 -31.51 54.30 1.66
C THR D 259 -30.98 55.03 0.43
N LEU D 260 -30.18 56.08 0.66
CA LEU D 260 -29.59 56.81 -0.46
C LEU D 260 -28.62 55.94 -1.24
N VAL D 261 -27.86 55.09 -0.54
CA VAL D 261 -26.94 54.18 -1.21
C VAL D 261 -27.70 53.22 -2.11
N LEU D 262 -28.80 52.65 -1.60
CA LEU D 262 -29.61 51.74 -2.40
C LEU D 262 -30.24 52.47 -3.60
N ASN D 263 -30.71 53.69 -3.39
CA ASN D 263 -31.29 54.45 -4.49
C ASN D 263 -30.25 54.73 -5.56
N LYS D 264 -29.03 55.08 -5.16
CA LYS D 264 -27.97 55.34 -6.13
C LYS D 264 -27.59 54.07 -6.87
N ILE D 265 -27.51 52.94 -6.17
CA ILE D 265 -27.18 51.67 -6.81
C ILE D 265 -28.25 51.31 -7.83
N ARG D 266 -29.52 51.46 -7.47
CA ARG D 266 -30.61 51.20 -8.39
C ARG D 266 -30.72 52.26 -9.48
N GLY D 267 -29.98 53.36 -9.36
CA GLY D 267 -30.06 54.43 -10.33
C GLY D 267 -31.23 55.38 -10.14
N THR D 268 -32.02 55.19 -9.09
CA THR D 268 -33.16 56.07 -8.85
C THR D 268 -32.71 57.50 -8.61
N PHE D 269 -31.65 57.69 -7.84
CA PHE D 269 -31.18 59.02 -7.47
C PHE D 269 -29.68 59.10 -7.69
N ASN D 270 -29.23 60.18 -8.34
CA ASN D 270 -27.81 60.46 -8.50
C ASN D 270 -27.36 61.41 -7.39
N VAL D 271 -27.37 60.89 -6.18
CA VAL D 271 -27.14 61.68 -4.97
C VAL D 271 -25.77 61.35 -4.40
N VAL D 272 -25.08 62.38 -3.91
CA VAL D 272 -23.81 62.23 -3.23
C VAL D 272 -23.87 63.06 -1.95
N ALA D 273 -23.51 62.45 -0.83
CA ALA D 273 -23.52 63.11 0.47
C ALA D 273 -22.11 63.11 1.05
N VAL D 274 -21.66 64.29 1.51
CA VAL D 274 -20.35 64.44 2.12
C VAL D 274 -20.50 65.22 3.41
N LYS D 275 -19.51 65.08 4.29
CA LYS D 275 -19.52 65.78 5.56
C LYS D 275 -19.21 67.26 5.37
N ALA D 276 -19.68 68.07 6.30
CA ALA D 276 -19.46 69.50 6.23
C ALA D 276 -18.05 69.83 6.70
N PRO D 277 -17.25 70.56 5.91
CA PRO D 277 -15.92 70.97 6.37
C PRO D 277 -16.00 71.98 7.51
N GLY D 278 -14.96 71.95 8.34
CA GLY D 278 -14.89 72.82 9.50
C GLY D 278 -15.66 72.27 10.68
N PHE D 279 -15.38 72.84 11.84
CA PHE D 279 -16.02 72.41 13.08
C PHE D 279 -16.35 73.61 13.94
N GLY D 280 -17.32 73.43 14.83
CA GLY D 280 -17.73 74.52 15.69
C GLY D 280 -18.28 75.68 14.89
N ASP D 281 -18.00 76.90 15.38
CA ASP D 281 -18.42 78.09 14.65
C ASP D 281 -17.74 78.20 13.30
N ARG D 282 -16.57 77.57 13.14
CA ARG D 282 -15.85 77.65 11.88
C ARG D 282 -16.63 76.97 10.77
N ARG D 283 -17.28 75.85 11.05
CA ARG D 283 -17.99 75.10 10.03
C ARG D 283 -19.01 75.96 9.31
N LYS D 284 -19.78 76.75 10.07
CA LYS D 284 -20.76 77.65 9.46
C LYS D 284 -20.10 78.70 8.58
N ALA D 285 -18.84 79.04 8.82
CA ALA D 285 -18.16 80.05 8.01
C ALA D 285 -18.09 79.62 6.55
N MET D 286 -17.37 78.54 6.26
CA MET D 286 -17.34 78.09 4.87
C MET D 286 -18.62 77.40 4.43
N LEU D 287 -19.53 77.04 5.35
CA LEU D 287 -20.87 76.67 4.91
C LEU D 287 -21.57 77.86 4.26
N GLU D 288 -21.50 79.03 4.89
CA GLU D 288 -22.03 80.25 4.29
C GLU D 288 -21.27 80.61 3.02
N ASP D 289 -19.96 80.39 3.01
CA ASP D 289 -19.18 80.65 1.80
C ASP D 289 -19.65 79.78 0.64
N ILE D 290 -19.90 78.49 0.91
CA ILE D 290 -20.41 77.60 -0.13
C ILE D 290 -21.80 78.03 -0.58
N ALA D 291 -22.65 78.43 0.36
CA ALA D 291 -23.98 78.91 0.00
C ALA D 291 -23.90 80.12 -0.91
N ILE D 292 -23.00 81.05 -0.59
CA ILE D 292 -22.83 82.24 -1.43
C ILE D 292 -22.31 81.87 -2.80
N LEU D 293 -21.32 80.98 -2.87
CA LEU D 293 -20.71 80.62 -4.15
C LEU D 293 -21.70 79.87 -5.04
N THR D 294 -22.52 78.99 -4.47
CA THR D 294 -23.44 78.18 -5.24
C THR D 294 -24.82 78.79 -5.37
N GLY D 295 -25.11 79.87 -4.66
CA GLY D 295 -26.42 80.47 -4.67
C GLY D 295 -27.44 79.78 -3.80
N GLY D 296 -27.05 78.74 -3.06
CA GLY D 296 -27.94 78.04 -2.17
C GLY D 296 -28.04 78.71 -0.83
N THR D 297 -28.74 78.04 0.09
CA THR D 297 -28.95 78.53 1.43
C THR D 297 -28.58 77.45 2.44
N VAL D 298 -27.87 77.84 3.49
CA VAL D 298 -27.51 76.92 4.56
C VAL D 298 -28.74 76.62 5.40
N ILE D 299 -29.05 75.34 5.56
CA ILE D 299 -30.19 74.92 6.36
C ILE D 299 -29.70 74.70 7.78
N THR D 300 -29.93 75.68 8.64
CA THR D 300 -29.48 75.62 10.02
C THR D 300 -30.62 76.03 10.94
N ASP D 301 -30.56 75.54 12.18
CA ASP D 301 -31.57 75.87 13.17
C ASP D 301 -31.54 77.34 13.56
N ASP D 302 -30.41 78.01 13.36
CA ASP D 302 -30.33 79.44 13.66
C ASP D 302 -31.25 80.25 12.73
N LEU D 303 -31.33 79.84 11.47
CA LEU D 303 -32.17 80.52 10.49
C LEU D 303 -33.61 80.02 10.52
N GLY D 304 -33.93 79.04 11.37
CA GLY D 304 -35.28 78.52 11.43
C GLY D 304 -35.71 77.69 10.24
N LEU D 305 -34.75 77.12 9.52
CA LEU D 305 -35.04 76.30 8.34
C LEU D 305 -34.98 74.83 8.71
N GLU D 306 -35.97 74.07 8.28
CA GLU D 306 -36.05 72.64 8.54
C GLU D 306 -35.75 71.86 7.28
N LEU D 307 -35.28 70.62 7.47
CA LEU D 307 -34.89 69.78 6.34
C LEU D 307 -36.11 69.47 5.46
N LYS D 308 -37.25 69.17 6.08
CA LYS D 308 -38.46 68.88 5.32
C LYS D 308 -39.00 70.09 4.58
N ASP D 309 -38.63 71.30 5.02
CA ASP D 309 -39.08 72.53 4.37
C ASP D 309 -38.13 73.01 3.28
N VAL D 310 -37.07 72.26 2.99
CA VAL D 310 -36.13 72.67 1.96
C VAL D 310 -36.76 72.47 0.60
N THR D 311 -36.69 73.50 -0.24
CA THR D 311 -37.22 73.48 -1.60
C THR D 311 -36.07 73.48 -2.59
N ILE D 312 -36.43 73.46 -3.88
CA ILE D 312 -35.43 73.48 -4.94
C ILE D 312 -34.69 74.81 -4.95
N GLU D 313 -35.39 75.90 -4.63
CA GLU D 313 -34.77 77.22 -4.67
C GLU D 313 -33.60 77.35 -3.70
N ASN D 314 -33.76 76.82 -2.49
CA ASN D 314 -32.72 76.94 -1.47
C ASN D 314 -31.48 76.11 -1.77
N LEU D 315 -31.54 75.22 -2.76
CA LEU D 315 -30.42 74.35 -3.06
C LEU D 315 -29.37 75.09 -3.89
N GLY D 316 -28.10 74.85 -3.56
CA GLY D 316 -27.03 75.38 -4.36
C GLY D 316 -26.95 74.70 -5.72
N ASN D 317 -26.37 75.42 -6.67
CA ASN D 317 -26.22 74.92 -8.03
C ASN D 317 -24.83 75.20 -8.54
N ALA D 318 -24.31 74.28 -9.37
CA ALA D 318 -23.00 74.43 -9.98
C ALA D 318 -22.99 73.63 -11.27
N SER D 319 -22.03 73.96 -12.13
CA SER D 319 -21.93 73.24 -13.40
C SER D 319 -21.45 71.82 -13.21
N LYS D 320 -20.47 71.60 -12.33
CA LYS D 320 -19.89 70.28 -12.14
C LYS D 320 -19.34 70.18 -10.73
N VAL D 321 -19.46 68.99 -10.15
CA VAL D 321 -18.93 68.69 -8.82
C VAL D 321 -18.15 67.39 -8.90
N VAL D 322 -16.93 67.40 -8.38
CA VAL D 322 -16.06 66.23 -8.35
C VAL D 322 -15.79 65.89 -6.90
N VAL D 323 -16.08 64.64 -6.53
CA VAL D 323 -15.88 64.15 -5.16
C VAL D 323 -14.97 62.94 -5.23
N ASP D 324 -13.79 63.06 -4.63
CA ASP D 324 -12.86 61.95 -4.50
C ASP D 324 -13.03 61.31 -3.12
N LYS D 325 -12.12 60.41 -2.78
CA LYS D 325 -12.20 59.72 -1.48
C LYS D 325 -12.03 60.69 -0.32
N ASP D 326 -11.28 61.77 -0.52
CA ASP D 326 -10.93 62.66 0.58
C ASP D 326 -11.35 64.11 0.38
N ASN D 327 -11.62 64.54 -0.85
CA ASN D 327 -11.93 65.93 -1.12
C ASN D 327 -13.14 66.03 -2.05
N THR D 328 -13.84 67.16 -1.96
CA THR D 328 -14.97 67.46 -2.82
C THR D 328 -14.70 68.78 -3.52
N THR D 329 -14.83 68.78 -4.84
CA THR D 329 -14.53 69.94 -5.67
C THR D 329 -15.80 70.45 -6.33
N ILE D 330 -15.99 71.76 -6.30
CA ILE D 330 -17.14 72.41 -6.91
C ILE D 330 -16.65 73.27 -8.06
N VAL D 331 -17.29 73.14 -9.22
CA VAL D 331 -16.90 73.88 -10.42
C VAL D 331 -18.05 74.76 -10.86
N GLU D 332 -17.76 76.05 -11.04
CA GLU D 332 -18.71 77.02 -11.59
C GLU D 332 -19.99 77.09 -10.75
N GLY D 333 -19.83 77.53 -9.51
CA GLY D 333 -20.98 77.74 -8.66
C GLY D 333 -21.91 78.80 -9.22
N SER D 334 -23.20 78.62 -8.98
CA SER D 334 -24.22 79.48 -9.55
C SER D 334 -24.50 80.72 -8.71
N GLY D 335 -23.78 80.92 -7.61
CA GLY D 335 -24.00 82.08 -6.78
C GLY D 335 -23.56 83.37 -7.45
N GLU D 336 -24.09 84.48 -6.94
CA GLU D 336 -23.78 85.79 -7.51
C GLU D 336 -22.32 86.15 -7.29
N LYS D 337 -21.71 86.71 -8.32
CA LYS D 337 -20.33 87.16 -8.21
C LYS D 337 -20.18 88.26 -7.16
N GLU D 338 -21.15 89.18 -7.12
CA GLU D 338 -21.08 90.29 -6.18
C GLU D 338 -21.14 89.81 -4.74
N ALA D 339 -22.00 88.82 -4.45
CA ALA D 339 -22.07 88.27 -3.10
C ALA D 339 -20.78 87.59 -2.71
N ILE D 340 -20.16 86.86 -3.64
CA ILE D 340 -18.88 86.22 -3.36
C ILE D 340 -17.81 87.28 -3.11
N GLU D 341 -17.84 88.37 -3.88
CA GLU D 341 -16.90 89.46 -3.66
C GLU D 341 -17.10 90.09 -2.28
N ALA D 342 -18.36 90.28 -1.87
CA ALA D 342 -18.63 90.84 -0.55
C ALA D 342 -18.14 89.91 0.55
N ARG D 343 -18.35 88.60 0.39
CA ARG D 343 -17.84 87.64 1.36
C ARG D 343 -16.32 87.67 1.41
N VAL D 344 -15.67 87.78 0.26
CA VAL D 344 -14.22 87.86 0.20
C VAL D 344 -13.72 89.11 0.91
N GLN D 345 -14.39 90.24 0.68
CA GLN D 345 -13.99 91.48 1.36
C GLN D 345 -14.21 91.37 2.86
N LEU D 346 -15.29 90.71 3.29
CA LEU D 346 -15.51 90.51 4.71
C LEU D 346 -14.41 89.66 5.33
N ILE D 347 -14.00 88.59 4.62
CA ILE D 347 -12.93 87.75 5.13
C ILE D 347 -11.61 88.50 5.17
N LYS D 348 -11.37 89.35 4.17
CA LYS D 348 -10.16 90.18 4.18
C LYS D 348 -10.16 91.15 5.36
N ASN D 349 -11.31 91.76 5.64
CA ASN D 349 -11.42 92.63 6.80
C ASN D 349 -11.18 91.85 8.09
N GLN D 350 -11.74 90.65 8.19
CA GLN D 350 -11.50 89.82 9.37
C GLN D 350 -10.01 89.50 9.52
N ILE D 351 -9.35 89.18 8.41
CA ILE D 351 -7.91 88.89 8.45
C ILE D 351 -7.14 90.12 8.94
N ALA D 352 -7.48 91.29 8.40
CA ALA D 352 -6.82 92.52 8.82
C ALA D 352 -7.15 92.87 10.27
N GLU D 353 -8.24 92.31 10.80
CA GLU D 353 -8.67 92.61 12.16
C GLU D 353 -8.29 91.54 13.17
N THR D 354 -8.22 90.27 12.74
CA THR D 354 -7.92 89.20 13.67
C THR D 354 -6.51 89.31 14.21
N THR D 355 -6.32 88.89 15.46
CA THR D 355 -5.02 88.91 16.10
C THR D 355 -4.44 87.52 16.33
N SER D 356 -5.25 86.47 16.30
CA SER D 356 -4.78 85.11 16.48
C SER D 356 -4.20 84.60 15.17
N ASP D 357 -2.94 84.14 15.22
CA ASP D 357 -2.31 83.62 14.01
C ASP D 357 -3.02 82.37 13.51
N PHE D 358 -3.57 81.58 14.43
CA PHE D 358 -4.36 80.41 14.03
C PHE D 358 -5.63 80.84 13.32
N ASP D 359 -6.38 81.76 13.92
CA ASP D 359 -7.59 82.26 13.28
C ASP D 359 -7.27 83.02 12.00
N ARG D 360 -6.18 83.79 11.99
CA ARG D 360 -5.76 84.45 10.77
C ARG D 360 -5.45 83.45 9.67
N GLU D 361 -4.78 82.35 10.03
CA GLU D 361 -4.46 81.33 9.05
C GLU D 361 -5.72 80.67 8.51
N LYS D 362 -6.68 80.38 9.39
CA LYS D 362 -7.94 79.78 8.93
C LYS D 362 -8.70 80.73 7.99
N LEU D 363 -8.75 82.01 8.35
CA LEU D 363 -9.42 82.99 7.50
C LEU D 363 -8.69 83.16 6.19
N GLN D 364 -7.35 83.10 6.22
CA GLN D 364 -6.57 83.16 4.98
C GLN D 364 -6.84 81.95 4.10
N GLU D 365 -6.99 80.78 4.71
CA GLU D 365 -7.34 79.58 3.95
C GLU D 365 -8.69 79.75 3.28
N ARG D 366 -9.67 80.25 4.02
CA ARG D 366 -10.99 80.51 3.43
C ARG D 366 -10.89 81.52 2.29
N LEU D 367 -10.13 82.59 2.50
CA LEU D 367 -9.98 83.63 1.48
C LEU D 367 -9.33 83.07 0.22
N ALA D 368 -8.27 82.28 0.39
CA ALA D 368 -7.59 81.70 -0.76
C ALA D 368 -8.50 80.73 -1.49
N LYS D 369 -9.24 79.90 -0.75
CA LYS D 369 -10.16 78.97 -1.39
C LYS D 369 -11.24 79.70 -2.16
N LEU D 370 -11.74 80.82 -1.63
CA LEU D 370 -12.81 81.55 -2.30
C LEU D 370 -12.29 82.33 -3.51
N ALA D 371 -11.11 82.95 -3.38
CA ALA D 371 -10.66 83.91 -4.37
C ALA D 371 -9.75 83.32 -5.44
N GLY D 372 -8.99 82.26 -5.11
CA GLY D 372 -8.07 81.70 -6.09
C GLY D 372 -8.78 81.06 -7.26
N GLY D 373 -10.04 80.69 -7.09
CA GLY D 373 -10.79 80.07 -8.16
C GLY D 373 -10.29 78.67 -8.45
N VAL D 374 -10.78 78.13 -9.56
CA VAL D 374 -10.43 76.79 -10.01
C VAL D 374 -9.95 76.87 -11.45
N ALA D 375 -8.76 76.32 -11.71
CA ALA D 375 -8.27 76.23 -13.07
C ALA D 375 -8.95 75.06 -13.78
N VAL D 376 -9.54 75.34 -14.94
CA VAL D 376 -10.25 74.34 -15.71
C VAL D 376 -9.50 74.13 -17.02
N VAL D 377 -9.14 72.88 -17.30
CA VAL D 377 -8.43 72.51 -18.51
C VAL D 377 -9.40 71.71 -19.36
N LYS D 378 -9.94 72.34 -20.39
CA LYS D 378 -10.87 71.69 -21.31
C LYS D 378 -10.06 71.07 -22.45
N VAL D 379 -9.80 69.77 -22.33
CA VAL D 379 -8.97 69.07 -23.30
C VAL D 379 -9.77 68.81 -24.57
N GLY D 380 -9.21 69.23 -25.71
CA GLY D 380 -9.82 68.99 -27.00
C GLY D 380 -8.90 68.20 -27.89
N ALA D 381 -9.48 67.28 -28.65
CA ALA D 381 -8.71 66.45 -29.57
C ALA D 381 -9.65 65.93 -30.65
N ALA D 382 -9.07 65.47 -31.75
CA ALA D 382 -9.86 65.04 -32.90
C ALA D 382 -10.67 63.79 -32.58
N THR D 383 -10.06 62.81 -31.92
CA THR D 383 -10.71 61.53 -31.66
C THR D 383 -10.86 61.30 -30.17
N GLU D 384 -11.82 60.45 -29.82
CA GLU D 384 -12.05 60.11 -28.42
C GLU D 384 -10.84 59.41 -27.82
N THR D 385 -10.19 58.55 -28.60
CA THR D 385 -8.96 57.93 -28.14
C THR D 385 -7.88 58.98 -27.86
N GLU D 386 -7.75 59.95 -28.77
CA GLU D 386 -6.81 61.04 -28.55
C GLU D 386 -7.19 61.85 -27.32
N LEU D 387 -8.48 62.13 -27.13
CA LEU D 387 -8.92 62.88 -25.96
C LEU D 387 -8.58 62.15 -24.67
N LYS D 388 -8.86 60.84 -24.63
CA LYS D 388 -8.58 60.07 -23.42
C LYS D 388 -7.08 59.99 -23.16
N GLU D 389 -6.28 59.77 -24.21
CA GLU D 389 -4.83 59.71 -24.03
C GLU D 389 -4.30 61.03 -23.51
N LEU D 390 -4.77 62.15 -24.08
CA LEU D 390 -4.32 63.46 -23.62
C LEU D 390 -4.75 63.70 -22.18
N LYS D 391 -5.97 63.29 -21.82
CA LYS D 391 -6.44 63.46 -20.45
C LYS D 391 -5.54 62.71 -19.48
N LEU D 392 -5.26 61.44 -19.77
CA LEU D 392 -4.39 60.65 -18.91
C LEU D 392 -3.00 61.25 -18.84
N ARG D 393 -2.49 61.73 -19.97
CA ARG D 393 -1.15 62.34 -20.01
C ARG D 393 -1.10 63.59 -19.15
N ILE D 394 -2.16 64.40 -19.20
CA ILE D 394 -2.19 65.62 -18.39
C ILE D 394 -2.31 65.28 -16.91
N GLU D 395 -3.04 64.22 -16.56
CA GLU D 395 -3.26 63.89 -15.16
C GLU D 395 -1.93 63.65 -14.43
N ASP D 396 -1.16 62.68 -14.89
CA ASP D 396 0.09 62.35 -14.21
C ASP D 396 1.09 63.49 -14.33
N ALA D 397 1.04 64.23 -15.43
CA ALA D 397 1.90 65.39 -15.58
C ALA D 397 1.63 66.42 -14.50
N LEU D 398 0.35 66.71 -14.24
CA LEU D 398 0.00 67.64 -13.18
C LEU D 398 0.42 67.10 -11.82
N ASN D 399 0.20 65.80 -11.58
CA ASN D 399 0.56 65.23 -10.30
C ASN D 399 2.07 65.35 -10.05
N ALA D 400 2.87 64.99 -11.05
CA ALA D 400 4.31 65.07 -10.93
C ALA D 400 4.77 66.51 -10.80
N THR D 401 4.10 67.43 -11.51
CA THR D 401 4.47 68.83 -11.42
C THR D 401 4.27 69.36 -10.01
N ARG D 402 3.12 69.04 -9.40
CA ARG D 402 2.89 69.45 -8.02
C ARG D 402 3.91 68.81 -7.08
N ALA D 403 4.17 67.51 -7.27
CA ALA D 403 5.12 66.82 -6.40
C ALA D 403 6.51 67.43 -6.48
N ALA D 404 6.93 67.82 -7.68
CA ALA D 404 8.20 68.50 -7.84
C ALA D 404 8.16 69.89 -7.23
N VAL D 405 7.03 70.58 -7.35
CA VAL D 405 6.92 71.95 -6.83
C VAL D 405 7.09 71.95 -5.33
N GLU D 406 6.45 71.02 -4.63
CA GLU D 406 6.53 71.03 -3.17
C GLU D 406 7.92 70.68 -2.66
N GLU D 407 8.52 69.62 -3.20
CA GLU D 407 9.79 69.14 -2.65
C GLU D 407 10.97 69.56 -3.53
N GLY D 408 10.96 69.16 -4.79
CA GLY D 408 12.05 69.48 -5.68
C GLY D 408 12.33 68.34 -6.63
N MET D 409 13.49 68.38 -7.25
CA MET D 409 13.91 67.40 -8.24
C MET D 409 15.27 66.84 -7.86
N VAL D 410 15.46 65.54 -8.10
CA VAL D 410 16.73 64.86 -7.86
C VAL D 410 17.00 63.91 -9.01
N SER D 411 18.20 63.33 -8.99
CA SER D 411 18.61 62.40 -10.04
C SER D 411 17.71 61.18 -10.05
N GLY D 412 17.28 60.79 -11.25
CA GLY D 412 16.42 59.65 -11.42
C GLY D 412 17.18 58.34 -11.53
N GLY D 413 16.43 57.26 -11.75
CA GLY D 413 17.02 55.95 -11.90
C GLY D 413 17.71 55.41 -10.67
N GLY D 414 17.33 55.89 -9.49
CA GLY D 414 17.95 55.44 -8.27
C GLY D 414 19.32 56.01 -7.98
N THR D 415 19.81 56.92 -8.82
CA THR D 415 21.13 57.51 -8.61
C THR D 415 21.17 58.29 -7.30
N ALA D 416 20.08 58.99 -6.98
CA ALA D 416 20.04 59.75 -5.74
C ALA D 416 20.22 58.85 -4.53
N LEU D 417 19.65 57.65 -4.59
CA LEU D 417 19.77 56.73 -3.46
C LEU D 417 21.22 56.38 -3.18
N VAL D 418 21.99 56.06 -4.22
CA VAL D 418 23.41 55.78 -4.02
C VAL D 418 24.15 57.04 -3.60
N ASN D 419 23.75 58.20 -4.11
CA ASN D 419 24.45 59.44 -3.81
C ASN D 419 24.43 59.77 -2.33
N VAL D 420 23.50 59.20 -1.56
CA VAL D 420 23.44 59.47 -0.12
C VAL D 420 24.07 58.36 0.71
N ILE D 421 24.71 57.37 0.08
CA ILE D 421 25.29 56.26 0.83
C ILE D 421 26.38 56.74 1.77
N SER D 422 27.22 57.67 1.30
CA SER D 422 28.35 58.11 2.10
C SER D 422 27.90 58.74 3.41
N LYS D 423 26.88 59.60 3.35
CA LYS D 423 26.40 60.24 4.58
C LYS D 423 25.86 59.22 5.56
N VAL D 424 25.14 58.21 5.07
CA VAL D 424 24.61 57.18 5.95
C VAL D 424 25.75 56.40 6.59
N SER D 425 26.76 56.04 5.80
CA SER D 425 27.91 55.35 6.37
C SER D 425 28.65 56.21 7.37
N ALA D 426 28.57 57.53 7.25
CA ALA D 426 29.22 58.42 8.19
C ALA D 426 28.55 58.45 9.56
N VAL D 427 27.37 57.85 9.70
CA VAL D 427 26.66 57.88 10.99
C VAL D 427 27.37 56.96 11.97
N GLU D 428 27.61 57.46 13.18
CA GLU D 428 28.34 56.71 14.18
C GLU D 428 27.39 55.91 15.04
N ALA D 429 27.69 54.61 15.20
CA ALA D 429 26.88 53.73 16.03
C ALA D 429 27.71 52.52 16.41
N GLU D 430 27.20 51.73 17.35
CA GLU D 430 27.88 50.55 17.83
C GLU D 430 26.89 49.40 17.96
N GLY D 431 27.43 48.19 17.91
CA GLY D 431 26.62 47.00 18.14
C GLY D 431 25.54 46.83 17.09
N ASP D 432 24.36 46.39 17.53
CA ASP D 432 23.28 46.12 16.60
C ASP D 432 22.84 47.39 15.87
N VAL D 433 23.04 48.55 16.48
CA VAL D 433 22.74 49.80 15.78
C VAL D 433 23.64 49.94 14.56
N ALA D 434 24.94 49.70 14.73
CA ALA D 434 25.86 49.72 13.60
C ALA D 434 25.52 48.64 12.59
N THR D 435 25.08 47.48 13.08
CA THR D 435 24.69 46.40 12.18
C THR D 435 23.52 46.82 11.30
N GLY D 436 22.50 47.45 11.89
CA GLY D 436 21.40 47.96 11.11
C GLY D 436 21.81 49.05 10.15
N ILE D 437 22.77 49.89 10.56
CA ILE D 437 23.29 50.91 9.65
C ILE D 437 23.92 50.25 8.43
N LYS D 438 24.74 49.22 8.64
CA LYS D 438 25.32 48.49 7.51
C LYS D 438 24.24 47.82 6.68
N ILE D 439 23.18 47.34 7.33
CA ILE D 439 22.07 46.73 6.62
C ILE D 439 21.48 47.72 5.63
N VAL D 440 21.18 48.92 6.10
CA VAL D 440 20.58 49.93 5.23
C VAL D 440 21.57 50.34 4.15
N VAL D 441 22.85 50.45 4.49
CA VAL D 441 23.85 50.84 3.50
C VAL D 441 23.89 49.82 2.37
N ARG D 442 23.89 48.54 2.72
CA ARG D 442 23.88 47.50 1.70
C ARG D 442 22.59 47.52 0.88
N ALA D 443 21.45 47.71 1.54
CA ALA D 443 20.17 47.61 0.84
C ALA D 443 19.92 48.79 -0.07
N LEU D 444 20.51 49.95 0.22
CA LEU D 444 20.25 51.13 -0.60
C LEU D 444 20.70 50.96 -2.05
N GLU D 445 21.56 49.99 -2.34
CA GLU D 445 22.02 49.77 -3.69
C GLU D 445 21.07 48.92 -4.52
N GLU D 446 19.99 48.41 -3.93
CA GLU D 446 19.13 47.47 -4.65
C GLU D 446 18.46 48.06 -5.88
N PRO D 447 17.86 49.25 -5.85
CA PRO D 447 17.16 49.72 -7.05
C PRO D 447 18.06 49.86 -8.27
N ILE D 448 19.21 50.51 -8.12
CA ILE D 448 20.10 50.71 -9.26
C ILE D 448 20.63 49.38 -9.78
N ARG D 449 21.00 48.48 -8.87
CA ARG D 449 21.51 47.17 -9.28
C ARG D 449 20.44 46.40 -10.03
N GLN D 450 19.21 46.42 -9.53
CA GLN D 450 18.12 45.71 -10.19
C GLN D 450 17.84 46.29 -11.58
N ILE D 451 17.86 47.63 -11.69
CA ILE D 451 17.64 48.26 -12.98
C ILE D 451 18.73 47.86 -13.96
N ALA D 452 19.98 47.85 -13.51
CA ALA D 452 21.09 47.46 -14.38
C ALA D 452 20.94 46.01 -14.81
N GLU D 453 20.54 45.13 -13.90
CA GLU D 453 20.37 43.73 -14.26
C GLU D 453 19.24 43.54 -15.26
N ASN D 454 18.15 44.29 -15.10
CA ASN D 454 17.04 44.16 -16.04
C ASN D 454 17.45 44.54 -17.44
N ALA D 455 18.37 45.48 -17.59
CA ALA D 455 18.88 45.88 -18.90
C ALA D 455 20.00 44.98 -19.38
N GLY D 456 20.39 43.97 -18.59
CA GLY D 456 21.41 43.04 -18.98
C GLY D 456 22.82 43.41 -18.55
N TYR D 457 23.01 44.58 -17.97
CA TYR D 457 24.32 44.99 -17.47
C TYR D 457 24.56 44.42 -16.09
N GLU D 458 25.82 44.18 -15.77
CA GLU D 458 26.18 43.65 -14.46
C GLU D 458 25.92 44.69 -13.39
N GLY D 459 25.14 44.32 -12.37
CA GLY D 459 24.77 45.29 -11.34
C GLY D 459 25.95 45.75 -10.51
N SER D 460 26.82 44.82 -10.12
CA SER D 460 27.93 45.17 -9.24
C SER D 460 28.87 46.16 -9.92
N VAL D 461 29.16 45.97 -11.21
CA VAL D 461 30.02 46.88 -11.93
C VAL D 461 29.40 48.27 -11.95
N ILE D 462 28.10 48.36 -12.23
CA ILE D 462 27.44 49.66 -12.27
C ILE D 462 27.50 50.34 -10.91
N VAL D 463 27.25 49.58 -9.84
CA VAL D 463 27.28 50.17 -8.51
C VAL D 463 28.67 50.70 -8.19
N ASP D 464 29.69 49.88 -8.46
CA ASP D 464 31.06 50.28 -8.14
C ASP D 464 31.47 51.52 -8.93
N LYS D 465 31.13 51.56 -10.22
CA LYS D 465 31.49 52.72 -11.02
C LYS D 465 30.73 53.96 -10.56
N LEU D 466 29.45 53.79 -10.22
CA LEU D 466 28.65 54.94 -9.80
C LEU D 466 29.17 55.52 -8.49
N LYS D 467 29.67 54.65 -7.60
CA LYS D 467 30.20 55.15 -6.33
C LYS D 467 31.45 56.01 -6.51
N ASN D 468 32.06 55.98 -7.69
CA ASN D 468 33.33 56.67 -7.91
C ASN D 468 33.26 57.73 -8.99
N VAL D 469 32.06 58.11 -9.43
CA VAL D 469 31.90 59.17 -10.41
C VAL D 469 31.41 60.43 -9.71
N GLU D 470 31.47 61.55 -10.43
CA GLU D 470 31.03 62.83 -9.88
C GLU D 470 29.54 62.83 -9.62
N LEU D 471 29.13 63.55 -8.57
CA LEU D 471 27.72 63.71 -8.28
C LEU D 471 27.00 64.37 -9.45
N GLY D 472 25.79 63.91 -9.73
CA GLY D 472 25.01 64.39 -10.85
C GLY D 472 25.15 63.57 -12.11
N THR D 473 26.12 62.66 -12.15
CA THR D 473 26.31 61.76 -13.28
C THR D 473 26.00 60.35 -12.84
N GLY D 474 25.07 59.70 -13.52
CA GLY D 474 24.70 58.34 -13.18
C GLY D 474 24.74 57.41 -14.36
N PHE D 475 23.93 56.36 -14.35
CA PHE D 475 23.90 55.37 -15.41
C PHE D 475 22.57 55.45 -16.14
N ASN D 476 22.64 55.63 -17.46
CA ASN D 476 21.45 55.64 -18.31
C ASN D 476 21.16 54.19 -18.72
N ALA D 477 20.15 53.59 -18.11
CA ALA D 477 19.83 52.21 -18.42
C ALA D 477 19.35 52.05 -19.86
N ALA D 478 18.73 53.08 -20.42
CA ALA D 478 18.22 52.99 -21.78
C ALA D 478 19.35 52.82 -22.79
N THR D 479 20.47 53.51 -22.59
CA THR D 479 21.56 53.50 -23.54
C THR D 479 22.82 52.82 -23.04
N GLY D 480 22.95 52.61 -21.73
CA GLY D 480 24.17 52.05 -21.20
C GLY D 480 25.33 53.02 -21.16
N GLU D 481 25.06 54.32 -21.23
CA GLU D 481 26.11 55.34 -21.23
C GLU D 481 26.01 56.19 -19.97
N TRP D 482 27.16 56.56 -19.44
CA TRP D 482 27.25 57.36 -18.23
C TRP D 482 27.18 58.82 -18.62
N VAL D 483 26.03 59.45 -18.39
CA VAL D 483 25.79 60.83 -18.76
C VAL D 483 25.20 61.56 -17.56
N ASN D 484 24.97 62.87 -17.74
CA ASN D 484 24.35 63.68 -16.71
C ASN D 484 22.84 63.44 -16.75
N MET D 485 22.31 62.87 -15.66
CA MET D 485 20.88 62.56 -15.62
C MET D 485 20.04 63.83 -15.72
N VAL D 486 20.47 64.90 -15.05
CA VAL D 486 19.73 66.16 -15.14
C VAL D 486 19.71 66.66 -16.59
N GLU D 487 20.86 66.60 -17.26
CA GLU D 487 20.92 67.01 -18.66
C GLU D 487 20.15 66.02 -19.55
N ALA D 488 20.21 64.73 -19.23
CA ALA D 488 19.54 63.71 -20.02
C ALA D 488 18.07 63.56 -19.67
N GLY D 489 17.57 64.28 -18.67
CA GLY D 489 16.17 64.22 -18.33
C GLY D 489 15.76 63.04 -17.48
N ILE D 490 16.72 62.24 -16.99
CA ILE D 490 16.39 61.10 -16.12
C ILE D 490 16.34 61.65 -14.71
N VAL D 491 15.17 62.19 -14.36
CA VAL D 491 14.98 62.87 -13.09
C VAL D 491 13.71 62.34 -12.43
N ASP D 492 13.76 62.21 -11.10
CA ASP D 492 12.65 61.73 -10.32
C ASP D 492 12.35 62.69 -9.18
N PRO D 493 11.08 62.82 -8.80
CA PRO D 493 10.73 63.73 -7.70
C PRO D 493 11.36 63.29 -6.38
N THR D 494 11.77 64.27 -5.59
CA THR D 494 12.35 63.97 -4.29
C THR D 494 11.32 63.30 -3.39
N LYS D 495 10.08 63.77 -3.45
CA LYS D 495 9.04 63.24 -2.58
C LYS D 495 8.82 61.75 -2.80
N VAL D 496 8.82 61.31 -4.06
CA VAL D 496 8.56 59.90 -4.34
C VAL D 496 9.63 59.04 -3.68
N THR D 497 10.90 59.37 -3.91
CA THR D 497 11.98 58.56 -3.36
C THR D 497 11.96 58.58 -1.83
N ARG D 498 11.79 59.77 -1.24
CA ARG D 498 11.82 59.83 0.21
C ARG D 498 10.64 59.09 0.83
N SER D 499 9.45 59.18 0.22
CA SER D 499 8.30 58.47 0.74
C SER D 499 8.48 56.96 0.63
N ALA D 500 9.02 56.50 -0.52
CA ALA D 500 9.28 55.07 -0.67
C ALA D 500 10.26 54.59 0.39
N LEU D 501 11.34 55.34 0.61
CA LEU D 501 12.32 54.94 1.59
C LEU D 501 11.72 54.90 2.99
N GLN D 502 10.95 55.93 3.35
CA GLN D 502 10.35 55.97 4.69
C GLN D 502 9.40 54.81 4.90
N ASN D 503 8.53 54.55 3.93
CA ASN D 503 7.57 53.45 4.07
C ASN D 503 8.28 52.11 4.18
N ALA D 504 9.27 51.88 3.31
CA ALA D 504 10.00 50.62 3.35
C ALA D 504 10.69 50.44 4.69
N ALA D 505 11.36 51.49 5.18
CA ALA D 505 12.06 51.37 6.44
C ALA D 505 11.10 51.10 7.60
N SER D 506 9.99 51.83 7.66
CA SER D 506 9.05 51.64 8.76
C SER D 506 8.48 50.23 8.75
N VAL D 507 8.06 49.75 7.58
CA VAL D 507 7.42 48.44 7.53
C VAL D 507 8.44 47.34 7.78
N SER D 508 9.67 47.51 7.28
CA SER D 508 10.71 46.53 7.58
C SER D 508 11.00 46.49 9.08
N ALA D 509 11.02 47.65 9.74
CA ALA D 509 11.22 47.66 11.18
C ALA D 509 10.09 46.93 11.89
N LEU D 510 8.84 47.16 11.46
CA LEU D 510 7.72 46.47 12.08
C LEU D 510 7.81 44.96 11.88
N LEU D 511 8.19 44.53 10.68
CA LEU D 511 8.22 43.10 10.39
C LEU D 511 9.37 42.41 11.12
N LEU D 512 10.53 43.07 11.21
CA LEU D 512 11.68 42.44 11.85
C LEU D 512 11.44 42.14 13.32
N THR D 513 10.57 42.91 13.96
CA THR D 513 10.30 42.69 15.38
C THR D 513 9.21 41.66 15.63
N THR D 514 8.60 41.11 14.58
CA THR D 514 7.56 40.12 14.75
C THR D 514 8.14 38.82 15.34
N GLU D 515 7.40 38.23 16.27
CA GLU D 515 7.83 37.01 16.93
C GLU D 515 6.77 35.91 16.90
N ALA D 516 5.50 36.28 16.79
CA ALA D 516 4.42 35.30 16.75
C ALA D 516 3.39 35.75 15.74
N VAL D 517 2.92 34.81 14.92
CA VAL D 517 1.95 35.08 13.87
C VAL D 517 0.73 34.22 14.11
N VAL D 518 -0.44 34.86 14.12
CA VAL D 518 -1.71 34.17 14.28
C VAL D 518 -2.40 34.18 12.93
N ALA D 519 -2.63 33.01 12.36
CA ALA D 519 -3.21 32.89 11.02
C ALA D 519 -4.33 31.86 11.03
N ASP D 520 -5.28 32.05 10.13
CA ASP D 520 -6.38 31.10 9.99
C ASP D 520 -5.89 29.81 9.36
N LYS D 521 -6.24 28.69 9.96
CA LYS D 521 -5.80 27.40 9.45
C LYS D 521 -6.53 27.08 8.15
N PRO D 522 -5.84 26.61 7.12
CA PRO D 522 -6.52 26.22 5.89
C PRO D 522 -7.54 25.12 6.16
N GLU D 523 -8.70 25.26 5.54
CA GLU D 523 -9.77 24.31 5.77
C GLU D 523 -9.57 23.06 4.92
N PRO D 524 -9.52 21.86 5.52
CA PRO D 524 -9.33 20.61 4.79
C PRO D 524 -10.56 20.24 3.97
N MET E 1 18.95 -22.93 -19.96
CA MET E 1 17.99 -22.40 -19.00
C MET E 1 16.63 -22.16 -19.66
N ALA E 2 15.67 -21.66 -18.87
CA ALA E 2 14.31 -21.51 -19.36
C ALA E 2 14.25 -20.58 -20.57
N LYS E 3 13.42 -20.94 -21.53
CA LYS E 3 13.29 -20.17 -22.76
C LYS E 3 12.19 -19.12 -22.61
N GLU E 4 12.20 -18.16 -23.53
CA GLU E 4 11.29 -17.02 -23.50
C GLU E 4 10.62 -16.92 -24.88
N LEU E 5 10.05 -18.04 -25.33
CA LEU E 5 9.41 -18.15 -26.63
C LEU E 5 8.51 -16.96 -26.92
N LYS E 6 8.74 -16.32 -28.07
CA LYS E 6 8.01 -15.12 -28.47
C LYS E 6 7.89 -15.08 -29.98
N PHE E 7 6.72 -14.70 -30.47
CA PHE E 7 6.45 -14.78 -31.91
C PHE E 7 5.99 -13.44 -32.48
N ALA E 8 5.53 -13.48 -33.73
CA ALA E 8 4.87 -12.37 -34.39
C ALA E 8 5.75 -11.12 -34.47
N GLU E 9 5.13 -9.96 -34.33
CA GLU E 9 5.79 -8.69 -34.63
C GLU E 9 6.60 -8.13 -33.48
N ASP E 10 6.15 -8.29 -32.24
CA ASP E 10 6.85 -7.67 -31.12
C ASP E 10 8.22 -8.31 -30.90
N ALA E 11 8.40 -9.56 -31.34
CA ALA E 11 9.75 -10.11 -31.41
C ALA E 11 10.60 -9.32 -32.40
N ARG E 12 10.05 -9.06 -33.59
CA ARG E 12 10.74 -8.20 -34.53
C ARG E 12 10.89 -6.79 -33.99
N ALA E 13 9.94 -6.34 -33.15
CA ALA E 13 10.11 -5.03 -32.52
C ALA E 13 11.32 -5.01 -31.61
N ALA E 14 11.52 -6.07 -30.82
CA ALA E 14 12.70 -6.13 -29.96
C ALA E 14 13.98 -6.20 -30.78
N MET E 15 13.97 -7.00 -31.85
CA MET E 15 15.16 -7.07 -32.70
C MET E 15 15.46 -5.72 -33.33
N LEU E 16 14.42 -5.01 -33.78
CA LEU E 16 14.60 -3.68 -34.35
C LEU E 16 15.15 -2.71 -33.31
N ARG E 17 14.66 -2.81 -32.07
CA ARG E 17 15.18 -1.93 -31.02
C ARG E 17 16.66 -2.17 -30.80
N GLY E 18 17.08 -3.44 -30.74
CA GLY E 18 18.49 -3.73 -30.58
C GLY E 18 19.33 -3.21 -31.73
N VAL E 19 18.86 -3.45 -32.96
CA VAL E 19 19.59 -2.99 -34.13
C VAL E 19 19.66 -1.47 -34.14
N ASP E 20 18.59 -0.79 -33.75
CA ASP E 20 18.59 0.66 -33.70
C ASP E 20 19.57 1.19 -32.67
N LYS E 21 19.64 0.55 -31.50
CA LYS E 21 20.61 0.97 -30.50
C LYS E 21 22.03 0.83 -31.04
N LEU E 22 22.34 -0.31 -31.65
CA LEU E 22 23.69 -0.51 -32.18
C LEU E 22 24.00 0.49 -33.29
N ALA E 23 23.04 0.73 -34.18
CA ALA E 23 23.26 1.64 -35.29
C ALA E 23 23.42 3.08 -34.81
N ASP E 24 22.63 3.48 -33.81
CA ASP E 24 22.78 4.83 -33.27
C ASP E 24 24.11 4.99 -32.56
N THR E 25 24.63 3.93 -31.95
CA THR E 25 25.95 4.03 -31.35
C THR E 25 27.05 4.09 -32.41
N VAL E 26 26.88 3.38 -33.51
CA VAL E 26 27.97 3.26 -34.49
C VAL E 26 27.99 4.42 -35.48
N LYS E 27 26.84 4.75 -36.07
CA LYS E 27 26.81 5.59 -37.26
C LYS E 27 27.32 7.00 -37.02
N VAL E 28 27.36 7.47 -35.78
CA VAL E 28 27.81 8.83 -35.54
C VAL E 28 29.28 9.02 -35.89
N THR E 29 30.03 7.93 -36.02
CA THR E 29 31.43 8.01 -36.42
C THR E 29 31.62 7.98 -37.93
N LEU E 30 30.54 7.83 -38.69
CA LEU E 30 30.66 7.71 -40.13
C LEU E 30 31.11 9.03 -40.75
N GLY E 31 31.91 8.93 -41.80
CA GLY E 31 32.33 10.09 -42.55
C GLY E 31 33.60 10.72 -41.99
N PRO E 32 34.25 11.56 -42.80
CA PRO E 32 35.46 12.25 -42.31
C PRO E 32 35.20 13.13 -41.12
N LYS E 33 34.01 13.75 -41.04
CA LYS E 33 33.65 14.61 -39.92
C LYS E 33 32.94 13.85 -38.81
N GLY E 34 33.20 12.55 -38.67
CA GLY E 34 32.54 11.79 -37.64
C GLY E 34 32.87 12.28 -36.25
N ARG E 35 31.91 12.12 -35.35
CA ARG E 35 32.09 12.56 -33.97
C ARG E 35 32.48 11.37 -33.09
N ASN E 36 33.16 11.68 -31.99
CA ASN E 36 33.76 10.68 -31.14
C ASN E 36 32.74 10.13 -30.14
N VAL E 37 33.02 8.91 -29.67
CA VAL E 37 32.17 8.20 -28.73
C VAL E 37 33.02 7.78 -27.55
N VAL E 38 32.42 7.70 -26.37
CA VAL E 38 33.12 7.35 -25.14
C VAL E 38 32.80 5.90 -24.80
N LEU E 39 33.84 5.11 -24.55
CA LEU E 39 33.71 3.71 -24.16
C LEU E 39 34.32 3.52 -22.78
N GLU E 40 33.73 2.64 -21.99
CA GLU E 40 34.22 2.35 -20.65
C GLU E 40 35.25 1.24 -20.68
N LYS E 41 36.19 1.29 -19.74
CA LYS E 41 37.19 0.26 -19.57
C LYS E 41 37.28 -0.13 -18.11
N SER E 42 37.62 -1.40 -17.86
CA SER E 42 37.70 -1.88 -16.48
C SER E 42 38.81 -1.17 -15.72
N TYR E 43 39.97 -0.99 -16.34
CA TYR E 43 41.10 -0.32 -15.73
C TYR E 43 41.59 0.81 -16.62
N GLY E 44 42.15 1.84 -16.00
CA GLY E 44 42.68 2.96 -16.73
C GLY E 44 41.60 3.94 -17.14
N SER E 45 42.04 5.01 -17.78
CA SER E 45 41.12 6.04 -18.25
C SER E 45 40.24 5.47 -19.36
N PRO E 46 39.00 5.94 -19.46
CA PRO E 46 38.13 5.49 -20.56
C PRO E 46 38.68 5.90 -21.91
N LEU E 47 38.42 5.05 -22.90
CA LEU E 47 38.91 5.27 -24.25
C LEU E 47 37.86 5.98 -25.07
N ILE E 48 38.26 7.09 -25.71
CA ILE E 48 37.39 7.85 -26.60
C ILE E 48 37.88 7.63 -28.02
N THR E 49 36.99 7.19 -28.90
CA THR E 49 37.39 6.87 -30.26
C THR E 49 36.21 7.06 -31.20
N ASN E 50 36.54 7.14 -32.49
CA ASN E 50 35.56 7.16 -33.57
C ASN E 50 35.75 5.96 -34.50
N ASP E 51 36.43 4.93 -34.03
CA ASP E 51 36.64 3.71 -34.81
C ASP E 51 35.41 2.82 -34.65
N GLY E 52 34.71 2.58 -35.77
CA GLY E 52 33.43 1.91 -35.69
C GLY E 52 33.52 0.48 -35.20
N VAL E 53 34.51 -0.27 -35.71
CA VAL E 53 34.58 -1.70 -35.42
C VAL E 53 34.80 -1.94 -33.94
N THR E 54 35.67 -1.14 -33.31
CA THR E 54 35.93 -1.30 -31.88
C THR E 54 34.66 -1.04 -31.07
N ILE E 55 33.94 0.02 -31.41
CA ILE E 55 32.71 0.36 -30.68
C ILE E 55 31.69 -0.76 -30.84
N ALA E 56 31.54 -1.27 -32.06
CA ALA E 56 30.60 -2.37 -32.27
C ALA E 56 31.00 -3.60 -31.47
N LYS E 57 32.31 -3.86 -31.39
CA LYS E 57 32.78 -5.00 -30.60
C LYS E 57 32.44 -4.82 -29.12
N GLU E 58 32.55 -3.58 -28.62
CA GLU E 58 32.36 -3.35 -27.19
C GLU E 58 30.90 -3.33 -26.75
N ILE E 59 29.95 -3.36 -27.68
CA ILE E 59 28.55 -3.22 -27.34
C ILE E 59 27.99 -4.55 -26.88
N GLU E 60 27.22 -4.53 -25.79
CA GLU E 60 26.56 -5.72 -25.27
C GLU E 60 25.35 -5.25 -24.45
N LEU E 61 24.16 -5.62 -24.90
CA LEU E 61 22.92 -5.14 -24.30
C LEU E 61 22.38 -6.14 -23.30
N GLU E 62 21.72 -5.63 -22.26
CA GLU E 62 21.17 -6.50 -21.22
C GLU E 62 19.97 -7.28 -21.73
N ASP E 63 19.06 -6.61 -22.44
CA ASP E 63 17.90 -7.29 -23.00
C ASP E 63 18.34 -8.38 -23.95
N HIS E 64 17.78 -9.57 -23.78
CA HIS E 64 18.28 -10.73 -24.53
C HIS E 64 18.00 -10.62 -26.02
N PHE E 65 16.83 -10.11 -26.40
CA PHE E 65 16.52 -9.99 -27.83
C PHE E 65 17.27 -8.83 -28.47
N GLU E 66 17.40 -7.72 -27.75
CA GLU E 66 18.20 -6.62 -28.28
C GLU E 66 19.67 -7.02 -28.38
N ASN E 67 20.17 -7.77 -27.38
CA ASN E 67 21.51 -8.33 -27.50
C ASN E 67 21.60 -9.28 -28.68
N MET E 68 20.50 -9.98 -28.97
CA MET E 68 20.44 -10.85 -30.12
C MET E 68 20.69 -10.08 -31.42
N GLY E 69 19.92 -9.01 -31.61
CA GLY E 69 20.07 -8.21 -32.81
C GLY E 69 21.43 -7.56 -32.92
N ALA E 70 21.96 -7.08 -31.79
CA ALA E 70 23.29 -6.49 -31.78
C ALA E 70 24.35 -7.50 -32.19
N LYS E 71 24.29 -8.72 -31.65
CA LYS E 71 25.27 -9.73 -32.01
C LYS E 71 25.14 -10.09 -33.48
N LEU E 72 23.91 -10.17 -34.01
CA LEU E 72 23.74 -10.44 -35.43
C LEU E 72 24.45 -9.39 -36.28
N VAL E 73 24.15 -8.12 -36.03
CA VAL E 73 24.76 -7.07 -36.86
C VAL E 73 26.28 -7.03 -36.67
N SER E 74 26.75 -7.30 -35.46
CA SER E 74 28.20 -7.33 -35.23
C SER E 74 28.86 -8.43 -36.05
N GLU E 75 28.27 -9.62 -36.09
CA GLU E 75 28.89 -10.67 -36.88
C GLU E 75 28.74 -10.40 -38.38
N VAL E 76 27.76 -9.59 -38.77
CA VAL E 76 27.73 -9.11 -40.15
C VAL E 76 28.96 -8.25 -40.42
N ALA E 77 29.21 -7.28 -39.56
CA ALA E 77 30.33 -6.36 -39.76
C ALA E 77 31.66 -7.12 -39.72
N SER E 78 31.67 -8.26 -39.01
CA SER E 78 32.85 -9.11 -38.99
C SER E 78 33.22 -9.60 -40.37
N LYS E 79 32.22 -9.91 -41.21
CA LYS E 79 32.49 -10.40 -42.54
C LYS E 79 33.11 -9.34 -43.44
N THR E 80 33.09 -8.08 -43.02
CA THR E 80 33.51 -6.98 -43.88
C THR E 80 34.74 -6.23 -43.37
N ASN E 81 34.97 -6.21 -42.05
CA ASN E 81 36.06 -5.38 -41.52
C ASN E 81 37.43 -5.90 -41.98
N ASP E 82 37.48 -7.11 -42.52
CA ASP E 82 38.75 -7.68 -42.96
C ASP E 82 39.44 -6.77 -43.98
N ILE E 83 38.67 -6.28 -44.95
CA ILE E 83 39.23 -5.37 -45.94
C ILE E 83 39.03 -3.93 -45.49
N ALA E 84 40.07 -3.11 -45.63
CA ALA E 84 40.09 -1.74 -45.14
C ALA E 84 39.65 -1.65 -43.69
N GLY E 85 39.04 -0.52 -43.31
CA GLY E 85 38.57 -0.34 -41.96
C GLY E 85 37.27 0.43 -41.85
N ASP E 86 36.63 0.70 -42.99
CA ASP E 86 35.40 1.47 -43.01
C ASP E 86 34.17 0.69 -43.43
N GLY E 87 34.35 -0.47 -44.07
CA GLY E 87 33.21 -1.28 -44.46
C GLY E 87 32.43 -1.89 -43.33
N THR E 88 32.95 -1.80 -42.11
CA THR E 88 32.26 -2.32 -40.93
C THR E 88 31.20 -1.36 -40.40
N THR E 89 31.11 -0.15 -40.95
CA THR E 89 30.15 0.85 -40.50
C THR E 89 29.03 1.07 -41.52
N THR E 90 29.37 1.15 -42.81
CA THR E 90 28.35 1.38 -43.83
C THR E 90 27.32 0.25 -43.82
N ALA E 91 27.80 -0.99 -43.66
CA ALA E 91 26.90 -2.14 -43.62
C ALA E 91 25.88 -1.99 -42.50
N THR E 92 26.31 -1.53 -41.33
CA THR E 92 25.39 -1.37 -40.21
C THR E 92 24.31 -0.35 -40.52
N VAL E 93 24.69 0.79 -41.10
CA VAL E 93 23.72 1.83 -41.41
C VAL E 93 22.70 1.33 -42.42
N LEU E 94 23.19 0.70 -43.48
CA LEU E 94 22.28 0.17 -44.50
C LEU E 94 21.36 -0.89 -43.92
N THR E 95 21.91 -1.76 -43.07
CA THR E 95 21.08 -2.79 -42.45
C THR E 95 19.99 -2.16 -41.60
N GLN E 96 20.33 -1.15 -40.80
CA GLN E 96 19.32 -0.50 -39.97
C GLN E 96 18.22 0.09 -40.83
N ALA E 97 18.59 0.84 -41.88
CA ALA E 97 17.57 1.48 -42.70
C ALA E 97 16.66 0.45 -43.36
N ILE E 98 17.26 -0.56 -44.00
CA ILE E 98 16.48 -1.55 -44.70
C ILE E 98 15.56 -2.29 -43.73
N VAL E 99 16.09 -2.68 -42.57
CA VAL E 99 15.29 -3.43 -41.61
C VAL E 99 14.11 -2.59 -41.13
N ARG E 100 14.36 -1.33 -40.80
CA ARG E 100 13.30 -0.47 -40.29
C ARG E 100 12.18 -0.32 -41.31
N GLU E 101 12.53 0.07 -42.54
CA GLU E 101 11.50 0.34 -43.53
C GLU E 101 10.79 -0.95 -43.96
N GLY E 102 11.54 -2.05 -44.06
CA GLY E 102 10.91 -3.31 -44.43
C GLY E 102 9.97 -3.81 -43.36
N LEU E 103 10.35 -3.67 -42.10
CA LEU E 103 9.45 -4.05 -41.01
C LEU E 103 8.19 -3.21 -41.03
N LYS E 104 8.33 -1.90 -41.27
CA LYS E 104 7.17 -1.04 -41.34
C LYS E 104 6.25 -1.46 -42.48
N ASN E 105 6.82 -1.82 -43.63
CA ASN E 105 5.99 -2.28 -44.74
C ASN E 105 5.32 -3.62 -44.43
N VAL E 106 6.05 -4.55 -43.81
CA VAL E 106 5.50 -5.86 -43.52
C VAL E 106 4.36 -5.76 -42.52
N THR E 107 4.44 -4.79 -41.60
CA THR E 107 3.38 -4.61 -40.62
C THR E 107 2.03 -4.36 -41.30
N ALA E 108 2.04 -3.81 -42.51
CA ALA E 108 0.84 -3.53 -43.27
C ALA E 108 0.61 -4.53 -44.40
N GLY E 109 0.96 -5.79 -44.18
CA GLY E 109 0.81 -6.81 -45.22
C GLY E 109 2.10 -7.06 -45.97
N ALA E 110 2.01 -7.28 -47.28
CA ALA E 110 3.19 -7.42 -48.12
C ALA E 110 4.10 -8.55 -47.62
N ASN E 111 3.66 -9.81 -47.81
CA ASN E 111 4.34 -10.99 -47.30
C ASN E 111 5.86 -10.91 -47.45
N PRO E 112 6.61 -11.29 -46.42
CA PRO E 112 8.05 -10.99 -46.42
C PRO E 112 8.82 -11.64 -47.55
N LEU E 113 8.32 -12.74 -48.11
CA LEU E 113 9.06 -13.41 -49.18
C LEU E 113 9.22 -12.51 -50.39
N GLY E 114 8.17 -11.80 -50.78
CA GLY E 114 8.27 -10.86 -51.88
C GLY E 114 9.27 -9.75 -51.60
N ILE E 115 9.28 -9.24 -50.37
CA ILE E 115 10.23 -8.20 -50.01
C ILE E 115 11.66 -8.72 -50.11
N ARG E 116 11.89 -9.95 -49.63
CA ARG E 116 13.22 -10.52 -49.71
C ARG E 116 13.66 -10.71 -51.16
N ARG E 117 12.75 -11.19 -52.01
CA ARG E 117 13.08 -11.37 -53.42
C ARG E 117 13.41 -10.04 -54.08
N GLY E 118 12.61 -9.01 -53.81
CA GLY E 118 12.88 -7.71 -54.37
C GLY E 118 14.20 -7.12 -53.88
N ILE E 119 14.49 -7.29 -52.60
CA ILE E 119 15.76 -6.80 -52.05
C ILE E 119 16.93 -7.50 -52.73
N GLU E 120 16.83 -8.82 -52.90
CA GLU E 120 17.91 -9.55 -53.55
C GLU E 120 18.09 -9.09 -54.98
N LEU E 121 17.00 -8.90 -55.72
CA LEU E 121 17.12 -8.44 -57.10
C LEU E 121 17.75 -7.05 -57.17
N ALA E 122 17.30 -6.14 -56.31
CA ALA E 122 17.85 -4.79 -56.32
C ALA E 122 19.33 -4.80 -55.97
N THR E 123 19.72 -5.60 -54.98
CA THR E 123 21.13 -5.66 -54.59
C THR E 123 21.98 -6.26 -55.71
N LYS E 124 21.47 -7.29 -56.38
CA LYS E 124 22.20 -7.86 -57.51
C LYS E 124 22.39 -6.83 -58.61
N ALA E 125 21.34 -6.09 -58.93
CA ALA E 125 21.46 -5.05 -59.95
C ALA E 125 22.44 -3.97 -59.52
N ALA E 126 22.42 -3.59 -58.25
CA ALA E 126 23.33 -2.56 -57.76
C ALA E 126 24.78 -3.02 -57.83
N VAL E 127 25.04 -4.28 -57.47
CA VAL E 127 26.41 -4.80 -57.57
C VAL E 127 26.85 -4.84 -59.02
N GLU E 128 25.95 -5.25 -59.93
CA GLU E 128 26.27 -5.23 -61.34
C GLU E 128 26.63 -3.83 -61.81
N GLU E 129 25.85 -2.83 -61.39
CA GLU E 129 26.14 -1.45 -61.77
C GLU E 129 27.47 -0.97 -61.21
N LEU E 130 27.76 -1.32 -59.95
CA LEU E 130 29.03 -0.91 -59.36
C LEU E 130 30.20 -1.49 -60.11
N HIS E 131 30.12 -2.77 -60.48
CA HIS E 131 31.14 -3.35 -61.33
C HIS E 131 31.17 -2.70 -62.71
N ASN E 132 30.04 -2.14 -63.15
CA ASN E 132 29.99 -1.47 -64.45
C ASN E 132 30.73 -0.15 -64.41
N ILE E 133 30.27 0.78 -63.56
CA ILE E 133 30.92 2.09 -63.46
C ILE E 133 31.99 2.01 -62.39
N SER E 134 33.24 2.19 -62.80
CA SER E 134 34.38 2.15 -61.89
C SER E 134 35.61 2.58 -62.66
N THR E 135 36.62 3.04 -61.93
CA THR E 135 37.92 3.36 -62.50
C THR E 135 38.82 2.15 -62.31
N VAL E 136 39.00 1.38 -63.39
CA VAL E 136 39.80 0.17 -63.29
C VAL E 136 41.24 0.54 -62.99
N VAL E 137 41.75 0.05 -61.86
CA VAL E 137 43.12 0.33 -61.45
C VAL E 137 43.98 -0.89 -61.74
N ASP E 138 44.63 -0.88 -62.91
CA ASP E 138 45.53 -1.95 -63.30
C ASP E 138 46.89 -1.46 -63.77
N SER E 139 47.01 -0.21 -64.19
CA SER E 139 48.30 0.33 -64.58
C SER E 139 49.23 0.43 -63.38
N LYS E 140 50.53 0.29 -63.63
CA LYS E 140 51.51 0.38 -62.56
C LYS E 140 51.50 1.77 -61.91
N GLU E 141 51.38 2.81 -62.74
CA GLU E 141 51.35 4.17 -62.19
C GLU E 141 50.12 4.39 -61.33
N ALA E 142 48.96 3.89 -61.78
CA ALA E 142 47.74 4.02 -60.99
C ALA E 142 47.86 3.24 -59.67
N ILE E 143 48.46 2.05 -59.74
CA ILE E 143 48.65 1.25 -58.52
C ILE E 143 49.57 1.99 -57.54
N ALA E 144 50.65 2.59 -58.06
CA ALA E 144 51.54 3.35 -57.22
C ALA E 144 50.84 4.55 -56.59
N GLN E 145 50.00 5.23 -57.38
CA GLN E 145 49.27 6.37 -56.84
C GLN E 145 48.30 5.92 -55.75
N VAL E 146 47.62 4.80 -55.95
CA VAL E 146 46.69 4.29 -54.95
C VAL E 146 47.45 3.93 -53.68
N ALA E 147 48.64 3.34 -53.83
CA ALA E 147 49.49 3.11 -52.67
C ALA E 147 49.96 4.43 -52.06
N ALA E 148 49.93 5.50 -52.85
CA ALA E 148 50.38 6.80 -52.37
C ALA E 148 49.26 7.59 -51.70
N VAL E 149 48.08 6.99 -51.55
CA VAL E 149 46.97 7.66 -50.90
C VAL E 149 46.49 6.78 -49.76
N SER E 150 45.35 7.14 -49.16
CA SER E 150 44.95 6.73 -47.82
C SER E 150 45.87 7.42 -46.84
N SER E 151 46.66 6.67 -46.08
CA SER E 151 47.71 7.32 -45.31
C SER E 151 49.02 7.28 -46.09
N GLY E 152 49.56 6.07 -46.28
CA GLY E 152 50.63 5.78 -47.21
C GLY E 152 51.80 6.75 -47.25
N SER E 153 51.95 7.58 -46.20
CA SER E 153 52.81 8.75 -46.21
C SER E 153 53.03 9.27 -47.62
N ASP E 154 54.25 9.18 -48.10
CA ASP E 154 54.55 9.29 -49.52
C ASP E 154 55.44 8.16 -50.01
N LYS E 155 56.43 7.75 -49.22
CA LYS E 155 57.38 6.73 -49.66
C LYS E 155 56.71 5.37 -49.78
N VAL E 156 55.69 5.12 -48.97
CA VAL E 156 55.03 3.81 -48.98
C VAL E 156 54.44 3.51 -50.35
N GLY E 157 54.04 4.55 -51.08
CA GLY E 157 53.53 4.33 -52.42
C GLY E 157 54.56 3.70 -53.33
N HIS E 158 55.75 4.29 -53.39
CA HIS E 158 56.83 3.73 -54.19
C HIS E 158 57.26 2.37 -53.67
N LEU E 159 57.31 2.23 -52.34
CA LEU E 159 57.72 0.96 -51.75
C LEU E 159 56.78 -0.16 -52.16
N ILE E 160 55.48 0.09 -52.08
CA ILE E 160 54.49 -0.92 -52.45
C ILE E 160 54.54 -1.18 -53.96
N ALA E 161 54.73 -0.11 -54.75
CA ALA E 161 54.83 -0.29 -56.19
C ALA E 161 55.98 -1.23 -56.54
N ASP E 162 57.17 -0.97 -56.00
CA ASP E 162 58.29 -1.85 -56.25
C ASP E 162 58.05 -3.25 -55.71
N ALA E 163 57.43 -3.36 -54.53
CA ALA E 163 57.24 -4.66 -53.92
C ALA E 163 56.34 -5.54 -54.78
N MET E 164 55.15 -5.04 -55.14
CA MET E 164 54.23 -5.89 -55.88
C MET E 164 54.55 -5.90 -57.38
N GLU E 165 55.50 -5.08 -57.83
CA GLU E 165 56.08 -5.30 -59.13
C GLU E 165 57.08 -6.45 -59.10
N LYS E 166 57.84 -6.56 -58.02
CA LYS E 166 58.82 -7.64 -57.90
C LYS E 166 58.16 -8.98 -57.65
N VAL E 167 57.18 -9.03 -56.75
CA VAL E 167 56.54 -10.29 -56.37
C VAL E 167 55.23 -10.53 -57.09
N GLY E 168 54.77 -9.57 -57.89
CA GLY E 168 53.49 -9.69 -58.56
C GLY E 168 52.34 -9.20 -57.69
N ASN E 169 51.17 -9.11 -58.32
CA ASN E 169 49.99 -8.63 -57.61
C ASN E 169 49.60 -9.57 -56.48
N ASP E 170 49.68 -10.87 -56.71
CA ASP E 170 49.36 -11.86 -55.70
C ASP E 170 50.56 -12.28 -54.86
N GLY E 171 51.73 -11.70 -55.10
CA GLY E 171 52.90 -12.06 -54.34
C GLY E 171 52.79 -11.63 -52.89
N VAL E 172 53.50 -12.36 -52.04
CA VAL E 172 53.46 -12.14 -50.61
C VAL E 172 54.37 -10.98 -50.26
N ILE E 173 53.82 -9.99 -49.54
CA ILE E 173 54.56 -8.83 -49.09
C ILE E 173 54.49 -8.79 -47.57
N THR E 174 55.65 -8.71 -46.92
CA THR E 174 55.75 -8.72 -45.48
C THR E 174 56.34 -7.41 -44.98
N ILE E 175 55.94 -7.02 -43.78
CA ILE E 175 56.36 -5.77 -43.16
C ILE E 175 57.12 -6.10 -41.88
N GLU E 176 58.31 -5.53 -41.75
CA GLU E 176 59.16 -5.79 -40.59
C GLU E 176 59.71 -4.48 -40.05
N GLU E 177 60.18 -4.53 -38.81
CA GLU E 177 60.75 -3.36 -38.14
C GLU E 177 62.27 -3.41 -38.30
N SER E 178 62.81 -2.50 -39.10
CA SER E 178 64.26 -2.38 -39.25
C SER E 178 64.87 -1.73 -38.02
N LYS E 179 66.03 -2.23 -37.61
CA LYS E 179 66.73 -1.63 -36.48
C LYS E 179 67.31 -0.26 -36.82
N GLY E 180 67.43 0.07 -38.11
CA GLY E 180 67.90 1.36 -38.53
C GLY E 180 66.81 2.40 -38.52
N ILE E 181 67.14 3.57 -39.08
CA ILE E 181 66.18 4.67 -39.15
C ILE E 181 65.48 4.74 -40.50
N GLU E 182 65.90 3.92 -41.47
CA GLU E 182 65.35 3.96 -42.82
C GLU E 182 64.50 2.72 -43.07
N THR E 183 63.41 2.91 -43.82
CA THR E 183 62.57 1.80 -44.26
C THR E 183 63.10 1.25 -45.57
N GLU E 184 63.29 -0.06 -45.62
CA GLU E 184 63.89 -0.72 -46.78
C GLU E 184 63.01 -1.87 -47.24
N LEU E 185 63.06 -2.14 -48.54
CA LEU E 185 62.31 -3.22 -49.17
C LEU E 185 63.26 -4.32 -49.59
N ASP E 186 62.93 -5.56 -49.22
CA ASP E 186 63.77 -6.71 -49.54
C ASP E 186 62.89 -7.84 -50.09
N VAL E 187 63.43 -8.58 -51.05
CA VAL E 187 62.77 -9.74 -51.63
C VAL E 187 63.64 -10.96 -51.33
N VAL E 188 63.05 -11.94 -50.64
CA VAL E 188 63.75 -13.15 -50.24
C VAL E 188 62.93 -14.36 -50.62
N GLU E 189 63.51 -15.53 -50.38
CA GLU E 189 62.80 -16.79 -50.59
C GLU E 189 61.89 -17.06 -49.40
N GLY E 190 60.59 -17.20 -49.67
CA GLY E 190 59.61 -17.41 -48.64
C GLY E 190 58.45 -18.22 -49.19
N MET E 191 57.54 -18.59 -48.30
CA MET E 191 56.41 -19.42 -48.68
C MET E 191 55.22 -19.05 -47.81
N GLN E 192 54.10 -18.68 -48.43
CA GLN E 192 52.87 -18.47 -47.69
C GLN E 192 51.82 -19.42 -48.25
N PHE E 193 51.13 -20.14 -47.36
CA PHE E 193 50.09 -21.06 -47.76
C PHE E 193 48.88 -20.87 -46.85
N ASP E 194 47.70 -21.19 -47.39
CA ASP E 194 46.42 -20.95 -46.71
C ASP E 194 46.17 -22.04 -45.66
N ARG E 195 46.94 -21.95 -44.58
CA ARG E 195 46.76 -22.82 -43.42
C ARG E 195 47.01 -21.99 -42.17
N GLY E 196 45.95 -21.71 -41.41
CA GLY E 196 46.07 -20.95 -40.18
C GLY E 196 46.45 -21.85 -39.01
N TYR E 197 46.58 -21.21 -37.85
CA TYR E 197 46.87 -21.96 -36.63
C TYR E 197 45.72 -22.88 -36.26
N LEU E 198 46.04 -23.97 -35.59
CA LEU E 198 45.01 -24.91 -35.17
C LEU E 198 44.20 -24.38 -33.99
N SER E 199 44.73 -23.45 -33.22
CA SER E 199 43.99 -22.85 -32.12
C SER E 199 44.55 -21.46 -31.83
N GLN E 200 43.75 -20.65 -31.15
CA GLN E 200 44.12 -19.29 -30.82
C GLN E 200 45.04 -19.18 -29.61
N TYR E 201 45.30 -20.29 -28.91
CA TYR E 201 46.11 -20.25 -27.71
C TYR E 201 47.58 -20.00 -27.96
N MET E 202 48.11 -20.43 -29.11
CA MET E 202 49.50 -20.18 -29.45
C MET E 202 49.70 -18.89 -30.25
N VAL E 203 48.70 -18.01 -30.26
CA VAL E 203 48.84 -16.73 -30.92
C VAL E 203 49.83 -15.88 -30.15
N THR E 204 50.91 -15.47 -30.82
CA THR E 204 51.94 -14.67 -30.17
C THR E 204 51.56 -13.19 -30.09
N ASP E 205 50.93 -12.66 -31.13
CA ASP E 205 50.51 -11.26 -31.18
C ASP E 205 48.99 -11.23 -31.06
N ASN E 206 48.51 -10.96 -29.84
CA ASN E 206 47.07 -10.93 -29.61
C ASN E 206 46.41 -9.80 -30.38
N ASP E 207 47.05 -8.62 -30.43
CA ASP E 207 46.46 -7.49 -31.14
C ASP E 207 46.32 -7.79 -32.63
N LYS E 208 47.34 -8.39 -33.23
CA LYS E 208 47.30 -8.75 -34.64
C LYS E 208 46.73 -10.15 -34.88
N MET E 209 46.46 -10.91 -33.81
CA MET E 209 45.88 -12.25 -33.92
C MET E 209 46.87 -13.22 -34.56
N GLU E 210 47.98 -12.70 -35.06
CA GLU E 210 48.94 -13.51 -35.78
C GLU E 210 49.93 -14.17 -34.83
N ALA E 211 50.40 -15.34 -35.23
CA ALA E 211 51.45 -16.06 -34.51
C ALA E 211 52.78 -15.75 -35.17
N VAL E 212 53.71 -15.19 -34.39
CA VAL E 212 55.01 -14.73 -34.90
C VAL E 212 56.09 -15.58 -34.27
N LEU E 213 56.92 -16.22 -35.12
CA LEU E 213 58.04 -17.01 -34.66
C LEU E 213 59.31 -16.50 -35.33
N GLU E 214 60.37 -16.34 -34.53
CA GLU E 214 61.64 -15.82 -35.01
C GLU E 214 62.67 -16.95 -34.96
N ASN E 215 63.27 -17.23 -36.12
CA ASN E 215 64.21 -18.34 -36.27
C ASN E 215 63.66 -19.65 -35.66
N PRO E 216 62.52 -20.12 -36.12
CA PRO E 216 61.93 -21.32 -35.53
C PRO E 216 62.36 -22.59 -36.25
N TYR E 217 62.21 -23.71 -35.55
CA TYR E 217 62.37 -25.02 -36.16
C TYR E 217 61.06 -25.43 -36.82
N ILE E 218 61.16 -26.09 -37.96
CA ILE E 218 60.00 -26.42 -38.77
C ILE E 218 59.89 -27.94 -38.88
N LEU E 219 58.77 -28.48 -38.43
CA LEU E 219 58.47 -29.90 -38.57
C LEU E 219 57.58 -30.10 -39.78
N ILE E 220 58.05 -30.92 -40.73
CA ILE E 220 57.35 -31.15 -41.98
C ILE E 220 57.03 -32.64 -42.06
N THR E 221 55.73 -32.95 -42.14
CA THR E 221 55.30 -34.33 -42.20
C THR E 221 53.89 -34.39 -42.77
N ASP E 222 53.59 -35.51 -43.43
CA ASP E 222 52.25 -35.78 -43.93
C ASP E 222 51.42 -36.65 -43.01
N LYS E 223 52.01 -37.12 -41.91
CA LYS E 223 51.31 -38.00 -40.99
C LYS E 223 50.40 -37.21 -40.06
N LYS E 224 49.50 -37.93 -39.40
CA LYS E 224 48.60 -37.34 -38.42
C LYS E 224 49.19 -37.50 -37.03
N ILE E 225 49.28 -36.40 -36.30
CA ILE E 225 49.90 -36.37 -34.98
C ILE E 225 48.78 -36.30 -33.95
N SER E 226 48.40 -37.45 -33.40
CA SER E 226 47.41 -37.50 -32.33
C SER E 226 48.00 -37.87 -30.98
N ASN E 227 49.23 -38.35 -30.94
CA ASN E 227 49.90 -38.74 -29.71
C ASN E 227 51.09 -37.82 -29.47
N ILE E 228 51.18 -37.26 -28.26
CA ILE E 228 52.32 -36.43 -27.90
C ILE E 228 53.59 -37.27 -27.75
N GLN E 229 53.45 -38.57 -27.50
CA GLN E 229 54.62 -39.43 -27.32
C GLN E 229 55.45 -39.54 -28.59
N ASP E 230 54.82 -39.38 -29.76
CA ASP E 230 55.53 -39.53 -31.02
C ASP E 230 56.57 -38.44 -31.23
N ILE E 231 56.48 -37.33 -30.49
CA ILE E 231 57.35 -36.18 -30.70
C ILE E 231 58.09 -35.77 -29.44
N LEU E 232 57.97 -36.54 -28.35
CA LEU E 232 58.64 -36.15 -27.10
C LEU E 232 60.14 -36.02 -27.22
N PRO E 233 60.89 -36.94 -27.85
CA PRO E 233 62.34 -36.71 -28.00
C PRO E 233 62.66 -35.44 -28.77
N LEU E 234 61.93 -35.17 -29.85
CA LEU E 234 62.16 -33.95 -30.60
C LEU E 234 61.77 -32.70 -29.80
N LEU E 235 60.69 -32.80 -29.02
CA LEU E 235 60.32 -31.70 -28.14
C LEU E 235 61.41 -31.41 -27.13
N GLU E 236 62.00 -32.46 -26.55
CA GLU E 236 63.10 -32.28 -25.60
C GLU E 236 64.32 -31.67 -26.29
N GLN E 237 64.62 -32.11 -27.51
CA GLN E 237 65.75 -31.55 -28.25
C GLN E 237 65.55 -30.05 -28.49
N ILE E 238 64.34 -29.67 -28.91
CA ILE E 238 64.05 -28.28 -29.21
C ILE E 238 64.06 -27.44 -27.93
N LEU E 239 63.55 -28.01 -26.83
CA LEU E 239 63.62 -27.33 -25.54
C LEU E 239 65.06 -27.09 -25.13
N GLN E 240 65.94 -28.07 -25.39
CA GLN E 240 67.36 -27.87 -25.17
C GLN E 240 67.89 -26.73 -26.04
N GLN E 241 67.45 -26.68 -27.30
CA GLN E 241 67.84 -25.59 -28.18
C GLN E 241 67.14 -24.28 -27.85
N SER E 242 66.01 -24.34 -27.11
CA SER E 242 65.26 -23.17 -26.70
C SER E 242 64.84 -22.31 -27.89
N ARG E 243 64.43 -22.94 -28.98
CA ARG E 243 63.99 -22.25 -30.18
C ARG E 243 62.51 -22.54 -30.45
N PRO E 244 61.81 -21.66 -31.15
CA PRO E 244 60.43 -21.95 -31.52
C PRO E 244 60.35 -23.11 -32.49
N LEU E 245 59.21 -23.81 -32.46
CA LEU E 245 58.98 -24.95 -33.34
C LEU E 245 57.72 -24.72 -34.14
N LEU E 246 57.82 -24.96 -35.45
CA LEU E 246 56.66 -24.96 -36.34
C LEU E 246 56.37 -26.39 -36.77
N ILE E 247 55.10 -26.77 -36.68
CA ILE E 247 54.67 -28.13 -37.02
C ILE E 247 53.74 -28.05 -38.22
N ILE E 248 54.10 -28.78 -39.28
CA ILE E 248 53.29 -28.88 -40.49
C ILE E 248 52.96 -30.36 -40.65
N ALA E 249 51.73 -30.74 -40.30
CA ALA E 249 51.29 -32.13 -40.37
C ALA E 249 49.92 -32.18 -41.02
N ASP E 250 49.47 -33.40 -41.31
CA ASP E 250 48.14 -33.60 -41.86
C ASP E 250 47.09 -33.11 -40.88
N ASP E 251 47.23 -33.46 -39.60
CA ASP E 251 46.32 -33.02 -38.57
C ASP E 251 46.93 -33.33 -37.21
N VAL E 252 46.85 -32.35 -36.30
CA VAL E 252 47.32 -32.51 -34.92
C VAL E 252 46.09 -32.41 -34.03
N ASP E 253 45.75 -33.52 -33.37
CA ASP E 253 44.55 -33.59 -32.56
C ASP E 253 44.78 -34.61 -31.45
N GLY E 254 43.71 -35.07 -30.82
CA GLY E 254 43.84 -36.08 -29.79
C GLY E 254 44.33 -35.47 -28.48
N GLU E 255 45.36 -36.09 -27.91
CA GLU E 255 45.97 -35.59 -26.69
C GLU E 255 47.19 -34.72 -26.94
N ALA E 256 47.83 -34.85 -28.11
CA ALA E 256 49.01 -34.05 -28.40
C ALA E 256 48.66 -32.57 -28.49
N LEU E 257 47.54 -32.25 -29.13
CA LEU E 257 47.15 -30.84 -29.28
C LEU E 257 46.90 -30.15 -27.96
N PRO E 258 46.08 -30.68 -27.03
CA PRO E 258 45.94 -30.02 -25.73
C PRO E 258 47.24 -29.93 -24.95
N THR E 259 48.09 -30.94 -25.06
CA THR E 259 49.38 -30.90 -24.37
C THR E 259 50.25 -29.75 -24.90
N LEU E 260 50.31 -29.60 -26.22
CA LEU E 260 51.07 -28.51 -26.81
C LEU E 260 50.46 -27.16 -26.45
N VAL E 261 49.12 -27.08 -26.42
CA VAL E 261 48.46 -25.83 -26.04
C VAL E 261 48.82 -25.46 -24.61
N LEU E 262 48.79 -26.43 -23.70
CA LEU E 262 49.14 -26.16 -22.31
C LEU E 262 50.60 -25.75 -22.18
N ASN E 263 51.49 -26.43 -22.92
CA ASN E 263 52.91 -26.06 -22.87
C ASN E 263 53.13 -24.64 -23.37
N LYS E 264 52.44 -24.26 -24.45
CA LYS E 264 52.58 -22.90 -24.98
C LYS E 264 52.02 -21.88 -24.01
N ILE E 265 50.88 -22.18 -23.38
CA ILE E 265 50.31 -21.26 -22.40
C ILE E 265 51.26 -21.07 -21.23
N ARG E 266 51.84 -22.16 -20.73
CA ARG E 266 52.81 -22.07 -19.65
C ARG E 266 54.14 -21.49 -20.10
N GLY E 267 54.34 -21.31 -21.41
CA GLY E 267 55.59 -20.80 -21.93
C GLY E 267 56.69 -21.82 -22.05
N THR E 268 56.42 -23.08 -21.75
CA THR E 268 57.46 -24.11 -21.84
C THR E 268 57.94 -24.27 -23.27
N PHE E 269 57.03 -24.25 -24.23
CA PHE E 269 57.36 -24.47 -25.63
C PHE E 269 56.73 -23.38 -26.49
N ASN E 270 57.52 -22.80 -27.39
CA ASN E 270 57.01 -21.82 -28.35
C ASN E 270 56.71 -22.54 -29.66
N VAL E 271 55.67 -23.37 -29.63
CA VAL E 271 55.34 -24.28 -30.71
C VAL E 271 54.01 -23.86 -31.33
N VAL E 272 53.94 -23.91 -32.66
CA VAL E 272 52.72 -23.66 -33.42
C VAL E 272 52.55 -24.79 -34.41
N ALA E 273 51.35 -25.38 -34.45
CA ALA E 273 51.05 -26.48 -35.35
C ALA E 273 49.97 -26.05 -36.33
N VAL E 274 50.18 -26.33 -37.61
CA VAL E 274 49.22 -26.02 -38.66
C VAL E 274 49.04 -27.24 -39.56
N LYS E 275 47.92 -27.25 -40.27
CA LYS E 275 47.63 -28.35 -41.18
C LYS E 275 48.47 -28.26 -42.44
N ALA E 276 48.67 -29.40 -43.08
CA ALA E 276 49.46 -29.45 -44.30
C ALA E 276 48.62 -29.00 -45.49
N PRO E 277 49.07 -28.02 -46.26
CA PRO E 277 48.31 -27.61 -47.45
C PRO E 277 48.30 -28.70 -48.50
N GLY E 278 47.22 -28.73 -49.27
CA GLY E 278 47.03 -29.72 -50.30
C GLY E 278 46.45 -31.02 -49.75
N PHE E 279 45.95 -31.84 -50.68
CA PHE E 279 45.34 -33.11 -50.30
C PHE E 279 45.75 -34.18 -51.30
N GLY E 280 45.69 -35.43 -50.85
CA GLY E 280 46.03 -36.54 -51.71
C GLY E 280 47.48 -36.48 -52.14
N ASP E 281 47.74 -36.88 -53.39
CA ASP E 281 49.08 -36.82 -53.92
C ASP E 281 49.59 -35.38 -54.03
N ARG E 282 48.67 -34.42 -54.14
CA ARG E 282 49.07 -33.03 -54.26
C ARG E 282 49.77 -32.54 -53.01
N ARG E 283 49.27 -32.93 -51.83
CA ARG E 283 49.80 -32.42 -50.57
C ARG E 283 51.31 -32.62 -50.46
N LYS E 284 51.79 -33.81 -50.83
CA LYS E 284 53.21 -34.09 -50.78
C LYS E 284 54.01 -33.19 -51.72
N ALA E 285 53.37 -32.62 -52.76
CA ALA E 285 54.10 -31.75 -53.67
C ALA E 285 54.64 -30.52 -52.95
N MET E 286 53.74 -29.67 -52.42
CA MET E 286 54.25 -28.52 -51.68
C MET E 286 54.81 -28.90 -50.32
N LEU E 287 54.54 -30.10 -49.81
CA LEU E 287 55.31 -30.56 -48.65
C LEU E 287 56.79 -30.68 -48.99
N GLU E 288 57.10 -31.33 -50.12
CA GLU E 288 58.49 -31.41 -50.58
C GLU E 288 59.03 -30.03 -50.92
N ASP E 289 58.20 -29.16 -51.49
CA ASP E 289 58.64 -27.80 -51.78
C ASP E 289 59.03 -27.06 -50.51
N ILE E 290 58.23 -27.19 -49.45
CA ILE E 290 58.54 -26.57 -48.17
C ILE E 290 59.82 -27.16 -47.60
N ALA E 291 59.98 -28.48 -47.71
CA ALA E 291 61.20 -29.11 -47.21
C ALA E 291 62.43 -28.58 -47.95
N ILE E 292 62.34 -28.42 -49.26
CA ILE E 292 63.44 -27.88 -50.03
C ILE E 292 63.73 -26.44 -49.63
N LEU E 293 62.69 -25.63 -49.49
CA LEU E 293 62.88 -24.21 -49.19
C LEU E 293 63.48 -24.01 -47.80
N THR E 294 63.05 -24.81 -46.83
CA THR E 294 63.51 -24.67 -45.45
C THR E 294 64.71 -25.54 -45.12
N GLY E 295 65.12 -26.43 -46.03
CA GLY E 295 66.21 -27.33 -45.76
C GLY E 295 65.85 -28.53 -44.92
N GLY E 296 64.59 -28.67 -44.51
CA GLY E 296 64.14 -29.80 -43.73
C GLY E 296 63.78 -30.99 -44.59
N THR E 297 63.23 -32.00 -43.94
CA THR E 297 62.83 -33.24 -44.60
C THR E 297 61.40 -33.58 -44.23
N VAL E 298 60.61 -34.00 -45.22
CA VAL E 298 59.24 -34.42 -44.98
C VAL E 298 59.25 -35.78 -44.31
N ILE E 299 58.55 -35.88 -43.17
CA ILE E 299 58.47 -37.13 -42.43
C ILE E 299 57.25 -37.88 -42.94
N THR E 300 57.49 -38.86 -43.80
CA THR E 300 56.41 -39.63 -44.41
C THR E 300 56.75 -41.11 -44.35
N ASP E 301 55.70 -41.93 -44.36
CA ASP E 301 55.89 -43.38 -44.33
C ASP E 301 56.53 -43.90 -45.61
N ASP E 302 56.43 -43.15 -46.72
CA ASP E 302 57.08 -43.56 -47.95
C ASP E 302 58.60 -43.59 -47.80
N LEU E 303 59.15 -42.60 -47.09
CA LEU E 303 60.58 -42.51 -46.87
C LEU E 303 61.06 -43.34 -45.68
N GLY E 304 60.14 -43.99 -44.97
CA GLY E 304 60.53 -44.79 -43.82
C GLY E 304 60.93 -43.98 -42.60
N LEU E 305 60.48 -42.74 -42.51
CA LEU E 305 60.81 -41.87 -41.38
C LEU E 305 59.66 -41.87 -40.39
N GLU E 306 59.98 -42.08 -39.11
CA GLU E 306 59.00 -42.08 -38.04
C GLU E 306 59.10 -40.80 -37.23
N LEU E 307 57.97 -40.42 -36.62
CA LEU E 307 57.93 -39.19 -35.85
C LEU E 307 58.90 -39.22 -34.67
N LYS E 308 58.98 -40.36 -33.98
CA LYS E 308 59.90 -40.49 -32.86
C LYS E 308 61.35 -40.47 -33.30
N ASP E 309 61.63 -40.75 -34.57
CA ASP E 309 63.00 -40.76 -35.09
C ASP E 309 63.41 -39.42 -35.68
N VAL E 310 62.55 -38.41 -35.62
CA VAL E 310 62.89 -37.11 -36.17
C VAL E 310 63.91 -36.42 -35.27
N THR E 311 64.97 -35.91 -35.87
CA THR E 311 66.03 -35.20 -35.16
C THR E 311 65.98 -33.72 -35.52
N ILE E 312 66.88 -32.95 -34.92
CA ILE E 312 66.96 -31.52 -35.20
C ILE E 312 67.39 -31.28 -36.64
N GLU E 313 68.25 -32.14 -37.19
CA GLU E 313 68.76 -31.93 -38.54
C GLU E 313 67.65 -31.99 -39.57
N ASN E 314 66.72 -32.93 -39.43
CA ASN E 314 65.64 -33.08 -40.40
C ASN E 314 64.64 -31.94 -40.36
N LEU E 315 64.69 -31.07 -39.35
CA LEU E 315 63.74 -29.98 -39.22
C LEU E 315 64.11 -28.83 -40.13
N GLY E 316 63.09 -28.23 -40.75
CA GLY E 316 63.31 -27.04 -41.53
C GLY E 316 63.63 -25.84 -40.66
N ASN E 317 64.31 -24.87 -41.27
CA ASN E 317 64.71 -23.66 -40.58
C ASN E 317 64.42 -22.44 -41.44
N ALA E 318 64.06 -21.34 -40.79
CA ALA E 318 63.81 -20.09 -41.48
C ALA E 318 64.04 -18.94 -40.49
N SER E 319 64.18 -17.74 -41.04
CA SER E 319 64.41 -16.58 -40.18
C SER E 319 63.16 -16.21 -39.40
N LYS E 320 62.00 -16.22 -40.04
CA LYS E 320 60.77 -15.78 -39.40
C LYS E 320 59.59 -16.50 -40.03
N VAL E 321 58.60 -16.84 -39.20
CA VAL E 321 57.36 -17.46 -39.66
C VAL E 321 56.19 -16.70 -39.06
N VAL E 322 55.23 -16.32 -39.90
CA VAL E 322 54.04 -15.61 -39.47
C VAL E 322 52.83 -16.50 -39.77
N VAL E 323 52.03 -16.77 -38.74
CA VAL E 323 50.83 -17.60 -38.87
C VAL E 323 49.64 -16.76 -38.44
N ASP E 324 48.73 -16.52 -39.38
CA ASP E 324 47.48 -15.85 -39.08
C ASP E 324 46.38 -16.89 -38.87
N LYS E 325 45.13 -16.44 -38.79
CA LYS E 325 44.02 -17.35 -38.57
C LYS E 325 43.84 -18.31 -39.73
N ASP E 326 44.21 -17.90 -40.94
CA ASP E 326 43.93 -18.70 -42.14
C ASP E 326 45.15 -19.05 -42.96
N ASN E 327 46.27 -18.35 -42.79
CA ASN E 327 47.44 -18.57 -43.62
C ASN E 327 48.70 -18.62 -42.76
N THR E 328 49.70 -19.33 -43.26
CA THR E 328 51.00 -19.43 -42.62
C THR E 328 52.06 -18.95 -43.59
N THR E 329 52.88 -18.00 -43.15
CA THR E 329 53.90 -17.38 -44.00
C THR E 329 55.28 -17.73 -43.47
N ILE E 330 56.17 -18.11 -44.38
CA ILE E 330 57.55 -18.46 -44.04
C ILE E 330 58.46 -17.42 -44.69
N VAL E 331 59.43 -16.93 -43.91
CA VAL E 331 60.35 -15.90 -44.36
C VAL E 331 61.77 -16.42 -44.27
N GLU E 332 62.50 -16.33 -45.39
CA GLU E 332 63.93 -16.65 -45.45
C GLU E 332 64.19 -18.10 -45.01
N GLY E 333 63.67 -19.03 -45.81
CA GLY E 333 63.95 -20.43 -45.56
C GLY E 333 65.42 -20.74 -45.69
N SER E 334 65.88 -21.72 -44.91
CA SER E 334 67.29 -22.07 -44.83
C SER E 334 67.70 -23.10 -45.88
N GLY E 335 66.79 -23.52 -46.75
CA GLY E 335 67.14 -24.49 -47.77
C GLY E 335 68.06 -23.91 -48.84
N GLU E 336 68.71 -24.81 -49.55
CA GLU E 336 69.66 -24.41 -50.58
C GLU E 336 68.93 -23.74 -51.75
N LYS E 337 69.54 -22.67 -52.28
CA LYS E 337 68.96 -22.00 -53.43
C LYS E 337 68.94 -22.91 -54.66
N GLU E 338 70.00 -23.71 -54.85
CA GLU E 338 70.07 -24.56 -56.02
C GLU E 338 68.98 -25.64 -56.01
N ALA E 339 68.68 -26.20 -54.83
CA ALA E 339 67.62 -27.19 -54.73
C ALA E 339 66.26 -26.56 -55.05
N ILE E 340 66.02 -25.34 -54.57
CA ILE E 340 64.78 -24.65 -54.88
C ILE E 340 64.69 -24.38 -56.37
N GLU E 341 65.82 -24.00 -56.99
CA GLU E 341 65.84 -23.77 -58.43
C GLU E 341 65.54 -25.04 -59.20
N ALA E 342 66.10 -26.17 -58.75
CA ALA E 342 65.82 -27.45 -59.41
C ALA E 342 64.36 -27.83 -59.28
N ARG E 343 63.77 -27.61 -58.09
CA ARG E 343 62.35 -27.88 -57.91
C ARG E 343 61.51 -26.98 -58.81
N VAL E 344 61.89 -25.71 -58.93
CA VAL E 344 61.18 -24.78 -59.80
C VAL E 344 61.26 -25.23 -61.25
N GLN E 345 62.44 -25.67 -61.68
CA GLN E 345 62.59 -26.15 -63.05
C GLN E 345 61.76 -27.42 -63.27
N LEU E 346 61.71 -28.31 -62.28
CA LEU E 346 60.88 -29.50 -62.39
C LEU E 346 59.41 -29.13 -62.52
N ILE E 347 58.95 -28.16 -61.74
CA ILE E 347 57.56 -27.73 -61.83
C ILE E 347 57.28 -27.08 -63.18
N LYS E 348 58.24 -26.32 -63.69
CA LYS E 348 58.08 -25.71 -65.01
C LYS E 348 57.98 -26.78 -66.10
N ASN E 349 58.81 -27.81 -66.00
CA ASN E 349 58.73 -28.92 -66.94
C ASN E 349 57.39 -29.63 -66.84
N GLN E 350 56.90 -29.84 -65.62
CA GLN E 350 55.59 -30.45 -65.44
C GLN E 350 54.50 -29.60 -66.07
N ILE E 351 54.57 -28.28 -65.89
CA ILE E 351 53.59 -27.37 -66.48
C ILE E 351 53.64 -27.47 -68.00
N ALA E 352 54.84 -27.46 -68.57
CA ALA E 352 54.97 -27.59 -70.01
C ALA E 352 54.53 -28.97 -70.50
N GLU E 353 54.47 -29.95 -69.61
CA GLU E 353 54.11 -31.31 -69.99
C GLU E 353 52.67 -31.66 -69.65
N THR E 354 52.13 -31.10 -68.56
CA THR E 354 50.77 -31.45 -68.15
C THR E 354 49.75 -30.97 -69.19
N THR E 355 48.69 -31.76 -69.35
CA THR E 355 47.62 -31.44 -70.28
C THR E 355 46.33 -31.02 -69.60
N SER E 356 46.17 -31.31 -68.31
CA SER E 356 44.98 -30.92 -67.57
C SER E 356 45.11 -29.47 -67.13
N ASP E 357 44.12 -28.65 -67.49
CA ASP E 357 44.14 -27.25 -67.11
C ASP E 357 44.05 -27.09 -65.60
N PHE E 358 43.37 -28.00 -64.92
CA PHE E 358 43.32 -27.97 -63.46
C PHE E 358 44.68 -28.30 -62.87
N ASP E 359 45.30 -29.39 -63.34
CA ASP E 359 46.63 -29.74 -62.87
C ASP E 359 47.66 -28.70 -63.26
N ARG E 360 47.53 -28.14 -64.48
CA ARG E 360 48.42 -27.07 -64.88
C ARG E 360 48.26 -25.86 -63.98
N GLU E 361 47.02 -25.52 -63.61
CA GLU E 361 46.78 -24.40 -62.72
C GLU E 361 47.39 -24.63 -61.35
N LYS E 362 47.24 -25.85 -60.82
CA LYS E 362 47.83 -26.16 -59.51
C LYS E 362 49.36 -26.08 -59.56
N LEU E 363 49.95 -26.63 -60.63
CA LEU E 363 51.40 -26.56 -60.76
C LEU E 363 51.87 -25.12 -60.94
N GLN E 364 51.08 -24.32 -61.65
CA GLN E 364 51.41 -22.90 -61.80
C GLN E 364 51.32 -22.17 -60.47
N GLU E 365 50.33 -22.52 -59.65
CA GLU E 365 50.24 -21.96 -58.30
C GLU E 365 51.48 -22.29 -57.50
N ARG E 366 51.90 -23.56 -57.53
CA ARG E 366 53.11 -23.96 -56.82
C ARG E 366 54.33 -23.20 -57.34
N LEU E 367 54.44 -23.09 -58.66
CA LEU E 367 55.59 -22.40 -59.27
C LEU E 367 55.62 -20.93 -58.87
N ALA E 368 54.47 -20.26 -58.91
CA ALA E 368 54.41 -18.86 -58.53
C ALA E 368 54.74 -18.68 -57.06
N LYS E 369 54.22 -19.56 -56.20
CA LYS E 369 54.52 -19.46 -54.78
C LYS E 369 56.00 -19.67 -54.51
N LEU E 370 56.64 -20.58 -55.24
CA LEU E 370 58.05 -20.86 -55.01
C LEU E 370 58.94 -19.74 -55.57
N ALA E 371 58.62 -19.25 -56.76
CA ALA E 371 59.53 -18.36 -57.48
C ALA E 371 59.28 -16.89 -57.20
N GLY E 372 58.06 -16.50 -56.83
CA GLY E 372 57.78 -15.09 -56.60
C GLY E 372 58.48 -14.53 -55.38
N GLY E 373 58.85 -15.40 -54.44
CA GLY E 373 59.50 -14.93 -53.24
C GLY E 373 58.54 -14.17 -52.35
N VAL E 374 59.13 -13.51 -51.35
CA VAL E 374 58.38 -12.72 -50.38
C VAL E 374 59.01 -11.34 -50.31
N ALA E 375 58.18 -10.31 -50.44
CA ALA E 375 58.65 -8.94 -50.26
C ALA E 375 58.69 -8.62 -48.77
N VAL E 376 59.85 -8.14 -48.32
CA VAL E 376 60.06 -7.82 -46.92
C VAL E 376 60.28 -6.31 -46.81
N VAL E 377 59.45 -5.66 -46.00
CA VAL E 377 59.53 -4.22 -45.78
C VAL E 377 60.08 -4.02 -44.37
N LYS E 378 61.36 -3.67 -44.29
CA LYS E 378 62.01 -3.44 -42.99
C LYS E 378 61.84 -1.97 -42.64
N VAL E 379 60.84 -1.66 -41.82
CA VAL E 379 60.52 -0.28 -41.50
C VAL E 379 61.52 0.23 -40.47
N GLY E 380 62.13 1.38 -40.77
CA GLY E 380 63.03 2.03 -39.85
C GLY E 380 62.57 3.44 -39.53
N ALA E 381 62.75 3.84 -38.28
CA ALA E 381 62.37 5.17 -37.83
C ALA E 381 63.19 5.52 -36.60
N ALA E 382 63.22 6.82 -36.29
CA ALA E 382 64.03 7.30 -35.18
C ALA E 382 63.53 6.77 -33.84
N THR E 383 62.22 6.77 -33.63
CA THR E 383 61.64 6.40 -32.35
C THR E 383 60.72 5.20 -32.52
N GLU E 384 60.56 4.46 -31.42
CA GLU E 384 59.69 3.28 -31.44
C GLU E 384 58.24 3.67 -31.73
N THR E 385 57.79 4.80 -31.19
CA THR E 385 56.45 5.28 -31.50
C THR E 385 56.32 5.58 -32.99
N GLU E 386 57.34 6.22 -33.57
CA GLU E 386 57.35 6.45 -35.01
C GLU E 386 57.35 5.14 -35.77
N LEU E 387 58.12 4.15 -35.31
CA LEU E 387 58.16 2.86 -35.99
C LEU E 387 56.79 2.20 -35.96
N LYS E 388 56.11 2.23 -34.82
CA LYS E 388 54.80 1.59 -34.72
C LYS E 388 53.77 2.32 -35.57
N GLU E 389 53.78 3.65 -35.55
CA GLU E 389 52.85 4.41 -36.37
C GLU E 389 53.07 4.12 -37.84
N LEU E 390 54.33 4.11 -38.28
CA LEU E 390 54.62 3.81 -39.67
C LEU E 390 54.23 2.39 -40.02
N LYS E 391 54.43 1.45 -39.09
CA LYS E 391 54.05 0.07 -39.34
C LYS E 391 52.55 -0.05 -39.58
N LEU E 392 51.75 0.56 -38.70
CA LEU E 392 50.30 0.52 -38.88
C LEU E 392 49.89 1.22 -40.17
N ARG E 393 50.52 2.35 -40.47
CA ARG E 393 50.21 3.08 -41.69
C ARG E 393 50.49 2.24 -42.93
N ILE E 394 51.64 1.56 -42.95
CA ILE E 394 51.98 0.71 -44.08
C ILE E 394 51.03 -0.48 -44.16
N GLU E 395 50.61 -1.01 -43.01
CA GLU E 395 49.65 -2.11 -43.01
C GLU E 395 48.35 -1.71 -43.70
N ASP E 396 47.77 -0.60 -43.26
CA ASP E 396 46.49 -0.19 -43.84
C ASP E 396 46.67 0.22 -45.30
N ALA E 397 47.81 0.85 -45.62
CA ALA E 397 48.07 1.23 -47.00
C ALA E 397 48.15 0.01 -47.91
N LEU E 398 48.84 -1.04 -47.45
CA LEU E 398 48.94 -2.26 -48.23
C LEU E 398 47.58 -2.92 -48.41
N ASN E 399 46.80 -2.97 -47.33
CA ASN E 399 45.49 -3.59 -47.44
C ASN E 399 44.61 -2.84 -48.44
N ALA E 400 44.58 -1.51 -48.33
CA ALA E 400 43.78 -0.71 -49.26
C ALA E 400 44.30 -0.83 -50.68
N THR E 401 45.63 -0.87 -50.85
CA THR E 401 46.21 -0.99 -52.18
C THR E 401 45.80 -2.30 -52.84
N ARG E 402 45.89 -3.41 -52.10
CA ARG E 402 45.46 -4.68 -52.66
C ARG E 402 43.97 -4.67 -52.99
N ALA E 403 43.16 -4.14 -52.07
CA ALA E 403 41.71 -4.12 -52.29
C ALA E 403 41.36 -3.31 -53.53
N ALA E 404 42.05 -2.19 -53.74
CA ALA E 404 41.82 -1.41 -54.94
C ALA E 404 42.34 -2.13 -56.19
N VAL E 405 43.46 -2.83 -56.06
CA VAL E 405 44.06 -3.49 -57.21
C VAL E 405 43.13 -4.57 -57.75
N GLU E 406 42.56 -5.37 -56.85
CA GLU E 406 41.71 -6.47 -57.31
C GLU E 406 40.44 -5.96 -57.99
N GLU E 407 39.72 -5.05 -57.33
CA GLU E 407 38.43 -4.60 -57.84
C GLU E 407 38.54 -3.30 -58.63
N GLY E 408 39.00 -2.23 -58.00
CA GLY E 408 39.11 -0.96 -58.67
C GLY E 408 38.94 0.19 -57.70
N MET E 409 38.62 1.35 -58.24
CA MET E 409 38.46 2.58 -57.47
C MET E 409 37.19 3.28 -57.91
N VAL E 410 36.42 3.78 -56.93
CA VAL E 410 35.20 4.53 -57.19
C VAL E 410 35.14 5.72 -56.24
N SER E 411 34.13 6.55 -56.45
CA SER E 411 33.98 7.76 -55.65
C SER E 411 33.73 7.41 -54.19
N GLY E 412 34.37 8.17 -53.29
CA GLY E 412 34.21 7.95 -51.86
C GLY E 412 33.05 8.74 -51.28
N GLY E 413 32.93 8.66 -49.95
CA GLY E 413 31.89 9.38 -49.26
C GLY E 413 30.48 8.94 -49.60
N GLY E 414 30.30 7.71 -50.08
CA GLY E 414 28.99 7.22 -50.43
C GLY E 414 28.46 7.73 -51.75
N THR E 415 29.25 8.50 -52.50
CA THR E 415 28.77 9.04 -53.76
C THR E 415 28.45 7.94 -54.75
N ALA E 416 29.27 6.88 -54.78
CA ALA E 416 29.03 5.77 -55.68
C ALA E 416 27.67 5.13 -55.41
N LEU E 417 27.28 5.05 -54.14
CA LEU E 417 26.00 4.44 -53.80
C LEU E 417 24.84 5.21 -54.42
N VAL E 418 24.87 6.53 -54.34
CA VAL E 418 23.82 7.31 -54.99
C VAL E 418 23.92 7.21 -56.50
N ASN E 419 25.14 7.13 -57.03
CA ASN E 419 25.34 7.12 -58.47
C ASN E 419 24.67 5.91 -59.13
N VAL E 420 24.39 4.85 -58.38
CA VAL E 420 23.75 3.67 -58.95
C VAL E 420 22.25 3.62 -58.68
N ILE E 421 21.68 4.67 -58.11
CA ILE E 421 20.26 4.66 -57.78
C ILE E 421 19.41 4.53 -59.04
N SER E 422 19.78 5.25 -60.10
CA SER E 422 18.99 5.24 -61.32
C SER E 422 18.88 3.84 -61.91
N LYS E 423 19.99 3.11 -61.96
CA LYS E 423 19.96 1.77 -62.52
C LYS E 423 19.07 0.85 -61.72
N VAL E 424 19.13 0.96 -60.38
CA VAL E 424 18.27 0.11 -59.54
C VAL E 424 16.81 0.45 -59.77
N SER E 425 16.48 1.75 -59.84
CA SER E 425 15.11 2.14 -60.11
C SER E 425 14.66 1.68 -61.49
N ALA E 426 15.58 1.49 -62.42
CA ALA E 426 15.22 1.01 -63.76
C ALA E 426 14.83 -0.47 -63.78
N VAL E 427 15.04 -1.21 -62.70
CA VAL E 427 14.70 -2.62 -62.68
C VAL E 427 13.17 -2.76 -62.62
N GLU E 428 12.62 -3.62 -63.47
CA GLU E 428 11.19 -3.79 -63.56
C GLU E 428 10.71 -4.90 -62.63
N ALA E 429 9.68 -4.62 -61.86
CA ALA E 429 9.08 -5.59 -60.96
C ALA E 429 7.67 -5.16 -60.64
N GLU E 430 6.92 -6.05 -60.00
CA GLU E 430 5.54 -5.79 -59.64
C GLU E 430 5.29 -6.27 -58.22
N GLY E 431 4.28 -5.68 -57.58
CA GLY E 431 3.87 -6.11 -56.27
C GLY E 431 4.95 -5.94 -55.23
N ASP E 432 5.10 -6.95 -54.37
CA ASP E 432 6.05 -6.85 -53.27
C ASP E 432 7.49 -6.81 -53.76
N VAL E 433 7.75 -7.37 -54.94
CA VAL E 433 9.08 -7.24 -55.52
C VAL E 433 9.39 -5.79 -55.82
N ALA E 434 8.42 -5.07 -56.42
CA ALA E 434 8.59 -3.65 -56.66
C ALA E 434 8.70 -2.89 -55.33
N THR E 435 7.95 -3.32 -54.32
CA THR E 435 8.03 -2.67 -53.02
C THR E 435 9.43 -2.79 -52.44
N GLY E 436 10.03 -3.99 -52.53
CA GLY E 436 11.39 -4.17 -52.06
C GLY E 436 12.39 -3.37 -52.87
N ILE E 437 12.15 -3.25 -54.19
CA ILE E 437 13.03 -2.41 -55.01
C ILE E 437 12.98 -0.97 -54.52
N LYS E 438 11.78 -0.46 -54.26
CA LYS E 438 11.66 0.91 -53.73
C LYS E 438 12.33 1.02 -52.36
N ILE E 439 12.23 -0.04 -51.56
CA ILE E 439 12.87 -0.04 -50.24
C ILE E 439 14.36 0.15 -50.38
N VAL E 440 14.98 -0.62 -51.28
CA VAL E 440 16.42 -0.51 -51.47
C VAL E 440 16.78 0.86 -52.04
N VAL E 441 15.96 1.36 -52.97
CA VAL E 441 16.24 2.67 -53.57
C VAL E 441 16.24 3.75 -52.48
N ARG E 442 15.25 3.71 -51.60
CA ARG E 442 15.19 4.69 -50.51
C ARG E 442 16.37 4.52 -49.56
N ALA E 443 16.72 3.27 -49.24
CA ALA E 443 17.76 3.06 -48.23
C ALA E 443 19.15 3.39 -48.73
N LEU E 444 19.37 3.32 -50.05
CA LEU E 444 20.70 3.58 -50.58
C LEU E 444 21.19 4.99 -50.29
N GLU E 445 20.29 5.93 -49.98
CA GLU E 445 20.69 7.30 -49.69
C GLU E 445 21.16 7.49 -48.26
N GLU E 446 21.03 6.48 -47.41
CA GLU E 446 21.33 6.67 -45.99
C GLU E 446 22.78 7.07 -45.70
N PRO E 447 23.81 6.45 -46.31
CA PRO E 447 25.18 6.84 -45.92
C PRO E 447 25.49 8.31 -46.19
N ILE E 448 25.19 8.80 -47.39
CA ILE E 448 25.53 10.18 -47.72
C ILE E 448 24.71 11.14 -46.86
N ARG E 449 23.43 10.84 -46.65
CA ARG E 449 22.59 11.70 -45.83
C ARG E 449 23.11 11.75 -44.40
N GLN E 450 23.50 10.60 -43.86
CA GLN E 450 24.03 10.56 -42.50
C GLN E 450 25.34 11.34 -42.40
N ILE E 451 26.20 11.21 -43.40
CA ILE E 451 27.45 11.95 -43.40
C ILE E 451 27.18 13.45 -43.42
N ALA E 452 26.23 13.87 -44.26
CA ALA E 452 25.90 15.29 -44.32
C ALA E 452 25.34 15.79 -42.99
N GLU E 453 24.50 14.98 -42.35
CA GLU E 453 23.94 15.38 -41.05
C GLU E 453 25.03 15.50 -40.00
N ASN E 454 26.00 14.57 -40.02
CA ASN E 454 27.09 14.63 -39.06
C ASN E 454 27.91 15.90 -39.22
N ALA E 455 28.00 16.42 -40.44
CA ALA E 455 28.72 17.66 -40.70
C ALA E 455 27.85 18.90 -40.50
N GLY E 456 26.59 18.72 -40.11
CA GLY E 456 25.70 19.84 -39.87
C GLY E 456 24.90 20.30 -41.06
N TYR E 457 25.13 19.73 -42.24
CA TYR E 457 24.37 20.09 -43.43
C TYR E 457 23.10 19.26 -43.51
N GLU E 458 22.08 19.83 -44.13
CA GLU E 458 20.80 19.13 -44.28
C GLU E 458 20.97 17.98 -45.26
N GLY E 459 20.64 16.77 -44.81
CA GLY E 459 20.85 15.59 -45.63
C GLY E 459 20.00 15.58 -46.90
N SER E 460 18.73 15.97 -46.77
CA SER E 460 17.83 15.93 -47.92
C SER E 460 18.31 16.85 -49.02
N VAL E 461 18.77 18.04 -48.67
CA VAL E 461 19.26 18.98 -49.67
C VAL E 461 20.46 18.40 -50.40
N ILE E 462 21.39 17.80 -49.64
CA ILE E 462 22.59 17.22 -50.26
C ILE E 462 22.20 16.09 -51.20
N VAL E 463 21.30 15.22 -50.77
CA VAL E 463 20.88 14.10 -51.61
C VAL E 463 20.23 14.60 -52.89
N ASP E 464 19.32 15.56 -52.76
CA ASP E 464 18.62 16.06 -53.94
C ASP E 464 19.58 16.72 -54.91
N LYS E 465 20.51 17.53 -54.40
CA LYS E 465 21.48 18.18 -55.28
C LYS E 465 22.39 17.16 -55.94
N LEU E 466 22.82 16.14 -55.19
CA LEU E 466 23.70 15.13 -55.75
C LEU E 466 23.02 14.33 -56.84
N LYS E 467 21.72 14.09 -56.70
CA LYS E 467 21.01 13.34 -57.73
C LYS E 467 20.94 14.08 -59.06
N ASN E 468 21.25 15.38 -59.08
CA ASN E 468 21.10 16.19 -60.28
C ASN E 468 22.41 16.80 -60.75
N VAL E 469 23.54 16.41 -60.18
CA VAL E 469 24.83 16.89 -60.62
C VAL E 469 25.49 15.83 -61.50
N GLU E 470 26.54 16.22 -62.20
CA GLU E 470 27.25 15.31 -63.09
C GLU E 470 27.93 14.19 -62.31
N LEU E 471 28.02 13.03 -62.95
CA LEU E 471 28.73 11.90 -62.37
C LEU E 471 30.20 12.27 -62.14
N GLY E 472 30.75 11.81 -61.02
CA GLY E 472 32.11 12.12 -60.64
C GLY E 472 32.24 13.34 -59.75
N THR E 473 31.16 14.09 -59.56
CA THR E 473 31.14 15.24 -58.67
C THR E 473 30.21 14.93 -57.51
N GLY E 474 30.71 15.05 -56.29
CA GLY E 474 29.91 14.78 -55.12
C GLY E 474 29.99 15.88 -54.09
N PHE E 475 29.77 15.56 -52.83
CA PHE E 475 29.80 16.52 -51.74
C PHE E 475 30.99 16.24 -50.85
N ASN E 476 31.82 17.25 -50.64
CA ASN E 476 32.96 17.15 -49.73
C ASN E 476 32.46 17.53 -48.33
N ALA E 477 32.29 16.52 -47.47
CA ALA E 477 31.81 16.78 -46.12
C ALA E 477 32.81 17.59 -45.32
N ALA E 478 34.10 17.47 -45.63
CA ALA E 478 35.12 18.20 -44.89
C ALA E 478 34.98 19.70 -45.10
N THR E 479 34.68 20.12 -46.33
CA THR E 479 34.64 21.54 -46.67
C THR E 479 33.26 22.07 -46.99
N GLY E 480 32.28 21.20 -47.22
CA GLY E 480 30.97 21.66 -47.61
C GLY E 480 30.89 22.20 -49.03
N GLU E 481 31.82 21.80 -49.91
CA GLU E 481 31.87 22.29 -51.27
C GLU E 481 31.71 21.14 -52.24
N TRP E 482 31.03 21.41 -53.35
CA TRP E 482 30.78 20.40 -54.38
C TRP E 482 31.95 20.40 -55.35
N VAL E 483 32.82 19.40 -55.23
CA VAL E 483 34.01 19.28 -56.03
C VAL E 483 34.06 17.88 -56.63
N ASN E 484 35.14 17.60 -57.34
CA ASN E 484 35.36 16.27 -57.90
C ASN E 484 36.01 15.37 -56.86
N MET E 485 35.33 14.28 -56.51
CA MET E 485 35.88 13.36 -55.51
C MET E 485 37.19 12.75 -55.97
N VAL E 486 37.28 12.37 -57.24
CA VAL E 486 38.50 11.79 -57.76
C VAL E 486 39.64 12.80 -57.68
N GLU E 487 39.38 14.04 -58.08
CA GLU E 487 40.40 15.07 -58.03
C GLU E 487 40.75 15.43 -56.60
N ALA E 488 39.76 15.50 -55.72
CA ALA E 488 39.97 15.87 -54.33
C ALA E 488 40.46 14.70 -53.48
N GLY E 489 40.53 13.50 -54.03
CA GLY E 489 41.03 12.36 -53.29
C GLY E 489 40.05 11.69 -52.38
N ILE E 490 38.77 12.03 -52.47
CA ILE E 490 37.74 11.37 -51.65
C ILE E 490 37.31 10.14 -52.44
N VAL E 491 38.07 9.07 -52.28
CA VAL E 491 37.87 7.84 -53.02
C VAL E 491 37.83 6.65 -52.06
N ASP E 492 36.93 5.72 -52.33
CA ASP E 492 36.78 4.51 -51.54
C ASP E 492 36.85 3.30 -52.45
N PRO E 493 37.53 2.23 -52.02
CA PRO E 493 37.67 1.06 -52.88
C PRO E 493 36.33 0.42 -53.20
N THR E 494 36.23 -0.09 -54.43
CA THR E 494 34.98 -0.69 -54.88
C THR E 494 34.62 -1.90 -54.03
N LYS E 495 35.62 -2.71 -53.67
CA LYS E 495 35.36 -3.94 -52.92
C LYS E 495 34.69 -3.65 -51.59
N VAL E 496 35.14 -2.61 -50.88
CA VAL E 496 34.57 -2.29 -49.58
C VAL E 496 33.08 -1.99 -49.72
N THR E 497 32.73 -1.11 -50.65
CA THR E 497 31.34 -0.72 -50.81
C THR E 497 30.48 -1.92 -51.23
N ARG E 498 30.95 -2.69 -52.20
CA ARG E 498 30.13 -3.80 -52.67
C ARG E 498 29.98 -4.87 -51.60
N SER E 499 31.03 -5.13 -50.82
CA SER E 499 30.92 -6.12 -49.75
C SER E 499 29.97 -5.65 -48.66
N ALA E 500 30.05 -4.37 -48.30
CA ALA E 500 29.12 -3.85 -47.30
C ALA E 500 27.69 -3.96 -47.78
N LEU E 501 27.44 -3.60 -49.05
CA LEU E 501 26.09 -3.67 -49.57
C LEU E 501 25.59 -5.11 -49.59
N GLN E 502 26.42 -6.05 -50.05
CA GLN E 502 26.00 -7.45 -50.11
C GLN E 502 25.68 -7.99 -48.73
N ASN E 503 26.57 -7.74 -47.76
CA ASN E 503 26.34 -8.24 -46.42
C ASN E 503 25.07 -7.64 -45.82
N ALA E 504 24.89 -6.32 -45.95
CA ALA E 504 23.71 -5.68 -45.39
C ALA E 504 22.44 -6.23 -46.01
N ALA E 505 22.43 -6.37 -47.34
CA ALA E 505 21.24 -6.87 -48.01
C ALA E 505 20.92 -8.30 -47.59
N SER E 506 21.93 -9.18 -47.58
CA SER E 506 21.68 -10.56 -47.21
C SER E 506 21.16 -10.67 -45.79
N VAL E 507 21.77 -9.95 -44.86
CA VAL E 507 21.37 -10.07 -43.47
C VAL E 507 20.00 -9.45 -43.23
N SER E 508 19.70 -8.35 -43.91
CA SER E 508 18.36 -7.78 -43.82
C SER E 508 17.32 -8.74 -44.37
N ALA E 509 17.63 -9.42 -45.47
CA ALA E 509 16.70 -10.41 -46.01
C ALA E 509 16.48 -11.53 -45.01
N LEU E 510 17.55 -12.01 -44.36
CA LEU E 510 17.39 -13.06 -43.37
C LEU E 510 16.54 -12.60 -42.20
N LEU E 511 16.76 -11.36 -41.73
CA LEU E 511 16.01 -10.88 -40.57
C LEU E 511 14.55 -10.64 -40.90
N LEU E 512 14.26 -10.12 -42.09
CA LEU E 512 12.87 -9.78 -42.43
C LEU E 512 11.98 -11.01 -42.51
N THR E 513 12.56 -12.19 -42.74
CA THR E 513 11.78 -13.41 -42.85
C THR E 513 11.61 -14.11 -41.50
N THR E 514 12.14 -13.54 -40.43
CA THR E 514 12.01 -14.16 -39.12
C THR E 514 10.55 -14.11 -38.66
N GLU E 515 10.10 -15.21 -38.05
CA GLU E 515 8.75 -15.29 -37.50
C GLU E 515 8.70 -15.61 -36.02
N ALA E 516 9.65 -16.40 -35.52
CA ALA E 516 9.67 -16.78 -34.12
C ALA E 516 11.08 -16.60 -33.58
N VAL E 517 11.19 -16.08 -32.37
CA VAL E 517 12.47 -15.85 -31.71
C VAL E 517 12.52 -16.68 -30.44
N VAL E 518 13.55 -17.52 -30.32
CA VAL E 518 13.78 -18.33 -29.13
C VAL E 518 15.00 -17.77 -28.42
N ALA E 519 14.82 -17.35 -27.17
CA ALA E 519 15.92 -16.78 -26.41
C ALA E 519 15.78 -17.16 -24.95
N ASP E 520 16.89 -17.13 -24.24
CA ASP E 520 16.91 -17.54 -22.84
C ASP E 520 16.16 -16.53 -21.99
N LYS E 521 15.28 -17.04 -21.14
CA LYS E 521 14.55 -16.17 -20.23
C LYS E 521 15.50 -15.66 -19.15
N PRO E 522 15.51 -14.36 -18.87
CA PRO E 522 16.39 -13.84 -17.82
C PRO E 522 16.08 -14.49 -16.48
N GLU E 523 17.13 -14.78 -15.73
CA GLU E 523 16.96 -15.41 -14.42
C GLU E 523 16.56 -14.37 -13.38
N PRO E 524 15.43 -14.56 -12.69
CA PRO E 524 14.98 -13.62 -11.65
C PRO E 524 15.89 -13.64 -10.42
N MET F 1 -15.95 23.65 -22.10
CA MET F 1 -15.36 22.63 -21.24
C MET F 1 -14.11 22.06 -21.90
N ALA F 2 -13.08 21.81 -21.09
CA ALA F 2 -11.72 21.66 -21.58
C ALA F 2 -11.60 20.58 -22.64
N LYS F 3 -10.71 20.81 -23.60
CA LYS F 3 -10.53 19.93 -24.75
C LYS F 3 -9.43 18.92 -24.48
N GLU F 4 -9.37 17.89 -25.33
CA GLU F 4 -8.46 16.75 -25.17
C GLU F 4 -7.65 16.55 -26.45
N LEU F 5 -7.01 17.63 -26.91
CA LEU F 5 -6.26 17.65 -28.15
C LEU F 5 -5.33 16.45 -28.28
N LYS F 6 -5.55 15.62 -29.29
CA LYS F 6 -4.77 14.42 -29.54
C LYS F 6 -4.42 14.38 -31.02
N PHE F 7 -3.14 14.14 -31.33
CA PHE F 7 -2.68 14.23 -32.71
C PHE F 7 -2.12 12.91 -33.20
N ALA F 8 -1.47 12.95 -34.37
CA ALA F 8 -0.73 11.82 -34.92
C ALA F 8 -1.60 10.60 -35.13
N GLU F 9 -1.03 9.42 -34.88
CA GLU F 9 -1.68 8.16 -35.24
C GLU F 9 -2.60 7.62 -34.16
N ASP F 10 -2.28 7.83 -32.89
CA ASP F 10 -3.14 7.32 -31.83
C ASP F 10 -4.53 7.95 -31.88
N ALA F 11 -4.61 9.19 -32.38
CA ALA F 11 -5.92 9.75 -32.70
C ALA F 11 -6.61 8.93 -33.78
N ARG F 12 -5.89 8.62 -34.85
CA ARG F 12 -6.44 7.72 -35.86
C ARG F 12 -6.68 6.33 -35.30
N ALA F 13 -5.88 5.92 -34.31
CA ALA F 13 -6.12 4.63 -33.66
C ALA F 13 -7.47 4.62 -32.96
N ALA F 14 -7.79 5.70 -32.25
CA ALA F 14 -9.09 5.79 -31.58
C ALA F 14 -10.22 5.84 -32.61
N MET F 15 -10.01 6.59 -33.69
CA MET F 15 -11.00 6.62 -34.77
C MET F 15 -11.26 5.22 -35.32
N LEU F 16 -10.18 4.48 -35.58
CA LEU F 16 -10.30 3.14 -36.12
C LEU F 16 -11.00 2.22 -35.13
N ARG F 17 -10.70 2.37 -33.84
CA ARG F 17 -11.36 1.54 -32.84
C ARG F 17 -12.86 1.79 -32.82
N GLY F 18 -13.27 3.06 -32.84
CA GLY F 18 -14.69 3.36 -32.88
C GLY F 18 -15.37 2.80 -34.12
N VAL F 19 -14.73 3.00 -35.28
CA VAL F 19 -15.30 2.50 -36.53
C VAL F 19 -15.40 0.98 -36.48
N ASP F 20 -14.38 0.31 -35.94
CA ASP F 20 -14.42 -1.15 -35.85
C ASP F 20 -15.51 -1.63 -34.92
N LYS F 21 -15.72 -0.94 -33.81
CA LYS F 21 -16.81 -1.34 -32.91
C LYS F 21 -18.15 -1.22 -33.61
N LEU F 22 -18.39 -0.08 -34.29
CA LEU F 22 -19.66 0.08 -34.99
C LEU F 22 -19.82 -0.96 -36.09
N ALA F 23 -18.74 -1.22 -36.84
CA ALA F 23 -18.81 -2.19 -37.93
C ALA F 23 -19.07 -3.60 -37.41
N ASP F 24 -18.45 -3.96 -36.30
CA ASP F 24 -18.70 -5.28 -35.73
C ASP F 24 -20.13 -5.41 -35.21
N THR F 25 -20.69 -4.31 -34.70
CA THR F 25 -22.08 -4.37 -34.29
C THR F 25 -23.02 -4.49 -35.49
N VAL F 26 -22.68 -3.85 -36.60
CA VAL F 26 -23.61 -3.76 -37.72
C VAL F 26 -23.51 -4.95 -38.66
N LYS F 27 -22.29 -5.31 -39.09
CA LYS F 27 -22.11 -6.17 -40.25
C LYS F 27 -22.67 -7.57 -40.04
N VAL F 28 -22.86 -8.01 -38.79
CA VAL F 28 -23.33 -9.37 -38.58
C VAL F 28 -24.74 -9.58 -39.10
N THR F 29 -25.48 -8.50 -39.35
CA THR F 29 -26.82 -8.60 -39.91
C THR F 29 -26.83 -8.62 -41.42
N LEU F 30 -25.68 -8.46 -42.06
CA LEU F 30 -25.63 -8.38 -43.52
C LEU F 30 -25.98 -9.73 -44.13
N GLY F 31 -26.64 -9.67 -45.29
CA GLY F 31 -26.95 -10.87 -46.05
C GLY F 31 -28.27 -11.48 -45.66
N PRO F 32 -28.84 -12.30 -46.55
CA PRO F 32 -30.10 -12.98 -46.22
C PRO F 32 -30.00 -13.89 -45.00
N LYS F 33 -28.85 -14.52 -44.80
CA LYS F 33 -28.62 -15.36 -43.62
C LYS F 33 -28.04 -14.58 -42.46
N GLY F 34 -28.35 -13.29 -42.35
CA GLY F 34 -27.81 -12.49 -41.28
C GLY F 34 -28.31 -12.94 -39.92
N ARG F 35 -27.48 -12.73 -38.90
CA ARG F 35 -27.81 -13.10 -37.54
C ARG F 35 -28.37 -11.91 -36.78
N ASN F 36 -29.07 -12.22 -35.68
CA ASN F 36 -29.78 -11.20 -34.92
C ASN F 36 -28.90 -10.65 -33.80
N VAL F 37 -29.21 -9.42 -33.40
CA VAL F 37 -28.47 -8.69 -32.38
C VAL F 37 -29.45 -8.23 -31.31
N VAL F 38 -28.97 -8.10 -30.08
CA VAL F 38 -29.81 -7.71 -28.96
C VAL F 38 -29.52 -6.25 -28.61
N LEU F 39 -30.56 -5.44 -28.60
CA LEU F 39 -30.50 -4.05 -28.18
C LEU F 39 -31.32 -3.90 -26.91
N GLU F 40 -30.91 -2.99 -26.04
CA GLU F 40 -31.65 -2.76 -24.80
C GLU F 40 -32.61 -1.59 -24.96
N LYS F 41 -33.71 -1.65 -24.21
CA LYS F 41 -34.71 -0.59 -24.19
C LYS F 41 -35.01 -0.19 -22.76
N SER F 42 -35.33 1.09 -22.56
CA SER F 42 -35.57 1.59 -21.21
C SER F 42 -36.77 0.91 -20.57
N TYR F 43 -37.85 0.73 -21.33
CA TYR F 43 -39.05 0.07 -20.84
C TYR F 43 -39.43 -1.06 -21.78
N GLY F 44 -40.16 -2.04 -21.24
CA GLY F 44 -40.69 -3.12 -22.04
C GLY F 44 -39.64 -4.16 -22.37
N SER F 45 -40.08 -5.15 -23.14
CA SER F 45 -39.19 -6.22 -23.55
C SER F 45 -38.09 -5.67 -24.44
N PRO F 46 -36.85 -6.11 -24.23
CA PRO F 46 -35.75 -5.70 -25.10
C PRO F 46 -35.98 -6.16 -26.53
N LEU F 47 -35.57 -5.31 -27.48
CA LEU F 47 -35.79 -5.55 -28.90
C LEU F 47 -34.61 -6.30 -29.50
N ILE F 48 -34.91 -7.40 -30.18
CA ILE F 48 -33.90 -8.17 -30.92
C ILE F 48 -34.21 -8.03 -32.41
N THR F 49 -33.21 -7.61 -33.18
CA THR F 49 -33.44 -7.36 -34.59
C THR F 49 -32.16 -7.57 -35.38
N ASN F 50 -32.33 -7.74 -36.68
CA ASN F 50 -31.23 -7.76 -37.64
C ASN F 50 -31.33 -6.60 -38.62
N ASP F 51 -32.06 -5.55 -38.26
CA ASP F 51 -32.18 -4.35 -39.08
C ASP F 51 -31.01 -3.43 -38.77
N GLY F 52 -30.12 -3.26 -39.75
CA GLY F 52 -28.86 -2.58 -39.48
C GLY F 52 -29.03 -1.12 -39.08
N VAL F 53 -29.93 -0.41 -39.76
CA VAL F 53 -30.05 1.03 -39.54
C VAL F 53 -30.48 1.32 -38.11
N THR F 54 -31.42 0.54 -37.59
CA THR F 54 -31.88 0.74 -36.21
C THR F 54 -30.74 0.52 -35.23
N ILE F 55 -29.98 -0.56 -35.43
CA ILE F 55 -28.88 -0.85 -34.52
C ILE F 55 -27.84 0.26 -34.55
N ALA F 56 -27.49 0.73 -35.75
CA ALA F 56 -26.53 1.82 -35.85
C ALA F 56 -27.05 3.08 -35.18
N LYS F 57 -28.35 3.34 -35.30
CA LYS F 57 -28.94 4.49 -34.63
C LYS F 57 -28.83 4.36 -33.12
N GLU F 58 -28.98 3.14 -32.60
CA GLU F 58 -28.99 2.95 -31.16
C GLU F 58 -27.59 2.94 -30.53
N ILE F 59 -26.54 2.95 -31.33
CA ILE F 59 -25.19 2.81 -30.79
C ILE F 59 -24.69 4.16 -30.29
N GLU F 60 -24.01 4.15 -29.13
CA GLU F 60 -23.41 5.34 -28.56
C GLU F 60 -22.32 4.90 -27.60
N LEU F 61 -21.07 5.23 -27.90
CA LEU F 61 -19.93 4.73 -27.16
C LEU F 61 -19.48 5.72 -26.10
N GLU F 62 -18.96 5.19 -25.00
CA GLU F 62 -18.55 6.02 -23.87
C GLU F 62 -17.28 6.81 -24.20
N ASP F 63 -16.30 6.16 -24.82
CA ASP F 63 -15.10 6.85 -25.24
C ASP F 63 -15.43 7.93 -26.25
N HIS F 64 -14.86 9.12 -26.06
CA HIS F 64 -15.25 10.26 -26.88
C HIS F 64 -14.85 10.09 -28.35
N PHE F 65 -13.62 9.65 -28.60
CA PHE F 65 -13.15 9.56 -29.98
C PHE F 65 -13.82 8.40 -30.71
N GLU F 66 -13.99 7.27 -30.03
CA GLU F 66 -14.77 6.18 -30.61
C GLU F 66 -16.20 6.64 -30.87
N ASN F 67 -16.73 7.51 -30.01
CA ASN F 67 -18.05 8.08 -30.25
C ASN F 67 -18.04 8.94 -31.50
N MET F 68 -16.96 9.68 -31.73
CA MET F 68 -16.85 10.47 -32.95
C MET F 68 -16.87 9.57 -34.18
N GLY F 69 -16.16 8.44 -34.11
CA GLY F 69 -16.20 7.49 -35.21
C GLY F 69 -17.59 6.93 -35.45
N ALA F 70 -18.26 6.54 -34.36
CA ALA F 70 -19.61 6.00 -34.49
C ALA F 70 -20.55 7.02 -35.11
N LYS F 71 -20.49 8.26 -34.63
CA LYS F 71 -21.36 9.30 -35.16
C LYS F 71 -21.06 9.58 -36.63
N LEU F 72 -19.77 9.59 -37.00
CA LEU F 72 -19.41 9.80 -38.40
C LEU F 72 -20.02 8.72 -39.28
N VAL F 73 -19.80 7.45 -38.94
CA VAL F 73 -20.32 6.38 -39.78
C VAL F 73 -21.85 6.39 -39.79
N SER F 74 -22.48 6.73 -38.66
CA SER F 74 -23.93 6.82 -38.63
C SER F 74 -24.44 7.91 -39.57
N GLU F 75 -23.80 9.07 -39.58
CA GLU F 75 -24.21 10.10 -40.51
C GLU F 75 -23.95 9.69 -41.95
N VAL F 76 -22.95 8.85 -42.19
CA VAL F 76 -22.74 8.32 -43.53
C VAL F 76 -23.94 7.47 -43.95
N ALA F 77 -24.33 6.54 -43.07
CA ALA F 77 -25.46 5.68 -43.38
C ALA F 77 -26.75 6.48 -43.53
N SER F 78 -26.80 7.66 -42.90
CA SER F 78 -27.98 8.50 -42.99
C SER F 78 -28.27 8.88 -44.44
N LYS F 79 -27.25 9.23 -45.20
CA LYS F 79 -27.45 9.64 -46.58
C LYS F 79 -27.92 8.50 -47.47
N THR F 80 -27.78 7.25 -47.03
CA THR F 80 -28.03 6.11 -47.89
C THR F 80 -29.29 5.33 -47.53
N ASN F 81 -29.71 5.34 -46.26
CA ASN F 81 -30.88 4.54 -45.89
C ASN F 81 -32.16 5.06 -46.53
N ASP F 82 -32.12 6.26 -47.09
CA ASP F 82 -33.32 6.85 -47.69
C ASP F 82 -33.87 5.96 -48.79
N ILE F 83 -32.98 5.45 -49.65
CA ILE F 83 -33.41 4.53 -50.71
C ILE F 83 -33.26 3.09 -50.22
N ALA F 84 -34.30 2.29 -50.45
CA ALA F 84 -34.39 0.92 -49.96
C ALA F 84 -34.11 0.86 -48.45
N GLY F 85 -33.56 -0.26 -47.99
CA GLY F 85 -33.28 -0.42 -46.58
C GLY F 85 -32.01 -1.19 -46.28
N ASP F 86 -31.22 -1.50 -47.31
CA ASP F 86 -30.00 -2.28 -47.13
C ASP F 86 -28.72 -1.50 -47.41
N GLY F 87 -28.80 -0.34 -48.06
CA GLY F 87 -27.62 0.44 -48.33
C GLY F 87 -26.99 1.08 -47.12
N THR F 88 -27.63 1.00 -45.97
CA THR F 88 -27.11 1.56 -44.73
C THR F 88 -26.12 0.65 -44.04
N THR F 89 -25.88 -0.55 -44.58
CA THR F 89 -24.97 -1.51 -43.98
C THR F 89 -23.73 -1.75 -44.81
N THR F 90 -23.88 -1.97 -46.12
CA THR F 90 -22.73 -2.23 -46.98
C THR F 90 -21.75 -1.07 -46.93
N ALA F 91 -22.28 0.16 -46.86
CA ALA F 91 -21.43 1.34 -46.77
C ALA F 91 -20.55 1.27 -45.53
N THR F 92 -21.12 0.85 -44.40
CA THR F 92 -20.34 0.75 -43.16
C THR F 92 -19.22 -0.26 -43.29
N VAL F 93 -19.51 -1.43 -43.87
CA VAL F 93 -18.51 -2.47 -44.00
C VAL F 93 -17.37 -2.00 -44.90
N LEU F 94 -17.72 -1.42 -46.05
CA LEU F 94 -16.70 -0.90 -46.95
C LEU F 94 -15.87 0.18 -46.28
N THR F 95 -16.53 1.07 -45.54
CA THR F 95 -15.80 2.11 -44.83
C THR F 95 -14.81 1.52 -43.84
N GLN F 96 -15.25 0.52 -43.07
CA GLN F 96 -14.34 -0.11 -42.11
C GLN F 96 -13.13 -0.69 -42.81
N ALA F 97 -13.36 -1.46 -43.88
CA ALA F 97 -12.25 -2.12 -44.55
C ALA F 97 -11.27 -1.10 -45.12
N ILE F 98 -11.80 -0.11 -45.84
CA ILE F 98 -10.94 0.89 -46.46
C ILE F 98 -10.14 1.64 -45.40
N VAL F 99 -10.80 2.04 -44.31
CA VAL F 99 -10.13 2.81 -43.28
C VAL F 99 -9.02 1.98 -42.64
N ARG F 100 -9.31 0.72 -42.32
CA ARG F 100 -8.30 -0.11 -41.68
C ARG F 100 -7.08 -0.27 -42.55
N GLU F 101 -7.29 -0.70 -43.81
CA GLU F 101 -6.14 -0.96 -44.67
C GLU F 101 -5.40 0.33 -45.00
N GLY F 102 -6.13 1.44 -45.17
CA GLY F 102 -5.47 2.70 -45.46
C GLY F 102 -4.64 3.20 -44.30
N LEU F 103 -5.15 3.04 -43.07
CA LEU F 103 -4.36 3.43 -41.91
C LEU F 103 -3.10 2.58 -41.81
N LYS F 104 -3.24 1.28 -42.05
CA LYS F 104 -2.06 0.41 -42.00
C LYS F 104 -1.03 0.84 -43.04
N ASN F 105 -1.47 1.18 -44.25
CA ASN F 105 -0.53 1.62 -45.28
C ASN F 105 0.10 2.96 -44.92
N VAL F 106 -0.69 3.89 -44.39
CA VAL F 106 -0.18 5.21 -44.07
C VAL F 106 0.84 5.14 -42.95
N THR F 107 0.65 4.20 -42.02
CA THR F 107 1.60 4.03 -40.92
C THR F 107 3.01 3.82 -41.42
N ALA F 108 3.17 3.21 -42.60
CA ALA F 108 4.48 2.95 -43.18
C ALA F 108 4.83 3.92 -44.31
N GLY F 109 4.40 5.18 -44.21
CA GLY F 109 4.67 6.15 -45.24
C GLY F 109 3.48 6.38 -46.15
N ALA F 110 3.75 6.63 -47.44
CA ALA F 110 2.69 6.79 -48.43
C ALA F 110 1.73 7.90 -48.05
N ASN F 111 2.17 9.17 -48.17
CA ASN F 111 1.41 10.35 -47.77
C ASN F 111 -0.07 10.23 -48.13
N PRO F 112 -0.96 10.61 -47.22
CA PRO F 112 -2.38 10.28 -47.40
C PRO F 112 -3.01 10.90 -48.64
N LEU F 113 -2.46 11.99 -49.16
CA LEU F 113 -3.09 12.65 -50.31
C LEU F 113 -3.10 11.73 -51.52
N GLY F 114 -1.99 11.04 -51.78
CA GLY F 114 -1.97 10.08 -52.87
C GLY F 114 -2.99 8.97 -52.68
N ILE F 115 -3.15 8.50 -51.44
CA ILE F 115 -4.13 7.48 -51.16
C ILE F 115 -5.54 7.98 -51.45
N ARG F 116 -5.83 9.22 -51.05
CA ARG F 116 -7.16 9.78 -51.30
C ARG F 116 -7.41 9.93 -52.80
N ARG F 117 -6.39 10.37 -53.55
CA ARG F 117 -6.54 10.51 -54.99
C ARG F 117 -6.81 9.16 -55.64
N GLY F 118 -6.05 8.14 -55.23
CA GLY F 118 -6.26 6.81 -55.77
C GLY F 118 -7.62 6.26 -55.44
N ILE F 119 -8.07 6.47 -54.20
CA ILE F 119 -9.39 6.00 -53.80
C ILE F 119 -10.47 6.67 -54.64
N GLU F 120 -10.35 7.98 -54.84
CA GLU F 120 -11.35 8.68 -55.65
C GLU F 120 -11.35 8.17 -57.09
N LEU F 121 -10.17 7.97 -57.67
CA LEU F 121 -10.10 7.47 -59.04
C LEU F 121 -10.73 6.09 -59.15
N ALA F 122 -10.41 5.20 -58.21
CA ALA F 122 -10.96 3.85 -58.24
C ALA F 122 -12.47 3.88 -58.09
N THR F 123 -12.97 4.73 -57.18
CA THR F 123 -14.42 4.82 -56.97
C THR F 123 -15.12 5.36 -58.21
N LYS F 124 -14.53 6.37 -58.86
CA LYS F 124 -15.12 6.90 -60.08
C LYS F 124 -15.17 5.83 -61.16
N ALA F 125 -14.08 5.06 -61.32
CA ALA F 125 -14.07 4.00 -62.31
C ALA F 125 -15.12 2.93 -61.98
N ALA F 126 -15.25 2.60 -60.70
CA ALA F 126 -16.22 1.59 -60.30
C ALA F 126 -17.65 2.05 -60.57
N VAL F 127 -17.95 3.33 -60.29
CA VAL F 127 -19.28 3.85 -60.57
C VAL F 127 -19.54 3.82 -62.08
N GLU F 128 -18.53 4.20 -62.87
CA GLU F 128 -18.69 4.15 -64.32
C GLU F 128 -18.98 2.73 -64.78
N GLU F 129 -18.27 1.76 -64.24
CA GLU F 129 -18.49 0.36 -64.61
C GLU F 129 -19.89 -0.10 -64.20
N LEU F 130 -20.33 0.29 -63.01
CA LEU F 130 -21.67 -0.11 -62.56
C LEU F 130 -22.74 0.45 -63.48
N HIS F 131 -22.60 1.72 -63.87
CA HIS F 131 -23.52 2.27 -64.86
C HIS F 131 -23.38 1.59 -66.21
N ASN F 132 -22.21 1.02 -66.50
CA ASN F 132 -22.01 0.30 -67.76
C ASN F 132 -22.77 -1.02 -67.76
N ILE F 133 -22.44 -1.92 -66.84
CA ILE F 133 -23.11 -3.20 -66.76
C ILE F 133 -24.32 -3.08 -65.83
N SER F 134 -25.51 -3.25 -66.39
CA SER F 134 -26.75 -3.19 -65.64
C SER F 134 -27.89 -3.59 -66.56
N THR F 135 -28.96 -4.10 -65.96
CA THR F 135 -30.18 -4.43 -66.68
C THR F 135 -31.08 -3.20 -66.63
N VAL F 136 -31.13 -2.46 -67.74
CA VAL F 136 -31.95 -1.25 -67.78
C VAL F 136 -33.41 -1.63 -67.66
N VAL F 137 -34.06 -1.12 -66.62
CA VAL F 137 -35.47 -1.41 -66.38
C VAL F 137 -36.30 -0.23 -66.84
N ASP F 138 -36.80 -0.32 -68.07
CA ASP F 138 -37.66 0.72 -68.65
C ASP F 138 -39.00 0.19 -69.13
N SER F 139 -39.08 -1.06 -69.57
CA SER F 139 -40.32 -1.62 -70.06
C SER F 139 -41.36 -1.72 -68.94
N LYS F 140 -42.62 -1.55 -69.31
CA LYS F 140 -43.70 -1.62 -68.33
C LYS F 140 -43.77 -3.00 -67.68
N GLU F 141 -43.60 -4.05 -68.48
CA GLU F 141 -43.61 -5.40 -67.94
C GLU F 141 -42.47 -5.60 -66.95
N ALA F 142 -41.28 -5.11 -67.30
CA ALA F 142 -40.15 -5.19 -66.38
C ALA F 142 -40.41 -4.41 -65.11
N ILE F 143 -41.02 -3.23 -65.24
CA ILE F 143 -41.34 -2.43 -64.06
C ILE F 143 -42.30 -3.18 -63.15
N ALA F 144 -43.33 -3.79 -63.74
CA ALA F 144 -44.28 -4.56 -62.95
C ALA F 144 -43.60 -5.74 -62.26
N GLN F 145 -42.71 -6.42 -62.99
CA GLN F 145 -41.99 -7.54 -62.41
C GLN F 145 -41.14 -7.08 -61.23
N VAL F 146 -40.44 -5.95 -61.39
CA VAL F 146 -39.61 -5.42 -60.31
C VAL F 146 -40.48 -5.08 -59.10
N ALA F 147 -41.66 -4.51 -59.36
CA ALA F 147 -42.62 -4.29 -58.28
C ALA F 147 -43.00 -5.61 -57.62
N ALA F 148 -42.99 -6.70 -58.40
CA ALA F 148 -43.31 -8.01 -57.83
C ALA F 148 -42.12 -8.63 -57.11
N VAL F 149 -40.91 -8.10 -57.34
CA VAL F 149 -39.72 -8.60 -56.66
C VAL F 149 -39.81 -8.24 -55.18
N SER F 150 -38.88 -8.77 -54.37
CA SER F 150 -38.96 -8.80 -52.92
C SER F 150 -40.34 -9.30 -52.47
N SER F 151 -40.84 -8.75 -51.37
CA SER F 151 -42.13 -9.20 -50.85
C SER F 151 -43.23 -8.89 -51.85
N GLY F 152 -43.52 -7.60 -52.03
CA GLY F 152 -44.40 -7.11 -53.08
C GLY F 152 -45.73 -7.83 -53.24
N SER F 153 -46.09 -8.64 -52.24
CA SER F 153 -47.18 -9.61 -52.36
C SER F 153 -47.20 -10.20 -53.76
N ASP F 154 -48.34 -10.19 -54.39
CA ASP F 154 -48.43 -10.31 -55.85
C ASP F 154 -49.28 -9.21 -56.45
N LYS F 155 -50.39 -8.83 -55.80
CA LYS F 155 -51.26 -7.80 -56.34
C LYS F 155 -50.57 -6.44 -56.34
N VAL F 156 -49.65 -6.22 -55.41
CA VAL F 156 -48.97 -4.93 -55.33
C VAL F 156 -48.19 -4.67 -56.61
N GLY F 157 -47.68 -5.72 -57.25
CA GLY F 157 -46.99 -5.52 -58.51
C GLY F 157 -47.87 -4.89 -59.56
N HIS F 158 -49.05 -5.47 -59.79
CA HIS F 158 -49.97 -4.91 -60.78
C HIS F 158 -50.48 -3.54 -60.35
N LEU F 159 -50.76 -3.37 -59.05
CA LEU F 159 -51.25 -2.08 -58.57
C LEU F 159 -50.23 -1.00 -58.83
N ILE F 160 -48.97 -1.26 -58.51
CA ILE F 160 -47.90 -0.30 -58.74
C ILE F 160 -47.72 -0.05 -60.23
N ALA F 161 -47.79 -1.11 -61.04
CA ALA F 161 -47.66 -0.93 -62.48
C ALA F 161 -48.74 0.01 -63.02
N ASP F 162 -49.99 -0.23 -62.63
CA ASP F 162 -51.09 0.60 -63.13
C ASP F 162 -50.96 2.03 -62.63
N ALA F 163 -50.65 2.23 -61.35
CA ALA F 163 -50.49 3.57 -60.81
C ALA F 163 -49.34 4.29 -61.52
N MET F 164 -48.22 3.58 -61.72
CA MET F 164 -47.07 4.12 -62.41
C MET F 164 -47.44 4.59 -63.81
N GLU F 165 -48.16 3.75 -64.54
CA GLU F 165 -48.55 4.12 -65.90
C GLU F 165 -49.50 5.31 -65.89
N LYS F 166 -50.45 5.32 -64.96
CA LYS F 166 -51.44 6.40 -64.92
C LYS F 166 -50.82 7.74 -64.58
N VAL F 167 -49.91 7.79 -63.61
CA VAL F 167 -49.34 9.06 -63.15
C VAL F 167 -48.00 9.34 -63.79
N GLY F 168 -47.40 8.38 -64.48
CA GLY F 168 -46.10 8.57 -65.09
C GLY F 168 -44.97 8.24 -64.13
N ASN F 169 -43.75 8.31 -64.66
CA ASN F 169 -42.57 7.89 -63.90
C ASN F 169 -42.35 8.81 -62.69
N ASP F 170 -42.54 10.10 -62.88
CA ASP F 170 -42.38 11.06 -61.79
C ASP F 170 -43.68 11.41 -61.09
N GLY F 171 -44.78 10.74 -61.45
CA GLY F 171 -46.05 11.02 -60.83
C GLY F 171 -46.10 10.64 -59.37
N VAL F 172 -47.01 11.28 -58.64
CA VAL F 172 -47.14 11.08 -57.21
C VAL F 172 -48.04 9.88 -56.95
N ILE F 173 -47.57 8.96 -56.12
CA ILE F 173 -48.34 7.79 -55.72
C ILE F 173 -48.47 7.81 -54.21
N THR F 174 -49.71 7.71 -53.72
CA THR F 174 -50.00 7.77 -52.30
C THR F 174 -50.65 6.47 -51.86
N ILE F 175 -50.41 6.10 -50.60
CA ILE F 175 -50.89 4.86 -50.03
C ILE F 175 -51.82 5.19 -48.86
N GLU F 176 -53.01 4.59 -48.86
CA GLU F 176 -54.01 4.85 -47.84
C GLU F 176 -54.60 3.54 -47.36
N GLU F 177 -55.25 3.60 -46.21
CA GLU F 177 -55.89 2.43 -45.60
C GLU F 177 -57.38 2.44 -45.95
N SER F 178 -57.80 1.51 -46.80
CA SER F 178 -59.20 1.37 -47.13
C SER F 178 -59.96 0.74 -45.97
N LYS F 179 -61.16 1.25 -45.69
CA LYS F 179 -61.98 0.69 -44.64
C LYS F 179 -62.49 -0.71 -44.99
N GLY F 180 -62.48 -1.07 -46.26
CA GLY F 180 -62.89 -2.38 -46.69
C GLY F 180 -61.79 -3.41 -46.55
N ILE F 181 -62.04 -4.59 -47.10
CA ILE F 181 -61.08 -5.68 -47.05
C ILE F 181 -60.22 -5.76 -48.32
N GLU F 182 -60.54 -4.98 -49.34
CA GLU F 182 -59.83 -5.02 -50.61
C GLU F 182 -58.97 -3.78 -50.79
N THR F 183 -57.80 -3.98 -51.38
CA THR F 183 -56.91 -2.86 -51.73
C THR F 183 -57.29 -2.32 -53.10
N GLU F 184 -57.48 -1.01 -53.18
CA GLU F 184 -57.95 -0.37 -54.40
C GLU F 184 -57.02 0.76 -54.78
N LEU F 185 -56.93 1.02 -56.08
CA LEU F 185 -56.11 2.09 -56.63
C LEU F 185 -57.01 3.18 -57.19
N ASP F 186 -56.74 4.43 -56.81
CA ASP F 186 -57.50 5.57 -57.27
C ASP F 186 -56.57 6.67 -57.72
N VAL F 187 -56.96 7.38 -58.78
CA VAL F 187 -56.21 8.52 -59.29
C VAL F 187 -57.10 9.74 -59.15
N VAL F 188 -56.63 10.73 -58.40
CA VAL F 188 -57.38 11.94 -58.10
C VAL F 188 -56.52 13.15 -58.41
N GLU F 189 -57.13 14.32 -58.31
CA GLU F 189 -56.41 15.58 -58.46
C GLU F 189 -55.66 15.89 -57.18
N GLY F 190 -54.36 16.13 -57.30
CA GLY F 190 -53.53 16.38 -56.13
C GLY F 190 -52.34 17.22 -56.51
N MET F 191 -51.54 17.55 -55.49
CA MET F 191 -50.40 18.42 -55.69
C MET F 191 -49.31 18.05 -54.69
N GLN F 192 -48.12 17.75 -55.21
CA GLN F 192 -46.96 17.55 -54.36
C GLN F 192 -45.85 18.48 -54.82
N PHE F 193 -45.25 19.18 -53.87
CA PHE F 193 -44.16 20.11 -54.15
C PHE F 193 -43.07 19.96 -53.10
N ASP F 194 -41.85 20.25 -53.51
CA ASP F 194 -40.66 20.03 -52.69
C ASP F 194 -40.54 21.14 -51.64
N ARG F 195 -41.43 21.08 -50.66
CA ARG F 195 -41.41 21.98 -49.51
C ARG F 195 -41.82 21.17 -48.28
N GLY F 196 -40.86 20.90 -47.40
CA GLY F 196 -41.14 20.17 -46.18
C GLY F 196 -41.64 21.08 -45.08
N TYR F 197 -41.91 20.47 -43.93
CA TYR F 197 -42.37 21.22 -42.78
C TYR F 197 -41.27 22.16 -42.28
N LEU F 198 -41.69 23.27 -41.67
CA LEU F 198 -40.74 24.22 -41.12
C LEU F 198 -40.16 23.76 -39.78
N SER F 199 -40.80 22.80 -39.12
CA SER F 199 -40.30 22.29 -37.85
C SER F 199 -40.79 20.86 -37.67
N GLN F 200 -40.03 20.10 -36.87
CA GLN F 200 -40.39 18.71 -36.59
C GLN F 200 -41.42 18.57 -35.48
N TYR F 201 -41.75 19.66 -34.79
CA TYR F 201 -42.71 19.59 -33.70
C TYR F 201 -44.13 19.37 -34.16
N MET F 202 -44.46 19.76 -35.39
CA MET F 202 -45.80 19.58 -35.94
C MET F 202 -45.96 18.25 -36.68
N VAL F 203 -44.98 17.35 -36.55
CA VAL F 203 -45.08 16.06 -37.20
C VAL F 203 -46.17 15.22 -36.55
N THR F 204 -47.11 14.74 -37.35
CA THR F 204 -48.21 13.94 -36.82
C THR F 204 -47.83 12.47 -36.66
N ASP F 205 -47.07 11.93 -37.62
CA ASP F 205 -46.64 10.53 -37.59
C ASP F 205 -45.14 10.53 -37.28
N ASN F 206 -44.81 10.30 -36.01
CA ASN F 206 -43.40 10.28 -35.60
C ASN F 206 -42.64 9.15 -36.27
N ASP F 207 -43.27 7.98 -36.39
CA ASP F 207 -42.59 6.84 -37.00
C ASP F 207 -42.27 7.10 -38.46
N LYS F 208 -43.20 7.68 -39.20
CA LYS F 208 -42.97 8.01 -40.60
C LYS F 208 -42.40 9.42 -40.80
N MET F 209 -42.28 10.20 -39.73
CA MET F 209 -41.69 11.54 -39.78
C MET F 209 -42.59 12.51 -40.55
N GLU F 210 -43.64 11.98 -41.17
CA GLU F 210 -44.52 12.78 -42.02
C GLU F 210 -45.61 13.44 -41.19
N ALA F 211 -46.06 14.60 -41.66
CA ALA F 211 -47.19 15.32 -41.09
C ALA F 211 -48.43 15.00 -41.89
N VAL F 212 -49.44 14.44 -41.25
CA VAL F 212 -50.65 13.98 -41.91
C VAL F 212 -51.82 14.83 -41.44
N LEU F 213 -52.54 15.43 -42.39
CA LEU F 213 -53.72 16.24 -42.11
C LEU F 213 -54.89 15.69 -42.90
N GLU F 214 -56.02 15.50 -42.22
CA GLU F 214 -57.23 14.96 -42.83
C GLU F 214 -58.26 16.07 -42.94
N ASN F 215 -58.72 16.33 -44.16
CA ASN F 215 -59.62 17.42 -44.46
C ASN F 215 -59.17 18.74 -43.82
N PRO F 216 -57.97 19.22 -44.15
CA PRO F 216 -57.48 20.44 -43.51
C PRO F 216 -57.82 21.69 -44.31
N TYR F 217 -57.79 22.82 -43.61
CA TYR F 217 -57.88 24.11 -44.27
C TYR F 217 -56.51 24.54 -44.76
N ILE F 218 -56.48 25.17 -45.92
CA ILE F 218 -55.23 25.50 -46.60
C ILE F 218 -55.13 27.01 -46.72
N LEU F 219 -54.07 27.58 -46.14
CA LEU F 219 -53.77 28.99 -46.25
C LEU F 219 -52.75 29.19 -47.36
N ILE F 220 -53.12 29.96 -48.39
CA ILE F 220 -52.26 30.18 -49.54
C ILE F 220 -51.94 31.67 -49.61
N THR F 221 -50.66 32.00 -49.52
CA THR F 221 -50.24 33.39 -49.55
C THR F 221 -48.78 33.46 -49.96
N ASP F 222 -48.40 34.57 -50.59
CA ASP F 222 -47.01 34.83 -50.95
C ASP F 222 -46.30 35.72 -49.94
N LYS F 223 -47.02 36.22 -48.93
CA LYS F 223 -46.43 37.14 -47.97
C LYS F 223 -45.62 36.37 -46.93
N LYS F 224 -44.81 37.12 -46.18
CA LYS F 224 -44.02 36.55 -45.10
C LYS F 224 -44.77 36.74 -43.79
N ILE F 225 -44.93 35.65 -43.04
CA ILE F 225 -45.71 35.65 -41.82
C ILE F 225 -44.74 35.57 -40.65
N SER F 226 -44.44 36.73 -40.05
CA SER F 226 -43.61 36.79 -38.87
C SER F 226 -44.36 37.21 -37.62
N ASN F 227 -45.60 37.68 -37.75
CA ASN F 227 -46.41 38.10 -36.63
C ASN F 227 -47.62 37.18 -36.51
N ILE F 228 -47.83 36.66 -35.30
CA ILE F 228 -49.00 35.81 -35.06
C ILE F 228 -50.29 36.62 -35.05
N GLN F 229 -50.21 37.93 -34.85
CA GLN F 229 -51.41 38.77 -34.81
C GLN F 229 -52.08 38.85 -36.18
N ASP F 230 -51.31 38.66 -37.25
CA ASP F 230 -51.87 38.77 -38.60
C ASP F 230 -52.87 37.67 -38.91
N ILE F 231 -52.88 36.58 -38.15
CA ILE F 231 -53.71 35.43 -38.43
C ILE F 231 -54.59 35.03 -37.26
N LEU F 232 -54.61 35.80 -36.18
CA LEU F 232 -55.42 35.44 -35.02
C LEU F 232 -56.90 35.29 -35.33
N PRO F 233 -57.57 36.19 -36.08
CA PRO F 233 -58.98 35.95 -36.40
C PRO F 233 -59.19 34.65 -37.16
N LEU F 234 -58.34 34.36 -38.15
CA LEU F 234 -58.46 33.12 -38.90
C LEU F 234 -58.16 31.91 -38.03
N LEU F 235 -57.19 32.04 -37.12
CA LEU F 235 -56.91 30.96 -36.18
C LEU F 235 -58.12 30.68 -35.30
N GLU F 236 -58.78 31.72 -34.82
CA GLU F 236 -59.99 31.53 -34.01
C GLU F 236 -61.11 30.90 -34.81
N GLN F 237 -61.27 31.33 -36.07
CA GLN F 237 -62.29 30.73 -36.93
C GLN F 237 -62.04 29.24 -37.13
N ILE F 238 -60.78 28.86 -37.39
CA ILE F 238 -60.45 27.47 -37.61
C ILE F 238 -60.59 26.66 -36.34
N LEU F 239 -60.23 27.25 -35.19
CA LEU F 239 -60.46 26.60 -33.91
C LEU F 239 -61.93 26.35 -33.67
N GLN F 240 -62.78 27.31 -34.06
CA GLN F 240 -64.22 27.09 -34.01
C GLN F 240 -64.61 25.92 -34.91
N GLN F 241 -64.04 25.86 -36.12
CA GLN F 241 -64.29 24.75 -37.02
C GLN F 241 -63.61 23.47 -36.57
N SER F 242 -62.60 23.56 -35.72
CA SER F 242 -61.87 22.40 -35.19
C SER F 242 -61.31 21.53 -36.31
N ARG F 243 -60.80 22.16 -37.37
CA ARG F 243 -60.22 21.45 -38.49
C ARG F 243 -58.72 21.76 -38.57
N PRO F 244 -57.93 20.87 -39.17
CA PRO F 244 -56.52 21.18 -39.38
C PRO F 244 -56.34 22.34 -40.35
N LEU F 245 -55.23 23.06 -40.18
CA LEU F 245 -54.90 24.18 -41.05
C LEU F 245 -53.54 23.95 -41.69
N LEU F 246 -53.47 24.17 -43.00
CA LEU F 246 -52.21 24.16 -43.73
C LEU F 246 -51.87 25.59 -44.14
N ILE F 247 -50.63 26.00 -43.89
CA ILE F 247 -50.17 27.35 -44.21
C ILE F 247 -49.11 27.25 -45.29
N ILE F 248 -49.36 27.92 -46.41
CA ILE F 248 -48.40 28.02 -47.51
C ILE F 248 -48.06 29.50 -47.65
N ALA F 249 -46.86 29.87 -47.19
CA ALA F 249 -46.42 31.25 -47.23
C ALA F 249 -44.98 31.30 -47.71
N ASP F 250 -44.51 32.52 -47.98
CA ASP F 250 -43.12 32.70 -48.37
C ASP F 250 -42.18 32.25 -47.26
N ASP F 251 -42.47 32.64 -46.02
CA ASP F 251 -41.68 32.22 -44.87
C ASP F 251 -42.46 32.54 -43.60
N VAL F 252 -42.49 31.58 -42.68
CA VAL F 252 -43.11 31.75 -41.38
C VAL F 252 -41.99 31.71 -40.35
N ASP F 253 -41.78 32.83 -39.67
CA ASP F 253 -40.68 32.97 -38.72
C ASP F 253 -41.08 33.96 -37.66
N GLY F 254 -40.10 34.49 -36.93
CA GLY F 254 -40.39 35.51 -35.94
C GLY F 254 -41.05 34.90 -34.70
N GLU F 255 -42.12 35.54 -34.23
CA GLU F 255 -42.85 35.06 -33.08
C GLU F 255 -44.00 34.13 -33.47
N ALA F 256 -44.49 34.22 -34.70
CA ALA F 256 -45.61 33.38 -35.12
C ALA F 256 -45.24 31.91 -35.11
N LEU F 257 -44.03 31.58 -35.57
CA LEU F 257 -43.61 30.18 -35.63
C LEU F 257 -43.53 29.52 -34.25
N PRO F 258 -42.86 30.09 -33.25
CA PRO F 258 -42.88 29.46 -31.93
C PRO F 258 -44.27 29.37 -31.32
N THR F 259 -45.12 30.38 -31.57
CA THR F 259 -46.48 30.33 -31.06
C THR F 259 -47.26 29.17 -31.66
N LEU F 260 -47.14 28.99 -32.99
CA LEU F 260 -47.82 27.87 -33.64
C LEU F 260 -47.26 26.54 -33.18
N VAL F 261 -45.93 26.48 -32.99
CA VAL F 261 -45.32 25.24 -32.51
C VAL F 261 -45.85 24.89 -31.12
N LEU F 262 -45.93 25.87 -30.23
CA LEU F 262 -46.45 25.64 -28.89
C LEU F 262 -47.92 25.21 -28.94
N ASN F 263 -48.71 25.86 -29.80
CA ASN F 263 -50.12 25.49 -29.92
C ASN F 263 -50.27 24.06 -30.41
N LYS F 264 -49.46 23.67 -31.40
CA LYS F 264 -49.53 22.31 -31.93
C LYS F 264 -49.09 21.29 -30.88
N ILE F 265 -48.04 21.61 -30.12
CA ILE F 265 -47.58 20.71 -29.06
C ILE F 265 -48.67 20.54 -28.02
N ARG F 266 -49.30 21.64 -27.61
CA ARG F 266 -50.41 21.57 -26.66
C ARG F 266 -51.66 20.97 -27.25
N GLY F 267 -51.70 20.76 -28.58
CA GLY F 267 -52.87 20.23 -29.23
C GLY F 267 -53.97 21.25 -29.50
N THR F 268 -53.73 22.53 -29.21
CA THR F 268 -54.75 23.55 -29.45
C THR F 268 -55.06 23.67 -30.93
N PHE F 269 -54.04 23.62 -31.78
CA PHE F 269 -54.22 23.81 -33.21
C PHE F 269 -53.46 22.73 -33.97
N ASN F 270 -54.13 22.11 -34.94
CA ASN F 270 -53.50 21.14 -35.84
C ASN F 270 -53.05 21.86 -37.10
N VAL F 271 -52.05 22.72 -36.93
CA VAL F 271 -51.60 23.62 -37.97
C VAL F 271 -50.19 23.22 -38.42
N VAL F 272 -49.97 23.28 -39.73
CA VAL F 272 -48.66 23.04 -40.33
C VAL F 272 -48.37 24.17 -41.30
N ALA F 273 -47.18 24.76 -41.20
CA ALA F 273 -46.76 25.85 -42.07
C ALA F 273 -45.54 25.41 -42.88
N VAL F 274 -45.58 25.66 -44.19
CA VAL F 274 -44.49 25.32 -45.09
C VAL F 274 -44.20 26.50 -45.98
N LYS F 275 -43.01 26.49 -46.57
CA LYS F 275 -42.60 27.55 -47.47
C LYS F 275 -43.28 27.43 -48.83
N ALA F 276 -43.41 28.54 -49.51
CA ALA F 276 -44.04 28.56 -50.83
C ALA F 276 -43.07 28.07 -51.88
N PRO F 277 -43.42 27.06 -52.68
CA PRO F 277 -42.53 26.62 -53.75
C PRO F 277 -42.39 27.68 -54.83
N GLY F 278 -41.22 27.70 -55.45
CA GLY F 278 -40.91 28.67 -56.49
C GLY F 278 -40.43 29.99 -55.91
N PHE F 279 -39.86 30.80 -56.79
CA PHE F 279 -39.30 32.09 -56.39
C PHE F 279 -39.64 33.14 -57.43
N GLY F 280 -39.67 34.40 -56.98
CA GLY F 280 -39.94 35.49 -57.89
C GLY F 280 -41.32 35.39 -58.49
N ASP F 281 -41.41 35.78 -59.78
CA ASP F 281 -42.68 35.69 -60.49
C ASP F 281 -43.13 34.24 -60.64
N ARG F 282 -42.19 33.30 -60.64
CA ARG F 282 -42.55 31.90 -60.79
C ARG F 282 -43.38 31.42 -59.61
N ARG F 283 -43.03 31.84 -58.40
CA ARG F 283 -43.68 31.33 -57.19
C ARG F 283 -45.19 31.52 -57.25
N LYS F 284 -45.64 32.70 -57.67
CA LYS F 284 -47.06 32.98 -57.80
C LYS F 284 -47.74 32.06 -58.81
N ALA F 285 -46.98 31.50 -59.76
CA ALA F 285 -47.58 30.59 -60.74
C ALA F 285 -48.18 29.36 -60.05
N MET F 286 -47.34 28.56 -59.39
CA MET F 286 -47.92 27.41 -58.69
C MET F 286 -48.68 27.82 -57.45
N LEU F 287 -48.51 29.04 -56.94
CA LEU F 287 -49.40 29.51 -55.89
C LEU F 287 -50.84 29.61 -56.41
N GLU F 288 -51.01 30.23 -57.58
CA GLU F 288 -52.33 30.27 -58.21
C GLU F 288 -52.82 28.89 -58.59
N ASP F 289 -51.90 28.03 -59.02
CA ASP F 289 -52.29 26.65 -59.34
C ASP F 289 -52.84 25.94 -58.11
N ILE F 290 -52.17 26.10 -56.96
CA ILE F 290 -52.65 25.49 -55.72
C ILE F 290 -53.99 26.08 -55.33
N ALA F 291 -54.15 27.40 -55.48
CA ALA F 291 -55.44 28.02 -55.17
C ALA F 291 -56.55 27.45 -56.04
N ILE F 292 -56.28 27.26 -57.32
CA ILE F 292 -57.28 26.70 -58.22
C ILE F 292 -57.60 25.26 -57.84
N LEU F 293 -56.57 24.46 -57.56
CA LEU F 293 -56.79 23.05 -57.25
C LEU F 293 -57.56 22.87 -55.95
N THR F 294 -57.24 23.66 -54.93
CA THR F 294 -57.86 23.52 -53.63
C THR F 294 -59.11 24.37 -53.46
N GLY F 295 -59.40 25.26 -54.41
CA GLY F 295 -60.52 26.16 -54.29
C GLY F 295 -60.27 27.38 -53.44
N GLY F 296 -59.07 27.53 -52.89
CA GLY F 296 -58.73 28.68 -52.07
C GLY F 296 -58.30 29.86 -52.91
N THR F 297 -57.85 30.91 -52.22
CA THR F 297 -57.41 32.14 -52.86
C THR F 297 -56.03 32.51 -52.33
N VAL F 298 -55.15 32.93 -53.23
CA VAL F 298 -53.81 33.37 -52.85
C VAL F 298 -53.92 34.74 -52.19
N ILE F 299 -53.37 34.87 -50.99
CA ILE F 299 -53.38 36.13 -50.27
C ILE F 299 -52.10 36.88 -50.63
N THR F 300 -52.24 37.86 -51.52
CA THR F 300 -51.10 38.62 -52.00
C THR F 300 -51.44 40.11 -51.99
N ASP F 301 -50.41 40.93 -51.89
CA ASP F 301 -50.60 42.38 -51.92
C ASP F 301 -51.07 42.87 -53.28
N ASP F 302 -50.83 42.10 -54.35
CA ASP F 302 -51.31 42.48 -55.66
C ASP F 302 -52.84 42.50 -55.72
N LEU F 303 -53.47 41.53 -55.07
CA LEU F 303 -54.93 41.44 -55.02
C LEU F 303 -55.53 42.29 -53.92
N GLY F 304 -54.72 42.96 -53.11
CA GLY F 304 -55.23 43.76 -52.02
C GLY F 304 -55.78 42.98 -50.85
N LEU F 305 -55.37 41.73 -50.69
CA LEU F 305 -55.82 40.88 -49.59
C LEU F 305 -54.80 40.92 -48.47
N GLU F 306 -55.27 41.12 -47.24
CA GLU F 306 -54.43 41.16 -46.06
C GLU F 306 -54.61 39.89 -45.24
N LEU F 307 -53.57 39.56 -44.47
CA LEU F 307 -53.60 38.34 -43.67
C LEU F 307 -54.71 38.38 -42.64
N LYS F 308 -54.90 39.53 -41.99
CA LYS F 308 -55.95 39.67 -40.99
C LYS F 308 -57.34 39.61 -41.61
N ASP F 309 -57.46 39.86 -42.91
CA ASP F 309 -58.75 39.85 -43.59
C ASP F 309 -59.07 38.49 -44.20
N VAL F 310 -58.21 37.50 -44.02
CA VAL F 310 -58.46 36.17 -44.59
C VAL F 310 -59.58 35.49 -43.81
N THR F 311 -60.56 34.97 -44.54
CA THR F 311 -61.68 34.25 -43.95
C THR F 311 -61.58 32.77 -44.28
N ILE F 312 -62.54 32.00 -43.76
CA ILE F 312 -62.58 30.58 -44.02
C ILE F 312 -62.83 30.30 -45.51
N GLU F 313 -63.62 31.15 -46.16
CA GLU F 313 -63.97 30.94 -47.57
C GLU F 313 -62.73 30.97 -48.46
N ASN F 314 -61.81 31.91 -48.21
CA ASN F 314 -60.62 32.05 -49.03
C ASN F 314 -59.63 30.92 -48.86
N LEU F 315 -59.81 30.08 -47.86
CA LEU F 315 -58.87 28.99 -47.58
C LEU F 315 -59.11 27.82 -48.52
N GLY F 316 -58.03 27.22 -49.00
CA GLY F 316 -58.14 26.02 -49.78
C GLY F 316 -58.56 24.83 -48.92
N ASN F 317 -59.14 23.84 -49.60
CA ASN F 317 -59.61 22.64 -48.92
C ASN F 317 -59.18 21.41 -49.72
N ALA F 318 -58.85 20.34 -48.99
CA ALA F 318 -58.47 19.08 -49.60
C ALA F 318 -58.84 17.96 -48.63
N SER F 319 -58.98 16.75 -49.18
CA SER F 319 -59.32 15.61 -48.35
C SER F 319 -58.19 15.25 -47.39
N LYS F 320 -56.95 15.28 -47.88
CA LYS F 320 -55.81 14.86 -47.09
C LYS F 320 -54.56 15.59 -47.56
N VAL F 321 -53.71 15.96 -46.62
CA VAL F 321 -52.42 16.59 -46.92
C VAL F 321 -51.33 15.86 -46.15
N VAL F 322 -50.28 15.47 -46.85
CA VAL F 322 -49.14 14.79 -46.26
C VAL F 322 -47.92 15.68 -46.44
N VAL F 323 -47.24 15.98 -45.33
CA VAL F 323 -46.05 16.82 -45.33
C VAL F 323 -44.89 16.01 -44.75
N ASP F 324 -43.89 15.75 -45.57
CA ASP F 324 -42.67 15.09 -45.12
C ASP F 324 -41.62 16.14 -44.82
N LYS F 325 -40.38 15.70 -44.58
CA LYS F 325 -39.31 16.62 -44.25
C LYS F 325 -38.99 17.56 -45.40
N ASP F 326 -39.20 17.11 -46.64
CA ASP F 326 -38.77 17.87 -47.81
C ASP F 326 -39.89 18.21 -48.79
N ASN F 327 -41.02 17.50 -48.73
CA ASN F 327 -42.09 17.69 -49.70
C ASN F 327 -43.42 17.76 -48.98
N THR F 328 -44.38 18.45 -49.60
CA THR F 328 -45.74 18.55 -49.12
C THR F 328 -46.69 18.03 -50.19
N THR F 329 -47.53 17.08 -49.82
CA THR F 329 -48.45 16.42 -50.75
C THR F 329 -49.87 16.80 -50.42
N ILE F 330 -50.65 17.12 -51.45
CA ILE F 330 -52.05 17.49 -51.33
C ILE F 330 -52.88 16.44 -52.05
N VAL F 331 -53.92 15.93 -51.38
CA VAL F 331 -54.77 14.89 -51.93
C VAL F 331 -56.19 15.41 -52.04
N GLU F 332 -56.77 15.28 -53.23
CA GLU F 332 -58.18 15.59 -53.48
C GLU F 332 -58.50 17.04 -53.11
N GLY F 333 -57.88 17.96 -53.83
CA GLY F 333 -58.20 19.37 -53.66
C GLY F 333 -59.64 19.66 -54.01
N SER F 334 -60.21 20.64 -53.32
CA SER F 334 -61.63 20.95 -53.44
C SER F 334 -61.93 21.95 -54.55
N GLY F 335 -60.92 22.37 -55.31
CA GLY F 335 -61.15 23.32 -56.37
C GLY F 335 -61.93 22.72 -57.53
N GLU F 336 -62.50 23.60 -58.34
CA GLU F 336 -63.30 23.17 -59.47
C GLU F 336 -62.44 22.49 -60.52
N LYS F 337 -62.96 21.39 -61.07
CA LYS F 337 -62.25 20.69 -62.15
C LYS F 337 -62.11 21.57 -63.38
N GLU F 338 -63.15 22.35 -63.69
CA GLU F 338 -63.10 23.20 -64.88
C GLU F 338 -62.03 24.28 -64.76
N ALA F 339 -61.89 24.87 -63.57
CA ALA F 339 -60.86 25.88 -63.37
C ALA F 339 -59.46 25.26 -63.51
N ILE F 340 -59.28 24.05 -62.97
CA ILE F 340 -58.00 23.36 -63.12
C ILE F 340 -57.72 23.06 -64.58
N GLU F 341 -58.74 22.66 -65.33
CA GLU F 341 -58.59 22.41 -66.75
C GLU F 341 -58.21 23.68 -67.51
N ALA F 342 -58.84 24.80 -67.14
CA ALA F 342 -58.51 26.07 -67.77
C ALA F 342 -57.06 26.47 -67.48
N ARG F 343 -56.62 26.27 -66.24
CA ARG F 343 -55.24 26.56 -65.89
C ARG F 343 -54.29 25.65 -66.66
N VAL F 344 -54.65 24.37 -66.82
CA VAL F 344 -53.83 23.44 -67.57
C VAL F 344 -53.73 23.87 -69.03
N GLN F 345 -54.85 24.28 -69.62
CA GLN F 345 -54.83 24.76 -70.99
C GLN F 345 -53.99 26.02 -71.13
N LEU F 346 -54.07 26.92 -70.16
CA LEU F 346 -53.25 28.12 -70.18
C LEU F 346 -51.77 27.77 -70.13
N ILE F 347 -51.40 26.81 -69.27
CA ILE F 347 -50.00 26.40 -69.18
C ILE F 347 -49.55 25.72 -70.47
N LYS F 348 -50.43 24.94 -71.08
CA LYS F 348 -50.10 24.31 -72.36
C LYS F 348 -49.88 25.36 -73.45
N ASN F 349 -50.73 26.38 -73.48
CA ASN F 349 -50.55 27.47 -74.43
C ASN F 349 -49.23 28.20 -74.17
N GLN F 350 -48.91 28.44 -72.90
CA GLN F 350 -47.63 29.07 -72.58
C GLN F 350 -46.46 28.22 -73.05
N ILE F 351 -46.55 26.91 -72.86
CA ILE F 351 -45.49 26.00 -73.30
C ILE F 351 -45.34 26.06 -74.81
N ALA F 352 -46.46 26.04 -75.53
CA ALA F 352 -46.40 26.14 -76.99
C ALA F 352 -45.91 27.51 -77.44
N GLU F 353 -46.01 28.51 -76.58
CA GLU F 353 -45.61 29.87 -76.92
C GLU F 353 -44.23 30.23 -76.42
N THR F 354 -43.82 29.71 -75.26
CA THR F 354 -42.53 30.08 -74.71
C THR F 354 -41.39 29.60 -75.60
N THR F 355 -40.32 30.39 -75.65
CA THR F 355 -39.15 30.06 -76.44
C THR F 355 -37.95 29.64 -75.60
N SER F 356 -37.94 29.96 -74.31
CA SER F 356 -36.84 29.58 -73.43
C SER F 356 -37.02 28.14 -72.97
N ASP F 357 -35.99 27.33 -73.20
CA ASP F 357 -36.06 25.93 -72.80
C ASP F 357 -36.16 25.80 -71.29
N PHE F 358 -35.56 26.73 -70.55
CA PHE F 358 -35.68 26.73 -69.10
C PHE F 358 -37.11 27.06 -68.67
N ASP F 359 -37.67 28.13 -69.24
CA ASP F 359 -39.05 28.48 -68.93
C ASP F 359 -40.01 27.41 -69.42
N ARG F 360 -39.74 26.84 -70.60
CA ARG F 360 -40.57 25.75 -71.09
C ARG F 360 -40.51 24.55 -70.15
N GLU F 361 -39.32 24.25 -69.63
CA GLU F 361 -39.18 23.14 -68.70
C GLU F 361 -39.95 23.40 -67.40
N LYS F 362 -39.88 24.64 -66.88
CA LYS F 362 -40.61 24.95 -65.67
C LYS F 362 -42.12 24.86 -65.89
N LEU F 363 -42.60 25.38 -67.03
CA LEU F 363 -44.02 25.30 -67.34
C LEU F 363 -44.45 23.85 -67.54
N GLN F 364 -43.57 23.03 -68.14
CA GLN F 364 -43.85 21.62 -68.30
C GLN F 364 -43.94 20.92 -66.94
N GLU F 365 -43.06 21.29 -66.01
CA GLU F 365 -43.13 20.76 -64.66
C GLU F 365 -44.46 21.10 -64.02
N ARG F 366 -44.88 22.36 -64.14
CA ARG F 366 -46.19 22.76 -63.60
C ARG F 366 -47.32 21.97 -64.25
N LEU F 367 -47.27 21.83 -65.58
CA LEU F 367 -48.32 21.11 -66.30
C LEU F 367 -48.39 19.66 -65.88
N ALA F 368 -47.23 19.00 -65.76
CA ALA F 368 -47.20 17.60 -65.35
C ALA F 368 -47.70 17.44 -63.93
N LYS F 369 -47.32 18.36 -63.04
CA LYS F 369 -47.80 18.29 -61.66
C LYS F 369 -49.30 18.47 -61.59
N LEU F 370 -49.85 19.36 -62.41
CA LEU F 370 -51.29 19.61 -62.37
C LEU F 370 -52.08 18.48 -63.01
N ALA F 371 -51.59 17.94 -64.13
CA ALA F 371 -52.37 17.01 -64.94
C ALA F 371 -52.16 15.55 -64.56
N GLY F 372 -50.98 15.20 -64.05
CA GLY F 372 -50.72 13.80 -63.73
C GLY F 372 -51.54 13.30 -62.56
N GLY F 373 -52.01 14.21 -61.71
CA GLY F 373 -52.80 13.82 -60.57
C GLY F 373 -51.96 13.09 -59.54
N VAL F 374 -52.66 12.45 -58.60
CA VAL F 374 -52.04 11.69 -57.54
C VAL F 374 -52.66 10.31 -57.49
N ALA F 375 -51.82 9.28 -57.50
CA ALA F 375 -52.30 7.91 -57.34
C ALA F 375 -52.55 7.63 -55.88
N VAL F 376 -53.76 7.13 -55.57
CA VAL F 376 -54.14 6.81 -54.20
C VAL F 376 -54.35 5.30 -54.12
N VAL F 377 -53.62 4.66 -53.22
CA VAL F 377 -53.72 3.22 -53.00
C VAL F 377 -54.43 3.03 -51.68
N LYS F 378 -55.71 2.68 -51.73
CA LYS F 378 -56.51 2.45 -50.52
C LYS F 378 -56.37 0.98 -50.15
N VAL F 379 -55.50 0.69 -49.19
CA VAL F 379 -55.21 -0.68 -48.81
C VAL F 379 -56.31 -1.20 -47.90
N GLY F 380 -56.88 -2.35 -48.25
CA GLY F 380 -57.91 -2.97 -47.45
C GLY F 380 -57.49 -4.36 -47.03
N ALA F 381 -57.86 -4.74 -45.81
CA ALA F 381 -57.55 -6.05 -45.27
C ALA F 381 -58.53 -6.36 -44.15
N ALA F 382 -58.58 -7.64 -43.78
CA ALA F 382 -59.55 -8.08 -42.77
C ALA F 382 -59.20 -7.53 -41.39
N THR F 383 -57.92 -7.57 -41.01
CA THR F 383 -57.51 -7.18 -39.68
C THR F 383 -56.58 -5.97 -39.75
N GLU F 384 -56.57 -5.20 -38.66
CA GLU F 384 -55.71 -4.02 -38.60
C GLU F 384 -54.24 -4.41 -38.70
N THR F 385 -53.87 -5.53 -38.10
CA THR F 385 -52.51 -6.03 -38.24
C THR F 385 -52.19 -6.34 -39.70
N GLU F 386 -53.12 -6.99 -40.39
CA GLU F 386 -52.94 -7.25 -41.82
C GLU F 386 -52.84 -5.96 -42.60
N LEU F 387 -53.66 -4.97 -42.28
CA LEU F 387 -53.62 -3.69 -42.96
C LEU F 387 -52.25 -3.02 -42.79
N LYS F 388 -51.75 -3.02 -41.55
CA LYS F 388 -50.45 -2.39 -41.29
C LYS F 388 -49.33 -3.14 -42.00
N GLU F 389 -49.36 -4.48 -41.95
CA GLU F 389 -48.31 -5.25 -42.62
C GLU F 389 -48.34 -4.99 -44.13
N LEU F 390 -49.53 -4.97 -44.72
CA LEU F 390 -49.63 -4.69 -46.15
C LEU F 390 -49.15 -3.29 -46.47
N LYS F 391 -49.49 -2.31 -45.63
CA LYS F 391 -49.03 -0.95 -45.85
C LYS F 391 -47.51 -0.88 -45.85
N LEU F 392 -46.88 -1.50 -44.84
CA LEU F 392 -45.42 -1.49 -44.77
C LEU F 392 -44.81 -2.21 -45.97
N ARG F 393 -45.41 -3.33 -46.37
CA ARG F 393 -44.90 -4.08 -47.52
C ARG F 393 -45.00 -3.25 -48.80
N ILE F 394 -46.09 -2.51 -48.97
CA ILE F 394 -46.26 -1.68 -50.15
C ILE F 394 -45.28 -0.51 -50.15
N GLU F 395 -44.97 0.04 -48.97
CA GLU F 395 -44.10 1.22 -48.91
C GLU F 395 -42.73 0.92 -49.50
N ASP F 396 -42.02 -0.06 -48.95
CA ASP F 396 -40.67 -0.36 -49.43
C ASP F 396 -40.72 -0.92 -50.85
N ALA F 397 -41.80 -1.62 -51.20
CA ALA F 397 -41.93 -2.10 -52.57
C ALA F 397 -41.98 -0.94 -53.55
N LEU F 398 -42.77 0.09 -53.24
CA LEU F 398 -42.83 1.26 -54.09
C LEU F 398 -41.48 1.96 -54.15
N ASN F 399 -40.83 2.09 -53.00
CA ASN F 399 -39.53 2.77 -52.98
C ASN F 399 -38.51 2.05 -53.85
N ALA F 400 -38.43 0.73 -53.70
CA ALA F 400 -37.48 -0.05 -54.51
C ALA F 400 -37.88 -0.03 -55.97
N THR F 401 -39.19 -0.01 -56.27
CA THR F 401 -39.63 0.06 -57.65
C THR F 401 -39.17 1.34 -58.30
N ARG F 402 -39.35 2.47 -57.61
CA ARG F 402 -38.87 3.74 -58.15
C ARG F 402 -37.35 3.71 -58.32
N ALA F 403 -36.64 3.21 -57.31
CA ALA F 403 -35.18 3.20 -57.37
C ALA F 403 -34.68 2.37 -58.55
N ALA F 404 -35.32 1.23 -58.80
CA ALA F 404 -34.96 0.44 -59.96
C ALA F 404 -35.36 1.11 -61.26
N VAL F 405 -36.50 1.83 -61.26
CA VAL F 405 -36.96 2.49 -62.47
C VAL F 405 -35.96 3.54 -62.93
N GLU F 406 -35.46 4.34 -61.98
CA GLU F 406 -34.54 5.41 -62.38
C GLU F 406 -33.20 4.87 -62.83
N GLU F 407 -32.60 3.96 -62.04
CA GLU F 407 -31.25 3.49 -62.34
C GLU F 407 -31.26 2.17 -63.10
N GLY F 408 -31.81 1.13 -62.49
CA GLY F 408 -31.84 -0.17 -63.12
C GLY F 408 -31.72 -1.27 -62.10
N MET F 409 -31.39 -2.46 -62.57
CA MET F 409 -31.31 -3.65 -61.74
C MET F 409 -29.99 -4.36 -62.00
N VAL F 410 -29.33 -4.81 -60.92
CA VAL F 410 -28.07 -5.52 -61.02
C VAL F 410 -28.08 -6.69 -60.04
N SER F 411 -27.07 -7.55 -60.16
CA SER F 411 -26.99 -8.74 -59.33
C SER F 411 -26.89 -8.37 -57.86
N GLY F 412 -27.67 -9.07 -57.03
CA GLY F 412 -27.67 -8.83 -55.61
C GLY F 412 -26.60 -9.60 -54.87
N GLY F 413 -26.64 -9.49 -53.55
CA GLY F 413 -25.69 -10.20 -52.71
C GLY F 413 -24.24 -9.78 -52.88
N GLY F 414 -24.00 -8.56 -53.36
CA GLY F 414 -22.65 -8.09 -53.57
C GLY F 414 -21.97 -8.62 -54.81
N THR F 415 -22.66 -9.42 -55.61
CA THR F 415 -22.03 -9.98 -56.81
C THR F 415 -21.64 -8.89 -57.79
N ALA F 416 -22.47 -7.84 -57.89
CA ALA F 416 -22.13 -6.74 -58.77
C ALA F 416 -20.83 -6.07 -58.36
N LEU F 417 -20.58 -5.98 -57.06
CA LEU F 417 -19.35 -5.35 -56.59
C LEU F 417 -18.12 -6.11 -57.07
N VAL F 418 -18.14 -7.43 -56.97
CA VAL F 418 -17.01 -8.21 -57.47
C VAL F 418 -16.95 -8.14 -58.99
N ASN F 419 -18.09 -8.09 -59.66
CA ASN F 419 -18.11 -8.08 -61.12
C ASN F 419 -17.40 -6.87 -61.71
N VAL F 420 -17.21 -5.81 -60.93
CA VAL F 420 -16.52 -4.63 -61.43
C VAL F 420 -15.06 -4.55 -60.99
N ILE F 421 -14.55 -5.59 -60.34
CA ILE F 421 -13.17 -5.56 -59.85
C ILE F 421 -12.20 -5.46 -61.01
N SER F 422 -12.44 -6.19 -62.09
CA SER F 422 -11.50 -6.21 -63.20
C SER F 422 -11.31 -4.83 -63.80
N LYS F 423 -12.41 -4.09 -64.01
CA LYS F 423 -12.30 -2.76 -64.59
C LYS F 423 -11.51 -1.83 -63.68
N VAL F 424 -11.73 -1.93 -62.36
CA VAL F 424 -10.99 -1.09 -61.43
C VAL F 424 -9.51 -1.42 -61.48
N SER F 425 -9.17 -2.70 -61.50
CA SER F 425 -7.77 -3.10 -61.61
C SER F 425 -7.15 -2.65 -62.93
N ALA F 426 -7.97 -2.49 -63.96
CA ALA F 426 -7.47 -2.03 -65.26
C ALA F 426 -7.08 -0.56 -65.27
N VAL F 427 -7.41 0.19 -64.21
CA VAL F 427 -7.08 1.61 -64.17
C VAL F 427 -5.58 1.77 -63.97
N GLU F 428 -4.97 2.62 -64.79
CA GLU F 428 -3.52 2.82 -64.74
C GLU F 428 -3.17 3.94 -63.78
N ALA F 429 -2.25 3.67 -62.88
CA ALA F 429 -1.77 4.67 -61.94
C ALA F 429 -0.41 4.24 -61.41
N GLU F 430 0.26 5.16 -60.72
CA GLU F 430 1.59 4.90 -60.19
C GLU F 430 1.67 5.42 -58.76
N GLY F 431 2.61 4.84 -58.01
CA GLY F 431 2.86 5.31 -56.66
C GLY F 431 1.67 5.15 -55.74
N ASP F 432 1.44 6.16 -54.92
CA ASP F 432 0.37 6.08 -53.93
C ASP F 432 -1.00 6.04 -54.59
N VAL F 433 -1.14 6.57 -55.79
CA VAL F 433 -2.39 6.43 -56.52
C VAL F 433 -2.65 4.96 -56.82
N ALA F 434 -1.63 4.24 -57.29
CA ALA F 434 -1.78 2.81 -57.51
C ALA F 434 -2.02 2.07 -56.21
N THR F 435 -1.39 2.54 -55.12
CA THR F 435 -1.61 1.92 -53.82
C THR F 435 -3.07 2.04 -53.40
N GLY F 436 -3.66 3.23 -53.57
CA GLY F 436 -5.07 3.39 -53.27
C GLY F 436 -5.96 2.57 -54.19
N ILE F 437 -5.56 2.43 -55.45
CA ILE F 437 -6.32 1.57 -56.35
C ILE F 437 -6.33 0.13 -55.83
N LYS F 438 -5.17 -0.37 -55.41
CA LYS F 438 -5.10 -1.71 -54.84
C LYS F 438 -5.91 -1.80 -53.56
N ILE F 439 -5.92 -0.73 -52.77
CA ILE F 439 -6.70 -0.70 -51.53
C ILE F 439 -8.18 -0.91 -51.85
N VAL F 440 -8.69 -0.15 -52.82
CA VAL F 440 -10.10 -0.28 -53.18
C VAL F 440 -10.38 -1.66 -53.77
N VAL F 441 -9.46 -2.18 -54.58
CA VAL F 441 -9.66 -3.50 -55.16
C VAL F 441 -9.78 -4.55 -54.08
N ARG F 442 -8.90 -4.49 -53.08
CA ARG F 442 -8.96 -5.43 -51.97
C ARG F 442 -10.25 -5.25 -51.16
N ALA F 443 -10.66 -4.01 -50.92
CA ALA F 443 -11.80 -3.78 -50.04
C ALA F 443 -13.13 -4.13 -50.71
N LEU F 444 -13.20 -4.08 -52.03
CA LEU F 444 -14.46 -4.35 -52.71
C LEU F 444 -14.98 -5.75 -52.47
N GLU F 445 -14.13 -6.68 -52.04
CA GLU F 445 -14.56 -8.04 -51.79
C GLU F 445 -15.20 -8.22 -50.42
N GLU F 446 -15.21 -7.19 -49.58
CA GLU F 446 -15.69 -7.36 -48.21
C GLU F 446 -17.14 -7.78 -48.09
N PRO F 447 -18.10 -7.19 -48.82
CA PRO F 447 -19.51 -7.59 -48.60
C PRO F 447 -19.76 -9.07 -48.88
N ILE F 448 -19.32 -9.57 -50.04
CA ILE F 448 -19.58 -10.96 -50.38
C ILE F 448 -18.88 -11.91 -49.41
N ARG F 449 -17.63 -11.59 -49.05
CA ARG F 449 -16.90 -12.42 -48.11
C ARG F 449 -17.59 -12.46 -46.76
N GLN F 450 -18.05 -11.31 -46.28
CA GLN F 450 -18.74 -11.26 -45.00
C GLN F 450 -20.05 -12.03 -45.04
N ILE F 451 -20.79 -11.92 -46.15
CA ILE F 451 -22.05 -12.66 -46.28
C ILE F 451 -21.76 -14.16 -46.26
N ALA F 452 -20.73 -14.60 -46.97
CA ALA F 452 -20.38 -16.01 -46.97
C ALA F 452 -19.98 -16.48 -45.58
N GLU F 453 -19.22 -15.67 -44.86
CA GLU F 453 -18.81 -16.06 -43.51
C GLU F 453 -20.01 -16.15 -42.57
N ASN F 454 -20.96 -15.24 -42.71
CA ASN F 454 -22.15 -15.28 -41.85
C ASN F 454 -22.95 -16.56 -42.07
N ALA F 455 -22.90 -17.10 -43.28
CA ALA F 455 -23.59 -18.35 -43.58
C ALA F 455 -22.75 -19.58 -43.27
N GLY F 456 -21.53 -19.39 -42.76
CA GLY F 456 -20.67 -20.48 -42.41
C GLY F 456 -19.72 -20.95 -43.50
N TYR F 457 -19.84 -20.41 -44.71
CA TYR F 457 -18.96 -20.76 -45.80
C TYR F 457 -17.69 -19.93 -45.74
N GLU F 458 -16.59 -20.50 -46.23
CA GLU F 458 -15.32 -19.78 -46.24
C GLU F 458 -15.38 -18.65 -47.26
N GLY F 459 -15.10 -17.43 -46.80
CA GLY F 459 -15.22 -16.28 -47.67
C GLY F 459 -14.22 -16.29 -48.81
N SER F 460 -12.97 -16.68 -48.52
CA SER F 460 -11.94 -16.65 -49.54
C SER F 460 -12.27 -17.59 -50.69
N VAL F 461 -12.77 -18.78 -50.37
CA VAL F 461 -13.15 -19.73 -51.41
C VAL F 461 -14.24 -19.15 -52.29
N ILE F 462 -15.25 -18.54 -51.67
CA ILE F 462 -16.36 -17.96 -52.43
C ILE F 462 -15.85 -16.86 -53.33
N VAL F 463 -14.98 -15.99 -52.81
CA VAL F 463 -14.45 -14.89 -53.63
C VAL F 463 -13.67 -15.43 -54.82
N ASP F 464 -12.79 -16.40 -54.56
CA ASP F 464 -11.96 -16.93 -55.64
C ASP F 464 -12.79 -17.61 -56.70
N LYS F 465 -13.80 -18.39 -56.28
CA LYS F 465 -14.65 -19.05 -57.25
C LYS F 465 -15.48 -18.04 -58.03
N LEU F 466 -15.99 -17.01 -57.36
CA LEU F 466 -16.81 -16.01 -58.04
C LEU F 466 -16.01 -15.23 -59.07
N LYS F 467 -14.73 -14.98 -58.78
CA LYS F 467 -13.90 -14.26 -59.74
C LYS F 467 -13.68 -15.05 -61.03
N ASN F 468 -14.00 -16.34 -61.04
CA ASN F 468 -13.69 -17.19 -62.19
C ASN F 468 -14.94 -17.80 -62.83
N VAL F 469 -16.13 -17.38 -62.41
CA VAL F 469 -17.36 -17.87 -63.01
C VAL F 469 -17.89 -16.83 -63.99
N GLU F 470 -18.84 -17.24 -64.81
CA GLU F 470 -19.42 -16.36 -65.81
C GLU F 470 -20.19 -15.22 -65.14
N LEU F 471 -20.19 -14.07 -65.81
CA LEU F 471 -20.95 -12.92 -65.33
C LEU F 471 -22.44 -13.25 -65.26
N GLY F 472 -23.10 -12.77 -64.22
CA GLY F 472 -24.51 -13.03 -64.01
C GLY F 472 -24.79 -14.20 -63.09
N THR F 473 -23.79 -15.02 -62.80
CA THR F 473 -23.93 -16.13 -61.88
C THR F 473 -23.11 -15.85 -60.63
N GLY F 474 -23.76 -15.88 -59.48
CA GLY F 474 -23.08 -15.60 -58.23
C GLY F 474 -23.28 -16.70 -57.21
N PHE F 475 -23.20 -16.34 -55.93
CA PHE F 475 -23.34 -17.31 -54.85
C PHE F 475 -24.63 -17.04 -54.09
N ASN F 476 -25.49 -18.05 -53.99
CA ASN F 476 -26.71 -17.95 -53.20
C ASN F 476 -26.38 -18.31 -51.76
N ALA F 477 -26.32 -17.29 -50.90
CA ALA F 477 -26.00 -17.54 -49.50
C ALA F 477 -27.07 -18.36 -48.81
N ALA F 478 -28.32 -18.25 -49.27
CA ALA F 478 -29.41 -18.99 -48.63
C ALA F 478 -29.24 -20.50 -48.81
N THR F 479 -28.79 -20.94 -49.98
CA THR F 479 -28.69 -22.36 -50.27
C THR F 479 -27.26 -22.87 -50.42
N GLY F 480 -26.28 -21.98 -50.59
CA GLY F 480 -24.94 -22.44 -50.83
C GLY F 480 -24.69 -22.97 -52.21
N GLU F 481 -25.55 -22.66 -53.17
CA GLU F 481 -25.43 -23.14 -54.54
C GLU F 481 -25.19 -21.98 -55.49
N TRP F 482 -24.34 -22.22 -56.48
CA TRP F 482 -23.99 -21.20 -57.46
C TRP F 482 -25.02 -21.22 -58.58
N VAL F 483 -25.91 -20.24 -58.57
CA VAL F 483 -27.01 -20.16 -59.52
C VAL F 483 -27.04 -18.76 -60.12
N ASN F 484 -27.89 -18.58 -61.12
CA ASN F 484 -28.09 -17.28 -61.74
C ASN F 484 -28.91 -16.42 -60.80
N MET F 485 -28.31 -15.35 -60.29
CA MET F 485 -29.00 -14.49 -59.34
C MET F 485 -30.21 -13.81 -59.97
N VAL F 486 -30.08 -13.39 -61.23
CA VAL F 486 -31.21 -12.79 -61.92
C VAL F 486 -32.36 -13.79 -62.03
N GLU F 487 -32.05 -15.03 -62.40
CA GLU F 487 -33.07 -16.07 -62.45
C GLU F 487 -33.57 -16.42 -61.05
N ALA F 488 -32.67 -16.43 -60.06
CA ALA F 488 -33.05 -16.78 -58.70
C ALA F 488 -33.68 -15.62 -57.94
N GLY F 489 -33.71 -14.43 -58.53
CA GLY F 489 -34.33 -13.29 -57.87
C GLY F 489 -33.48 -12.59 -56.84
N ILE F 490 -32.21 -12.94 -56.72
CA ILE F 490 -31.31 -12.27 -55.77
C ILE F 490 -30.77 -11.05 -56.50
N VAL F 491 -31.53 -9.97 -56.48
CA VAL F 491 -31.23 -8.76 -57.22
C VAL F 491 -31.32 -7.56 -56.30
N ASP F 492 -30.39 -6.63 -56.45
CA ASP F 492 -30.34 -5.41 -55.67
C ASP F 492 -30.29 -4.20 -56.59
N PRO F 493 -30.97 -3.11 -56.22
CA PRO F 493 -31.00 -1.94 -57.10
C PRO F 493 -29.62 -1.34 -57.31
N THR F 494 -29.39 -0.85 -58.52
CA THR F 494 -28.10 -0.25 -58.84
C THR F 494 -27.83 0.98 -57.99
N LYS F 495 -28.87 1.79 -57.77
CA LYS F 495 -28.69 3.04 -57.03
C LYS F 495 -28.21 2.78 -55.61
N VAL F 496 -28.73 1.75 -54.95
CA VAL F 496 -28.35 1.47 -53.58
C VAL F 496 -26.85 1.18 -53.51
N THR F 497 -26.38 0.26 -54.35
CA THR F 497 -24.98 -0.12 -54.31
C THR F 497 -24.08 1.06 -54.67
N ARG F 498 -24.44 1.81 -55.73
CA ARG F 498 -23.56 2.91 -56.12
C ARG F 498 -23.55 4.01 -55.07
N SER F 499 -24.68 4.30 -54.44
CA SER F 499 -24.71 5.31 -53.39
C SER F 499 -23.91 4.87 -52.17
N ALA F 500 -24.04 3.60 -51.79
CA ALA F 500 -23.25 3.11 -50.67
C ALA F 500 -21.77 3.22 -50.96
N LEU F 501 -21.35 2.82 -52.16
CA LEU F 501 -19.94 2.88 -52.50
C LEU F 501 -19.44 4.33 -52.50
N GLN F 502 -20.22 5.24 -53.08
CA GLN F 502 -19.81 6.63 -53.13
C GLN F 502 -19.66 7.21 -51.73
N ASN F 503 -20.65 6.98 -50.87
CA ASN F 503 -20.58 7.50 -49.51
C ASN F 503 -19.40 6.93 -48.75
N ALA F 504 -19.20 5.61 -48.84
CA ALA F 504 -18.10 4.98 -48.13
C ALA F 504 -16.76 5.53 -48.61
N ALA F 505 -16.58 5.64 -49.93
CA ALA F 505 -15.32 6.15 -50.45
C ALA F 505 -15.07 7.58 -50.01
N SER F 506 -16.09 8.44 -50.12
CA SER F 506 -15.91 9.84 -49.75
C SER F 506 -15.54 9.98 -48.28
N VAL F 507 -16.25 9.28 -47.41
CA VAL F 507 -16.00 9.45 -45.99
C VAL F 507 -14.68 8.82 -45.58
N SER F 508 -14.32 7.69 -46.21
CA SER F 508 -13.01 7.11 -45.95
C SER F 508 -11.89 8.05 -46.39
N ALA F 509 -12.07 8.71 -47.53
CA ALA F 509 -11.07 9.68 -47.97
C ALA F 509 -10.96 10.84 -47.00
N LEU F 510 -12.09 11.32 -46.49
CA LEU F 510 -12.06 12.40 -45.52
C LEU F 510 -11.35 11.97 -44.24
N LEU F 511 -11.61 10.75 -43.78
CA LEU F 511 -11.03 10.29 -42.53
C LEU F 511 -9.53 10.02 -42.66
N LEU F 512 -9.10 9.46 -43.79
CA LEU F 512 -7.70 9.10 -43.94
C LEU F 512 -6.80 10.31 -43.91
N THR F 513 -7.31 11.47 -44.29
CA THR F 513 -6.52 12.70 -44.28
C THR F 513 -6.50 13.39 -42.92
N THR F 514 -7.19 12.84 -41.93
CA THR F 514 -7.21 13.45 -40.61
C THR F 514 -5.84 13.34 -39.95
N GLU F 515 -5.43 14.40 -39.27
CA GLU F 515 -4.14 14.45 -38.60
C GLU F 515 -4.20 14.88 -37.15
N ALA F 516 -5.22 15.63 -36.75
CA ALA F 516 -5.36 16.07 -35.37
C ALA F 516 -6.82 16.05 -34.98
N VAL F 517 -7.12 15.51 -33.80
CA VAL F 517 -8.48 15.37 -33.31
C VAL F 517 -8.63 16.19 -32.05
N VAL F 518 -9.58 17.11 -32.05
CA VAL F 518 -9.90 17.93 -30.88
C VAL F 518 -11.26 17.47 -30.36
N ALA F 519 -11.27 16.87 -29.18
CA ALA F 519 -12.49 16.35 -28.59
C ALA F 519 -12.58 16.78 -27.13
N ASP F 520 -13.80 16.80 -26.62
CA ASP F 520 -14.02 17.23 -25.25
C ASP F 520 -13.43 16.23 -24.27
N LYS F 521 -12.70 16.73 -23.30
CA LYS F 521 -12.13 15.87 -22.27
C LYS F 521 -13.25 15.36 -21.37
N PRO F 522 -13.26 14.06 -21.05
CA PRO F 522 -14.28 13.55 -20.12
C PRO F 522 -14.17 14.23 -18.76
N GLU F 523 -15.31 14.55 -18.18
CA GLU F 523 -15.31 15.24 -16.90
C GLU F 523 -15.04 14.24 -15.78
N PRO F 524 -14.03 14.47 -14.94
CA PRO F 524 -13.69 13.58 -13.82
C PRO F 524 -14.74 13.63 -12.71
N MET G 1 10.55 -33.87 -5.63
CA MET G 1 10.09 -32.68 -4.93
C MET G 1 8.56 -32.61 -4.90
N ALA G 2 8.02 -31.52 -4.35
CA ALA G 2 6.58 -31.39 -4.18
C ALA G 2 5.87 -31.46 -5.53
N LYS G 3 4.74 -32.17 -5.55
CA LYS G 3 3.95 -32.34 -6.76
C LYS G 3 2.87 -31.27 -6.85
N GLU G 4 2.34 -31.11 -8.06
CA GLU G 4 1.37 -30.06 -8.38
C GLU G 4 0.13 -30.69 -9.04
N LEU G 5 -0.46 -31.66 -8.35
CA LEU G 5 -1.64 -32.36 -8.86
C LEU G 5 -2.68 -31.40 -9.41
N LYS G 6 -3.02 -31.56 -10.68
CA LYS G 6 -3.95 -30.68 -11.38
C LYS G 6 -4.77 -31.52 -12.35
N PHE G 7 -6.09 -31.41 -12.26
CA PHE G 7 -6.96 -32.35 -12.98
C PHE G 7 -7.80 -31.66 -14.05
N ALA G 8 -8.67 -32.45 -14.69
CA ALA G 8 -9.70 -31.95 -15.60
C ALA G 8 -9.12 -31.13 -16.75
N GLU G 9 -9.89 -30.17 -17.23
CA GLU G 9 -9.60 -29.48 -18.49
C GLU G 9 -8.46 -28.48 -18.39
N ASP G 10 -8.30 -27.82 -17.25
CA ASP G 10 -7.21 -26.85 -17.10
C ASP G 10 -5.84 -27.52 -17.24
N ALA G 11 -5.70 -28.76 -16.76
CA ALA G 11 -4.48 -29.51 -17.06
C ALA G 11 -4.35 -29.75 -18.56
N ARG G 12 -5.45 -30.15 -19.20
CA ARG G 12 -5.43 -30.29 -20.65
C ARG G 12 -5.22 -28.95 -21.32
N ALA G 13 -5.70 -27.87 -20.70
CA ALA G 13 -5.44 -26.54 -21.24
C ALA G 13 -3.94 -26.22 -21.23
N ALA G 14 -3.25 -26.57 -20.13
CA ALA G 14 -1.82 -26.35 -20.06
C ALA G 14 -1.08 -27.21 -21.09
N MET G 15 -1.49 -28.47 -21.24
CA MET G 15 -0.88 -29.31 -22.27
C MET G 15 -1.09 -28.72 -23.66
N LEU G 16 -2.30 -28.22 -23.94
CA LEU G 16 -2.58 -27.63 -25.23
C LEU G 16 -1.73 -26.39 -25.45
N ARG G 17 -1.55 -25.58 -24.41
CA ARG G 17 -0.71 -24.38 -24.54
C ARG G 17 0.73 -24.76 -24.88
N GLY G 18 1.27 -25.77 -24.19
CA GLY G 18 2.62 -26.19 -24.49
C GLY G 18 2.75 -26.72 -25.91
N VAL G 19 1.80 -27.56 -26.33
CA VAL G 19 1.84 -28.11 -27.68
C VAL G 19 1.72 -26.99 -28.70
N ASP G 20 0.86 -26.00 -28.44
CA ASP G 20 0.71 -24.88 -29.36
C ASP G 20 1.99 -24.07 -29.46
N LYS G 21 2.67 -23.85 -28.33
CA LYS G 21 3.94 -23.12 -28.39
C LYS G 21 4.95 -23.87 -29.24
N LEU G 22 5.08 -25.18 -29.01
CA LEU G 22 6.04 -25.95 -29.80
C LEU G 22 5.67 -25.95 -31.28
N ALA G 23 4.38 -26.11 -31.58
CA ALA G 23 3.95 -26.14 -32.97
C ALA G 23 4.16 -24.81 -33.66
N ASP G 24 3.88 -23.71 -32.96
CA ASP G 24 4.13 -22.39 -33.54
C ASP G 24 5.61 -22.16 -33.77
N THR G 25 6.46 -22.73 -32.92
CA THR G 25 7.90 -22.61 -33.15
C THR G 25 8.35 -23.44 -34.34
N VAL G 26 7.75 -24.61 -34.55
CA VAL G 26 8.27 -25.55 -35.53
C VAL G 26 7.67 -25.32 -36.91
N LYS G 27 6.34 -25.19 -37.00
CA LYS G 27 5.66 -25.30 -38.29
C LYS G 27 6.03 -24.22 -39.28
N VAL G 28 6.57 -23.08 -38.82
CA VAL G 28 6.89 -22.01 -39.75
C VAL G 28 7.99 -22.40 -40.72
N THR G 29 8.75 -23.45 -40.41
CA THR G 29 9.78 -23.94 -41.31
C THR G 29 9.27 -24.94 -42.32
N LEU G 30 7.99 -25.32 -42.25
CA LEU G 30 7.46 -26.35 -43.13
C LEU G 30 7.39 -25.84 -44.56
N GLY G 31 7.63 -26.75 -45.50
CA GLY G 31 7.50 -26.45 -46.90
C GLY G 31 8.77 -25.91 -47.52
N PRO G 32 8.86 -25.97 -48.85
CA PRO G 32 10.05 -25.41 -49.52
C PRO G 32 10.24 -23.94 -49.28
N LYS G 33 9.16 -23.17 -49.14
CA LYS G 33 9.23 -21.75 -48.85
C LYS G 33 9.21 -21.47 -47.36
N GLY G 34 9.69 -22.39 -46.54
CA GLY G 34 9.67 -22.17 -45.10
C GLY G 34 10.55 -20.99 -44.71
N ARG G 35 10.16 -20.33 -43.64
CA ARG G 35 10.92 -19.19 -43.13
C ARG G 35 11.86 -19.63 -42.02
N ASN G 36 12.87 -18.82 -41.76
CA ASN G 36 13.92 -19.19 -40.82
C ASN G 36 13.58 -18.72 -39.42
N VAL G 37 14.13 -19.43 -38.44
CA VAL G 37 13.91 -19.15 -37.03
C VAL G 37 15.28 -18.93 -36.38
N VAL G 38 15.31 -18.13 -35.33
CA VAL G 38 16.56 -17.79 -34.64
C VAL G 38 16.61 -18.54 -33.32
N LEU G 39 17.73 -19.22 -33.09
CA LEU G 39 17.97 -19.94 -31.84
C LEU G 39 19.17 -19.33 -31.13
N GLU G 40 19.15 -19.36 -29.80
CA GLU G 40 20.24 -18.83 -29.00
C GLU G 40 21.25 -19.93 -28.68
N LYS G 41 22.51 -19.53 -28.59
CA LYS G 41 23.60 -20.42 -28.22
C LYS G 41 24.41 -19.80 -27.09
N SER G 42 24.98 -20.68 -26.26
CA SER G 42 25.78 -20.20 -25.12
C SER G 42 27.01 -19.43 -25.59
N TYR G 43 27.72 -19.95 -26.58
CA TYR G 43 28.91 -19.31 -27.11
C TYR G 43 28.78 -19.14 -28.61
N GLY G 44 29.45 -18.12 -29.13
CA GLY G 44 29.46 -17.87 -30.56
C GLY G 44 28.20 -17.16 -31.03
N SER G 45 28.16 -16.92 -32.33
CA SER G 45 27.02 -16.24 -32.93
C SER G 45 25.78 -17.13 -32.84
N PRO G 46 24.61 -16.53 -32.63
CA PRO G 46 23.38 -17.31 -32.62
C PRO G 46 23.14 -17.99 -33.96
N LEU G 47 22.58 -19.20 -33.90
CA LEU G 47 22.33 -20.01 -35.08
C LEU G 47 20.92 -19.76 -35.61
N ILE G 48 20.83 -19.47 -36.90
CA ILE G 48 19.56 -19.28 -37.59
C ILE G 48 19.36 -20.44 -38.55
N THR G 49 18.23 -21.12 -38.44
CA THR G 49 17.99 -22.29 -39.26
C THR G 49 16.49 -22.49 -39.47
N ASN G 50 16.18 -23.29 -40.48
CA ASN G 50 14.82 -23.76 -40.73
C ASN G 50 14.72 -25.27 -40.61
N ASP G 51 15.69 -25.90 -39.95
CA ASP G 51 15.68 -27.33 -39.71
C ASP G 51 14.79 -27.62 -38.50
N GLY G 52 13.67 -28.31 -38.74
CA GLY G 52 12.67 -28.46 -37.69
C GLY G 52 13.16 -29.26 -36.50
N VAL G 53 13.89 -30.35 -36.76
CA VAL G 53 14.27 -31.24 -35.67
C VAL G 53 15.19 -30.55 -34.69
N THR G 54 16.14 -29.75 -35.20
CA THR G 54 17.05 -29.03 -34.32
C THR G 54 16.29 -28.05 -33.42
N ILE G 55 15.36 -27.31 -34.02
CA ILE G 55 14.58 -26.33 -33.27
C ILE G 55 13.77 -27.02 -32.19
N ALA G 56 13.11 -28.14 -32.55
CA ALA G 56 12.33 -28.87 -31.56
C ALA G 56 13.22 -29.39 -30.43
N LYS G 57 14.43 -29.83 -30.77
CA LYS G 57 15.36 -30.28 -29.74
C LYS G 57 15.74 -29.15 -28.80
N GLU G 58 15.91 -27.94 -29.33
CA GLU G 58 16.39 -26.83 -28.52
C GLU G 58 15.32 -26.22 -27.62
N ILE G 59 14.07 -26.62 -27.76
CA ILE G 59 12.97 -25.98 -27.03
C ILE G 59 12.88 -26.57 -25.63
N GLU G 60 12.67 -25.71 -24.64
CA GLU G 60 12.49 -26.13 -23.25
C GLU G 60 11.74 -25.03 -22.53
N LEU G 61 10.50 -25.29 -22.14
CA LEU G 61 9.62 -24.28 -21.56
C LEU G 61 9.73 -24.27 -20.04
N GLU G 62 9.55 -23.08 -19.45
CA GLU G 62 9.68 -22.94 -18.01
C GLU G 62 8.49 -23.57 -17.29
N ASP G 63 7.28 -23.31 -17.77
CA ASP G 63 6.10 -23.93 -17.18
C ASP G 63 6.21 -25.44 -17.26
N HIS G 64 5.96 -26.12 -16.14
CA HIS G 64 6.21 -27.55 -16.07
C HIS G 64 5.24 -28.35 -16.95
N PHE G 65 3.97 -27.96 -16.98
CA PHE G 65 3.01 -28.70 -17.79
C PHE G 65 3.22 -28.44 -19.27
N GLU G 66 3.47 -27.19 -19.64
CA GLU G 66 3.81 -26.88 -21.03
C GLU G 66 5.12 -27.57 -21.42
N ASN G 67 6.07 -27.65 -20.50
CA ASN G 67 7.29 -28.40 -20.75
C ASN G 67 6.98 -29.87 -20.98
N MET G 68 6.03 -30.42 -20.22
CA MET G 68 5.64 -31.80 -20.41
C MET G 68 5.07 -32.03 -21.80
N GLY G 69 4.18 -31.13 -22.24
CA GLY G 69 3.64 -31.25 -23.58
C GLY G 69 4.71 -31.15 -24.65
N ALA G 70 5.64 -30.20 -24.48
CA ALA G 70 6.71 -30.04 -25.45
C ALA G 70 7.59 -31.28 -25.52
N LYS G 71 7.95 -31.84 -24.37
CA LYS G 71 8.78 -33.05 -24.36
C LYS G 71 8.03 -34.21 -25.00
N LEU G 72 6.73 -34.33 -24.75
CA LEU G 72 5.96 -35.38 -25.38
C LEU G 72 6.02 -35.27 -26.89
N VAL G 73 5.72 -34.09 -27.43
CA VAL G 73 5.71 -33.94 -28.88
C VAL G 73 7.10 -34.14 -29.46
N SER G 74 8.13 -33.70 -28.74
CA SER G 74 9.50 -33.89 -29.21
C SER G 74 9.85 -35.37 -29.31
N GLU G 75 9.50 -36.16 -28.29
CA GLU G 75 9.81 -37.58 -28.36
C GLU G 75 8.94 -38.29 -29.39
N VAL G 76 7.78 -37.74 -29.73
CA VAL G 76 7.03 -38.26 -30.88
C VAL G 76 7.83 -38.03 -32.16
N ALA G 77 8.28 -36.79 -32.36
CA ALA G 77 9.00 -36.46 -33.59
C ALA G 77 10.28 -37.27 -33.69
N SER G 78 10.85 -37.67 -32.54
CA SER G 78 12.05 -38.49 -32.56
C SER G 78 11.80 -39.83 -33.24
N LYS G 79 10.63 -40.42 -33.04
CA LYS G 79 10.32 -41.72 -33.64
C LYS G 79 10.27 -41.66 -35.16
N THR G 80 10.09 -40.47 -35.73
CA THR G 80 10.00 -40.31 -37.18
C THR G 80 11.23 -39.65 -37.77
N ASN G 81 12.08 -39.04 -36.94
CA ASN G 81 13.24 -38.31 -37.46
C ASN G 81 14.18 -39.22 -38.25
N ASP G 82 14.21 -40.52 -37.92
CA ASP G 82 15.14 -41.44 -38.55
C ASP G 82 14.90 -41.53 -40.06
N ILE G 83 13.65 -41.60 -40.47
CA ILE G 83 13.33 -41.66 -41.89
C ILE G 83 13.42 -40.25 -42.47
N ALA G 84 14.37 -40.04 -43.38
CA ALA G 84 14.64 -38.73 -43.96
C ALA G 84 14.84 -37.67 -42.89
N GLY G 85 14.37 -36.45 -43.16
CA GLY G 85 14.54 -35.37 -42.22
C GLY G 85 13.37 -34.41 -42.16
N ASP G 86 12.26 -34.76 -42.81
CA ASP G 86 11.08 -33.91 -42.84
C ASP G 86 9.89 -34.48 -42.07
N GLY G 87 9.92 -35.76 -41.71
CA GLY G 87 8.84 -36.35 -40.97
C GLY G 87 8.76 -35.92 -39.52
N THR G 88 9.76 -35.20 -39.04
CA THR G 88 9.76 -34.70 -37.68
C THR G 88 8.97 -33.40 -37.53
N THR G 89 8.47 -32.83 -38.63
CA THR G 89 7.72 -31.60 -38.60
C THR G 89 6.24 -31.80 -38.91
N THR G 90 5.94 -32.62 -39.92
CA THR G 90 4.54 -32.88 -40.27
C THR G 90 3.80 -33.48 -39.08
N ALA G 91 4.44 -34.40 -38.37
CA ALA G 91 3.83 -35.02 -37.21
C ALA G 91 3.42 -33.99 -36.17
N THR G 92 4.29 -32.99 -35.95
CA THR G 92 3.98 -31.95 -34.96
C THR G 92 2.74 -31.16 -35.36
N VAL G 93 2.65 -30.77 -36.63
CA VAL G 93 1.51 -29.98 -37.09
C VAL G 93 0.23 -30.78 -36.95
N LEU G 94 0.25 -32.02 -37.42
CA LEU G 94 -0.94 -32.86 -37.33
C LEU G 94 -1.34 -33.07 -35.87
N THR G 95 -0.37 -33.30 -34.99
CA THR G 95 -0.66 -33.49 -33.58
C THR G 95 -1.31 -32.25 -32.99
N GLN G 96 -0.78 -31.07 -33.32
CA GLN G 96 -1.37 -29.85 -32.80
C GLN G 96 -2.81 -29.71 -33.25
N ALA G 97 -3.06 -29.88 -34.55
CA ALA G 97 -4.41 -29.71 -35.07
C ALA G 97 -5.38 -30.67 -34.39
N ILE G 98 -5.02 -31.96 -34.37
CA ILE G 98 -5.92 -32.95 -33.78
C ILE G 98 -6.16 -32.65 -32.31
N VAL G 99 -5.11 -32.37 -31.55
CA VAL G 99 -5.27 -32.19 -30.11
C VAL G 99 -6.17 -30.99 -29.84
N ARG G 100 -5.90 -29.87 -30.51
CA ARG G 100 -6.76 -28.70 -30.37
C ARG G 100 -8.23 -29.01 -30.64
N GLU G 101 -8.51 -29.59 -31.82
CA GLU G 101 -9.90 -29.79 -32.18
C GLU G 101 -10.56 -30.83 -31.28
N GLY G 102 -9.83 -31.90 -30.94
CA GLY G 102 -10.38 -32.91 -30.05
C GLY G 102 -10.66 -32.37 -28.66
N LEU G 103 -9.78 -31.51 -28.16
CA LEU G 103 -10.03 -30.88 -26.87
C LEU G 103 -11.27 -30.02 -26.91
N LYS G 104 -11.40 -29.19 -27.96
CA LYS G 104 -12.57 -28.32 -28.02
C LYS G 104 -13.85 -29.13 -28.19
N ASN G 105 -13.76 -30.32 -28.80
CA ASN G 105 -14.93 -31.18 -28.88
C ASN G 105 -15.25 -31.83 -27.53
N VAL G 106 -14.22 -32.32 -26.84
CA VAL G 106 -14.43 -33.01 -25.57
C VAL G 106 -14.98 -32.04 -24.52
N THR G 107 -14.62 -30.76 -24.63
CA THR G 107 -15.16 -29.77 -23.71
C THR G 107 -16.67 -29.74 -23.72
N ALA G 108 -17.29 -30.12 -24.85
CA ALA G 108 -18.74 -30.14 -24.99
C ALA G 108 -19.31 -31.56 -24.93
N GLY G 109 -18.75 -32.41 -24.08
CA GLY G 109 -19.21 -33.78 -23.99
C GLY G 109 -18.41 -34.72 -24.87
N ALA G 110 -19.08 -35.70 -25.48
CA ALA G 110 -18.42 -36.61 -26.42
C ALA G 110 -17.25 -37.33 -25.77
N ASN G 111 -17.53 -38.28 -24.88
CA ASN G 111 -16.53 -39.00 -24.08
C ASN G 111 -15.28 -39.35 -24.90
N PRO G 112 -14.09 -39.16 -24.32
CA PRO G 112 -12.87 -39.24 -25.13
C PRO G 112 -12.63 -40.59 -25.77
N LEU G 113 -13.15 -41.68 -25.20
CA LEU G 113 -12.88 -43.00 -25.77
C LEU G 113 -13.45 -43.12 -27.17
N GLY G 114 -14.66 -42.59 -27.40
CA GLY G 114 -15.21 -42.61 -28.74
C GLY G 114 -14.36 -41.84 -29.73
N ILE G 115 -13.85 -40.68 -29.30
CA ILE G 115 -12.98 -39.89 -30.16
C ILE G 115 -11.71 -40.65 -30.49
N ARG G 116 -11.12 -41.31 -29.49
CA ARG G 116 -9.90 -42.07 -29.73
C ARG G 116 -10.16 -43.22 -30.69
N ARG G 117 -11.27 -43.93 -30.51
CA ARG G 117 -11.60 -45.03 -31.41
C ARG G 117 -11.80 -44.54 -32.84
N GLY G 118 -12.52 -43.42 -33.00
CA GLY G 118 -12.70 -42.86 -34.33
C GLY G 118 -11.40 -42.41 -34.96
N ILE G 119 -10.52 -41.80 -34.18
CA ILE G 119 -9.23 -41.36 -34.70
C ILE G 119 -8.43 -42.57 -35.15
N GLU G 120 -8.41 -43.64 -34.35
CA GLU G 120 -7.68 -44.83 -34.73
C GLU G 120 -8.23 -45.44 -36.01
N LEU G 121 -9.55 -45.52 -36.13
CA LEU G 121 -10.15 -46.08 -37.33
C LEU G 121 -9.81 -45.23 -38.56
N ALA G 122 -9.92 -43.91 -38.43
CA ALA G 122 -9.62 -43.04 -39.56
C ALA G 122 -8.16 -43.14 -39.96
N THR G 123 -7.26 -43.21 -38.99
CA THR G 123 -5.84 -43.33 -39.29
C THR G 123 -5.53 -44.66 -39.96
N LYS G 124 -6.15 -45.74 -39.49
CA LYS G 124 -5.95 -47.03 -40.13
C LYS G 124 -6.43 -47.01 -41.57
N ALA G 125 -7.61 -46.43 -41.81
CA ALA G 125 -8.11 -46.33 -43.18
C ALA G 125 -7.19 -45.46 -44.04
N ALA G 126 -6.66 -44.38 -43.48
CA ALA G 126 -5.77 -43.51 -44.23
C ALA G 126 -4.47 -44.22 -44.60
N VAL G 127 -3.91 -45.00 -43.67
CA VAL G 127 -2.70 -45.76 -43.97
C VAL G 127 -2.99 -46.79 -45.05
N GLU G 128 -4.15 -47.46 -44.95
CA GLU G 128 -4.54 -48.41 -45.98
C GLU G 128 -4.62 -47.73 -47.35
N GLU G 129 -5.22 -46.55 -47.40
CA GLU G 129 -5.33 -45.83 -48.67
C GLU G 129 -3.96 -45.41 -49.19
N LEU G 130 -3.08 -44.95 -48.31
CA LEU G 130 -1.74 -44.55 -48.75
C LEU G 130 -0.99 -45.74 -49.33
N HIS G 131 -1.08 -46.90 -48.70
CA HIS G 131 -0.51 -48.10 -49.30
C HIS G 131 -1.22 -48.48 -50.60
N ASN G 132 -2.50 -48.11 -50.74
CA ASN G 132 -3.23 -48.41 -51.97
C ASN G 132 -2.75 -47.55 -53.12
N ILE G 133 -2.87 -46.23 -53.00
CA ILE G 133 -2.43 -45.33 -54.06
C ILE G 133 -0.99 -44.93 -53.80
N SER G 134 -0.10 -45.33 -54.72
CA SER G 134 1.32 -45.04 -54.60
C SER G 134 2.00 -45.46 -55.89
N THR G 135 3.17 -44.90 -56.14
CA THR G 135 4.02 -45.31 -57.26
C THR G 135 5.03 -46.31 -56.72
N VAL G 136 4.76 -47.60 -56.95
CA VAL G 136 5.64 -48.64 -56.45
C VAL G 136 6.99 -48.52 -57.13
N VAL G 137 8.02 -48.25 -56.32
CA VAL G 137 9.37 -48.10 -56.85
C VAL G 137 10.15 -49.39 -56.60
N ASP G 138 10.16 -50.26 -57.60
CA ASP G 138 10.92 -51.51 -57.53
C ASP G 138 11.85 -51.71 -58.71
N SER G 139 11.65 -51.02 -59.82
CA SER G 139 12.54 -51.16 -60.96
C SER G 139 13.90 -50.53 -60.66
N LYS G 140 14.94 -51.10 -61.27
CA LYS G 140 16.28 -50.57 -61.08
C LYS G 140 16.40 -49.14 -61.60
N GLU G 141 15.79 -48.87 -62.76
CA GLU G 141 15.80 -47.51 -63.29
C GLU G 141 15.07 -46.56 -62.35
N ALA G 142 13.94 -47.01 -61.80
CA ALA G 142 13.23 -46.19 -60.82
C ALA G 142 14.07 -45.97 -59.57
N ILE G 143 14.82 -46.98 -59.15
CA ILE G 143 15.70 -46.81 -57.98
C ILE G 143 16.79 -45.78 -58.27
N ALA G 144 17.37 -45.85 -59.46
CA ALA G 144 18.38 -44.86 -59.84
C ALA G 144 17.76 -43.46 -59.88
N GLN G 145 16.55 -43.35 -60.42
CA GLN G 145 15.87 -42.05 -60.43
C GLN G 145 15.66 -41.53 -59.02
N VAL G 146 15.22 -42.40 -58.11
CA VAL G 146 15.02 -42.00 -56.72
C VAL G 146 16.34 -41.51 -56.13
N ALA G 147 17.42 -42.22 -56.43
CA ALA G 147 18.74 -41.76 -56.02
C ALA G 147 19.05 -40.39 -56.62
N ALA G 148 18.46 -40.10 -57.78
CA ALA G 148 18.67 -38.80 -58.41
C ALA G 148 17.70 -37.74 -57.90
N VAL G 149 16.67 -38.14 -57.15
CA VAL G 149 15.70 -37.19 -56.59
C VAL G 149 16.40 -36.34 -55.54
N SER G 150 15.71 -35.30 -55.07
CA SER G 150 16.25 -34.19 -54.29
C SER G 150 17.63 -33.76 -54.77
N SER G 151 18.56 -33.54 -53.84
CA SER G 151 19.89 -33.07 -54.22
C SER G 151 20.60 -34.12 -55.07
N GLY G 152 20.95 -35.24 -54.44
CA GLY G 152 21.48 -36.41 -55.11
C GLY G 152 22.58 -36.16 -56.12
N SER G 153 23.16 -34.95 -56.10
CA SER G 153 24.02 -34.46 -57.17
C SER G 153 23.52 -34.95 -58.52
N ASP G 154 24.41 -35.51 -59.31
CA ASP G 154 24.00 -36.40 -60.39
C ASP G 154 24.77 -37.71 -60.35
N LYS G 155 26.06 -37.68 -60.05
CA LYS G 155 26.85 -38.90 -59.99
C LYS G 155 26.41 -39.80 -58.84
N VAL G 156 25.91 -39.19 -57.75
CA VAL G 156 25.46 -39.99 -56.61
C VAL G 156 24.33 -40.92 -57.02
N GLY G 157 23.50 -40.50 -57.97
CA GLY G 157 22.44 -41.37 -58.44
C GLY G 157 22.98 -42.67 -59.00
N HIS G 158 23.92 -42.57 -59.94
CA HIS G 158 24.51 -43.77 -60.53
C HIS G 158 25.30 -44.57 -59.51
N LEU G 159 26.02 -43.87 -58.63
CA LEU G 159 26.82 -44.57 -57.62
C LEU G 159 25.91 -45.39 -56.71
N ILE G 160 24.81 -44.79 -56.24
CA ILE G 160 23.87 -45.49 -55.38
C ILE G 160 23.21 -46.63 -56.14
N ALA G 161 22.87 -46.42 -57.41
CA ALA G 161 22.26 -47.48 -58.20
C ALA G 161 23.19 -48.69 -58.29
N ASP G 162 24.46 -48.44 -58.63
CA ASP G 162 25.42 -49.53 -58.76
C ASP G 162 25.66 -50.24 -57.42
N ALA G 163 25.83 -49.46 -56.35
CA ALA G 163 26.05 -50.08 -55.05
C ALA G 163 24.84 -50.89 -54.61
N MET G 164 23.64 -50.35 -54.82
CA MET G 164 22.40 -51.04 -54.51
C MET G 164 22.32 -52.36 -55.27
N GLU G 165 22.64 -52.35 -56.56
CA GLU G 165 22.59 -53.58 -57.33
C GLU G 165 23.63 -54.58 -56.84
N LYS G 166 24.85 -54.12 -56.56
CA LYS G 166 25.93 -55.02 -56.18
C LYS G 166 25.66 -55.68 -54.83
N VAL G 167 25.20 -54.93 -53.83
CA VAL G 167 24.98 -55.49 -52.50
C VAL G 167 23.55 -55.95 -52.28
N GLY G 168 22.63 -55.60 -53.17
CA GLY G 168 21.25 -55.99 -53.00
C GLY G 168 20.46 -54.95 -52.22
N ASN G 169 19.16 -55.20 -52.10
CA ASN G 169 18.26 -54.23 -51.49
C ASN G 169 18.59 -54.01 -50.03
N ASP G 170 18.90 -55.09 -49.31
CA ASP G 170 19.25 -54.99 -47.90
C ASP G 170 20.75 -54.99 -47.66
N GLY G 171 21.55 -54.93 -48.72
CA GLY G 171 22.99 -54.95 -48.55
C GLY G 171 23.50 -53.68 -47.90
N VAL G 172 24.66 -53.80 -47.26
CA VAL G 172 25.25 -52.71 -46.49
C VAL G 172 26.04 -51.82 -47.43
N ILE G 173 25.76 -50.52 -47.38
CA ILE G 173 26.47 -49.52 -48.16
C ILE G 173 27.10 -48.53 -47.19
N THR G 174 28.41 -48.31 -47.33
CA THR G 174 29.15 -47.43 -46.46
C THR G 174 29.74 -46.28 -47.26
N ILE G 175 29.89 -45.13 -46.59
CA ILE G 175 30.37 -43.91 -47.20
C ILE G 175 31.67 -43.52 -46.52
N GLU G 176 32.71 -43.25 -47.32
CA GLU G 176 34.02 -42.89 -46.81
C GLU G 176 34.56 -41.70 -47.57
N GLU G 177 35.58 -41.06 -46.98
CA GLU G 177 36.22 -39.90 -47.58
C GLU G 177 37.49 -40.35 -48.30
N SER G 178 37.46 -40.31 -49.63
CA SER G 178 38.65 -40.63 -50.41
C SER G 178 39.65 -39.49 -50.33
N LYS G 179 40.94 -39.85 -50.24
CA LYS G 179 41.98 -38.83 -50.22
C LYS G 179 42.15 -38.14 -51.57
N GLY G 180 41.63 -38.73 -52.64
CA GLY G 180 41.69 -38.12 -53.96
C GLY G 180 40.58 -37.12 -54.15
N ILE G 181 40.48 -36.65 -55.40
CA ILE G 181 39.44 -35.67 -55.75
C ILE G 181 38.21 -36.33 -56.35
N GLU G 182 38.24 -37.63 -56.60
CA GLU G 182 37.13 -38.33 -57.22
C GLU G 182 36.44 -39.24 -56.21
N THR G 183 35.12 -39.33 -56.33
CA THR G 183 34.33 -40.24 -55.52
C THR G 183 34.27 -41.60 -56.20
N GLU G 184 34.59 -42.65 -55.46
CA GLU G 184 34.68 -44.00 -56.01
C GLU G 184 33.85 -44.96 -55.18
N LEU G 185 33.36 -46.00 -55.84
CA LEU G 185 32.55 -47.04 -55.22
C LEU G 185 33.34 -48.34 -55.16
N ASP G 186 33.38 -48.96 -54.00
CA ASP G 186 34.10 -50.20 -53.79
C ASP G 186 33.24 -51.19 -53.01
N VAL G 187 33.34 -52.47 -53.37
CA VAL G 187 32.63 -53.54 -52.69
C VAL G 187 33.68 -54.45 -52.07
N VAL G 188 33.60 -54.61 -50.74
CA VAL G 188 34.56 -55.40 -49.99
C VAL G 188 33.81 -56.38 -49.10
N GLU G 189 34.58 -57.18 -48.37
CA GLU G 189 34.02 -58.14 -47.42
C GLU G 189 33.84 -57.46 -46.07
N GLY G 190 32.60 -57.47 -45.56
CA GLY G 190 32.35 -56.85 -44.27
C GLY G 190 31.08 -57.39 -43.64
N MET G 191 30.92 -57.07 -42.37
CA MET G 191 29.79 -57.54 -41.58
C MET G 191 29.09 -56.36 -40.93
N GLN G 192 27.76 -56.35 -41.01
CA GLN G 192 26.93 -55.46 -40.21
C GLN G 192 25.87 -56.30 -39.51
N PHE G 193 25.74 -56.10 -38.21
CA PHE G 193 24.76 -56.81 -37.42
C PHE G 193 24.09 -55.84 -36.45
N ASP G 194 22.84 -56.17 -36.09
CA ASP G 194 22.00 -55.29 -35.29
C ASP G 194 22.40 -55.37 -33.82
N ARG G 195 23.57 -54.80 -33.52
CA ARG G 195 24.07 -54.69 -32.16
C ARG G 195 24.76 -53.34 -32.03
N GLY G 196 24.13 -52.41 -31.30
CA GLY G 196 24.72 -51.11 -31.07
C GLY G 196 25.69 -51.12 -29.90
N TYR G 197 26.26 -49.94 -29.65
CA TYR G 197 27.18 -49.79 -28.55
C TYR G 197 26.46 -49.98 -27.22
N LEU G 198 27.19 -50.46 -26.22
CA LEU G 198 26.63 -50.63 -24.89
C LEU G 198 26.46 -49.32 -24.13
N SER G 199 27.18 -48.28 -24.53
CA SER G 199 27.08 -46.99 -23.87
C SER G 199 27.44 -45.89 -24.85
N GLN G 200 26.90 -44.69 -24.59
CA GLN G 200 27.14 -43.54 -25.45
C GLN G 200 28.46 -42.84 -25.15
N TYR G 201 29.14 -43.20 -24.07
CA TYR G 201 30.39 -42.54 -23.71
C TYR G 201 31.52 -42.88 -24.66
N MET G 202 31.47 -44.04 -25.31
CA MET G 202 32.51 -44.46 -26.25
C MET G 202 32.20 -44.04 -27.69
N VAL G 203 31.22 -43.16 -27.89
CA VAL G 203 30.91 -42.69 -29.23
C VAL G 203 32.04 -41.79 -29.71
N THR G 204 32.58 -42.11 -30.89
CA THR G 204 33.67 -41.33 -31.46
C THR G 204 33.18 -40.10 -32.21
N ASP G 205 32.08 -40.22 -32.95
CA ASP G 205 31.51 -39.13 -33.71
C ASP G 205 30.23 -38.69 -33.01
N ASN G 206 30.32 -37.63 -32.21
CA ASN G 206 29.16 -37.15 -31.47
C ASN G 206 28.07 -36.65 -32.40
N ASP G 207 28.46 -35.94 -33.47
CA ASP G 207 27.47 -35.41 -34.40
C ASP G 207 26.70 -36.53 -35.08
N LYS G 208 27.39 -37.59 -35.50
CA LYS G 208 26.74 -38.73 -36.12
C LYS G 208 26.33 -39.80 -35.12
N MET G 209 26.69 -39.64 -33.84
CA MET G 209 26.30 -40.55 -32.77
C MET G 209 26.98 -41.91 -32.95
N GLU G 210 27.66 -42.09 -34.07
CA GLU G 210 28.27 -43.37 -34.41
C GLU G 210 29.67 -43.47 -33.80
N ALA G 211 30.06 -44.71 -33.51
CA ALA G 211 31.41 -45.02 -33.04
C ALA G 211 32.23 -45.49 -34.22
N VAL G 212 33.33 -44.80 -34.49
CA VAL G 212 34.17 -45.06 -35.66
C VAL G 212 35.53 -45.54 -35.17
N LEU G 213 35.94 -46.71 -35.64
CA LEU G 213 37.24 -47.28 -35.33
C LEU G 213 37.99 -47.58 -36.61
N GLU G 214 39.26 -47.20 -36.67
CA GLU G 214 40.09 -47.38 -37.84
C GLU G 214 41.16 -48.41 -37.52
N ASN G 215 41.21 -49.49 -38.32
CA ASN G 215 42.09 -50.61 -38.09
C ASN G 215 42.08 -51.08 -36.63
N PRO G 216 40.92 -51.48 -36.11
CA PRO G 216 40.83 -51.89 -34.71
C PRO G 216 41.04 -53.38 -34.52
N TYR G 217 41.40 -53.73 -33.30
CA TYR G 217 41.42 -55.13 -32.89
C TYR G 217 40.03 -55.57 -32.47
N ILE G 218 39.68 -56.80 -32.79
CA ILE G 218 38.33 -57.31 -32.57
C ILE G 218 38.40 -58.48 -31.60
N LEU G 219 37.69 -58.36 -30.50
CA LEU G 219 37.55 -59.43 -29.52
C LEU G 219 36.24 -60.16 -29.77
N ILE G 220 36.33 -61.46 -30.04
CA ILE G 220 35.18 -62.28 -30.37
C ILE G 220 35.05 -63.36 -29.32
N THR G 221 33.93 -63.35 -28.58
CA THR G 221 33.70 -64.32 -27.53
C THR G 221 32.21 -64.42 -27.26
N ASP G 222 31.79 -65.60 -26.81
CA ASP G 222 30.42 -65.83 -26.39
C ASP G 222 30.23 -65.71 -24.89
N LYS G 223 31.31 -65.52 -24.14
CA LYS G 223 31.24 -65.45 -22.69
C LYS G 223 30.75 -64.09 -22.24
N LYS G 224 30.36 -64.01 -20.97
CA LYS G 224 29.93 -62.76 -20.36
C LYS G 224 31.12 -62.13 -19.63
N ILE G 225 31.38 -60.85 -19.93
CA ILE G 225 32.54 -60.15 -19.40
C ILE G 225 32.02 -59.19 -18.33
N SER G 226 32.10 -59.61 -17.07
CA SER G 226 31.74 -58.76 -15.95
C SER G 226 32.92 -58.32 -15.12
N ASN G 227 34.10 -58.93 -15.30
CA ASN G 227 35.30 -58.59 -14.56
C ASN G 227 36.33 -58.02 -15.51
N ILE G 228 36.88 -56.86 -15.15
CA ILE G 228 37.94 -56.24 -15.96
C ILE G 228 39.24 -57.04 -15.86
N GLN G 229 39.40 -57.85 -14.80
CA GLN G 229 40.64 -58.62 -14.64
C GLN G 229 40.79 -59.67 -15.72
N ASP G 230 39.68 -60.15 -16.28
CA ASP G 230 39.74 -61.22 -17.28
C ASP G 230 40.41 -60.75 -18.58
N ILE G 231 40.55 -59.45 -18.79
CA ILE G 231 41.07 -58.92 -20.04
C ILE G 231 42.24 -57.97 -19.83
N LEU G 232 42.73 -57.82 -18.60
CA LEU G 232 43.84 -56.90 -18.36
C LEU G 232 45.09 -57.21 -19.16
N PRO G 233 45.57 -58.45 -19.28
CA PRO G 233 46.73 -58.70 -20.14
C PRO G 233 46.50 -58.30 -21.59
N LEU G 234 45.33 -58.62 -22.13
CA LEU G 234 45.02 -58.22 -23.51
C LEU G 234 44.89 -56.72 -23.64
N LEU G 235 44.31 -56.06 -22.62
CA LEU G 235 44.23 -54.61 -22.62
C LEU G 235 45.63 -53.99 -22.66
N GLU G 236 46.55 -54.54 -21.86
CA GLU G 236 47.91 -54.04 -21.86
C GLU G 236 48.59 -54.27 -23.21
N GLN G 237 48.36 -55.44 -23.80
CA GLN G 237 48.93 -55.73 -25.12
C GLN G 237 48.43 -54.74 -26.16
N ILE G 238 47.13 -54.45 -26.16
CA ILE G 238 46.56 -53.54 -27.13
C ILE G 238 47.03 -52.11 -26.88
N LEU G 239 47.17 -51.73 -25.61
CA LEU G 239 47.74 -50.43 -25.28
C LEU G 239 49.16 -50.30 -25.79
N GLN G 240 49.94 -51.39 -25.69
CA GLN G 240 51.26 -51.41 -26.30
C GLN G 240 51.16 -51.22 -27.81
N GLN G 241 50.19 -51.89 -28.44
CA GLN G 241 49.98 -51.71 -29.88
C GLN G 241 49.34 -50.37 -30.22
N SER G 242 48.70 -49.71 -29.24
CA SER G 242 48.07 -48.41 -29.43
C SER G 242 47.04 -48.43 -30.56
N ARG G 243 46.28 -49.52 -30.65
CA ARG G 243 45.24 -49.66 -31.65
C ARG G 243 43.86 -49.73 -31.00
N PRO G 244 42.81 -49.35 -31.71
CA PRO G 244 41.46 -49.51 -31.16
C PRO G 244 41.10 -50.98 -30.97
N LEU G 245 40.23 -51.24 -30.00
CA LEU G 245 39.77 -52.58 -29.71
C LEU G 245 38.25 -52.65 -29.82
N LEU G 246 37.77 -53.67 -30.51
CA LEU G 246 36.34 -53.97 -30.58
C LEU G 246 36.07 -55.24 -29.78
N ILE G 247 35.05 -55.19 -28.92
CA ILE G 247 34.69 -56.31 -28.06
C ILE G 247 33.31 -56.82 -28.47
N ILE G 248 33.24 -58.09 -28.84
CA ILE G 248 31.99 -58.75 -29.18
C ILE G 248 31.82 -59.88 -28.16
N ALA G 249 30.92 -59.68 -27.20
CA ALA G 249 30.69 -60.65 -26.14
C ALA G 249 29.20 -60.81 -25.93
N ASP G 250 28.84 -61.82 -25.12
CA ASP G 250 27.43 -62.01 -24.78
C ASP G 250 26.89 -60.80 -24.02
N ASP G 251 27.66 -60.30 -23.05
CA ASP G 251 27.28 -59.12 -22.30
C ASP G 251 28.49 -58.62 -21.53
N VAL G 252 28.70 -57.31 -21.56
CA VAL G 252 29.76 -56.65 -20.80
C VAL G 252 29.09 -55.75 -19.77
N ASP G 253 29.25 -56.09 -18.50
CA ASP G 253 28.57 -55.38 -17.43
C ASP G 253 29.44 -55.48 -16.17
N GLY G 254 28.85 -55.19 -15.01
CA GLY G 254 29.58 -55.33 -13.77
C GLY G 254 30.52 -54.17 -13.56
N GLU G 255 31.78 -54.50 -13.22
CA GLU G 255 32.81 -53.48 -13.04
C GLU G 255 33.64 -53.24 -14.29
N ALA G 256 33.68 -54.22 -15.20
CA ALA G 256 34.48 -54.05 -16.42
C ALA G 256 33.94 -52.92 -17.28
N LEU G 257 32.61 -52.83 -17.41
CA LEU G 257 32.02 -51.80 -18.25
C LEU G 257 32.31 -50.38 -17.76
N PRO G 258 32.10 -50.03 -16.48
CA PRO G 258 32.49 -48.68 -16.05
C PRO G 258 33.98 -48.41 -16.18
N THR G 259 34.82 -49.42 -15.95
CA THR G 259 36.26 -49.24 -16.10
C THR G 259 36.62 -48.91 -17.55
N LEU G 260 36.04 -49.64 -18.50
CA LEU G 260 36.29 -49.36 -19.92
C LEU G 260 35.74 -48.01 -20.31
N VAL G 261 34.58 -47.63 -19.78
CA VAL G 261 34.00 -46.32 -20.08
C VAL G 261 34.92 -45.22 -19.58
N LEU G 262 35.44 -45.36 -18.36
CA LEU G 262 36.36 -44.36 -17.82
C LEU G 262 37.65 -44.30 -18.63
N ASN G 263 38.17 -45.46 -19.03
CA ASN G 263 39.38 -45.46 -19.84
C ASN G 263 39.16 -44.76 -21.18
N LYS G 264 38.01 -45.02 -21.81
CA LYS G 264 37.71 -44.37 -23.09
C LYS G 264 37.53 -42.88 -22.92
N ILE G 265 36.86 -42.46 -21.84
CA ILE G 265 36.69 -41.03 -21.58
C ILE G 265 38.04 -40.35 -21.39
N ARG G 266 38.92 -40.99 -20.60
CA ARG G 266 40.26 -40.45 -20.41
C ARG G 266 41.14 -40.59 -21.64
N GLY G 267 40.69 -41.32 -22.66
CA GLY G 267 41.48 -41.54 -23.85
C GLY G 267 42.53 -42.62 -23.73
N THR G 268 42.59 -43.32 -22.60
CA THR G 268 43.59 -44.37 -22.42
C THR G 268 43.38 -45.49 -23.42
N PHE G 269 42.13 -45.88 -23.66
CA PHE G 269 41.81 -46.99 -24.54
C PHE G 269 40.71 -46.59 -25.50
N ASN G 270 40.91 -46.89 -26.79
CA ASN G 270 39.89 -46.68 -27.81
C ASN G 270 39.12 -47.98 -28.03
N VAL G 271 38.36 -48.36 -27.00
CA VAL G 271 37.70 -49.65 -26.94
C VAL G 271 36.20 -49.44 -27.04
N VAL G 272 35.54 -50.33 -27.80
CA VAL G 272 34.10 -50.36 -27.92
C VAL G 272 33.63 -51.79 -27.70
N ALA G 273 32.64 -51.97 -26.85
CA ALA G 273 32.09 -53.28 -26.53
C ALA G 273 30.63 -53.33 -26.95
N VAL G 274 30.24 -54.39 -27.65
CA VAL G 274 28.87 -54.58 -28.11
C VAL G 274 28.45 -56.02 -27.80
N LYS G 275 27.14 -56.24 -27.77
CA LYS G 275 26.60 -57.56 -27.50
C LYS G 275 26.74 -58.47 -28.71
N ALA G 276 26.79 -59.76 -28.44
CA ALA G 276 26.93 -60.75 -29.51
C ALA G 276 25.58 -61.02 -30.17
N PRO G 277 25.48 -60.85 -31.48
CA PRO G 277 24.22 -61.16 -32.17
C PRO G 277 23.92 -62.65 -32.15
N GLY G 278 22.63 -62.96 -32.19
CA GLY G 278 22.17 -64.33 -32.12
C GLY G 278 22.05 -64.82 -30.68
N PHE G 279 21.32 -65.92 -30.53
CA PHE G 279 21.11 -66.49 -29.20
C PHE G 279 21.18 -68.01 -29.28
N GLY G 280 21.52 -68.62 -28.16
CA GLY G 280 21.60 -70.08 -28.10
C GLY G 280 22.63 -70.61 -29.06
N ASP G 281 22.31 -71.73 -29.72
CA ASP G 281 23.21 -72.31 -30.69
C ASP G 281 23.39 -71.40 -31.89
N ARG G 282 22.41 -70.55 -32.17
CA ARG G 282 22.51 -69.65 -33.31
C ARG G 282 23.64 -68.65 -33.13
N ARG G 283 23.81 -68.13 -31.91
CA ARG G 283 24.77 -67.04 -31.68
C ARG G 283 26.17 -67.43 -32.14
N LYS G 284 26.60 -68.63 -31.78
CA LYS G 284 27.93 -69.11 -32.18
C LYS G 284 28.08 -69.20 -33.69
N ALA G 285 26.96 -69.32 -34.43
CA ALA G 285 27.06 -69.38 -35.89
C ALA G 285 27.64 -68.08 -36.46
N MET G 286 26.97 -66.94 -36.26
CA MET G 286 27.58 -65.71 -36.75
C MET G 286 28.80 -65.31 -35.94
N LEU G 287 28.98 -65.84 -34.73
CA LEU G 287 30.26 -65.60 -34.05
C LEU G 287 31.42 -66.22 -34.82
N GLU G 288 31.26 -67.47 -35.25
CA GLU G 288 32.27 -68.12 -36.08
C GLU G 288 32.40 -67.42 -37.42
N ASP G 289 31.29 -66.96 -37.99
CA ASP G 289 31.35 -66.22 -39.24
C ASP G 289 32.18 -64.95 -39.11
N ILE G 290 31.98 -64.22 -38.02
CA ILE G 290 32.76 -63.01 -37.75
C ILE G 290 34.23 -63.36 -37.57
N ALA G 291 34.52 -64.45 -36.84
CA ALA G 291 35.90 -64.86 -36.66
C ALA G 291 36.55 -65.19 -37.99
N ILE G 292 35.82 -65.86 -38.88
CA ILE G 292 36.35 -66.21 -40.20
C ILE G 292 36.62 -64.95 -41.01
N LEU G 293 35.66 -64.01 -41.01
CA LEU G 293 35.83 -62.79 -41.80
C LEU G 293 36.99 -61.95 -41.30
N THR G 294 37.14 -61.82 -39.99
CA THR G 294 38.16 -60.96 -39.41
C THR G 294 39.48 -61.67 -39.15
N GLY G 295 39.52 -63.00 -39.31
CA GLY G 295 40.71 -63.74 -39.01
C GLY G 295 40.93 -64.04 -37.54
N GLY G 296 40.02 -63.59 -36.67
CA GLY G 296 40.13 -63.83 -35.26
C GLY G 296 39.58 -65.20 -34.87
N THR G 297 39.53 -65.43 -33.56
CA THR G 297 39.05 -66.68 -33.01
C THR G 297 38.00 -66.39 -31.94
N VAL G 298 36.92 -67.16 -31.96
CA VAL G 298 35.87 -67.02 -30.94
C VAL G 298 36.38 -67.60 -29.63
N ILE G 299 36.30 -66.82 -28.57
CA ILE G 299 36.74 -67.25 -27.24
C ILE G 299 35.53 -67.87 -26.55
N THR G 300 35.47 -69.19 -26.53
CA THR G 300 34.35 -69.91 -25.94
C THR G 300 34.88 -71.04 -25.08
N ASP G 301 34.06 -71.43 -24.10
CA ASP G 301 34.43 -72.54 -23.22
C ASP G 301 34.46 -73.87 -23.96
N ASP G 302 33.77 -73.98 -25.09
CA ASP G 302 33.82 -75.21 -25.87
C ASP G 302 35.21 -75.47 -26.42
N LEU G 303 35.90 -74.42 -26.86
CA LEU G 303 37.25 -74.53 -27.39
C LEU G 303 38.32 -74.50 -26.31
N GLY G 304 37.93 -74.34 -25.04
CA GLY G 304 38.91 -74.29 -23.97
C GLY G 304 39.71 -73.02 -23.91
N LEU G 305 39.20 -71.93 -24.48
CA LEU G 305 39.89 -70.64 -24.48
C LEU G 305 39.33 -69.77 -23.37
N GLU G 306 40.23 -69.20 -22.57
CA GLU G 306 39.86 -68.31 -21.48
C GLU G 306 40.16 -66.86 -21.85
N LEU G 307 39.41 -65.95 -21.23
CA LEU G 307 39.56 -64.53 -21.54
C LEU G 307 40.95 -64.03 -21.20
N LYS G 308 41.49 -64.47 -20.06
CA LYS G 308 42.84 -64.05 -19.66
C LYS G 308 43.91 -64.63 -20.58
N ASP G 309 43.61 -65.70 -21.30
CA ASP G 309 44.57 -66.33 -22.21
C ASP G 309 44.48 -65.79 -23.63
N VAL G 310 43.62 -64.81 -23.88
CA VAL G 310 43.48 -64.27 -25.23
C VAL G 310 44.70 -63.40 -25.55
N THR G 311 45.29 -63.64 -26.71
CA THR G 311 46.44 -62.90 -27.19
C THR G 311 46.03 -62.00 -28.36
N ILE G 312 47.01 -61.24 -28.87
CA ILE G 312 46.75 -60.36 -30.00
C ILE G 312 46.42 -61.19 -31.25
N GLU G 313 47.05 -62.36 -31.39
CA GLU G 313 46.85 -63.17 -32.59
C GLU G 313 45.40 -63.62 -32.74
N ASN G 314 44.77 -64.03 -31.64
CA ASN G 314 43.39 -64.51 -31.69
C ASN G 314 42.38 -63.42 -31.97
N LEU G 315 42.79 -62.15 -31.93
CA LEU G 315 41.88 -61.05 -32.16
C LEU G 315 41.62 -60.84 -33.64
N GLY G 316 40.37 -60.57 -33.99
CA GLY G 316 40.05 -60.22 -35.35
C GLY G 316 40.56 -58.85 -35.73
N ASN G 317 40.75 -58.65 -37.03
CA ASN G 317 41.26 -57.39 -37.55
C ASN G 317 40.44 -56.96 -38.76
N ALA G 318 40.27 -55.66 -38.91
CA ALA G 318 39.55 -55.09 -40.02
C ALA G 318 40.06 -53.67 -40.27
N SER G 319 39.78 -53.15 -41.46
CA SER G 319 40.23 -51.81 -41.79
C SER G 319 39.45 -50.76 -40.99
N LYS G 320 38.13 -50.92 -40.89
CA LYS G 320 37.30 -49.92 -40.24
C LYS G 320 36.07 -50.60 -39.66
N VAL G 321 35.63 -50.12 -38.49
CA VAL G 321 34.43 -50.60 -37.84
C VAL G 321 33.58 -49.40 -37.45
N VAL G 322 32.30 -49.44 -37.80
CA VAL G 322 31.34 -48.40 -37.47
C VAL G 322 30.28 -48.97 -36.57
N VAL G 323 30.08 -48.35 -35.41
CA VAL G 323 29.09 -48.78 -34.43
C VAL G 323 28.12 -47.64 -34.19
N ASP G 324 26.85 -47.85 -34.55
CA ASP G 324 25.80 -46.89 -34.27
C ASP G 324 25.07 -47.32 -33.00
N LYS G 325 23.95 -46.65 -32.71
CA LYS G 325 23.19 -46.97 -31.51
C LYS G 325 22.63 -48.38 -31.53
N ASP G 326 22.33 -48.90 -32.72
CA ASP G 326 21.63 -50.17 -32.84
C ASP G 326 22.37 -51.22 -33.66
N ASN G 327 23.35 -50.84 -34.47
CA ASN G 327 24.03 -51.76 -35.35
C ASN G 327 25.54 -51.53 -35.30
N THR G 328 26.28 -52.60 -35.58
CA THR G 328 27.74 -52.54 -35.67
C THR G 328 28.16 -53.02 -37.05
N THR G 329 28.96 -52.20 -37.72
CA THR G 329 29.38 -52.48 -39.09
C THR G 329 30.88 -52.71 -39.14
N ILE G 330 31.29 -53.77 -39.83
CA ILE G 330 32.70 -54.13 -39.99
C ILE G 330 33.06 -53.97 -41.46
N VAL G 331 34.20 -53.33 -41.72
CA VAL G 331 34.65 -53.04 -43.07
C VAL G 331 36.01 -53.71 -43.28
N GLU G 332 36.13 -54.49 -44.35
CA GLU G 332 37.39 -55.09 -44.79
C GLU G 332 38.01 -55.95 -43.70
N GLY G 333 37.30 -57.03 -43.36
CA GLY G 333 37.85 -57.98 -42.42
C GLY G 333 39.12 -58.62 -42.94
N SER G 334 40.02 -58.96 -42.01
CA SER G 334 41.34 -59.47 -42.36
C SER G 334 41.39 -60.98 -42.52
N GLY G 335 40.26 -61.67 -42.39
CA GLY G 335 40.26 -63.11 -42.54
C GLY G 335 40.47 -63.55 -43.97
N GLU G 336 40.81 -64.82 -44.11
CA GLU G 336 41.10 -65.38 -45.44
C GLU G 336 39.82 -65.45 -46.27
N LYS G 337 39.96 -65.11 -47.56
CA LYS G 337 38.82 -65.21 -48.47
C LYS G 337 38.37 -66.65 -48.64
N GLU G 338 39.32 -67.59 -48.69
CA GLU G 338 38.96 -68.99 -48.88
C GLU G 338 38.15 -69.54 -47.71
N ALA G 339 38.52 -69.16 -46.48
CA ALA G 339 37.75 -69.61 -45.32
C ALA G 339 36.34 -69.05 -45.36
N ILE G 340 36.19 -67.78 -45.76
CA ILE G 340 34.87 -67.18 -45.88
C ILE G 340 34.06 -67.91 -46.94
N GLU G 341 34.70 -68.25 -48.06
CA GLU G 341 34.03 -69.00 -49.11
C GLU G 341 33.58 -70.38 -48.62
N ALA G 342 34.43 -71.04 -47.85
CA ALA G 342 34.06 -72.34 -47.29
C ALA G 342 32.88 -72.22 -46.34
N ARG G 343 32.89 -71.19 -45.50
CA ARG G 343 31.75 -70.95 -44.61
C ARG G 343 30.49 -70.68 -45.40
N VAL G 344 30.60 -69.90 -46.47
CA VAL G 344 29.44 -69.59 -47.32
C VAL G 344 28.91 -70.85 -47.95
N GLN G 345 29.79 -71.72 -48.44
CA GLN G 345 29.37 -72.97 -49.04
C GLN G 345 28.71 -73.87 -48.01
N LEU G 346 29.24 -73.90 -46.78
CA LEU G 346 28.62 -74.67 -45.71
C LEU G 346 27.22 -74.17 -45.41
N ILE G 347 27.05 -72.84 -45.35
CA ILE G 347 25.73 -72.28 -45.09
C ILE G 347 24.77 -72.58 -46.23
N LYS G 348 25.27 -72.54 -47.48
CA LYS G 348 24.44 -72.89 -48.63
C LYS G 348 24.00 -74.34 -48.56
N ASN G 349 24.92 -75.23 -48.18
CA ASN G 349 24.55 -76.63 -48.02
C ASN G 349 23.52 -76.81 -46.92
N GLN G 350 23.68 -76.09 -45.81
CA GLN G 350 22.70 -76.15 -44.73
C GLN G 350 21.33 -75.67 -45.21
N ILE G 351 21.31 -74.58 -46.00
CA ILE G 351 20.06 -74.06 -46.54
C ILE G 351 19.40 -75.09 -47.44
N ALA G 352 20.19 -75.72 -48.31
CA ALA G 352 19.65 -76.75 -49.19
C ALA G 352 19.22 -77.99 -48.41
N GLU G 353 19.73 -78.14 -47.18
CA GLU G 353 19.41 -79.32 -46.37
C GLU G 353 18.35 -79.05 -45.32
N THR G 354 18.30 -77.84 -44.76
CA THR G 354 17.35 -77.54 -43.70
C THR G 354 15.92 -77.62 -44.22
N THR G 355 15.02 -78.08 -43.36
CA THR G 355 13.61 -78.19 -43.71
C THR G 355 12.74 -77.16 -42.99
N SER G 356 13.23 -76.53 -41.94
CA SER G 356 12.47 -75.51 -41.21
C SER G 356 12.60 -74.18 -41.95
N ASP G 357 11.45 -73.59 -42.28
CA ASP G 357 11.46 -72.31 -42.97
C ASP G 357 12.06 -71.21 -42.10
N PHE G 358 11.89 -71.32 -40.78
CA PHE G 358 12.52 -70.36 -39.87
C PHE G 358 14.04 -70.54 -39.86
N ASP G 359 14.50 -71.78 -39.72
CA ASP G 359 15.93 -72.04 -39.76
C ASP G 359 16.51 -71.74 -41.13
N ARG G 360 15.77 -72.06 -42.19
CA ARG G 360 16.22 -71.70 -43.53
C ARG G 360 16.33 -70.20 -43.69
N GLU G 361 15.37 -69.45 -43.14
CA GLU G 361 15.41 -68.00 -43.23
C GLU G 361 16.62 -67.44 -42.46
N LYS G 362 16.89 -67.98 -41.28
CA LYS G 362 18.06 -67.52 -40.52
C LYS G 362 19.35 -67.82 -41.25
N LEU G 363 19.46 -69.03 -41.81
CA LEU G 363 20.66 -69.39 -42.56
C LEU G 363 20.79 -68.54 -43.81
N GLN G 364 19.67 -68.20 -44.45
CA GLN G 364 19.69 -67.31 -45.60
C GLN G 364 20.14 -65.91 -45.21
N GLU G 365 19.70 -65.44 -44.04
CA GLU G 365 20.17 -64.16 -43.54
C GLU G 365 21.68 -64.18 -43.35
N ARG G 366 22.20 -65.24 -42.72
CA ARG G 366 23.64 -65.35 -42.55
C ARG G 366 24.35 -65.39 -43.90
N LEU G 367 23.83 -66.15 -44.85
CA LEU G 367 24.45 -66.28 -46.16
C LEU G 367 24.48 -64.94 -46.88
N ALA G 368 23.36 -64.22 -46.88
CA ALA G 368 23.29 -62.93 -47.54
C ALA G 368 24.22 -61.93 -46.88
N LYS G 369 24.26 -61.93 -45.54
CA LYS G 369 25.15 -61.03 -44.83
C LYS G 369 26.61 -61.32 -45.16
N LEU G 370 26.96 -62.59 -45.29
CA LEU G 370 28.35 -62.95 -45.57
C LEU G 370 28.73 -62.66 -47.01
N ALA G 371 27.83 -62.97 -47.96
CA ALA G 371 28.20 -62.94 -49.37
C ALA G 371 27.93 -61.60 -50.05
N GLY G 372 26.96 -60.82 -49.55
CA GLY G 372 26.65 -59.56 -50.20
C GLY G 372 27.77 -58.54 -50.05
N GLY G 373 28.61 -58.69 -49.04
CA GLY G 373 29.69 -57.76 -48.84
C GLY G 373 29.19 -56.42 -48.36
N VAL G 374 30.08 -55.44 -48.42
CA VAL G 374 29.79 -54.07 -48.01
C VAL G 374 30.18 -53.13 -49.13
N ALA G 375 29.25 -52.26 -49.52
CA ALA G 375 29.56 -51.23 -50.50
C ALA G 375 30.27 -50.07 -49.80
N VAL G 376 31.41 -49.67 -50.35
CA VAL G 376 32.21 -48.57 -49.80
C VAL G 376 32.21 -47.44 -50.81
N VAL G 377 31.77 -46.27 -50.38
CA VAL G 377 31.74 -45.08 -51.22
C VAL G 377 32.85 -44.16 -50.71
N LYS G 378 33.96 -44.11 -51.43
CA LYS G 378 35.09 -43.27 -51.07
C LYS G 378 34.91 -41.92 -51.73
N VAL G 379 34.37 -40.96 -50.98
CA VAL G 379 34.06 -39.64 -51.53
C VAL G 379 35.34 -38.84 -51.67
N GLY G 380 35.56 -38.30 -52.86
CA GLY G 380 36.70 -37.44 -53.13
C GLY G 380 36.27 -36.10 -53.65
N ALA G 381 36.95 -35.04 -53.20
CA ALA G 381 36.64 -33.69 -53.62
C ALA G 381 37.89 -32.83 -53.44
N ALA G 382 37.87 -31.65 -54.07
CA ALA G 382 39.04 -30.78 -54.06
C ALA G 382 39.32 -30.23 -52.67
N THR G 383 38.28 -29.81 -51.95
CA THR G 383 38.44 -29.16 -50.66
C THR G 383 37.72 -29.95 -49.59
N GLU G 384 38.17 -29.77 -48.34
CA GLU G 384 37.55 -30.45 -47.22
C GLU G 384 36.11 -30.00 -47.05
N THR G 385 35.83 -28.71 -47.28
CA THR G 385 34.45 -28.24 -47.26
C THR G 385 33.61 -28.95 -48.32
N GLU G 386 34.17 -29.09 -49.53
CA GLU G 386 33.48 -29.83 -50.59
C GLU G 386 33.29 -31.29 -50.21
N LEU G 387 34.30 -31.90 -49.60
CA LEU G 387 34.19 -33.30 -49.19
C LEU G 387 33.08 -33.47 -48.16
N LYS G 388 33.03 -32.58 -47.16
CA LYS G 388 31.99 -32.67 -46.14
C LYS G 388 30.61 -32.45 -46.73
N GLU G 389 30.48 -31.45 -47.60
CA GLU G 389 29.18 -31.19 -48.23
C GLU G 389 28.73 -32.40 -49.05
N LEU G 390 29.65 -32.98 -49.82
CA LEU G 390 29.30 -34.16 -50.60
C LEU G 390 28.91 -35.33 -49.71
N LYS G 391 29.64 -35.52 -48.60
CA LYS G 391 29.31 -36.60 -47.68
C LYS G 391 27.91 -36.42 -47.12
N LEU G 392 27.59 -35.21 -46.67
CA LEU G 392 26.27 -34.94 -46.12
C LEU G 392 25.19 -35.13 -47.18
N ARG G 393 25.45 -34.68 -48.40
CA ARG G 393 24.49 -34.83 -49.48
C ARG G 393 24.25 -36.31 -49.80
N ILE G 394 25.30 -37.12 -49.78
CA ILE G 394 25.16 -38.53 -50.06
C ILE G 394 24.41 -39.24 -48.95
N GLU G 395 24.62 -38.82 -47.70
CA GLU G 395 23.99 -39.50 -46.56
C GLU G 395 22.46 -39.49 -46.68
N ASP G 396 21.86 -38.29 -46.72
CA ASP G 396 20.41 -38.22 -46.79
C ASP G 396 19.89 -38.76 -48.10
N ALA G 397 20.67 -38.63 -49.18
CA ALA G 397 20.27 -39.21 -50.45
C ALA G 397 20.11 -40.73 -50.33
N LEU G 398 21.10 -41.40 -49.73
CA LEU G 398 21.01 -42.83 -49.53
C LEU G 398 19.83 -43.19 -48.63
N ASN G 399 19.64 -42.41 -47.55
CA ASN G 399 18.56 -42.70 -46.62
C ASN G 399 17.21 -42.63 -47.33
N ALA G 400 16.97 -41.53 -48.05
CA ALA G 400 15.70 -41.37 -48.77
C ALA G 400 15.57 -42.42 -49.87
N THR G 401 16.67 -42.78 -50.51
CA THR G 401 16.63 -43.81 -51.54
C THR G 401 16.12 -45.12 -50.97
N ARG G 402 16.71 -45.56 -49.86
CA ARG G 402 16.24 -46.80 -49.22
C ARG G 402 14.79 -46.67 -48.80
N ALA G 403 14.44 -45.53 -48.19
CA ALA G 403 13.07 -45.34 -47.71
C ALA G 403 12.07 -45.42 -48.85
N ALA G 404 12.47 -44.97 -50.04
CA ALA G 404 11.58 -45.07 -51.19
C ALA G 404 11.53 -46.49 -51.73
N VAL G 405 12.66 -47.20 -51.74
CA VAL G 405 12.66 -48.57 -52.26
C VAL G 405 11.77 -49.45 -51.42
N GLU G 406 11.82 -49.31 -50.09
CA GLU G 406 11.00 -50.19 -49.26
C GLU G 406 9.51 -49.94 -49.46
N GLU G 407 9.09 -48.66 -49.48
CA GLU G 407 7.66 -48.34 -49.53
C GLU G 407 7.23 -47.91 -50.93
N GLY G 408 7.82 -46.85 -51.45
CA GLY G 408 7.42 -46.30 -52.72
C GLY G 408 7.57 -44.79 -52.72
N MET G 409 6.91 -44.15 -53.68
CA MET G 409 7.01 -42.71 -53.89
C MET G 409 5.62 -42.15 -54.10
N VAL G 410 5.34 -40.99 -53.48
CA VAL G 410 4.04 -40.35 -53.58
C VAL G 410 4.23 -38.84 -53.76
N SER G 411 3.12 -38.15 -54.00
CA SER G 411 3.15 -36.72 -54.24
C SER G 411 3.65 -35.99 -53.00
N GLY G 412 4.54 -35.02 -53.22
CA GLY G 412 5.11 -34.25 -52.13
C GLY G 412 4.25 -33.06 -51.75
N GLY G 413 4.76 -32.29 -50.78
CA GLY G 413 4.07 -31.10 -50.34
C GLY G 413 2.74 -31.34 -49.67
N GLY G 414 2.53 -32.53 -49.12
CA GLY G 414 1.27 -32.85 -48.48
C GLY G 414 0.13 -33.16 -49.41
N THR G 415 0.38 -33.21 -50.72
CA THR G 415 -0.69 -33.47 -51.68
C THR G 415 -1.27 -34.87 -51.46
N ALA G 416 -0.40 -35.84 -51.16
CA ALA G 416 -0.89 -37.19 -50.90
C ALA G 416 -1.86 -37.22 -49.73
N LEU G 417 -1.61 -36.41 -48.71
CA LEU G 417 -2.49 -36.37 -47.55
C LEU G 417 -3.90 -35.95 -47.94
N VAL G 418 -4.02 -34.90 -48.76
CA VAL G 418 -5.34 -34.49 -49.21
C VAL G 418 -5.93 -35.54 -50.14
N ASN G 419 -5.10 -36.20 -50.94
CA ASN G 419 -5.60 -37.17 -51.91
C ASN G 419 -6.33 -38.33 -51.26
N VAL G 420 -6.09 -38.59 -49.97
CA VAL G 420 -6.76 -39.68 -49.28
C VAL G 420 -7.93 -39.23 -48.44
N ILE G 421 -8.31 -37.95 -48.52
CA ILE G 421 -9.41 -37.45 -47.70
C ILE G 421 -10.72 -38.15 -48.05
N SER G 422 -10.96 -38.36 -49.34
CA SER G 422 -12.23 -38.95 -49.76
C SER G 422 -12.42 -40.33 -49.17
N LYS G 423 -11.38 -41.17 -49.21
CA LYS G 423 -11.50 -42.51 -48.66
C LYS G 423 -11.80 -42.49 -47.17
N VAL G 424 -11.14 -41.60 -46.44
CA VAL G 424 -11.40 -41.50 -45.00
C VAL G 424 -12.82 -41.05 -44.74
N SER G 425 -13.31 -40.06 -45.49
CA SER G 425 -14.69 -39.63 -45.35
C SER G 425 -15.67 -40.74 -45.70
N ALA G 426 -15.26 -41.68 -46.56
CA ALA G 426 -16.13 -42.79 -46.93
C ALA G 426 -16.28 -43.82 -45.81
N VAL G 427 -15.50 -43.73 -44.74
CA VAL G 427 -15.59 -44.69 -43.66
C VAL G 427 -16.88 -44.45 -42.87
N GLU G 428 -17.63 -45.52 -42.61
CA GLU G 428 -18.92 -45.40 -41.95
C GLU G 428 -18.76 -45.56 -40.44
N ALA G 429 -19.35 -44.63 -39.69
CA ALA G 429 -19.33 -44.68 -38.24
C ALA G 429 -20.47 -43.83 -37.71
N GLU G 430 -20.72 -43.94 -36.42
CA GLU G 430 -21.80 -43.20 -35.77
C GLU G 430 -21.30 -42.63 -34.46
N GLY G 431 -21.97 -41.57 -34.02
CA GLY G 431 -21.67 -40.97 -32.73
C GLY G 431 -20.26 -40.42 -32.67
N ASP G 432 -19.61 -40.63 -31.52
CA ASP G 432 -18.29 -40.06 -31.31
C ASP G 432 -17.26 -40.67 -32.25
N VAL G 433 -17.49 -41.89 -32.73
CA VAL G 433 -16.61 -42.46 -33.75
C VAL G 433 -16.67 -41.62 -35.02
N ALA G 434 -17.88 -41.27 -35.46
CA ALA G 434 -18.02 -40.38 -36.60
C ALA G 434 -17.44 -39.01 -36.32
N THR G 435 -17.57 -38.54 -35.08
CA THR G 435 -16.98 -37.25 -34.72
C THR G 435 -15.46 -37.27 -34.87
N GLY G 436 -14.83 -38.34 -34.39
CA GLY G 436 -13.39 -38.47 -34.56
C GLY G 436 -12.99 -38.61 -36.02
N ILE G 437 -13.82 -39.29 -36.82
CA ILE G 437 -13.55 -39.39 -38.24
C ILE G 437 -13.55 -38.01 -38.87
N LYS G 438 -14.55 -37.19 -38.56
CA LYS G 438 -14.59 -35.83 -39.06
C LYS G 438 -13.40 -35.02 -38.55
N ILE G 439 -12.98 -35.28 -37.31
CA ILE G 439 -11.82 -34.60 -36.76
C ILE G 439 -10.59 -34.86 -37.61
N VAL G 440 -10.35 -36.13 -37.92
CA VAL G 440 -9.19 -36.48 -38.73
C VAL G 440 -9.32 -35.90 -40.12
N VAL G 441 -10.53 -35.93 -40.69
CA VAL G 441 -10.74 -35.39 -42.04
C VAL G 441 -10.38 -33.90 -42.06
N ARG G 442 -10.84 -33.16 -41.06
CA ARG G 442 -10.51 -31.74 -41.00
C ARG G 442 -9.02 -31.53 -40.79
N ALA G 443 -8.39 -32.32 -39.92
CA ALA G 443 -7.00 -32.08 -39.59
C ALA G 443 -6.05 -32.44 -40.73
N LEU G 444 -6.44 -33.38 -41.59
CA LEU G 444 -5.55 -33.81 -42.66
C LEU G 444 -5.18 -32.69 -43.61
N GLU G 445 -5.95 -31.61 -43.66
CA GLU G 445 -5.64 -30.50 -44.54
C GLU G 445 -4.60 -29.55 -43.98
N GLU G 446 -4.17 -29.74 -42.73
CA GLU G 446 -3.28 -28.77 -42.09
C GLU G 446 -1.94 -28.59 -42.79
N PRO G 447 -1.23 -29.64 -43.21
CA PRO G 447 0.11 -29.40 -43.80
C PRO G 447 0.06 -28.55 -45.06
N ILE G 448 -0.82 -28.87 -46.00
CA ILE G 448 -0.86 -28.12 -47.26
C ILE G 448 -1.32 -26.69 -47.00
N ARG G 449 -2.31 -26.52 -46.14
CA ARG G 449 -2.79 -25.17 -45.82
C ARG G 449 -1.69 -24.35 -45.18
N GLN G 450 -0.94 -24.94 -44.26
CA GLN G 450 0.15 -24.23 -43.61
C GLN G 450 1.24 -23.86 -44.61
N ILE G 451 1.57 -24.77 -45.52
CA ILE G 451 2.57 -24.48 -46.54
C ILE G 451 2.11 -23.33 -47.42
N ALA G 452 0.84 -23.35 -47.82
CA ALA G 452 0.32 -22.28 -48.66
C ALA G 452 0.36 -20.94 -47.92
N GLU G 453 0.02 -20.94 -46.64
CA GLU G 453 0.08 -19.70 -45.86
C GLU G 453 1.51 -19.19 -45.73
N ASN G 454 2.47 -20.11 -45.54
CA ASN G 454 3.86 -19.67 -45.44
C ASN G 454 4.35 -19.03 -46.72
N ALA G 455 3.79 -19.43 -47.86
CA ALA G 455 4.15 -18.84 -49.14
C ALA G 455 3.32 -17.61 -49.47
N GLY G 456 2.42 -17.20 -48.58
CA GLY G 456 1.61 -16.02 -48.79
C GLY G 456 0.29 -16.27 -49.48
N TYR G 457 0.02 -17.48 -49.94
CA TYR G 457 -1.23 -17.81 -50.60
C TYR G 457 -2.27 -18.21 -49.56
N GLU G 458 -3.53 -17.96 -49.89
CA GLU G 458 -4.62 -18.31 -48.98
C GLU G 458 -4.78 -19.82 -48.91
N GLY G 459 -4.70 -20.36 -47.69
CA GLY G 459 -4.72 -21.81 -47.55
C GLY G 459 -6.05 -22.42 -47.94
N SER G 460 -7.15 -21.78 -47.57
CA SER G 460 -8.46 -22.36 -47.86
C SER G 460 -8.70 -22.47 -49.36
N VAL G 461 -8.30 -21.45 -50.12
CA VAL G 461 -8.45 -21.49 -51.57
C VAL G 461 -7.66 -22.65 -52.15
N ILE G 462 -6.42 -22.81 -51.69
CA ILE G 462 -5.58 -23.90 -52.21
C ILE G 462 -6.20 -25.25 -51.88
N VAL G 463 -6.69 -25.43 -50.66
CA VAL G 463 -7.29 -26.71 -50.28
C VAL G 463 -8.52 -26.99 -51.13
N ASP G 464 -9.39 -26.00 -51.30
CA ASP G 464 -10.61 -26.20 -52.06
C ASP G 464 -10.30 -26.53 -53.51
N LYS G 465 -9.34 -25.81 -54.11
CA LYS G 465 -8.99 -26.09 -55.50
C LYS G 465 -8.35 -27.47 -55.63
N LEU G 466 -7.50 -27.85 -54.68
CA LEU G 466 -6.84 -29.14 -54.74
C LEU G 466 -7.84 -30.28 -54.62
N LYS G 467 -8.88 -30.10 -53.82
CA LYS G 467 -9.88 -31.15 -53.69
C LYS G 467 -10.65 -31.39 -54.98
N ASN G 468 -10.55 -30.49 -55.96
CA ASN G 468 -11.35 -30.57 -57.16
C ASN G 468 -10.52 -30.75 -58.43
N VAL G 469 -9.21 -30.90 -58.29
CA VAL G 469 -8.35 -31.11 -59.45
C VAL G 469 -8.04 -32.59 -59.58
N GLU G 470 -7.49 -32.98 -60.72
CA GLU G 470 -7.17 -34.38 -60.98
C GLU G 470 -6.07 -34.86 -60.06
N LEU G 471 -6.13 -36.15 -59.73
CA LEU G 471 -5.08 -36.78 -58.93
C LEU G 471 -3.73 -36.70 -59.64
N GLY G 472 -2.67 -36.46 -58.87
CA GLY G 472 -1.35 -36.29 -59.41
C GLY G 472 -0.93 -34.87 -59.66
N THR G 473 -1.87 -33.94 -59.63
CA THR G 473 -1.60 -32.51 -59.81
C THR G 473 -1.87 -31.81 -58.49
N GLY G 474 -0.88 -31.08 -57.99
CA GLY G 474 -1.04 -30.36 -56.74
C GLY G 474 -0.64 -28.91 -56.87
N PHE G 475 -0.25 -28.29 -55.76
CA PHE G 475 0.14 -26.89 -55.73
C PHE G 475 1.64 -26.78 -55.49
N ASN G 476 2.35 -26.13 -56.40
CA ASN G 476 3.76 -25.87 -56.23
C ASN G 476 3.92 -24.59 -55.43
N ALA G 477 4.30 -24.74 -54.15
CA ALA G 477 4.46 -23.57 -53.30
C ALA G 477 5.61 -22.69 -53.76
N ALA G 478 6.61 -23.28 -54.42
CA ALA G 478 7.76 -22.49 -54.88
C ALA G 478 7.35 -21.48 -55.94
N THR G 479 6.45 -21.86 -56.84
CA THR G 479 6.06 -21.00 -57.95
C THR G 479 4.62 -20.52 -57.89
N GLY G 480 3.78 -21.12 -57.05
CA GLY G 480 2.38 -20.74 -57.04
C GLY G 480 1.59 -21.21 -58.22
N GLU G 481 2.06 -22.25 -58.91
CA GLU G 481 1.39 -22.76 -60.10
C GLU G 481 1.00 -24.22 -59.90
N TRP G 482 -0.17 -24.57 -60.44
CA TRP G 482 -0.70 -25.92 -60.31
C TRP G 482 -0.12 -26.78 -61.42
N VAL G 483 0.86 -27.60 -61.09
CA VAL G 483 1.55 -28.45 -62.05
C VAL G 483 1.53 -29.87 -61.51
N ASN G 484 2.08 -30.78 -62.31
CA ASN G 484 2.21 -32.18 -61.90
C ASN G 484 3.40 -32.32 -60.97
N MET G 485 3.13 -32.69 -59.71
CA MET G 485 4.20 -32.81 -58.73
C MET G 485 5.20 -33.89 -59.12
N VAL G 486 4.70 -35.02 -59.65
CA VAL G 486 5.59 -36.08 -60.09
C VAL G 486 6.50 -35.58 -61.21
N GLU G 487 5.93 -34.86 -62.18
CA GLU G 487 6.74 -34.30 -63.26
C GLU G 487 7.65 -33.20 -62.74
N ALA G 488 7.17 -32.39 -61.81
CA ALA G 488 7.95 -31.29 -61.27
C ALA G 488 8.94 -31.73 -60.19
N GLY G 489 8.91 -32.99 -59.78
CA GLY G 489 9.85 -33.48 -58.80
C GLY G 489 9.48 -33.20 -57.36
N ILE G 490 8.30 -32.66 -57.08
CA ILE G 490 7.87 -32.40 -55.71
C ILE G 490 7.27 -33.70 -55.20
N VAL G 491 8.14 -34.58 -54.73
CA VAL G 491 7.76 -35.92 -54.32
C VAL G 491 8.36 -36.21 -52.95
N ASP G 492 7.59 -36.91 -52.11
CA ASP G 492 8.00 -37.26 -50.76
C ASP G 492 7.84 -38.76 -50.55
N PRO G 493 8.76 -39.39 -49.83
CA PRO G 493 8.67 -40.84 -49.64
C PRO G 493 7.42 -41.23 -48.86
N THR G 494 6.84 -42.37 -49.24
CA THR G 494 5.62 -42.84 -48.59
C THR G 494 5.85 -43.14 -47.13
N LYS G 495 7.01 -43.73 -46.80
CA LYS G 495 7.29 -44.13 -45.43
C LYS G 495 7.27 -42.94 -44.50
N VAL G 496 7.87 -41.82 -44.90
CA VAL G 496 7.91 -40.64 -44.04
C VAL G 496 6.52 -40.17 -43.70
N THR G 497 5.68 -40.00 -44.72
CA THR G 497 4.33 -39.50 -44.49
C THR G 497 3.52 -40.45 -43.63
N ARG G 498 3.56 -41.75 -43.94
CA ARG G 498 2.75 -42.68 -43.17
C ARG G 498 3.24 -42.80 -41.73
N SER G 499 4.56 -42.75 -41.51
CA SER G 499 5.07 -42.81 -40.15
C SER G 499 4.69 -41.57 -39.36
N ALA G 500 4.78 -40.40 -39.99
CA ALA G 500 4.37 -39.17 -39.31
C ALA G 500 2.90 -39.24 -38.94
N LEU G 501 2.06 -39.69 -39.87
CA LEU G 501 0.64 -39.77 -39.58
C LEU G 501 0.35 -40.75 -38.44
N GLN G 502 0.99 -41.92 -38.47
CA GLN G 502 0.78 -42.91 -37.42
C GLN G 502 1.20 -42.38 -36.07
N ASN G 503 2.39 -41.77 -36.00
CA ASN G 503 2.87 -41.25 -34.72
C ASN G 503 1.96 -40.15 -34.19
N ALA G 504 1.58 -39.21 -35.06
CA ALA G 504 0.73 -38.11 -34.62
C ALA G 504 -0.61 -38.63 -34.13
N ALA G 505 -1.22 -39.56 -34.87
CA ALA G 505 -2.52 -40.08 -34.46
C ALA G 505 -2.43 -40.82 -33.13
N SER G 506 -1.42 -41.68 -32.98
CA SER G 506 -1.29 -42.44 -31.74
C SER G 506 -1.10 -41.52 -30.55
N VAL G 507 -0.22 -40.52 -30.68
CA VAL G 507 0.07 -39.69 -29.54
C VAL G 507 -1.09 -38.74 -29.24
N SER G 508 -1.79 -38.28 -30.27
CA SER G 508 -3.00 -37.50 -30.02
C SER G 508 -4.05 -38.32 -29.31
N ALA G 509 -4.19 -39.60 -29.68
CA ALA G 509 -5.14 -40.46 -28.97
C ALA G 509 -4.73 -40.63 -27.52
N LEU G 510 -3.44 -40.81 -27.26
CA LEU G 510 -2.99 -40.95 -25.88
C LEU G 510 -3.25 -39.68 -25.07
N LEU G 511 -2.99 -38.52 -25.68
CA LEU G 511 -3.18 -37.27 -24.95
C LEU G 511 -4.65 -36.97 -24.70
N LEU G 512 -5.52 -37.26 -25.67
CA LEU G 512 -6.93 -36.92 -25.53
C LEU G 512 -7.60 -37.69 -24.40
N THR G 513 -7.04 -38.82 -24.01
CA THR G 513 -7.61 -39.62 -22.92
C THR G 513 -7.03 -39.28 -21.57
N THR G 514 -6.13 -38.29 -21.49
CA THR G 514 -5.55 -37.90 -20.22
C THR G 514 -6.62 -37.27 -19.33
N GLU G 515 -6.61 -37.65 -18.05
CA GLU G 515 -7.57 -37.13 -17.10
C GLU G 515 -6.95 -36.43 -15.91
N ALA G 516 -5.76 -36.86 -15.47
CA ALA G 516 -5.09 -36.25 -14.34
C ALA G 516 -3.61 -36.09 -14.67
N VAL G 517 -3.05 -34.94 -14.32
CA VAL G 517 -1.65 -34.62 -14.61
C VAL G 517 -0.92 -34.41 -13.29
N VAL G 518 0.16 -35.15 -13.09
CA VAL G 518 1.01 -35.04 -11.92
C VAL G 518 2.35 -34.47 -12.36
N ALA G 519 2.70 -33.29 -11.84
CA ALA G 519 3.93 -32.63 -12.23
C ALA G 519 4.60 -32.02 -11.01
N ASP G 520 5.92 -31.86 -11.11
CA ASP G 520 6.67 -31.24 -10.02
C ASP G 520 6.29 -29.78 -9.86
N LYS G 521 6.00 -29.38 -8.64
CA LYS G 521 5.69 -27.98 -8.36
C LYS G 521 6.97 -27.17 -8.42
N PRO G 522 6.96 -26.01 -9.08
CA PRO G 522 8.15 -25.15 -9.10
C PRO G 522 8.56 -24.76 -7.69
N GLU G 523 9.86 -24.72 -7.46
CA GLU G 523 10.36 -24.36 -6.13
C GLU G 523 10.36 -22.85 -5.96
N PRO G 524 9.70 -22.32 -4.94
CA PRO G 524 9.66 -20.86 -4.70
C PRO G 524 11.01 -20.31 -4.28
N MET H 1 -28.25 5.88 -22.62
CA MET H 1 -26.89 6.37 -22.39
C MET H 1 -25.80 5.34 -22.73
N ALA H 2 -24.65 5.46 -22.08
CA ALA H 2 -23.44 4.75 -22.52
C ALA H 2 -23.68 3.24 -22.65
N LYS H 3 -23.17 2.68 -23.74
CA LYS H 3 -23.26 1.26 -24.02
C LYS H 3 -21.95 0.57 -23.66
N GLU H 4 -21.99 -0.76 -23.60
CA GLU H 4 -20.86 -1.58 -23.18
C GLU H 4 -20.68 -2.74 -24.16
N LEU H 5 -20.65 -2.41 -25.46
CA LEU H 5 -20.65 -3.38 -26.55
C LEU H 5 -19.75 -4.59 -26.26
N LYS H 6 -20.33 -5.78 -26.37
CA LYS H 6 -19.61 -7.04 -26.19
C LYS H 6 -20.01 -8.01 -27.29
N PHE H 7 -19.03 -8.74 -27.82
CA PHE H 7 -19.29 -9.65 -28.93
C PHE H 7 -18.89 -11.09 -28.59
N ALA H 8 -18.91 -11.95 -29.61
CA ALA H 8 -18.38 -13.31 -29.51
C ALA H 8 -19.03 -14.14 -28.42
N GLU H 9 -18.22 -14.84 -27.63
CA GLU H 9 -18.72 -15.87 -26.73
C GLU H 9 -19.07 -15.36 -25.34
N ASP H 10 -18.27 -14.46 -24.77
CA ASP H 10 -18.56 -13.99 -23.41
C ASP H 10 -19.92 -13.31 -23.33
N ALA H 11 -20.38 -12.70 -24.42
CA ALA H 11 -21.75 -12.23 -24.47
C ALA H 11 -22.73 -13.38 -24.29
N ARG H 12 -22.49 -14.47 -25.02
CA ARG H 12 -23.30 -15.67 -24.84
C ARG H 12 -23.06 -16.29 -23.46
N ALA H 13 -21.83 -16.18 -22.95
CA ALA H 13 -21.56 -16.70 -21.62
C ALA H 13 -22.44 -16.01 -20.57
N ALA H 14 -22.60 -14.69 -20.69
CA ALA H 14 -23.45 -13.95 -19.78
C ALA H 14 -24.92 -14.28 -20.02
N MET H 15 -25.30 -14.45 -21.28
CA MET H 15 -26.64 -14.93 -21.57
C MET H 15 -26.93 -16.19 -20.77
N LEU H 16 -26.00 -17.14 -20.84
CA LEU H 16 -26.17 -18.44 -20.19
C LEU H 16 -26.16 -18.32 -18.68
N ARG H 17 -25.31 -17.45 -18.13
CA ARG H 17 -25.29 -17.28 -16.68
C ARG H 17 -26.62 -16.74 -16.17
N GLY H 18 -27.16 -15.72 -16.85
CA GLY H 18 -28.45 -15.21 -16.43
C GLY H 18 -29.54 -16.26 -16.54
N VAL H 19 -29.57 -16.97 -17.66
CA VAL H 19 -30.58 -18.00 -17.87
C VAL H 19 -30.46 -19.10 -16.81
N ASP H 20 -29.22 -19.47 -16.48
CA ASP H 20 -28.99 -20.50 -15.47
C ASP H 20 -29.46 -20.03 -14.11
N LYS H 21 -29.20 -18.78 -13.76
CA LYS H 21 -29.68 -18.28 -12.48
C LYS H 21 -31.20 -18.34 -12.41
N LEU H 22 -31.88 -17.89 -13.47
CA LEU H 22 -33.33 -17.93 -13.46
C LEU H 22 -33.84 -19.37 -13.38
N ALA H 23 -33.22 -20.28 -14.13
CA ALA H 23 -33.65 -21.67 -14.14
C ALA H 23 -33.42 -22.33 -12.78
N ASP H 24 -32.28 -22.05 -12.15
CA ASP H 24 -32.03 -22.63 -10.83
C ASP H 24 -32.99 -22.07 -9.79
N THR H 25 -33.44 -20.83 -9.96
CA THR H 25 -34.44 -20.31 -9.03
C THR H 25 -35.81 -20.92 -9.28
N VAL H 26 -36.15 -21.21 -10.53
CA VAL H 26 -37.52 -21.62 -10.85
C VAL H 26 -37.70 -23.12 -10.73
N LYS H 27 -36.82 -23.92 -11.35
CA LYS H 27 -37.10 -25.33 -11.58
C LYS H 27 -37.27 -26.13 -10.29
N VAL H 28 -36.80 -25.62 -9.16
CA VAL H 28 -36.92 -26.39 -7.92
C VAL H 28 -38.37 -26.58 -7.51
N THR H 29 -39.28 -25.79 -8.06
CA THR H 29 -40.71 -25.92 -7.77
C THR H 29 -41.42 -26.86 -8.71
N LEU H 30 -40.72 -27.42 -9.69
CA LEU H 30 -41.37 -28.26 -10.69
C LEU H 30 -41.84 -29.57 -10.08
N GLY H 31 -42.99 -30.05 -10.54
CA GLY H 31 -43.50 -31.34 -10.13
C GLY H 31 -44.34 -31.26 -8.87
N PRO H 32 -45.10 -32.32 -8.59
CA PRO H 32 -45.94 -32.32 -7.38
C PRO H 32 -45.13 -32.21 -6.10
N LYS H 33 -43.92 -32.76 -6.07
CA LYS H 33 -43.07 -32.72 -4.89
C LYS H 33 -42.11 -31.54 -4.90
N GLY H 34 -42.50 -30.44 -5.52
CA GLY H 34 -41.60 -29.29 -5.61
C GLY H 34 -41.30 -28.69 -4.25
N ARG H 35 -40.09 -28.15 -4.12
CA ARG H 35 -39.67 -27.50 -2.90
C ARG H 35 -39.99 -26.01 -2.95
N ASN H 36 -40.09 -25.41 -1.77
CA ASN H 36 -40.53 -24.04 -1.61
C ASN H 36 -39.37 -23.07 -1.72
N VAL H 37 -39.68 -21.86 -2.18
CA VAL H 37 -38.70 -20.78 -2.36
C VAL H 37 -39.20 -19.56 -1.61
N VAL H 38 -38.26 -18.80 -1.03
CA VAL H 38 -38.57 -17.62 -0.24
C VAL H 38 -38.33 -16.38 -1.09
N LEU H 39 -39.32 -15.50 -1.17
CA LEU H 39 -39.22 -14.25 -1.89
C LEU H 39 -39.33 -13.09 -0.91
N GLU H 40 -38.51 -12.06 -1.13
CA GLU H 40 -38.55 -10.87 -0.30
C GLU H 40 -39.74 -9.98 -0.68
N LYS H 41 -40.24 -9.26 0.33
CA LYS H 41 -41.28 -8.25 0.13
C LYS H 41 -40.87 -6.98 0.86
N SER H 42 -41.23 -5.84 0.27
CA SER H 42 -40.86 -4.55 0.87
C SER H 42 -41.52 -4.36 2.23
N TYR H 43 -42.80 -4.72 2.34
CA TYR H 43 -43.54 -4.58 3.59
C TYR H 43 -44.19 -5.91 3.94
N GLY H 44 -44.37 -6.14 5.23
CA GLY H 44 -45.00 -7.35 5.71
C GLY H 44 -44.06 -8.53 5.72
N SER H 45 -44.62 -9.67 6.11
CA SER H 45 -43.83 -10.89 6.18
C SER H 45 -43.46 -11.35 4.77
N PRO H 46 -42.29 -11.97 4.61
CA PRO H 46 -41.91 -12.51 3.31
C PRO H 46 -42.84 -13.62 2.88
N LEU H 47 -43.00 -13.76 1.56
CA LEU H 47 -43.89 -14.76 1.00
C LEU H 47 -43.10 -15.99 0.58
N ILE H 48 -43.55 -17.16 1.05
CA ILE H 48 -42.95 -18.44 0.70
C ILE H 48 -43.92 -19.15 -0.23
N THR H 49 -43.44 -19.57 -1.40
CA THR H 49 -44.31 -20.18 -2.38
C THR H 49 -43.51 -21.12 -3.27
N ASN H 50 -44.25 -21.99 -3.96
CA ASN H 50 -43.69 -22.87 -4.98
C ASN H 50 -44.34 -22.61 -6.34
N ASP H 51 -44.96 -21.45 -6.52
CA ASP H 51 -45.59 -21.08 -7.77
C ASP H 51 -44.53 -20.47 -8.69
N GLY H 52 -44.31 -21.10 -9.84
CA GLY H 52 -43.18 -20.72 -10.68
C GLY H 52 -43.32 -19.33 -11.27
N VAL H 53 -44.51 -18.99 -11.76
CA VAL H 53 -44.69 -17.75 -12.50
C VAL H 53 -44.43 -16.54 -11.62
N THR H 54 -44.89 -16.60 -10.37
CA THR H 54 -44.65 -15.49 -9.44
C THR H 54 -43.17 -15.29 -9.20
N ILE H 55 -42.45 -16.39 -8.96
CA ILE H 55 -41.02 -16.30 -8.69
C ILE H 55 -40.29 -15.72 -9.90
N ALA H 56 -40.64 -16.19 -11.10
CA ALA H 56 -40.02 -15.68 -12.30
C ALA H 56 -40.30 -14.20 -12.48
N LYS H 57 -41.52 -13.77 -12.15
CA LYS H 57 -41.85 -12.35 -12.23
C LYS H 57 -41.01 -11.53 -11.26
N GLU H 58 -40.74 -12.09 -10.07
CA GLU H 58 -40.06 -11.32 -9.04
C GLU H 58 -38.55 -11.23 -9.24
N ILE H 59 -37.98 -11.96 -10.20
CA ILE H 59 -36.53 -12.03 -10.34
C ILE H 59 -36.02 -10.84 -11.13
N GLU H 60 -34.95 -10.22 -10.64
CA GLU H 60 -34.31 -9.10 -11.33
C GLU H 60 -32.85 -9.07 -10.92
N LEU H 61 -31.96 -9.21 -11.90
CA LEU H 61 -30.53 -9.37 -11.64
C LEU H 61 -29.79 -8.05 -11.85
N GLU H 62 -28.72 -7.85 -11.08
CA GLU H 62 -27.94 -6.63 -11.20
C GLU H 62 -27.15 -6.60 -12.51
N ASP H 63 -26.47 -7.70 -12.83
CA ASP H 63 -25.72 -7.75 -14.08
C ASP H 63 -26.66 -7.50 -15.25
N HIS H 64 -26.31 -6.52 -16.09
CA HIS H 64 -27.19 -6.11 -17.17
C HIS H 64 -27.40 -7.22 -18.17
N PHE H 65 -26.38 -8.03 -18.41
CA PHE H 65 -26.52 -9.16 -19.31
C PHE H 65 -27.31 -10.28 -18.66
N GLU H 66 -27.07 -10.53 -17.38
CA GLU H 66 -27.86 -11.55 -16.72
C GLU H 66 -29.31 -11.09 -16.54
N ASN H 67 -29.50 -9.79 -16.29
CA ASN H 67 -30.86 -9.27 -16.33
C ASN H 67 -31.44 -9.39 -17.73
N MET H 68 -30.58 -9.33 -18.74
CA MET H 68 -31.02 -9.54 -20.12
C MET H 68 -31.60 -10.94 -20.30
N GLY H 69 -30.85 -11.96 -19.88
CA GLY H 69 -31.30 -13.33 -20.01
C GLY H 69 -32.54 -13.61 -19.18
N ALA H 70 -32.60 -13.06 -17.97
CA ALA H 70 -33.78 -13.23 -17.13
C ALA H 70 -35.02 -12.62 -17.77
N LYS H 71 -34.92 -11.38 -18.26
CA LYS H 71 -36.09 -10.76 -18.88
C LYS H 71 -36.52 -11.54 -20.12
N LEU H 72 -35.56 -12.02 -20.91
CA LEU H 72 -35.91 -12.82 -22.08
C LEU H 72 -36.72 -14.06 -21.69
N VAL H 73 -36.19 -14.85 -20.75
CA VAL H 73 -36.88 -16.08 -20.38
C VAL H 73 -38.24 -15.78 -19.75
N SER H 74 -38.34 -14.70 -18.98
CA SER H 74 -39.63 -14.31 -18.42
C SER H 74 -40.63 -14.00 -19.52
N GLU H 75 -40.20 -13.28 -20.56
CA GLU H 75 -41.14 -12.99 -21.64
C GLU H 75 -41.54 -14.27 -22.36
N VAL H 76 -40.66 -15.26 -22.40
CA VAL H 76 -41.06 -16.56 -22.96
C VAL H 76 -42.17 -17.17 -22.12
N ALA H 77 -41.96 -17.22 -20.80
CA ALA H 77 -42.97 -17.82 -19.92
C ALA H 77 -44.29 -17.06 -19.99
N SER H 78 -44.23 -15.78 -20.37
CA SER H 78 -45.44 -14.97 -20.47
C SER H 78 -46.41 -15.55 -21.49
N LYS H 79 -45.90 -16.00 -22.64
CA LYS H 79 -46.76 -16.52 -23.69
C LYS H 79 -47.43 -17.84 -23.30
N THR H 80 -46.99 -18.46 -22.22
CA THR H 80 -47.44 -19.81 -21.88
C THR H 80 -48.25 -19.88 -20.60
N ASN H 81 -48.04 -18.96 -19.64
CA ASN H 81 -48.77 -19.06 -18.37
C ASN H 81 -50.26 -18.82 -18.55
N ASP H 82 -50.67 -18.29 -19.70
CA ASP H 82 -52.08 -17.96 -19.92
C ASP H 82 -52.94 -19.21 -19.78
N ILE H 83 -52.50 -20.33 -20.38
CA ILE H 83 -53.23 -21.58 -20.23
C ILE H 83 -52.67 -22.35 -19.05
N ALA H 84 -53.57 -22.90 -18.23
CA ALA H 84 -53.22 -23.60 -16.99
C ALA H 84 -52.29 -22.76 -16.12
N GLY H 85 -51.45 -23.41 -15.33
CA GLY H 85 -50.53 -22.70 -14.46
C GLY H 85 -49.18 -23.37 -14.31
N ASP H 86 -48.93 -24.41 -15.11
CA ASP H 86 -47.68 -25.15 -15.03
C ASP H 86 -46.80 -25.02 -16.27
N GLY H 87 -47.36 -24.60 -17.40
CA GLY H 87 -46.57 -24.46 -18.61
C GLY H 87 -45.54 -23.35 -18.57
N THR H 88 -45.59 -22.49 -17.56
CA THR H 88 -44.64 -21.40 -17.43
C THR H 88 -43.31 -21.83 -16.81
N THR H 89 -43.20 -23.08 -16.38
CA THR H 89 -41.98 -23.60 -15.75
C THR H 89 -41.23 -24.57 -16.64
N THR H 90 -41.94 -25.55 -17.23
CA THR H 90 -41.28 -26.53 -18.08
C THR H 90 -40.55 -25.85 -19.23
N ALA H 91 -41.15 -24.77 -19.75
CA ALA H 91 -40.52 -24.01 -20.83
C ALA H 91 -39.16 -23.49 -20.41
N THR H 92 -39.05 -22.97 -19.18
CA THR H 92 -37.77 -22.44 -18.72
C THR H 92 -36.72 -23.54 -18.59
N VAL H 93 -37.10 -24.69 -18.06
CA VAL H 93 -36.15 -25.78 -17.91
C VAL H 93 -35.64 -26.24 -19.27
N LEU H 94 -36.57 -26.43 -20.21
CA LEU H 94 -36.17 -26.83 -21.55
C LEU H 94 -35.27 -25.79 -22.19
N THR H 95 -35.60 -24.50 -22.01
CA THR H 95 -34.79 -23.44 -22.57
C THR H 95 -33.38 -23.48 -22.00
N GLN H 96 -33.26 -23.66 -20.68
CA GLN H 96 -31.93 -23.72 -20.07
C GLN H 96 -31.12 -24.87 -20.63
N ALA H 97 -31.72 -26.06 -20.68
CA ALA H 97 -30.97 -27.23 -21.15
C ALA H 97 -30.53 -27.04 -22.59
N ILE H 98 -31.45 -26.62 -23.46
CA ILE H 98 -31.13 -26.46 -24.87
C ILE H 98 -30.03 -25.43 -25.04
N VAL H 99 -30.17 -24.29 -24.36
CA VAL H 99 -29.19 -23.21 -24.50
C VAL H 99 -27.82 -23.67 -24.04
N ARG H 100 -27.75 -24.35 -22.90
CA ARG H 100 -26.46 -24.78 -22.37
C ARG H 100 -25.76 -25.74 -23.34
N GLU H 101 -26.46 -26.79 -23.74
CA GLU H 101 -25.82 -27.79 -24.60
C GLU H 101 -25.50 -27.20 -25.97
N GLY H 102 -26.38 -26.33 -26.49
CA GLY H 102 -26.11 -25.71 -27.77
C GLY H 102 -24.91 -24.78 -27.72
N LEU H 103 -24.77 -24.02 -26.63
CA LEU H 103 -23.60 -23.16 -26.49
C LEU H 103 -22.33 -23.99 -26.43
N LYS H 104 -22.36 -25.09 -25.68
CA LYS H 104 -21.18 -25.96 -25.63
C LYS H 104 -20.84 -26.49 -27.00
N ASN H 105 -21.84 -26.91 -27.78
CA ASN H 105 -21.56 -27.43 -29.12
C ASN H 105 -21.05 -26.34 -30.05
N VAL H 106 -21.62 -25.14 -29.97
CA VAL H 106 -21.20 -24.05 -30.85
C VAL H 106 -19.76 -23.64 -30.53
N THR H 107 -19.37 -23.74 -29.26
CA THR H 107 -18.00 -23.40 -28.88
C THR H 107 -16.98 -24.19 -29.68
N ALA H 108 -17.33 -25.42 -30.09
CA ALA H 108 -16.43 -26.29 -30.83
C ALA H 108 -16.74 -26.30 -32.33
N GLY H 109 -17.16 -25.17 -32.89
CA GLY H 109 -17.54 -25.11 -34.28
C GLY H 109 -19.05 -25.16 -34.44
N ALA H 110 -19.55 -26.10 -35.23
CA ALA H 110 -20.98 -26.36 -35.32
C ALA H 110 -21.76 -25.11 -35.67
N ASN H 111 -21.65 -24.66 -36.93
CA ASN H 111 -22.30 -23.46 -37.46
C ASN H 111 -23.70 -23.31 -36.88
N PRO H 112 -23.97 -22.20 -36.18
CA PRO H 112 -25.24 -22.09 -35.43
C PRO H 112 -26.49 -22.20 -36.27
N LEU H 113 -26.43 -21.82 -37.55
CA LEU H 113 -27.63 -21.92 -38.38
C LEU H 113 -28.09 -23.36 -38.55
N GLY H 114 -27.14 -24.28 -38.73
CA GLY H 114 -27.50 -25.69 -38.77
C GLY H 114 -28.12 -26.16 -37.47
N ILE H 115 -27.60 -25.67 -36.35
CA ILE H 115 -28.17 -26.02 -35.05
C ILE H 115 -29.61 -25.54 -34.95
N ARG H 116 -29.86 -24.31 -35.39
CA ARG H 116 -31.23 -23.78 -35.34
C ARG H 116 -32.16 -24.58 -36.25
N ARG H 117 -31.69 -24.93 -37.44
CA ARG H 117 -32.52 -25.72 -38.35
C ARG H 117 -32.84 -27.08 -37.75
N GLY H 118 -31.85 -27.74 -37.16
CA GLY H 118 -32.09 -29.03 -36.53
C GLY H 118 -33.05 -28.91 -35.36
N ILE H 119 -32.91 -27.85 -34.57
CA ILE H 119 -33.82 -27.64 -33.44
C ILE H 119 -35.24 -27.48 -33.94
N GLU H 120 -35.43 -26.68 -34.99
CA GLU H 120 -36.77 -26.47 -35.52
C GLU H 120 -37.36 -27.76 -36.07
N LEU H 121 -36.55 -28.53 -36.79
CA LEU H 121 -37.05 -29.79 -37.34
C LEU H 121 -37.46 -30.75 -36.23
N ALA H 122 -36.62 -30.87 -35.20
CA ALA H 122 -36.95 -31.75 -34.08
C ALA H 122 -38.22 -31.28 -33.37
N THR H 123 -38.36 -29.97 -33.19
CA THR H 123 -39.55 -29.45 -32.52
C THR H 123 -40.80 -29.71 -33.33
N LYS H 124 -40.72 -29.53 -34.65
CA LYS H 124 -41.88 -29.81 -35.50
C LYS H 124 -42.26 -31.27 -35.44
N ALA H 125 -41.26 -32.17 -35.50
CA ALA H 125 -41.56 -33.59 -35.40
C ALA H 125 -42.17 -33.93 -34.05
N ALA H 126 -41.67 -33.32 -32.97
CA ALA H 126 -42.20 -33.59 -31.65
C ALA H 126 -43.65 -33.11 -31.54
N VAL H 127 -43.96 -31.94 -32.08
CA VAL H 127 -45.32 -31.44 -32.05
C VAL H 127 -46.25 -32.37 -32.83
N GLU H 128 -45.78 -32.83 -33.99
CA GLU H 128 -46.59 -33.77 -34.78
C GLU H 128 -46.86 -35.05 -33.99
N GLU H 129 -45.82 -35.58 -33.33
CA GLU H 129 -46.00 -36.80 -32.55
C GLU H 129 -46.96 -36.57 -31.39
N LEU H 130 -46.85 -35.42 -30.72
CA LEU H 130 -47.76 -35.12 -29.63
C LEU H 130 -49.20 -35.08 -30.10
N HIS H 131 -49.44 -34.44 -31.25
CA HIS H 131 -50.79 -34.46 -31.81
C HIS H 131 -51.19 -35.85 -32.26
N ASN H 132 -50.23 -36.73 -32.54
CA ASN H 132 -50.56 -38.10 -32.91
C ASN H 132 -51.04 -38.91 -31.71
N ILE H 133 -50.20 -39.05 -30.69
CA ILE H 133 -50.58 -39.79 -29.50
C ILE H 133 -51.25 -38.84 -28.52
N SER H 134 -52.55 -39.05 -28.28
CA SER H 134 -53.31 -38.23 -27.36
C SER H 134 -54.68 -38.87 -27.17
N THR H 135 -55.22 -38.71 -25.97
CA THR H 135 -56.57 -39.16 -25.66
C THR H 135 -57.51 -38.00 -25.98
N VAL H 136 -58.20 -38.11 -27.12
CA VAL H 136 -59.08 -37.04 -27.55
C VAL H 136 -60.23 -36.90 -26.56
N VAL H 137 -60.46 -35.66 -26.11
CA VAL H 137 -61.52 -35.40 -25.15
C VAL H 137 -62.64 -34.65 -25.82
N ASP H 138 -63.68 -35.39 -26.24
CA ASP H 138 -64.85 -34.81 -26.87
C ASP H 138 -66.16 -35.33 -26.30
N SER H 139 -66.16 -36.50 -25.67
CA SER H 139 -67.37 -37.03 -25.05
C SER H 139 -67.77 -36.17 -23.86
N LYS H 140 -69.09 -36.10 -23.63
CA LYS H 140 -69.60 -35.31 -22.51
C LYS H 140 -69.10 -35.84 -21.18
N GLU H 141 -69.06 -37.17 -21.03
CA GLU H 141 -68.58 -37.76 -19.78
C GLU H 141 -67.12 -37.42 -19.53
N ALA H 142 -66.29 -37.51 -20.57
CA ALA H 142 -64.88 -37.17 -20.43
C ALA H 142 -64.71 -35.69 -20.10
N ILE H 143 -65.51 -34.83 -20.75
CA ILE H 143 -65.45 -33.40 -20.46
C ILE H 143 -65.80 -33.14 -19.00
N ALA H 144 -66.84 -33.81 -18.51
CA ALA H 144 -67.21 -33.68 -17.10
C ALA H 144 -66.11 -34.18 -16.19
N GLN H 145 -65.45 -35.27 -16.57
CA GLN H 145 -64.36 -35.80 -15.74
C GLN H 145 -63.22 -34.80 -15.66
N VAL H 146 -62.83 -34.22 -16.80
CA VAL H 146 -61.76 -33.23 -16.80
C VAL H 146 -62.17 -31.99 -16.01
N ALA H 147 -63.46 -31.63 -16.08
CA ALA H 147 -63.95 -30.57 -15.21
C ALA H 147 -63.94 -31.00 -13.75
N ALA H 148 -63.88 -32.30 -13.50
CA ALA H 148 -63.85 -32.84 -12.15
C ALA H 148 -62.45 -33.21 -11.69
N VAL H 149 -61.41 -32.74 -12.38
CA VAL H 149 -60.03 -32.99 -11.99
C VAL H 149 -59.34 -31.65 -11.81
N SER H 150 -58.02 -31.68 -11.61
CA SER H 150 -57.29 -30.55 -11.04
C SER H 150 -57.86 -30.30 -9.65
N SER H 151 -58.45 -29.14 -9.41
CA SER H 151 -59.21 -28.99 -8.18
C SER H 151 -60.62 -29.54 -8.40
N GLY H 152 -61.39 -28.86 -9.25
CA GLY H 152 -62.64 -29.36 -9.81
C GLY H 152 -63.67 -29.94 -8.87
N SER H 153 -63.43 -29.84 -7.56
CA SER H 153 -64.16 -30.57 -6.52
C SER H 153 -64.79 -31.84 -7.07
N ASP H 154 -66.11 -31.93 -6.98
CA ASP H 154 -66.89 -32.89 -7.75
C ASP H 154 -68.06 -32.24 -8.47
N LYS H 155 -68.72 -31.26 -7.83
CA LYS H 155 -69.88 -30.63 -8.44
C LYS H 155 -69.49 -29.79 -9.65
N VAL H 156 -68.30 -29.21 -9.63
CA VAL H 156 -67.87 -28.38 -10.75
C VAL H 156 -67.84 -29.19 -12.04
N GLY H 157 -67.58 -30.49 -11.94
CA GLY H 157 -67.60 -31.33 -13.12
C GLY H 157 -68.94 -31.29 -13.83
N HIS H 158 -70.01 -31.62 -13.11
CA HIS H 158 -71.34 -31.59 -13.69
C HIS H 158 -71.76 -30.19 -14.06
N LEU H 159 -71.42 -29.20 -13.23
CA LEU H 159 -71.80 -27.82 -13.52
C LEU H 159 -71.20 -27.35 -14.84
N ILE H 160 -69.90 -27.56 -15.02
CA ILE H 160 -69.23 -27.16 -16.24
C ILE H 160 -69.74 -27.98 -17.42
N ALA H 161 -70.01 -29.27 -17.20
CA ALA H 161 -70.56 -30.10 -18.28
C ALA H 161 -71.88 -29.55 -18.78
N ASP H 162 -72.80 -29.24 -17.86
CA ASP H 162 -74.12 -28.76 -18.27
C ASP H 162 -74.03 -27.38 -18.90
N ALA H 163 -73.23 -26.48 -18.34
CA ALA H 163 -73.06 -25.17 -18.96
C ALA H 163 -72.45 -25.28 -20.35
N MET H 164 -71.43 -26.13 -20.50
CA MET H 164 -70.77 -26.33 -21.77
C MET H 164 -71.70 -26.94 -22.81
N GLU H 165 -72.56 -27.86 -22.41
CA GLU H 165 -73.56 -28.39 -23.33
C GLU H 165 -74.56 -27.31 -23.72
N LYS H 166 -74.99 -26.49 -22.75
CA LYS H 166 -76.01 -25.48 -23.02
C LYS H 166 -75.50 -24.36 -23.92
N VAL H 167 -74.25 -23.94 -23.75
CA VAL H 167 -73.69 -22.84 -24.53
C VAL H 167 -72.85 -23.32 -25.69
N GLY H 168 -72.54 -24.61 -25.76
CA GLY H 168 -71.67 -25.13 -26.78
C GLY H 168 -70.21 -25.10 -26.36
N ASN H 169 -69.35 -25.58 -27.26
CA ASN H 169 -67.93 -25.65 -26.96
C ASN H 169 -67.33 -24.26 -26.82
N ASP H 170 -67.68 -23.35 -27.73
CA ASP H 170 -67.16 -21.98 -27.71
C ASP H 170 -68.06 -21.01 -26.96
N GLY H 171 -69.11 -21.50 -26.32
CA GLY H 171 -70.01 -20.62 -25.61
C GLY H 171 -69.36 -19.94 -24.43
N VAL H 172 -69.88 -18.78 -24.08
CA VAL H 172 -69.34 -17.98 -22.99
C VAL H 172 -69.87 -18.51 -21.67
N ILE H 173 -68.96 -18.79 -20.74
CA ILE H 173 -69.30 -19.24 -19.40
C ILE H 173 -68.74 -18.23 -18.41
N THR H 174 -69.61 -17.74 -17.52
CA THR H 174 -69.24 -16.74 -16.53
C THR H 174 -69.44 -17.29 -15.13
N ILE H 175 -68.60 -16.83 -14.21
CA ILE H 175 -68.60 -17.29 -12.82
C ILE H 175 -68.95 -16.12 -11.93
N GLU H 176 -69.93 -16.32 -11.04
CA GLU H 176 -70.39 -15.27 -10.15
C GLU H 176 -70.53 -15.83 -8.73
N GLU H 177 -70.59 -14.92 -7.76
CA GLU H 177 -70.73 -15.29 -6.35
C GLU H 177 -72.20 -15.18 -5.96
N SER H 178 -72.84 -16.33 -5.72
CA SER H 178 -74.21 -16.34 -5.25
C SER H 178 -74.26 -15.93 -3.78
N LYS H 179 -75.26 -15.13 -3.43
CA LYS H 179 -75.44 -14.72 -2.04
C LYS H 179 -75.86 -15.88 -1.15
N GLY H 180 -76.40 -16.95 -1.74
CA GLY H 180 -76.79 -18.12 -0.98
C GLY H 180 -75.61 -19.03 -0.69
N ILE H 181 -75.93 -20.21 -0.16
CA ILE H 181 -74.90 -21.19 0.17
C ILE H 181 -74.71 -22.22 -0.94
N GLU H 182 -75.55 -22.20 -1.98
CA GLU H 182 -75.50 -23.18 -3.04
C GLU H 182 -74.98 -22.54 -4.33
N THR H 183 -74.16 -23.29 -5.06
CA THR H 183 -73.68 -22.86 -6.37
C THR H 183 -74.69 -23.24 -7.43
N GLU H 184 -75.07 -22.28 -8.28
CA GLU H 184 -76.12 -22.48 -9.27
C GLU H 184 -75.62 -22.06 -10.64
N LEU H 185 -76.16 -22.72 -11.66
CA LEU H 185 -75.82 -22.45 -13.05
C LEU H 185 -77.00 -21.80 -13.74
N ASP H 186 -76.75 -20.70 -14.42
CA ASP H 186 -77.79 -19.95 -15.13
C ASP H 186 -77.32 -19.60 -16.52
N VAL H 187 -78.23 -19.69 -17.48
CA VAL H 187 -77.96 -19.31 -18.86
C VAL H 187 -78.84 -18.11 -19.19
N VAL H 188 -78.21 -17.00 -19.56
CA VAL H 188 -78.90 -15.75 -19.83
C VAL H 188 -78.44 -15.22 -21.17
N GLU H 189 -79.09 -14.14 -21.62
CA GLU H 189 -78.67 -13.46 -22.84
C GLU H 189 -77.46 -12.59 -22.53
N GLY H 190 -76.40 -12.77 -23.31
CA GLY H 190 -75.17 -12.04 -23.07
C GLY H 190 -74.40 -11.88 -24.36
N MET H 191 -73.29 -11.14 -24.26
CA MET H 191 -72.49 -10.85 -25.44
C MET H 191 -71.03 -10.74 -25.03
N GLN H 192 -70.17 -11.52 -25.69
CA GLN H 192 -68.73 -11.41 -25.51
C GLN H 192 -68.08 -11.23 -26.87
N PHE H 193 -67.20 -10.24 -26.97
CA PHE H 193 -66.50 -9.96 -28.21
C PHE H 193 -65.04 -9.64 -27.90
N ASP H 194 -64.18 -9.90 -28.88
CA ASP H 194 -62.73 -9.80 -28.71
C ASP H 194 -62.29 -8.33 -28.81
N ARG H 195 -62.66 -7.58 -27.78
CA ARG H 195 -62.22 -6.19 -27.63
C ARG H 195 -61.93 -5.95 -26.16
N GLY H 196 -60.66 -5.77 -25.82
CA GLY H 196 -60.27 -5.47 -24.46
C GLY H 196 -60.33 -3.98 -24.16
N TYR H 197 -59.97 -3.65 -22.93
CA TYR H 197 -59.96 -2.26 -22.50
C TYR H 197 -58.87 -1.49 -23.25
N LEU H 198 -59.10 -0.18 -23.40
CA LEU H 198 -58.14 0.66 -24.08
C LEU H 198 -56.93 1.00 -23.23
N SER H 199 -57.04 0.89 -21.91
CA SER H 199 -55.92 1.11 -21.02
C SER H 199 -56.15 0.34 -19.72
N GLN H 200 -55.06 0.08 -19.00
CA GLN H 200 -55.11 -0.70 -17.78
C GLN H 200 -55.55 0.11 -16.57
N TYR H 201 -55.72 1.43 -16.71
CA TYR H 201 -56.04 2.27 -15.56
C TYR H 201 -57.48 2.11 -15.09
N MET H 202 -58.41 1.71 -15.95
CA MET H 202 -59.79 1.49 -15.55
C MET H 202 -60.05 0.06 -15.10
N VAL H 203 -59.00 -0.74 -14.90
CA VAL H 203 -59.15 -2.12 -14.44
C VAL H 203 -59.70 -2.10 -13.02
N THR H 204 -60.85 -2.75 -12.83
CA THR H 204 -61.49 -2.79 -11.53
C THR H 204 -60.91 -3.87 -10.63
N ASP H 205 -60.59 -5.04 -11.19
CA ASP H 205 -60.01 -6.15 -10.45
C ASP H 205 -58.55 -6.27 -10.87
N ASN H 206 -57.65 -5.71 -10.04
CA ASN H 206 -56.24 -5.75 -10.37
C ASN H 206 -55.70 -7.18 -10.36
N ASP H 207 -56.14 -7.99 -9.40
CA ASP H 207 -55.67 -9.37 -9.32
C ASP H 207 -56.08 -10.16 -10.56
N LYS H 208 -57.32 -10.01 -11.00
CA LYS H 208 -57.80 -10.68 -12.19
C LYS H 208 -57.58 -9.87 -13.47
N MET H 209 -57.10 -8.63 -13.34
CA MET H 209 -56.76 -7.79 -14.50
C MET H 209 -58.02 -7.38 -15.25
N GLU H 210 -59.16 -7.96 -14.89
CA GLU H 210 -60.41 -7.71 -15.59
C GLU H 210 -61.10 -6.47 -15.05
N ALA H 211 -61.84 -5.80 -15.93
CA ALA H 211 -62.66 -4.66 -15.57
C ALA H 211 -64.09 -5.14 -15.37
N VAL H 212 -64.63 -4.92 -14.16
CA VAL H 212 -65.94 -5.43 -13.77
C VAL H 212 -66.86 -4.25 -13.55
N LEU H 213 -68.00 -4.25 -14.23
CA LEU H 213 -69.03 -3.23 -14.07
C LEU H 213 -70.36 -3.88 -13.72
N GLU H 214 -71.02 -3.35 -12.70
CA GLU H 214 -72.28 -3.89 -12.22
C GLU H 214 -73.39 -2.92 -12.57
N ASN H 215 -74.38 -3.40 -13.33
CA ASN H 215 -75.46 -2.58 -13.85
C ASN H 215 -74.96 -1.30 -14.49
N PRO H 216 -74.11 -1.38 -15.52
CA PRO H 216 -73.55 -0.18 -16.11
C PRO H 216 -74.37 0.33 -17.29
N TYR H 217 -74.17 1.60 -17.60
CA TYR H 217 -74.71 2.18 -18.82
C TYR H 217 -73.78 1.88 -19.99
N ILE H 218 -74.37 1.61 -21.14
CA ILE H 218 -73.62 1.17 -22.31
C ILE H 218 -73.77 2.21 -23.40
N LEU H 219 -72.65 2.77 -23.85
CA LEU H 219 -72.63 3.70 -24.97
C LEU H 219 -72.24 2.92 -26.22
N ILE H 220 -73.13 2.93 -27.21
CA ILE H 220 -72.94 2.19 -28.45
C ILE H 220 -72.89 3.19 -29.59
N THR H 221 -71.76 3.23 -30.30
CA THR H 221 -71.57 4.17 -31.39
C THR H 221 -70.47 3.66 -32.30
N ASP H 222 -70.56 4.01 -33.58
CA ASP H 222 -69.53 3.68 -34.56
C ASP H 222 -68.56 4.83 -34.81
N LYS H 223 -68.79 5.98 -34.18
CA LYS H 223 -67.96 7.15 -34.42
C LYS H 223 -66.68 7.08 -33.60
N LYS H 224 -65.73 7.93 -33.95
CA LYS H 224 -64.47 8.03 -33.23
C LYS H 224 -64.57 9.15 -32.21
N ILE H 225 -64.23 8.85 -30.96
CA ILE H 225 -64.37 9.78 -29.85
C ILE H 225 -62.98 10.26 -29.47
N SER H 226 -62.60 11.44 -29.97
CA SER H 226 -61.33 12.06 -29.62
C SER H 226 -61.49 13.33 -28.78
N ASN H 227 -62.69 13.86 -28.68
CA ASN H 227 -62.97 15.06 -27.90
C ASN H 227 -63.87 14.70 -26.72
N ILE H 228 -63.44 15.10 -25.51
CA ILE H 228 -64.25 14.86 -24.32
C ILE H 228 -65.50 15.73 -24.31
N GLN H 229 -65.50 16.83 -25.07
CA GLN H 229 -66.66 17.73 -25.08
C GLN H 229 -67.87 17.07 -25.72
N ASP H 230 -67.66 16.08 -26.60
CA ASP H 230 -68.77 15.43 -27.29
C ASP H 230 -69.64 14.62 -26.35
N ILE H 231 -69.16 14.29 -25.15
CA ILE H 231 -69.88 13.42 -24.23
C ILE H 231 -70.08 14.04 -22.86
N LEU H 232 -69.72 15.31 -22.67
CA LEU H 232 -69.86 15.93 -21.36
C LEU H 232 -71.30 15.94 -20.84
N PRO H 233 -72.34 16.29 -21.62
CA PRO H 233 -73.70 16.19 -21.08
C PRO H 233 -74.07 14.79 -20.63
N LEU H 234 -73.72 13.77 -21.42
CA LEU H 234 -73.99 12.40 -21.04
C LEU H 234 -73.17 11.99 -19.82
N LEU H 235 -71.93 12.46 -19.74
CA LEU H 235 -71.11 12.18 -18.55
C LEU H 235 -71.76 12.78 -17.30
N GLU H 236 -72.26 14.00 -17.40
CA GLU H 236 -72.93 14.62 -16.27
C GLU H 236 -74.20 13.88 -15.90
N GLN H 237 -74.97 13.43 -16.91
CA GLN H 237 -76.17 12.66 -16.63
C GLN H 237 -75.84 11.37 -15.89
N ILE H 238 -74.81 10.66 -16.34
CA ILE H 238 -74.43 9.41 -15.71
C ILE H 238 -73.88 9.64 -14.31
N LEU H 239 -73.12 10.73 -14.12
CA LEU H 239 -72.66 11.10 -12.80
C LEU H 239 -73.83 11.38 -11.86
N GLN H 240 -74.87 12.02 -12.37
CA GLN H 240 -76.10 12.19 -11.60
C GLN H 240 -76.70 10.84 -11.25
N GLN H 241 -76.73 9.92 -12.22
CA GLN H 241 -77.22 8.57 -11.95
C GLN H 241 -76.23 7.75 -11.12
N SER H 242 -74.96 8.16 -11.08
CA SER H 242 -73.93 7.46 -10.30
C SER H 242 -73.81 5.99 -10.67
N ARG H 243 -73.94 5.69 -11.97
CA ARG H 243 -73.83 4.33 -12.46
C ARG H 243 -72.59 4.19 -13.33
N PRO H 244 -72.04 2.97 -13.46
CA PRO H 244 -70.93 2.77 -14.38
C PRO H 244 -71.36 2.99 -15.82
N LEU H 245 -70.40 3.41 -16.64
CA LEU H 245 -70.64 3.64 -18.07
C LEU H 245 -69.70 2.79 -18.88
N LEU H 246 -70.24 2.10 -19.89
CA LEU H 246 -69.47 1.36 -20.87
C LEU H 246 -69.54 2.09 -22.20
N ILE H 247 -68.39 2.29 -22.83
CA ILE H 247 -68.29 3.00 -24.10
C ILE H 247 -67.84 2.02 -25.16
N ILE H 248 -68.64 1.87 -26.22
CA ILE H 248 -68.31 1.06 -27.37
C ILE H 248 -68.25 1.99 -28.57
N ALA H 249 -67.04 2.31 -29.02
CA ALA H 249 -66.86 3.23 -30.13
C ALA H 249 -65.80 2.67 -31.08
N ASP H 250 -65.67 3.32 -32.24
CA ASP H 250 -64.64 2.93 -33.19
C ASP H 250 -63.24 3.09 -32.58
N ASP H 251 -63.00 4.21 -31.92
CA ASP H 251 -61.74 4.45 -31.25
C ASP H 251 -61.88 5.65 -30.32
N VAL H 252 -61.35 5.52 -29.12
CA VAL H 252 -61.33 6.60 -28.14
C VAL H 252 -59.87 6.99 -27.93
N ASP H 253 -59.53 8.21 -28.30
CA ASP H 253 -58.15 8.68 -28.26
C ASP H 253 -58.17 10.19 -28.07
N GLY H 254 -57.04 10.84 -28.35
CA GLY H 254 -56.99 12.29 -28.25
C GLY H 254 -56.92 12.74 -26.80
N GLU H 255 -57.75 13.74 -26.48
CA GLU H 255 -57.82 14.25 -25.12
C GLU H 255 -58.89 13.55 -24.28
N ALA H 256 -59.89 12.95 -24.93
CA ALA H 256 -60.96 12.30 -24.17
C ALA H 256 -60.44 11.12 -23.37
N LEU H 257 -59.54 10.33 -23.96
CA LEU H 257 -59.03 9.15 -23.26
C LEU H 257 -58.25 9.50 -21.99
N PRO H 258 -57.27 10.42 -22.01
CA PRO H 258 -56.61 10.79 -20.74
C PRO H 258 -57.56 11.40 -19.74
N THR H 259 -58.55 12.17 -20.19
CA THR H 259 -59.52 12.74 -19.27
C THR H 259 -60.32 11.66 -18.56
N LEU H 260 -60.80 10.66 -19.32
CA LEU H 260 -61.55 9.56 -18.72
C LEU H 260 -60.66 8.74 -17.81
N VAL H 261 -59.39 8.54 -18.19
CA VAL H 261 -58.47 7.79 -17.34
C VAL H 261 -58.27 8.51 -16.01
N LEU H 262 -58.07 9.84 -16.06
CA LEU H 262 -57.90 10.61 -14.84
C LEU H 262 -59.17 10.57 -13.98
N ASN H 263 -60.34 10.67 -14.62
CA ASN H 263 -61.59 10.60 -13.86
C ASN H 263 -61.76 9.25 -13.18
N LYS H 264 -61.44 8.18 -13.89
CA LYS H 264 -61.56 6.84 -13.30
C LYS H 264 -60.56 6.65 -12.16
N ILE H 265 -59.33 7.15 -12.34
CA ILE H 265 -58.34 7.05 -11.27
C ILE H 265 -58.81 7.81 -10.04
N ARG H 266 -59.32 9.02 -10.24
CA ARG H 266 -59.86 9.80 -9.14
C ARG H 266 -61.16 9.25 -8.59
N GLY H 267 -61.76 8.27 -9.28
CA GLY H 267 -63.03 7.72 -8.86
C GLY H 267 -64.25 8.53 -9.26
N THR H 268 -64.06 9.62 -10.01
CA THR H 268 -65.21 10.44 -10.40
C THR H 268 -66.16 9.67 -11.28
N PHE H 269 -65.64 8.88 -12.21
CA PHE H 269 -66.46 8.15 -13.17
C PHE H 269 -66.00 6.70 -13.26
N ASN H 270 -66.94 5.77 -13.18
CA ASN H 270 -66.65 4.35 -13.38
C ASN H 270 -66.92 4.00 -14.84
N VAL H 271 -66.07 4.54 -15.71
CA VAL H 271 -66.25 4.45 -17.16
C VAL H 271 -65.15 3.59 -17.75
N VAL H 272 -65.53 2.75 -18.70
CA VAL H 272 -64.60 1.94 -19.48
C VAL H 272 -64.94 2.10 -20.95
N ALA H 273 -63.91 2.37 -21.77
CA ALA H 273 -64.08 2.55 -23.20
C ALA H 273 -63.32 1.45 -23.94
N VAL H 274 -64.00 0.81 -24.89
CA VAL H 274 -63.40 -0.26 -25.69
C VAL H 274 -63.70 0.01 -27.16
N LYS H 275 -62.91 -0.60 -28.02
CA LYS H 275 -63.09 -0.45 -29.45
C LYS H 275 -64.28 -1.26 -29.94
N ALA H 276 -64.87 -0.81 -31.03
CA ALA H 276 -66.01 -1.52 -31.61
C ALA H 276 -65.55 -2.75 -32.37
N PRO H 277 -66.10 -3.92 -32.10
CA PRO H 277 -65.73 -5.12 -32.87
C PRO H 277 -66.22 -5.04 -34.30
N GLY H 278 -65.43 -5.66 -35.19
CA GLY H 278 -65.73 -5.66 -36.61
C GLY H 278 -65.21 -4.42 -37.32
N PHE H 279 -65.23 -4.50 -38.65
CA PHE H 279 -64.75 -3.41 -39.48
C PHE H 279 -65.67 -3.23 -40.67
N GLY H 280 -65.66 -2.02 -41.23
CA GLY H 280 -66.49 -1.73 -42.38
C GLY H 280 -67.96 -1.90 -42.06
N ASP H 281 -68.71 -2.39 -43.05
CA ASP H 281 -70.14 -2.63 -42.87
C ASP H 281 -70.40 -3.70 -41.82
N ARG H 282 -69.44 -4.60 -41.61
CA ARG H 282 -69.62 -5.66 -40.62
C ARG H 282 -69.73 -5.10 -39.21
N ARG H 283 -68.93 -4.06 -38.91
CA ARG H 283 -68.93 -3.48 -37.57
C ARG H 283 -70.33 -3.05 -37.14
N LYS H 284 -71.06 -2.38 -38.04
CA LYS H 284 -72.43 -1.98 -37.74
C LYS H 284 -73.34 -3.17 -37.49
N ALA H 285 -73.02 -4.34 -38.03
CA ALA H 285 -73.87 -5.51 -37.82
C ALA H 285 -73.97 -5.87 -36.34
N MET H 286 -72.85 -6.26 -35.73
CA MET H 286 -72.92 -6.55 -34.30
C MET H 286 -72.97 -5.30 -33.44
N LEU H 287 -72.75 -4.11 -33.99
CA LEU H 287 -73.14 -2.90 -33.24
C LEU H 287 -74.65 -2.85 -33.04
N GLU H 288 -75.41 -3.09 -34.11
CA GLU H 288 -76.86 -3.17 -33.99
C GLU H 288 -77.28 -4.35 -33.12
N ASP H 289 -76.54 -5.46 -33.21
CA ASP H 289 -76.85 -6.61 -32.36
C ASP H 289 -76.69 -6.26 -30.89
N ILE H 290 -75.60 -5.55 -30.54
CA ILE H 290 -75.40 -5.12 -29.17
C ILE H 290 -76.50 -4.15 -28.74
N ALA H 291 -76.87 -3.22 -29.63
CA ALA H 291 -77.94 -2.30 -29.30
C ALA H 291 -79.24 -3.03 -29.02
N ILE H 292 -79.56 -4.03 -29.82
CA ILE H 292 -80.78 -4.81 -29.60
C ILE H 292 -80.70 -5.58 -28.29
N LEU H 293 -79.56 -6.22 -28.02
CA LEU H 293 -79.44 -7.04 -26.82
C LEU H 293 -79.51 -6.21 -25.56
N THR H 294 -78.89 -5.03 -25.57
CA THR H 294 -78.83 -4.18 -24.38
C THR H 294 -79.96 -3.17 -24.30
N GLY H 295 -80.77 -3.05 -25.35
CA GLY H 295 -81.82 -2.06 -25.38
C GLY H 295 -81.37 -0.66 -25.73
N GLY H 296 -80.09 -0.46 -26.00
CA GLY H 296 -79.57 0.83 -26.38
C GLY H 296 -79.72 1.11 -27.85
N THR H 297 -79.14 2.23 -28.28
CA THR H 297 -79.20 2.66 -29.67
C THR H 297 -77.80 2.98 -30.15
N VAL H 298 -77.49 2.54 -31.37
CA VAL H 298 -76.20 2.83 -31.98
C VAL H 298 -76.17 4.29 -32.41
N ILE H 299 -75.15 5.02 -31.97
CA ILE H 299 -75.00 6.42 -32.32
C ILE H 299 -74.15 6.49 -33.58
N THR H 300 -74.79 6.68 -34.72
CA THR H 300 -74.10 6.72 -36.00
C THR H 300 -74.60 7.89 -36.83
N ASP H 301 -73.74 8.36 -37.73
CA ASP H 301 -74.11 9.46 -38.61
C ASP H 301 -75.20 9.08 -39.59
N ASP H 302 -75.38 7.79 -39.87
CA ASP H 302 -76.46 7.35 -40.76
C ASP H 302 -77.81 7.64 -40.16
N LEU H 303 -77.96 7.46 -38.84
CA LEU H 303 -79.20 7.73 -38.14
C LEU H 303 -79.35 9.20 -37.74
N GLY H 304 -78.35 10.02 -38.01
CA GLY H 304 -78.42 11.42 -37.64
C GLY H 304 -78.29 11.69 -36.16
N LEU H 305 -77.69 10.78 -35.41
CA LEU H 305 -77.49 10.94 -33.98
C LEU H 305 -76.08 11.46 -33.70
N GLU H 306 -75.98 12.48 -32.87
CA GLU H 306 -74.70 13.07 -32.50
C GLU H 306 -74.33 12.67 -31.09
N LEU H 307 -73.03 12.70 -30.82
CA LEU H 307 -72.52 12.29 -29.50
C LEU H 307 -73.04 13.20 -28.40
N LYS H 308 -73.07 14.51 -28.66
CA LYS H 308 -73.56 15.46 -27.67
C LYS H 308 -75.06 15.33 -27.44
N ASP H 309 -75.79 14.73 -28.38
CA ASP H 309 -77.23 14.56 -28.25
C ASP H 309 -77.62 13.22 -27.63
N VAL H 310 -76.65 12.41 -27.23
CA VAL H 310 -76.96 11.11 -26.62
C VAL H 310 -77.50 11.32 -25.22
N THR H 311 -78.63 10.69 -24.93
CA THR H 311 -79.26 10.76 -23.62
C THR H 311 -79.12 9.42 -22.90
N ILE H 312 -79.64 9.37 -21.68
CA ILE H 312 -79.61 8.14 -20.89
C ILE H 312 -80.45 7.06 -21.56
N GLU H 313 -81.56 7.45 -22.20
CA GLU H 313 -82.45 6.48 -22.81
C GLU H 313 -81.77 5.68 -23.92
N ASN H 314 -80.96 6.34 -24.74
CA ASN H 314 -80.30 5.68 -25.86
C ASN H 314 -79.20 4.73 -25.42
N LEU H 315 -78.79 4.78 -24.15
CA LEU H 315 -77.70 3.93 -23.67
C LEU H 315 -78.18 2.52 -23.40
N GLY H 316 -77.37 1.55 -23.79
CA GLY H 316 -77.65 0.18 -23.45
C GLY H 316 -77.50 -0.09 -21.97
N ASN H 317 -78.17 -1.13 -21.50
CA ASN H 317 -78.13 -1.52 -20.10
C ASN H 317 -77.96 -3.02 -19.97
N ALA H 318 -77.18 -3.43 -18.96
CA ALA H 318 -76.97 -4.83 -18.68
C ALA H 318 -76.72 -4.98 -17.19
N SER H 319 -76.92 -6.20 -16.69
CA SER H 319 -76.71 -6.45 -15.27
C SER H 319 -75.24 -6.36 -14.90
N LYS H 320 -74.36 -6.89 -15.74
CA LYS H 320 -72.94 -6.94 -15.44
C LYS H 320 -72.15 -6.96 -16.74
N VAL H 321 -71.01 -6.27 -16.73
CA VAL H 321 -70.10 -6.24 -17.88
C VAL H 321 -68.70 -6.52 -17.37
N VAL H 322 -68.03 -7.49 -18.00
CA VAL H 322 -66.66 -7.86 -17.66
C VAL H 322 -65.78 -7.56 -18.86
N VAL H 323 -64.71 -6.80 -18.64
CA VAL H 323 -63.77 -6.42 -19.69
C VAL H 323 -62.39 -6.89 -19.27
N ASP H 324 -61.82 -7.81 -20.05
CA ASP H 324 -60.46 -8.26 -19.85
C ASP H 324 -59.54 -7.51 -20.80
N LYS H 325 -58.28 -7.96 -20.87
CA LYS H 325 -57.31 -7.29 -21.73
C LYS H 325 -57.67 -7.39 -23.20
N ASP H 326 -58.34 -8.47 -23.60
CA ASP H 326 -58.59 -8.74 -25.01
C ASP H 326 -60.07 -8.88 -25.36
N ASN H 327 -60.94 -9.13 -24.40
CA ASN H 327 -62.35 -9.36 -24.68
C ASN H 327 -63.22 -8.57 -23.72
N THR H 328 -64.44 -8.28 -24.16
CA THR H 328 -65.43 -7.60 -23.34
C THR H 328 -66.67 -8.48 -23.28
N THR H 329 -67.13 -8.76 -22.05
CA THR H 329 -68.26 -9.64 -21.83
C THR H 329 -69.44 -8.84 -21.28
N ILE H 330 -70.62 -9.09 -21.82
CA ILE H 330 -71.85 -8.44 -21.39
C ILE H 330 -72.77 -9.51 -20.82
N VAL H 331 -73.33 -9.26 -19.64
CA VAL H 331 -74.19 -10.21 -18.95
C VAL H 331 -75.57 -9.59 -18.77
N GLU H 332 -76.59 -10.32 -19.19
CA GLU H 332 -77.99 -9.95 -18.98
C GLU H 332 -78.30 -8.57 -19.56
N GLY H 333 -78.20 -8.47 -20.88
CA GLY H 333 -78.58 -7.25 -21.55
C GLY H 333 -80.06 -6.94 -21.34
N SER H 334 -80.37 -5.65 -21.29
CA SER H 334 -81.72 -5.20 -20.99
C SER H 334 -82.61 -5.09 -22.21
N GLY H 335 -82.12 -5.47 -23.39
CA GLY H 335 -82.93 -5.37 -24.58
C GLY H 335 -84.06 -6.38 -24.59
N GLU H 336 -85.04 -6.10 -25.44
CA GLU H 336 -86.22 -6.95 -25.54
C GLU H 336 -85.85 -8.31 -26.13
N LYS H 337 -86.41 -9.37 -25.54
CA LYS H 337 -86.17 -10.72 -26.06
C LYS H 337 -86.72 -10.86 -27.47
N GLU H 338 -87.88 -10.27 -27.74
CA GLU H 338 -88.48 -10.39 -29.07
C GLU H 338 -87.62 -9.74 -30.14
N ALA H 339 -87.04 -8.57 -29.83
CA ALA H 339 -86.17 -7.91 -30.80
C ALA H 339 -84.92 -8.75 -31.06
N ILE H 340 -84.35 -9.35 -30.02
CA ILE H 340 -83.21 -10.23 -30.19
C ILE H 340 -83.57 -11.43 -31.04
N GLU H 341 -84.77 -12.00 -30.81
CA GLU H 341 -85.23 -13.12 -31.63
C GLU H 341 -85.41 -12.72 -33.08
N ALA H 342 -85.95 -11.52 -33.33
CA ALA H 342 -86.10 -11.04 -34.69
C ALA H 342 -84.74 -10.86 -35.36
N ARG H 343 -83.78 -10.31 -34.63
CA ARG H 343 -82.43 -10.18 -35.18
C ARG H 343 -81.82 -11.54 -35.48
N VAL H 344 -82.04 -12.51 -34.59
CA VAL H 344 -81.52 -13.87 -34.80
C VAL H 344 -82.14 -14.49 -36.04
N GLN H 345 -83.46 -14.31 -36.22
CA GLN H 345 -84.13 -14.83 -37.40
C GLN H 345 -83.62 -14.16 -38.66
N LEU H 346 -83.36 -12.85 -38.60
CA LEU H 346 -82.80 -12.14 -39.74
C LEU H 346 -81.42 -12.69 -40.10
N ILE H 347 -80.59 -12.94 -39.08
CA ILE H 347 -79.25 -13.48 -39.35
C ILE H 347 -79.35 -14.89 -39.91
N LYS H 348 -80.30 -15.68 -39.42
CA LYS H 348 -80.50 -17.03 -39.95
C LYS H 348 -80.93 -16.97 -41.41
N ASN H 349 -81.83 -16.04 -41.74
CA ASN H 349 -82.24 -15.87 -43.13
C ASN H 349 -81.05 -15.45 -43.99
N GLN H 350 -80.23 -14.54 -43.49
CA GLN H 350 -79.04 -14.13 -44.22
C GLN H 350 -78.10 -15.32 -44.45
N ILE H 351 -77.92 -16.16 -43.43
CA ILE H 351 -77.08 -17.34 -43.57
C ILE H 351 -77.64 -18.27 -44.64
N ALA H 352 -78.95 -18.51 -44.60
CA ALA H 352 -79.57 -19.36 -45.60
C ALA H 352 -79.53 -18.73 -46.99
N GLU H 353 -79.33 -17.41 -47.06
CA GLU H 353 -79.32 -16.71 -48.33
C GLU H 353 -77.92 -16.40 -48.83
N THR H 354 -76.97 -16.15 -47.94
CA THR H 354 -75.62 -15.80 -48.36
C THR H 354 -74.96 -16.96 -49.08
N THR H 355 -74.13 -16.63 -50.08
CA THR H 355 -73.41 -17.62 -50.85
C THR H 355 -71.92 -17.65 -50.57
N SER H 356 -71.38 -16.60 -49.95
CA SER H 356 -69.96 -16.55 -49.61
C SER H 356 -69.72 -17.30 -48.32
N ASP H 357 -68.81 -18.27 -48.36
CA ASP H 357 -68.50 -19.05 -47.16
C ASP H 357 -67.89 -18.18 -46.08
N PHE H 358 -67.14 -17.14 -46.48
CA PHE H 358 -66.59 -16.20 -45.50
C PHE H 358 -67.71 -15.39 -44.86
N ASP H 359 -68.60 -14.83 -45.67
CA ASP H 359 -69.73 -14.08 -45.13
C ASP H 359 -70.66 -14.99 -44.34
N ARG H 360 -70.88 -16.21 -44.82
CA ARG H 360 -71.69 -17.17 -44.07
C ARG H 360 -71.06 -17.47 -42.73
N GLU H 361 -69.74 -17.63 -42.69
CA GLU H 361 -69.05 -17.90 -41.43
C GLU H 361 -69.18 -16.72 -40.47
N LYS H 362 -69.05 -15.50 -40.98
CA LYS H 362 -69.20 -14.32 -40.12
C LYS H 362 -70.62 -14.22 -39.56
N LEU H 363 -71.62 -14.44 -40.42
CA LEU H 363 -72.99 -14.41 -39.96
C LEU H 363 -73.27 -15.53 -38.97
N GLN H 364 -72.66 -16.70 -39.18
CA GLN H 364 -72.81 -17.79 -38.24
C GLN H 364 -72.18 -17.45 -36.89
N GLU H 365 -71.03 -16.76 -36.92
CA GLU H 365 -70.41 -16.30 -35.68
C GLU H 365 -71.34 -15.35 -34.93
N ARG H 366 -71.92 -14.39 -35.66
CA ARG H 366 -72.87 -13.47 -35.03
C ARG H 366 -74.07 -14.22 -34.46
N LEU H 367 -74.61 -15.18 -35.22
CA LEU H 367 -75.77 -15.94 -34.77
C LEU H 367 -75.45 -16.75 -33.53
N ALA H 368 -74.29 -17.41 -33.51
CA ALA H 368 -73.90 -18.20 -32.35
C ALA H 368 -73.69 -17.31 -31.14
N LYS H 369 -73.07 -16.15 -31.33
CA LYS H 369 -72.86 -15.23 -30.22
C LYS H 369 -74.20 -14.74 -29.66
N LEU H 370 -75.17 -14.48 -30.54
CA LEU H 370 -76.44 -13.96 -30.08
C LEU H 370 -77.29 -15.04 -29.41
N ALA H 371 -77.29 -16.26 -29.97
CA ALA H 371 -78.23 -17.28 -29.53
C ALA H 371 -77.68 -18.20 -28.45
N GLY H 372 -76.36 -18.42 -28.42
CA GLY H 372 -75.81 -19.32 -27.41
C GLY H 372 -75.93 -18.77 -26.00
N GLY H 373 -76.06 -17.46 -25.87
CA GLY H 373 -76.18 -16.86 -24.55
C GLY H 373 -74.89 -16.96 -23.77
N VAL H 374 -75.01 -16.68 -22.47
CA VAL H 374 -73.88 -16.71 -21.55
C VAL H 374 -74.25 -17.59 -20.37
N ALA H 375 -73.41 -18.57 -20.08
CA ALA H 375 -73.58 -19.37 -18.88
C ALA H 375 -73.09 -18.58 -17.67
N VAL H 376 -73.93 -18.52 -16.64
CA VAL H 376 -73.61 -17.82 -15.40
C VAL H 376 -73.57 -18.84 -14.28
N VAL H 377 -72.43 -18.91 -13.60
CA VAL H 377 -72.25 -19.82 -12.47
C VAL H 377 -72.25 -18.97 -11.21
N LYS H 378 -73.36 -19.01 -10.47
CA LYS H 378 -73.49 -18.24 -9.23
C LYS H 378 -73.01 -19.13 -8.09
N VAL H 379 -71.76 -18.93 -7.68
CA VAL H 379 -71.15 -19.77 -6.66
C VAL H 379 -71.66 -19.35 -5.28
N GLY H 380 -72.17 -20.32 -4.53
CA GLY H 380 -72.66 -20.07 -3.19
C GLY H 380 -71.92 -20.93 -2.17
N ALA H 381 -71.64 -20.34 -1.01
CA ALA H 381 -70.97 -21.06 0.06
C ALA H 381 -71.27 -20.36 1.38
N ALA H 382 -70.96 -21.05 2.48
CA ALA H 382 -71.30 -20.52 3.81
C ALA H 382 -70.44 -19.32 4.16
N THR H 383 -69.14 -19.39 3.91
CA THR H 383 -68.22 -18.33 4.32
C THR H 383 -67.57 -17.70 3.09
N GLU H 384 -67.15 -16.45 3.26
CA GLU H 384 -66.50 -15.74 2.16
C GLU H 384 -65.20 -16.42 1.74
N THR H 385 -64.46 -16.96 2.72
CA THR H 385 -63.27 -17.73 2.40
C THR H 385 -63.61 -18.93 1.53
N GLU H 386 -64.67 -19.66 1.90
CA GLU H 386 -65.13 -20.79 1.10
C GLU H 386 -65.55 -20.34 -0.29
N LEU H 387 -66.26 -19.20 -0.37
CA LEU H 387 -66.71 -18.69 -1.66
C LEU H 387 -65.52 -18.36 -2.56
N LYS H 388 -64.51 -17.70 -2.00
CA LYS H 388 -63.33 -17.33 -2.78
C LYS H 388 -62.55 -18.56 -3.21
N GLU H 389 -62.38 -19.53 -2.31
CA GLU H 389 -61.67 -20.75 -2.67
C GLU H 389 -62.40 -21.50 -3.77
N LEU H 390 -63.73 -21.59 -3.67
CA LEU H 390 -64.50 -22.26 -4.71
C LEU H 390 -64.42 -21.51 -6.03
N LYS H 391 -64.44 -20.17 -5.98
CA LYS H 391 -64.31 -19.38 -7.20
C LYS H 391 -62.99 -19.66 -7.89
N LEU H 392 -61.89 -19.62 -7.12
CA LEU H 392 -60.58 -19.89 -7.69
C LEU H 392 -60.49 -21.32 -8.22
N ARG H 393 -61.06 -22.27 -7.49
CA ARG H 393 -61.06 -23.67 -7.93
C ARG H 393 -61.82 -23.84 -9.23
N ILE H 394 -62.95 -23.15 -9.38
CA ILE H 394 -63.73 -23.24 -10.60
C ILE H 394 -63.00 -22.58 -11.77
N GLU H 395 -62.28 -21.49 -11.51
CA GLU H 395 -61.63 -20.76 -12.60
C GLU H 395 -60.64 -21.64 -13.36
N ASP H 396 -59.66 -22.20 -12.64
CA ASP H 396 -58.65 -23.01 -13.32
C ASP H 396 -59.25 -24.30 -13.84
N ALA H 397 -60.26 -24.83 -13.15
CA ALA H 397 -60.94 -26.02 -13.65
C ALA H 397 -61.58 -25.76 -15.01
N LEU H 398 -62.25 -24.61 -15.15
CA LEU H 398 -62.84 -24.25 -16.44
C LEU H 398 -61.77 -24.05 -17.49
N ASN H 399 -60.67 -23.37 -17.12
CA ASN H 399 -59.61 -23.14 -18.08
C ASN H 399 -59.04 -24.46 -18.59
N ALA H 400 -58.73 -25.37 -17.67
CA ALA H 400 -58.19 -26.67 -18.07
C ALA H 400 -59.20 -27.48 -18.85
N THR H 401 -60.48 -27.38 -18.49
CA THR H 401 -61.52 -28.10 -19.23
C THR H 401 -61.57 -27.64 -20.67
N ARG H 402 -61.53 -26.32 -20.89
CA ARG H 402 -61.49 -25.82 -22.26
C ARG H 402 -60.24 -26.28 -22.98
N ALA H 403 -59.09 -26.22 -22.30
CA ALA H 403 -57.83 -26.60 -22.92
C ALA H 403 -57.86 -28.06 -23.35
N ALA H 404 -58.41 -28.93 -22.51
CA ALA H 404 -58.54 -30.33 -22.88
C ALA H 404 -59.58 -30.52 -23.98
N VAL H 405 -60.63 -29.70 -23.99
CA VAL H 405 -61.66 -29.82 -25.01
C VAL H 405 -61.09 -29.54 -26.39
N GLU H 406 -60.30 -28.47 -26.51
CA GLU H 406 -59.78 -28.11 -27.82
C GLU H 406 -58.73 -29.11 -28.31
N GLU H 407 -57.73 -29.40 -27.48
CA GLU H 407 -56.62 -30.24 -27.92
C GLU H 407 -56.80 -31.69 -27.51
N GLY H 408 -56.87 -31.96 -26.22
CA GLY H 408 -57.04 -33.31 -25.73
C GLY H 408 -56.30 -33.50 -24.43
N MET H 409 -56.08 -34.78 -24.07
CA MET H 409 -55.44 -35.15 -22.82
C MET H 409 -54.30 -36.09 -23.13
N VAL H 410 -53.16 -35.91 -22.45
CA VAL H 410 -52.00 -36.77 -22.60
C VAL H 410 -51.42 -37.06 -21.22
N SER H 411 -50.46 -37.97 -21.19
CA SER H 411 -49.85 -38.38 -19.92
C SER H 411 -49.17 -37.20 -19.24
N GLY H 412 -49.40 -37.06 -17.95
CA GLY H 412 -48.84 -35.96 -17.19
C GLY H 412 -47.45 -36.26 -16.67
N GLY H 413 -46.92 -35.32 -15.90
CA GLY H 413 -45.62 -35.49 -15.30
C GLY H 413 -44.47 -35.60 -16.26
N GLY H 414 -44.63 -35.09 -17.49
CA GLY H 414 -43.57 -35.17 -18.48
C GLY H 414 -43.44 -36.51 -19.17
N THR H 415 -44.30 -37.47 -18.84
CA THR H 415 -44.21 -38.78 -19.49
C THR H 415 -44.44 -38.66 -20.99
N ALA H 416 -45.36 -37.78 -21.39
CA ALA H 416 -45.61 -37.58 -22.82
C ALA H 416 -44.35 -37.11 -23.54
N LEU H 417 -43.56 -36.26 -22.89
CA LEU H 417 -42.36 -35.75 -23.53
C LEU H 417 -41.37 -36.88 -23.84
N VAL H 418 -41.16 -37.78 -22.89
CA VAL H 418 -40.28 -38.92 -23.17
C VAL H 418 -40.92 -39.84 -24.21
N ASN H 419 -42.25 -39.97 -24.19
CA ASN H 419 -42.92 -40.88 -25.10
C ASN H 419 -42.72 -40.49 -26.57
N VAL H 420 -42.34 -39.24 -26.86
CA VAL H 420 -42.12 -38.82 -28.23
C VAL H 420 -40.64 -38.82 -28.63
N ILE H 421 -39.77 -39.30 -27.75
CA ILE H 421 -38.33 -39.26 -28.04
C ILE H 421 -38.00 -40.11 -29.25
N SER H 422 -38.61 -41.30 -29.35
CA SER H 422 -38.29 -42.21 -30.44
C SER H 422 -38.58 -41.58 -31.80
N LYS H 423 -39.74 -40.93 -31.93
CA LYS H 423 -40.10 -40.32 -33.21
C LYS H 423 -39.11 -39.23 -33.59
N VAL H 424 -38.68 -38.42 -32.62
CA VAL H 424 -37.71 -37.36 -32.90
C VAL H 424 -36.39 -37.96 -33.33
N SER H 425 -35.93 -39.00 -32.63
CA SER H 425 -34.69 -39.66 -33.02
C SER H 425 -34.80 -40.28 -34.41
N ALA H 426 -36.00 -40.66 -34.82
CA ALA H 426 -36.19 -41.25 -36.14
C ALA H 426 -36.04 -40.24 -37.28
N VAL H 427 -35.96 -38.95 -36.97
CA VAL H 427 -35.83 -37.93 -38.00
C VAL H 427 -34.43 -38.00 -38.60
N GLU H 428 -34.36 -38.00 -39.93
CA GLU H 428 -33.07 -38.13 -40.62
C GLU H 428 -32.49 -36.76 -40.90
N ALA H 429 -31.22 -36.59 -40.55
CA ALA H 429 -30.51 -35.34 -40.81
C ALA H 429 -29.01 -35.62 -40.77
N GLU H 430 -28.24 -34.63 -41.22
CA GLU H 430 -26.80 -34.74 -41.27
C GLU H 430 -26.16 -33.46 -40.73
N GLY H 431 -24.93 -33.59 -40.28
CA GLY H 431 -24.17 -32.42 -39.85
C GLY H 431 -24.80 -31.73 -38.66
N ASP H 432 -24.76 -30.40 -38.70
CA ASP H 432 -25.28 -29.61 -37.58
C ASP H 432 -26.78 -29.81 -37.40
N VAL H 433 -27.49 -30.18 -38.46
CA VAL H 433 -28.91 -30.50 -38.32
C VAL H 433 -29.08 -31.72 -37.43
N ALA H 434 -28.28 -32.77 -37.68
CA ALA H 434 -28.31 -33.95 -36.83
C ALA H 434 -27.85 -33.61 -35.42
N THR H 435 -26.88 -32.70 -35.30
CA THR H 435 -26.41 -32.29 -33.97
C THR H 435 -27.54 -31.63 -33.18
N GLY H 436 -28.29 -30.73 -33.82
CA GLY H 436 -29.43 -30.13 -33.15
C GLY H 436 -30.51 -31.14 -32.82
N ILE H 437 -30.70 -32.13 -33.69
CA ILE H 437 -31.65 -33.19 -33.39
C ILE H 437 -31.24 -33.93 -32.11
N LYS H 438 -29.96 -34.27 -32.01
CA LYS H 438 -29.47 -34.92 -30.79
C LYS H 438 -29.60 -33.99 -29.59
N ILE H 439 -29.41 -32.69 -29.80
CA ILE H 439 -29.55 -31.72 -28.72
C ILE H 439 -30.97 -31.78 -28.15
N VAL H 440 -31.96 -31.72 -29.04
CA VAL H 440 -33.34 -31.75 -28.59
C VAL H 440 -33.66 -33.09 -27.94
N VAL H 441 -33.14 -34.19 -28.50
CA VAL H 441 -33.39 -35.50 -27.93
C VAL H 441 -32.87 -35.57 -26.51
N ARG H 442 -31.66 -35.06 -26.28
CA ARG H 442 -31.11 -35.05 -24.93
C ARG H 442 -31.91 -34.14 -24.01
N ALA H 443 -32.32 -32.97 -24.50
CA ALA H 443 -32.95 -31.99 -23.62
C ALA H 443 -34.38 -32.39 -23.25
N LEU H 444 -35.04 -33.17 -24.09
CA LEU H 444 -36.43 -33.53 -23.82
C LEU H 444 -36.59 -34.31 -22.52
N GLU H 445 -35.51 -34.91 -22.01
CA GLU H 445 -35.59 -35.68 -20.77
C GLU H 445 -35.51 -34.81 -19.52
N GLU H 446 -35.31 -33.50 -19.67
CA GLU H 446 -35.07 -32.65 -18.50
C GLU H 446 -36.24 -32.60 -17.52
N PRO H 447 -37.49 -32.40 -17.95
CA PRO H 447 -38.56 -32.25 -16.95
C PRO H 447 -38.74 -33.47 -16.05
N ILE H 448 -38.80 -34.67 -16.63
CA ILE H 448 -39.01 -35.86 -15.84
C ILE H 448 -37.83 -36.11 -14.91
N ARG H 449 -36.61 -35.92 -15.41
CA ARG H 449 -35.43 -36.10 -14.59
C ARG H 449 -35.43 -35.12 -13.42
N GLN H 450 -35.78 -33.87 -13.68
CA GLN H 450 -35.81 -32.88 -12.61
C GLN H 450 -36.86 -33.21 -11.58
N ILE H 451 -38.04 -33.65 -12.03
CA ILE H 451 -39.10 -34.02 -11.10
C ILE H 451 -38.65 -35.19 -10.23
N ALA H 452 -38.01 -36.19 -10.84
CA ALA H 452 -37.53 -37.33 -10.08
C ALA H 452 -36.48 -36.90 -9.06
N GLU H 453 -35.59 -35.99 -9.44
CA GLU H 453 -34.56 -35.53 -8.51
C GLU H 453 -35.17 -34.76 -7.35
N ASN H 454 -36.20 -33.95 -7.62
CA ASN H 454 -36.84 -33.20 -6.54
C ASN H 454 -37.47 -34.12 -5.52
N ALA H 455 -37.97 -35.27 -5.96
CA ALA H 455 -38.54 -36.24 -5.04
C ALA H 455 -37.49 -37.14 -4.40
N GLY H 456 -36.22 -36.93 -4.73
CA GLY H 456 -35.13 -37.69 -4.16
C GLY H 456 -34.73 -38.93 -4.93
N TYR H 457 -35.48 -39.30 -5.96
CA TYR H 457 -35.13 -40.46 -6.77
C TYR H 457 -34.09 -40.07 -7.82
N GLU H 458 -33.27 -41.04 -8.21
CA GLU H 458 -32.26 -40.80 -9.22
C GLU H 458 -32.91 -40.58 -10.58
N GLY H 459 -32.61 -39.45 -11.20
CA GLY H 459 -33.25 -39.11 -12.45
C GLY H 459 -32.88 -40.05 -13.59
N SER H 460 -31.60 -40.42 -13.69
CA SER H 460 -31.15 -41.25 -14.79
C SER H 460 -31.83 -42.62 -14.77
N VAL H 461 -31.97 -43.20 -13.58
CA VAL H 461 -32.65 -44.50 -13.46
C VAL H 461 -34.09 -44.37 -13.92
N ILE H 462 -34.76 -43.30 -13.50
CA ILE H 462 -36.16 -43.11 -13.89
C ILE H 462 -36.27 -42.98 -15.40
N VAL H 463 -35.37 -42.20 -16.01
CA VAL H 463 -35.43 -42.00 -17.45
C VAL H 463 -35.21 -43.31 -18.19
N ASP H 464 -34.19 -44.06 -17.77
CA ASP H 464 -33.90 -45.32 -18.46
C ASP H 464 -35.05 -46.31 -18.32
N LYS H 465 -35.62 -46.42 -17.12
CA LYS H 465 -36.73 -47.35 -16.95
C LYS H 465 -37.95 -46.89 -17.74
N LEU H 466 -38.21 -45.60 -17.79
CA LEU H 466 -39.35 -45.09 -18.52
C LEU H 466 -39.21 -45.34 -20.01
N LYS H 467 -37.98 -45.26 -20.52
CA LYS H 467 -37.78 -45.52 -21.95
C LYS H 467 -38.05 -46.96 -22.33
N ASN H 468 -38.17 -47.86 -21.37
CA ASN H 468 -38.32 -49.29 -21.65
C ASN H 468 -39.63 -49.88 -21.12
N VAL H 469 -40.56 -49.04 -20.68
CA VAL H 469 -41.85 -49.52 -20.21
C VAL H 469 -42.90 -49.24 -21.28
N GLU H 470 -44.06 -49.87 -21.12
CA GLU H 470 -45.14 -49.73 -22.08
C GLU H 470 -45.67 -48.29 -22.09
N LEU H 471 -46.10 -47.86 -23.27
CA LEU H 471 -46.71 -46.54 -23.40
C LEU H 471 -47.95 -46.44 -22.52
N GLY H 472 -48.13 -45.27 -21.91
CA GLY H 472 -49.23 -45.03 -21.00
C GLY H 472 -48.91 -45.28 -19.54
N THR H 473 -47.77 -45.90 -19.26
CA THR H 473 -47.31 -46.14 -17.90
C THR H 473 -46.09 -45.29 -17.65
N GLY H 474 -46.14 -44.45 -16.63
CA GLY H 474 -45.03 -43.58 -16.31
C GLY H 474 -44.61 -43.70 -14.87
N PHE H 475 -44.01 -42.65 -14.32
CA PHE H 475 -43.51 -42.65 -12.95
C PHE H 475 -44.34 -41.68 -12.12
N ASN H 476 -44.92 -42.19 -11.02
CA ASN H 476 -45.66 -41.37 -10.08
C ASN H 476 -44.67 -40.79 -9.08
N ALA H 477 -44.37 -39.50 -9.20
CA ALA H 477 -43.42 -38.88 -8.29
C ALA H 477 -43.93 -38.85 -6.86
N ALA H 478 -45.26 -38.78 -6.67
CA ALA H 478 -45.81 -38.70 -5.33
C ALA H 478 -45.54 -39.99 -4.55
N THR H 479 -45.66 -41.15 -5.20
CA THR H 479 -45.53 -42.43 -4.52
C THR H 479 -44.26 -43.19 -4.89
N GLY H 480 -43.59 -42.83 -5.97
CA GLY H 480 -42.44 -43.59 -6.42
C GLY H 480 -42.80 -44.92 -7.04
N GLU H 481 -44.03 -45.10 -7.48
CA GLU H 481 -44.48 -46.35 -8.09
C GLU H 481 -44.84 -46.13 -9.54
N TRP H 482 -44.50 -47.13 -10.37
CA TRP H 482 -44.74 -47.07 -11.80
C TRP H 482 -46.17 -47.57 -12.04
N VAL H 483 -47.08 -46.65 -12.31
CA VAL H 483 -48.49 -46.96 -12.49
C VAL H 483 -48.97 -46.32 -13.79
N ASN H 484 -50.22 -46.60 -14.13
CA ASN H 484 -50.85 -45.99 -15.30
C ASN H 484 -51.26 -44.58 -14.94
N MET H 485 -50.63 -43.59 -15.58
CA MET H 485 -50.92 -42.20 -15.27
C MET H 485 -52.37 -41.86 -15.58
N VAL H 486 -52.90 -42.36 -16.70
CA VAL H 486 -54.29 -42.12 -17.04
C VAL H 486 -55.21 -42.70 -15.97
N GLU H 487 -54.93 -43.92 -15.53
CA GLU H 487 -55.72 -44.52 -14.46
C GLU H 487 -55.48 -43.79 -13.14
N ALA H 488 -54.24 -43.39 -12.87
CA ALA H 488 -53.90 -42.71 -11.63
C ALA H 488 -54.26 -41.23 -11.64
N GLY H 489 -54.69 -40.70 -12.78
CA GLY H 489 -55.11 -39.31 -12.84
C GLY H 489 -53.99 -38.31 -12.99
N ILE H 490 -52.76 -38.75 -13.23
CA ILE H 490 -51.64 -37.82 -13.46
C ILE H 490 -51.65 -37.50 -14.94
N VAL H 491 -52.46 -36.51 -15.31
CA VAL H 491 -52.68 -36.15 -16.70
C VAL H 491 -52.47 -34.65 -16.87
N ASP H 492 -51.84 -34.26 -17.96
CA ASP H 492 -51.56 -32.86 -18.26
C ASP H 492 -52.06 -32.52 -19.66
N PRO H 493 -52.63 -31.34 -19.86
CA PRO H 493 -53.23 -31.01 -21.16
C PRO H 493 -52.19 -30.99 -22.28
N THR H 494 -52.62 -31.44 -23.45
CA THR H 494 -51.73 -31.47 -24.60
C THR H 494 -51.29 -30.06 -25.00
N LYS H 495 -52.22 -29.11 -24.95
CA LYS H 495 -51.93 -27.75 -25.37
C LYS H 495 -50.80 -27.14 -24.54
N VAL H 496 -50.82 -27.37 -23.22
CA VAL H 496 -49.83 -26.77 -22.35
C VAL H 496 -48.44 -27.26 -22.72
N THR H 497 -48.27 -28.57 -22.84
CA THR H 497 -46.96 -29.14 -23.15
C THR H 497 -46.49 -28.69 -24.53
N ARG H 498 -47.38 -28.74 -25.52
CA ARG H 498 -46.94 -28.37 -26.86
C ARG H 498 -46.59 -26.89 -26.94
N SER H 499 -47.35 -26.03 -26.25
CA SER H 499 -47.05 -24.61 -26.26
C SER H 499 -45.72 -24.33 -25.56
N ALA H 500 -45.47 -24.99 -24.42
CA ALA H 500 -44.21 -24.80 -23.73
C ALA H 500 -43.05 -25.23 -24.61
N LEU H 501 -43.18 -26.38 -25.27
CA LEU H 501 -42.10 -26.86 -26.13
C LEU H 501 -41.85 -25.90 -27.28
N GLN H 502 -42.93 -25.42 -27.92
CA GLN H 502 -42.77 -24.50 -29.04
C GLN H 502 -42.08 -23.21 -28.60
N ASN H 503 -42.53 -22.63 -27.49
CA ASN H 503 -41.93 -21.39 -27.03
C ASN H 503 -40.46 -21.58 -26.67
N ALA H 504 -40.15 -22.66 -25.93
CA ALA H 504 -38.77 -22.89 -25.53
C ALA H 504 -37.88 -23.08 -26.74
N ALA H 505 -38.33 -23.88 -27.72
CA ALA H 505 -37.52 -24.12 -28.90
C ALA H 505 -37.30 -22.83 -29.68
N SER H 506 -38.35 -22.04 -29.88
CA SER H 506 -38.21 -20.81 -30.65
C SER H 506 -37.23 -19.85 -29.99
N VAL H 507 -37.37 -19.65 -28.68
CA VAL H 507 -36.52 -18.67 -28.02
C VAL H 507 -35.09 -19.18 -27.92
N SER H 508 -34.91 -20.50 -27.72
CA SER H 508 -33.57 -21.05 -27.74
C SER H 508 -32.91 -20.86 -29.09
N ALA H 509 -33.65 -21.06 -30.18
CA ALA H 509 -33.10 -20.83 -31.51
C ALA H 509 -32.73 -19.37 -31.69
N LEU H 510 -33.57 -18.46 -31.21
CA LEU H 510 -33.25 -17.03 -31.33
C LEU H 510 -31.98 -16.69 -30.54
N LEU H 511 -31.82 -17.27 -29.35
CA LEU H 511 -30.67 -16.92 -28.52
C LEU H 511 -29.39 -17.52 -29.06
N LEU H 512 -29.44 -18.75 -29.59
CA LEU H 512 -28.22 -19.40 -30.06
C LEU H 512 -27.58 -18.66 -31.22
N THR H 513 -28.35 -17.87 -31.96
CA THR H 513 -27.81 -17.13 -33.09
C THR H 513 -27.31 -15.74 -32.71
N THR H 514 -27.35 -15.39 -31.42
CA THR H 514 -26.89 -14.09 -30.98
C THR H 514 -25.37 -13.98 -31.13
N GLU H 515 -24.90 -12.84 -31.60
CA GLU H 515 -23.47 -12.59 -31.75
C GLU H 515 -22.98 -11.34 -31.06
N ALA H 516 -23.79 -10.28 -31.03
CA ALA H 516 -23.41 -9.04 -30.36
C ALA H 516 -24.51 -8.63 -29.40
N VAL H 517 -24.12 -8.20 -28.21
CA VAL H 517 -25.06 -7.76 -27.18
C VAL H 517 -24.73 -6.31 -26.84
N VAL H 518 -25.71 -5.44 -27.01
CA VAL H 518 -25.60 -4.04 -26.62
C VAL H 518 -26.34 -3.88 -25.31
N ALA H 519 -25.63 -3.46 -24.27
CA ALA H 519 -26.23 -3.36 -22.95
C ALA H 519 -25.89 -2.00 -22.36
N ASP H 520 -26.77 -1.52 -21.48
CA ASP H 520 -26.56 -0.24 -20.85
C ASP H 520 -25.51 -0.39 -19.76
N LYS H 521 -24.44 0.39 -19.86
CA LYS H 521 -23.34 0.30 -18.90
C LYS H 521 -23.81 0.70 -17.50
N PRO H 522 -23.48 -0.06 -16.47
CA PRO H 522 -23.89 0.33 -15.11
C PRO H 522 -23.32 1.68 -14.74
N GLU H 523 -24.13 2.47 -14.04
CA GLU H 523 -23.70 3.80 -13.65
C GLU H 523 -22.79 3.72 -12.42
N PRO H 524 -21.57 4.25 -12.49
CA PRO H 524 -20.62 4.23 -11.36
C PRO H 524 -21.06 5.14 -10.23
N MET I 1 10.81 -31.08 15.12
CA MET I 1 10.70 -29.64 14.89
C MET I 1 9.25 -29.19 15.05
N ALA I 2 9.03 -27.87 14.97
CA ALA I 2 7.77 -27.28 15.39
C ALA I 2 6.56 -28.01 14.79
N LYS I 3 5.62 -28.37 15.66
CA LYS I 3 4.47 -29.14 15.23
C LYS I 3 3.31 -28.23 14.85
N GLU I 4 2.31 -28.82 14.19
CA GLU I 4 1.20 -28.08 13.60
C GLU I 4 -0.12 -28.66 14.11
N LEU I 5 -0.23 -28.75 15.44
CA LEU I 5 -1.36 -29.35 16.12
C LEU I 5 -2.70 -28.86 15.58
N LYS I 6 -3.52 -29.78 15.09
CA LYS I 6 -4.81 -29.46 14.48
C LYS I 6 -5.82 -30.54 14.87
N PHE I 7 -7.03 -30.12 15.20
CA PHE I 7 -8.03 -31.05 15.75
C PHE I 7 -9.34 -31.01 14.98
N ALA I 8 -10.36 -31.67 15.55
CA ALA I 8 -11.73 -31.60 15.07
C ALA I 8 -11.90 -32.01 13.62
N GLU I 9 -12.82 -31.35 12.91
CA GLU I 9 -13.21 -31.78 11.58
C GLU I 9 -12.26 -31.29 10.49
N ASP I 10 -11.67 -30.10 10.64
CA ASP I 10 -10.82 -29.58 9.58
C ASP I 10 -9.57 -30.44 9.37
N ALA I 11 -9.07 -31.07 10.43
CA ALA I 11 -8.03 -32.09 10.26
C ALA I 11 -8.57 -33.25 9.44
N ARG I 12 -9.78 -33.71 9.77
CA ARG I 12 -10.43 -34.74 8.97
C ARG I 12 -10.73 -34.24 7.58
N ALA I 13 -10.99 -32.93 7.43
CA ALA I 13 -11.15 -32.37 6.10
C ALA I 13 -9.85 -32.49 5.31
N ALA I 14 -8.72 -32.23 5.96
CA ALA I 14 -7.43 -32.36 5.29
C ALA I 14 -7.17 -33.81 4.88
N MET I 15 -7.45 -34.75 5.78
CA MET I 15 -7.30 -36.16 5.42
C MET I 15 -8.21 -36.53 4.27
N LEU I 16 -9.46 -36.05 4.28
CA LEU I 16 -10.37 -36.35 3.20
C LEU I 16 -9.87 -35.77 1.88
N ARG I 17 -9.32 -34.55 1.92
CA ARG I 17 -8.79 -33.95 0.70
C ARG I 17 -7.63 -34.76 0.14
N GLY I 18 -6.69 -35.17 1.01
CA GLY I 18 -5.60 -36.00 0.54
C GLY I 18 -6.08 -37.32 -0.05
N VAL I 19 -7.01 -37.98 0.65
CA VAL I 19 -7.54 -39.24 0.17
C VAL I 19 -8.25 -39.05 -1.17
N ASP I 20 -9.01 -37.96 -1.30
CA ASP I 20 -9.71 -37.69 -2.54
C ASP I 20 -8.74 -37.45 -3.68
N LYS I 21 -7.65 -36.72 -3.42
CA LYS I 21 -6.65 -36.50 -4.45
C LYS I 21 -6.04 -37.82 -4.90
N LEU I 22 -5.64 -38.67 -3.96
CA LEU I 22 -5.04 -39.93 -4.33
C LEU I 22 -6.05 -40.81 -5.08
N ALA I 23 -7.29 -40.83 -4.63
CA ALA I 23 -8.30 -41.66 -5.28
C ALA I 23 -8.61 -41.15 -6.69
N ASP I 24 -8.67 -39.84 -6.87
CA ASP I 24 -8.89 -39.29 -8.20
C ASP I 24 -7.74 -39.62 -9.13
N THR I 25 -6.51 -39.58 -8.62
CA THR I 25 -5.37 -39.95 -9.45
C THR I 25 -5.38 -41.43 -9.78
N VAL I 26 -5.85 -42.27 -8.87
CA VAL I 26 -5.74 -43.72 -9.05
C VAL I 26 -6.89 -44.29 -9.86
N LYS I 27 -8.13 -44.00 -9.46
CA LYS I 27 -9.28 -44.77 -9.90
C LYS I 27 -9.52 -44.71 -11.39
N VAL I 28 -9.00 -43.69 -12.08
CA VAL I 28 -9.28 -43.55 -13.51
C VAL I 28 -8.73 -44.72 -14.31
N THR I 29 -7.81 -45.50 -13.74
CA THR I 29 -7.25 -46.67 -14.40
C THR I 29 -8.07 -47.93 -14.16
N LEU I 30 -9.12 -47.85 -13.35
CA LEU I 30 -9.87 -49.04 -12.98
C LEU I 30 -10.67 -49.57 -14.17
N GLY I 31 -10.80 -50.89 -14.25
CA GLY I 31 -11.60 -51.52 -15.26
C GLY I 31 -10.83 -51.80 -16.54
N PRO I 32 -11.33 -52.74 -17.34
CA PRO I 32 -10.66 -53.04 -18.62
C PRO I 32 -10.59 -51.84 -19.54
N LYS I 33 -11.60 -50.97 -19.53
CA LYS I 33 -11.61 -49.76 -20.33
C LYS I 33 -10.99 -48.57 -19.60
N GLY I 34 -10.06 -48.83 -18.68
CA GLY I 34 -9.48 -47.74 -17.92
C GLY I 34 -8.65 -46.82 -18.78
N ARG I 35 -8.52 -45.57 -18.35
CA ARG I 35 -7.72 -44.57 -19.04
C ARG I 35 -6.31 -44.52 -18.49
N ASN I 36 -5.43 -43.87 -19.25
CA ASN I 36 -4.02 -43.74 -18.91
C ASN I 36 -3.74 -42.37 -18.33
N VAL I 37 -2.70 -42.31 -17.49
CA VAL I 37 -2.31 -41.09 -16.79
C VAL I 37 -0.84 -40.80 -17.06
N VAL I 38 -0.46 -39.54 -16.95
CA VAL I 38 0.91 -39.10 -17.22
C VAL I 38 1.63 -38.87 -15.90
N LEU I 39 2.78 -39.54 -15.74
CA LEU I 39 3.63 -39.39 -14.57
C LEU I 39 4.95 -38.77 -14.98
N GLU I 40 5.55 -38.00 -14.09
CA GLU I 40 6.84 -37.36 -14.36
C GLU I 40 8.00 -38.26 -13.97
N LYS I 41 9.10 -38.14 -14.71
CA LYS I 41 10.34 -38.82 -14.41
C LYS I 41 11.49 -37.83 -14.50
N SER I 42 12.52 -38.06 -13.68
CA SER I 42 13.66 -37.14 -13.66
C SER I 42 14.38 -37.12 -14.99
N TYR I 43 14.61 -38.29 -15.60
CA TYR I 43 15.30 -38.40 -16.87
C TYR I 43 14.44 -39.19 -17.85
N GLY I 44 14.60 -38.85 -19.13
CA GLY I 44 13.85 -39.52 -20.18
C GLY I 44 12.45 -38.95 -20.31
N SER I 45 11.71 -39.52 -21.26
CA SER I 45 10.35 -39.10 -21.48
C SER I 45 9.46 -39.47 -20.29
N PRO I 46 8.51 -38.62 -19.92
CA PRO I 46 7.59 -38.96 -18.84
C PRO I 46 6.80 -40.22 -19.17
N LEU I 47 6.59 -41.04 -18.15
CA LEU I 47 5.98 -42.35 -18.33
C LEU I 47 4.46 -42.25 -18.20
N ILE I 48 3.75 -42.84 -19.16
CA ILE I 48 2.30 -42.87 -19.17
C ILE I 48 1.86 -44.31 -18.95
N THR I 49 1.00 -44.54 -17.97
CA THR I 49 0.57 -45.89 -17.65
C THR I 49 -0.80 -45.86 -17.00
N ASN I 50 -1.44 -47.02 -16.98
CA ASN I 50 -2.68 -47.25 -16.24
C ASN I 50 -2.48 -48.26 -15.12
N ASP I 51 -1.23 -48.51 -14.73
CA ASP I 51 -0.92 -49.43 -13.65
C ASP I 51 -1.08 -48.66 -12.33
N GLY I 52 -2.10 -49.01 -11.55
CA GLY I 52 -2.46 -48.20 -10.40
C GLY I 52 -1.38 -48.15 -9.33
N VAL I 53 -0.75 -49.30 -9.06
CA VAL I 53 0.20 -49.36 -7.95
C VAL I 53 1.39 -48.44 -8.20
N THR I 54 1.89 -48.43 -9.43
CA THR I 54 3.01 -47.54 -9.75
C THR I 54 2.63 -46.08 -9.57
N ILE I 55 1.43 -45.70 -10.05
CA ILE I 55 0.99 -44.33 -9.93
C ILE I 55 0.87 -43.93 -8.47
N ALA I 56 0.26 -44.79 -7.65
CA ALA I 56 0.12 -44.49 -6.23
C ALA I 56 1.48 -44.38 -5.55
N LYS I 57 2.42 -45.24 -5.94
CA LYS I 57 3.77 -45.16 -5.38
C LYS I 57 4.42 -43.83 -5.71
N GLU I 58 4.17 -43.32 -6.92
CA GLU I 58 4.81 -42.10 -7.37
C GLU I 58 4.22 -40.83 -6.77
N ILE I 59 3.10 -40.95 -6.05
CA ILE I 59 2.36 -39.77 -5.59
C ILE I 59 2.94 -39.28 -4.27
N GLU I 60 3.06 -37.95 -4.13
CA GLU I 60 3.57 -37.33 -2.91
C GLU I 60 3.12 -35.88 -2.93
N LEU I 61 2.26 -35.50 -1.99
CA LEU I 61 1.62 -34.19 -1.97
C LEU I 61 2.39 -33.23 -1.07
N GLU I 62 2.42 -31.95 -1.45
CA GLU I 62 3.13 -30.97 -0.65
C GLU I 62 2.47 -30.76 0.71
N ASP I 63 1.15 -30.63 0.73
CA ASP I 63 0.44 -30.36 1.96
C ASP I 63 0.63 -31.51 2.94
N HIS I 64 1.03 -31.19 4.17
CA HIS I 64 1.49 -32.21 5.10
C HIS I 64 0.37 -33.22 5.41
N PHE I 65 -0.84 -32.73 5.66
CA PHE I 65 -1.90 -33.62 6.10
C PHE I 65 -2.45 -34.42 4.92
N GLU I 66 -2.59 -33.79 3.76
CA GLU I 66 -2.89 -34.55 2.56
C GLU I 66 -1.80 -35.57 2.28
N ASN I 67 -0.56 -35.23 2.64
CA ASN I 67 0.53 -36.19 2.48
C ASN I 67 0.35 -37.39 3.40
N MET I 68 -0.04 -37.17 4.66
CA MET I 68 -0.34 -38.31 5.53
C MET I 68 -1.48 -39.14 4.97
N GLY I 69 -2.53 -38.50 4.45
CA GLY I 69 -3.59 -39.28 3.85
C GLY I 69 -3.10 -40.14 2.69
N ALA I 70 -2.31 -39.54 1.81
CA ALA I 70 -1.78 -40.27 0.66
C ALA I 70 -0.89 -41.43 1.11
N LYS I 71 -0.02 -41.20 2.09
CA LYS I 71 0.85 -42.27 2.57
C LYS I 71 0.05 -43.38 3.23
N LEU I 72 -1.00 -43.01 3.97
CA LEU I 72 -1.85 -44.01 4.59
C LEU I 72 -2.49 -44.90 3.54
N VAL I 73 -3.12 -44.31 2.53
CA VAL I 73 -3.78 -45.13 1.52
C VAL I 73 -2.75 -45.95 0.76
N SER I 74 -1.56 -45.40 0.52
CA SER I 74 -0.51 -46.15 -0.16
C SER I 74 -0.11 -47.38 0.64
N GLU I 75 0.07 -47.24 1.95
CA GLU I 75 0.45 -48.42 2.73
C GLU I 75 -0.70 -49.40 2.85
N VAL I 76 -1.95 -48.94 2.70
CA VAL I 76 -3.05 -49.90 2.59
C VAL I 76 -2.90 -50.72 1.32
N ALA I 77 -2.68 -50.06 0.19
CA ALA I 77 -2.54 -50.77 -1.07
C ALA I 77 -1.32 -51.70 -1.04
N SER I 78 -0.35 -51.37 -0.18
CA SER I 78 0.84 -52.21 -0.05
C SER I 78 0.49 -53.62 0.37
N LYS I 79 -0.41 -53.76 1.35
CA LYS I 79 -0.76 -55.08 1.85
C LYS I 79 -1.51 -55.92 0.82
N THR I 80 -2.02 -55.29 -0.24
CA THR I 80 -2.88 -55.98 -1.20
C THR I 80 -2.22 -56.20 -2.55
N ASN I 81 -1.20 -55.42 -2.91
CA ASN I 81 -0.60 -55.59 -4.23
C ASN I 81 0.05 -56.96 -4.39
N ASP I 82 0.37 -57.63 -3.28
CA ASP I 82 1.04 -58.92 -3.34
C ASP I 82 0.19 -59.95 -4.11
N ILE I 83 -1.10 -59.97 -3.83
CA ILE I 83 -2.01 -60.88 -4.53
C ILE I 83 -2.40 -60.26 -5.87
N ALA I 84 -1.98 -60.90 -6.96
CA ALA I 84 -2.17 -60.39 -8.31
C ALA I 84 -1.68 -58.96 -8.45
N GLY I 85 -2.40 -58.14 -9.22
CA GLY I 85 -1.97 -56.78 -9.46
C GLY I 85 -3.09 -55.77 -9.57
N ASP I 86 -4.31 -56.17 -9.22
CA ASP I 86 -5.46 -55.27 -9.31
C ASP I 86 -6.07 -54.90 -7.97
N GLY I 87 -5.77 -55.62 -6.90
CA GLY I 87 -6.31 -55.29 -5.60
C GLY I 87 -5.79 -54.01 -4.99
N THR I 88 -4.78 -53.41 -5.59
CA THR I 88 -4.19 -52.17 -5.09
C THR I 88 -5.00 -50.94 -5.48
N THR I 89 -6.03 -51.09 -6.31
CA THR I 89 -6.83 -49.97 -6.77
C THR I 89 -8.26 -49.99 -6.22
N THR I 90 -8.91 -51.16 -6.23
CA THR I 90 -10.27 -51.26 -5.73
C THR I 90 -10.34 -50.82 -4.27
N ALA I 91 -9.35 -51.25 -3.49
CA ALA I 91 -9.31 -50.89 -2.07
C ALA I 91 -9.30 -49.38 -1.88
N THR I 92 -8.53 -48.67 -2.71
CA THR I 92 -8.45 -47.22 -2.58
C THR I 92 -9.80 -46.56 -2.85
N VAL I 93 -10.50 -46.99 -3.89
CA VAL I 93 -11.80 -46.40 -4.21
C VAL I 93 -12.78 -46.67 -3.09
N LEU I 94 -12.81 -47.90 -2.58
CA LEU I 94 -13.69 -48.21 -1.48
C LEU I 94 -13.37 -47.36 -0.26
N THR I 95 -12.07 -47.19 0.03
CA THR I 95 -11.66 -46.36 1.16
C THR I 95 -12.13 -44.93 0.98
N GLN I 96 -11.97 -44.38 -0.22
CA GLN I 96 -12.40 -43.02 -0.47
C GLN I 96 -13.90 -42.87 -0.22
N ALA I 97 -14.69 -43.76 -0.81
CA ALA I 97 -16.14 -43.67 -0.68
C ALA I 97 -16.56 -43.76 0.78
N ILE I 98 -16.05 -44.78 1.48
CA ILE I 98 -16.44 -44.97 2.88
C ILE I 98 -16.05 -43.75 3.71
N VAL I 99 -14.81 -43.28 3.56
CA VAL I 99 -14.33 -42.17 4.41
C VAL I 99 -15.17 -40.93 4.16
N ARG I 100 -15.38 -40.60 2.88
CA ARG I 100 -16.21 -39.46 2.53
C ARG I 100 -17.60 -39.53 3.15
N GLU I 101 -18.31 -40.64 2.91
CA GLU I 101 -19.69 -40.72 3.38
C GLU I 101 -19.72 -40.77 4.91
N GLY I 102 -18.78 -41.47 5.52
CA GLY I 102 -18.75 -41.56 6.98
C GLY I 102 -18.42 -40.23 7.62
N LEU I 103 -17.51 -39.45 7.03
CA LEU I 103 -17.23 -38.12 7.54
C LEU I 103 -18.46 -37.24 7.44
N LYS I 104 -19.17 -37.33 6.31
CA LYS I 104 -20.39 -36.55 6.18
C LYS I 104 -21.40 -36.94 7.25
N ASN I 105 -21.51 -38.23 7.54
CA ASN I 105 -22.47 -38.65 8.56
C ASN I 105 -22.03 -38.23 9.96
N VAL I 106 -20.73 -38.33 10.25
CA VAL I 106 -20.22 -37.97 11.57
C VAL I 106 -20.38 -36.48 11.81
N THR I 107 -20.29 -35.68 10.75
CA THR I 107 -20.43 -34.23 10.89
C THR I 107 -21.74 -33.84 11.55
N ALA I 108 -22.78 -34.66 11.40
CA ALA I 108 -24.09 -34.40 11.99
C ALA I 108 -24.36 -35.27 13.21
N GLY I 109 -23.33 -35.56 14.00
CA GLY I 109 -23.50 -36.41 15.17
C GLY I 109 -23.09 -37.84 14.88
N ALA I 110 -23.82 -38.81 15.45
CA ALA I 110 -23.56 -40.22 15.22
C ALA I 110 -22.12 -40.59 15.58
N ASN I 111 -21.82 -40.63 16.88
CA ASN I 111 -20.48 -40.86 17.42
C ASN I 111 -19.71 -41.92 16.63
N PRO I 112 -18.42 -41.69 16.38
CA PRO I 112 -17.71 -42.53 15.42
C PRO I 112 -17.65 -44.01 15.78
N LEU I 113 -17.73 -44.33 17.08
CA LEU I 113 -17.57 -45.72 17.48
C LEU I 113 -18.67 -46.61 16.92
N GLY I 114 -19.91 -46.14 16.95
CA GLY I 114 -21.00 -46.91 16.36
C GLY I 114 -20.79 -47.12 14.87
N ILE I 115 -20.30 -46.08 14.18
CA ILE I 115 -20.02 -46.21 12.75
C ILE I 115 -18.96 -47.27 12.51
N ARG I 116 -17.91 -47.26 13.33
CA ARG I 116 -16.83 -48.25 13.15
C ARG I 116 -17.36 -49.67 13.41
N ARG I 117 -18.19 -49.83 14.44
CA ARG I 117 -18.74 -51.15 14.73
C ARG I 117 -19.62 -51.63 13.59
N GLY I 118 -20.47 -50.75 13.07
CA GLY I 118 -21.30 -51.13 11.93
C GLY I 118 -20.49 -51.48 10.71
N ILE I 119 -19.42 -50.73 10.46
CA ILE I 119 -18.54 -51.02 9.33
C ILE I 119 -17.92 -52.39 9.49
N GLU I 120 -17.42 -52.70 10.68
CA GLU I 120 -16.79 -53.99 10.91
C GLU I 120 -17.79 -55.12 10.74
N LEU I 121 -19.01 -54.95 11.26
CA LEU I 121 -20.02 -56.00 11.13
C LEU I 121 -20.38 -56.22 9.66
N ALA I 122 -20.58 -55.13 8.91
CA ALA I 122 -20.92 -55.27 7.50
C ALA I 122 -19.80 -55.94 6.73
N THR I 123 -18.55 -55.58 7.02
CA THR I 123 -17.42 -56.17 6.32
C THR I 123 -17.29 -57.66 6.64
N LYS I 124 -17.50 -58.03 7.91
CA LYS I 124 -17.44 -59.44 8.28
C LYS I 124 -18.53 -60.23 7.56
N ALA I 125 -19.74 -59.68 7.52
CA ALA I 125 -20.83 -60.35 6.80
C ALA I 125 -20.51 -60.48 5.32
N ALA I 126 -19.92 -59.43 4.72
CA ALA I 126 -19.59 -59.48 3.31
C ALA I 126 -18.52 -60.55 3.03
N VAL I 127 -17.52 -60.64 3.89
CA VAL I 127 -16.49 -61.66 3.70
C VAL I 127 -17.09 -63.05 3.84
N GLU I 128 -17.99 -63.23 4.82
CA GLU I 128 -18.66 -64.52 4.97
C GLU I 128 -19.45 -64.87 3.71
N GLU I 129 -20.18 -63.90 3.15
CA GLU I 129 -20.95 -64.16 1.94
C GLU I 129 -20.04 -64.49 0.77
N LEU I 130 -18.92 -63.79 0.64
CA LEU I 130 -18.00 -64.06 -0.45
C LEU I 130 -17.43 -65.47 -0.36
N HIS I 131 -17.07 -65.90 0.86
CA HIS I 131 -16.67 -67.29 1.04
C HIS I 131 -17.82 -68.26 0.80
N ASN I 132 -19.06 -67.80 0.96
CA ASN I 132 -20.20 -68.66 0.71
C ASN I 132 -20.42 -68.88 -0.79
N ILE I 133 -20.60 -67.81 -1.54
CA ILE I 133 -20.80 -67.93 -2.98
C ILE I 133 -19.45 -67.76 -3.69
N SER I 134 -19.03 -68.82 -4.39
CA SER I 134 -17.78 -68.83 -5.13
C SER I 134 -17.70 -70.13 -5.89
N THR I 135 -16.88 -70.14 -6.93
CA THR I 135 -16.58 -71.36 -7.69
C THR I 135 -15.35 -72.00 -7.07
N VAL I 136 -15.57 -73.01 -6.22
CA VAL I 136 -14.45 -73.68 -5.57
C VAL I 136 -13.57 -74.34 -6.62
N VAL I 137 -12.34 -73.86 -6.73
CA VAL I 137 -11.41 -74.39 -7.71
C VAL I 137 -10.46 -75.36 -7.03
N ASP I 138 -10.81 -76.64 -7.07
CA ASP I 138 -9.96 -77.71 -6.54
C ASP I 138 -9.73 -78.84 -7.53
N SER I 139 -10.54 -78.96 -8.57
CA SER I 139 -10.33 -80.01 -9.56
C SER I 139 -9.08 -79.75 -10.37
N LYS I 140 -8.44 -80.82 -10.82
CA LYS I 140 -7.23 -80.70 -11.63
C LYS I 140 -7.51 -79.96 -12.94
N GLU I 141 -8.64 -80.28 -13.58
CA GLU I 141 -9.02 -79.58 -14.80
C GLU I 141 -9.34 -78.12 -14.50
N ALA I 142 -9.99 -77.86 -13.36
CA ALA I 142 -10.25 -76.48 -12.96
C ALA I 142 -8.95 -75.73 -12.72
N ILE I 143 -7.97 -76.39 -12.09
CA ILE I 143 -6.67 -75.76 -11.87
C ILE I 143 -5.97 -75.50 -13.19
N ALA I 144 -6.08 -76.44 -14.13
CA ALA I 144 -5.48 -76.25 -15.45
C ALA I 144 -6.10 -75.07 -16.18
N GLN I 145 -7.43 -74.94 -16.11
CA GLN I 145 -8.09 -73.79 -16.69
C GLN I 145 -7.64 -72.49 -16.01
N VAL I 146 -7.52 -72.54 -14.68
CA VAL I 146 -7.04 -71.38 -13.92
C VAL I 146 -5.65 -70.99 -14.37
N ALA I 147 -4.83 -71.97 -14.74
CA ALA I 147 -3.53 -71.69 -15.32
C ALA I 147 -3.62 -71.00 -16.67
N ALA I 148 -4.82 -70.98 -17.28
CA ALA I 148 -5.00 -70.34 -18.58
C ALA I 148 -5.89 -69.12 -18.46
N VAL I 149 -5.76 -68.37 -17.37
CA VAL I 149 -6.46 -67.10 -17.18
C VAL I 149 -5.44 -65.99 -17.39
N SER I 150 -5.95 -64.76 -17.44
CA SER I 150 -5.17 -63.60 -17.87
C SER I 150 -4.64 -63.84 -19.28
N SER I 151 -3.60 -63.12 -19.67
CA SER I 151 -2.99 -63.38 -20.97
C SER I 151 -2.44 -64.80 -21.05
N GLY I 152 -1.39 -65.07 -20.28
CA GLY I 152 -0.86 -66.40 -20.09
C GLY I 152 -0.69 -67.25 -21.33
N SER I 153 -0.63 -66.61 -22.50
CA SER I 153 -0.60 -67.30 -23.79
C SER I 153 -1.56 -68.48 -23.80
N ASP I 154 -1.09 -69.62 -24.25
CA ASP I 154 -1.80 -70.88 -24.06
C ASP I 154 -0.90 -71.96 -23.47
N LYS I 155 0.37 -72.02 -23.88
CA LYS I 155 1.26 -73.07 -23.38
C LYS I 155 1.54 -72.90 -21.90
N VAL I 156 1.47 -71.67 -21.39
CA VAL I 156 1.76 -71.44 -19.97
C VAL I 156 0.79 -72.21 -19.10
N GLY I 157 -0.45 -72.37 -19.55
CA GLY I 157 -1.42 -73.11 -18.75
C GLY I 157 -1.01 -74.56 -18.53
N HIS I 158 -0.66 -75.25 -19.62
CA HIS I 158 -0.21 -76.63 -19.49
C HIS I 158 1.10 -76.71 -18.72
N LEU I 159 2.00 -75.75 -18.95
CA LEU I 159 3.26 -75.73 -18.23
C LEU I 159 3.01 -75.66 -16.73
N ILE I 160 2.13 -74.76 -16.30
CA ILE I 160 1.82 -74.59 -14.89
C ILE I 160 1.12 -75.83 -14.34
N ALA I 161 0.19 -76.41 -15.11
CA ALA I 161 -0.53 -77.59 -14.67
C ALA I 161 0.44 -78.75 -14.42
N ASP I 162 1.36 -79.00 -15.36
CA ASP I 162 2.41 -79.98 -15.12
C ASP I 162 3.28 -79.58 -13.93
N ALA I 163 3.59 -78.29 -13.82
CA ALA I 163 4.48 -77.83 -12.76
C ALA I 163 3.94 -78.22 -11.39
N MET I 164 2.77 -77.71 -11.05
CA MET I 164 2.28 -77.94 -9.70
C MET I 164 1.70 -79.35 -9.55
N GLU I 165 1.49 -80.08 -10.66
CA GLU I 165 1.31 -81.52 -10.53
C GLU I 165 2.58 -82.19 -10.03
N LYS I 166 3.74 -81.80 -10.57
CA LYS I 166 5.00 -82.44 -10.17
C LYS I 166 5.46 -81.99 -8.78
N VAL I 167 5.13 -80.77 -8.38
CA VAL I 167 5.64 -80.19 -7.14
C VAL I 167 4.56 -80.02 -6.09
N GLY I 168 3.30 -80.26 -6.42
CA GLY I 168 2.22 -80.03 -5.49
C GLY I 168 1.70 -78.61 -5.55
N ASN I 169 0.63 -78.36 -4.79
CA ASN I 169 0.04 -77.03 -4.76
C ASN I 169 0.99 -76.03 -4.13
N ASP I 170 1.68 -76.42 -3.07
CA ASP I 170 2.61 -75.55 -2.37
C ASP I 170 4.04 -75.70 -2.85
N GLY I 171 4.29 -76.51 -3.89
CA GLY I 171 5.62 -76.70 -4.38
C GLY I 171 6.21 -75.43 -4.98
N VAL I 172 7.52 -75.33 -4.91
CA VAL I 172 8.24 -74.15 -5.39
C VAL I 172 8.37 -74.26 -6.90
N ILE I 173 7.94 -73.21 -7.61
CA ILE I 173 8.05 -73.13 -9.06
C ILE I 173 8.89 -71.92 -9.40
N THR I 174 9.92 -72.14 -10.20
CA THR I 174 10.85 -71.09 -10.59
C THR I 174 10.82 -70.88 -12.10
N ILE I 175 11.08 -69.65 -12.51
CA ILE I 175 11.04 -69.25 -13.91
C ILE I 175 12.42 -68.79 -14.32
N GLU I 176 12.94 -69.34 -15.42
CA GLU I 176 14.27 -69.02 -15.90
C GLU I 176 14.22 -68.74 -17.40
N GLU I 177 15.29 -68.12 -17.89
CA GLU I 177 15.41 -67.78 -19.30
C GLU I 177 16.27 -68.84 -19.99
N SER I 178 15.65 -69.63 -20.85
CA SER I 178 16.39 -70.61 -21.64
C SER I 178 17.12 -69.92 -22.79
N LYS I 179 18.34 -70.38 -23.05
CA LYS I 179 19.10 -69.81 -24.16
C LYS I 179 18.51 -70.18 -25.51
N GLY I 180 17.69 -71.24 -25.56
CA GLY I 180 17.04 -71.64 -26.78
C GLY I 180 15.79 -70.84 -27.06
N ILE I 181 15.03 -71.30 -28.06
CA ILE I 181 13.81 -70.61 -28.46
C ILE I 181 12.57 -71.24 -27.86
N GLU I 182 12.70 -72.36 -27.15
CA GLU I 182 11.56 -73.07 -26.59
C GLU I 182 11.55 -72.94 -25.07
N THR I 183 10.35 -72.81 -24.51
CA THR I 183 10.16 -72.79 -23.07
C THR I 183 9.99 -74.21 -22.57
N GLU I 184 10.77 -74.59 -21.56
CA GLU I 184 10.79 -75.95 -21.05
C GLU I 184 10.59 -75.94 -19.54
N LEU I 185 10.00 -77.03 -19.04
CA LEU I 185 9.74 -77.21 -17.62
C LEU I 185 10.67 -78.27 -17.06
N ASP I 186 11.32 -77.96 -15.93
CA ASP I 186 12.26 -78.87 -15.30
C ASP I 186 11.99 -78.92 -13.80
N VAL I 187 12.15 -80.11 -13.21
CA VAL I 187 12.02 -80.31 -11.78
C VAL I 187 13.36 -80.82 -11.25
N VAL I 188 13.94 -80.08 -10.31
CA VAL I 188 15.24 -80.41 -9.76
C VAL I 188 15.14 -80.39 -8.24
N GLU I 189 16.26 -80.72 -7.60
CA GLU I 189 16.37 -80.65 -6.15
C GLU I 189 16.63 -79.21 -5.74
N GLY I 190 15.75 -78.66 -4.90
CA GLY I 190 15.91 -77.28 -4.48
C GLY I 190 15.40 -77.08 -3.08
N MET I 191 15.51 -75.83 -2.62
CA MET I 191 15.12 -75.43 -1.26
C MET I 191 14.66 -73.99 -1.26
N GLN I 192 13.44 -73.77 -0.79
CA GLN I 192 12.93 -72.44 -0.47
C GLN I 192 12.46 -72.42 0.98
N PHE I 193 12.90 -71.42 1.73
CA PHE I 193 12.49 -71.23 3.10
C PHE I 193 12.20 -69.75 3.34
N ASP I 194 11.36 -69.49 4.34
CA ASP I 194 10.85 -68.16 4.60
C ASP I 194 11.88 -67.34 5.38
N ARG I 195 12.96 -66.99 4.67
CA ARG I 195 14.00 -66.11 5.22
C ARG I 195 14.45 -65.18 4.10
N GLY I 196 14.09 -63.90 4.21
CA GLY I 196 14.51 -62.91 3.25
C GLY I 196 15.88 -62.36 3.55
N TYR I 197 16.32 -61.44 2.69
CA TYR I 197 17.61 -60.80 2.87
C TYR I 197 17.61 -59.91 4.11
N LEU I 198 18.78 -59.73 4.70
CA LEU I 198 18.91 -58.87 5.86
C LEU I 198 18.87 -57.39 5.51
N SER I 199 19.29 -57.02 4.31
CA SER I 199 19.28 -55.63 3.89
C SER I 199 18.94 -55.56 2.40
N GLN I 200 18.36 -54.42 2.01
CA GLN I 200 18.01 -54.19 0.62
C GLN I 200 19.21 -53.80 -0.24
N TYR I 201 20.35 -53.49 0.37
CA TYR I 201 21.51 -53.06 -0.39
C TYR I 201 22.13 -54.16 -1.24
N MET I 202 21.97 -55.42 -0.85
CA MET I 202 22.53 -56.53 -1.63
C MET I 202 21.53 -57.08 -2.64
N VAL I 203 20.44 -56.37 -2.90
CA VAL I 203 19.47 -56.81 -3.90
C VAL I 203 20.08 -56.72 -5.28
N THR I 204 20.11 -57.84 -6.00
CA THR I 204 20.70 -57.89 -7.33
C THR I 204 19.73 -57.38 -8.40
N ASP I 205 18.45 -57.70 -8.27
CA ASP I 205 17.42 -57.28 -9.23
C ASP I 205 16.56 -56.22 -8.55
N ASN I 206 16.87 -54.96 -8.84
CA ASN I 206 16.12 -53.86 -8.22
C ASN I 206 14.67 -53.86 -8.65
N ASP I 207 14.40 -54.13 -9.93
CA ASP I 207 13.03 -54.14 -10.42
C ASP I 207 12.21 -55.25 -9.75
N LYS I 208 12.78 -56.43 -9.63
CA LYS I 208 12.09 -57.54 -8.98
C LYS I 208 12.35 -57.60 -7.48
N MET I 209 13.22 -56.74 -6.95
CA MET I 209 13.49 -56.63 -5.51
C MET I 209 14.21 -57.88 -5.02
N GLU I 210 14.33 -58.89 -5.87
CA GLU I 210 14.92 -60.17 -5.49
C GLU I 210 16.43 -60.12 -5.61
N ALA I 211 17.10 -60.92 -4.78
CA ALA I 211 18.55 -61.11 -4.86
C ALA I 211 18.82 -62.41 -5.61
N VAL I 212 19.57 -62.31 -6.71
CA VAL I 212 19.82 -63.44 -7.59
C VAL I 212 21.31 -63.73 -7.58
N LEU I 213 21.67 -64.98 -7.29
CA LEU I 213 23.05 -65.45 -7.31
C LEU I 213 23.16 -66.65 -8.23
N GLU I 214 24.17 -66.64 -9.10
CA GLU I 214 24.39 -67.70 -10.07
C GLU I 214 25.62 -68.48 -9.65
N ASN I 215 25.45 -69.79 -9.43
CA ASN I 215 26.49 -70.66 -8.93
C ASN I 215 27.22 -70.06 -7.72
N PRO I 216 26.50 -69.76 -6.64
CA PRO I 216 27.14 -69.12 -5.48
C PRO I 216 27.64 -70.14 -4.47
N TYR I 217 28.58 -69.68 -3.65
CA TYR I 217 29.01 -70.45 -2.49
C TYR I 217 28.04 -70.21 -1.35
N ILE I 218 27.74 -71.27 -0.60
CA ILE I 218 26.71 -71.24 0.43
C ILE I 218 27.38 -71.49 1.77
N LEU I 219 27.23 -70.53 2.68
CA LEU I 219 27.75 -70.66 4.05
C LEU I 219 26.60 -71.09 4.95
N ILE I 220 26.76 -72.24 5.60
CA ILE I 220 25.73 -72.84 6.43
C ILE I 220 26.26 -72.93 7.85
N THR I 221 25.60 -72.25 8.78
CA THR I 221 26.03 -72.25 10.17
C THR I 221 24.86 -71.85 11.05
N ASP I 222 24.95 -72.21 12.32
CA ASP I 222 23.96 -71.82 13.33
C ASP I 222 24.47 -70.73 14.26
N LYS I 223 25.73 -70.33 14.13
CA LYS I 223 26.30 -69.32 15.00
C LYS I 223 25.87 -67.93 14.58
N LYS I 224 26.10 -66.97 15.47
CA LYS I 224 25.80 -65.57 15.19
C LYS I 224 27.07 -64.87 14.70
N ILE I 225 26.96 -64.18 13.57
CA ILE I 225 28.09 -63.53 12.93
C ILE I 225 27.99 -62.04 13.22
N SER I 226 28.70 -61.57 14.23
CA SER I 226 28.76 -60.15 14.54
C SER I 226 30.10 -59.51 14.23
N ASN I 227 31.14 -60.32 14.00
CA ASN I 227 32.48 -59.83 13.69
C ASN I 227 32.85 -60.26 12.28
N ILE I 228 33.30 -59.30 11.46
CA ILE I 228 33.75 -59.63 10.12
C ILE I 228 35.07 -60.40 10.14
N GLN I 229 35.82 -60.32 11.24
CA GLN I 229 37.10 -61.02 11.31
C GLN I 229 36.92 -62.53 11.30
N ASP I 230 35.75 -63.01 11.73
CA ASP I 230 35.53 -64.45 11.80
C ASP I 230 35.46 -65.09 10.42
N ILE I 231 35.25 -64.31 9.37
CA ILE I 231 35.05 -64.83 8.02
C ILE I 231 36.04 -64.25 7.02
N LEU I 232 37.00 -63.45 7.46
CA LEU I 232 37.94 -62.83 6.51
C LEU I 232 38.72 -63.84 5.68
N PRO I 233 39.29 -64.92 6.24
CA PRO I 233 39.96 -65.90 5.36
C PRO I 233 39.04 -66.51 4.33
N LEU I 234 37.81 -66.85 4.71
CA LEU I 234 36.85 -67.38 3.76
C LEU I 234 36.46 -66.34 2.72
N LEU I 235 36.30 -65.08 3.15
CA LEU I 235 36.00 -64.01 2.21
C LEU I 235 37.13 -63.87 1.19
N GLU I 236 38.37 -63.94 1.64
CA GLU I 236 39.50 -63.86 0.72
C GLU I 236 39.52 -65.05 -0.24
N GLN I 237 39.24 -66.25 0.27
CA GLN I 237 39.18 -67.42 -0.59
C GLN I 237 38.12 -67.26 -1.68
N ILE I 238 36.95 -66.78 -1.30
CA ILE I 238 35.86 -66.62 -2.25
C ILE I 238 36.17 -65.49 -3.24
N LEU I 239 36.81 -64.42 -2.77
CA LEU I 239 37.25 -63.37 -3.68
C LEU I 239 38.25 -63.90 -4.69
N GLN I 240 39.16 -64.77 -4.25
CA GLN I 240 40.06 -65.44 -5.19
C GLN I 240 39.27 -66.27 -6.20
N GLN I 241 38.26 -66.99 -5.71
CA GLN I 241 37.38 -67.74 -6.62
C GLN I 241 36.45 -66.82 -7.41
N SER I 242 36.24 -65.59 -6.95
CA SER I 242 35.40 -64.60 -7.64
C SER I 242 33.98 -65.14 -7.87
N ARG I 243 33.44 -65.86 -6.89
CA ARG I 243 32.10 -66.41 -6.97
C ARG I 243 31.18 -65.74 -5.95
N PRO I 244 29.88 -65.73 -6.19
CA PRO I 244 28.95 -65.20 -5.17
C PRO I 244 28.95 -66.08 -3.94
N LEU I 245 28.64 -65.46 -2.81
CA LEU I 245 28.59 -66.15 -1.53
C LEU I 245 27.21 -65.98 -0.90
N LEU I 246 26.65 -67.09 -0.43
CA LEU I 246 25.41 -67.08 0.34
C LEU I 246 25.73 -67.44 1.78
N ILE I 247 25.20 -66.65 2.71
CA ILE I 247 25.45 -66.83 4.14
C ILE I 247 24.13 -67.19 4.81
N ILE I 248 24.11 -68.34 5.49
CA ILE I 248 22.96 -68.79 6.27
C ILE I 248 23.45 -68.94 7.70
N ALA I 249 23.08 -68.00 8.57
CA ALA I 249 23.51 -68.01 9.95
C ALA I 249 22.33 -67.65 10.84
N ASP I 250 22.55 -67.76 12.16
CA ASP I 250 21.53 -67.37 13.11
C ASP I 250 21.21 -65.87 12.99
N ASP I 251 22.24 -65.05 12.90
CA ASP I 251 22.06 -63.61 12.76
C ASP I 251 23.38 -62.98 12.37
N VAL I 252 23.34 -62.07 11.40
CA VAL I 252 24.51 -61.31 10.97
C VAL I 252 24.25 -59.85 11.30
N ASP I 253 25.03 -59.32 12.23
CA ASP I 253 24.82 -57.96 12.71
C ASP I 253 26.17 -57.40 13.16
N GLY I 254 26.14 -56.31 13.94
CA GLY I 254 27.37 -55.76 14.45
C GLY I 254 28.10 -54.95 13.38
N GLU I 255 29.39 -55.24 13.23
CA GLU I 255 30.19 -54.58 12.20
C GLU I 255 30.30 -55.41 10.93
N ALA I 256 30.08 -56.73 11.02
CA ALA I 256 30.20 -57.58 9.83
C ALA I 256 29.14 -57.22 8.80
N LEU I 257 27.91 -56.97 9.23
CA LEU I 257 26.84 -56.65 8.28
C LEU I 257 27.09 -55.35 7.53
N PRO I 258 27.42 -54.21 8.16
CA PRO I 258 27.74 -53.02 7.37
C PRO I 258 28.96 -53.21 6.48
N THR I 259 29.95 -53.98 6.92
CA THR I 259 31.12 -54.23 6.08
C THR I 259 30.74 -54.99 4.82
N LEU I 260 29.91 -56.04 4.97
CA LEU I 260 29.47 -56.79 3.80
C LEU I 260 28.59 -55.94 2.90
N VAL I 261 27.75 -55.09 3.49
CA VAL I 261 26.90 -54.20 2.69
C VAL I 261 27.77 -53.25 1.86
N LEU I 262 28.80 -52.67 2.48
CA LEU I 262 29.69 -51.78 1.76
C LEU I 262 30.45 -52.51 0.67
N ASN I 263 30.90 -53.73 0.96
CA ASN I 263 31.61 -54.51 -0.05
C ASN I 263 30.70 -54.82 -1.23
N LYS I 264 29.44 -55.17 -0.96
CA LYS I 264 28.49 -55.46 -2.04
C LYS I 264 28.19 -54.20 -2.85
N ILE I 265 28.03 -53.06 -2.18
CA ILE I 265 27.79 -51.81 -2.89
C ILE I 265 28.96 -51.46 -3.79
N ARG I 266 30.18 -51.59 -3.28
CA ARG I 266 31.37 -51.34 -4.07
C ARG I 266 31.61 -52.43 -5.11
N GLY I 267 30.87 -53.53 -5.06
CA GLY I 267 31.07 -54.62 -5.99
C GLY I 267 32.20 -55.55 -5.63
N THR I 268 32.86 -55.35 -4.49
CA THR I 268 33.97 -56.21 -4.10
C THR I 268 33.50 -57.64 -3.88
N PHE I 269 32.36 -57.82 -3.23
CA PHE I 269 31.86 -59.14 -2.88
C PHE I 269 30.39 -59.25 -3.26
N ASN I 270 30.04 -60.33 -3.98
CA ASN I 270 28.64 -60.62 -4.30
C ASN I 270 28.08 -61.56 -3.22
N VAL I 271 27.95 -61.00 -2.02
CA VAL I 271 27.59 -61.77 -0.83
C VAL I 271 26.16 -61.45 -0.44
N VAL I 272 25.43 -62.47 -0.01
CA VAL I 272 24.09 -62.32 0.53
C VAL I 272 24.01 -63.11 1.82
N ALA I 273 23.50 -62.49 2.88
CA ALA I 273 23.37 -63.10 4.19
C ALA I 273 21.91 -63.10 4.61
N VAL I 274 21.42 -64.27 5.04
CA VAL I 274 20.05 -64.42 5.50
C VAL I 274 20.06 -65.17 6.82
N LYS I 275 18.96 -65.04 7.56
CA LYS I 275 18.81 -65.71 8.84
C LYS I 275 18.52 -67.19 8.64
N ALA I 276 18.87 -67.98 9.65
CA ALA I 276 18.65 -69.42 9.59
C ALA I 276 17.20 -69.75 9.88
N PRO I 277 16.51 -70.48 9.02
CA PRO I 277 15.13 -70.87 9.32
C PRO I 277 15.06 -71.86 10.47
N GLY I 278 13.95 -71.79 11.21
CA GLY I 278 13.74 -72.62 12.36
C GLY I 278 14.37 -72.05 13.62
N PHE I 279 13.98 -72.61 14.76
CA PHE I 279 14.47 -72.16 16.05
C PHE I 279 14.69 -73.36 16.96
N GLY I 280 15.56 -73.17 17.96
CA GLY I 280 15.85 -74.25 18.88
C GLY I 280 16.52 -75.41 18.18
N ASP I 281 16.24 -76.62 18.67
CA ASP I 281 16.77 -77.82 18.04
C ASP I 281 16.22 -77.99 16.63
N ARG I 282 15.05 -77.40 16.34
CA ARG I 282 14.47 -77.52 15.02
C ARG I 282 15.36 -76.88 13.97
N ARG I 283 15.94 -75.71 14.27
CA ARG I 283 16.73 -74.98 13.29
C ARG I 283 17.84 -75.84 12.69
N LYS I 284 18.54 -76.59 13.53
CA LYS I 284 19.60 -77.47 13.04
C LYS I 284 19.06 -78.55 12.13
N ALA I 285 17.79 -78.90 12.22
CA ALA I 285 17.22 -79.91 11.33
C ALA I 285 17.31 -79.48 9.87
N MET I 286 16.66 -78.37 9.52
CA MET I 286 16.78 -77.93 8.13
C MET I 286 18.14 -77.32 7.84
N LEU I 287 18.92 -76.95 8.85
CA LEU I 287 20.32 -76.60 8.57
C LEU I 287 21.07 -77.79 8.01
N GLU I 288 20.92 -78.96 8.65
CA GLU I 288 21.53 -80.18 8.15
C GLU I 288 20.93 -80.58 6.81
N ASP I 289 19.62 -80.37 6.63
CA ASP I 289 19.00 -80.66 5.35
C ASP I 289 19.60 -79.82 4.24
N ILE I 290 19.82 -78.53 4.49
CA ILE I 290 20.43 -77.64 3.51
C ILE I 290 21.87 -78.07 3.24
N ALA I 291 22.60 -78.46 4.28
CA ALA I 291 23.97 -78.93 4.09
C ALA I 291 24.00 -80.16 3.19
N ILE I 292 23.07 -81.09 3.42
CA ILE I 292 23.00 -82.30 2.60
C ILE I 292 22.64 -81.96 1.17
N LEU I 293 21.67 -81.06 0.99
CA LEU I 293 21.20 -80.73 -0.36
C LEU I 293 22.26 -79.99 -1.17
N THR I 294 23.01 -79.09 -0.52
CA THR I 294 24.01 -78.29 -1.20
C THR I 294 25.41 -78.88 -1.17
N GLY I 295 25.61 -79.95 -0.39
CA GLY I 295 26.93 -80.53 -0.25
C GLY I 295 27.83 -79.82 0.74
N GLY I 296 27.34 -78.77 1.40
CA GLY I 296 28.13 -78.05 2.38
C GLY I 296 28.08 -78.70 3.74
N THR I 297 28.66 -78.00 4.72
CA THR I 297 28.73 -78.47 6.09
C THR I 297 28.23 -77.38 7.03
N VAL I 298 27.41 -77.76 8.01
CA VAL I 298 26.91 -76.82 9.00
C VAL I 298 28.04 -76.51 9.98
N ILE I 299 28.33 -75.21 10.14
CA ILE I 299 29.37 -74.76 11.05
C ILE I 299 28.70 -74.53 12.40
N THR I 300 28.84 -75.48 13.30
CA THR I 300 28.23 -75.39 14.63
C THR I 300 29.25 -75.78 15.68
N ASP I 301 29.05 -75.24 16.88
CA ASP I 301 29.96 -75.55 17.98
C ASP I 301 29.88 -77.01 18.41
N ASP I 302 28.78 -77.69 18.10
CA ASP I 302 28.69 -79.11 18.42
C ASP I 302 29.70 -79.92 17.63
N LEU I 303 29.92 -79.56 16.37
CA LEU I 303 30.88 -80.24 15.52
C LEU I 303 32.30 -79.74 15.70
N GLY I 304 32.51 -78.72 16.54
CA GLY I 304 33.84 -78.18 16.75
C GLY I 304 34.40 -77.39 15.61
N LEU I 305 33.54 -76.85 14.75
CA LEU I 305 33.97 -76.06 13.59
C LEU I 305 33.85 -74.58 13.92
N GLU I 306 34.90 -73.82 13.62
CA GLU I 306 34.93 -72.38 13.85
C GLU I 306 34.76 -71.63 12.55
N LEU I 307 34.27 -70.40 12.67
CA LEU I 307 34.01 -69.58 11.48
C LEU I 307 35.31 -69.27 10.74
N LYS I 308 36.38 -68.98 11.47
CA LYS I 308 37.67 -68.67 10.84
C LYS I 308 38.29 -69.90 10.19
N ASP I 309 37.90 -71.10 10.60
CA ASP I 309 38.43 -72.33 10.03
C ASP I 309 37.63 -72.83 8.85
N VAL I 310 36.59 -72.11 8.43
CA VAL I 310 35.77 -72.54 7.31
C VAL I 310 36.55 -72.38 6.02
N THR I 311 36.58 -73.43 5.21
CA THR I 311 37.27 -73.43 3.92
C THR I 311 36.23 -73.46 2.80
N ILE I 312 36.74 -73.45 1.56
CA ILE I 312 35.86 -73.51 0.40
C ILE I 312 35.13 -74.85 0.33
N GLU I 313 35.79 -75.93 0.77
CA GLU I 313 35.19 -77.26 0.69
C GLU I 313 33.91 -77.35 1.52
N ASN I 314 33.92 -76.80 2.73
CA ASN I 314 32.78 -76.90 3.63
C ASN I 314 31.58 -76.09 3.16
N LEU I 315 31.75 -75.22 2.17
CA LEU I 315 30.67 -74.37 1.71
C LEU I 315 29.72 -75.12 0.81
N GLY I 316 28.42 -74.87 0.98
CA GLY I 316 27.44 -75.43 0.07
C GLY I 316 27.52 -74.79 -1.30
N ASN I 317 27.06 -75.53 -2.30
CA ASN I 317 27.07 -75.08 -3.68
C ASN I 317 25.72 -75.37 -4.34
N ALA I 318 25.29 -74.45 -5.20
CA ALA I 318 24.08 -74.62 -5.96
C ALA I 318 24.21 -73.85 -7.26
N SER I 319 23.38 -74.22 -8.23
CA SER I 319 23.43 -73.55 -9.53
C SER I 319 22.93 -72.12 -9.43
N LYS I 320 21.85 -71.90 -8.68
CA LYS I 320 21.24 -70.58 -8.59
C LYS I 320 20.53 -70.44 -7.26
N VAL I 321 20.60 -69.24 -6.68
CA VAL I 321 19.92 -68.92 -5.44
C VAL I 321 19.15 -67.63 -5.62
N VAL I 322 17.87 -67.64 -5.25
CA VAL I 322 16.99 -66.47 -5.35
C VAL I 322 16.57 -66.09 -3.95
N VAL I 323 16.80 -64.84 -3.57
CA VAL I 323 16.45 -64.32 -2.26
C VAL I 323 15.54 -63.12 -2.45
N ASP I 324 14.30 -63.24 -1.99
CA ASP I 324 13.36 -62.14 -1.98
C ASP I 324 13.37 -61.47 -0.61
N LYS I 325 12.42 -60.56 -0.38
CA LYS I 325 12.35 -59.86 0.89
C LYS I 325 12.05 -60.79 2.04
N ASP I 326 11.34 -61.88 1.79
CA ASP I 326 10.86 -62.76 2.85
C ASP I 326 11.30 -64.20 2.73
N ASN I 327 11.71 -64.66 1.54
CA ASN I 327 12.06 -66.05 1.34
C ASN I 327 13.37 -66.16 0.56
N THR I 328 14.04 -67.28 0.74
CA THR I 328 15.27 -67.59 0.03
C THR I 328 15.10 -68.93 -0.68
N THR I 329 15.38 -68.94 -1.98
CA THR I 329 15.18 -70.12 -2.81
C THR I 329 16.52 -70.64 -3.30
N ILE I 330 16.72 -71.94 -3.20
CA ILE I 330 17.94 -72.62 -3.65
C ILE I 330 17.58 -73.50 -4.84
N VAL I 331 18.34 -73.39 -5.91
CA VAL I 331 18.09 -74.14 -7.14
C VAL I 331 19.29 -75.03 -7.43
N GLU I 332 19.03 -76.32 -7.61
CA GLU I 332 20.04 -77.30 -8.03
C GLU I 332 21.21 -77.33 -7.04
N GLY I 333 20.91 -77.74 -5.81
CA GLY I 333 21.97 -77.93 -4.84
C GLY I 333 22.94 -79.01 -5.26
N SER I 334 24.21 -78.81 -4.89
CA SER I 334 25.28 -79.69 -5.33
C SER I 334 25.46 -80.91 -4.44
N GLY I 335 24.62 -81.09 -3.42
CA GLY I 335 24.77 -82.23 -2.55
C GLY I 335 24.40 -83.53 -3.24
N GLU I 336 24.88 -84.62 -2.64
CA GLU I 336 24.65 -85.94 -3.21
C GLU I 336 23.18 -86.31 -3.15
N LYS I 337 22.69 -86.90 -4.24
CA LYS I 337 21.30 -87.35 -4.29
C LYS I 337 21.05 -88.45 -3.25
N GLU I 338 22.00 -89.35 -3.07
CA GLU I 338 21.83 -90.45 -2.12
C GLU I 338 21.73 -89.93 -0.70
N ALA I 339 22.54 -88.93 -0.34
CA ALA I 339 22.47 -88.36 1.00
C ALA I 339 21.13 -87.67 1.22
N ILE I 340 20.62 -86.96 0.21
CA ILE I 340 19.31 -86.33 0.32
C ILE I 340 18.22 -87.38 0.48
N GLU I 341 18.35 -88.49 -0.25
CA GLU I 341 17.40 -89.60 -0.12
C GLU I 341 17.43 -90.19 1.29
N ALA I 342 18.64 -90.36 1.84
CA ALA I 342 18.76 -90.89 3.19
C ALA I 342 18.14 -89.94 4.21
N ARG I 343 18.37 -88.63 4.05
CA ARG I 343 17.74 -87.66 4.94
C ARG I 343 16.23 -87.70 4.81
N VAL I 344 15.72 -87.84 3.59
CA VAL I 344 14.28 -87.93 3.35
C VAL I 344 13.70 -89.16 4.04
N GLN I 345 14.40 -90.30 3.92
CA GLN I 345 13.93 -91.51 4.58
C GLN I 345 13.97 -91.37 6.09
N LEU I 346 15.00 -90.71 6.62
CA LEU I 346 15.05 -90.47 8.05
C LEU I 346 13.89 -89.61 8.51
N ILE I 347 13.55 -88.57 7.75
CA ILE I 347 12.43 -87.71 8.12
C ILE I 347 11.11 -88.48 8.02
N LYS I 348 10.99 -89.35 7.01
CA LYS I 348 9.80 -90.19 6.89
C LYS I 348 9.66 -91.13 8.08
N ASN I 349 10.78 -91.73 8.52
CA ASN I 349 10.75 -92.57 9.70
C ASN I 349 10.36 -91.78 10.93
N GLN I 350 10.89 -90.56 11.06
CA GLN I 350 10.51 -89.71 12.19
C GLN I 350 9.02 -89.40 12.17
N ILE I 351 8.48 -89.10 10.98
CA ILE I 351 7.06 -88.83 10.85
C ILE I 351 6.24 -90.05 11.26
N ALA I 352 6.65 -91.23 10.80
CA ALA I 352 5.95 -92.46 11.18
C ALA I 352 6.10 -92.75 12.66
N GLU I 353 7.13 -92.20 13.30
CA GLU I 353 7.40 -92.48 14.71
C GLU I 353 6.90 -91.37 15.64
N THR I 354 6.87 -90.13 15.18
CA THR I 354 6.47 -89.03 16.04
C THR I 354 4.99 -89.15 16.41
N THR I 355 4.66 -88.70 17.62
CA THR I 355 3.29 -88.71 18.11
C THR I 355 2.67 -87.33 18.24
N SER I 356 3.48 -86.28 18.28
CA SER I 356 2.97 -84.91 18.38
C SER I 356 2.56 -84.43 17.01
N ASP I 357 1.30 -83.98 16.90
CA ASP I 357 0.80 -83.49 15.62
C ASP I 357 1.56 -82.24 15.17
N PHE I 358 2.01 -81.42 16.13
CA PHE I 358 2.83 -80.27 15.80
C PHE I 358 4.18 -80.70 15.24
N ASP I 359 4.86 -81.61 15.94
CA ASP I 359 6.13 -82.11 15.46
C ASP I 359 5.97 -82.89 14.17
N ARG I 360 4.88 -83.66 14.06
CA ARG I 360 4.62 -84.36 12.81
C ARG I 360 4.42 -83.38 11.67
N GLU I 361 3.71 -82.28 11.92
CA GLU I 361 3.50 -81.27 10.89
C GLU I 361 4.82 -80.62 10.48
N LYS I 362 5.68 -80.31 11.45
CA LYS I 362 6.97 -79.72 11.13
C LYS I 362 7.83 -80.67 10.31
N LEU I 363 7.87 -81.95 10.71
CA LEU I 363 8.63 -82.94 9.97
C LEU I 363 8.06 -83.13 8.57
N GLN I 364 6.73 -83.10 8.45
CA GLN I 364 6.09 -83.18 7.14
C GLN I 364 6.44 -81.99 6.27
N GLU I 365 6.52 -80.80 6.86
CA GLU I 365 6.94 -79.62 6.11
C GLU I 365 8.36 -79.80 5.60
N ARG I 366 9.26 -80.28 6.45
CA ARG I 366 10.63 -80.54 6.02
C ARG I 366 10.67 -81.56 4.90
N LEU I 367 9.90 -82.65 5.05
CA LEU I 367 9.89 -83.70 4.04
C LEU I 367 9.34 -83.19 2.72
N ALA I 368 8.27 -82.41 2.76
CA ALA I 368 7.71 -81.86 1.53
C ALA I 368 8.67 -80.91 0.86
N LYS I 369 9.35 -80.07 1.64
CA LYS I 369 10.33 -79.16 1.05
C LYS I 369 11.48 -79.93 0.42
N LEU I 370 11.91 -81.03 1.06
CA LEU I 370 13.06 -81.76 0.55
C LEU I 370 12.69 -82.60 -0.67
N ALA I 371 11.51 -83.20 -0.68
CA ALA I 371 11.17 -84.16 -1.71
C ALA I 371 10.38 -83.56 -2.87
N GLY I 372 9.62 -82.49 -2.64
CA GLY I 372 8.83 -81.91 -3.71
C GLY I 372 9.67 -81.29 -4.80
N GLY I 373 10.91 -80.91 -4.48
CA GLY I 373 11.77 -80.32 -5.47
C GLY I 373 11.32 -78.93 -5.85
N VAL I 374 11.93 -78.42 -6.91
CA VAL I 374 11.64 -77.09 -7.42
C VAL I 374 11.34 -77.20 -8.92
N ALA I 375 10.20 -76.66 -9.33
CA ALA I 375 9.87 -76.60 -10.74
C ALA I 375 10.61 -75.44 -11.38
N VAL I 376 11.34 -75.73 -12.46
CA VAL I 376 12.12 -74.74 -13.18
C VAL I 376 11.53 -74.57 -14.57
N VAL I 377 11.17 -73.34 -14.90
CA VAL I 377 10.60 -73.02 -16.21
C VAL I 377 11.66 -72.23 -16.97
N LYS I 378 12.34 -72.89 -17.90
CA LYS I 378 13.37 -72.25 -18.71
C LYS I 378 12.69 -71.66 -19.94
N VAL I 379 12.38 -70.36 -19.87
CA VAL I 379 11.66 -69.70 -20.95
C VAL I 379 12.60 -69.44 -22.11
N GLY I 380 12.20 -69.88 -23.30
CA GLY I 380 12.97 -69.66 -24.50
C GLY I 380 12.14 -68.92 -25.54
N ALA I 381 12.78 -67.99 -26.25
CA ALA I 381 12.12 -67.20 -27.27
C ALA I 381 13.17 -66.69 -28.24
N ALA I 382 12.69 -66.24 -29.41
CA ALA I 382 13.61 -65.80 -30.47
C ALA I 382 14.38 -64.55 -30.07
N THR I 383 13.71 -63.57 -29.48
CA THR I 383 14.31 -62.28 -29.20
C THR I 383 14.28 -62.00 -27.71
N GLU I 384 15.18 -61.11 -27.28
CA GLU I 384 15.22 -60.72 -25.87
C GLU I 384 13.93 -60.03 -25.46
N THR I 385 13.36 -59.20 -26.33
CA THR I 385 12.07 -58.60 -26.04
C THR I 385 11.00 -59.67 -25.86
N GLU I 386 10.99 -60.67 -26.74
CA GLU I 386 10.04 -61.78 -26.61
C GLU I 386 10.29 -62.55 -25.32
N LEU I 387 11.55 -62.80 -24.98
CA LEU I 387 11.87 -63.53 -23.75
C LEU I 387 11.38 -62.77 -22.54
N LYS I 388 11.65 -61.47 -22.49
CA LYS I 388 11.23 -60.66 -21.34
C LYS I 388 9.70 -60.60 -21.24
N GLU I 389 9.02 -60.41 -22.37
CA GLU I 389 7.57 -60.35 -22.35
C GLU I 389 6.99 -61.68 -21.87
N LEU I 390 7.53 -62.79 -22.36
CA LEU I 390 7.05 -64.10 -21.92
C LEU I 390 7.31 -64.31 -20.45
N LYS I 391 8.48 -63.90 -19.97
CA LYS I 391 8.80 -64.02 -18.55
C LYS I 391 7.80 -63.26 -17.70
N LEU I 392 7.53 -62.00 -18.07
CA LEU I 392 6.58 -61.19 -17.31
C LEU I 392 5.18 -61.80 -17.37
N ARG I 393 4.78 -62.28 -18.54
CA ARG I 393 3.46 -62.88 -18.69
C ARG I 393 3.33 -64.14 -17.83
N ILE I 394 4.38 -64.95 -17.75
CA ILE I 394 4.35 -66.14 -16.93
C ILE I 394 4.31 -65.78 -15.45
N GLU I 395 4.99 -64.71 -15.05
CA GLU I 395 5.06 -64.35 -13.64
C GLU I 395 3.66 -64.10 -13.05
N ASP I 396 2.93 -63.14 -13.62
CA ASP I 396 1.63 -62.81 -13.08
C ASP I 396 0.65 -63.96 -13.29
N ALA I 397 0.84 -64.73 -14.37
CA ALA I 397 0.00 -65.91 -14.58
C ALA I 397 0.15 -66.90 -13.44
N LEU I 398 1.39 -67.18 -13.04
CA LEU I 398 1.62 -68.08 -11.92
C LEU I 398 1.05 -67.50 -10.62
N ASN I 399 1.25 -66.19 -10.41
CA ASN I 399 0.74 -65.57 -9.20
C ASN I 399 -0.78 -65.71 -9.11
N ALA I 400 -1.48 -65.35 -10.19
CA ALA I 400 -2.94 -65.46 -10.20
C ALA I 400 -3.38 -66.91 -10.11
N THR I 401 -2.62 -67.82 -10.72
CA THR I 401 -2.97 -69.24 -10.63
C THR I 401 -2.94 -69.72 -9.19
N ARG I 402 -1.87 -69.40 -8.46
CA ARG I 402 -1.83 -69.76 -7.05
C ARG I 402 -2.95 -69.09 -6.27
N ALA I 403 -3.17 -67.80 -6.52
CA ALA I 403 -4.19 -67.05 -5.78
C ALA I 403 -5.57 -67.66 -5.98
N ALA I 404 -5.88 -68.08 -7.20
CA ALA I 404 -7.17 -68.73 -7.45
C ALA I 404 -7.20 -70.14 -6.90
N VAL I 405 -6.07 -70.85 -6.93
CA VAL I 405 -6.05 -72.22 -6.42
C VAL I 405 -6.39 -72.24 -4.94
N GLU I 406 -5.80 -71.32 -4.17
CA GLU I 406 -6.05 -71.34 -2.73
C GLU I 406 -7.48 -70.98 -2.39
N GLU I 407 -7.98 -69.87 -2.95
CA GLU I 407 -9.32 -69.39 -2.57
C GLU I 407 -10.38 -69.83 -3.57
N GLY I 408 -10.26 -69.41 -4.82
CA GLY I 408 -11.22 -69.78 -5.83
C GLY I 408 -11.42 -68.66 -6.83
N MET I 409 -12.51 -68.76 -7.58
CA MET I 409 -12.84 -67.80 -8.62
C MET I 409 -14.23 -67.25 -8.38
N VAL I 410 -14.39 -65.95 -8.63
CA VAL I 410 -15.69 -65.29 -8.57
C VAL I 410 -15.81 -64.37 -9.77
N SER I 411 -17.00 -63.80 -9.93
CA SER I 411 -17.24 -62.91 -11.07
C SER I 411 -16.35 -61.69 -10.98
N GLY I 412 -15.75 -61.32 -12.11
CA GLY I 412 -14.89 -60.16 -12.19
C GLY I 412 -15.65 -58.88 -12.46
N GLY I 413 -14.89 -57.79 -12.62
CA GLY I 413 -15.47 -56.51 -12.92
C GLY I 413 -16.32 -55.92 -11.83
N GLY I 414 -16.13 -56.35 -10.58
CA GLY I 414 -16.90 -55.84 -9.47
C GLY I 414 -18.30 -56.42 -9.34
N THR I 415 -18.67 -57.36 -10.21
CA THR I 415 -19.99 -57.96 -10.12
C THR I 415 -20.15 -58.72 -8.82
N ALA I 416 -19.09 -59.37 -8.35
CA ALA I 416 -19.14 -60.11 -7.10
C ALA I 416 -19.49 -59.19 -5.94
N LEU I 417 -18.96 -57.97 -5.95
CA LEU I 417 -19.24 -57.04 -4.86
C LEU I 417 -20.72 -56.73 -4.76
N VAL I 418 -21.37 -56.42 -5.89
CA VAL I 418 -22.79 -56.13 -5.84
C VAL I 418 -23.58 -57.40 -5.51
N ASN I 419 -23.10 -58.56 -5.97
CA ASN I 419 -23.82 -59.80 -5.72
C ASN I 419 -23.97 -60.10 -4.23
N VAL I 420 -23.13 -59.51 -3.37
CA VAL I 420 -23.23 -59.74 -1.93
C VAL I 420 -23.96 -58.62 -1.19
N ILE I 421 -24.53 -57.66 -1.92
CA ILE I 421 -25.18 -56.53 -1.26
C ILE I 421 -26.39 -56.99 -0.46
N SER I 422 -27.16 -57.94 -1.00
CA SER I 422 -28.39 -58.37 -0.33
C SER I 422 -28.09 -58.97 1.04
N LYS I 423 -27.07 -59.81 1.13
CA LYS I 423 -26.74 -60.43 2.41
C LYS I 423 -26.30 -59.38 3.43
N VAL I 424 -25.54 -58.37 2.99
CA VAL I 424 -25.12 -57.31 3.89
C VAL I 424 -26.32 -56.52 4.39
N SER I 425 -27.24 -56.20 3.48
CA SER I 425 -28.45 -55.50 3.88
C SER I 425 -29.31 -56.32 4.82
N ALA I 426 -29.23 -57.65 4.72
CA ALA I 426 -30.00 -58.53 5.59
C ALA I 426 -29.48 -58.54 7.02
N VAL I 427 -28.32 -57.94 7.29
CA VAL I 427 -27.75 -57.93 8.63
C VAL I 427 -28.59 -57.02 9.51
N GLU I 428 -28.97 -57.53 10.68
CA GLU I 428 -29.81 -56.77 11.60
C GLU I 428 -28.95 -55.93 12.54
N ALA I 429 -29.27 -54.64 12.62
CA ALA I 429 -28.57 -53.74 13.52
C ALA I 429 -29.45 -52.53 13.77
N GLU I 430 -29.07 -51.73 14.76
CA GLU I 430 -29.84 -50.56 15.15
C GLU I 430 -28.91 -49.38 15.34
N GLY I 431 -29.47 -48.18 15.18
CA GLY I 431 -28.73 -46.96 15.46
C GLY I 431 -27.53 -46.80 14.54
N ASP I 432 -26.42 -46.35 15.13
CA ASP I 432 -25.23 -46.07 14.33
C ASP I 432 -24.66 -47.32 13.71
N VAL I 433 -24.90 -48.48 14.32
CA VAL I 433 -24.48 -49.74 13.70
C VAL I 433 -25.22 -49.93 12.38
N ALA I 434 -26.53 -49.70 12.38
CA ALA I 434 -27.30 -49.77 11.14
C ALA I 434 -26.85 -48.68 10.17
N THR I 435 -26.47 -47.51 10.69
CA THR I 435 -25.97 -46.45 9.83
C THR I 435 -24.71 -46.88 9.10
N GLY I 436 -23.77 -47.49 9.82
CA GLY I 436 -22.58 -48.01 9.18
C GLY I 436 -22.88 -49.12 8.21
N ILE I 437 -23.88 -49.95 8.53
CA ILE I 437 -24.30 -50.99 7.58
C ILE I 437 -24.77 -50.35 6.27
N LYS I 438 -25.61 -49.32 6.38
CA LYS I 438 -26.07 -48.63 5.17
C LYS I 438 -24.90 -47.96 4.46
N ILE I 439 -23.92 -47.46 5.22
CA ILE I 439 -22.74 -46.83 4.62
C ILE I 439 -22.01 -47.83 3.74
N VAL I 440 -21.75 -49.01 4.28
CA VAL I 440 -21.06 -50.04 3.50
C VAL I 440 -21.90 -50.49 2.32
N VAL I 441 -23.22 -50.59 2.52
CA VAL I 441 -24.11 -50.99 1.43
C VAL I 441 -24.01 -50.00 0.29
N ARG I 442 -24.02 -48.71 0.60
CA ARG I 442 -23.89 -47.68 -0.43
C ARG I 442 -22.53 -47.73 -1.10
N ALA I 443 -21.46 -47.91 -0.31
CA ALA I 443 -20.12 -47.81 -0.86
C ALA I 443 -19.75 -49.02 -1.71
N LEU I 444 -20.37 -50.17 -1.44
CA LEU I 444 -20.01 -51.38 -2.19
C LEU I 444 -20.28 -51.25 -3.68
N GLU I 445 -21.12 -50.31 -4.09
CA GLU I 445 -21.42 -50.11 -5.50
C GLU I 445 -20.37 -49.28 -6.23
N GLU I 446 -19.38 -48.75 -5.52
CA GLU I 446 -18.45 -47.81 -6.16
C GLU I 446 -17.64 -48.41 -7.29
N PRO I 447 -17.03 -49.58 -7.17
CA PRO I 447 -16.20 -50.07 -8.29
C PRO I 447 -16.95 -50.25 -9.59
N ILE I 448 -18.11 -50.91 -9.54
CA ILE I 448 -18.86 -51.14 -10.78
C ILE I 448 -19.33 -49.83 -11.38
N ARG I 449 -19.81 -48.91 -10.54
CA ARG I 449 -20.25 -47.62 -11.04
C ARG I 449 -19.11 -46.86 -11.68
N GLN I 450 -17.94 -46.87 -11.05
CA GLN I 450 -16.79 -46.16 -11.60
C GLN I 450 -16.34 -46.77 -12.91
N ILE I 451 -16.32 -48.10 -13.00
CA ILE I 451 -15.95 -48.77 -14.24
C ILE I 451 -16.93 -48.40 -15.35
N ALA I 452 -18.22 -48.41 -15.04
CA ALA I 452 -19.22 -48.06 -16.04
C ALA I 452 -19.05 -46.61 -16.50
N GLU I 453 -18.76 -45.71 -15.57
CA GLU I 453 -18.58 -44.31 -15.93
C GLU I 453 -17.35 -44.11 -16.81
N ASN I 454 -16.27 -44.82 -16.51
CA ASN I 454 -15.06 -44.67 -17.33
C ASN I 454 -15.31 -45.09 -18.77
N ALA I 455 -16.18 -46.07 -18.99
CA ALA I 455 -16.54 -46.50 -20.33
C ALA I 455 -17.60 -45.62 -20.96
N GLY I 456 -18.06 -44.59 -20.25
CA GLY I 456 -19.05 -43.67 -20.78
C GLY I 456 -20.48 -44.04 -20.51
N TYR I 457 -20.75 -45.22 -19.97
CA TYR I 457 -22.10 -45.64 -19.63
C TYR I 457 -22.49 -45.03 -18.29
N GLU I 458 -23.79 -44.82 -18.10
CA GLU I 458 -24.28 -44.29 -16.84
C GLU I 458 -24.15 -45.32 -15.73
N GLY I 459 -23.46 -44.94 -14.65
CA GLY I 459 -23.22 -45.88 -13.57
C GLY I 459 -24.49 -46.31 -12.85
N SER I 460 -25.38 -45.36 -12.59
CA SER I 460 -26.59 -45.68 -11.84
C SER I 460 -27.46 -46.68 -12.60
N VAL I 461 -27.59 -46.50 -13.91
CA VAL I 461 -28.35 -47.44 -14.71
C VAL I 461 -27.75 -48.83 -14.64
N ILE I 462 -26.42 -48.92 -14.75
CA ILE I 462 -25.75 -50.21 -14.68
C ILE I 462 -25.98 -50.86 -13.32
N VAL I 463 -25.88 -50.08 -12.25
CA VAL I 463 -26.08 -50.62 -10.91
C VAL I 463 -27.50 -51.15 -10.76
N ASP I 464 -28.48 -50.36 -11.18
CA ASP I 464 -29.87 -50.77 -11.01
C ASP I 464 -30.18 -52.03 -11.82
N LYS I 465 -29.70 -52.08 -13.06
CA LYS I 465 -29.95 -53.26 -13.87
C LYS I 465 -29.24 -54.48 -13.30
N LEU I 466 -28.02 -54.30 -12.81
CA LEU I 466 -27.26 -55.41 -12.23
C LEU I 466 -27.96 -55.97 -11.00
N LYS I 467 -28.59 -55.09 -10.22
CA LYS I 467 -29.27 -55.57 -9.01
C LYS I 467 -30.47 -56.45 -9.32
N ASN I 468 -30.93 -56.50 -10.58
CA ASN I 468 -32.13 -57.23 -10.93
C ASN I 468 -31.90 -58.30 -11.98
N VAL I 469 -30.67 -58.69 -12.24
CA VAL I 469 -30.37 -59.76 -13.17
C VAL I 469 -29.97 -61.00 -12.39
N GLU I 470 -29.96 -62.14 -13.08
CA GLU I 470 -29.61 -63.41 -12.46
C GLU I 470 -28.15 -63.40 -12.01
N LEU I 471 -27.87 -64.09 -10.91
CA LEU I 471 -26.51 -64.22 -10.42
C LEU I 471 -25.63 -64.87 -11.47
N GLY I 472 -24.39 -64.38 -11.59
CA GLY I 472 -23.48 -64.84 -12.59
C GLY I 472 -23.53 -64.05 -13.89
N THR I 473 -24.53 -63.19 -14.05
CA THR I 473 -24.66 -62.34 -15.22
C THR I 473 -24.39 -60.91 -14.80
N GLY I 474 -23.38 -60.29 -15.39
CA GLY I 474 -23.02 -58.94 -15.03
C GLY I 474 -22.94 -58.01 -16.21
N PHE I 475 -22.12 -56.97 -16.12
CA PHE I 475 -21.97 -56.00 -17.18
C PHE I 475 -20.56 -56.09 -17.76
N ASN I 476 -20.47 -56.28 -19.07
CA ASN I 476 -19.19 -56.29 -19.77
C ASN I 476 -18.87 -54.87 -20.20
N ALA I 477 -17.91 -54.25 -19.52
CA ALA I 477 -17.55 -52.87 -19.84
C ALA I 477 -16.90 -52.76 -21.22
N ALA I 478 -16.23 -53.81 -21.67
CA ALA I 478 -15.55 -53.75 -22.96
C ALA I 478 -16.55 -53.60 -24.11
N THR I 479 -17.69 -54.31 -24.03
CA THR I 479 -18.66 -54.31 -25.12
C THR I 479 -19.97 -53.61 -24.78
N GLY I 480 -20.23 -53.36 -23.49
CA GLY I 480 -21.50 -52.79 -23.12
C GLY I 480 -22.66 -53.75 -23.19
N GLU I 481 -22.39 -55.05 -23.23
CA GLU I 481 -23.42 -56.07 -23.31
C GLU I 481 -23.45 -56.89 -22.03
N TRP I 482 -24.66 -57.27 -21.63
CA TRP I 482 -24.87 -58.04 -20.41
C TRP I 482 -24.74 -59.52 -20.75
N VAL I 483 -23.60 -60.10 -20.38
CA VAL I 483 -23.30 -61.50 -20.68
C VAL I 483 -22.92 -62.21 -19.39
N ASN I 484 -22.60 -63.49 -19.52
CA ASN I 484 -22.08 -64.29 -18.40
C ASN I 484 -20.58 -64.06 -18.28
N MET I 485 -20.15 -63.50 -17.15
CA MET I 485 -18.72 -63.23 -16.96
C MET I 485 -17.93 -64.53 -16.98
N VAL I 486 -18.45 -65.58 -16.33
CA VAL I 486 -17.76 -66.85 -16.30
C VAL I 486 -17.59 -67.40 -17.70
N GLU I 487 -18.64 -67.31 -18.52
CA GLU I 487 -18.54 -67.71 -19.92
C GLU I 487 -17.68 -66.73 -20.70
N ALA I 488 -17.79 -65.45 -20.41
CA ALA I 488 -17.03 -64.43 -21.13
C ALA I 488 -15.62 -64.26 -20.60
N GLY I 489 -15.24 -64.96 -19.54
CA GLY I 489 -13.89 -64.90 -19.04
C GLY I 489 -13.57 -63.69 -18.19
N ILE I 490 -14.56 -62.87 -17.85
CA ILE I 490 -14.33 -61.70 -16.99
C ILE I 490 -14.44 -62.20 -15.56
N VAL I 491 -13.33 -62.74 -15.05
CA VAL I 491 -13.29 -63.38 -13.74
C VAL I 491 -12.11 -62.84 -12.95
N ASP I 492 -12.30 -62.71 -11.64
CA ASP I 492 -11.30 -62.19 -10.73
C ASP I 492 -11.10 -63.11 -9.54
N PRO I 493 -9.88 -63.20 -9.01
CA PRO I 493 -9.66 -64.04 -7.83
C PRO I 493 -10.48 -63.58 -6.64
N THR I 494 -10.99 -64.55 -5.89
CA THR I 494 -11.72 -64.23 -4.66
C THR I 494 -10.81 -63.56 -3.65
N LYS I 495 -9.58 -64.04 -3.54
CA LYS I 495 -8.64 -63.52 -2.56
C LYS I 495 -8.36 -62.04 -2.75
N VAL I 496 -8.17 -61.61 -4.00
CA VAL I 496 -7.86 -60.21 -4.25
C VAL I 496 -8.99 -59.32 -3.76
N THR I 497 -10.23 -59.64 -4.15
CA THR I 497 -11.36 -58.80 -3.77
C THR I 497 -11.58 -58.80 -2.27
N ARG I 498 -11.52 -59.98 -1.64
CA ARG I 498 -11.75 -60.03 -0.20
C ARG I 498 -10.66 -59.30 0.58
N SER I 499 -9.40 -59.42 0.14
CA SER I 499 -8.33 -58.72 0.80
C SER I 499 -8.47 -57.22 0.63
N ALA I 500 -8.84 -56.77 -0.57
CA ALA I 500 -9.03 -55.34 -0.79
C ALA I 500 -10.14 -54.81 0.10
N LEU I 501 -11.25 -55.53 0.18
CA LEU I 501 -12.36 -55.07 1.02
C LEU I 501 -11.95 -55.02 2.48
N GLN I 502 -11.26 -56.06 2.95
CA GLN I 502 -10.84 -56.09 4.36
C GLN I 502 -9.92 -54.92 4.67
N ASN I 503 -8.91 -54.70 3.83
CA ASN I 503 -7.96 -53.61 4.06
C ASN I 503 -8.68 -52.26 4.05
N ALA I 504 -9.53 -52.04 3.04
CA ALA I 504 -10.21 -50.76 2.93
C ALA I 504 -11.10 -50.51 4.14
N ALA I 505 -11.87 -51.52 4.56
CA ALA I 505 -12.75 -51.35 5.71
C ALA I 505 -11.95 -51.06 6.97
N SER I 506 -10.88 -51.82 7.21
CA SER I 506 -10.10 -51.62 8.43
C SER I 506 -9.51 -50.22 8.49
N VAL I 507 -8.91 -49.78 7.38
CA VAL I 507 -8.24 -48.48 7.40
C VAL I 507 -9.25 -47.35 7.45
N SER I 508 -10.40 -47.52 6.79
CA SER I 508 -11.46 -46.53 6.91
C SER I 508 -11.95 -46.42 8.35
N ALA I 509 -12.10 -47.55 9.03
CA ALA I 509 -12.50 -47.52 10.43
C ALA I 509 -11.46 -46.80 11.28
N LEU I 510 -10.18 -47.07 11.02
CA LEU I 510 -9.13 -46.39 11.78
C LEU I 510 -9.17 -44.88 11.55
N LEU I 511 -9.39 -44.45 10.31
CA LEU I 511 -9.38 -43.03 10.01
C LEU I 511 -10.61 -42.33 10.59
N LEU I 512 -11.77 -42.97 10.53
CA LEU I 512 -12.99 -42.30 11.01
C LEU I 512 -12.93 -41.98 12.49
N THR I 513 -12.15 -42.74 13.26
CA THR I 513 -12.05 -42.51 14.70
C THR I 513 -10.98 -41.50 15.07
N THR I 514 -10.27 -40.95 14.08
CA THR I 514 -9.21 -39.99 14.36
C THR I 514 -9.78 -38.70 14.93
N GLU I 515 -9.12 -38.16 15.95
CA GLU I 515 -9.54 -36.91 16.57
C GLU I 515 -8.50 -35.81 16.57
N ALA I 516 -7.22 -36.14 16.69
CA ALA I 516 -6.18 -35.13 16.71
C ALA I 516 -5.06 -35.53 15.76
N VAL I 517 -4.66 -34.59 14.91
CA VAL I 517 -3.62 -34.82 13.92
C VAL I 517 -2.43 -33.94 14.25
N VAL I 518 -1.27 -34.56 14.43
CA VAL I 518 -0.03 -33.86 14.71
C VAL I 518 0.90 -34.03 13.51
N ALA I 519 1.32 -32.92 12.93
CA ALA I 519 2.16 -32.96 11.74
C ALA I 519 3.15 -31.81 11.79
N ASP I 520 4.21 -31.95 11.00
CA ASP I 520 5.25 -30.93 10.95
C ASP I 520 4.72 -29.68 10.28
N LYS I 521 4.98 -28.53 10.88
CA LYS I 521 4.60 -27.27 10.29
C LYS I 521 5.46 -26.99 9.07
N PRO I 522 4.86 -26.53 7.96
CA PRO I 522 5.68 -26.15 6.81
C PRO I 522 6.66 -25.05 7.16
N GLU I 523 7.87 -25.17 6.64
CA GLU I 523 8.90 -24.18 6.96
C GLU I 523 8.72 -22.94 6.09
N PRO I 524 8.61 -21.75 6.68
CA PRO I 524 8.46 -20.49 5.94
C PRO I 524 9.72 -20.12 5.17
N MET J 1 -35.32 -3.69 -6.05
CA MET J 1 -33.95 -3.35 -6.45
C MET J 1 -33.18 -4.60 -6.89
N ALA J 2 -31.86 -4.50 -7.01
CA ALA J 2 -31.06 -5.63 -7.42
C ALA J 2 -31.19 -6.79 -6.43
N LYS J 3 -31.27 -8.00 -6.97
CA LYS J 3 -31.36 -9.19 -6.15
C LYS J 3 -29.98 -9.86 -6.03
N GLU J 4 -29.89 -10.81 -5.11
CA GLU J 4 -28.64 -11.49 -4.81
C GLU J 4 -28.86 -12.99 -4.67
N LEU J 5 -29.53 -13.57 -5.67
CA LEU J 5 -29.95 -14.97 -5.65
C LEU J 5 -28.86 -15.88 -5.11
N LYS J 6 -29.22 -16.69 -4.13
CA LYS J 6 -28.29 -17.61 -3.49
C LYS J 6 -28.97 -18.95 -3.32
N PHE J 7 -28.23 -20.03 -3.57
CA PHE J 7 -28.85 -21.36 -3.57
C PHE J 7 -28.13 -22.32 -2.63
N ALA J 8 -28.50 -23.59 -2.73
CA ALA J 8 -27.82 -24.69 -2.04
C ALA J 8 -27.80 -24.51 -0.53
N GLU J 9 -26.66 -24.81 0.09
CA GLU J 9 -26.57 -24.91 1.54
C GLU J 9 -26.30 -23.60 2.24
N ASP J 10 -25.41 -22.76 1.70
CA ASP J 10 -25.00 -21.57 2.43
C ASP J 10 -26.16 -20.58 2.58
N ALA J 11 -27.16 -20.66 1.71
CA ALA J 11 -28.41 -19.94 1.95
C ALA J 11 -29.06 -20.43 3.23
N ARG J 12 -29.19 -21.75 3.37
CA ARG J 12 -29.70 -22.31 4.60
C ARG J 12 -28.78 -21.99 5.78
N ALA J 13 -27.47 -21.88 5.51
CA ALA J 13 -26.54 -21.50 6.56
C ALA J 13 -26.84 -20.10 7.08
N ALA J 14 -27.11 -19.17 6.16
CA ALA J 14 -27.46 -17.81 6.58
C ALA J 14 -28.78 -17.77 7.32
N MET J 15 -29.77 -18.53 6.83
CA MET J 15 -31.03 -18.62 7.55
C MET J 15 -30.82 -19.14 8.97
N LEU J 16 -30.00 -20.17 9.10
CA LEU J 16 -29.69 -20.73 10.41
C LEU J 16 -28.99 -19.71 11.30
N ARG J 17 -28.07 -18.94 10.73
CA ARG J 17 -27.39 -17.92 11.52
C ARG J 17 -28.36 -16.90 12.06
N GLY J 18 -29.29 -16.43 11.21
CA GLY J 18 -30.28 -15.49 11.69
C GLY J 18 -31.15 -16.06 12.79
N VAL J 19 -31.63 -17.30 12.58
CA VAL J 19 -32.48 -17.92 13.58
C VAL J 19 -31.71 -18.12 14.88
N ASP J 20 -30.43 -18.49 14.79
CA ASP J 20 -29.62 -18.67 15.98
C ASP J 20 -29.43 -17.36 16.73
N LYS J 21 -29.21 -16.26 16.01
CA LYS J 21 -29.09 -14.98 16.69
C LYS J 21 -30.38 -14.65 17.43
N LEU J 22 -31.52 -14.80 16.77
CA LEU J 22 -32.78 -14.48 17.42
C LEU J 22 -33.02 -15.38 18.62
N ALA J 23 -32.73 -16.68 18.49
CA ALA J 23 -32.95 -17.60 19.59
C ALA J 23 -32.02 -17.31 20.76
N ASP J 24 -30.76 -16.98 20.48
CA ASP J 24 -29.84 -16.65 21.55
C ASP J 24 -30.25 -15.35 22.24
N THR J 25 -30.92 -14.45 21.53
CA THR J 25 -31.41 -13.25 22.20
C THR J 25 -32.65 -13.54 23.03
N VAL J 26 -33.51 -14.46 22.59
CA VAL J 26 -34.80 -14.65 23.25
C VAL J 26 -34.73 -15.67 24.38
N LYS J 27 -34.15 -16.84 24.12
CA LYS J 27 -34.32 -17.99 25.01
C LYS J 27 -33.78 -17.77 26.41
N VAL J 28 -32.89 -16.78 26.60
CA VAL J 28 -32.33 -16.56 27.92
C VAL J 28 -33.39 -16.10 28.92
N THR J 29 -34.53 -15.61 28.44
CA THR J 29 -35.62 -15.19 29.30
C THR J 29 -36.58 -16.31 29.64
N LEU J 30 -36.38 -17.50 29.09
CA LEU J 30 -37.30 -18.60 29.30
C LEU J 30 -37.24 -19.09 30.75
N GLY J 31 -38.41 -19.46 31.28
CA GLY J 31 -38.50 -20.02 32.61
C GLY J 31 -38.65 -18.98 33.69
N PRO J 32 -39.05 -19.40 34.88
CA PRO J 32 -39.19 -18.46 35.99
C PRO J 32 -37.90 -17.76 36.35
N LYS J 33 -36.76 -18.45 36.23
CA LYS J 33 -35.45 -17.87 36.54
C LYS J 33 -34.81 -17.21 35.33
N GLY J 34 -35.61 -16.69 34.41
CA GLY J 34 -35.05 -16.09 33.22
C GLY J 34 -34.21 -14.87 33.54
N ARG J 35 -33.17 -14.66 32.76
CA ARG J 35 -32.30 -13.50 32.93
C ARG J 35 -32.78 -12.34 32.06
N ASN J 36 -32.35 -11.15 32.42
CA ASN J 36 -32.84 -9.93 31.80
C ASN J 36 -32.04 -9.58 30.55
N VAL J 37 -32.71 -8.91 29.62
CA VAL J 37 -32.11 -8.43 28.38
C VAL J 37 -32.36 -6.94 28.26
N VAL J 38 -31.35 -6.20 27.82
CA VAL J 38 -31.43 -4.75 27.70
C VAL J 38 -31.72 -4.39 26.24
N LEU J 39 -32.72 -3.56 26.03
CA LEU J 39 -33.09 -3.09 24.70
C LEU J 39 -32.84 -1.59 24.61
N GLU J 40 -32.26 -1.16 23.49
CA GLU J 40 -32.00 0.25 23.26
C GLU J 40 -33.28 0.96 22.85
N LYS J 41 -33.36 2.24 23.19
CA LYS J 41 -34.48 3.09 22.81
C LYS J 41 -33.95 4.39 22.22
N SER J 42 -34.71 4.93 21.27
CA SER J 42 -34.30 6.18 20.62
C SER J 42 -34.26 7.32 21.61
N TYR J 43 -35.25 7.41 22.49
CA TYR J 43 -35.32 8.47 23.49
C TYR J 43 -35.57 7.85 24.86
N GLY J 44 -35.09 8.53 25.89
CA GLY J 44 -35.27 8.07 27.25
C GLY J 44 -34.30 6.98 27.62
N SER J 45 -34.43 6.52 28.86
CA SER J 45 -33.56 5.47 29.36
C SER J 45 -33.85 4.16 28.65
N PRO J 46 -32.84 3.31 28.48
CA PRO J 46 -33.08 2.00 27.87
C PRO J 46 -33.96 1.14 28.75
N LEU J 47 -34.73 0.27 28.11
CA LEU J 47 -35.66 -0.60 28.80
C LEU J 47 -35.01 -1.95 29.07
N ILE J 48 -35.08 -2.40 30.33
CA ILE J 48 -34.59 -3.71 30.73
C ILE J 48 -35.81 -4.58 30.99
N THR J 49 -35.85 -5.74 30.36
CA THR J 49 -37.01 -6.61 30.47
C THR J 49 -36.60 -8.06 30.22
N ASN J 50 -37.48 -8.97 30.66
CA ASN J 50 -37.35 -10.39 30.38
C ASN J 50 -38.57 -10.92 29.64
N ASP J 51 -39.34 -10.04 29.01
CA ASP J 51 -40.51 -10.41 28.23
C ASP J 51 -40.06 -10.83 26.83
N GLY J 52 -40.38 -12.08 26.46
CA GLY J 52 -39.86 -12.61 25.21
C GLY J 52 -40.40 -11.91 23.98
N VAL J 53 -41.72 -11.65 23.96
CA VAL J 53 -42.35 -11.17 22.73
C VAL J 53 -41.84 -9.78 22.38
N THR J 54 -41.65 -8.91 23.37
CA THR J 54 -41.13 -7.57 23.09
C THR J 54 -39.74 -7.63 22.49
N ILE J 55 -38.86 -8.47 23.06
CA ILE J 55 -37.51 -8.60 22.55
C ILE J 55 -37.52 -9.14 21.14
N ALA J 56 -38.36 -10.13 20.87
CA ALA J 56 -38.47 -10.66 19.52
C ALA J 56 -38.93 -9.59 18.55
N LYS J 57 -39.86 -8.74 18.99
CA LYS J 57 -40.34 -7.66 18.13
C LYS J 57 -39.23 -6.67 17.82
N GLU J 58 -38.40 -6.35 18.81
CA GLU J 58 -37.38 -5.31 18.63
C GLU J 58 -36.19 -5.76 17.80
N ILE J 59 -36.08 -7.04 17.47
CA ILE J 59 -34.89 -7.54 16.79
C ILE J 59 -34.97 -7.21 15.30
N GLU J 60 -33.89 -6.67 14.76
CA GLU J 60 -33.76 -6.40 13.33
C GLU J 60 -32.29 -6.46 12.97
N LEU J 61 -31.95 -7.33 12.02
CA LEU J 61 -30.56 -7.62 11.69
C LEU J 61 -30.16 -6.95 10.38
N GLU J 62 -28.90 -6.55 10.30
CA GLU J 62 -28.40 -5.87 9.11
C GLU J 62 -28.26 -6.84 7.94
N ASP J 63 -27.72 -8.03 8.19
CA ASP J 63 -27.64 -9.04 7.14
C ASP J 63 -29.04 -9.40 6.66
N HIS J 64 -29.24 -9.35 5.34
CA HIS J 64 -30.58 -9.52 4.79
C HIS J 64 -31.12 -10.93 5.02
N PHE J 65 -30.27 -11.95 4.85
CA PHE J 65 -30.74 -13.32 5.04
C PHE J 65 -30.98 -13.61 6.51
N GLU J 66 -30.09 -13.14 7.39
CA GLU J 66 -30.35 -13.27 8.82
C GLU J 66 -31.60 -12.50 9.21
N ASN J 67 -31.81 -11.33 8.60
CA ASN J 67 -33.06 -10.61 8.82
C ASN J 67 -34.25 -11.44 8.36
N MET J 68 -34.08 -12.19 7.28
CA MET J 68 -35.14 -13.04 6.78
C MET J 68 -35.51 -14.09 7.82
N GLY J 69 -34.49 -14.76 8.37
CA GLY J 69 -34.75 -15.75 9.41
C GLY J 69 -35.41 -15.15 10.64
N ALA J 70 -34.93 -13.98 11.07
CA ALA J 70 -35.52 -13.34 12.23
C ALA J 70 -36.99 -12.99 11.98
N LYS J 71 -37.30 -12.44 10.81
CA LYS J 71 -38.68 -12.08 10.52
C LYS J 71 -39.56 -13.32 10.43
N LEU J 72 -39.05 -14.40 9.85
CA LEU J 72 -39.81 -15.64 9.80
C LEU J 72 -40.17 -16.12 11.20
N VAL J 73 -39.16 -16.26 12.07
CA VAL J 73 -39.44 -16.78 13.40
C VAL J 73 -40.34 -15.82 14.19
N SER J 74 -40.19 -14.52 13.98
CA SER J 74 -41.08 -13.56 14.65
C SER J 74 -42.52 -13.76 14.20
N GLU J 75 -42.74 -13.95 12.90
CA GLU J 75 -44.11 -14.18 12.43
C GLU J 75 -44.65 -15.50 12.96
N VAL J 76 -43.78 -16.48 13.20
CA VAL J 76 -44.23 -17.71 13.85
C VAL J 76 -44.73 -17.40 15.26
N ALA J 77 -43.92 -16.68 16.03
CA ALA J 77 -44.30 -16.36 17.41
C ALA J 77 -45.57 -15.51 17.44
N SER J 78 -45.82 -14.78 16.35
CA SER J 78 -47.02 -13.95 16.27
C SER J 78 -48.28 -14.79 16.38
N LYS J 79 -48.29 -15.96 15.74
CA LYS J 79 -49.48 -16.81 15.77
C LYS J 79 -49.75 -17.40 17.15
N THR J 80 -48.80 -17.29 18.08
CA THR J 80 -48.92 -17.95 19.37
C THR J 80 -49.00 -16.99 20.55
N ASN J 81 -48.43 -15.79 20.45
CA ASN J 81 -48.42 -14.90 21.62
C ASN J 81 -49.82 -14.43 21.98
N ASP J 82 -50.79 -14.63 21.09
CA ASP J 82 -52.16 -14.18 21.36
C ASP J 82 -52.69 -14.79 22.65
N ILE J 83 -52.49 -16.10 22.81
CA ILE J 83 -52.92 -16.76 24.04
C ILE J 83 -51.77 -16.77 25.04
N ALA J 84 -52.09 -16.53 26.31
CA ALA J 84 -51.10 -16.41 27.38
C ALA J 84 -50.01 -15.41 27.02
N GLY J 85 -48.81 -15.60 27.57
CA GLY J 85 -47.70 -14.73 27.27
C GLY J 85 -46.37 -15.44 27.21
N ASP J 86 -46.40 -16.77 27.26
CA ASP J 86 -45.17 -17.57 27.26
C ASP J 86 -45.02 -18.45 26.02
N GLY J 87 -46.10 -18.72 25.30
CA GLY J 87 -46.02 -19.55 24.11
C GLY J 87 -45.27 -18.94 22.96
N THR J 88 -44.93 -17.66 23.05
CA THR J 88 -44.15 -16.98 22.02
C THR J 88 -42.66 -17.24 22.15
N THR J 89 -42.22 -17.94 23.19
CA THR J 89 -40.81 -18.20 23.42
C THR J 89 -40.43 -19.65 23.17
N THR J 90 -41.19 -20.59 23.73
CA THR J 90 -40.87 -22.01 23.55
C THR J 90 -40.87 -22.38 22.07
N ALA J 91 -41.76 -21.75 21.29
CA ALA J 91 -41.81 -22.00 19.86
C ALA J 91 -40.47 -21.66 19.21
N THR J 92 -39.88 -20.54 19.60
CA THR J 92 -38.60 -20.13 19.04
C THR J 92 -37.51 -21.13 19.37
N VAL J 93 -37.47 -21.59 20.63
CA VAL J 93 -36.44 -22.53 21.04
C VAL J 93 -36.56 -23.84 20.27
N LEU J 94 -37.78 -24.37 20.18
CA LEU J 94 -37.99 -25.61 19.45
C LEU J 94 -37.63 -25.43 17.97
N THR J 95 -38.01 -24.29 17.40
CA THR J 95 -37.69 -24.03 16.00
C THR J 95 -36.19 -24.02 15.78
N GLN J 96 -35.45 -23.34 16.66
CA GLN J 96 -34.01 -23.30 16.52
C GLN J 96 -33.40 -24.70 16.59
N ALA J 97 -33.82 -25.49 17.57
CA ALA J 97 -33.25 -26.82 17.74
C ALA J 97 -33.53 -27.68 16.51
N ILE J 98 -34.79 -27.71 16.08
CA ILE J 98 -35.17 -28.56 14.95
C ILE J 98 -34.42 -28.12 13.70
N VAL J 99 -34.36 -26.81 13.45
CA VAL J 99 -33.70 -26.31 12.24
C VAL J 99 -32.22 -26.68 12.25
N ARG J 100 -31.55 -26.49 13.40
CA ARG J 100 -30.12 -26.78 13.46
C ARG J 100 -29.83 -28.25 13.18
N GLU J 101 -30.51 -29.13 13.91
CA GLU J 101 -30.22 -30.56 13.76
C GLU J 101 -30.65 -31.05 12.38
N GLY J 102 -31.77 -30.54 11.86
CA GLY J 102 -32.21 -30.94 10.53
C GLY J 102 -31.26 -30.49 9.45
N LEU J 103 -30.72 -29.27 9.58
CA LEU J 103 -29.73 -28.81 8.61
C LEU J 103 -28.50 -29.69 8.65
N LYS J 104 -28.05 -30.04 9.85
CA LYS J 104 -26.87 -30.90 9.96
C LYS J 104 -27.13 -32.25 9.31
N ASN J 105 -28.32 -32.83 9.52
CA ASN J 105 -28.63 -34.12 8.90
C ASN J 105 -28.75 -34.00 7.39
N VAL J 106 -29.36 -32.92 6.91
CA VAL J 106 -29.55 -32.75 5.47
C VAL J 106 -28.21 -32.59 4.77
N THR J 107 -27.24 -31.96 5.45
CA THR J 107 -25.91 -31.80 4.88
C THR J 107 -25.29 -33.14 4.51
N ALA J 108 -25.67 -34.21 5.22
CA ALA J 108 -25.15 -35.54 4.98
C ALA J 108 -26.10 -36.40 4.17
N GLY J 109 -26.82 -35.81 3.22
CA GLY J 109 -27.80 -36.53 2.44
C GLY J 109 -29.19 -36.32 3.01
N ALA J 110 -29.86 -37.43 3.38
CA ALA J 110 -31.11 -37.34 4.14
C ALA J 110 -32.14 -36.48 3.44
N ASN J 111 -32.69 -36.97 2.32
CA ASN J 111 -33.66 -36.29 1.48
C ASN J 111 -34.63 -35.48 2.33
N PRO J 112 -34.68 -34.16 2.14
CA PRO J 112 -35.45 -33.31 3.07
C PRO J 112 -36.93 -33.62 3.13
N LEU J 113 -37.51 -34.16 2.06
CA LEU J 113 -38.94 -34.49 2.09
C LEU J 113 -39.22 -35.56 3.15
N GLY J 114 -38.36 -36.56 3.25
CA GLY J 114 -38.52 -37.55 4.30
C GLY J 114 -38.42 -36.93 5.68
N ILE J 115 -37.51 -35.97 5.85
CA ILE J 115 -37.37 -35.29 7.13
C ILE J 115 -38.65 -34.54 7.47
N ARG J 116 -39.23 -33.85 6.48
CA ARG J 116 -40.47 -33.12 6.73
C ARG J 116 -41.60 -34.08 7.09
N ARG J 117 -41.69 -35.21 6.38
CA ARG J 117 -42.73 -36.19 6.68
C ARG J 117 -42.57 -36.71 8.10
N GLY J 118 -41.34 -37.06 8.49
CA GLY J 118 -41.11 -37.55 9.84
C GLY J 118 -41.42 -36.53 10.90
N ILE J 119 -41.05 -35.26 10.64
CA ILE J 119 -41.36 -34.20 11.60
C ILE J 119 -42.86 -34.06 11.77
N GLU J 120 -43.60 -34.07 10.65
CA GLU J 120 -45.05 -33.95 10.75
C GLU J 120 -45.66 -35.12 11.50
N LEU J 121 -45.20 -36.34 11.23
CA LEU J 121 -45.73 -37.50 11.93
C LEU J 121 -45.46 -37.43 13.43
N ALA J 122 -44.23 -37.07 13.80
CA ALA J 122 -43.88 -36.96 15.20
C ALA J 122 -44.70 -35.87 15.89
N THR J 123 -44.89 -34.74 15.22
CA THR J 123 -45.69 -33.66 15.79
C THR J 123 -47.13 -34.07 15.98
N LYS J 124 -47.70 -34.78 15.00
CA LYS J 124 -49.07 -35.25 15.14
C LYS J 124 -49.20 -36.21 16.31
N ALA J 125 -48.26 -37.15 16.43
CA ALA J 125 -48.30 -38.08 17.55
C ALA J 125 -48.16 -37.35 18.88
N ALA J 126 -47.29 -36.36 18.94
CA ALA J 126 -47.10 -35.60 20.17
C ALA J 126 -48.36 -34.83 20.54
N VAL J 127 -49.03 -34.23 19.56
CA VAL J 127 -50.27 -33.51 19.83
C VAL J 127 -51.33 -34.48 20.35
N GLU J 128 -51.42 -35.65 19.73
CA GLU J 128 -52.37 -36.66 20.20
C GLU J 128 -52.08 -37.05 21.64
N GLU J 129 -50.80 -37.27 21.97
CA GLU J 129 -50.45 -37.64 23.33
C GLU J 129 -50.76 -36.52 24.32
N LEU J 130 -50.49 -35.27 23.93
CA LEU J 130 -50.80 -34.15 24.81
C LEU J 130 -52.30 -34.07 25.09
N HIS J 131 -53.12 -34.25 24.05
CA HIS J 131 -54.56 -34.32 24.28
C HIS J 131 -54.95 -35.53 25.10
N ASN J 132 -54.12 -36.58 25.11
CA ASN J 132 -54.41 -37.76 25.90
C ASN J 132 -54.19 -37.50 27.39
N ILE J 133 -52.96 -37.17 27.78
CA ILE J 133 -52.66 -36.88 29.18
C ILE J 133 -52.93 -35.40 29.43
N SER J 134 -53.94 -35.12 30.24
CA SER J 134 -54.29 -33.74 30.56
C SER J 134 -55.31 -33.76 31.69
N THR J 135 -55.18 -32.80 32.59
CA THR J 135 -56.13 -32.60 33.67
C THR J 135 -57.26 -31.73 33.13
N VAL J 136 -58.39 -32.37 32.80
CA VAL J 136 -59.50 -31.64 32.21
C VAL J 136 -60.05 -30.64 33.22
N VAL J 137 -60.18 -29.39 32.80
CA VAL J 137 -60.66 -28.33 33.68
C VAL J 137 -62.07 -27.94 33.25
N ASP J 138 -63.06 -28.50 33.92
CA ASP J 138 -64.46 -28.19 33.64
C ASP J 138 -65.27 -27.92 34.89
N SER J 139 -64.84 -28.38 36.06
CA SER J 139 -65.56 -28.08 37.29
C SER J 139 -65.47 -26.60 37.62
N LYS J 140 -66.51 -26.09 38.28
CA LYS J 140 -66.56 -24.68 38.64
C LYS J 140 -65.42 -24.33 39.59
N GLU J 141 -65.12 -25.21 40.55
CA GLU J 141 -64.05 -24.95 41.50
C GLU J 141 -62.70 -24.91 40.81
N ALA J 142 -62.45 -25.84 39.89
CA ALA J 142 -61.19 -25.83 39.15
C ALA J 142 -61.08 -24.58 38.29
N ILE J 143 -62.18 -24.16 37.66
CA ILE J 143 -62.17 -22.95 36.87
C ILE J 143 -61.84 -21.75 37.73
N ALA J 144 -62.44 -21.67 38.92
CA ALA J 144 -62.15 -20.58 39.84
C ALA J 144 -60.69 -20.60 40.27
N GLN J 145 -60.14 -21.80 40.52
CA GLN J 145 -58.74 -21.90 40.90
C GLN J 145 -57.83 -21.41 39.78
N VAL J 146 -58.11 -21.82 38.54
CA VAL J 146 -57.28 -21.40 37.41
C VAL J 146 -57.39 -19.89 37.21
N ALA J 147 -58.58 -19.33 37.46
CA ALA J 147 -58.72 -17.89 37.45
C ALA J 147 -58.00 -17.26 38.64
N ALA J 148 -57.70 -18.05 39.67
CA ALA J 148 -57.01 -17.58 40.86
C ALA J 148 -55.51 -17.88 40.82
N VAL J 149 -54.97 -18.23 39.66
CA VAL J 149 -53.54 -18.49 39.51
C VAL J 149 -53.02 -17.57 38.42
N SER J 150 -51.78 -17.78 38.01
CA SER J 150 -51.01 -16.77 37.27
C SER J 150 -50.90 -15.54 38.17
N SER J 151 -51.48 -14.41 37.75
CA SER J 151 -51.61 -13.33 38.70
C SER J 151 -52.86 -13.53 39.53
N GLY J 152 -54.02 -13.41 38.88
CA GLY J 152 -55.30 -13.89 39.38
C GLY J 152 -55.71 -13.48 40.79
N SER J 153 -54.91 -12.61 41.43
CA SER J 153 -54.99 -12.32 42.86
C SER J 153 -55.65 -13.46 43.64
N ASP J 154 -56.75 -13.16 44.29
CA ASP J 154 -57.67 -14.18 44.78
C ASP J 154 -59.11 -13.91 44.40
N LYS J 155 -59.54 -12.64 44.43
CA LYS J 155 -60.92 -12.32 44.14
C LYS J 155 -61.25 -12.56 42.67
N VAL J 156 -60.26 -12.39 41.79
CA VAL J 156 -60.49 -12.57 40.36
C VAL J 156 -60.97 -13.99 40.08
N GLY J 157 -60.51 -14.95 40.89
CA GLY J 157 -60.99 -16.31 40.72
C GLY J 157 -62.50 -16.43 40.84
N HIS J 158 -63.04 -15.93 41.95
CA HIS J 158 -64.49 -16.00 42.15
C HIS J 158 -65.23 -15.11 41.16
N LEU J 159 -64.68 -13.93 40.87
CA LEU J 159 -65.35 -13.02 39.93
C LEU J 159 -65.48 -13.67 38.55
N ILE J 160 -64.37 -14.22 38.05
CA ILE J 160 -64.37 -14.90 36.76
C ILE J 160 -65.26 -16.14 36.82
N ALA J 161 -65.26 -16.85 37.95
CA ALA J 161 -66.13 -18.02 38.08
C ALA J 161 -67.59 -17.63 37.93
N ASP J 162 -68.01 -16.58 38.64
CA ASP J 162 -69.41 -16.19 38.60
C ASP J 162 -69.81 -15.65 37.23
N ALA J 163 -68.96 -14.82 36.62
CA ALA J 163 -69.29 -14.31 35.29
C ALA J 163 -69.30 -15.44 34.26
N MET J 164 -68.28 -16.31 34.31
CA MET J 164 -68.18 -17.53 33.53
C MET J 164 -69.43 -18.38 33.63
N GLU J 165 -70.00 -18.52 34.82
CA GLU J 165 -71.23 -19.27 34.94
C GLU J 165 -72.40 -18.50 34.32
N LYS J 166 -72.52 -17.21 34.66
CA LYS J 166 -73.68 -16.43 34.25
C LYS J 166 -73.79 -16.29 32.75
N VAL J 167 -72.69 -16.03 32.04
CA VAL J 167 -72.72 -15.85 30.60
C VAL J 167 -72.48 -17.14 29.84
N GLY J 168 -72.02 -18.19 30.52
CA GLY J 168 -71.71 -19.45 29.86
C GLY J 168 -70.25 -19.54 29.47
N ASN J 169 -69.91 -20.63 28.80
CA ASN J 169 -68.52 -20.83 28.39
C ASN J 169 -68.11 -19.83 27.31
N ASP J 170 -68.97 -19.62 26.32
CA ASP J 170 -68.68 -18.72 25.21
C ASP J 170 -69.24 -17.32 25.45
N GLY J 171 -69.81 -17.08 26.62
CA GLY J 171 -70.36 -15.77 26.90
C GLY J 171 -69.30 -14.71 26.93
N VAL J 172 -69.70 -13.49 26.57
CA VAL J 172 -68.79 -12.35 26.49
C VAL J 172 -68.61 -11.78 27.87
N ILE J 173 -67.35 -11.62 28.28
CA ILE J 173 -66.98 -11.02 29.55
C ILE J 173 -66.14 -9.78 29.27
N THR J 174 -66.55 -8.66 29.84
CA THR J 174 -65.87 -7.39 29.64
C THR J 174 -65.32 -6.86 30.96
N ILE J 175 -64.23 -6.12 30.87
CA ILE J 175 -63.52 -5.58 32.03
C ILE J 175 -63.54 -4.06 31.94
N GLU J 176 -63.97 -3.41 33.01
CA GLU J 176 -64.09 -1.96 33.05
C GLU J 176 -63.49 -1.42 34.33
N GLU J 177 -63.17 -0.12 34.33
CA GLU J 177 -62.61 0.55 35.49
C GLU J 177 -63.72 1.24 36.27
N SER J 178 -64.05 0.69 37.42
CA SER J 178 -65.04 1.31 38.30
C SER J 178 -64.44 2.54 38.96
N LYS J 179 -65.25 3.60 39.07
CA LYS J 179 -64.80 4.81 39.74
C LYS J 179 -64.62 4.61 41.24
N GLY J 180 -65.25 3.58 41.81
CA GLY J 180 -65.10 3.28 43.22
C GLY J 180 -63.82 2.52 43.51
N ILE J 181 -63.72 2.07 44.76
CA ILE J 181 -62.53 1.34 45.19
C ILE J 181 -62.73 -0.17 45.15
N GLU J 182 -63.94 -0.64 44.84
CA GLU J 182 -64.25 -2.07 44.81
C GLU J 182 -64.47 -2.53 43.38
N THR J 183 -64.02 -3.75 43.10
CA THR J 183 -64.26 -4.39 41.82
C THR J 183 -65.60 -5.11 41.85
N GLU J 184 -66.45 -4.84 40.87
CA GLU J 184 -67.80 -5.37 40.84
C GLU J 184 -68.06 -6.06 39.51
N LEU J 185 -68.96 -7.05 39.55
CA LEU J 185 -69.35 -7.80 38.36
C LEU J 185 -70.78 -7.49 38.00
N ASP J 186 -71.02 -7.17 36.72
CA ASP J 186 -72.34 -6.83 36.22
C ASP J 186 -72.61 -7.58 34.93
N VAL J 187 -73.86 -8.00 34.75
CA VAL J 187 -74.31 -8.67 33.54
C VAL J 187 -75.38 -7.79 32.90
N VAL J 188 -75.13 -7.37 31.66
CA VAL J 188 -76.03 -6.47 30.95
C VAL J 188 -76.31 -7.04 29.56
N GLU J 189 -77.21 -6.37 28.85
CA GLU J 189 -77.51 -6.71 27.47
C GLU J 189 -76.41 -6.16 26.57
N GLY J 190 -75.78 -7.04 25.80
CA GLY J 190 -74.69 -6.66 24.94
C GLY J 190 -74.63 -7.59 23.74
N MET J 191 -73.71 -7.31 22.83
CA MET J 191 -73.58 -8.08 21.62
C MET J 191 -72.12 -8.02 21.16
N GLN J 192 -71.52 -9.19 20.97
CA GLN J 192 -70.19 -9.24 20.38
C GLN J 192 -70.27 -10.12 19.14
N PHE J 193 -69.74 -9.63 18.03
CA PHE J 193 -69.72 -10.37 16.77
C PHE J 193 -68.35 -10.27 16.13
N ASP J 194 -67.99 -11.30 15.38
CA ASP J 194 -66.66 -11.43 14.77
C ASP J 194 -66.54 -10.50 13.56
N ARG J 195 -66.43 -9.21 13.86
CA ARG J 195 -66.18 -8.19 12.84
C ARG J 195 -65.25 -7.14 13.45
N GLY J 196 -64.00 -7.11 12.99
CA GLY J 196 -63.05 -6.13 13.46
C GLY J 196 -63.17 -4.82 12.71
N TYR J 197 -62.32 -3.88 13.10
CA TYR J 197 -62.28 -2.60 12.41
C TYR J 197 -61.79 -2.77 10.99
N LEU J 198 -62.23 -1.84 10.13
CA LEU J 198 -61.80 -1.88 8.73
C LEU J 198 -60.38 -1.39 8.55
N SER J 199 -59.85 -0.62 9.51
CA SER J 199 -58.47 -0.14 9.42
C SER J 199 -57.97 0.16 10.82
N GLN J 200 -56.65 0.17 10.95
CA GLN J 200 -56.00 0.41 12.23
C GLN J 200 -55.93 1.89 12.60
N TYR J 201 -56.34 2.79 11.71
CA TYR J 201 -56.21 4.23 11.97
C TYR J 201 -57.23 4.75 12.98
N MET J 202 -58.40 4.14 13.08
CA MET J 202 -59.39 4.53 14.09
C MET J 202 -59.25 3.74 15.37
N VAL J 203 -58.12 3.07 15.59
CA VAL J 203 -57.87 2.40 16.86
C VAL J 203 -57.70 3.45 17.94
N THR J 204 -58.53 3.37 18.99
CA THR J 204 -58.47 4.34 20.07
C THR J 204 -57.41 3.99 21.09
N ASP J 205 -57.25 2.71 21.41
CA ASP J 205 -56.25 2.24 22.38
C ASP J 205 -55.15 1.53 21.59
N ASN J 206 -54.05 2.26 21.35
CA ASN J 206 -52.95 1.69 20.58
C ASN J 206 -52.31 0.52 21.31
N ASP J 207 -52.15 0.63 22.63
CA ASP J 207 -51.52 -0.45 23.41
C ASP J 207 -52.35 -1.72 23.33
N LYS J 208 -53.66 -1.60 23.48
CA LYS J 208 -54.55 -2.75 23.40
C LYS J 208 -55.04 -3.02 21.98
N MET J 209 -54.72 -2.15 21.03
CA MET J 209 -55.06 -2.32 19.62
C MET J 209 -56.57 -2.19 19.42
N GLU J 210 -57.32 -2.11 20.51
CA GLU J 210 -58.77 -2.09 20.45
C GLU J 210 -59.29 -0.68 20.24
N ALA J 211 -60.45 -0.58 19.59
CA ALA J 211 -61.15 0.68 19.42
C ALA J 211 -62.22 0.78 20.49
N VAL J 212 -62.16 1.83 21.29
CA VAL J 212 -63.05 2.02 22.43
C VAL J 212 -63.91 3.26 22.16
N LEU J 213 -65.23 3.08 22.22
CA LEU J 213 -66.18 4.18 22.06
C LEU J 213 -67.11 4.21 23.25
N GLU J 214 -67.29 5.39 23.83
CA GLU J 214 -68.13 5.59 25.00
C GLU J 214 -69.39 6.34 24.58
N ASN J 215 -70.54 5.74 24.86
CA ASN J 215 -71.84 6.27 24.44
C ASN J 215 -71.84 6.69 22.97
N PRO J 216 -71.56 5.77 22.04
CA PRO J 216 -71.50 6.15 20.63
C PRO J 216 -72.83 5.96 19.91
N TYR J 217 -72.96 6.65 18.80
CA TYR J 217 -74.08 6.43 17.89
C TYR J 217 -73.75 5.26 16.97
N ILE J 218 -74.77 4.45 16.67
CA ILE J 218 -74.57 3.21 15.93
C ILE J 218 -75.36 3.30 14.62
N LEU J 219 -74.66 3.17 13.51
CA LEU J 219 -75.27 3.13 12.19
C LEU J 219 -75.41 1.68 11.76
N ILE J 220 -76.64 1.26 11.50
CA ILE J 220 -76.95 -0.13 11.15
C ILE J 220 -77.56 -0.13 9.76
N THR J 221 -76.90 -0.82 8.83
CA THR J 221 -77.36 -0.88 7.45
C THR J 221 -76.75 -2.10 6.78
N ASP J 222 -77.47 -2.63 5.80
CA ASP J 222 -76.98 -3.73 4.96
C ASP J 222 -76.41 -3.24 3.65
N LYS J 223 -76.47 -1.95 3.37
CA LYS J 223 -75.99 -1.41 2.11
C LYS J 223 -74.48 -1.24 2.13
N LYS J 224 -73.92 -1.05 0.95
CA LYS J 224 -72.49 -0.80 0.80
C LYS J 224 -72.25 0.70 0.73
N ILE J 225 -71.34 1.19 1.56
CA ILE J 225 -71.05 2.62 1.67
C ILE J 225 -69.72 2.89 1.00
N SER J 226 -69.77 3.32 -0.26
CA SER J 226 -68.57 3.71 -0.99
C SER J 226 -68.47 5.21 -1.23
N ASN J 227 -69.54 5.96 -1.01
CA ASN J 227 -69.56 7.40 -1.20
C ASN J 227 -69.75 8.08 0.15
N ILE J 228 -68.89 9.05 0.45
CA ILE J 228 -69.03 9.83 1.68
C ILE J 228 -70.23 10.76 1.62
N GLN J 229 -70.71 11.08 0.42
CA GLN J 229 -71.85 11.99 0.28
C GLN J 229 -73.12 11.38 0.85
N ASP J 230 -73.23 10.04 0.85
CA ASP J 230 -74.44 9.39 1.31
C ASP J 230 -74.67 9.58 2.80
N ILE J 231 -73.65 10.00 3.56
CA ILE J 231 -73.73 10.11 5.00
C ILE J 231 -73.36 11.49 5.52
N LEU J 232 -73.11 12.45 4.62
CA LEU J 232 -72.70 13.78 5.07
C LEU J 232 -73.72 14.46 6.00
N PRO J 233 -75.03 14.45 5.72
CA PRO J 233 -75.96 15.05 6.70
C PRO J 233 -75.90 14.39 8.06
N LEU J 234 -75.83 13.05 8.10
CA LEU J 234 -75.74 12.36 9.37
C LEU J 234 -74.40 12.63 10.06
N LEU J 235 -73.32 12.74 9.28
CA LEU J 235 -72.03 13.11 9.85
C LEU J 235 -72.09 14.48 10.49
N GLU J 236 -72.74 15.44 9.82
CA GLU J 236 -72.88 16.78 10.38
C GLU J 236 -73.73 16.75 11.65
N GLN J 237 -74.81 15.95 11.64
CA GLN J 237 -75.66 15.85 12.83
C GLN J 237 -74.86 15.30 14.01
N ILE J 238 -74.07 14.26 13.77
CA ILE J 238 -73.30 13.65 14.84
C ILE J 238 -72.19 14.58 15.31
N LEU J 239 -71.57 15.32 14.39
CA LEU J 239 -70.59 16.33 14.78
C LEU J 239 -71.23 17.40 15.65
N GLN J 240 -72.47 17.80 15.33
CA GLN J 240 -73.21 18.70 16.21
C GLN J 240 -73.41 18.06 17.58
N GLN J 241 -73.75 16.77 17.62
CA GLN J 241 -73.89 16.07 18.89
C GLN J 241 -72.55 15.77 19.55
N SER J 242 -71.45 15.81 18.79
CA SER J 242 -70.10 15.58 19.31
C SER J 242 -70.00 14.22 20.02
N ARG J 243 -70.63 13.20 19.46
CA ARG J 243 -70.58 11.86 20.01
C ARG J 243 -69.88 10.90 19.05
N PRO J 244 -69.32 9.81 19.55
CA PRO J 244 -68.73 8.81 18.64
C PRO J 244 -69.80 8.15 17.80
N LEU J 245 -69.39 7.67 16.62
CA LEU J 245 -70.28 7.00 15.70
C LEU J 245 -69.74 5.61 15.36
N LEU J 246 -70.61 4.62 15.43
CA LEU J 246 -70.30 3.26 14.98
C LEU J 246 -71.07 2.98 13.70
N ILE J 247 -70.38 2.44 12.70
CA ILE J 247 -70.98 2.15 11.40
C ILE J 247 -70.95 0.64 11.18
N ILE J 248 -72.13 0.05 10.98
CA ILE J 248 -72.27 -1.35 10.67
C ILE J 248 -72.90 -1.43 9.28
N ALA J 249 -72.08 -1.73 8.28
CA ALA J 249 -72.54 -1.79 6.90
C ALA J 249 -72.00 -3.05 6.25
N ASP J 250 -72.50 -3.34 5.05
CA ASP J 250 -71.99 -4.47 4.29
C ASP J 250 -70.50 -4.29 3.98
N ASP J 251 -70.13 -3.10 3.53
CA ASP J 251 -68.73 -2.77 3.24
C ASP J 251 -68.60 -1.27 3.08
N VAL J 252 -67.56 -0.71 3.68
CA VAL J 252 -67.24 0.70 3.56
C VAL J 252 -65.90 0.80 2.84
N ASP J 253 -65.92 1.34 1.63
CA ASP J 253 -64.73 1.39 0.79
C ASP J 253 -64.83 2.61 -0.11
N GLY J 254 -64.04 2.63 -1.18
CA GLY J 254 -64.12 3.73 -2.12
C GLY J 254 -63.46 4.98 -1.58
N GLU J 255 -64.17 6.10 -1.67
CA GLU J 255 -63.68 7.37 -1.14
C GLU J 255 -64.16 7.65 0.27
N ALA J 256 -65.28 7.04 0.69
CA ALA J 256 -65.79 7.30 2.03
C ALA J 256 -64.83 6.81 3.10
N LEU J 257 -64.23 5.64 2.90
CA LEU J 257 -63.31 5.09 3.90
C LEU J 257 -62.08 5.96 4.11
N PRO J 258 -61.33 6.39 3.09
CA PRO J 258 -60.21 7.30 3.35
C PRO J 258 -60.63 8.62 3.96
N THR J 259 -61.80 9.14 3.58
CA THR J 259 -62.29 10.39 4.17
C THR J 259 -62.54 10.22 5.66
N LEU J 260 -63.19 9.12 6.05
CA LEU J 260 -63.43 8.86 7.46
C LEU J 260 -62.13 8.62 8.21
N VAL J 261 -61.17 7.94 7.58
CA VAL J 261 -59.87 7.71 8.21
C VAL J 261 -59.17 9.04 8.47
N LEU J 262 -59.18 9.93 7.48
CA LEU J 262 -58.56 11.24 7.65
C LEU J 262 -59.26 12.06 8.73
N ASN J 263 -60.60 12.01 8.76
CA ASN J 263 -61.34 12.73 9.79
C ASN J 263 -61.00 12.21 11.18
N LYS J 264 -60.91 10.89 11.32
CA LYS J 264 -60.56 10.30 12.62
C LYS J 264 -59.14 10.67 13.03
N ILE J 265 -58.21 10.65 12.07
CA ILE J 265 -56.82 11.01 12.37
C ILE J 265 -56.75 12.47 12.83
N ARG J 266 -57.45 13.36 12.12
CA ARG J 266 -57.50 14.76 12.52
C ARG J 266 -58.33 14.99 13.78
N GLY J 267 -59.04 13.98 14.25
CA GLY J 267 -59.89 14.11 15.42
C GLY J 267 -61.23 14.75 15.17
N THR J 268 -61.55 15.06 13.91
CA THR J 268 -62.84 15.68 13.61
C THR J 268 -64.00 14.77 13.97
N PHE J 269 -63.87 13.48 13.69
CA PHE J 269 -64.94 12.52 13.92
C PHE J 269 -64.38 11.30 14.64
N ASN J 270 -65.07 10.87 15.69
CA ASN J 270 -64.73 9.65 16.41
C ASN J 270 -65.59 8.50 15.88
N VAL J 271 -65.31 8.13 14.64
CA VAL J 271 -66.13 7.18 13.89
C VAL J 271 -65.35 5.90 13.65
N VAL J 272 -66.02 4.76 13.80
CA VAL J 272 -65.45 3.45 13.50
C VAL J 272 -66.45 2.70 12.64
N ALA J 273 -65.97 2.13 11.53
CA ALA J 273 -66.81 1.39 10.60
C ALA J 273 -66.36 -0.06 10.55
N VAL J 274 -67.32 -0.98 10.64
CA VAL J 274 -67.06 -2.41 10.60
C VAL J 274 -68.05 -3.07 9.64
N LYS J 275 -67.68 -4.26 9.17
CA LYS J 275 -68.52 -5.01 8.25
C LYS J 275 -69.70 -5.63 8.98
N ALA J 276 -70.77 -5.86 8.24
CA ALA J 276 -71.97 -6.45 8.82
C ALA J 276 -71.79 -7.96 8.97
N PRO J 277 -71.97 -8.51 10.17
CA PRO J 277 -71.86 -9.97 10.33
C PRO J 277 -72.99 -10.69 9.61
N GLY J 278 -72.68 -11.90 9.16
CA GLY J 278 -73.61 -12.71 8.42
C GLY J 278 -73.62 -12.37 6.94
N PHE J 279 -74.21 -13.27 6.15
CA PHE J 279 -74.26 -13.12 4.71
C PHE J 279 -75.62 -13.57 4.21
N GLY J 280 -76.01 -13.06 3.04
CA GLY J 280 -77.27 -13.43 2.44
C GLY J 280 -78.43 -13.01 3.32
N ASP J 281 -79.47 -13.85 3.33
CA ASP J 281 -80.62 -13.58 4.19
C ASP J 281 -80.25 -13.64 5.66
N ARG J 282 -79.19 -14.36 6.00
CA ARG J 282 -78.78 -14.46 7.40
C ARG J 282 -78.34 -13.13 7.95
N ARG J 283 -77.61 -12.34 7.14
CA ARG J 283 -77.01 -11.10 7.64
C ARG J 283 -78.06 -10.17 8.24
N LYS J 284 -79.19 -10.02 7.56
CA LYS J 284 -80.27 -9.18 8.06
C LYS J 284 -80.82 -9.66 9.39
N ALA J 285 -80.65 -10.96 9.70
CA ALA J 285 -81.13 -11.48 10.97
C ALA J 285 -80.42 -10.82 12.15
N MET J 286 -79.09 -10.98 12.24
CA MET J 286 -78.42 -10.28 13.34
C MET J 286 -78.38 -8.78 13.12
N LEU J 287 -78.59 -8.29 11.89
CA LEU J 287 -78.75 -6.85 11.74
C LEU J 287 -79.97 -6.33 12.47
N GLU J 288 -81.11 -7.02 12.29
CA GLU J 288 -82.33 -6.66 13.02
C GLU J 288 -82.14 -6.87 14.52
N ASP J 289 -81.43 -7.94 14.90
CA ASP J 289 -81.16 -8.16 16.32
C ASP J 289 -80.37 -7.00 16.92
N ILE J 290 -79.36 -6.53 16.21
CA ILE J 290 -78.57 -5.39 16.68
C ILE J 290 -79.44 -4.14 16.76
N ALA J 291 -80.30 -3.92 15.76
CA ALA J 291 -81.19 -2.76 15.80
C ALA J 291 -82.11 -2.82 17.01
N ILE J 292 -82.64 -4.01 17.30
CA ILE J 292 -83.51 -4.17 18.47
C ILE J 292 -82.74 -3.90 19.76
N LEU J 293 -81.54 -4.45 19.86
CA LEU J 293 -80.75 -4.32 21.08
C LEU J 293 -80.33 -2.87 21.33
N THR J 294 -79.95 -2.16 20.27
CA THR J 294 -79.48 -0.78 20.39
C THR J 294 -80.58 0.25 20.23
N GLY J 295 -81.78 -0.16 19.85
CA GLY J 295 -82.86 0.79 19.61
C GLY J 295 -82.81 1.49 18.27
N GLY J 296 -81.81 1.17 17.43
CA GLY J 296 -81.70 1.78 16.13
C GLY J 296 -82.54 1.05 15.09
N THR J 297 -82.37 1.47 13.84
CA THR J 297 -83.09 0.89 12.72
C THR J 297 -82.12 0.50 11.62
N VAL J 298 -82.34 -0.67 11.03
CA VAL J 298 -81.51 -1.13 9.92
C VAL J 298 -81.88 -0.35 8.67
N ILE J 299 -80.88 0.24 8.03
CA ILE J 299 -81.09 1.02 6.82
C ILE J 299 -80.93 0.07 5.64
N THR J 300 -82.06 -0.38 5.10
CA THR J 300 -82.05 -1.33 4.00
C THR J 300 -83.02 -0.87 2.92
N ASP J 301 -82.75 -1.29 1.69
CA ASP J 301 -83.63 -0.96 0.58
C ASP J 301 -85.00 -1.61 0.70
N ASP J 302 -85.10 -2.70 1.46
CA ASP J 302 -86.40 -3.33 1.66
C ASP J 302 -87.36 -2.42 2.41
N LEU J 303 -86.85 -1.69 3.40
CA LEU J 303 -87.66 -0.76 4.18
C LEU J 303 -87.78 0.61 3.53
N GLY J 304 -87.14 0.83 2.39
CA GLY J 304 -87.22 2.12 1.73
C GLY J 304 -86.43 3.22 2.39
N LEU J 305 -85.42 2.87 3.19
CA LEU J 305 -84.60 3.85 3.89
C LEU J 305 -83.31 4.08 3.12
N GLU J 306 -82.98 5.35 2.89
CA GLU J 306 -81.77 5.73 2.19
C GLU J 306 -80.73 6.26 3.18
N LEU J 307 -79.46 6.13 2.80
CA LEU J 307 -78.37 6.56 3.68
C LEU J 307 -78.44 8.05 3.95
N LYS J 308 -78.73 8.85 2.92
CA LYS J 308 -78.84 10.28 3.09
C LYS J 308 -80.03 10.68 3.95
N ASP J 309 -81.02 9.81 4.07
CA ASP J 309 -82.22 10.10 4.87
C ASP J 309 -82.10 9.61 6.31
N VAL J 310 -80.95 9.06 6.69
CA VAL J 310 -80.78 8.56 8.06
C VAL J 310 -80.64 9.74 9.00
N THR J 311 -81.40 9.73 10.09
CA THR J 311 -81.36 10.76 11.11
C THR J 311 -80.74 10.20 12.38
N ILE J 312 -80.63 11.07 13.40
CA ILE J 312 -80.07 10.65 14.68
C ILE J 312 -80.98 9.64 15.35
N GLU J 313 -82.30 9.77 15.17
CA GLU J 313 -83.25 8.88 15.83
C GLU J 313 -83.06 7.43 15.39
N ASN J 314 -82.86 7.20 14.11
CA ASN J 314 -82.71 5.84 13.58
C ASN J 314 -81.41 5.17 14.01
N LEU J 315 -80.48 5.91 14.60
CA LEU J 315 -79.20 5.36 14.98
C LEU J 315 -79.31 4.60 16.30
N GLY J 316 -78.64 3.46 16.36
CA GLY J 316 -78.56 2.73 17.61
C GLY J 316 -77.69 3.44 18.63
N ASN J 317 -77.95 3.13 19.90
CA ASN J 317 -77.21 3.74 21.00
C ASN J 317 -76.82 2.67 22.00
N ALA J 318 -75.65 2.86 22.62
CA ALA J 318 -75.16 1.95 23.63
C ALA J 318 -74.22 2.72 24.55
N SER J 319 -73.97 2.16 25.73
CA SER J 319 -73.09 2.81 26.68
C SER J 319 -71.64 2.77 26.22
N LYS J 320 -71.20 1.62 25.72
CA LYS J 320 -69.80 1.43 25.34
C LYS J 320 -69.71 0.40 24.23
N VAL J 321 -68.80 0.63 23.30
CA VAL J 321 -68.53 -0.30 22.20
C VAL J 321 -67.02 -0.53 22.13
N VAL J 322 -66.62 -1.80 22.08
CA VAL J 322 -65.22 -2.18 21.97
C VAL J 322 -65.03 -2.92 20.66
N VAL J 323 -64.10 -2.44 19.84
CA VAL J 323 -63.80 -3.05 18.54
C VAL J 323 -62.33 -3.44 18.53
N ASP J 324 -62.07 -4.74 18.42
CA ASP J 324 -60.73 -5.26 18.27
C ASP J 324 -60.44 -5.50 16.79
N LYS J 325 -59.32 -6.16 16.51
CA LYS J 325 -58.94 -6.43 15.12
C LYS J 325 -59.94 -7.34 14.43
N ASP J 326 -60.60 -8.22 15.18
CA ASP J 326 -61.44 -9.25 14.59
C ASP J 326 -62.88 -9.24 15.08
N ASN J 327 -63.17 -8.62 16.21
CA ASN J 327 -64.51 -8.66 16.79
C ASN J 327 -64.93 -7.28 17.24
N THR J 328 -66.24 -7.06 17.26
CA THR J 328 -66.83 -5.81 17.73
C THR J 328 -67.81 -6.15 18.86
N THR J 329 -67.62 -5.50 20.00
CA THR J 329 -68.42 -5.76 21.19
C THR J 329 -69.26 -4.55 21.53
N ILE J 330 -70.53 -4.78 21.84
CA ILE J 330 -71.47 -3.73 22.20
C ILE J 330 -71.88 -3.94 23.65
N VAL J 331 -71.86 -2.87 24.44
CA VAL J 331 -72.17 -2.93 25.86
C VAL J 331 -73.36 -2.02 26.14
N GLU J 332 -74.38 -2.58 26.80
CA GLU J 332 -75.54 -1.83 27.28
C GLU J 332 -76.25 -1.10 26.14
N GLY J 333 -76.79 -1.89 25.22
CA GLY J 333 -77.59 -1.32 24.15
C GLY J 333 -78.82 -0.61 24.68
N SER J 334 -79.23 0.43 23.97
CA SER J 334 -80.32 1.29 24.40
C SER J 334 -81.69 0.80 23.95
N GLY J 335 -81.76 -0.35 23.27
CA GLY J 335 -83.03 -0.85 22.82
C GLY J 335 -83.89 -1.36 23.96
N GLU J 336 -85.19 -1.47 23.68
CA GLU J 336 -86.15 -1.90 24.68
C GLU J 336 -85.91 -3.36 25.06
N LYS J 337 -86.03 -3.64 26.36
CA LYS J 337 -85.88 -5.02 26.82
C LYS J 337 -86.99 -5.91 26.27
N GLU J 338 -88.22 -5.39 26.18
CA GLU J 338 -89.34 -6.20 25.70
C GLU J 338 -89.15 -6.59 24.24
N ALA J 339 -88.64 -5.67 23.42
CA ALA J 339 -88.39 -6.00 22.02
C ALA J 339 -87.32 -7.08 21.89
N ILE J 340 -86.27 -6.98 22.70
CA ILE J 340 -85.22 -8.01 22.70
C ILE J 340 -85.81 -9.35 23.13
N GLU J 341 -86.68 -9.34 24.14
CA GLU J 341 -87.32 -10.56 24.59
C GLU J 341 -88.19 -11.17 23.50
N ALA J 342 -88.93 -10.33 22.77
CA ALA J 342 -89.75 -10.81 21.68
C ALA J 342 -88.90 -11.42 20.57
N ARG J 343 -87.78 -10.76 20.24
CA ARG J 343 -86.86 -11.32 19.25
C ARG J 343 -86.30 -12.66 19.72
N VAL J 344 -85.95 -12.76 21.00
CA VAL J 344 -85.43 -14.00 21.56
C VAL J 344 -86.48 -15.10 21.47
N GLN J 345 -87.73 -14.78 21.79
CA GLN J 345 -88.80 -15.77 21.69
C GLN J 345 -89.02 -16.20 20.25
N LEU J 346 -88.94 -15.25 19.31
CA LEU J 346 -89.07 -15.59 17.90
C LEU J 346 -87.96 -16.53 17.46
N ILE J 347 -86.72 -16.27 17.90
CA ILE J 347 -85.61 -17.14 17.54
C ILE J 347 -85.77 -18.51 18.18
N LYS J 348 -86.29 -18.56 19.41
CA LYS J 348 -86.55 -19.85 20.06
C LYS J 348 -87.61 -20.64 19.30
N ASN J 349 -88.67 -19.95 18.85
CA ASN J 349 -89.69 -20.61 18.05
C ASN J 349 -89.10 -21.13 16.74
N GLN J 350 -88.25 -20.33 16.10
CA GLN J 350 -87.61 -20.78 14.87
C GLN J 350 -86.74 -22.01 15.12
N ILE J 351 -86.00 -22.02 16.22
CA ILE J 351 -85.17 -23.17 16.58
C ILE J 351 -86.05 -24.41 16.78
N ALA J 352 -87.14 -24.25 17.52
CA ALA J 352 -88.05 -25.38 17.73
C ALA J 352 -88.74 -25.81 16.44
N GLU J 353 -88.76 -24.92 15.43
CA GLU J 353 -89.42 -25.21 14.17
C GLU J 353 -88.46 -25.64 13.06
N THR J 354 -87.24 -25.10 13.05
CA THR J 354 -86.30 -25.42 11.99
C THR J 354 -85.91 -26.89 12.04
N THR J 355 -85.68 -27.47 10.85
CA THR J 355 -85.28 -28.86 10.73
C THR J 355 -83.84 -29.03 10.29
N SER J 356 -83.21 -27.99 9.75
CA SER J 356 -81.82 -28.05 9.32
C SER J 356 -80.91 -27.85 10.53
N ASP J 357 -80.01 -28.80 10.75
CA ASP J 357 -79.09 -28.68 11.89
C ASP J 357 -78.16 -27.48 11.71
N PHE J 358 -77.83 -27.15 10.46
CA PHE J 358 -77.01 -25.96 10.21
C PHE J 358 -77.79 -24.68 10.55
N ASP J 359 -79.03 -24.59 10.04
CA ASP J 359 -79.86 -23.44 10.35
C ASP J 359 -80.19 -23.39 11.84
N ARG J 360 -80.46 -24.54 12.44
CA ARG J 360 -80.70 -24.58 13.88
C ARG J 360 -79.48 -24.11 14.65
N GLU J 361 -78.29 -24.51 14.21
CA GLU J 361 -77.07 -24.07 14.88
C GLU J 361 -76.89 -22.55 14.76
N LYS J 362 -77.16 -22.00 13.57
CA LYS J 362 -77.02 -20.55 13.40
C LYS J 362 -78.04 -19.81 14.26
N LEU J 363 -79.28 -20.29 14.30
CA LEU J 363 -80.29 -19.66 15.14
C LEU J 363 -79.94 -19.78 16.61
N GLN J 364 -79.36 -20.92 17.01
CA GLN J 364 -78.91 -21.11 18.38
C GLN J 364 -77.78 -20.15 18.72
N GLU J 365 -76.88 -19.90 17.77
CA GLU J 365 -75.82 -18.93 17.96
C GLU J 365 -76.40 -17.54 18.18
N ARG J 366 -77.37 -17.15 17.35
CA ARG J 366 -78.02 -15.86 17.52
C ARG J 366 -78.71 -15.78 18.88
N LEU J 367 -79.42 -16.84 19.27
CA LEU J 367 -80.13 -16.85 20.54
C LEU J 367 -79.17 -16.73 21.71
N ALA J 368 -78.07 -17.47 21.67
CA ALA J 368 -77.09 -17.41 22.75
C ALA J 368 -76.46 -16.04 22.83
N LYS J 369 -76.13 -15.45 21.67
CA LYS J 369 -75.54 -14.12 21.66
C LYS J 369 -76.51 -13.09 22.23
N LEU J 370 -77.80 -13.22 21.91
CA LEU J 370 -78.78 -12.24 22.39
C LEU J 370 -79.09 -12.43 23.88
N ALA J 371 -79.20 -13.68 24.33
CA ALA J 371 -79.71 -13.95 25.67
C ALA J 371 -78.63 -14.05 26.73
N GLY J 372 -77.42 -14.47 26.35
CA GLY J 372 -76.38 -14.64 27.35
C GLY J 372 -75.91 -13.33 27.95
N GLY J 373 -76.12 -12.22 27.24
CA GLY J 373 -75.69 -10.93 27.74
C GLY J 373 -74.18 -10.80 27.73
N VAL J 374 -73.71 -9.75 28.40
CA VAL J 374 -72.30 -9.46 28.50
C VAL J 374 -71.94 -9.29 29.97
N ALA J 375 -70.91 -10.00 30.42
CA ALA J 375 -70.40 -9.82 31.77
C ALA J 375 -69.51 -8.60 31.82
N VAL J 376 -69.80 -7.69 32.75
CA VAL J 376 -69.04 -6.46 32.91
C VAL J 376 -68.34 -6.50 34.25
N VAL J 377 -67.02 -6.36 34.22
CA VAL J 377 -66.21 -6.35 35.44
C VAL J 377 -65.75 -4.91 35.65
N LYS J 378 -66.38 -4.22 36.59
CA LYS J 378 -66.02 -2.84 36.91
C LYS J 378 -64.94 -2.87 37.99
N VAL J 379 -63.69 -2.74 37.58
CA VAL J 379 -62.57 -2.85 38.51
C VAL J 379 -62.44 -1.55 39.30
N GLY J 380 -62.39 -1.67 40.62
CA GLY J 380 -62.20 -0.53 41.49
C GLY J 380 -60.98 -0.72 42.38
N ALA J 381 -60.25 0.36 42.58
CA ALA J 381 -59.05 0.34 43.41
C ALA J 381 -58.77 1.75 43.90
N ALA J 382 -57.91 1.83 44.92
CA ALA J 382 -57.64 3.12 45.56
C ALA J 382 -56.92 4.08 44.61
N THR J 383 -55.94 3.60 43.86
CA THR J 383 -55.11 4.46 43.03
C THR J 383 -55.19 4.01 41.57
N GLU J 384 -54.89 4.95 40.68
CA GLU J 384 -54.88 4.63 39.25
C GLU J 384 -53.83 3.58 38.93
N THR J 385 -52.67 3.65 39.60
CA THR J 385 -51.67 2.60 39.42
C THR J 385 -52.22 1.25 39.85
N GLU J 386 -52.90 1.20 40.99
CA GLU J 386 -53.53 -0.03 41.44
C GLU J 386 -54.61 -0.49 40.47
N LEU J 387 -55.41 0.46 39.95
CA LEU J 387 -56.47 0.10 39.01
C LEU J 387 -55.89 -0.50 37.74
N LYS J 388 -54.83 0.12 37.21
CA LYS J 388 -54.21 -0.39 35.99
C LYS J 388 -53.57 -1.75 36.22
N GLU J 389 -52.87 -1.92 37.35
CA GLU J 389 -52.27 -3.21 37.66
C GLU J 389 -53.34 -4.28 37.78
N LEU J 390 -54.44 -3.99 38.46
CA LEU J 390 -55.52 -4.96 38.60
C LEU J 390 -56.14 -5.27 37.25
N LYS J 391 -56.31 -4.26 36.39
CA LYS J 391 -56.87 -4.49 35.07
C LYS J 391 -56.00 -5.44 34.26
N LEU J 392 -54.69 -5.17 34.24
CA LEU J 392 -53.77 -6.03 33.52
C LEU J 392 -53.76 -7.44 34.10
N ARG J 393 -53.80 -7.53 35.43
CA ARG J 393 -53.81 -8.83 36.09
C ARG J 393 -55.07 -9.62 35.74
N ILE J 394 -56.21 -8.95 35.64
CA ILE J 394 -57.45 -9.62 35.29
C ILE J 394 -57.45 -10.05 33.83
N GLU J 395 -56.84 -9.24 32.95
CA GLU J 395 -56.88 -9.56 31.52
C GLU J 395 -56.25 -10.92 31.22
N ASP J 396 -54.99 -11.10 31.64
CA ASP J 396 -54.31 -12.36 31.35
C ASP J 396 -54.92 -13.50 32.14
N ALA J 397 -55.43 -13.21 33.34
CA ALA J 397 -56.11 -14.24 34.11
C ALA J 397 -57.33 -14.76 33.37
N LEU J 398 -58.12 -13.87 32.79
CA LEU J 398 -59.28 -14.28 32.00
C LEU J 398 -58.85 -15.06 30.77
N ASN J 399 -57.80 -14.59 30.10
CA ASN J 399 -57.34 -15.29 28.89
C ASN J 399 -56.90 -16.71 29.24
N ALA J 400 -56.10 -16.86 30.29
CA ALA J 400 -55.64 -18.18 30.70
C ALA J 400 -56.79 -19.05 31.19
N THR J 401 -57.77 -18.45 31.86
CA THR J 401 -58.92 -19.21 32.33
C THR J 401 -59.69 -19.78 31.15
N ARG J 402 -59.93 -18.97 30.13
CA ARG J 402 -60.61 -19.46 28.93
C ARG J 402 -59.79 -20.54 28.25
N ALA J 403 -58.47 -20.32 28.14
CA ALA J 403 -57.61 -21.31 27.48
C ALA J 403 -57.64 -22.64 28.22
N ALA J 404 -57.62 -22.61 29.54
CA ALA J 404 -57.74 -23.84 30.32
C ALA J 404 -59.12 -24.46 30.15
N VAL J 405 -60.17 -23.64 30.07
CA VAL J 405 -61.52 -24.15 29.95
C VAL J 405 -61.68 -24.95 28.66
N GLU J 406 -61.18 -24.41 27.55
CA GLU J 406 -61.38 -25.07 26.27
C GLU J 406 -60.58 -26.37 26.17
N GLU J 407 -59.30 -26.32 26.51
CA GLU J 407 -58.43 -27.47 26.33
C GLU J 407 -58.23 -28.26 27.61
N GLY J 408 -57.66 -27.61 28.63
CA GLY J 408 -57.39 -28.26 29.88
C GLY J 408 -56.12 -27.72 30.51
N MET J 409 -55.59 -28.48 31.46
CA MET J 409 -54.40 -28.11 32.20
C MET J 409 -53.40 -29.27 32.16
N VAL J 410 -52.12 -28.94 31.99
CA VAL J 410 -51.06 -29.94 31.99
C VAL J 410 -49.89 -29.40 32.81
N SER J 411 -48.90 -30.27 33.00
CA SER J 411 -47.74 -29.90 33.80
C SER J 411 -46.98 -28.75 33.15
N GLY J 412 -46.58 -27.78 33.98
CA GLY J 412 -45.86 -26.63 33.50
C GLY J 412 -44.36 -26.87 33.44
N GLY J 413 -43.63 -25.82 33.06
CA GLY J 413 -42.20 -25.89 32.99
C GLY J 413 -41.64 -26.85 31.96
N GLY J 414 -42.42 -27.16 30.93
CA GLY J 414 -41.98 -28.07 29.89
C GLY J 414 -42.03 -29.54 30.27
N THR J 415 -42.52 -29.86 31.46
CA THR J 415 -42.59 -31.25 31.89
C THR J 415 -43.48 -32.06 30.97
N ALA J 416 -44.58 -31.46 30.51
CA ALA J 416 -45.49 -32.17 29.61
C ALA J 416 -44.77 -32.57 28.33
N LEU J 417 -43.89 -31.70 27.82
CA LEU J 417 -43.19 -32.01 26.58
C LEU J 417 -42.33 -33.26 26.73
N VAL J 418 -41.61 -33.39 27.84
CA VAL J 418 -40.84 -34.59 28.06
C VAL J 418 -41.76 -35.79 28.29
N ASN J 419 -42.88 -35.58 28.96
CA ASN J 419 -43.78 -36.67 29.28
C ASN J 419 -44.33 -37.37 28.04
N VAL J 420 -44.29 -36.72 26.88
CA VAL J 420 -44.78 -37.33 25.65
C VAL J 420 -43.66 -37.91 24.79
N ILE J 421 -42.42 -37.91 25.28
CA ILE J 421 -41.30 -38.40 24.47
C ILE J 421 -41.48 -39.87 24.12
N SER J 422 -41.91 -40.68 25.10
CA SER J 422 -42.00 -42.11 24.89
C SER J 422 -42.97 -42.44 23.77
N LYS J 423 -44.13 -41.78 23.74
CA LYS J 423 -45.12 -42.06 22.70
C LYS J 423 -44.56 -41.71 21.33
N VAL J 424 -43.86 -40.58 21.21
CA VAL J 424 -43.29 -40.20 19.93
C VAL J 424 -42.24 -41.21 19.49
N SER J 425 -41.39 -41.65 20.42
CA SER J 425 -40.41 -42.68 20.08
C SER J 425 -41.07 -43.98 19.68
N ALA J 426 -42.28 -44.24 20.17
CA ALA J 426 -42.99 -45.46 19.82
C ALA J 426 -43.50 -45.47 18.38
N VAL J 427 -43.44 -44.34 17.68
CA VAL J 427 -43.94 -44.28 16.31
C VAL J 427 -42.97 -45.02 15.39
N GLU J 428 -43.51 -45.89 14.54
CA GLU J 428 -42.69 -46.71 13.67
C GLU J 428 -42.47 -46.03 12.33
N ALA J 429 -41.21 -45.95 11.90
CA ALA J 429 -40.87 -45.35 10.62
C ALA J 429 -39.50 -45.87 10.21
N GLU J 430 -39.15 -45.60 8.95
CA GLU J 430 -37.88 -46.02 8.38
C GLU J 430 -37.26 -44.90 7.58
N GLY J 431 -35.93 -44.98 7.44
CA GLY J 431 -35.22 -44.02 6.60
C GLY J 431 -35.32 -42.60 7.14
N ASP J 432 -35.49 -41.66 6.22
CA ASP J 432 -35.53 -40.25 6.61
C ASP J 432 -36.72 -39.95 7.51
N VAL J 433 -37.80 -40.71 7.39
CA VAL J 433 -38.92 -40.54 8.31
C VAL J 433 -38.50 -40.85 9.73
N ALA J 434 -37.79 -41.98 9.92
CA ALA J 434 -37.27 -42.31 11.24
C ALA J 434 -36.26 -41.27 11.70
N THR J 435 -35.46 -40.74 10.77
CA THR J 435 -34.49 -39.71 11.12
C THR J 435 -35.19 -38.47 11.65
N GLY J 436 -36.26 -38.04 10.99
CA GLY J 436 -37.04 -36.91 11.48
C GLY J 436 -37.70 -37.20 12.81
N ILE J 437 -38.15 -38.43 13.02
CA ILE J 437 -38.71 -38.81 14.31
C ILE J 437 -37.67 -38.64 15.40
N LYS J 438 -36.45 -39.13 15.16
CA LYS J 438 -35.38 -38.95 16.14
C LYS J 438 -35.05 -37.48 16.33
N ILE J 439 -35.14 -36.69 15.26
CA ILE J 439 -34.89 -35.25 15.35
C ILE J 439 -35.86 -34.62 16.34
N VAL J 440 -37.15 -34.92 16.17
CA VAL J 440 -38.15 -34.33 17.06
C VAL J 440 -37.96 -34.84 18.48
N VAL J 441 -37.63 -36.13 18.64
CA VAL J 441 -37.44 -36.69 19.97
C VAL J 441 -36.30 -35.95 20.68
N ARG J 442 -35.20 -35.73 19.98
CA ARG J 442 -34.08 -35.00 20.58
C ARG J 442 -34.46 -33.55 20.88
N ALA J 443 -35.20 -32.91 19.98
CA ALA J 443 -35.48 -31.49 20.15
C ALA J 443 -36.50 -31.22 21.25
N LEU J 444 -37.37 -32.20 21.54
CA LEU J 444 -38.41 -31.97 22.54
C LEU J 444 -37.84 -31.68 23.93
N GLU J 445 -36.58 -32.04 24.18
CA GLU J 445 -35.99 -31.79 25.48
C GLU J 445 -35.45 -30.37 25.64
N GLU J 446 -35.46 -29.56 24.58
CA GLU J 446 -34.82 -28.25 24.65
C GLU J 446 -35.44 -27.31 25.70
N PRO J 447 -36.76 -27.19 25.83
CA PRO J 447 -37.29 -26.23 26.82
C PRO J 447 -36.86 -26.51 28.24
N ILE J 448 -37.03 -27.75 28.70
CA ILE J 448 -36.68 -28.07 30.08
C ILE J 448 -35.19 -27.93 30.32
N ARG J 449 -34.38 -28.38 29.36
CA ARG J 449 -32.93 -28.26 29.50
C ARG J 449 -32.51 -26.80 29.57
N GLN J 450 -33.10 -25.96 28.72
CA GLN J 450 -32.77 -24.54 28.74
C GLN J 450 -33.19 -23.89 30.05
N ILE J 451 -34.37 -24.26 30.55
CA ILE J 451 -34.81 -23.70 31.82
C ILE J 451 -33.87 -24.11 32.94
N ALA J 452 -33.44 -25.36 32.95
CA ALA J 452 -32.50 -25.82 33.97
C ALA J 452 -31.18 -25.07 33.86
N GLU J 453 -30.69 -24.86 32.64
CA GLU J 453 -29.43 -24.13 32.47
C GLU J 453 -29.55 -22.69 32.93
N ASN J 454 -30.68 -22.05 32.67
CA ASN J 454 -30.86 -20.67 33.11
C ASN J 454 -30.82 -20.55 34.63
N ALA J 455 -31.28 -21.58 35.34
CA ALA J 455 -31.23 -21.59 36.80
C ALA J 455 -29.90 -22.08 37.33
N GLY J 456 -28.95 -22.43 36.45
CA GLY J 456 -27.64 -22.88 36.87
C GLY J 456 -27.49 -24.37 37.05
N TYR J 457 -28.56 -25.14 36.92
CA TYR J 457 -28.49 -26.58 37.04
C TYR J 457 -28.11 -27.20 35.70
N GLU J 458 -27.44 -28.35 35.76
CA GLU J 458 -27.04 -29.04 34.54
C GLU J 458 -28.27 -29.59 33.84
N GLY J 459 -28.44 -29.21 32.57
CA GLY J 459 -29.64 -29.61 31.85
C GLY J 459 -29.73 -31.10 31.62
N SER J 460 -28.60 -31.73 31.26
CA SER J 460 -28.63 -33.15 30.95
C SER J 460 -29.05 -33.98 32.16
N VAL J 461 -28.54 -33.62 33.34
CA VAL J 461 -28.91 -34.35 34.55
C VAL J 461 -30.40 -34.23 34.80
N ILE J 462 -30.95 -33.02 34.67
CA ILE J 462 -32.36 -32.82 34.90
C ILE J 462 -33.20 -33.63 33.91
N VAL J 463 -32.79 -33.62 32.64
CA VAL J 463 -33.54 -34.37 31.62
C VAL J 463 -33.52 -35.86 31.94
N ASP J 464 -32.33 -36.38 32.25
CA ASP J 464 -32.21 -37.81 32.52
C ASP J 464 -33.03 -38.21 33.73
N LYS J 465 -32.96 -37.41 34.79
CA LYS J 465 -33.74 -37.74 35.99
C LYS J 465 -35.24 -37.65 35.72
N LEU J 466 -35.66 -36.63 34.95
CA LEU J 466 -37.08 -36.47 34.66
C LEU J 466 -37.61 -37.63 33.83
N LYS J 467 -36.77 -38.17 32.93
CA LYS J 467 -37.22 -39.30 32.12
C LYS J 467 -37.48 -40.55 32.93
N ASN J 468 -37.02 -40.60 34.19
CA ASN J 468 -37.13 -41.80 34.99
C ASN J 468 -37.94 -41.60 36.28
N VAL J 469 -38.61 -40.47 36.43
CA VAL J 469 -39.45 -40.23 37.57
C VAL J 469 -40.91 -40.47 37.18
N GLU J 470 -41.78 -40.56 38.18
CA GLU J 470 -43.19 -40.81 37.93
C GLU J 470 -43.83 -39.63 37.21
N LEU J 471 -44.84 -39.93 36.40
CA LEU J 471 -45.60 -38.89 35.72
C LEU J 471 -46.27 -37.98 36.74
N GLY J 472 -46.31 -36.69 36.44
CA GLY J 472 -46.86 -35.70 37.34
C GLY J 472 -45.85 -35.07 38.27
N THR J 473 -44.62 -35.59 38.31
CA THR J 473 -43.54 -35.02 39.11
C THR J 473 -42.48 -34.49 38.16
N GLY J 474 -42.13 -33.22 38.32
CA GLY J 474 -41.12 -32.62 37.47
C GLY J 474 -40.06 -31.90 38.27
N PHE J 475 -39.43 -30.90 37.65
CA PHE J 475 -38.37 -30.13 38.29
C PHE J 475 -38.84 -28.72 38.53
N ASN J 476 -38.76 -28.26 39.77
CA ASN J 476 -39.09 -26.89 40.13
C ASN J 476 -37.84 -26.04 39.95
N ALA J 477 -37.79 -25.28 38.86
CA ALA J 477 -36.62 -24.45 38.60
C ALA J 477 -36.44 -23.37 39.66
N ALA J 478 -37.54 -22.91 40.27
CA ALA J 478 -37.44 -21.87 41.29
C ALA J 478 -36.68 -22.36 42.51
N THR J 479 -36.90 -23.61 42.92
CA THR J 479 -36.31 -24.14 44.13
C THR J 479 -35.26 -25.21 43.91
N GLY J 480 -35.21 -25.81 42.73
CA GLY J 480 -34.29 -26.91 42.51
C GLY J 480 -34.70 -28.21 43.16
N GLU J 481 -35.98 -28.38 43.45
CA GLU J 481 -36.49 -29.58 44.11
C GLU J 481 -37.50 -30.29 43.22
N TRP J 482 -37.49 -31.61 43.30
CA TRP J 482 -38.38 -32.44 42.50
C TRP J 482 -39.67 -32.65 43.27
N VAL J 483 -40.72 -31.93 42.89
CA VAL J 483 -42.00 -31.98 43.56
C VAL J 483 -43.08 -32.22 42.50
N ASN J 484 -44.33 -32.26 42.97
CA ASN J 484 -45.47 -32.40 42.07
C ASN J 484 -45.84 -31.04 41.50
N MET J 485 -45.76 -30.91 40.17
CA MET J 485 -46.07 -29.64 39.53
C MET J 485 -47.52 -29.23 39.76
N VAL J 486 -48.44 -30.19 39.68
CA VAL J 486 -49.85 -29.88 39.92
C VAL J 486 -50.04 -29.39 41.35
N GLU J 487 -49.42 -30.07 42.31
CA GLU J 487 -49.53 -29.64 43.71
C GLU J 487 -48.81 -28.32 43.93
N ALA J 488 -47.65 -28.13 43.30
CA ALA J 488 -46.88 -26.90 43.48
C ALA J 488 -47.39 -25.75 42.63
N GLY J 489 -48.38 -25.98 41.77
CA GLY J 489 -48.93 -24.92 40.97
C GLY J 489 -48.15 -24.57 39.72
N ILE J 490 -47.15 -25.36 39.36
CA ILE J 490 -46.38 -25.11 38.13
C ILE J 490 -47.14 -25.82 37.02
N VAL J 491 -48.13 -25.12 36.48
CA VAL J 491 -49.04 -25.67 35.49
C VAL J 491 -49.14 -24.71 34.31
N ASP J 492 -49.22 -25.26 33.10
CA ASP J 492 -49.34 -24.48 31.88
C ASP J 492 -50.53 -24.98 31.07
N PRO J 493 -51.23 -24.08 30.37
CA PRO J 493 -52.36 -24.52 29.55
C PRO J 493 -51.93 -25.46 28.44
N THR J 494 -52.80 -26.44 28.17
CA THR J 494 -52.53 -27.39 27.10
C THR J 494 -52.48 -26.69 25.75
N LYS J 495 -53.37 -25.73 25.55
CA LYS J 495 -53.45 -25.03 24.27
C LYS J 495 -52.14 -24.32 23.94
N VAL J 496 -51.54 -23.66 24.93
CA VAL J 496 -50.30 -22.93 24.68
C VAL J 496 -49.22 -23.86 24.17
N THR J 497 -49.00 -24.96 24.88
CA THR J 497 -47.94 -25.89 24.50
C THR J 497 -48.21 -26.51 23.14
N ARG J 498 -49.44 -26.96 22.91
CA ARG J 498 -49.72 -27.62 21.63
C ARG J 498 -49.64 -26.63 20.47
N SER J 499 -50.07 -25.39 20.67
CA SER J 499 -49.98 -24.40 19.60
C SER J 499 -48.52 -24.06 19.31
N ALA J 500 -47.70 -23.90 20.35
CA ALA J 500 -46.29 -23.63 20.13
C ALA J 500 -45.63 -24.77 19.38
N LEU J 501 -45.93 -26.01 19.78
CA LEU J 501 -45.33 -27.16 19.10
C LEU J 501 -45.76 -27.22 17.65
N GLN J 502 -47.05 -27.02 17.37
CA GLN J 502 -47.53 -27.08 16.00
C GLN J 502 -46.89 -26.00 15.14
N ASN J 503 -46.84 -24.77 15.64
CA ASN J 503 -46.25 -23.68 14.86
C ASN J 503 -44.77 -23.94 14.60
N ALA J 504 -44.03 -24.36 15.63
CA ALA J 504 -42.62 -24.62 15.45
C ALA J 504 -42.39 -25.73 14.44
N ALA J 505 -43.15 -26.82 14.54
CA ALA J 505 -42.96 -27.93 13.61
C ALA J 505 -43.29 -27.51 12.19
N SER J 506 -44.40 -26.82 11.98
CA SER J 506 -44.78 -26.41 10.63
C SER J 506 -43.73 -25.50 10.01
N VAL J 507 -43.27 -24.52 10.78
CA VAL J 507 -42.33 -23.55 10.22
C VAL J 507 -40.97 -24.20 9.99
N SER J 508 -40.55 -25.08 10.88
CA SER J 508 -39.30 -25.81 10.65
C SER J 508 -39.39 -26.68 9.41
N ALA J 509 -40.54 -27.32 9.18
CA ALA J 509 -40.71 -28.10 7.96
C ALA J 509 -40.64 -27.21 6.73
N LEU J 510 -41.25 -26.03 6.80
CA LEU J 510 -41.19 -25.11 5.66
C LEU J 510 -39.77 -24.66 5.39
N LEU J 511 -39.01 -24.37 6.45
CA LEU J 511 -37.65 -23.86 6.27
C LEU J 511 -36.71 -24.95 5.78
N LEU J 512 -36.86 -26.17 6.28
CA LEU J 512 -35.94 -27.24 5.89
C LEU J 512 -36.03 -27.58 4.41
N THR J 513 -37.19 -27.34 3.79
CA THR J 513 -37.36 -27.62 2.38
C THR J 513 -36.93 -26.46 1.49
N THR J 514 -36.46 -25.37 2.08
CA THR J 514 -36.00 -24.23 1.30
C THR J 514 -34.78 -24.61 0.48
N GLU J 515 -34.76 -24.19 -0.79
CA GLU J 515 -33.65 -24.52 -1.67
C GLU J 515 -32.96 -23.30 -2.26
N ALA J 516 -33.69 -22.23 -2.53
CA ALA J 516 -33.11 -21.00 -3.06
C ALA J 516 -33.71 -19.82 -2.34
N VAL J 517 -32.87 -18.84 -2.00
CA VAL J 517 -33.28 -17.66 -1.26
C VAL J 517 -33.08 -16.43 -2.15
N VAL J 518 -34.13 -15.66 -2.33
CA VAL J 518 -34.09 -14.44 -3.12
C VAL J 518 -34.18 -13.27 -2.15
N ALA J 519 -33.14 -12.44 -2.11
CA ALA J 519 -33.07 -11.33 -1.18
C ALA J 519 -32.65 -10.07 -1.92
N ASP J 520 -32.97 -8.93 -1.30
CA ASP J 520 -32.56 -7.65 -1.86
C ASP J 520 -31.09 -7.39 -1.55
N LYS J 521 -30.32 -7.13 -2.59
CA LYS J 521 -28.89 -6.87 -2.41
C LYS J 521 -28.71 -5.55 -1.69
N PRO J 522 -27.86 -5.50 -0.66
CA PRO J 522 -27.64 -4.23 0.05
C PRO J 522 -27.12 -3.15 -0.89
N GLU J 523 -27.60 -1.94 -0.69
CA GLU J 523 -27.16 -0.83 -1.51
C GLU J 523 -25.82 -0.32 -1.04
N PRO J 524 -24.80 -0.26 -1.91
CA PRO J 524 -23.46 0.22 -1.54
C PRO J 524 -23.45 1.73 -1.29
N MET K 1 20.63 -15.49 24.95
CA MET K 1 20.01 -14.72 23.88
C MET K 1 18.78 -14.02 24.46
N ALA K 2 18.40 -12.90 23.85
CA ALA K 2 17.50 -11.95 24.48
C ALA K 2 16.25 -12.60 25.07
N LYS K 3 15.94 -12.22 26.29
CA LYS K 3 14.82 -12.76 27.04
C LYS K 3 13.52 -12.03 26.70
N GLU K 4 12.41 -12.69 26.99
CA GLU K 4 11.07 -12.16 26.73
C GLU K 4 10.24 -12.21 28.00
N LEU K 5 10.79 -11.66 29.08
CA LEU K 5 10.17 -11.73 30.40
C LEU K 5 8.76 -11.17 30.37
N LYS K 6 7.86 -11.82 31.10
CA LYS K 6 6.44 -11.51 31.10
C LYS K 6 5.87 -11.73 32.49
N PHE K 7 4.83 -10.97 32.84
CA PHE K 7 4.29 -11.03 34.19
C PHE K 7 2.78 -11.16 34.22
N ALA K 8 2.22 -11.03 35.42
CA ALA K 8 0.79 -10.86 35.66
C ALA K 8 0.03 -12.08 35.10
N GLU K 9 -1.09 -11.88 34.44
CA GLU K 9 -1.98 -12.98 34.07
C GLU K 9 -1.68 -13.57 32.70
N ASP K 10 -1.31 -12.74 31.72
CA ASP K 10 -1.20 -13.28 30.37
C ASP K 10 -0.05 -14.26 30.24
N ALA K 11 0.95 -14.18 31.13
CA ALA K 11 1.94 -15.24 31.22
C ALA K 11 1.28 -16.55 31.65
N ARG K 12 0.47 -16.49 32.71
CA ARG K 12 -0.31 -17.66 33.09
C ARG K 12 -1.28 -18.05 32.00
N ALA K 13 -1.78 -17.08 31.23
CA ALA K 13 -2.66 -17.42 30.11
C ALA K 13 -1.92 -18.25 29.07
N ALA K 14 -0.68 -17.87 28.75
CA ALA K 14 0.11 -18.66 27.82
C ALA K 14 0.41 -20.05 28.37
N MET K 15 0.74 -20.12 29.67
CA MET K 15 0.98 -21.43 30.29
C MET K 15 -0.26 -22.30 30.20
N LEU K 16 -1.43 -21.71 30.48
CA LEU K 16 -2.68 -22.44 30.38
C LEU K 16 -2.95 -22.89 28.96
N ARG K 17 -2.65 -22.04 27.97
CA ARG K 17 -2.85 -22.44 26.58
C ARG K 17 -1.99 -23.64 26.22
N GLY K 18 -0.72 -23.63 26.63
CA GLY K 18 0.13 -24.78 26.36
C GLY K 18 -0.38 -26.04 27.04
N VAL K 19 -0.77 -25.92 28.32
CA VAL K 19 -1.28 -27.08 29.03
C VAL K 19 -2.55 -27.60 28.38
N ASP K 20 -3.41 -26.68 27.93
CA ASP K 20 -4.66 -27.09 27.28
C ASP K 20 -4.38 -27.81 25.96
N LYS K 21 -3.41 -27.31 25.19
CA LYS K 21 -3.07 -28.00 23.94
C LYS K 21 -2.59 -29.41 24.24
N LEU K 22 -1.69 -29.56 25.21
CA LEU K 22 -1.18 -30.89 25.51
C LEU K 22 -2.29 -31.81 26.02
N ALA K 23 -3.16 -31.28 26.87
CA ALA K 23 -4.25 -32.09 27.42
C ALA K 23 -5.24 -32.48 26.34
N ASP K 24 -5.55 -31.58 25.41
CA ASP K 24 -6.46 -31.92 24.32
C ASP K 24 -5.83 -32.94 23.39
N THR K 25 -4.51 -32.95 23.28
CA THR K 25 -3.87 -33.98 22.47
C THR K 25 -3.83 -35.32 23.19
N VAL K 26 -3.72 -35.33 24.51
CA VAL K 26 -3.50 -36.58 25.23
C VAL K 26 -4.82 -37.24 25.65
N LYS K 27 -5.72 -36.47 26.28
CA LYS K 27 -6.84 -37.07 27.00
C LYS K 27 -7.77 -37.87 26.11
N VAL K 28 -7.77 -37.63 24.79
CA VAL K 28 -8.68 -38.36 23.93
C VAL K 28 -8.36 -39.84 23.89
N THR K 29 -7.18 -40.25 24.35
CA THR K 29 -6.82 -41.65 24.42
C THR K 29 -7.20 -42.29 25.74
N LEU K 30 -7.75 -41.53 26.67
CA LEU K 30 -8.08 -42.07 27.99
C LEU K 30 -9.25 -43.02 27.90
N GLY K 31 -9.21 -44.07 28.73
CA GLY K 31 -10.31 -45.00 28.84
C GLY K 31 -10.18 -46.16 27.86
N PRO K 32 -10.89 -47.25 28.14
CA PRO K 32 -10.87 -48.39 27.21
C PRO K 32 -11.38 -48.04 25.83
N LYS K 33 -12.37 -47.16 25.73
CA LYS K 33 -12.90 -46.72 24.45
C LYS K 33 -12.17 -45.49 23.90
N GLY K 34 -10.91 -45.31 24.27
CA GLY K 34 -10.18 -44.15 23.81
C GLY K 34 -9.99 -44.16 22.30
N ARG K 35 -9.95 -42.97 21.72
CA ARG K 35 -9.78 -42.82 20.29
C ARG K 35 -8.32 -42.59 19.92
N ASN K 36 -8.00 -42.91 18.67
CA ASN K 36 -6.63 -42.92 18.20
C ASN K 36 -6.17 -41.55 17.74
N VAL K 37 -4.86 -41.33 17.81
CA VAL K 37 -4.24 -40.08 17.40
C VAL K 37 -3.13 -40.40 16.40
N VAL K 38 -2.95 -39.52 15.42
CA VAL K 38 -1.93 -39.70 14.39
C VAL K 38 -0.75 -38.81 14.71
N LEU K 39 0.44 -39.41 14.75
CA LEU K 39 1.69 -38.68 14.93
C LEU K 39 2.51 -38.78 13.66
N GLU K 40 3.20 -37.69 13.31
CA GLU K 40 4.04 -37.68 12.13
C GLU K 40 5.39 -38.30 12.43
N LYS K 41 6.02 -38.87 11.40
CA LYS K 41 7.38 -39.39 11.50
C LYS K 41 8.21 -38.88 10.34
N SER K 42 9.51 -38.67 10.61
CA SER K 42 10.40 -38.16 9.58
C SER K 42 10.50 -39.12 8.39
N TYR K 43 10.58 -40.41 8.68
CA TYR K 43 10.67 -41.43 7.64
C TYR K 43 9.61 -42.50 7.88
N GLY K 44 9.15 -43.11 6.80
CA GLY K 44 8.15 -44.14 6.89
C GLY K 44 6.74 -43.59 7.09
N SER K 45 5.79 -44.50 7.18
CA SER K 45 4.41 -44.12 7.35
C SER K 45 4.22 -43.48 8.72
N PRO K 46 3.35 -42.49 8.82
CA PRO K 46 3.05 -41.91 10.14
C PRO K 46 2.42 -42.95 11.06
N LEU K 47 2.75 -42.83 12.34
CA LEU K 47 2.33 -43.81 13.33
C LEU K 47 1.00 -43.37 13.95
N ILE K 48 0.04 -44.29 13.99
CA ILE K 48 -1.24 -44.06 14.62
C ILE K 48 -1.29 -44.87 15.91
N THR K 49 -1.59 -44.20 17.01
CA THR K 49 -1.57 -44.86 18.30
C THR K 49 -2.53 -44.16 19.26
N ASN K 50 -2.90 -44.90 20.31
CA ASN K 50 -3.66 -44.34 21.43
C ASN K 50 -2.89 -44.45 22.73
N ASP K 51 -1.56 -44.56 22.64
CA ASP K 51 -0.69 -44.64 23.81
C ASP K 51 -0.35 -43.23 24.27
N GLY K 52 -0.76 -42.90 25.50
CA GLY K 52 -0.65 -41.51 25.94
C GLY K 52 0.78 -41.03 26.08
N VAL K 53 1.64 -41.86 26.66
CA VAL K 53 2.99 -41.40 26.99
C VAL K 53 3.77 -41.08 25.72
N THR K 54 3.62 -41.90 24.68
CA THR K 54 4.33 -41.64 23.43
C THR K 54 3.88 -40.32 22.82
N ILE K 55 2.57 -40.08 22.80
CA ILE K 55 2.05 -38.84 22.22
C ILE K 55 2.54 -37.64 23.02
N ALA K 56 2.53 -37.74 24.35
CA ALA K 56 3.05 -36.66 25.17
C ALA K 56 4.53 -36.40 24.88
N LYS K 57 5.30 -37.46 24.68
CA LYS K 57 6.71 -37.31 24.37
C LYS K 57 6.91 -36.59 23.04
N GLU K 58 6.10 -36.93 22.04
CA GLU K 58 6.28 -36.37 20.70
C GLU K 58 5.84 -34.92 20.58
N ILE K 59 5.16 -34.36 21.58
CA ILE K 59 4.60 -33.02 21.46
C ILE K 59 5.69 -31.99 21.70
N GLU K 60 5.73 -30.97 20.84
CA GLU K 60 6.66 -29.86 20.97
C GLU K 60 6.06 -28.65 20.28
N LEU K 61 5.75 -27.61 21.05
CA LEU K 61 5.04 -26.45 20.54
C LEU K 61 6.00 -25.34 20.13
N GLU K 62 5.62 -24.61 19.10
CA GLU K 62 6.47 -23.54 18.57
C GLU K 62 6.49 -22.34 19.50
N ASP K 63 5.33 -21.94 20.02
CA ASP K 63 5.28 -20.89 21.02
C ASP K 63 6.11 -21.28 22.23
N HIS K 64 6.95 -20.35 22.69
CA HIS K 64 7.90 -20.69 23.75
C HIS K 64 7.20 -20.98 25.07
N PHE K 65 6.27 -20.12 25.48
CA PHE K 65 5.62 -20.30 26.77
C PHE K 65 4.74 -21.55 26.78
N GLU K 66 4.00 -21.77 25.68
CA GLU K 66 3.25 -23.00 25.57
C GLU K 66 4.17 -24.21 25.54
N ASN K 67 5.37 -24.05 24.97
CA ASN K 67 6.36 -25.12 25.04
C ASN K 67 6.78 -25.38 26.48
N MET K 68 6.92 -24.33 27.28
CA MET K 68 7.24 -24.50 28.69
C MET K 68 6.15 -25.28 29.41
N GLY K 69 4.89 -24.93 29.15
CA GLY K 69 3.80 -25.67 29.77
C GLY K 69 3.80 -27.14 29.36
N ALA K 70 4.00 -27.39 28.06
CA ALA K 70 4.05 -28.77 27.59
C ALA K 70 5.17 -29.55 28.24
N LYS K 71 6.36 -28.94 28.33
CA LYS K 71 7.49 -29.64 28.95
C LYS K 71 7.24 -29.91 30.42
N LEU K 72 6.62 -28.96 31.12
CA LEU K 72 6.31 -29.18 32.52
C LEU K 72 5.37 -30.37 32.70
N VAL K 73 4.28 -30.40 31.94
CA VAL K 73 3.35 -31.51 32.10
C VAL K 73 3.99 -32.82 31.67
N SER K 74 4.84 -32.80 30.64
CA SER K 74 5.52 -34.01 30.20
C SER K 74 6.44 -34.55 31.29
N GLU K 75 7.23 -33.69 31.91
CA GLU K 75 8.10 -34.18 32.98
C GLU K 75 7.29 -34.60 34.20
N VAL K 76 6.09 -34.06 34.37
CA VAL K 76 5.20 -34.56 35.42
C VAL K 76 4.82 -36.00 35.14
N ALA K 77 4.35 -36.27 33.92
CA ALA K 77 3.96 -37.62 33.56
C ALA K 77 5.15 -38.58 33.59
N SER K 78 6.34 -38.02 33.43
CA SER K 78 7.55 -38.83 33.51
C SER K 78 7.67 -39.52 34.86
N LYS K 79 7.32 -38.82 35.93
CA LYS K 79 7.43 -39.40 37.27
C LYS K 79 6.46 -40.55 37.48
N THR K 80 5.43 -40.65 36.64
CA THR K 80 4.33 -41.58 36.89
C THR K 80 4.30 -42.75 35.92
N ASN K 81 4.79 -42.59 34.69
CA ASN K 81 4.68 -43.68 33.73
C ASN K 81 5.55 -44.87 34.11
N ASP K 82 6.44 -44.69 35.09
CA ASP K 82 7.30 -45.79 35.52
C ASP K 82 6.47 -46.98 35.98
N ILE K 83 5.41 -46.72 36.75
CA ILE K 83 4.53 -47.78 37.21
C ILE K 83 3.35 -47.88 36.26
N ALA K 84 3.01 -49.11 35.85
CA ALA K 84 1.98 -49.38 34.86
C ALA K 84 2.20 -48.57 33.60
N GLY K 85 1.12 -48.25 32.89
CA GLY K 85 1.23 -47.49 31.66
C GLY K 85 0.09 -46.51 31.44
N ASP K 86 -0.77 -46.34 32.45
CA ASP K 86 -1.91 -45.45 32.33
C ASP K 86 -1.85 -44.22 33.23
N GLY K 87 -1.01 -44.23 34.25
CA GLY K 87 -0.91 -43.08 35.13
C GLY K 87 -0.27 -41.86 34.52
N THR K 88 0.28 -41.98 33.33
CA THR K 88 0.88 -40.86 32.61
C THR K 88 -0.16 -39.99 31.93
N THR K 89 -1.42 -40.39 31.93
CA THR K 89 -2.49 -39.64 31.28
C THR K 89 -3.45 -39.01 32.28
N THR K 90 -3.83 -39.75 33.33
CA THR K 90 -4.76 -39.22 34.31
C THR K 90 -4.21 -37.96 34.97
N ALA K 91 -2.92 -37.98 35.29
CA ALA K 91 -2.27 -36.83 35.91
C ALA K 91 -2.39 -35.59 35.03
N THR K 92 -2.23 -35.77 33.72
CA THR K 92 -2.32 -34.63 32.81
C THR K 92 -3.72 -34.03 32.81
N VAL K 93 -4.74 -34.89 32.78
CA VAL K 93 -6.12 -34.38 32.76
C VAL K 93 -6.43 -33.63 34.05
N LEU K 94 -6.05 -34.22 35.19
CA LEU K 94 -6.29 -33.55 36.46
C LEU K 94 -5.55 -32.23 36.52
N THR K 95 -4.30 -32.20 36.02
CA THR K 95 -3.53 -30.97 36.01
C THR K 95 -4.21 -29.90 35.18
N GLN K 96 -4.71 -30.28 33.99
CA GLN K 96 -5.40 -29.31 33.15
C GLN K 96 -6.60 -28.73 33.86
N ALA K 97 -7.44 -29.60 34.43
CA ALA K 97 -8.67 -29.11 35.07
C ALA K 97 -8.34 -28.18 36.24
N ILE K 98 -7.43 -28.61 37.11
CA ILE K 98 -7.10 -27.83 38.28
C ILE K 98 -6.51 -26.49 37.87
N VAL K 99 -5.61 -26.50 36.88
CA VAL K 99 -4.96 -25.26 36.46
C VAL K 99 -5.99 -24.30 35.88
N ARG K 100 -6.88 -24.80 35.03
CA ARG K 100 -7.88 -23.93 34.41
C ARG K 100 -8.75 -23.27 35.49
N GLU K 101 -9.34 -24.08 36.37
CA GLU K 101 -10.25 -23.52 37.35
C GLU K 101 -9.51 -22.62 38.33
N GLY K 102 -8.28 -22.98 38.69
CA GLY K 102 -7.51 -22.16 39.61
C GLY K 102 -7.14 -20.82 39.03
N LEU K 103 -6.75 -20.80 37.75
CA LEU K 103 -6.46 -19.54 37.09
C LEU K 103 -7.71 -18.67 37.04
N LYS K 104 -8.85 -19.28 36.72
CA LYS K 104 -10.09 -18.51 36.68
C LYS K 104 -10.41 -17.92 38.05
N ASN K 105 -10.25 -18.71 39.11
CA ASN K 105 -10.54 -18.21 40.45
C ASN K 105 -9.57 -17.11 40.86
N VAL K 106 -8.28 -17.27 40.55
CA VAL K 106 -7.27 -16.30 40.93
C VAL K 106 -7.49 -14.98 40.19
N THR K 107 -8.04 -15.06 38.98
CA THR K 107 -8.31 -13.84 38.21
C THR K 107 -9.21 -12.88 38.99
N ALA K 108 -10.06 -13.40 39.85
CA ALA K 108 -10.99 -12.60 40.65
C ALA K 108 -10.51 -12.41 42.08
N GLY K 109 -9.21 -12.26 42.29
CA GLY K 109 -8.67 -12.15 43.63
C GLY K 109 -8.16 -13.48 44.12
N ALA K 110 -8.67 -13.93 45.27
CA ALA K 110 -8.39 -15.28 45.75
C ALA K 110 -6.90 -15.55 45.87
N ASN K 111 -6.25 -14.93 46.87
CA ASN K 111 -4.82 -15.03 47.11
C ASN K 111 -4.31 -16.44 46.84
N PRO K 112 -3.38 -16.59 45.90
CA PRO K 112 -3.00 -17.93 45.43
C PRO K 112 -2.45 -18.84 46.52
N LEU K 113 -1.85 -18.28 47.58
CA LEU K 113 -1.30 -19.12 48.63
C LEU K 113 -2.40 -19.91 49.33
N GLY K 114 -3.55 -19.28 49.58
CA GLY K 114 -4.69 -20.00 50.13
C GLY K 114 -5.16 -21.11 49.21
N ILE K 115 -5.14 -20.86 47.90
CA ILE K 115 -5.51 -21.89 46.94
C ILE K 115 -4.56 -23.06 47.02
N ARG K 116 -3.26 -22.78 47.10
CA ARG K 116 -2.29 -23.87 47.18
C ARG K 116 -2.47 -24.66 48.47
N ARG K 117 -2.72 -23.97 49.58
CA ARG K 117 -2.95 -24.67 50.85
C ARG K 117 -4.17 -25.56 50.77
N GLY K 118 -5.26 -25.05 50.21
CA GLY K 118 -6.46 -25.85 50.07
C GLY K 118 -6.26 -27.05 49.16
N ILE K 119 -5.52 -26.85 48.07
CA ILE K 119 -5.23 -27.96 47.18
C ILE K 119 -4.44 -29.03 47.89
N GLU K 120 -3.41 -28.64 48.65
CA GLU K 120 -2.61 -29.62 49.38
C GLU K 120 -3.45 -30.36 50.41
N LEU K 121 -4.31 -29.64 51.13
CA LEU K 121 -5.14 -30.29 52.14
C LEU K 121 -6.09 -31.29 51.49
N ALA K 122 -6.74 -30.90 50.39
CA ALA K 122 -7.65 -31.82 49.71
C ALA K 122 -6.90 -33.03 49.19
N THR K 123 -5.70 -32.82 48.63
CA THR K 123 -4.93 -33.94 48.12
C THR K 123 -4.52 -34.90 49.23
N LYS K 124 -4.10 -34.35 50.38
CA LYS K 124 -3.75 -35.21 51.50
C LYS K 124 -4.94 -36.01 51.98
N ALA K 125 -6.11 -35.37 52.09
CA ALA K 125 -7.30 -36.09 52.51
C ALA K 125 -7.66 -37.18 51.51
N ALA K 126 -7.55 -36.88 50.21
CA ALA K 126 -7.86 -37.87 49.19
C ALA K 126 -6.90 -39.05 49.24
N VAL K 127 -5.62 -38.78 49.45
CA VAL K 127 -4.64 -39.87 49.55
C VAL K 127 -4.96 -40.74 50.76
N GLU K 128 -5.29 -40.11 51.89
CA GLU K 128 -5.66 -40.88 53.07
C GLU K 128 -6.88 -41.75 52.81
N GLU K 129 -7.90 -41.19 52.15
CA GLU K 129 -9.10 -41.96 51.85
C GLU K 129 -8.78 -43.12 50.91
N LEU K 130 -7.94 -42.90 49.90
CA LEU K 130 -7.57 -43.97 48.99
C LEU K 130 -6.85 -45.09 49.73
N HIS K 131 -5.92 -44.73 50.62
CA HIS K 131 -5.28 -45.75 51.43
C HIS K 131 -6.25 -46.41 52.40
N ASN K 132 -7.38 -45.76 52.68
CA ASN K 132 -8.38 -46.35 53.56
C ASN K 132 -9.17 -47.43 52.83
N ILE K 133 -9.84 -47.08 51.74
CA ILE K 133 -10.63 -48.04 50.99
C ILE K 133 -9.76 -48.68 49.92
N SER K 134 -9.54 -49.99 50.03
CA SER K 134 -8.74 -50.74 49.07
C SER K 134 -8.86 -52.21 49.41
N THR K 135 -8.70 -53.04 48.38
CA THR K 135 -8.66 -54.49 48.54
C THR K 135 -7.20 -54.90 48.67
N VAL K 136 -6.79 -55.25 49.90
CA VAL K 136 -5.41 -55.62 50.14
C VAL K 136 -5.08 -56.89 49.37
N VAL K 137 -4.05 -56.82 48.53
CA VAL K 137 -3.65 -57.98 47.74
C VAL K 137 -2.37 -58.56 48.33
N ASP K 138 -2.52 -59.57 49.18
CA ASP K 138 -1.39 -60.24 49.82
C ASP K 138 -1.46 -61.74 49.75
N SER K 139 -2.64 -62.34 49.58
CA SER K 139 -2.75 -63.78 49.45
C SER K 139 -2.09 -64.26 48.16
N LYS K 140 -1.56 -65.48 48.20
CA LYS K 140 -0.90 -66.03 47.03
C LYS K 140 -1.89 -66.18 45.88
N GLU K 141 -3.11 -66.62 46.17
CA GLU K 141 -4.12 -66.76 45.12
C GLU K 141 -4.50 -65.40 44.53
N ALA K 142 -4.66 -64.39 45.39
CA ALA K 142 -4.98 -63.06 44.91
C ALA K 142 -3.83 -62.51 44.06
N ILE K 143 -2.59 -62.73 44.49
CA ILE K 143 -1.44 -62.28 43.71
C ILE K 143 -1.41 -62.97 42.35
N ALA K 144 -1.69 -64.28 42.33
CA ALA K 144 -1.74 -65.01 41.08
C ALA K 144 -2.82 -64.47 40.16
N GLN K 145 -3.98 -64.16 40.73
CA GLN K 145 -5.07 -63.59 39.94
C GLN K 145 -4.67 -62.23 39.36
N VAL K 146 -4.04 -61.40 40.18
CA VAL K 146 -3.62 -60.08 39.70
C VAL K 146 -2.60 -60.21 38.59
N ALA K 147 -1.67 -61.15 38.72
CA ALA K 147 -0.75 -61.44 37.63
C ALA K 147 -1.49 -62.04 36.44
N ALA K 148 -2.68 -62.61 36.68
CA ALA K 148 -3.45 -63.23 35.61
C ALA K 148 -4.43 -62.26 34.96
N VAL K 149 -4.41 -60.99 35.36
CA VAL K 149 -5.28 -59.99 34.76
C VAL K 149 -4.37 -58.95 34.11
N SER K 150 -4.97 -57.85 33.63
CA SER K 150 -4.35 -56.99 32.62
C SER K 150 -4.14 -57.82 31.37
N SER K 151 -2.91 -57.95 30.89
CA SER K 151 -2.70 -58.90 29.81
C SER K 151 -2.51 -60.30 30.41
N GLY K 152 -1.40 -60.50 31.11
CA GLY K 152 -1.20 -61.62 32.01
C GLY K 152 -1.53 -63.02 31.50
N SER K 153 -1.80 -63.14 30.19
CA SER K 153 -2.44 -64.30 29.59
C SER K 153 -3.23 -65.09 30.62
N ASP K 154 -2.82 -66.33 30.85
CA ASP K 154 -3.23 -67.07 32.03
C ASP K 154 -2.06 -67.70 32.77
N LYS K 155 -1.07 -68.22 32.04
CA LYS K 155 0.05 -68.89 32.68
C LYS K 155 0.92 -67.91 33.46
N VAL K 156 1.00 -66.66 33.00
CA VAL K 156 1.84 -65.67 33.67
C VAL K 156 1.40 -65.49 35.11
N GLY K 157 0.10 -65.66 35.39
CA GLY K 157 -0.37 -65.57 36.76
C GLY K 157 0.34 -66.55 37.67
N HIS K 158 0.27 -67.84 37.33
CA HIS K 158 0.93 -68.86 38.15
C HIS K 158 2.44 -68.68 38.13
N LEU K 159 3.00 -68.32 36.97
CA LEU K 159 4.45 -68.16 36.87
C LEU K 159 4.93 -67.07 37.83
N ILE K 160 4.26 -65.91 37.81
CA ILE K 160 4.65 -64.81 38.68
C ILE K 160 4.39 -65.17 40.14
N ALA K 161 3.28 -65.87 40.42
CA ALA K 161 3.01 -66.28 41.79
C ALA K 161 4.13 -67.15 42.33
N ASP K 162 4.53 -68.17 41.58
CA ASP K 162 5.58 -69.07 42.04
C ASP K 162 6.92 -68.33 42.15
N ALA K 163 7.24 -67.50 41.16
CA ALA K 163 8.51 -66.78 41.21
C ALA K 163 8.58 -65.87 42.42
N MET K 164 7.53 -65.08 42.64
CA MET K 164 7.48 -64.17 43.78
C MET K 164 7.51 -64.94 45.10
N GLU K 165 6.82 -66.08 45.18
CA GLU K 165 6.87 -66.87 46.40
C GLU K 165 8.29 -67.38 46.66
N LYS K 166 8.98 -67.81 45.60
CA LYS K 166 10.34 -68.30 45.77
C LYS K 166 11.29 -67.18 46.19
N VAL K 167 11.12 -65.98 45.64
CA VAL K 167 12.06 -64.89 45.88
C VAL K 167 11.53 -63.87 46.88
N GLY K 168 10.28 -63.98 47.30
CA GLY K 168 9.69 -63.01 48.20
C GLY K 168 9.10 -61.82 47.47
N ASN K 169 8.50 -60.92 48.25
CA ASN K 169 7.86 -59.74 47.68
C ASN K 169 8.88 -58.87 46.94
N ASP K 170 10.04 -58.65 47.55
CA ASP K 170 11.07 -57.78 47.00
C ASP K 170 12.13 -58.53 46.21
N GLY K 171 11.96 -59.84 46.04
CA GLY K 171 12.96 -60.61 45.30
C GLY K 171 13.01 -60.22 43.85
N VAL K 172 14.19 -60.38 43.27
CA VAL K 172 14.45 -60.00 41.89
C VAL K 172 13.90 -61.06 40.97
N ILE K 173 13.08 -60.64 40.01
CA ILE K 173 12.51 -61.52 38.99
C ILE K 173 12.94 -61.01 37.63
N THR K 174 13.53 -61.89 36.83
CA THR K 174 14.03 -61.53 35.51
C THR K 174 13.29 -62.32 34.44
N ILE K 175 13.18 -61.71 33.27
CA ILE K 175 12.46 -62.27 32.13
C ILE K 175 13.45 -62.47 31.00
N GLU K 176 13.48 -63.69 30.45
CA GLU K 176 14.40 -64.03 29.38
C GLU K 176 13.65 -64.76 28.27
N GLU K 177 14.29 -64.82 27.10
CA GLU K 177 13.72 -65.48 25.94
C GLU K 177 14.30 -66.89 25.83
N SER K 178 13.48 -67.89 26.10
CA SER K 178 13.90 -69.28 25.95
C SER K 178 13.97 -69.65 24.47
N LYS K 179 14.99 -70.43 24.11
CA LYS K 179 15.12 -70.87 22.74
C LYS K 179 14.05 -71.89 22.35
N GLY K 180 13.38 -72.50 23.34
CA GLY K 180 12.32 -73.44 23.09
C GLY K 180 10.99 -72.75 22.85
N ILE K 181 9.94 -73.57 22.84
CA ILE K 181 8.58 -73.07 22.64
C ILE K 181 7.83 -72.89 23.95
N GLU K 182 8.39 -73.33 25.07
CA GLU K 182 7.72 -73.25 26.36
C GLU K 182 8.38 -72.20 27.25
N THR K 183 7.54 -71.51 28.03
CA THR K 183 8.03 -70.54 29.00
C THR K 183 8.29 -71.24 30.33
N GLU K 184 9.49 -71.04 30.88
CA GLU K 184 9.92 -71.72 32.08
C GLU K 184 10.40 -70.73 33.12
N LEU K 185 10.27 -71.11 34.38
CA LEU K 185 10.68 -70.29 35.51
C LEU K 185 11.89 -70.94 36.17
N ASP K 186 12.93 -70.15 36.41
CA ASP K 186 14.16 -70.62 37.04
C ASP K 186 14.59 -69.66 38.13
N VAL K 187 15.16 -70.21 39.20
CA VAL K 187 15.70 -69.43 40.31
C VAL K 187 17.18 -69.75 40.41
N VAL K 188 18.02 -68.73 40.27
CA VAL K 188 19.47 -68.88 40.29
C VAL K 188 20.06 -67.87 41.26
N GLU K 189 21.38 -67.93 41.41
CA GLU K 189 22.10 -66.96 42.21
C GLU K 189 22.29 -65.69 41.39
N GLY K 190 21.90 -64.55 41.97
CA GLY K 190 22.00 -63.29 41.26
C GLY K 190 22.12 -62.14 42.22
N MET K 191 22.35 -60.96 41.66
CA MET K 191 22.57 -59.77 42.44
C MET K 191 21.99 -58.56 41.71
N GLN K 192 21.09 -57.84 42.37
CA GLN K 192 20.60 -56.57 41.87
C GLN K 192 20.81 -55.52 42.94
N PHE K 193 21.42 -54.40 42.56
CA PHE K 193 21.69 -53.30 43.47
C PHE K 193 21.35 -51.98 42.78
N ASP K 194 21.01 -50.99 43.60
CA ASP K 194 20.52 -49.70 43.12
C ASP K 194 21.69 -48.84 42.63
N ARG K 195 22.24 -49.24 41.49
CA ARG K 195 23.30 -48.48 40.82
C ARG K 195 23.07 -48.60 39.33
N GLY K 196 22.65 -47.49 38.70
CA GLY K 196 22.45 -47.46 37.27
C GLY K 196 23.74 -47.18 36.52
N TYR K 197 23.62 -47.15 35.20
CA TYR K 197 24.77 -46.85 34.37
C TYR K 197 25.22 -45.41 34.59
N LEU K 198 26.52 -45.17 34.39
CA LEU K 198 27.07 -43.83 34.53
C LEU K 198 26.71 -42.92 33.36
N SER K 199 26.39 -43.50 32.20
CA SER K 199 26.04 -42.72 31.03
C SER K 199 25.09 -43.51 30.16
N GLN K 200 24.25 -42.80 29.41
CA GLN K 200 23.29 -43.41 28.51
C GLN K 200 23.92 -43.90 27.21
N TYR K 201 25.17 -43.55 26.94
CA TYR K 201 25.82 -43.94 25.70
C TYR K 201 26.10 -45.43 25.62
N MET K 202 26.31 -46.10 26.75
CA MET K 202 26.57 -47.53 26.76
C MET K 202 25.30 -48.36 26.89
N VAL K 203 24.13 -47.75 26.70
CA VAL K 203 22.88 -48.50 26.76
C VAL K 203 22.78 -49.43 25.57
N THR K 204 22.62 -50.72 25.83
CA THR K 204 22.53 -51.71 24.77
C THR K 204 21.14 -51.78 24.16
N ASP K 205 20.10 -51.68 25.00
CA ASP K 205 18.71 -51.74 24.55
C ASP K 205 18.12 -50.34 24.66
N ASN K 206 18.11 -49.61 23.53
CA ASN K 206 17.59 -48.25 23.54
C ASN K 206 16.11 -48.21 23.88
N ASP K 207 15.33 -49.16 23.36
CA ASP K 207 13.90 -49.19 23.63
C ASP K 207 13.63 -49.40 25.12
N LYS K 208 14.35 -50.32 25.75
CA LYS K 208 14.19 -50.58 27.17
C LYS K 208 15.10 -49.73 28.04
N MET K 209 16.00 -48.94 27.43
CA MET K 209 16.89 -48.05 28.16
C MET K 209 17.92 -48.84 28.96
N GLU K 210 17.75 -50.15 29.01
CA GLU K 210 18.59 -51.02 29.83
C GLU K 210 19.86 -51.41 29.08
N ALA K 211 20.93 -51.62 29.85
CA ALA K 211 22.19 -52.12 29.32
C ALA K 211 22.24 -53.63 29.57
N VAL K 212 22.36 -54.40 28.50
CA VAL K 212 22.33 -55.86 28.56
C VAL K 212 23.69 -56.40 28.17
N LEU K 213 24.29 -57.20 29.03
CA LEU K 213 25.57 -57.85 28.78
C LEU K 213 25.41 -59.35 28.96
N GLU K 214 25.90 -60.12 28.00
CA GLU K 214 25.82 -61.57 28.01
C GLU K 214 27.21 -62.14 28.26
N ASN K 215 27.33 -62.94 29.32
CA ASN K 215 28.61 -63.50 29.75
C ASN K 215 29.71 -62.43 29.81
N PRO K 216 29.53 -61.38 30.60
CA PRO K 216 30.53 -60.31 30.65
C PRO K 216 31.56 -60.53 31.74
N TYR K 217 32.68 -59.83 31.60
CA TYR K 217 33.67 -59.77 32.65
C TYR K 217 33.31 -58.66 33.62
N ILE K 218 33.52 -58.90 34.92
CA ILE K 218 33.09 -58.00 35.96
C ILE K 218 34.32 -57.48 36.69
N LEU K 219 34.47 -56.15 36.72
CA LEU K 219 35.54 -55.50 37.45
C LEU K 219 34.99 -55.01 38.78
N ILE K 220 35.59 -55.47 39.87
CA ILE K 220 35.13 -55.17 41.22
C ILE K 220 36.25 -54.44 41.95
N THR K 221 35.99 -53.20 42.34
CA THR K 221 36.99 -52.40 43.03
C THR K 221 36.29 -51.29 43.81
N ASP K 222 36.95 -50.85 44.88
CA ASP K 222 36.48 -49.71 45.67
C ASP K 222 37.21 -48.42 45.32
N LYS K 223 38.18 -48.47 44.42
CA LYS K 223 38.97 -47.30 44.06
C LYS K 223 38.22 -46.44 43.05
N LYS K 224 38.70 -45.21 42.89
CA LYS K 224 38.15 -44.29 41.92
C LYS K 224 38.96 -44.36 40.63
N ILE K 225 38.28 -44.54 39.50
CA ILE K 225 38.92 -44.71 38.20
C ILE K 225 38.75 -43.40 37.44
N SER K 226 39.78 -42.55 37.49
CA SER K 226 39.80 -41.31 36.74
C SER K 226 40.76 -41.32 35.56
N ASN K 227 41.67 -42.28 35.51
CA ASN K 227 42.64 -42.40 34.43
C ASN K 227 42.39 -43.69 33.67
N ILE K 228 42.31 -43.58 32.33
CA ILE K 228 42.16 -44.76 31.51
C ILE K 228 43.43 -45.61 31.49
N GLN K 229 44.58 -45.01 31.82
CA GLN K 229 45.84 -45.75 31.81
C GLN K 229 45.86 -46.85 32.86
N ASP K 230 45.12 -46.67 33.95
CA ASP K 230 45.13 -47.66 35.03
C ASP K 230 44.53 -48.99 34.60
N ILE K 231 43.77 -49.03 33.51
CA ILE K 231 43.06 -50.23 33.09
C ILE K 231 43.40 -50.65 31.67
N LEU K 232 44.36 -49.98 31.02
CA LEU K 232 44.67 -50.32 29.64
C LEU K 232 45.11 -51.77 29.44
N PRO K 233 46.01 -52.35 30.26
CA PRO K 233 46.32 -53.77 30.07
C PRO K 233 45.12 -54.68 30.19
N LEU K 234 44.25 -54.41 31.17
CA LEU K 234 43.04 -55.22 31.31
C LEU K 234 42.09 -55.01 30.16
N LEU K 235 41.99 -53.76 29.66
CA LEU K 235 41.17 -53.50 28.48
C LEU K 235 41.67 -54.28 27.29
N GLU K 236 42.99 -54.32 27.09
CA GLU K 236 43.56 -55.08 25.99
C GLU K 236 43.30 -56.57 26.16
N GLN K 237 43.42 -57.08 27.39
CA GLN K 237 43.15 -58.49 27.64
C GLN K 237 41.70 -58.83 27.29
N ILE K 238 40.76 -57.98 27.70
CA ILE K 238 39.35 -58.24 27.45
C ILE K 238 39.04 -58.11 25.97
N LEU K 239 39.66 -57.14 25.29
CA LEU K 239 39.52 -57.03 23.85
C LEU K 239 40.02 -58.28 23.14
N GLN K 240 41.13 -58.85 23.62
CA GLN K 240 41.58 -60.13 23.11
C GLN K 240 40.55 -61.21 23.34
N GLN K 241 39.94 -61.22 24.53
CA GLN K 241 38.87 -62.17 24.81
C GLN K 241 37.57 -61.82 24.10
N SER K 242 37.42 -60.57 23.65
CA SER K 242 36.23 -60.12 22.92
C SER K 242 34.95 -60.36 23.72
N ARG K 243 34.99 -60.12 25.02
CA ARG K 243 33.83 -60.28 25.88
C ARG K 243 33.41 -58.94 26.48
N PRO K 244 32.16 -58.79 26.87
CA PRO K 244 31.74 -57.55 27.53
C PRO K 244 32.40 -57.41 28.90
N LEU K 245 32.54 -56.16 29.34
CA LEU K 245 33.16 -55.85 30.61
C LEU K 245 32.21 -55.03 31.47
N LEU K 246 32.05 -55.44 32.73
CA LEU K 246 31.30 -54.68 33.72
C LEU K 246 32.27 -54.11 34.74
N ILE K 247 32.14 -52.81 35.03
CA ILE K 247 33.01 -52.11 35.94
C ILE K 247 32.20 -51.66 37.15
N ILE K 248 32.63 -52.09 38.33
CA ILE K 248 32.02 -51.69 39.60
C ILE K 248 33.12 -51.01 40.40
N ALA K 249 33.08 -49.67 40.44
CA ALA K 249 34.09 -48.89 41.15
C ALA K 249 33.41 -47.82 41.97
N ASP K 250 34.20 -47.13 42.80
CA ASP K 250 33.67 -46.02 43.58
C ASP K 250 33.15 -44.92 42.67
N ASP K 251 33.92 -44.58 41.63
CA ASP K 251 33.52 -43.57 40.67
C ASP K 251 34.45 -43.65 39.46
N VAL K 252 33.86 -43.58 38.27
CA VAL K 252 34.60 -43.54 37.01
C VAL K 252 34.32 -42.19 36.37
N ASP K 253 35.35 -41.36 36.27
CA ASP K 253 35.20 -40.00 35.77
C ASP K 253 36.52 -39.58 35.14
N GLY K 254 36.70 -38.27 34.95
CA GLY K 254 37.95 -37.77 34.41
C GLY K 254 38.03 -38.00 32.91
N GLU K 255 39.14 -38.59 32.47
CA GLU K 255 39.31 -38.92 31.06
C GLU K 255 38.97 -40.37 30.75
N ALA K 256 38.98 -41.24 31.75
CA ALA K 256 38.67 -42.65 31.51
C ALA K 256 37.22 -42.82 31.05
N LEU K 257 36.30 -42.10 31.68
CA LEU K 257 34.88 -42.23 31.31
C LEU K 257 34.60 -41.80 29.88
N PRO K 258 35.03 -40.63 29.40
CA PRO K 258 34.81 -40.31 27.98
C PRO K 258 35.50 -41.27 27.03
N THR K 259 36.68 -41.78 27.41
CA THR K 259 37.37 -42.75 26.56
C THR K 259 36.55 -44.03 26.42
N LEU K 260 36.03 -44.53 27.54
CA LEU K 260 35.20 -45.72 27.50
C LEU K 260 33.91 -45.47 26.73
N VAL K 261 33.32 -44.28 26.89
CA VAL K 261 32.11 -43.94 26.16
C VAL K 261 32.37 -43.95 24.65
N LEU K 262 33.48 -43.34 24.24
CA LEU K 262 33.83 -43.33 22.82
C LEU K 262 34.10 -44.73 22.30
N ASN K 263 34.79 -45.56 23.09
CA ASN K 263 35.05 -46.93 22.67
C ASN K 263 33.75 -47.71 22.50
N LYS K 264 32.81 -47.52 23.43
CA LYS K 264 31.53 -48.20 23.33
C LYS K 264 30.74 -47.73 22.12
N ILE K 265 30.76 -46.41 21.87
CA ILE K 265 30.06 -45.87 20.71
C ILE K 265 30.64 -46.44 19.41
N ARG K 266 31.97 -46.48 19.32
CA ARG K 266 32.62 -47.06 18.15
C ARG K 266 32.49 -48.58 18.11
N GLY K 267 32.00 -49.21 19.18
CA GLY K 267 31.88 -50.64 19.22
C GLY K 267 33.16 -51.37 19.58
N THR K 268 34.24 -50.64 19.87
CA THR K 268 35.50 -51.29 20.22
C THR K 268 35.38 -52.11 21.49
N PHE K 269 34.68 -51.58 22.49
CA PHE K 269 34.56 -52.23 23.78
C PHE K 269 33.10 -52.25 24.22
N ASN K 270 32.61 -53.41 24.63
CA ASN K 270 31.27 -53.54 25.19
C ASN K 270 31.36 -53.44 26.72
N VAL K 271 31.69 -52.24 27.18
CA VAL K 271 31.99 -51.98 28.58
C VAL K 271 30.90 -51.11 29.18
N VAL K 272 30.50 -51.45 30.41
CA VAL K 272 29.57 -50.65 31.18
C VAL K 272 30.16 -50.45 32.57
N ALA K 273 30.18 -49.21 33.04
CA ALA K 273 30.71 -48.87 34.35
C ALA K 273 29.60 -48.30 35.21
N VAL K 274 29.51 -48.79 36.45
CA VAL K 274 28.52 -48.33 37.42
C VAL K 274 29.23 -48.07 38.74
N LYS K 275 28.58 -47.25 39.57
CA LYS K 275 29.14 -46.92 40.88
C LYS K 275 28.99 -48.10 41.83
N ALA K 276 29.88 -48.15 42.81
CA ALA K 276 29.84 -49.20 43.82
C ALA K 276 28.75 -48.91 44.84
N PRO K 277 27.86 -49.85 45.11
CA PRO K 277 26.84 -49.63 46.14
C PRO K 277 27.45 -49.60 47.54
N GLY K 278 26.76 -48.90 48.43
CA GLY K 278 27.19 -48.76 49.79
C GLY K 278 28.29 -47.72 49.94
N PHE K 279 28.51 -47.30 51.19
CA PHE K 279 29.49 -46.27 51.47
C PHE K 279 30.28 -46.64 52.71
N GLY K 280 31.50 -46.11 52.80
CA GLY K 280 32.35 -46.38 53.95
C GLY K 280 32.66 -47.85 54.08
N ASP K 281 32.69 -48.32 55.33
CA ASP K 281 32.94 -49.74 55.58
C ASP K 281 31.85 -50.61 54.99
N ARG K 282 30.63 -50.08 54.85
CA ARG K 282 29.54 -50.86 54.31
C ARG K 282 29.79 -51.23 52.85
N ARG K 283 30.37 -50.31 52.08
CA ARG K 283 30.59 -50.55 50.66
C ARG K 283 31.40 -51.81 50.41
N LYS K 284 32.49 -51.97 51.17
CA LYS K 284 33.33 -53.16 51.02
C LYS K 284 32.57 -54.43 51.37
N ALA K 285 31.54 -54.34 52.21
CA ALA K 285 30.77 -55.53 52.57
C ALA K 285 30.14 -56.17 51.35
N MET K 286 29.22 -55.48 50.68
CA MET K 286 28.64 -56.11 49.51
C MET K 286 29.56 -56.06 48.30
N LEU K 287 30.66 -55.30 48.34
CA LEU K 287 31.69 -55.51 47.31
C LEU K 287 32.30 -56.89 47.43
N GLU K 288 32.62 -57.32 48.65
CA GLU K 288 33.09 -58.68 48.88
C GLU K 288 32.00 -59.69 48.56
N ASP K 289 30.74 -59.37 48.86
CA ASP K 289 29.65 -60.26 48.51
C ASP K 289 29.57 -60.47 47.00
N ILE K 290 29.70 -59.38 46.23
CA ILE K 290 29.68 -59.48 44.78
C ILE K 290 30.87 -60.28 44.29
N ALA K 291 32.05 -60.05 44.88
CA ALA K 291 33.22 -60.82 44.49
C ALA K 291 33.02 -62.31 44.73
N ILE K 292 32.42 -62.66 45.87
CA ILE K 292 32.16 -64.06 46.17
C ILE K 292 31.15 -64.64 45.18
N LEU K 293 30.07 -63.89 44.90
CA LEU K 293 29.02 -64.41 44.03
C LEU K 293 29.52 -64.59 42.60
N THR K 294 30.34 -63.67 42.11
CA THR K 294 30.82 -63.73 40.74
C THR K 294 32.15 -64.45 40.58
N GLY K 295 32.80 -64.80 41.69
CA GLY K 295 34.10 -65.42 41.63
C GLY K 295 35.25 -64.47 41.39
N GLY K 296 35.00 -63.17 41.31
CA GLY K 296 36.04 -62.19 41.12
C GLY K 296 36.68 -61.79 42.43
N THR K 297 37.53 -60.76 42.33
CA THR K 297 38.25 -60.25 43.49
C THR K 297 38.10 -58.73 43.54
N VAL K 298 37.87 -58.21 44.75
CA VAL K 298 37.77 -56.76 44.93
C VAL K 298 39.16 -56.16 44.87
N ILE K 299 39.34 -55.16 44.00
CA ILE K 299 40.60 -54.48 43.84
C ILE K 299 40.61 -53.30 44.81
N THR K 300 41.24 -53.49 45.97
CA THR K 300 41.29 -52.47 47.00
C THR K 300 42.72 -52.32 47.50
N ASP K 301 43.03 -51.12 48.00
CA ASP K 301 44.35 -50.85 48.53
C ASP K 301 44.65 -51.66 49.78
N ASP K 302 43.63 -52.13 50.48
CA ASP K 302 43.84 -52.97 51.66
C ASP K 302 44.49 -54.29 51.27
N LEU K 303 44.11 -54.85 50.13
CA LEU K 303 44.66 -56.11 49.65
C LEU K 303 45.94 -55.92 48.84
N GLY K 304 46.38 -54.68 48.64
CA GLY K 304 47.59 -54.44 47.87
C GLY K 304 47.45 -54.68 46.38
N LEU K 305 46.23 -54.62 45.86
CA LEU K 305 45.98 -54.84 44.44
C LEU K 305 45.84 -53.50 43.72
N GLU K 306 46.52 -53.36 42.58
CA GLU K 306 46.48 -52.16 41.78
C GLU K 306 45.66 -52.39 40.53
N LEU K 307 45.10 -51.30 39.99
CA LEU K 307 44.24 -51.40 38.81
C LEU K 307 45.03 -51.91 37.61
N LYS K 308 46.26 -51.44 37.44
CA LYS K 308 47.10 -51.91 36.33
C LYS K 308 47.51 -53.36 36.48
N ASP K 309 47.48 -53.90 37.70
CA ASP K 309 47.85 -55.28 37.95
C ASP K 309 46.68 -56.24 37.87
N VAL K 310 45.48 -55.75 37.53
CA VAL K 310 44.31 -56.61 37.44
C VAL K 310 44.42 -57.46 36.19
N THR K 311 44.21 -58.77 36.35
CA THR K 311 44.24 -59.73 35.25
C THR K 311 42.83 -60.23 34.98
N ILE K 312 42.72 -61.12 33.99
CA ILE K 312 41.43 -61.70 33.65
C ILE K 312 40.91 -62.59 34.78
N GLU K 313 41.81 -63.29 35.48
CA GLU K 313 41.39 -64.21 36.53
C GLU K 313 40.66 -63.49 37.66
N ASN K 314 41.15 -62.32 38.07
CA ASN K 314 40.56 -61.59 39.18
C ASN K 314 39.19 -61.01 38.85
N LEU K 315 38.80 -61.02 37.58
CA LEU K 315 37.52 -60.43 37.18
C LEU K 315 36.37 -61.39 37.48
N GLY K 316 35.26 -60.83 37.96
CA GLY K 316 34.07 -61.61 38.16
C GLY K 316 33.43 -62.01 36.84
N ASN K 317 32.68 -63.10 36.88
CA ASN K 317 32.02 -63.63 35.70
C ASN K 317 30.58 -64.00 36.03
N ALA K 318 29.70 -63.82 35.05
CA ALA K 318 28.30 -64.16 35.20
C ALA K 318 27.72 -64.43 33.82
N SER K 319 26.55 -65.09 33.80
CA SER K 319 25.92 -65.40 32.52
C SER K 319 25.36 -64.15 31.86
N LYS K 320 24.69 -63.29 32.63
CA LYS K 320 24.04 -62.11 32.07
C LYS K 320 24.00 -61.01 33.13
N VAL K 321 24.17 -59.77 32.67
CA VAL K 321 24.09 -58.60 33.53
C VAL K 321 23.17 -57.58 32.88
N VAL K 322 22.21 -57.08 33.65
CA VAL K 322 21.26 -56.07 33.19
C VAL K 322 21.46 -54.81 34.00
N VAL K 323 21.68 -53.69 33.31
CA VAL K 323 21.89 -52.39 33.95
C VAL K 323 20.84 -51.43 33.42
N ASP K 324 19.97 -50.96 34.31
CA ASP K 324 18.99 -49.94 33.96
C ASP K 324 19.53 -48.57 34.39
N LYS K 325 18.66 -47.55 34.32
CA LYS K 325 19.08 -46.20 34.68
C LYS K 325 19.47 -46.10 36.16
N ASP K 326 18.87 -46.93 37.01
CA ASP K 326 19.04 -46.79 38.45
C ASP K 326 19.56 -48.04 39.13
N ASN K 327 19.46 -49.21 38.51
CA ASN K 327 19.85 -50.46 39.16
C ASN K 327 20.67 -51.31 38.19
N THR K 328 21.50 -52.17 38.77
CA THR K 328 22.31 -53.12 38.01
C THR K 328 21.99 -54.52 38.50
N THR K 329 21.63 -55.40 37.57
CA THR K 329 21.22 -56.76 37.89
C THR K 329 22.25 -57.75 37.36
N ILE K 330 22.61 -58.73 38.18
CA ILE K 330 23.56 -59.76 37.82
C ILE K 330 22.83 -61.09 37.82
N VAL K 331 23.04 -61.90 36.77
CA VAL K 331 22.36 -63.18 36.62
C VAL K 331 23.42 -64.27 36.53
N GLU K 332 23.26 -65.30 37.37
CA GLU K 332 24.09 -66.50 37.33
C GLU K 332 25.58 -66.18 37.48
N GLY K 333 25.92 -65.65 38.65
CA GLY K 333 27.31 -65.39 38.95
C GLY K 333 28.13 -66.68 38.97
N SER K 334 29.40 -66.55 38.61
CA SER K 334 30.28 -67.70 38.46
C SER K 334 30.98 -68.07 39.76
N GLY K 335 30.71 -67.38 40.86
CA GLY K 335 31.34 -67.69 42.12
C GLY K 335 30.87 -69.02 42.68
N GLU K 336 31.70 -69.56 43.58
CA GLU K 336 31.41 -70.85 44.18
C GLU K 336 30.20 -70.78 45.08
N LYS K 337 29.34 -71.80 45.01
CA LYS K 337 28.17 -71.85 45.87
C LYS K 337 28.56 -71.92 47.34
N GLU K 338 29.60 -72.69 47.66
CA GLU K 338 30.00 -72.86 49.05
C GLU K 338 30.49 -71.56 49.65
N ALA K 339 31.24 -70.77 48.88
CA ALA K 339 31.71 -69.47 49.38
C ALA K 339 30.53 -68.53 49.63
N ILE K 340 29.55 -68.53 48.73
CA ILE K 340 28.36 -67.71 48.93
C ILE K 340 27.60 -68.16 50.17
N GLU K 341 27.52 -69.48 50.39
CA GLU K 341 26.87 -70.00 51.59
C GLU K 341 27.61 -69.57 52.85
N ALA K 342 28.94 -69.60 52.81
CA ALA K 342 29.72 -69.16 53.97
C ALA K 342 29.52 -67.68 54.24
N ARG K 343 29.48 -66.87 53.19
CA ARG K 343 29.21 -65.44 53.36
C ARG K 343 27.82 -65.22 53.94
N VAL K 344 26.84 -65.98 53.47
CA VAL K 344 25.47 -65.87 53.98
C VAL K 344 25.43 -66.25 55.46
N GLN K 345 26.13 -67.32 55.83
CA GLN K 345 26.17 -67.72 57.23
C GLN K 345 26.86 -66.67 58.09
N LEU K 346 27.93 -66.06 57.56
CA LEU K 346 28.60 -64.98 58.29
C LEU K 346 27.66 -63.80 58.50
N ILE K 347 26.89 -63.44 57.47
CA ILE K 347 25.95 -62.33 57.61
C ILE K 347 24.85 -62.68 58.60
N LYS K 348 24.40 -63.94 58.59
CA LYS K 348 23.40 -64.38 59.56
C LYS K 348 23.94 -64.29 60.98
N ASN K 349 25.19 -64.70 61.18
CA ASN K 349 25.82 -64.58 62.49
C ASN K 349 25.93 -63.12 62.92
N GLN K 350 26.30 -62.24 61.98
CA GLN K 350 26.36 -60.82 62.28
C GLN K 350 25.00 -60.28 62.68
N ILE K 351 23.95 -60.70 61.96
CA ILE K 351 22.59 -60.27 62.29
C ILE K 351 22.22 -60.73 63.69
N ALA K 352 22.51 -62.00 64.01
CA ALA K 352 22.21 -62.51 65.34
C ALA K 352 23.06 -61.84 66.40
N GLU K 353 24.18 -61.23 66.01
CA GLU K 353 25.09 -60.59 66.96
C GLU K 353 24.92 -59.08 67.02
N THR K 354 24.57 -58.43 65.92
CA THR K 354 24.46 -56.98 65.91
C THR K 354 23.34 -56.51 66.82
N THR K 355 23.53 -55.35 67.44
CA THR K 355 22.54 -54.75 68.32
C THR K 355 21.88 -53.51 67.74
N SER K 356 22.49 -52.88 66.75
CA SER K 356 21.93 -51.69 66.12
C SER K 356 20.87 -52.12 65.11
N ASP K 357 19.65 -51.57 65.27
CA ASP K 357 18.58 -51.92 64.35
C ASP K 357 18.88 -51.44 62.94
N PHE K 358 19.61 -50.32 62.82
CA PHE K 358 20.03 -49.85 61.50
C PHE K 358 21.03 -50.82 60.88
N ASP K 359 22.06 -51.19 61.64
CA ASP K 359 23.05 -52.14 61.14
C ASP K 359 22.41 -53.52 60.91
N ARG K 360 21.51 -53.93 61.80
CA ARG K 360 20.79 -55.18 61.59
C ARG K 360 19.97 -55.14 60.30
N GLU K 361 19.32 -54.00 60.04
CA GLU K 361 18.54 -53.86 58.81
C GLU K 361 19.43 -53.93 57.58
N LYS K 362 20.59 -53.26 57.62
CA LYS K 362 21.50 -53.32 56.49
C LYS K 362 22.02 -54.73 56.25
N LEU K 363 22.38 -55.42 57.33
CA LEU K 363 22.85 -56.80 57.20
C LEU K 363 21.74 -57.71 56.70
N GLN K 364 20.50 -57.46 57.12
CA GLN K 364 19.36 -58.22 56.63
C GLN K 364 19.14 -57.97 55.15
N GLU K 365 19.32 -56.72 54.71
CA GLU K 365 19.21 -56.41 53.29
C GLU K 365 20.25 -57.18 52.50
N ARG K 366 21.49 -57.19 52.99
CA ARG K 366 22.55 -57.95 52.32
C ARG K 366 22.22 -59.44 52.29
N LEU K 367 21.72 -59.97 53.41
CA LEU K 367 21.38 -61.39 53.50
C LEU K 367 20.27 -61.74 52.52
N ALA K 368 19.22 -60.91 52.46
CA ALA K 368 18.11 -61.17 51.55
C ALA K 368 18.57 -61.08 50.11
N LYS K 369 19.40 -60.10 49.78
CA LYS K 369 19.90 -59.98 48.42
C LYS K 369 20.75 -61.19 48.03
N LEU K 370 21.55 -61.71 48.97
CA LEU K 370 22.41 -62.83 48.65
C LEU K 370 21.63 -64.14 48.57
N ALA K 371 20.65 -64.34 49.46
CA ALA K 371 20.02 -65.64 49.60
C ALA K 371 18.74 -65.78 48.78
N GLY K 372 18.02 -64.70 48.53
CA GLY K 372 16.77 -64.81 47.81
C GLY K 372 16.94 -65.23 46.36
N GLY K 373 18.12 -64.99 45.80
CA GLY K 373 18.37 -65.35 44.42
C GLY K 373 17.60 -64.46 43.46
N VAL K 374 17.61 -64.88 42.20
CA VAL K 374 16.95 -64.15 41.14
C VAL K 374 16.03 -65.12 40.39
N ALA K 375 14.75 -64.74 40.27
CA ALA K 375 13.83 -65.51 39.47
C ALA K 375 14.05 -65.22 37.99
N VAL K 376 14.21 -66.27 37.19
CA VAL K 376 14.46 -66.15 35.76
C VAL K 376 13.28 -66.75 35.03
N VAL K 377 12.68 -65.96 34.14
CA VAL K 377 11.54 -66.40 33.34
C VAL K 377 12.04 -66.52 31.91
N LYS K 378 12.26 -67.76 31.46
CA LYS K 378 12.72 -68.02 30.10
C LYS K 378 11.49 -68.20 29.22
N VAL K 379 11.11 -67.15 28.50
CA VAL K 379 9.90 -67.17 27.70
C VAL K 379 10.18 -67.93 26.41
N GLY K 380 9.33 -68.91 26.12
CA GLY K 380 9.42 -69.68 24.90
C GLY K 380 8.14 -69.59 24.09
N ALA K 381 8.30 -69.51 22.77
CA ALA K 381 7.15 -69.43 21.87
C ALA K 381 7.58 -69.91 20.50
N ALA K 382 6.59 -70.22 19.67
CA ALA K 382 6.88 -70.79 18.34
C ALA K 382 7.56 -69.77 17.43
N THR K 383 7.07 -68.54 17.44
CA THR K 383 7.57 -67.51 16.52
C THR K 383 8.19 -66.37 17.31
N GLU K 384 9.13 -65.68 16.66
CA GLU K 384 9.79 -64.55 17.29
C GLU K 384 8.79 -63.44 17.62
N THR K 385 7.80 -63.23 16.74
CA THR K 385 6.74 -62.28 17.04
C THR K 385 5.97 -62.70 18.29
N GLU K 386 5.66 -64.00 18.40
CA GLU K 386 4.99 -64.50 19.59
C GLU K 386 5.87 -64.32 20.82
N LEU K 387 7.17 -64.58 20.69
CA LEU K 387 8.09 -64.43 21.82
C LEU K 387 8.12 -62.97 22.29
N LYS K 388 8.21 -62.03 21.35
CA LYS K 388 8.25 -60.62 21.72
C LYS K 388 6.94 -60.17 22.36
N GLU K 389 5.81 -60.60 21.78
CA GLU K 389 4.52 -60.23 22.36
C GLU K 389 4.38 -60.78 23.76
N LEU K 390 4.77 -62.04 23.98
CA LEU K 390 4.69 -62.63 25.31
C LEU K 390 5.62 -61.91 26.28
N LYS K 391 6.82 -61.54 25.82
CA LYS K 391 7.75 -60.81 26.68
C LYS K 391 7.15 -59.48 27.13
N LEU K 392 6.60 -58.72 26.18
CA LEU K 392 5.99 -57.44 26.51
C LEU K 392 4.80 -57.63 27.45
N ARG K 393 3.99 -58.66 27.20
CA ARG K 393 2.84 -58.93 28.04
C ARG K 393 3.26 -59.28 29.47
N ILE K 394 4.34 -60.06 29.60
CA ILE K 394 4.81 -60.42 30.93
C ILE K 394 5.39 -59.21 31.65
N GLU K 395 6.03 -58.30 30.91
CA GLU K 395 6.68 -57.16 31.56
C GLU K 395 5.68 -56.31 32.34
N ASP K 396 4.65 -55.80 31.66
CA ASP K 396 3.68 -54.93 32.33
C ASP K 396 2.87 -55.73 33.33
N ALA K 397 2.65 -57.02 33.08
CA ALA K 397 1.95 -57.85 34.05
C ALA K 397 2.73 -57.92 35.36
N LEU K 398 4.04 -58.13 35.27
CA LEU K 398 4.87 -58.14 36.48
C LEU K 398 4.86 -56.79 37.17
N ASN K 399 4.96 -55.71 36.39
CA ASN K 399 4.96 -54.38 36.98
C ASN K 399 3.67 -54.13 37.74
N ALA K 400 2.53 -54.42 37.12
CA ALA K 400 1.24 -54.21 37.78
C ALA K 400 1.07 -55.14 38.96
N THR K 401 1.60 -56.36 38.87
CA THR K 401 1.50 -57.29 39.99
C THR K 401 2.26 -56.75 41.19
N ARG K 402 3.47 -56.25 40.98
CA ARG K 402 4.22 -55.65 42.08
C ARG K 402 3.49 -54.43 42.63
N ALA K 403 2.96 -53.59 41.75
CA ALA K 403 2.27 -52.38 42.19
C ALA K 403 1.05 -52.73 43.03
N ALA K 404 0.31 -53.77 42.65
CA ALA K 404 -0.81 -54.22 43.47
C ALA K 404 -0.33 -54.83 44.77
N VAL K 405 0.80 -55.54 44.75
CA VAL K 405 1.31 -56.18 45.95
C VAL K 405 1.66 -55.13 47.01
N GLU K 406 2.30 -54.04 46.60
CA GLU K 406 2.72 -53.05 47.59
C GLU K 406 1.53 -52.27 48.15
N GLU K 407 0.76 -51.62 47.28
CA GLU K 407 -0.31 -50.75 47.75
C GLU K 407 -1.63 -51.49 47.89
N GLY K 408 -2.12 -52.06 46.80
CA GLY K 408 -3.37 -52.78 46.82
C GLY K 408 -4.10 -52.63 45.50
N MET K 409 -5.39 -52.93 45.53
CA MET K 409 -6.27 -52.84 44.37
C MET K 409 -7.50 -52.02 44.72
N VAL K 410 -7.92 -51.17 43.78
CA VAL K 410 -9.10 -50.35 43.94
C VAL K 410 -9.90 -50.36 42.65
N SER K 411 -11.06 -49.73 42.70
CA SER K 411 -11.94 -49.68 41.53
C SER K 411 -11.27 -48.93 40.39
N GLY K 412 -11.39 -49.48 39.19
CA GLY K 412 -10.80 -48.88 38.02
C GLY K 412 -11.73 -47.89 37.33
N GLY K 413 -11.28 -47.38 36.19
CA GLY K 413 -12.07 -46.45 35.41
C GLY K 413 -12.35 -45.13 36.09
N GLY K 414 -11.53 -44.73 37.06
CA GLY K 414 -11.75 -43.49 37.77
C GLY K 414 -12.83 -43.54 38.81
N THR K 415 -13.45 -44.70 39.03
CA THR K 415 -14.52 -44.79 40.04
C THR K 415 -14.00 -44.48 41.43
N ALA K 416 -12.78 -44.93 41.74
CA ALA K 416 -12.21 -44.66 43.05
C ALA K 416 -12.08 -43.16 43.29
N LEU K 417 -11.76 -42.40 42.24
CA LEU K 417 -11.60 -40.96 42.39
C LEU K 417 -12.89 -40.30 42.84
N VAL K 418 -14.02 -40.68 42.22
CA VAL K 418 -15.30 -40.14 42.66
C VAL K 418 -15.66 -40.66 44.04
N ASN K 419 -15.31 -41.92 44.33
CA ASN K 419 -15.68 -42.52 45.61
C ASN K 419 -15.11 -41.78 46.80
N VAL K 420 -14.05 -40.98 46.60
CA VAL K 420 -13.45 -40.23 47.71
C VAL K 420 -13.89 -38.79 47.74
N ILE K 421 -14.84 -38.39 46.89
CA ILE K 421 -15.27 -36.99 46.85
C ILE K 421 -15.90 -36.58 48.17
N SER K 422 -16.71 -37.46 48.76
CA SER K 422 -17.41 -37.10 49.99
C SER K 422 -16.44 -36.77 51.11
N LYS K 423 -15.39 -37.58 51.27
CA LYS K 423 -14.42 -37.32 52.32
C LYS K 423 -13.72 -35.99 52.11
N VAL K 424 -13.38 -35.67 50.85
CA VAL K 424 -12.72 -34.39 50.57
C VAL K 424 -13.65 -33.24 50.90
N SER K 425 -14.92 -33.34 50.50
CA SER K 425 -15.88 -32.29 50.84
C SER K 425 -16.06 -32.17 52.34
N ALA K 426 -15.88 -33.26 53.09
CA ALA K 426 -16.00 -33.21 54.54
C ALA K 426 -14.90 -32.42 55.22
N VAL K 427 -13.82 -32.06 54.51
CA VAL K 427 -12.73 -31.33 55.12
C VAL K 427 -13.17 -29.90 55.36
N GLU K 428 -12.90 -29.39 56.57
CA GLU K 428 -13.37 -28.06 56.96
C GLU K 428 -12.30 -27.02 56.69
N ALA K 429 -12.70 -25.93 56.03
CA ALA K 429 -11.81 -24.82 55.74
C ALA K 429 -12.65 -23.58 55.46
N GLU K 430 -11.98 -22.43 55.40
CA GLU K 430 -12.63 -21.16 55.17
C GLU K 430 -11.85 -20.35 54.15
N GLY K 431 -12.56 -19.43 53.49
CA GLY K 431 -11.92 -18.51 52.58
C GLY K 431 -11.27 -19.21 51.40
N ASP K 432 -10.06 -18.77 51.06
CA ASP K 432 -9.36 -19.34 49.92
C ASP K 432 -9.04 -20.81 50.12
N VAL K 433 -8.86 -21.24 51.37
CA VAL K 433 -8.65 -22.67 51.62
C VAL K 433 -9.91 -23.45 51.27
N ALA K 434 -11.08 -22.92 51.64
CA ALA K 434 -12.33 -23.56 51.25
C ALA K 434 -12.49 -23.57 49.73
N THR K 435 -12.09 -22.48 49.07
CA THR K 435 -12.15 -22.44 47.61
C THR K 435 -11.24 -23.50 47.00
N GLY K 436 -10.05 -23.67 47.55
CA GLY K 436 -9.17 -24.71 47.07
C GLY K 436 -9.71 -26.10 47.31
N ILE K 437 -10.45 -26.28 48.40
CA ILE K 437 -11.13 -27.56 48.61
C ILE K 437 -12.17 -27.79 47.52
N LYS K 438 -13.01 -26.77 47.27
CA LYS K 438 -14.09 -26.93 46.29
C LYS K 438 -13.52 -27.15 44.89
N ILE K 439 -12.38 -26.54 44.58
CA ILE K 439 -11.83 -26.66 43.24
C ILE K 439 -11.36 -28.08 43.00
N VAL K 440 -10.75 -28.72 44.00
CA VAL K 440 -10.34 -30.11 43.87
C VAL K 440 -11.56 -31.01 43.81
N VAL K 441 -12.60 -30.67 44.59
CA VAL K 441 -13.83 -31.46 44.56
C VAL K 441 -14.40 -31.46 43.15
N ARG K 442 -14.42 -30.29 42.51
CA ARG K 442 -14.90 -30.20 41.14
C ARG K 442 -14.00 -30.94 40.16
N ALA K 443 -12.68 -30.81 40.33
CA ALA K 443 -11.76 -31.36 39.34
C ALA K 443 -11.67 -32.88 39.41
N LEU K 444 -11.95 -33.47 40.58
CA LEU K 444 -11.81 -34.93 40.72
C LEU K 444 -12.76 -35.70 39.81
N GLU K 445 -13.81 -35.05 39.29
CA GLU K 445 -14.74 -35.73 38.41
C GLU K 445 -14.27 -35.79 36.96
N GLU K 446 -13.15 -35.13 36.64
CA GLU K 446 -12.75 -35.04 35.23
C GLU K 446 -12.45 -36.37 34.57
N PRO K 447 -11.71 -37.31 35.18
CA PRO K 447 -11.40 -38.55 34.46
C PRO K 447 -12.62 -39.35 34.05
N ILE K 448 -13.55 -39.58 34.98
CA ILE K 448 -14.72 -40.39 34.67
C ILE K 448 -15.59 -39.68 33.63
N ARG K 449 -15.76 -38.37 33.77
CA ARG K 449 -16.55 -37.61 32.81
C ARG K 449 -15.93 -37.69 31.42
N GLN K 450 -14.61 -37.54 31.34
CA GLN K 450 -13.93 -37.62 30.05
C GLN K 450 -14.07 -38.99 29.43
N ILE K 451 -13.93 -40.05 30.25
CA ILE K 451 -14.10 -41.39 29.72
C ILE K 451 -15.51 -41.60 29.19
N ALA K 452 -16.50 -41.13 29.92
CA ALA K 452 -17.89 -41.26 29.48
C ALA K 452 -18.11 -40.51 28.18
N GLU K 453 -17.55 -39.31 28.06
CA GLU K 453 -17.71 -38.54 26.82
C GLU K 453 -17.03 -39.22 25.65
N ASN K 454 -15.86 -39.82 25.88
CA ASN K 454 -15.17 -40.52 24.80
C ASN K 454 -15.99 -41.69 24.27
N ALA K 455 -16.77 -42.32 25.13
CA ALA K 455 -17.65 -43.40 24.70
C ALA K 455 -18.99 -42.91 24.17
N GLY K 456 -19.20 -41.60 24.13
CA GLY K 456 -20.42 -41.04 23.62
C GLY K 456 -21.52 -40.83 24.65
N TYR K 457 -21.32 -41.26 25.88
CA TYR K 457 -22.29 -41.07 26.94
C TYR K 457 -22.11 -39.69 27.57
N GLU K 458 -23.21 -39.13 28.07
CA GLU K 458 -23.17 -37.82 28.69
C GLU K 458 -22.42 -37.89 30.01
N GLY K 459 -21.37 -37.09 30.15
CA GLY K 459 -20.54 -37.16 31.33
C GLY K 459 -21.28 -36.76 32.60
N SER K 460 -22.07 -35.70 32.53
CA SER K 460 -22.77 -35.22 33.72
C SER K 460 -23.73 -36.25 34.25
N VAL K 461 -24.46 -36.93 33.36
CA VAL K 461 -25.39 -37.98 33.79
C VAL K 461 -24.63 -39.09 34.49
N ILE K 462 -23.50 -39.50 33.91
CA ILE K 462 -22.72 -40.58 34.53
C ILE K 462 -22.23 -40.17 35.90
N VAL K 463 -21.72 -38.94 36.03
CA VAL K 463 -21.22 -38.48 37.32
C VAL K 463 -22.35 -38.45 38.36
N ASP K 464 -23.50 -37.90 37.98
CA ASP K 464 -24.60 -37.79 38.92
C ASP K 464 -25.09 -39.16 39.36
N LYS K 465 -25.22 -40.09 38.42
CA LYS K 465 -25.66 -41.43 38.78
C LYS K 465 -24.63 -42.14 39.64
N LEU K 466 -23.34 -41.96 39.33
CA LEU K 466 -22.29 -42.63 40.11
C LEU K 466 -22.25 -42.11 41.53
N LYS K 467 -22.53 -40.82 41.73
CA LYS K 467 -22.52 -40.28 43.08
C LYS K 467 -23.61 -40.85 43.96
N ASN K 468 -24.60 -41.53 43.38
CA ASN K 468 -25.76 -42.02 44.13
C ASN K 468 -25.90 -43.53 44.07
N VAL K 469 -24.89 -44.26 43.63
CA VAL K 469 -24.93 -45.72 43.62
C VAL K 469 -24.07 -46.24 44.75
N GLU K 470 -24.21 -47.53 45.04
CA GLU K 470 -23.45 -48.15 46.11
C GLU K 470 -21.96 -48.19 45.78
N LEU K 471 -21.13 -48.07 46.81
CA LEU K 471 -19.69 -48.18 46.64
C LEU K 471 -19.33 -49.54 46.06
N GLY K 472 -18.37 -49.53 45.14
CA GLY K 472 -17.95 -50.74 44.45
C GLY K 472 -18.63 -50.96 43.12
N THR K 473 -19.69 -50.20 42.82
CA THR K 473 -20.37 -50.28 41.54
C THR K 473 -20.13 -48.99 40.78
N GLY K 474 -19.57 -49.11 39.59
CA GLY K 474 -19.29 -47.94 38.77
C GLY K 474 -19.89 -48.04 37.39
N PHE K 475 -19.28 -47.36 36.42
CA PHE K 475 -19.78 -47.36 35.05
C PHE K 475 -18.79 -48.09 34.15
N ASN K 476 -19.28 -49.08 33.42
CA ASN K 476 -18.46 -49.80 32.44
C ASN K 476 -18.54 -49.06 31.12
N ALA K 477 -17.48 -48.35 30.76
CA ALA K 477 -17.46 -47.60 29.52
C ALA K 477 -17.55 -48.51 28.30
N ALA K 478 -17.04 -49.74 28.42
CA ALA K 478 -17.06 -50.66 27.28
C ALA K 478 -18.47 -51.02 26.88
N THR K 479 -19.35 -51.24 27.87
CA THR K 479 -20.70 -51.71 27.59
C THR K 479 -21.79 -50.69 27.92
N GLY K 480 -21.49 -49.67 28.70
CA GLY K 480 -22.51 -48.73 29.09
C GLY K 480 -23.43 -49.25 30.18
N GLU K 481 -23.03 -50.30 30.89
CA GLU K 481 -23.84 -50.89 31.94
C GLU K 481 -23.18 -50.68 33.30
N TRP K 482 -24.03 -50.45 34.30
CA TRP K 482 -23.55 -50.21 35.66
C TRP K 482 -23.43 -51.56 36.37
N VAL K 483 -22.20 -52.03 36.52
CA VAL K 483 -21.92 -53.33 37.10
C VAL K 483 -20.87 -53.15 38.19
N ASN K 484 -20.54 -54.26 38.86
CA ASN K 484 -19.49 -54.26 39.86
C ASN K 484 -18.14 -54.31 39.16
N MET K 485 -17.35 -53.24 39.32
CA MET K 485 -16.06 -53.18 38.66
C MET K 485 -15.12 -54.28 39.15
N VAL K 486 -15.15 -54.57 40.45
CA VAL K 486 -14.32 -55.65 40.97
C VAL K 486 -14.73 -56.98 40.35
N GLU K 487 -16.03 -57.23 40.26
CA GLU K 487 -16.50 -58.45 39.62
C GLU K 487 -16.24 -58.43 38.12
N ALA K 488 -16.40 -57.27 37.49
CA ALA K 488 -16.21 -57.16 36.05
C ALA K 488 -14.74 -57.04 35.66
N GLY K 489 -13.83 -56.94 36.62
CA GLY K 489 -12.42 -56.87 36.31
C GLY K 489 -11.90 -55.51 35.95
N ILE K 490 -12.71 -54.46 36.07
CA ILE K 490 -12.26 -53.09 35.76
C ILE K 490 -11.64 -52.56 37.05
N VAL K 491 -10.37 -52.90 37.24
CA VAL K 491 -9.64 -52.58 38.47
C VAL K 491 -8.33 -51.90 38.09
N ASP K 492 -7.93 -50.91 38.89
CA ASP K 492 -6.70 -50.18 38.70
C ASP K 492 -5.89 -50.18 39.99
N PRO K 493 -4.56 -50.19 39.89
CA PRO K 493 -3.73 -50.18 41.09
C PRO K 493 -3.90 -48.90 41.88
N THR K 494 -3.85 -49.04 43.21
CA THR K 494 -3.97 -47.88 44.08
C THR K 494 -2.80 -46.92 43.87
N LYS K 495 -1.60 -47.48 43.70
CA LYS K 495 -0.41 -46.66 43.55
C LYS K 495 -0.50 -45.75 42.34
N VAL K 496 -1.01 -46.26 41.22
CA VAL K 496 -1.10 -45.45 40.00
C VAL K 496 -1.96 -44.23 40.24
N THR K 497 -3.17 -44.44 40.78
CA THR K 497 -4.09 -43.34 41.00
C THR K 497 -3.53 -42.33 42.01
N ARG K 498 -2.98 -42.83 43.13
CA ARG K 498 -2.49 -41.90 44.13
C ARG K 498 -1.28 -41.12 43.63
N SER K 499 -0.40 -41.77 42.85
CA SER K 499 0.76 -41.06 42.31
C SER K 499 0.33 -40.01 41.31
N ALA K 500 -0.61 -40.35 40.43
CA ALA K 500 -1.10 -39.36 39.48
C ALA K 500 -1.71 -38.17 40.19
N LEU K 501 -2.53 -38.43 41.21
CA LEU K 501 -3.16 -37.34 41.95
C LEU K 501 -2.13 -36.47 42.64
N GLN K 502 -1.13 -37.10 43.29
CA GLN K 502 -0.12 -36.33 43.99
C GLN K 502 0.68 -35.45 43.04
N ASN K 503 1.12 -36.03 41.91
CA ASN K 503 1.90 -35.25 40.96
C ASN K 503 1.08 -34.10 40.39
N ALA K 504 -0.17 -34.38 39.99
CA ALA K 504 -1.01 -33.33 39.43
C ALA K 504 -1.23 -32.21 40.43
N ALA K 505 -1.55 -32.56 41.68
CA ALA K 505 -1.79 -31.54 42.69
C ALA K 505 -0.55 -30.70 42.94
N SER K 506 0.61 -31.35 43.12
CA SER K 506 1.82 -30.62 43.41
C SER K 506 2.17 -29.66 42.28
N VAL K 507 2.11 -30.13 41.04
CA VAL K 507 2.54 -29.29 39.93
C VAL K 507 1.51 -28.20 39.65
N SER K 508 0.23 -28.48 39.85
CA SER K 508 -0.76 -27.43 39.75
C SER K 508 -0.55 -26.36 40.80
N ALA K 509 -0.19 -26.75 42.02
CA ALA K 509 0.12 -25.77 43.05
C ALA K 509 1.33 -24.93 42.65
N LEU K 510 2.35 -25.56 42.09
CA LEU K 510 3.52 -24.80 41.65
C LEU K 510 3.17 -23.81 40.55
N LEU K 511 2.35 -24.25 39.59
CA LEU K 511 2.02 -23.38 38.47
C LEU K 511 1.11 -22.23 38.88
N LEU K 512 0.16 -22.49 39.78
CA LEU K 512 -0.77 -21.44 40.19
C LEU K 512 -0.07 -20.30 40.91
N THR K 513 1.08 -20.56 41.52
CA THR K 513 1.81 -19.51 42.22
C THR K 513 2.77 -18.76 41.30
N THR K 514 2.87 -19.14 40.04
CA THR K 514 3.75 -18.45 39.12
C THR K 514 3.23 -17.04 38.84
N GLU K 515 4.14 -16.07 38.78
CA GLU K 515 3.80 -14.69 38.54
C GLU K 515 4.64 -14.03 37.45
N ALA K 516 5.84 -14.53 37.18
CA ALA K 516 6.71 -13.94 36.16
C ALA K 516 7.40 -15.07 35.42
N VAL K 517 7.35 -15.03 34.09
CA VAL K 517 7.93 -16.06 33.24
C VAL K 517 9.02 -15.43 32.39
N VAL K 518 10.22 -16.00 32.47
CA VAL K 518 11.36 -15.56 31.68
C VAL K 518 11.60 -16.62 30.61
N ALA K 519 11.41 -16.25 29.36
CA ALA K 519 11.56 -17.16 28.24
C ALA K 519 12.32 -16.48 27.11
N ASP K 520 12.95 -17.30 26.27
CA ASP K 520 13.75 -16.77 25.17
C ASP K 520 12.87 -16.14 24.10
N LYS K 521 13.23 -14.94 23.68
CA LYS K 521 12.47 -14.26 22.64
C LYS K 521 12.66 -14.98 21.31
N PRO K 522 11.59 -15.26 20.57
CA PRO K 522 11.75 -15.92 19.27
C PRO K 522 12.59 -15.08 18.33
N GLU K 523 13.46 -15.74 17.59
CA GLU K 523 14.39 -15.03 16.71
C GLU K 523 13.69 -14.67 15.41
N PRO K 524 13.68 -13.38 15.02
CA PRO K 524 13.06 -12.94 13.76
C PRO K 524 13.83 -13.40 12.54
N MET L 1 -33.26 0.21 13.20
CA MET L 1 -32.04 0.21 12.42
C MET L 1 -31.11 -0.93 12.89
N ALA L 2 -29.97 -1.11 12.22
CA ALA L 2 -29.16 -2.30 12.42
C ALA L 2 -28.73 -2.44 13.87
N LYS L 3 -28.94 -3.63 14.43
CA LYS L 3 -28.57 -3.90 15.81
C LYS L 3 -27.16 -4.50 15.88
N GLU L 4 -26.62 -4.51 17.09
CA GLU L 4 -25.26 -4.97 17.36
C GLU L 4 -25.29 -6.04 18.44
N LEU L 5 -26.16 -7.04 18.24
CA LEU L 5 -26.36 -8.13 19.18
C LEU L 5 -25.03 -8.69 19.69
N LYS L 6 -24.86 -8.70 21.00
CA LYS L 6 -23.63 -9.19 21.63
C LYS L 6 -24.00 -9.85 22.95
N PHE L 7 -23.33 -10.96 23.26
CA PHE L 7 -23.69 -11.74 24.44
C PHE L 7 -22.51 -11.99 25.36
N ALA L 8 -22.72 -12.86 26.35
CA ALA L 8 -21.66 -13.33 27.24
C ALA L 8 -20.94 -12.19 27.95
N GLU L 9 -19.65 -12.37 28.19
CA GLU L 9 -18.88 -11.43 29.00
C GLU L 9 -18.55 -10.14 28.26
N ASP L 10 -18.40 -10.19 26.93
CA ASP L 10 -17.99 -9.00 26.20
C ASP L 10 -19.02 -7.90 26.31
N ALA L 11 -20.31 -8.25 26.25
CA ALA L 11 -21.35 -7.28 26.55
C ALA L 11 -21.19 -6.72 27.95
N ARG L 12 -20.99 -7.60 28.92
CA ARG L 12 -20.77 -7.15 30.29
C ARG L 12 -19.46 -6.40 30.41
N ALA L 13 -18.47 -6.76 29.59
CA ALA L 13 -17.21 -6.02 29.59
C ALA L 13 -17.44 -4.57 29.18
N ALA L 14 -18.21 -4.36 28.11
CA ALA L 14 -18.53 -3.00 27.69
C ALA L 14 -19.37 -2.28 28.74
N MET L 15 -20.31 -2.99 29.36
CA MET L 15 -21.11 -2.40 30.43
C MET L 15 -20.21 -1.89 31.54
N LEU L 16 -19.28 -2.73 31.97
CA LEU L 16 -18.34 -2.35 33.03
C LEU L 16 -17.47 -1.19 32.61
N ARG L 17 -17.03 -1.16 31.35
CA ARG L 17 -16.21 -0.05 30.89
C ARG L 17 -16.97 1.27 30.97
N GLY L 18 -18.23 1.26 30.52
CA GLY L 18 -19.02 2.48 30.63
C GLY L 18 -19.23 2.91 32.07
N VAL L 19 -19.57 1.97 32.94
CA VAL L 19 -19.79 2.30 34.33
C VAL L 19 -18.51 2.82 34.97
N ASP L 20 -17.38 2.23 34.62
CA ASP L 20 -16.10 2.69 35.15
C ASP L 20 -15.78 4.10 34.68
N LYS L 21 -16.06 4.40 33.42
CA LYS L 21 -15.83 5.76 32.94
C LYS L 21 -16.67 6.76 33.73
N LEU L 22 -17.96 6.47 33.89
CA LEU L 22 -18.81 7.39 34.63
C LEU L 22 -18.37 7.52 36.08
N ALA L 23 -18.00 6.41 36.71
CA ALA L 23 -17.58 6.46 38.11
C ALA L 23 -16.27 7.23 38.27
N ASP L 24 -15.32 7.04 37.36
CA ASP L 24 -14.08 7.80 37.43
C ASP L 24 -14.31 9.28 37.20
N THR L 25 -15.33 9.62 36.42
CA THR L 25 -15.65 11.04 36.26
C THR L 25 -16.36 11.61 37.48
N VAL L 26 -17.17 10.82 38.17
CA VAL L 26 -18.00 11.37 39.24
C VAL L 26 -17.31 11.30 40.60
N LYS L 27 -16.77 10.15 40.98
CA LYS L 27 -16.35 9.92 42.36
C LYS L 27 -15.26 10.87 42.82
N VAL L 28 -14.54 11.51 41.91
CA VAL L 28 -13.48 12.42 42.30
C VAL L 28 -14.01 13.62 43.07
N THR L 29 -15.31 13.90 42.99
CA THR L 29 -15.92 14.99 43.71
C THR L 29 -16.46 14.58 45.08
N LEU L 30 -16.34 13.31 45.44
CA LEU L 30 -16.90 12.85 46.69
C LEU L 30 -16.11 13.40 47.88
N GLY L 31 -16.83 13.70 48.96
CA GLY L 31 -16.20 14.12 50.19
C GLY L 31 -16.00 15.62 50.27
N PRO L 32 -15.81 16.13 51.49
CA PRO L 32 -15.58 17.57 51.65
C PRO L 32 -14.34 18.07 50.94
N LYS L 33 -13.30 17.24 50.86
CA LYS L 33 -12.07 17.61 50.16
C LYS L 33 -12.09 17.19 48.70
N GLY L 34 -13.26 17.10 48.09
CA GLY L 34 -13.34 16.66 46.71
C GLY L 34 -12.66 17.65 45.78
N ARG L 35 -12.13 17.13 44.68
CA ARG L 35 -11.48 17.94 43.67
C ARG L 35 -12.48 18.37 42.60
N ASN L 36 -12.08 19.38 41.83
CA ASN L 36 -12.99 20.00 40.88
C ASN L 36 -12.82 19.41 39.48
N VAL L 37 -13.91 19.39 38.73
CA VAL L 37 -13.95 18.81 37.39
C VAL L 37 -14.42 19.89 36.42
N VAL L 38 -13.83 19.89 35.22
CA VAL L 38 -14.15 20.87 34.19
C VAL L 38 -15.11 20.25 33.20
N LEU L 39 -16.21 20.94 32.92
CA LEU L 39 -17.20 20.51 31.95
C LEU L 39 -17.24 21.49 30.78
N GLU L 40 -17.39 20.96 29.57
CA GLU L 40 -17.47 21.79 28.39
C GLU L 40 -18.85 22.41 28.26
N LYS L 41 -18.89 23.61 27.68
CA LYS L 41 -20.13 24.29 27.36
C LYS L 41 -20.08 24.80 25.93
N SER L 42 -21.25 24.81 25.29
CA SER L 42 -21.31 25.27 23.90
C SER L 42 -20.95 26.74 23.78
N TYR L 43 -21.43 27.56 24.70
CA TYR L 43 -21.17 29.00 24.68
C TYR L 43 -20.71 29.47 26.04
N GLY L 44 -19.96 30.57 26.04
CA GLY L 44 -19.48 31.15 27.27
C GLY L 44 -18.32 30.37 27.87
N SER L 45 -17.88 30.83 29.03
CA SER L 45 -16.79 30.17 29.72
C SER L 45 -17.23 28.78 30.18
N PRO L 46 -16.33 27.81 30.15
CA PRO L 46 -16.65 26.48 30.66
C PRO L 46 -16.93 26.52 32.15
N LEU L 47 -17.78 25.60 32.60
CA LEU L 47 -18.16 25.53 34.00
C LEU L 47 -17.26 24.54 34.73
N ILE L 48 -16.66 25.00 35.82
CA ILE L 48 -15.85 24.15 36.69
C ILE L 48 -16.63 23.94 37.98
N THR L 49 -16.82 22.68 38.35
CA THR L 49 -17.65 22.37 39.51
C THR L 49 -17.20 21.07 40.13
N ASN L 50 -17.58 20.88 41.39
CA ASN L 50 -17.43 19.62 42.10
C ASN L 50 -18.79 19.04 42.48
N ASP L 51 -19.85 19.48 41.82
CA ASP L 51 -21.20 18.98 42.06
C ASP L 51 -21.39 17.70 41.25
N GLY L 52 -21.66 16.59 41.94
CA GLY L 52 -21.69 15.30 41.27
C GLY L 52 -22.82 15.17 40.26
N VAL L 53 -24.01 15.61 40.65
CA VAL L 53 -25.20 15.33 39.83
C VAL L 53 -25.10 16.03 38.47
N THR L 54 -24.61 17.27 38.45
CA THR L 54 -24.48 17.97 37.18
C THR L 54 -23.49 17.27 36.26
N ILE L 55 -22.36 16.84 36.80
CA ILE L 55 -21.36 16.15 36.00
C ILE L 55 -21.92 14.85 35.45
N ALA L 56 -22.64 14.10 36.29
CA ALA L 56 -23.26 12.86 35.81
C ALA L 56 -24.26 13.14 34.70
N LYS L 57 -25.02 14.23 34.83
CA LYS L 57 -25.99 14.59 33.79
C LYS L 57 -25.29 14.91 32.48
N GLU L 58 -24.16 15.61 32.54
CA GLU L 58 -23.49 16.05 31.32
C GLU L 58 -22.78 14.93 30.57
N ILE L 59 -22.65 13.75 31.16
CA ILE L 59 -21.84 12.69 30.57
C ILE L 59 -22.61 12.01 29.46
N GLU L 60 -21.94 11.78 28.32
CA GLU L 60 -22.52 11.04 27.20
C GLU L 60 -21.37 10.45 26.41
N LEU L 61 -21.34 9.13 26.29
CA LEU L 61 -20.22 8.43 25.69
C LEU L 61 -20.52 8.03 24.25
N GLU L 62 -19.46 8.04 23.42
CA GLU L 62 -19.62 7.70 22.01
C GLU L 62 -19.94 6.23 21.82
N ASP L 63 -19.21 5.34 22.48
CA ASP L 63 -19.49 3.92 22.43
C ASP L 63 -20.90 3.66 22.92
N HIS L 64 -21.67 2.92 22.12
CA HIS L 64 -23.10 2.74 22.43
C HIS L 64 -23.30 2.01 23.75
N PHE L 65 -22.55 0.93 23.97
CA PHE L 65 -22.76 0.14 25.19
C PHE L 65 -22.26 0.88 26.43
N GLU L 66 -21.13 1.57 26.31
CA GLU L 66 -20.70 2.43 27.41
C GLU L 66 -21.71 3.54 27.65
N ASN L 67 -22.36 4.02 26.59
CA ASN L 67 -23.45 4.98 26.75
C ASN L 67 -24.61 4.35 27.51
N MET L 68 -24.90 3.08 27.24
CA MET L 68 -25.92 2.37 27.99
C MET L 68 -25.58 2.34 29.48
N GLY L 69 -24.33 2.01 29.79
CA GLY L 69 -23.92 1.99 31.19
C GLY L 69 -24.05 3.35 31.85
N ALA L 70 -23.61 4.40 31.16
CA ALA L 70 -23.71 5.75 31.70
C ALA L 70 -25.15 6.13 31.96
N LYS L 71 -26.04 5.88 30.98
CA LYS L 71 -27.44 6.25 31.15
C LYS L 71 -28.08 5.45 32.28
N LEU L 72 -27.73 4.17 32.41
CA LEU L 72 -28.28 3.38 33.50
C LEU L 72 -27.87 3.95 34.85
N VAL L 73 -26.58 4.19 35.05
CA VAL L 73 -26.14 4.69 36.36
C VAL L 73 -26.71 6.08 36.63
N SER L 74 -26.84 6.90 35.59
CA SER L 74 -27.45 8.21 35.76
C SER L 74 -28.91 8.08 36.21
N GLU L 75 -29.66 7.16 35.61
CA GLU L 75 -31.04 6.98 36.04
C GLU L 75 -31.11 6.44 37.46
N VAL L 76 -30.10 5.68 37.89
CA VAL L 76 -30.06 5.26 39.29
C VAL L 76 -29.90 6.48 40.19
N ALA L 77 -28.93 7.33 39.87
CA ALA L 77 -28.69 8.52 40.68
C ALA L 77 -29.90 9.44 40.68
N SER L 78 -30.71 9.35 39.62
CA SER L 78 -31.91 10.19 39.52
C SER L 78 -32.87 9.90 40.67
N LYS L 79 -33.03 8.63 41.03
CA LYS L 79 -33.96 8.27 42.10
C LYS L 79 -33.49 8.78 43.46
N THR L 80 -32.25 9.21 43.58
CA THR L 80 -31.66 9.54 44.88
C THR L 80 -31.35 11.02 45.05
N ASN L 81 -31.05 11.75 43.97
CA ASN L 81 -30.66 13.15 44.14
C ASN L 81 -31.83 14.00 44.62
N ASP L 82 -33.05 13.46 44.59
CA ASP L 82 -34.22 14.22 45.02
C ASP L 82 -34.05 14.69 46.46
N ILE L 83 -33.59 13.80 47.33
CA ILE L 83 -33.33 14.19 48.72
C ILE L 83 -31.87 14.58 48.87
N ALA L 84 -31.62 15.64 49.65
CA ALA L 84 -30.29 16.20 49.83
C ALA L 84 -29.60 16.48 48.50
N GLY L 85 -28.27 16.42 48.49
CA GLY L 85 -27.52 16.67 47.28
C GLY L 85 -26.28 15.81 47.14
N ASP L 86 -26.11 14.85 48.05
CA ASP L 86 -24.93 13.98 48.05
C ASP L 86 -25.24 12.52 47.78
N GLY L 87 -26.49 12.09 47.92
CA GLY L 87 -26.84 10.72 47.67
C GLY L 87 -26.74 10.29 46.22
N THR L 88 -26.55 11.22 45.31
CA THR L 88 -26.42 10.92 43.89
C THR L 88 -25.03 10.47 43.50
N THR L 89 -24.08 10.46 44.43
CA THR L 89 -22.70 10.10 44.15
C THR L 89 -22.29 8.79 44.82
N THR L 90 -22.63 8.62 46.10
CA THR L 90 -22.27 7.39 46.81
C THR L 90 -22.87 6.17 46.11
N ALA L 91 -24.08 6.32 45.57
CA ALA L 91 -24.71 5.24 44.84
C ALA L 91 -23.87 4.82 43.65
N THR L 92 -23.32 5.79 42.92
CA THR L 92 -22.51 5.46 41.75
C THR L 92 -21.25 4.70 42.16
N VAL L 93 -20.59 5.15 43.24
CA VAL L 93 -19.37 4.49 43.68
C VAL L 93 -19.65 3.06 44.10
N LEU L 94 -20.71 2.87 44.89
CA LEU L 94 -21.07 1.52 45.31
C LEU L 94 -21.42 0.65 44.12
N THR L 95 -22.15 1.20 43.16
CA THR L 95 -22.51 0.44 41.97
C THR L 95 -21.27 0.01 41.20
N GLN L 96 -20.32 0.93 41.03
CA GLN L 96 -19.09 0.58 40.33
C GLN L 96 -18.36 -0.56 41.03
N ALA L 97 -18.17 -0.43 42.34
CA ALA L 97 -17.41 -1.45 43.07
C ALA L 97 -18.10 -2.80 42.99
N ILE L 98 -19.41 -2.83 43.25
CA ILE L 98 -20.15 -4.08 43.24
C ILE L 98 -20.09 -4.72 41.87
N VAL L 99 -20.30 -3.92 40.82
CA VAL L 99 -20.32 -4.46 39.46
C VAL L 99 -18.96 -5.05 39.11
N ARG L 100 -17.89 -4.32 39.42
CA ARG L 100 -16.55 -4.81 39.08
C ARG L 100 -16.27 -6.14 39.77
N GLU L 101 -16.44 -6.19 41.09
CA GLU L 101 -16.08 -7.41 41.80
C GLU L 101 -17.01 -8.56 41.44
N GLY L 102 -18.29 -8.27 41.23
CA GLY L 102 -19.22 -9.32 40.85
C GLY L 102 -18.92 -9.88 39.48
N LEU L 103 -18.54 -9.01 38.53
CA LEU L 103 -18.17 -9.49 37.21
C LEU L 103 -16.93 -10.36 37.29
N LYS L 104 -15.94 -9.95 38.08
CA LYS L 104 -14.74 -10.77 38.22
C LYS L 104 -15.09 -12.13 38.80
N ASN L 105 -15.97 -12.17 39.81
CA ASN L 105 -16.34 -13.45 40.40
C ASN L 105 -17.15 -14.31 39.42
N VAL L 106 -18.03 -13.70 38.65
CA VAL L 106 -18.86 -14.45 37.72
C VAL L 106 -18.01 -15.03 36.59
N THR L 107 -16.95 -14.33 36.21
CA THR L 107 -16.07 -14.84 35.16
C THR L 107 -15.52 -16.22 35.50
N ALA L 108 -15.38 -16.52 36.78
CA ALA L 108 -14.87 -17.80 37.25
C ALA L 108 -15.97 -18.74 37.72
N GLY L 109 -17.11 -18.76 37.04
CA GLY L 109 -18.24 -19.57 37.46
C GLY L 109 -19.22 -18.76 38.27
N ALA L 110 -19.52 -19.20 39.50
CA ALA L 110 -20.28 -18.40 40.44
C ALA L 110 -21.63 -17.97 39.86
N ASN L 111 -22.55 -18.91 39.72
CA ASN L 111 -23.88 -18.71 39.15
C ASN L 111 -24.45 -17.35 39.57
N PRO L 112 -24.76 -16.49 38.61
CA PRO L 112 -25.12 -15.10 38.96
C PRO L 112 -26.34 -14.99 39.85
N LEU L 113 -27.28 -15.94 39.78
CA LEU L 113 -28.47 -15.85 40.61
C LEU L 113 -28.12 -15.92 42.09
N GLY L 114 -27.18 -16.78 42.45
CA GLY L 114 -26.71 -16.82 43.82
C GLY L 114 -26.08 -15.50 44.25
N ILE L 115 -25.32 -14.88 43.35
CA ILE L 115 -24.72 -13.59 43.66
C ILE L 115 -25.80 -12.55 43.90
N ARG L 116 -26.84 -12.53 43.07
CA ARG L 116 -27.91 -11.57 43.26
C ARG L 116 -28.63 -11.82 44.58
N ARG L 117 -28.87 -13.08 44.92
CA ARG L 117 -29.53 -13.40 46.19
C ARG L 117 -28.69 -12.93 47.36
N GLY L 118 -27.39 -13.19 47.31
CA GLY L 118 -26.51 -12.75 48.39
C GLY L 118 -26.47 -11.24 48.51
N ILE L 119 -26.43 -10.55 47.37
CA ILE L 119 -26.42 -9.09 47.38
C ILE L 119 -27.69 -8.58 48.03
N GLU L 120 -28.84 -9.14 47.66
CA GLU L 120 -30.10 -8.69 48.24
C GLU L 120 -30.14 -8.95 49.75
N LEU L 121 -29.68 -10.13 50.18
CA LEU L 121 -29.69 -10.43 51.60
C LEU L 121 -28.78 -9.48 52.37
N ALA L 122 -27.58 -9.22 51.85
CA ALA L 122 -26.67 -8.32 52.52
C ALA L 122 -27.23 -6.90 52.59
N THR L 123 -27.86 -6.45 51.50
CA THR L 123 -28.45 -5.13 51.49
C THR L 123 -29.59 -5.02 52.49
N LYS L 124 -30.44 -6.05 52.57
CA LYS L 124 -31.52 -6.03 53.54
C LYS L 124 -30.98 -5.97 54.96
N ALA L 125 -29.96 -6.77 55.26
CA ALA L 125 -29.36 -6.75 56.59
C ALA L 125 -28.75 -5.39 56.89
N ALA L 126 -28.09 -4.79 55.91
CA ALA L 126 -27.47 -3.48 56.12
C ALA L 126 -28.53 -2.41 56.37
N VAL L 127 -29.64 -2.45 55.63
CA VAL L 127 -30.71 -1.49 55.86
C VAL L 127 -31.29 -1.66 57.25
N GLU L 128 -31.48 -2.92 57.67
CA GLU L 128 -31.99 -3.18 59.01
C GLU L 128 -31.05 -2.63 60.07
N GLU L 129 -29.74 -2.84 59.89
CA GLU L 129 -28.77 -2.33 60.85
C GLU L 129 -28.77 -0.80 60.87
N LEU L 130 -28.86 -0.17 59.71
CA LEU L 130 -28.89 1.29 59.67
C LEU L 130 -30.11 1.83 60.40
N HIS L 131 -31.27 1.22 60.20
CA HIS L 131 -32.45 1.61 60.97
C HIS L 131 -32.29 1.28 62.45
N ASN L 132 -31.40 0.35 62.79
CA ASN L 132 -31.16 0.02 64.18
C ASN L 132 -30.35 1.10 64.87
N ILE L 133 -29.14 1.37 64.39
CA ILE L 133 -28.29 2.39 64.98
C ILE L 133 -28.57 3.72 64.28
N SER L 134 -29.12 4.68 65.04
CA SER L 134 -29.43 6.00 64.51
C SER L 134 -29.82 6.90 65.67
N THR L 135 -29.51 8.17 65.53
CA THR L 135 -29.93 9.19 66.49
C THR L 135 -31.28 9.70 66.05
N VAL L 136 -32.34 9.25 66.72
CA VAL L 136 -33.69 9.64 66.33
C VAL L 136 -33.86 11.14 66.56
N VAL L 137 -34.23 11.85 65.50
CA VAL L 137 -34.42 13.30 65.58
C VAL L 137 -35.90 13.61 65.59
N ASP L 138 -36.45 13.76 66.79
CA ASP L 138 -37.85 14.12 66.97
C ASP L 138 -38.08 15.27 67.93
N SER L 139 -37.14 15.58 68.82
CA SER L 139 -37.28 16.71 69.70
C SER L 139 -37.26 18.02 68.92
N LYS L 140 -37.97 19.01 69.43
CA LYS L 140 -38.02 20.30 68.77
C LYS L 140 -36.64 20.94 68.70
N GLU L 141 -35.86 20.82 69.78
CA GLU L 141 -34.52 21.40 69.78
C GLU L 141 -33.62 20.73 68.75
N ALA L 142 -33.68 19.39 68.67
CA ALA L 142 -32.88 18.69 67.67
C ALA L 142 -33.32 19.05 66.26
N ILE L 143 -34.62 19.18 66.04
CA ILE L 143 -35.12 19.57 64.72
C ILE L 143 -34.61 20.96 64.36
N ALA L 144 -34.65 21.89 65.31
CA ALA L 144 -34.13 23.22 65.07
C ALA L 144 -32.63 23.18 64.78
N GLN L 145 -31.90 22.33 65.49
CA GLN L 145 -30.46 22.20 65.24
C GLN L 145 -30.20 21.71 63.82
N VAL L 146 -30.92 20.67 63.40
CA VAL L 146 -30.72 20.15 62.05
C VAL L 146 -31.13 21.18 61.01
N ALA L 147 -32.16 21.97 61.30
CA ALA L 147 -32.48 23.09 60.43
C ALA L 147 -31.40 24.16 60.50
N ALA L 148 -30.56 24.13 61.53
CA ALA L 148 -29.47 25.07 61.69
C ALA L 148 -28.12 24.50 61.27
N VAL L 149 -28.11 23.41 60.51
CA VAL L 149 -26.87 22.83 60.01
C VAL L 149 -26.99 22.75 58.49
N SER L 150 -26.03 22.09 57.85
CA SER L 150 -25.79 22.25 56.42
C SER L 150 -25.44 23.71 56.17
N SER L 151 -26.24 24.42 55.38
CA SER L 151 -26.07 25.85 55.32
C SER L 151 -26.82 26.50 56.48
N GLY L 152 -28.15 26.43 56.45
CA GLY L 152 -29.02 26.68 57.57
C GLY L 152 -28.82 27.96 58.36
N SER L 153 -27.94 28.85 57.89
CA SER L 153 -27.41 29.98 58.64
C SER L 153 -27.50 29.75 60.14
N ASP L 154 -28.23 30.59 60.83
CA ASP L 154 -28.70 30.32 62.18
C ASP L 154 -30.19 30.58 62.34
N LYS L 155 -30.71 31.63 61.71
CA LYS L 155 -32.12 31.96 61.87
C LYS L 155 -33.03 30.92 61.22
N VAL L 156 -32.54 30.27 60.16
CA VAL L 156 -33.35 29.27 59.47
C VAL L 156 -33.71 28.15 60.41
N GLY L 157 -32.84 27.84 61.37
CA GLY L 157 -33.17 26.81 62.35
C GLY L 157 -34.45 27.12 63.10
N HIS L 158 -34.51 28.30 63.73
CA HIS L 158 -35.70 28.69 64.46
C HIS L 158 -36.89 28.88 63.54
N LEU L 159 -36.67 29.45 62.35
CA LEU L 159 -37.77 29.67 61.42
C LEU L 159 -38.42 28.36 61.03
N ILE L 160 -37.60 27.38 60.65
CA ILE L 160 -38.11 26.07 60.27
C ILE L 160 -38.76 25.38 61.47
N ALA L 161 -38.16 25.52 62.66
CA ALA L 161 -38.74 24.91 63.85
C ALA L 161 -40.15 25.43 64.10
N ASP L 162 -40.31 26.76 64.07
CA ASP L 162 -41.62 27.35 64.33
C ASP L 162 -42.62 27.01 63.23
N ALA L 163 -42.20 27.07 61.97
CA ALA L 163 -43.11 26.73 60.88
C ALA L 163 -43.56 25.27 60.98
N MET L 164 -42.60 24.37 61.22
CA MET L 164 -42.88 22.95 61.42
C MET L 164 -43.85 22.75 62.56
N GLU L 165 -43.63 23.41 63.69
CA GLU L 165 -44.52 23.25 64.83
C GLU L 165 -45.92 23.75 64.51
N LYS L 166 -46.02 24.85 63.77
CA LYS L 166 -47.33 25.40 63.44
C LYS L 166 -48.09 24.51 62.46
N VAL L 167 -47.41 23.92 61.48
CA VAL L 167 -48.08 23.15 60.44
C VAL L 167 -47.94 21.65 60.66
N GLY L 168 -47.12 21.22 61.61
CA GLY L 168 -46.91 19.80 61.82
C GLY L 168 -45.80 19.23 60.97
N ASN L 169 -45.58 17.93 61.15
CA ASN L 169 -44.51 17.23 60.44
C ASN L 169 -44.76 17.22 58.93
N ASP L 170 -45.99 16.92 58.53
CA ASP L 170 -46.36 16.85 57.12
C ASP L 170 -46.96 18.15 56.58
N GLY L 171 -47.02 19.20 57.39
CA GLY L 171 -47.59 20.45 56.94
C GLY L 171 -46.75 21.09 55.84
N VAL L 172 -47.45 21.82 54.98
CA VAL L 172 -46.81 22.45 53.82
C VAL L 172 -46.11 23.72 54.27
N ILE L 173 -44.83 23.83 53.91
CA ILE L 173 -44.02 25.00 54.20
C ILE L 173 -43.55 25.58 52.88
N THR L 174 -43.81 26.87 52.66
CA THR L 174 -43.46 27.54 51.43
C THR L 174 -42.47 28.66 51.70
N ILE L 175 -41.62 28.93 50.71
CA ILE L 175 -40.56 29.92 50.81
C ILE L 175 -40.81 30.99 49.76
N GLU L 176 -40.82 32.25 50.20
CA GLU L 176 -41.08 33.37 49.31
C GLU L 176 -40.05 34.47 49.54
N GLU L 177 -39.93 35.35 48.55
CA GLU L 177 -39.00 36.47 48.62
C GLU L 177 -39.74 37.70 49.11
N SER L 178 -39.45 38.10 50.34
CA SER L 178 -40.03 39.31 50.90
C SER L 178 -39.37 40.54 50.26
N LYS L 179 -40.18 41.56 49.98
CA LYS L 179 -39.64 42.79 49.43
C LYS L 179 -38.79 43.56 50.44
N GLY L 180 -38.95 43.27 51.73
CA GLY L 180 -38.17 43.91 52.76
C GLY L 180 -36.80 43.27 52.92
N ILE L 181 -36.11 43.67 53.99
CA ILE L 181 -34.78 43.16 54.26
C ILE L 181 -34.79 42.05 55.30
N GLU L 182 -35.93 41.76 55.90
CA GLU L 182 -36.04 40.75 56.95
C GLU L 182 -36.79 39.53 56.43
N THR L 183 -36.38 38.35 56.89
CA THR L 183 -37.08 37.11 56.58
C THR L 183 -38.15 36.87 57.62
N GLU L 184 -39.38 36.62 57.16
CA GLU L 184 -40.53 36.49 58.04
C GLU L 184 -41.26 35.18 57.75
N LEU L 185 -41.90 34.64 58.78
CA LEU L 185 -42.66 33.41 58.69
C LEU L 185 -44.13 33.71 58.85
N ASP L 186 -44.94 33.19 57.93
CA ASP L 186 -46.38 33.41 57.93
C ASP L 186 -47.11 32.09 57.71
N VAL L 187 -48.28 31.96 58.33
CA VAL L 187 -49.14 30.80 58.17
C VAL L 187 -50.47 31.29 57.62
N VAL L 188 -50.85 30.77 56.45
CA VAL L 188 -52.07 31.18 55.76
C VAL L 188 -52.85 29.93 55.38
N GLU L 189 -54.03 30.16 54.81
CA GLU L 189 -54.87 29.07 54.33
C GLU L 189 -54.38 28.66 52.94
N GLY L 190 -54.05 27.39 52.77
CA GLY L 190 -53.60 26.93 51.48
C GLY L 190 -53.78 25.44 51.31
N MET L 191 -53.63 24.99 50.07
CA MET L 191 -53.84 23.59 49.72
C MET L 191 -52.67 23.10 48.90
N GLN L 192 -52.14 21.94 49.28
CA GLN L 192 -51.22 21.20 48.43
C GLN L 192 -51.73 19.79 48.29
N PHE L 193 -51.79 19.31 47.05
CA PHE L 193 -52.23 17.97 46.74
C PHE L 193 -51.30 17.36 45.71
N ASP L 194 -51.21 16.03 45.74
CA ASP L 194 -50.25 15.29 44.92
C ASP L 194 -50.76 15.18 43.49
N ARG L 195 -50.72 16.31 42.78
CA ARG L 195 -51.05 16.36 41.36
C ARG L 195 -50.07 17.33 40.69
N GLY L 196 -49.16 16.79 39.89
CA GLY L 196 -48.23 17.62 39.17
C GLY L 196 -48.82 18.13 37.86
N TYR L 197 -48.01 18.89 37.14
CA TYR L 197 -48.44 19.43 35.87
C TYR L 197 -48.60 18.30 34.85
N LEU L 198 -49.49 18.52 33.88
CA LEU L 198 -49.72 17.54 32.85
C LEU L 198 -48.59 17.49 31.82
N SER L 199 -47.80 18.55 31.73
CA SER L 199 -46.72 18.63 30.76
C SER L 199 -45.68 19.64 31.24
N GLN L 200 -44.45 19.47 30.76
CA GLN L 200 -43.33 20.31 31.17
C GLN L 200 -43.24 21.62 30.39
N TYR L 201 -44.02 21.77 29.33
CA TYR L 201 -43.93 22.97 28.51
C TYR L 201 -44.43 24.20 29.25
N MET L 202 -45.38 24.03 30.16
CA MET L 202 -45.96 25.10 30.94
C MET L 202 -45.26 25.31 32.28
N VAL L 203 -44.05 24.79 32.43
CA VAL L 203 -43.24 25.08 33.61
C VAL L 203 -42.74 26.51 33.55
N THR L 204 -43.04 27.29 34.59
CA THR L 204 -42.61 28.68 34.65
C THR L 204 -41.16 28.84 35.09
N ASP L 205 -40.72 28.03 36.06
CA ASP L 205 -39.35 28.09 36.58
C ASP L 205 -38.62 26.85 36.08
N ASN L 206 -37.84 27.01 35.01
CA ASN L 206 -37.12 25.87 34.45
C ASN L 206 -36.08 25.33 35.43
N ASP L 207 -35.37 26.22 36.12
CA ASP L 207 -34.34 25.77 37.07
C ASP L 207 -34.95 24.95 38.20
N LYS L 208 -36.07 25.41 38.75
CA LYS L 208 -36.75 24.68 39.81
C LYS L 208 -37.77 23.68 39.28
N MET L 209 -38.01 23.66 37.96
CA MET L 209 -38.91 22.70 37.33
C MET L 209 -40.36 22.97 37.72
N GLU L 210 -40.55 23.87 38.68
CA GLU L 210 -41.87 24.17 39.22
C GLU L 210 -42.60 25.20 38.36
N ALA L 211 -43.92 25.09 38.34
CA ALA L 211 -44.78 26.06 37.69
C ALA L 211 -45.29 27.04 38.75
N VAL L 212 -45.03 28.33 38.54
CA VAL L 212 -45.35 29.37 39.51
C VAL L 212 -46.38 30.31 38.88
N LEU L 213 -47.50 30.49 39.56
CA LEU L 213 -48.55 31.40 39.12
C LEU L 213 -48.85 32.38 40.25
N GLU L 214 -48.91 33.66 39.91
CA GLU L 214 -49.17 34.72 40.87
C GLU L 214 -50.57 35.29 40.63
N ASN L 215 -51.40 35.25 41.66
CA ASN L 215 -52.80 35.65 41.57
C ASN L 215 -53.50 35.04 40.35
N PRO L 216 -53.54 33.72 40.25
CA PRO L 216 -54.15 33.08 39.08
C PRO L 216 -55.63 32.77 39.29
N TYR L 217 -56.31 32.60 38.16
CA TYR L 217 -57.68 32.09 38.20
C TYR L 217 -57.64 30.56 38.24
N ILE L 218 -58.57 29.98 38.99
CA ILE L 218 -58.57 28.55 39.26
C ILE L 218 -59.85 27.95 38.69
N LEU L 219 -59.69 26.99 37.78
CA LEU L 219 -60.82 26.25 37.21
C LEU L 219 -60.95 24.93 37.96
N ILE L 220 -62.12 24.70 38.56
CA ILE L 220 -62.38 23.52 39.37
C ILE L 220 -63.53 22.76 38.73
N THR L 221 -63.25 21.52 38.30
CA THR L 221 -64.27 20.70 37.67
C THR L 221 -63.87 19.24 37.80
N ASP L 222 -64.88 18.37 37.81
CA ASP L 222 -64.67 16.92 37.80
C ASP L 222 -64.80 16.32 36.40
N LYS L 223 -65.11 17.14 35.39
CA LYS L 223 -65.30 16.64 34.05
C LYS L 223 -63.97 16.49 33.33
N LYS L 224 -64.01 15.75 32.22
CA LYS L 224 -62.84 15.56 31.38
C LYS L 224 -62.84 16.59 30.26
N ILE L 225 -61.72 17.29 30.10
CA ILE L 225 -61.60 18.36 29.12
C ILE L 225 -60.76 17.84 27.96
N SER L 226 -61.44 17.37 26.91
CA SER L 226 -60.77 16.92 25.71
C SER L 226 -60.93 17.86 24.53
N ASN L 227 -61.87 18.81 24.61
CA ASN L 227 -62.12 19.77 23.54
C ASN L 227 -61.81 21.17 24.05
N ILE L 228 -61.01 21.91 23.26
CA ILE L 228 -60.70 23.29 23.61
C ILE L 228 -61.92 24.19 23.44
N GLN L 229 -62.89 23.77 22.65
CA GLN L 229 -64.08 24.60 22.42
C GLN L 229 -64.91 24.76 23.70
N ASP L 230 -64.83 23.80 24.61
CA ASP L 230 -65.62 23.85 25.83
C ASP L 230 -65.20 25.00 26.74
N ILE L 231 -64.01 25.55 26.55
CA ILE L 231 -63.47 26.58 27.43
C ILE L 231 -63.08 27.85 26.70
N LEU L 232 -63.38 27.95 25.41
CA LEU L 232 -62.98 29.14 24.65
C LEU L 232 -63.56 30.44 25.21
N PRO L 233 -64.85 30.54 25.56
CA PRO L 233 -65.32 31.80 26.16
C PRO L 233 -64.59 32.16 27.45
N LEU L 234 -64.34 31.17 28.31
CA LEU L 234 -63.62 31.43 29.54
C LEU L 234 -62.17 31.80 29.26
N LEU L 235 -61.55 31.16 28.27
CA LEU L 235 -60.20 31.53 27.87
C LEU L 235 -60.15 32.98 27.41
N GLU L 236 -61.13 33.40 26.61
CA GLU L 236 -61.18 34.78 26.15
C GLU L 236 -61.39 35.74 27.32
N GLN L 237 -62.26 35.37 28.27
CA GLN L 237 -62.47 36.21 29.44
C GLN L 237 -61.18 36.39 30.23
N ILE L 238 -60.44 35.30 30.44
CA ILE L 238 -59.21 35.36 31.22
C ILE L 238 -58.14 36.14 30.45
N LEU L 239 -58.09 35.97 29.13
CA LEU L 239 -57.17 36.76 28.32
C LEU L 239 -57.48 38.24 28.43
N GLN L 240 -58.77 38.60 28.46
CA GLN L 240 -59.16 39.97 28.73
C GLN L 240 -58.67 40.42 30.10
N GLN L 241 -58.80 39.56 31.10
CA GLN L 241 -58.28 39.87 32.43
C GLN L 241 -56.76 39.78 32.50
N SER L 242 -56.13 39.10 31.54
CA SER L 242 -54.66 38.98 31.49
C SER L 242 -54.08 38.40 32.77
N ARG L 243 -54.76 37.41 33.35
CA ARG L 243 -54.31 36.76 34.56
C ARG L 243 -53.99 35.28 34.30
N PRO L 244 -53.13 34.67 35.10
CA PRO L 244 -52.88 33.23 34.94
C PRO L 244 -54.11 32.42 35.27
N LEU L 245 -54.20 31.24 34.68
CA LEU L 245 -55.32 30.34 34.89
C LEU L 245 -54.81 28.99 35.38
N LEU L 246 -55.44 28.46 36.41
CA LEU L 246 -55.19 27.11 36.91
C LEU L 246 -56.40 26.24 36.60
N ILE L 247 -56.15 25.07 36.03
CA ILE L 247 -57.21 24.15 35.64
C ILE L 247 -57.09 22.89 36.48
N ILE L 248 -58.17 22.54 37.19
CA ILE L 248 -58.25 21.32 37.97
C ILE L 248 -59.41 20.52 37.41
N ALA L 249 -59.10 19.49 36.63
CA ALA L 249 -60.12 18.67 35.98
C ALA L 249 -59.76 17.21 36.16
N ASP L 250 -60.70 16.34 35.78
CA ASP L 250 -60.43 14.91 35.82
C ASP L 250 -59.28 14.54 34.88
N ASP L 251 -59.29 15.09 33.67
CA ASP L 251 -58.23 14.86 32.71
C ASP L 251 -58.36 15.86 31.58
N VAL L 252 -57.23 16.44 31.17
CA VAL L 252 -57.18 17.35 30.03
C VAL L 252 -56.30 16.68 28.97
N ASP L 253 -56.91 16.32 27.85
CA ASP L 253 -56.22 15.59 26.80
C ASP L 253 -56.87 15.93 25.47
N GLY L 254 -56.62 15.11 24.45
CA GLY L 254 -57.24 15.35 23.16
C GLY L 254 -56.57 16.47 22.41
N GLU L 255 -57.37 17.42 21.93
CA GLU L 255 -56.85 18.58 21.23
C GLU L 255 -56.71 19.79 22.14
N ALA L 256 -57.45 19.83 23.25
CA ALA L 256 -57.37 20.98 24.16
C ALA L 256 -55.98 21.10 24.78
N LEU L 257 -55.40 19.97 25.18
CA LEU L 257 -54.07 20.00 25.81
C LEU L 257 -52.98 20.53 24.88
N PRO L 258 -52.82 20.04 23.65
CA PRO L 258 -51.82 20.64 22.76
C PRO L 258 -52.09 22.10 22.45
N THR L 259 -53.36 22.49 22.35
CA THR L 259 -53.69 23.89 22.10
C THR L 259 -53.24 24.77 23.26
N LEU L 260 -53.51 24.33 24.48
CA LEU L 260 -53.08 25.08 25.66
C LEU L 260 -51.56 25.12 25.76
N VAL L 261 -50.90 24.00 25.42
CA VAL L 261 -49.44 23.96 25.45
C VAL L 261 -48.87 24.97 24.46
N LEU L 262 -49.42 25.01 23.25
CA LEU L 262 -48.95 25.96 22.24
C LEU L 262 -49.20 27.39 22.68
N ASN L 263 -50.37 27.65 23.26
CA ASN L 263 -50.66 29.01 23.75
C ASN L 263 -49.69 29.43 24.84
N LYS L 264 -49.38 28.51 25.75
CA LYS L 264 -48.43 28.82 26.82
C LYS L 264 -47.03 29.06 26.26
N ILE L 265 -46.62 28.24 25.29
CA ILE L 265 -45.31 28.42 24.67
C ILE L 265 -45.22 29.77 23.98
N ARG L 266 -46.27 30.14 23.24
CA ARG L 266 -46.31 31.45 22.59
C ARG L 266 -46.51 32.59 23.58
N GLY L 267 -46.82 32.28 24.84
CA GLY L 267 -47.07 33.30 25.83
C GLY L 267 -48.46 33.89 25.79
N THR L 268 -49.35 33.39 24.92
CA THR L 268 -50.70 33.92 24.84
C THR L 268 -51.46 33.71 26.15
N PHE L 269 -51.29 32.54 26.76
CA PHE L 269 -52.03 32.19 27.98
C PHE L 269 -51.07 31.63 29.00
N ASN L 270 -51.17 32.13 30.23
CA ASN L 270 -50.39 31.60 31.36
C ASN L 270 -51.28 30.60 32.12
N VAL L 271 -51.53 29.48 31.45
CA VAL L 271 -52.49 28.49 31.92
C VAL L 271 -51.73 27.25 32.39
N VAL L 272 -52.20 26.68 33.49
CA VAL L 272 -51.68 25.43 34.04
C VAL L 272 -52.86 24.51 34.31
N ALA L 273 -52.78 23.28 33.79
CA ALA L 273 -53.81 22.27 34.00
C ALA L 273 -53.22 21.09 34.74
N VAL L 274 -53.91 20.64 35.78
CA VAL L 274 -53.50 19.47 36.55
C VAL L 274 -54.72 18.57 36.75
N LYS L 275 -54.44 17.30 37.04
CA LYS L 275 -55.50 16.35 37.28
C LYS L 275 -56.15 16.59 38.64
N ALA L 276 -57.41 16.16 38.76
CA ALA L 276 -58.16 16.32 40.00
C ALA L 276 -57.74 15.26 41.01
N PRO L 277 -57.36 15.63 42.23
CA PRO L 277 -57.01 14.63 43.23
C PRO L 277 -58.23 13.87 43.73
N GLY L 278 -57.99 12.62 44.12
CA GLY L 278 -59.05 11.74 44.57
C GLY L 278 -59.76 11.08 43.41
N PHE L 279 -60.51 10.04 43.74
CA PHE L 279 -61.23 9.27 42.72
C PHE L 279 -62.62 8.92 43.22
N GLY L 280 -63.53 8.73 42.26
CA GLY L 280 -64.89 8.39 42.61
C GLY L 280 -65.55 9.47 43.43
N ASP L 281 -66.33 9.05 44.43
CA ASP L 281 -66.99 9.99 45.32
C ASP L 281 -65.97 10.79 46.12
N ARG L 282 -64.79 10.24 46.36
CA ARG L 282 -63.77 10.96 47.12
C ARG L 282 -63.30 12.20 46.38
N ARG L 283 -63.14 12.10 45.06
CA ARG L 283 -62.62 13.23 44.28
C ARG L 283 -63.45 14.48 44.49
N LYS L 284 -64.77 14.36 44.46
CA LYS L 284 -65.64 15.51 44.69
C LYS L 284 -65.47 16.09 46.08
N ALA L 285 -65.02 15.31 47.06
CA ALA L 285 -64.85 15.81 48.42
C ALA L 285 -63.82 16.94 48.46
N MET L 286 -62.57 16.64 48.13
CA MET L 286 -61.59 17.72 48.13
C MET L 286 -61.70 18.62 46.90
N LEU L 287 -62.47 18.25 45.87
CA LEU L 287 -62.84 19.26 44.87
C LEU L 287 -63.70 20.36 45.50
N GLU L 288 -64.69 19.97 46.30
CA GLU L 288 -65.48 20.94 47.03
C GLU L 288 -64.65 21.70 48.04
N ASP L 289 -63.71 21.01 48.69
CA ASP L 289 -62.82 21.68 49.63
C ASP L 289 -61.99 22.76 48.95
N ILE L 290 -61.44 22.46 47.76
CA ILE L 290 -60.69 23.44 47.00
C ILE L 290 -61.59 24.60 46.59
N ALA L 291 -62.82 24.29 46.16
CA ALA L 291 -63.75 25.35 45.79
C ALA L 291 -64.04 26.27 46.97
N ILE L 292 -64.22 25.69 48.16
CA ILE L 292 -64.47 26.49 49.35
C ILE L 292 -63.27 27.36 49.68
N LEU L 293 -62.06 26.79 49.62
CA LEU L 293 -60.87 27.57 49.96
C LEU L 293 -60.65 28.71 48.97
N THR L 294 -60.83 28.47 47.69
CA THR L 294 -60.53 29.47 46.67
C THR L 294 -61.71 30.36 46.33
N GLY L 295 -62.90 30.05 46.84
CA GLY L 295 -64.09 30.81 46.51
C GLY L 295 -64.71 30.46 45.17
N GLY L 296 -64.14 29.51 44.44
CA GLY L 296 -64.68 29.08 43.17
C GLY L 296 -65.80 28.07 43.33
N THR L 297 -66.24 27.54 42.20
CA THR L 297 -67.31 26.56 42.15
C THR L 297 -66.87 25.36 41.31
N VAL L 298 -67.18 24.16 41.80
CA VAL L 298 -66.86 22.94 41.06
C VAL L 298 -67.84 22.81 39.90
N ILE L 299 -67.30 22.65 38.70
CA ILE L 299 -68.11 22.50 37.50
C ILE L 299 -68.37 21.01 37.32
N THR L 300 -69.55 20.56 37.75
CA THR L 300 -69.90 19.15 37.68
C THR L 300 -71.30 19.02 37.09
N ASP L 301 -71.54 17.87 36.46
CA ASP L 301 -72.85 17.60 35.88
C ASP L 301 -73.94 17.50 36.95
N ASP L 302 -73.57 17.18 38.19
CA ASP L 302 -74.55 17.11 39.26
C ASP L 302 -75.18 18.49 39.52
N LEU L 303 -74.39 19.55 39.45
CA LEU L 303 -74.87 20.90 39.66
C LEU L 303 -75.44 21.54 38.40
N GLY L 304 -75.42 20.82 37.27
CA GLY L 304 -75.94 21.37 36.03
C GLY L 304 -75.09 22.46 35.41
N LEU L 305 -73.79 22.49 35.73
CA LEU L 305 -72.88 23.50 35.19
C LEU L 305 -72.10 22.91 34.02
N GLU L 306 -72.03 23.65 32.93
CA GLU L 306 -71.30 23.24 31.75
C GLU L 306 -70.02 24.05 31.60
N LEU L 307 -69.03 23.45 30.93
CA LEU L 307 -67.73 24.10 30.77
C LEU L 307 -67.85 25.40 29.99
N LYS L 308 -68.66 25.41 28.94
CA LYS L 308 -68.86 26.62 28.15
C LYS L 308 -69.60 27.70 28.92
N ASP L 309 -70.35 27.33 29.96
CA ASP L 309 -71.09 28.28 30.77
C ASP L 309 -70.29 28.81 31.96
N VAL L 310 -69.03 28.40 32.10
CA VAL L 310 -68.21 28.87 33.21
C VAL L 310 -67.82 30.32 32.98
N THR L 311 -68.01 31.15 34.00
CA THR L 311 -67.66 32.55 33.96
C THR L 311 -66.49 32.82 34.89
N ILE L 312 -66.06 34.09 34.93
CA ILE L 312 -64.95 34.48 35.80
C ILE L 312 -65.33 34.34 37.27
N GLU L 313 -66.60 34.61 37.61
CA GLU L 313 -67.03 34.54 39.00
C GLU L 313 -66.88 33.15 39.58
N ASN L 314 -67.24 32.12 38.81
CA ASN L 314 -67.18 30.75 39.30
C ASN L 314 -65.76 30.24 39.48
N LEU L 315 -64.76 30.97 38.98
CA LEU L 315 -63.38 30.54 39.07
C LEU L 315 -62.81 30.81 40.46
N GLY L 316 -62.03 29.87 40.97
CA GLY L 316 -61.33 30.09 42.21
C GLY L 316 -60.19 31.08 42.06
N ASN L 317 -59.84 31.71 43.18
CA ASN L 317 -58.79 32.72 43.19
C ASN L 317 -57.87 32.48 44.38
N ALA L 318 -56.60 32.78 44.19
CA ALA L 318 -55.60 32.66 45.24
C ALA L 318 -54.45 33.60 44.94
N SER L 319 -53.62 33.86 45.94
CA SER L 319 -52.49 34.76 45.76
C SER L 319 -51.40 34.12 44.91
N LYS L 320 -51.05 32.87 45.19
CA LYS L 320 -49.97 32.20 44.49
C LYS L 320 -50.24 30.71 44.43
N VAL L 321 -49.86 30.09 43.31
CA VAL L 321 -49.99 28.66 43.12
C VAL L 321 -48.66 28.12 42.61
N VAL L 322 -48.17 27.06 43.23
CA VAL L 322 -46.92 26.41 42.85
C VAL L 322 -47.24 24.99 42.43
N VAL L 323 -46.84 24.63 41.21
CA VAL L 323 -47.07 23.30 40.66
C VAL L 323 -45.72 22.68 40.32
N ASP L 324 -45.38 21.60 40.99
CA ASP L 324 -44.18 20.84 40.68
C ASP L 324 -44.54 19.66 39.79
N LYS L 325 -43.58 18.75 39.57
CA LYS L 325 -43.82 17.60 38.71
C LYS L 325 -44.90 16.68 39.28
N ASP L 326 -45.05 16.65 40.60
CA ASP L 326 -45.93 15.68 41.24
C ASP L 326 -47.00 16.29 42.13
N ASN L 327 -46.84 17.53 42.57
CA ASN L 327 -47.76 18.15 43.51
C ASN L 327 -48.11 19.56 43.05
N THR L 328 -49.30 20.02 43.46
CA THR L 328 -49.76 21.36 43.20
C THR L 328 -50.08 22.03 44.53
N THR L 329 -49.51 23.21 44.76
CA THR L 329 -49.66 23.93 46.01
C THR L 329 -50.40 25.23 45.78
N ILE L 330 -51.38 25.52 46.64
CA ILE L 330 -52.18 26.73 46.57
C ILE L 330 -51.87 27.57 47.79
N VAL L 331 -51.65 28.87 47.59
CA VAL L 331 -51.31 29.80 48.66
C VAL L 331 -52.36 30.90 48.72
N GLU L 332 -52.92 31.10 49.91
CA GLU L 332 -53.84 32.21 50.19
C GLU L 332 -55.06 32.17 49.28
N GLY L 333 -55.87 31.12 49.44
CA GLY L 333 -57.11 31.02 48.70
C GLY L 333 -58.06 32.15 49.06
N SER L 334 -58.87 32.56 48.09
CA SER L 334 -59.74 33.71 48.23
C SER L 334 -61.11 33.36 48.81
N GLY L 335 -61.36 32.10 49.14
CA GLY L 335 -62.64 31.72 49.70
C GLY L 335 -62.82 32.24 51.11
N GLU L 336 -64.07 32.22 51.56
CA GLU L 336 -64.41 32.74 52.87
C GLU L 336 -63.85 31.84 53.97
N LYS L 337 -63.34 32.47 55.03
CA LYS L 337 -62.84 31.71 56.17
C LYS L 337 -63.94 30.91 56.84
N GLU L 338 -65.15 31.48 56.95
CA GLU L 338 -66.25 30.81 57.62
C GLU L 338 -66.67 29.54 56.88
N ALA L 339 -66.70 29.60 55.55
CA ALA L 339 -67.04 28.41 54.77
C ALA L 339 -66.00 27.31 54.97
N ILE L 340 -64.72 27.69 55.00
CA ILE L 340 -63.66 26.71 55.25
C ILE L 340 -63.81 26.11 56.64
N GLU L 341 -64.16 26.94 57.63
CA GLU L 341 -64.38 26.45 58.98
C GLU L 341 -65.56 25.48 59.03
N ALA L 342 -66.63 25.80 58.31
CA ALA L 342 -67.79 24.90 58.27
C ALA L 342 -67.44 23.58 57.61
N ARG L 343 -66.67 23.62 56.52
CA ARG L 343 -66.21 22.39 55.89
C ARG L 343 -65.33 21.58 56.83
N VAL L 344 -64.46 22.25 57.58
CA VAL L 344 -63.60 21.57 58.54
C VAL L 344 -64.43 20.91 59.62
N GLN L 345 -65.45 21.61 60.13
CA GLN L 345 -66.31 21.03 61.14
C GLN L 345 -67.10 19.85 60.60
N LEU L 346 -67.56 19.95 59.35
CA LEU L 346 -68.25 18.83 58.72
C LEU L 346 -67.34 17.61 58.61
N ILE L 347 -66.08 17.82 58.21
CA ILE L 347 -65.14 16.71 58.11
C ILE L 347 -64.84 16.13 59.49
N LYS L 348 -64.76 16.99 60.51
CA LYS L 348 -64.56 16.51 61.87
C LYS L 348 -65.74 15.65 62.32
N ASN L 349 -66.95 16.08 62.01
CA ASN L 349 -68.14 15.30 62.35
C ASN L 349 -68.13 13.97 61.61
N GLN L 350 -67.74 13.98 60.33
CA GLN L 350 -67.64 12.73 59.58
C GLN L 350 -66.62 11.79 60.20
N ILE L 351 -65.48 12.34 60.63
CA ILE L 351 -64.44 11.53 61.28
C ILE L 351 -64.99 10.92 62.56
N ALA L 352 -65.67 11.73 63.37
CA ALA L 352 -66.25 11.22 64.61
C ALA L 352 -67.37 10.22 64.35
N GLU L 353 -67.93 10.24 63.14
CA GLU L 353 -69.04 9.36 62.80
C GLU L 353 -68.62 8.14 61.99
N THR L 354 -67.59 8.28 61.14
CA THR L 354 -67.19 7.18 60.29
C THR L 354 -66.65 6.01 61.12
N THR L 355 -66.87 4.80 60.64
CA THR L 355 -66.39 3.60 61.30
C THR L 355 -65.27 2.91 60.55
N SER L 356 -65.10 3.18 59.27
CA SER L 356 -64.04 2.57 58.48
C SER L 356 -62.72 3.31 58.73
N ASP L 357 -61.70 2.55 59.13
CA ASP L 357 -60.40 3.16 59.41
C ASP L 357 -59.80 3.74 58.14
N PHE L 358 -60.08 3.13 56.99
CA PHE L 358 -59.63 3.68 55.72
C PHE L 358 -60.33 5.00 55.42
N ASP L 359 -61.66 5.02 55.53
CA ASP L 359 -62.40 6.25 55.32
C ASP L 359 -62.07 7.30 56.38
N ARG L 360 -61.90 6.86 57.63
CA ARG L 360 -61.48 7.78 58.68
C ARG L 360 -60.12 8.39 58.36
N GLU L 361 -59.19 7.56 57.85
CA GLU L 361 -57.87 8.07 57.49
C GLU L 361 -57.95 9.07 56.35
N LYS L 362 -58.77 8.78 55.34
CA LYS L 362 -58.92 9.73 54.24
C LYS L 362 -59.53 11.04 54.71
N LEU L 363 -60.55 10.97 55.55
CA LEU L 363 -61.16 12.18 56.09
C LEU L 363 -60.18 12.95 56.98
N GLN L 364 -59.36 12.23 57.73
CA GLN L 364 -58.33 12.86 58.54
C GLN L 364 -57.30 13.55 57.67
N GLU L 365 -56.93 12.93 56.55
CA GLU L 365 -56.02 13.57 55.60
C GLU L 365 -56.61 14.86 55.08
N ARG L 366 -57.89 14.83 54.67
CA ARG L 366 -58.54 16.04 54.21
C ARG L 366 -58.57 17.11 55.30
N LEU L 367 -58.91 16.70 56.53
CA LEU L 367 -59.02 17.64 57.64
C LEU L 367 -57.67 18.28 57.95
N ALA L 368 -56.60 17.48 58.00
CA ALA L 368 -55.28 18.01 58.28
C ALA L 368 -54.81 18.92 57.17
N LYS L 369 -55.06 18.54 55.91
CA LYS L 369 -54.67 19.38 54.79
C LYS L 369 -55.39 20.71 54.82
N LEU L 370 -56.68 20.70 55.19
CA LEU L 370 -57.45 21.94 55.20
C LEU L 370 -57.07 22.82 56.39
N ALA L 371 -56.90 22.22 57.56
CA ALA L 371 -56.76 23.00 58.79
C ALA L 371 -55.31 23.37 59.11
N GLY L 372 -54.34 22.58 58.66
CA GLY L 372 -52.95 22.88 58.99
C GLY L 372 -52.44 24.13 58.32
N GLY L 373 -53.07 24.54 57.23
CA GLY L 373 -52.64 25.73 56.53
C GLY L 373 -51.32 25.50 55.82
N VAL L 374 -50.73 26.61 55.39
CA VAL L 374 -49.46 26.61 54.67
C VAL L 374 -48.52 27.58 55.36
N ALA L 375 -47.32 27.11 55.69
CA ALA L 375 -46.29 27.98 56.25
C ALA L 375 -45.60 28.75 55.12
N VAL L 376 -45.57 30.06 55.23
CA VAL L 376 -44.99 30.93 54.22
C VAL L 376 -43.76 31.60 54.82
N VAL L 377 -42.62 31.43 54.17
CA VAL L 377 -41.37 32.04 54.60
C VAL L 377 -41.05 33.14 53.60
N LYS L 378 -41.28 34.39 54.00
CA LYS L 378 -40.99 35.54 53.15
C LYS L 378 -39.56 35.99 53.42
N VAL L 379 -38.65 35.56 52.57
CA VAL L 379 -37.22 35.84 52.77
C VAL L 379 -36.93 37.27 52.35
N GLY L 380 -36.29 38.01 53.25
CA GLY L 380 -35.89 39.38 52.97
C GLY L 380 -34.39 39.56 53.15
N ALA L 381 -33.80 40.34 52.25
CA ALA L 381 -32.37 40.62 52.31
C ALA L 381 -32.10 41.92 51.56
N ALA L 382 -30.91 42.47 51.79
CA ALA L 382 -30.58 43.78 51.22
C ALA L 382 -30.46 43.72 49.70
N THR L 383 -29.80 42.68 49.17
CA THR L 383 -29.52 42.59 47.75
C THR L 383 -30.15 41.34 47.17
N GLU L 384 -30.40 41.39 45.86
CA GLU L 384 -30.97 40.23 45.17
C GLU L 384 -30.03 39.03 45.23
N THR L 385 -28.71 39.28 45.16
CA THR L 385 -27.77 38.18 45.35
C THR L 385 -27.92 37.56 46.73
N GLU L 386 -28.03 38.41 47.76
CA GLU L 386 -28.25 37.90 49.11
C GLU L 386 -29.58 37.17 49.21
N LEU L 387 -30.63 37.71 48.59
CA LEU L 387 -31.94 37.07 48.65
C LEU L 387 -31.90 35.69 48.00
N LYS L 388 -31.27 35.60 46.83
CA LYS L 388 -31.18 34.31 46.13
C LYS L 388 -30.34 33.32 46.92
N GLU L 389 -29.21 33.76 47.46
CA GLU L 389 -28.38 32.87 48.26
C GLU L 389 -29.14 32.36 49.47
N LEU L 390 -29.86 33.25 50.15
CA LEU L 390 -30.65 32.84 51.31
C LEU L 390 -31.76 31.88 50.91
N LYS L 391 -32.40 32.12 49.77
CA LYS L 391 -33.46 31.23 49.31
C LYS L 391 -32.90 29.83 49.05
N LEU L 392 -31.78 29.75 48.34
CA LEU L 392 -31.17 28.46 48.06
C LEU L 392 -30.73 27.78 49.36
N ARG L 393 -30.18 28.55 50.29
CA ARG L 393 -29.74 28.00 51.56
C ARG L 393 -30.91 27.45 52.36
N ILE L 394 -32.05 28.14 52.33
CA ILE L 394 -33.23 27.67 53.05
C ILE L 394 -33.82 26.43 52.39
N GLU L 395 -33.75 26.34 51.05
CA GLU L 395 -34.37 25.21 50.36
C GLU L 395 -33.77 23.88 50.81
N ASP L 396 -32.45 23.73 50.66
CA ASP L 396 -31.81 22.47 51.02
C ASP L 396 -31.87 22.25 52.52
N ALA L 397 -31.83 23.33 53.31
CA ALA L 397 -31.96 23.19 54.74
C ALA L 397 -33.31 22.58 55.12
N LEU L 398 -34.39 23.06 54.50
CA LEU L 398 -35.71 22.49 54.74
C LEU L 398 -35.77 21.03 54.29
N ASN L 399 -35.20 20.74 53.13
CA ASN L 399 -35.22 19.37 52.63
C ASN L 399 -34.51 18.43 53.59
N ALA L 400 -33.30 18.81 54.03
CA ALA L 400 -32.55 17.98 54.95
C ALA L 400 -33.24 17.89 56.30
N THR L 401 -33.88 18.98 56.74
CA THR L 401 -34.59 18.94 58.01
C THR L 401 -35.73 17.94 57.96
N ARG L 402 -36.51 17.95 56.89
CA ARG L 402 -37.58 16.96 56.74
C ARG L 402 -37.01 15.55 56.68
N ALA L 403 -35.93 15.36 55.92
CA ALA L 403 -35.33 14.05 55.79
C ALA L 403 -34.86 13.52 57.14
N ALA L 404 -34.27 14.38 57.97
CA ALA L 404 -33.89 13.98 59.30
C ALA L 404 -35.10 13.72 60.18
N VAL L 405 -36.16 14.50 60.00
CA VAL L 405 -37.35 14.33 60.83
C VAL L 405 -37.97 12.96 60.61
N GLU L 406 -38.06 12.53 59.35
CA GLU L 406 -38.71 11.25 59.08
C GLU L 406 -37.87 10.07 59.55
N GLU L 407 -36.61 9.99 59.09
CA GLU L 407 -35.78 8.83 59.38
C GLU L 407 -34.92 9.05 60.63
N GLY L 408 -34.07 10.06 60.61
CA GLY L 408 -33.20 10.34 61.72
C GLY L 408 -31.86 10.83 61.24
N MET L 409 -30.87 10.76 62.13
CA MET L 409 -29.52 11.25 61.87
C MET L 409 -28.52 10.16 62.22
N VAL L 410 -27.50 10.00 61.36
CA VAL L 410 -26.43 9.04 61.58
C VAL L 410 -25.10 9.71 61.28
N SER L 411 -24.03 8.97 61.59
CA SER L 411 -22.68 9.49 61.38
C SER L 411 -22.44 9.76 59.89
N GLY L 412 -21.86 10.93 59.61
CA GLY L 412 -21.57 11.32 58.25
C GLY L 412 -20.23 10.82 57.75
N GLY L 413 -19.89 11.23 56.54
CA GLY L 413 -18.62 10.87 55.95
C GLY L 413 -18.44 9.40 55.66
N GLY L 414 -19.54 8.65 55.54
CA GLY L 414 -19.46 7.23 55.27
C GLY L 414 -19.14 6.38 56.48
N THR L 415 -19.00 6.98 57.67
CA THR L 415 -18.69 6.20 58.86
C THR L 415 -19.81 5.22 59.17
N ALA L 416 -21.06 5.62 58.94
CA ALA L 416 -22.19 4.74 59.19
C ALA L 416 -22.09 3.47 58.35
N LEU L 417 -21.65 3.60 57.09
CA LEU L 417 -21.55 2.44 56.22
C LEU L 417 -20.59 1.40 56.78
N VAL L 418 -19.42 1.84 57.26
CA VAL L 418 -18.49 0.90 57.86
C VAL L 418 -19.03 0.36 59.18
N ASN L 419 -19.75 1.19 59.93
CA ASN L 419 -20.26 0.78 61.24
C ASN L 419 -21.21 -0.41 61.13
N VAL L 420 -21.80 -0.65 59.96
CA VAL L 420 -22.71 -1.77 59.79
C VAL L 420 -22.05 -2.99 59.14
N ILE L 421 -20.73 -2.95 58.93
CA ILE L 421 -20.05 -4.06 58.27
C ILE L 421 -20.15 -5.33 59.10
N SER L 422 -19.99 -5.21 60.42
CA SER L 422 -19.98 -6.38 61.28
C SER L 422 -21.30 -7.14 61.19
N LYS L 423 -22.42 -6.42 61.21
CA LYS L 423 -23.72 -7.08 61.14
C LYS L 423 -23.88 -7.82 59.82
N VAL L 424 -23.45 -7.22 58.72
CA VAL L 424 -23.55 -7.87 57.42
C VAL L 424 -22.69 -9.13 57.39
N SER L 425 -21.47 -9.03 57.91
CA SER L 425 -20.62 -10.23 57.98
C SER L 425 -21.21 -11.30 58.86
N ALA L 426 -22.03 -10.92 59.84
CA ALA L 426 -22.67 -11.89 60.71
C ALA L 426 -23.78 -12.69 60.01
N VAL L 427 -24.18 -12.30 58.80
CA VAL L 427 -25.25 -13.01 58.10
C VAL L 427 -24.71 -14.34 57.62
N GLU L 428 -25.47 -15.41 57.88
CA GLU L 428 -25.04 -16.76 57.54
C GLU L 428 -25.55 -17.15 56.16
N ALA L 429 -24.64 -17.62 55.31
CA ALA L 429 -24.99 -18.08 53.97
C ALA L 429 -23.90 -19.01 53.47
N GLU L 430 -24.18 -19.68 52.36
CA GLU L 430 -23.24 -20.62 51.77
C GLU L 430 -23.22 -20.43 50.26
N GLY L 431 -22.10 -20.87 49.66
CA GLY L 431 -21.99 -20.84 48.21
C GLY L 431 -22.00 -19.44 47.65
N ASP L 432 -22.67 -19.28 46.51
CA ASP L 432 -22.70 -17.98 45.84
C ASP L 432 -23.39 -16.93 46.70
N VAL L 433 -24.29 -17.34 47.59
CA VAL L 433 -24.90 -16.38 48.50
C VAL L 433 -23.84 -15.80 49.43
N ALA L 434 -22.98 -16.65 49.99
CA ALA L 434 -21.89 -16.16 50.81
C ALA L 434 -20.91 -15.34 49.98
N THR L 435 -20.71 -15.71 48.73
CA THR L 435 -19.85 -14.93 47.85
C THR L 435 -20.38 -13.52 47.67
N GLY L 436 -21.69 -13.39 47.41
CA GLY L 436 -22.28 -12.07 47.31
C GLY L 436 -22.23 -11.30 48.61
N ILE L 437 -22.37 -12.00 49.73
CA ILE L 437 -22.23 -11.34 51.03
C ILE L 437 -20.84 -10.73 51.16
N LYS L 438 -19.80 -11.51 50.82
CA LYS L 438 -18.45 -10.98 50.87
C LYS L 438 -18.26 -9.83 49.87
N ILE L 439 -18.94 -9.92 48.73
CA ILE L 439 -18.88 -8.85 47.73
C ILE L 439 -19.36 -7.55 48.34
N VAL L 440 -20.54 -7.59 48.98
CA VAL L 440 -21.09 -6.39 49.58
C VAL L 440 -20.22 -5.91 50.72
N VAL L 441 -19.67 -6.84 51.51
CA VAL L 441 -18.81 -6.45 52.63
C VAL L 441 -17.60 -5.70 52.13
N ARG L 442 -16.97 -6.20 51.06
CA ARG L 442 -15.82 -5.50 50.49
C ARG L 442 -16.23 -4.15 49.90
N ALA L 443 -17.38 -4.10 49.22
CA ALA L 443 -17.76 -2.87 48.53
C ALA L 443 -18.17 -1.76 49.49
N LEU L 444 -18.68 -2.12 50.67
CA LEU L 444 -19.18 -1.10 51.59
C LEU L 444 -18.09 -0.14 52.06
N GLU L 445 -16.81 -0.51 51.90
CA GLU L 445 -15.73 0.37 52.31
C GLU L 445 -15.37 1.41 51.27
N GLU L 446 -15.99 1.38 50.09
CA GLU L 446 -15.57 2.27 49.01
C GLU L 446 -15.74 3.76 49.33
N PRO L 447 -16.87 4.23 49.87
CA PRO L 447 -16.99 5.68 50.08
C PRO L 447 -15.95 6.25 51.02
N ILE L 448 -15.73 5.62 52.18
CA ILE L 448 -14.76 6.15 53.13
C ILE L 448 -13.35 6.11 52.56
N ARG L 449 -13.01 5.01 51.88
CA ARG L 449 -11.68 4.90 51.28
C ARG L 449 -11.47 5.97 50.23
N GLN L 450 -12.49 6.19 49.39
CA GLN L 450 -12.37 7.20 48.34
C GLN L 450 -12.24 8.60 48.94
N ILE L 451 -13.01 8.89 49.99
CA ILE L 451 -12.91 10.19 50.63
C ILE L 451 -11.52 10.39 51.23
N ALA L 452 -10.99 9.35 51.87
CA ALA L 452 -9.65 9.45 52.44
C ALA L 452 -8.61 9.68 51.36
N GLU L 453 -8.74 8.99 50.23
CA GLU L 453 -7.77 9.14 49.15
C GLU L 453 -7.84 10.53 48.53
N ASN L 454 -9.05 11.08 48.40
CA ASN L 454 -9.18 12.41 47.81
C ASN L 454 -8.47 13.47 48.65
N ALA L 455 -8.44 13.29 49.97
CA ALA L 455 -7.71 14.18 50.85
C ALA L 455 -6.23 13.83 50.95
N GLY L 456 -5.79 12.78 50.26
CA GLY L 456 -4.40 12.40 50.26
C GLY L 456 -4.00 11.40 51.32
N TYR L 457 -4.89 11.07 52.25
CA TYR L 457 -4.59 10.07 53.26
C TYR L 457 -4.77 8.68 52.65
N GLU L 458 -4.00 7.73 53.18
CA GLU L 458 -4.09 6.36 52.68
C GLU L 458 -5.43 5.74 53.08
N GLY L 459 -6.15 5.22 52.08
CA GLY L 459 -7.48 4.70 52.34
C GLY L 459 -7.47 3.47 53.23
N SER L 460 -6.54 2.55 52.97
CA SER L 460 -6.53 1.30 53.72
C SER L 460 -6.25 1.54 55.20
N VAL L 461 -5.33 2.45 55.50
CA VAL L 461 -5.03 2.79 56.89
C VAL L 461 -6.28 3.34 57.58
N ILE L 462 -6.98 4.25 56.89
CA ILE L 462 -8.19 4.83 57.46
C ILE L 462 -9.22 3.75 57.72
N VAL L 463 -9.41 2.84 56.77
CA VAL L 463 -10.41 1.78 56.95
C VAL L 463 -10.05 0.90 58.14
N ASP L 464 -8.78 0.50 58.22
CA ASP L 464 -8.36 -0.39 59.30
C ASP L 464 -8.52 0.29 60.66
N LYS L 465 -8.12 1.55 60.77
CA LYS L 465 -8.26 2.25 62.03
C LYS L 465 -9.73 2.45 62.39
N LEU L 466 -10.56 2.76 61.40
CA LEU L 466 -11.98 2.98 61.67
C LEU L 466 -12.65 1.70 62.15
N LYS L 467 -12.21 0.55 61.63
CA LYS L 467 -12.81 -0.71 62.05
C LYS L 467 -12.51 -1.04 63.51
N ASN L 468 -11.58 -0.33 64.15
CA ASN L 468 -11.15 -0.67 65.50
C ASN L 468 -11.32 0.49 66.48
N VAL L 469 -12.14 1.48 66.16
CA VAL L 469 -12.43 2.57 67.07
C VAL L 469 -13.86 2.42 67.59
N GLU L 470 -14.17 3.17 68.65
CA GLU L 470 -15.50 3.12 69.23
C GLU L 470 -16.54 3.66 68.26
N LEU L 471 -17.74 3.08 68.32
CA LEU L 471 -18.84 3.54 67.50
C LEU L 471 -19.14 5.01 67.80
N GLY L 472 -19.42 5.78 66.74
CA GLY L 472 -19.66 7.19 66.86
C GLY L 472 -18.44 8.06 66.63
N THR L 473 -17.26 7.46 66.56
CA THR L 473 -16.02 8.18 66.25
C THR L 473 -15.54 7.73 64.89
N GLY L 474 -15.39 8.69 63.98
CA GLY L 474 -14.93 8.38 62.64
C GLY L 474 -13.72 9.19 62.24
N PHE L 475 -13.57 9.44 60.94
CA PHE L 475 -12.44 10.18 60.41
C PHE L 475 -12.91 11.50 59.83
N ASN L 476 -12.31 12.60 60.29
CA ASN L 476 -12.60 13.92 59.75
C ASN L 476 -11.65 14.18 58.59
N ALA L 477 -12.17 14.07 57.36
CA ALA L 477 -11.34 14.29 56.19
C ALA L 477 -10.83 15.72 56.10
N ALA L 478 -11.58 16.68 56.63
CA ALA L 478 -11.17 18.07 56.56
C ALA L 478 -9.88 18.32 57.34
N THR L 479 -9.75 17.69 58.50
CA THR L 479 -8.61 17.94 59.38
C THR L 479 -7.68 16.75 59.54
N GLY L 480 -8.11 15.55 59.18
CA GLY L 480 -7.27 14.38 59.40
C GLY L 480 -7.24 13.91 60.84
N GLU L 481 -8.17 14.36 61.67
CA GLU L 481 -8.24 14.00 63.07
C GLU L 481 -9.44 13.11 63.34
N TRP L 482 -9.25 12.16 64.26
CA TRP L 482 -10.30 11.21 64.61
C TRP L 482 -11.09 11.78 65.77
N VAL L 483 -12.28 12.30 65.48
CA VAL L 483 -13.10 12.96 66.48
C VAL L 483 -14.50 12.35 66.43
N ASN L 484 -15.36 12.81 67.34
CA ASN L 484 -16.76 12.40 67.36
C ASN L 484 -17.49 13.17 66.27
N MET L 485 -17.99 12.45 65.27
CA MET L 485 -18.67 13.11 64.16
C MET L 485 -19.93 13.84 64.63
N VAL L 486 -20.67 13.22 65.55
CA VAL L 486 -21.86 13.89 66.09
C VAL L 486 -21.46 15.18 66.79
N GLU L 487 -20.40 15.14 67.59
CA GLU L 487 -19.92 16.36 68.23
C GLU L 487 -19.31 17.31 67.22
N ALA L 488 -18.62 16.79 66.21
CA ALA L 488 -17.99 17.62 65.20
C ALA L 488 -18.97 18.08 64.12
N GLY L 489 -20.20 17.61 64.15
CA GLY L 489 -21.20 18.05 63.19
C GLY L 489 -21.13 17.38 61.84
N ILE L 490 -20.30 16.37 61.67
CA ILE L 490 -20.21 15.65 60.39
C ILE L 490 -21.26 14.56 60.45
N VAL L 491 -22.49 14.94 60.08
CA VAL L 491 -23.64 14.06 60.19
C VAL L 491 -24.39 14.06 58.86
N ASP L 492 -24.91 12.89 58.50
CA ASP L 492 -25.65 12.72 57.26
C ASP L 492 -26.99 12.07 57.54
N PRO L 493 -28.02 12.42 56.77
CA PRO L 493 -29.34 11.81 56.98
C PRO L 493 -29.32 10.32 56.74
N THR L 494 -30.08 9.59 57.57
CA THR L 494 -30.18 8.15 57.39
C THR L 494 -30.83 7.81 56.06
N LYS L 495 -31.84 8.58 55.67
CA LYS L 495 -32.57 8.30 54.44
C LYS L 495 -31.65 8.35 53.23
N VAL L 496 -30.75 9.34 53.18
CA VAL L 496 -29.87 9.48 52.03
C VAL L 496 -29.02 8.24 51.86
N THR L 497 -28.36 7.81 52.93
CA THR L 497 -27.47 6.66 52.85
C THR L 497 -28.24 5.40 52.50
N ARG L 498 -29.38 5.18 53.17
CA ARG L 498 -30.12 3.94 52.91
C ARG L 498 -30.68 3.93 51.49
N SER L 499 -31.15 5.07 50.99
CA SER L 499 -31.65 5.12 49.61
C SER L 499 -30.54 4.87 48.62
N ALA L 500 -29.38 5.47 48.83
CA ALA L 500 -28.25 5.23 47.93
C ALA L 500 -27.88 3.76 47.92
N LEU L 501 -27.81 3.15 49.10
CA LEU L 501 -27.43 1.74 49.17
C LEU L 501 -28.46 0.87 48.48
N GLN L 502 -29.76 1.13 48.72
CA GLN L 502 -30.79 0.32 48.10
C GLN L 502 -30.75 0.44 46.58
N ASN L 503 -30.65 1.66 46.07
CA ASN L 503 -30.61 1.86 44.62
C ASN L 503 -29.39 1.18 44.01
N ALA L 504 -28.22 1.38 44.61
CA ALA L 504 -27.01 0.77 44.07
C ALA L 504 -27.11 -0.74 44.06
N ALA L 505 -27.59 -1.33 45.16
CA ALA L 505 -27.69 -2.78 45.23
C ALA L 505 -28.67 -3.31 44.19
N SER L 506 -29.83 -2.69 44.08
CA SER L 506 -30.83 -3.17 43.13
C SER L 506 -30.30 -3.10 41.70
N VAL L 507 -29.70 -1.98 41.33
CA VAL L 507 -29.26 -1.83 39.95
C VAL L 507 -28.06 -2.72 39.65
N SER L 508 -27.16 -2.90 40.63
CA SER L 508 -26.07 -3.84 40.45
C SER L 508 -26.58 -5.26 40.28
N ALA L 509 -27.62 -5.64 41.04
CA ALA L 509 -28.21 -6.96 40.86
C ALA L 509 -28.80 -7.11 39.47
N LEU L 510 -29.48 -6.08 38.98
CA LEU L 510 -30.05 -6.16 37.64
C LEU L 510 -28.96 -6.28 36.59
N LEU L 511 -27.88 -5.53 36.73
CA LEU L 511 -26.83 -5.54 35.71
C LEU L 511 -26.05 -6.85 35.74
N LEU L 512 -25.82 -7.42 36.92
CA LEU L 512 -25.03 -8.65 37.00
C LEU L 512 -25.73 -9.81 36.32
N THR L 513 -27.05 -9.79 36.26
CA THR L 513 -27.81 -10.87 35.64
C THR L 513 -28.02 -10.66 34.15
N THR L 514 -27.56 -9.54 33.60
CA THR L 514 -27.72 -9.28 32.17
C THR L 514 -26.93 -10.32 31.37
N GLU L 515 -27.55 -10.85 30.32
CA GLU L 515 -26.92 -11.84 29.48
C GLU L 515 -26.79 -11.44 28.01
N ALA L 516 -27.73 -10.68 27.48
CA ALA L 516 -27.68 -10.25 26.09
C ALA L 516 -27.97 -8.76 26.02
N VAL L 517 -27.17 -8.04 25.26
CA VAL L 517 -27.31 -6.59 25.11
C VAL L 517 -27.62 -6.28 23.65
N VAL L 518 -28.69 -5.54 23.42
CA VAL L 518 -29.10 -5.13 22.09
C VAL L 518 -28.91 -3.63 21.97
N ALA L 519 -28.11 -3.21 21.01
CA ALA L 519 -27.82 -1.79 20.83
C ALA L 519 -27.75 -1.47 19.34
N ASP L 520 -27.98 -0.20 19.03
CA ASP L 520 -27.91 0.26 17.65
C ASP L 520 -26.47 0.30 17.18
N LYS L 521 -26.24 -0.19 15.97
CA LYS L 521 -24.90 -0.18 15.40
C LYS L 521 -24.50 1.26 15.09
N PRO L 522 -23.26 1.66 15.36
CA PRO L 522 -22.81 2.98 14.93
C PRO L 522 -22.92 3.13 13.41
N GLU L 523 -23.36 4.31 13.00
CA GLU L 523 -23.49 4.58 11.57
C GLU L 523 -22.14 4.96 10.97
N PRO L 524 -21.68 4.27 9.93
CA PRO L 524 -20.42 4.59 9.25
C PRO L 524 -20.53 5.88 8.43
N MET M 1 31.63 -0.70 17.42
CA MET M 1 30.66 -0.37 16.38
C MET M 1 30.05 1.00 16.63
N ALA M 2 29.16 1.42 15.72
CA ALA M 2 28.58 2.75 15.79
C ALA M 2 27.79 2.92 17.09
N LYS M 3 27.89 4.12 17.66
CA LYS M 3 27.19 4.42 18.90
C LYS M 3 25.83 5.07 18.59
N GLU M 4 25.02 5.18 19.64
CA GLU M 4 23.68 5.74 19.54
C GLU M 4 23.47 6.77 20.65
N LEU M 5 24.42 7.70 20.73
CA LEU M 5 24.48 8.72 21.78
C LEU M 5 23.10 9.27 22.11
N LYS M 6 22.78 9.29 23.41
CA LYS M 6 21.50 9.74 23.90
C LYS M 6 21.69 10.47 25.22
N PHE M 7 20.98 11.59 25.39
CA PHE M 7 21.19 12.44 26.55
C PHE M 7 19.92 12.68 27.34
N ALA M 8 20.01 13.58 28.34
CA ALA M 8 18.88 14.08 29.09
C ALA M 8 18.07 12.97 29.75
N GLU M 9 16.75 13.18 29.87
CA GLU M 9 15.90 12.29 30.62
C GLU M 9 15.59 10.99 29.90
N ASP M 10 15.65 10.99 28.57
CA ASP M 10 15.30 9.77 27.83
C ASP M 10 16.27 8.65 28.15
N ALA M 11 17.56 8.96 28.25
CA ALA M 11 18.53 7.96 28.69
C ALA M 11 18.18 7.47 30.08
N ARG M 12 17.84 8.39 30.97
CA ARG M 12 17.43 7.99 32.32
C ARG M 12 16.12 7.21 32.28
N ALA M 13 15.22 7.57 31.36
CA ALA M 13 13.95 6.84 31.25
C ALA M 13 14.21 5.39 30.88
N ALA M 14 15.10 5.16 29.91
CA ALA M 14 15.43 3.79 29.52
C ALA M 14 16.14 3.04 30.64
N MET M 15 17.05 3.71 31.35
CA MET M 15 17.72 3.10 32.49
C MET M 15 16.71 2.65 33.53
N LEU M 16 15.72 3.51 33.82
CA LEU M 16 14.66 3.17 34.75
C LEU M 16 13.83 2.00 34.25
N ARG M 17 13.54 1.96 32.95
CA ARG M 17 12.76 0.84 32.42
C ARG M 17 13.48 -0.47 32.61
N GLY M 18 14.78 -0.50 32.32
CA GLY M 18 15.54 -1.73 32.53
C GLY M 18 15.56 -2.14 33.99
N VAL M 19 15.81 -1.18 34.88
CA VAL M 19 15.86 -1.48 36.30
C VAL M 19 14.51 -1.99 36.78
N ASP M 20 13.42 -1.39 36.29
CA ASP M 20 12.09 -1.82 36.68
C ASP M 20 11.80 -3.24 36.20
N LYS M 21 12.22 -3.58 34.98
CA LYS M 21 12.04 -4.95 34.52
C LYS M 21 12.77 -5.92 35.44
N LEU M 22 14.03 -5.63 35.74
CA LEU M 22 14.78 -6.54 36.61
C LEU M 22 14.15 -6.65 37.99
N ALA M 23 13.72 -5.51 38.55
CA ALA M 23 13.13 -5.53 39.88
C ALA M 23 11.81 -6.30 39.90
N ASP M 24 10.99 -6.13 38.86
CA ASP M 24 9.74 -6.87 38.80
C ASP M 24 9.99 -8.36 38.64
N THR M 25 11.11 -8.73 38.01
CA THR M 25 11.42 -10.15 37.91
C THR M 25 11.93 -10.69 39.25
N VAL M 26 12.68 -9.90 40.00
CA VAL M 26 13.36 -10.42 41.18
C VAL M 26 12.49 -10.33 42.43
N LYS M 27 11.92 -9.16 42.70
CA LYS M 27 11.30 -8.89 44.00
C LYS M 27 10.16 -9.83 44.34
N VAL M 28 9.56 -10.48 43.34
CA VAL M 28 8.44 -11.37 43.61
C VAL M 28 8.85 -12.57 44.45
N THR M 29 10.14 -12.88 44.50
CA THR M 29 10.63 -13.98 45.31
C THR M 29 11.00 -13.55 46.72
N LEU M 30 10.88 -12.27 47.04
CA LEU M 30 11.30 -11.78 48.35
C LEU M 30 10.39 -12.33 49.45
N GLY M 31 10.97 -12.58 50.61
CA GLY M 31 10.22 -12.98 51.77
C GLY M 31 10.00 -14.48 51.85
N PRO M 32 9.60 -14.96 53.02
CA PRO M 32 9.33 -16.40 53.17
C PRO M 32 8.22 -16.90 52.26
N LYS M 33 7.21 -16.07 52.01
CA LYS M 33 6.10 -16.44 51.14
C LYS M 33 6.34 -16.07 49.68
N GLY M 34 7.60 -15.99 49.27
CA GLY M 34 7.89 -15.61 47.90
C GLY M 34 7.34 -16.62 46.92
N ARG M 35 6.79 -16.11 45.82
CA ARG M 35 6.25 -16.95 44.77
C ARG M 35 7.37 -17.36 43.81
N ASN M 36 7.07 -18.36 42.98
CA ASN M 36 8.09 -19.00 42.17
C ASN M 36 8.15 -18.40 40.77
N VAL M 37 9.36 -18.35 40.23
CA VAL M 37 9.63 -17.80 38.90
C VAL M 37 10.23 -18.91 38.04
N VAL M 38 9.81 -18.97 36.78
CA VAL M 38 10.23 -20.02 35.86
C VAL M 38 11.28 -19.45 34.92
N LEU M 39 12.38 -20.18 34.77
CA LEU M 39 13.48 -19.78 33.89
C LEU M 39 13.63 -20.79 32.76
N GLU M 40 13.90 -20.29 31.56
CA GLU M 40 14.13 -21.17 30.42
C GLU M 40 15.54 -21.75 30.46
N LYS M 41 15.69 -22.91 29.85
CA LYS M 41 16.98 -23.56 29.69
C LYS M 41 17.14 -24.06 28.27
N SER M 42 18.38 -24.04 27.78
CA SER M 42 18.65 -24.49 26.42
C SER M 42 18.33 -25.97 26.26
N TYR M 43 18.71 -26.78 27.24
CA TYR M 43 18.45 -28.21 27.22
C TYR M 43 17.78 -28.62 28.52
N GLY M 44 16.95 -29.66 28.43
CA GLY M 44 16.25 -30.16 29.60
C GLY M 44 15.02 -29.35 29.92
N SER M 45 14.34 -29.77 30.99
CA SER M 45 13.13 -29.10 31.42
C SER M 45 13.45 -27.71 31.97
N PRO M 46 12.54 -26.75 31.81
CA PRO M 46 12.76 -25.44 32.41
C PRO M 46 12.83 -25.53 33.93
N LEU M 47 13.65 -24.67 34.51
CA LEU M 47 13.89 -24.68 35.95
C LEU M 47 12.97 -23.69 36.64
N ILE M 48 12.28 -24.16 37.68
CA ILE M 48 11.41 -23.33 38.50
C ILE M 48 12.10 -23.09 39.84
N THR M 49 12.22 -21.83 40.22
CA THR M 49 12.93 -21.49 41.44
C THR M 49 12.44 -20.15 41.98
N ASN M 50 12.75 -19.91 43.25
CA ASN M 50 12.51 -18.63 43.90
C ASN M 50 13.79 -18.03 44.46
N ASP M 51 14.94 -18.49 43.95
CA ASP M 51 16.24 -17.97 44.37
C ASP M 51 16.53 -16.69 43.59
N GLY M 52 16.71 -15.58 44.30
CA GLY M 52 16.83 -14.29 43.63
C GLY M 52 18.09 -14.18 42.78
N VAL M 53 19.22 -14.61 43.32
CA VAL M 53 20.50 -14.37 42.66
C VAL M 53 20.57 -15.09 41.33
N THR M 54 20.06 -16.32 41.26
CA THR M 54 20.07 -17.06 40.01
C THR M 54 19.23 -16.35 38.95
N ILE M 55 18.04 -15.89 39.33
CA ILE M 55 17.17 -15.20 38.39
C ILE M 55 17.83 -13.91 37.91
N ALA M 56 18.44 -13.16 38.81
CA ALA M 56 19.14 -11.95 38.41
C ALA M 56 20.27 -12.28 37.44
N LYS M 57 20.98 -13.38 37.67
CA LYS M 57 22.05 -13.78 36.77
C LYS M 57 21.51 -14.10 35.38
N GLU M 58 20.36 -14.78 35.31
CA GLU M 58 19.85 -15.24 34.03
C GLU M 58 19.22 -14.14 33.17
N ILE M 59 19.03 -12.94 33.71
CA ILE M 59 18.32 -11.89 32.99
C ILE M 59 19.25 -11.24 31.98
N GLU M 60 18.75 -11.07 30.75
CA GLU M 60 19.48 -10.38 29.70
C GLU M 60 18.45 -9.79 28.74
N LEU M 61 18.43 -8.46 28.62
CA LEU M 61 17.40 -7.76 27.87
C LEU M 61 17.89 -7.38 26.48
N GLU M 62 16.97 -7.35 25.52
CA GLU M 62 17.34 -7.02 24.15
C GLU M 62 17.68 -5.55 23.99
N ASP M 63 16.87 -4.67 24.57
CA ASP M 63 17.17 -3.24 24.52
C ASP M 63 18.51 -2.98 25.19
N HIS M 64 19.38 -2.24 24.49
CA HIS M 64 20.74 -2.06 24.98
C HIS M 64 20.76 -1.23 26.26
N PHE M 65 19.89 -0.23 26.38
CA PHE M 65 19.85 0.59 27.58
C PHE M 65 19.19 -0.16 28.75
N GLU M 66 18.13 -0.91 28.47
CA GLU M 66 17.56 -1.74 29.51
C GLU M 66 18.56 -2.80 29.94
N ASN M 67 19.33 -3.35 29.00
CA ASN M 67 20.40 -4.26 29.38
C ASN M 67 21.46 -3.53 30.18
N MET M 68 21.65 -2.23 29.92
CA MET M 68 22.57 -1.42 30.72
C MET M 68 22.14 -1.45 32.18
N GLY M 69 20.87 -1.10 32.43
CA GLY M 69 20.37 -1.06 33.79
C GLY M 69 20.38 -2.42 34.47
N ALA M 70 20.00 -3.46 33.73
CA ALA M 70 20.00 -4.79 34.30
C ALA M 70 21.41 -5.24 34.70
N LYS M 71 22.38 -5.03 33.82
CA LYS M 71 23.75 -5.39 34.15
C LYS M 71 24.26 -4.60 35.33
N LEU M 72 23.93 -3.31 35.40
CA LEU M 72 24.35 -2.52 36.56
C LEU M 72 23.79 -3.09 37.85
N VAL M 73 22.47 -3.29 37.92
CA VAL M 73 21.86 -3.72 39.18
C VAL M 73 22.36 -5.10 39.58
N SER M 74 22.55 -6.00 38.61
CA SER M 74 23.15 -7.29 38.95
C SER M 74 24.57 -7.14 39.46
N GLU M 75 25.36 -6.25 38.84
CA GLU M 75 26.70 -6.01 39.35
C GLU M 75 26.67 -5.45 40.75
N VAL M 76 25.60 -4.72 41.11
CA VAL M 76 25.46 -4.30 42.50
C VAL M 76 25.22 -5.50 43.39
N ALA M 77 24.25 -6.33 43.03
CA ALA M 77 23.89 -7.48 43.87
C ALA M 77 25.06 -8.42 44.03
N SER M 78 26.00 -8.36 43.08
CA SER M 78 27.21 -9.18 43.15
C SER M 78 27.96 -8.97 44.46
N LYS M 79 28.17 -7.71 44.86
CA LYS M 79 28.94 -7.42 46.08
C LYS M 79 28.24 -7.88 47.36
N THR M 80 26.94 -8.18 47.29
CA THR M 80 26.16 -8.46 48.48
C THR M 80 25.76 -9.91 48.63
N ASN M 81 25.68 -10.65 47.52
CA ASN M 81 25.23 -12.04 47.61
C ASN M 81 26.21 -12.90 48.38
N ASP M 82 27.45 -12.43 48.56
CA ASP M 82 28.49 -13.22 49.22
C ASP M 82 28.09 -13.57 50.66
N ILE M 83 27.56 -12.60 51.40
CA ILE M 83 27.09 -12.87 52.75
C ILE M 83 25.66 -13.42 52.65
N ALA M 84 25.44 -14.59 53.25
CA ALA M 84 24.15 -15.28 53.17
C ALA M 84 23.68 -15.43 51.74
N GLY M 85 22.37 -15.40 51.52
CA GLY M 85 21.81 -15.56 50.19
C GLY M 85 20.60 -14.70 49.94
N ASP M 86 20.27 -13.81 50.87
CA ASP M 86 19.09 -12.96 50.75
C ASP M 86 19.43 -11.48 50.53
N GLY M 87 20.65 -11.07 50.78
CA GLY M 87 21.02 -9.67 50.59
C GLY M 87 21.10 -9.23 49.16
N THR M 88 21.07 -10.17 48.21
CA THR M 88 21.10 -9.85 46.80
C THR M 88 19.75 -9.43 46.25
N THR M 89 18.70 -9.48 47.07
CA THR M 89 17.36 -9.12 46.64
C THR M 89 16.88 -7.80 47.21
N THR M 90 17.06 -7.58 48.52
CA THR M 90 16.63 -6.34 49.13
C THR M 90 17.32 -5.15 48.48
N ALA M 91 18.58 -5.31 48.10
CA ALA M 91 19.32 -4.25 47.43
C ALA M 91 18.63 -3.84 46.14
N THR M 92 18.17 -4.83 45.36
CA THR M 92 17.50 -4.52 44.10
C THR M 92 16.20 -3.74 44.35
N VAL M 93 15.42 -4.15 45.34
CA VAL M 93 14.15 -3.48 45.61
C VAL M 93 14.39 -2.04 46.04
N LEU M 94 15.33 -1.85 46.97
CA LEU M 94 15.64 -0.49 47.42
C LEU M 94 16.16 0.36 46.28
N THR M 95 17.02 -0.22 45.42
CA THR M 95 17.54 0.52 44.29
C THR M 95 16.43 0.94 43.36
N GLN M 96 15.49 0.05 43.06
CA GLN M 96 14.38 0.40 42.18
C GLN M 96 13.58 1.55 42.77
N ALA M 97 13.21 1.44 44.05
CA ALA M 97 12.37 2.48 44.65
C ALA M 97 13.07 3.83 44.63
N ILE M 98 14.33 3.85 45.08
CA ILE M 98 15.07 5.10 45.15
C ILE M 98 15.22 5.70 43.77
N VAL M 99 15.57 4.88 42.78
CA VAL M 99 15.79 5.38 41.43
C VAL M 99 14.51 5.98 40.87
N ARG M 100 13.39 5.28 41.05
CA ARG M 100 12.13 5.76 40.50
C ARG M 100 11.73 7.10 41.11
N GLU M 101 11.72 7.18 42.44
CA GLU M 101 11.26 8.41 43.09
C GLU M 101 12.24 9.55 42.82
N GLY M 102 13.54 9.24 42.80
CA GLY M 102 14.52 10.27 42.51
C GLY M 102 14.40 10.80 41.10
N LEU M 103 14.14 9.92 40.13
CA LEU M 103 13.94 10.38 38.77
C LEU M 103 12.72 11.28 38.69
N LYS M 104 11.63 10.89 39.35
CA LYS M 104 10.44 11.73 39.32
C LYS M 104 10.70 13.10 39.94
N ASN M 105 11.46 13.14 41.03
CA ASN M 105 11.78 14.43 41.64
C ASN M 105 12.70 15.26 40.77
N VAL M 106 13.69 14.62 40.14
CA VAL M 106 14.63 15.35 39.29
C VAL M 106 13.91 15.94 38.08
N THR M 107 12.89 15.25 37.58
CA THR M 107 12.15 15.76 36.43
C THR M 107 11.56 17.14 36.71
N ALA M 108 11.30 17.45 37.98
CA ALA M 108 10.74 18.74 38.37
C ALA M 108 11.79 19.67 38.98
N GLY M 109 13.00 19.67 38.44
CA GLY M 109 14.07 20.48 38.99
C GLY M 109 14.93 19.68 39.95
N ALA M 110 15.08 20.17 41.18
CA ALA M 110 15.72 19.40 42.24
C ALA M 110 17.12 18.94 41.84
N ASN M 111 18.06 19.88 41.78
CA ASN M 111 19.45 19.64 41.38
C ASN M 111 19.95 18.30 41.90
N PRO M 112 20.33 17.39 41.01
CA PRO M 112 20.63 16.01 41.44
C PRO M 112 21.75 15.91 42.45
N LEU M 113 22.70 16.85 42.47
CA LEU M 113 23.77 16.78 43.44
C LEU M 113 23.24 16.88 44.86
N GLY M 114 22.26 17.77 45.08
CA GLY M 114 21.63 17.83 46.39
C GLY M 114 20.94 16.53 46.76
N ILE M 115 20.30 15.89 45.79
CA ILE M 115 19.66 14.61 46.04
C ILE M 115 20.69 13.56 46.43
N ARG M 116 21.82 13.53 45.74
CA ARG M 116 22.86 12.57 46.09
C ARG M 116 23.40 12.83 47.49
N ARG M 117 23.61 14.11 47.84
CA ARG M 117 24.08 14.45 49.17
C ARG M 117 23.09 13.99 50.23
N GLY M 118 21.81 14.26 50.01
CA GLY M 118 20.80 13.85 50.96
C GLY M 118 20.71 12.34 51.11
N ILE M 119 20.80 11.63 49.99
CA ILE M 119 20.77 10.17 50.04
C ILE M 119 21.95 9.64 50.84
N GLU M 120 23.14 10.18 50.60
CA GLU M 120 24.31 9.73 51.35
C GLU M 120 24.17 10.03 52.83
N LEU M 121 23.67 11.21 53.18
CA LEU M 121 23.50 11.53 54.59
C LEU M 121 22.49 10.61 55.26
N ALA M 122 21.36 10.36 54.59
CA ALA M 122 20.35 9.47 55.15
C ALA M 122 20.90 8.06 55.31
N THR M 123 21.65 7.58 54.33
CA THR M 123 22.22 6.24 54.40
C THR M 123 23.22 6.14 55.54
N LYS M 124 24.06 7.16 55.71
CA LYS M 124 25.01 7.15 56.82
C LYS M 124 24.30 7.12 58.16
N ALA M 125 23.25 7.94 58.31
CA ALA M 125 22.49 7.94 59.55
C ALA M 125 21.83 6.59 59.79
N ALA M 126 21.28 5.98 58.74
CA ALA M 126 20.65 4.68 58.88
C ALA M 126 21.65 3.61 59.28
N VAL M 127 22.84 3.63 58.69
CA VAL M 127 23.87 2.66 59.07
C VAL M 127 24.26 2.84 60.52
N GLU M 128 24.42 4.10 60.95
CA GLU M 128 24.74 4.37 62.35
C GLU M 128 23.65 3.83 63.27
N GLU M 129 22.38 4.05 62.92
CA GLU M 129 21.29 3.56 63.75
C GLU M 129 21.26 2.04 63.79
N LEU M 130 21.52 1.39 62.64
CA LEU M 130 21.54 -0.07 62.61
C LEU M 130 22.64 -0.61 63.51
N HIS M 131 23.82 -0.01 63.47
CA HIS M 131 24.87 -0.40 64.40
C HIS M 131 24.50 -0.07 65.84
N ASN M 132 23.59 0.89 66.05
CA ASN M 132 23.16 1.22 67.39
C ASN M 132 22.26 0.15 67.98
N ILE M 133 21.12 -0.10 67.36
CA ILE M 133 20.20 -1.12 67.84
C ILE M 133 20.58 -2.46 67.20
N SER M 134 21.03 -3.39 68.04
CA SER M 134 21.41 -4.70 67.57
C SER M 134 21.62 -5.61 68.77
N THR M 135 21.26 -6.87 68.62
CA THR M 135 21.51 -7.90 69.62
C THR M 135 22.92 -8.44 69.36
N VAL M 136 23.87 -7.99 70.17
CA VAL M 136 25.26 -8.41 69.95
C VAL M 136 25.38 -9.90 70.19
N VAL M 137 25.93 -10.60 69.22
CA VAL M 137 26.10 -12.05 69.31
C VAL M 137 27.56 -12.38 69.57
N ASP M 138 27.90 -12.56 70.84
CA ASP M 138 29.25 -12.90 71.24
C ASP M 138 29.33 -14.05 72.24
N SER M 139 28.26 -14.34 72.97
CA SER M 139 28.26 -15.46 73.88
C SER M 139 28.33 -16.78 73.11
N LYS M 140 28.95 -17.78 73.74
CA LYS M 140 29.08 -19.09 73.11
C LYS M 140 27.71 -19.70 72.84
N GLU M 141 26.78 -19.57 73.79
CA GLU M 141 25.44 -20.14 73.60
C GLU M 141 24.72 -19.46 72.44
N ALA M 142 24.82 -18.13 72.36
CA ALA M 142 24.18 -17.43 71.25
C ALA M 142 24.81 -17.82 69.91
N ILE M 143 26.13 -17.99 69.89
CA ILE M 143 26.81 -18.42 68.67
C ILE M 143 26.32 -19.80 68.26
N ALA M 144 26.19 -20.71 69.23
CA ALA M 144 25.67 -22.04 68.93
C ALA M 144 24.24 -21.98 68.41
N GLN M 145 23.42 -21.10 69.00
CA GLN M 145 22.05 -20.95 68.54
C GLN M 145 22.00 -20.47 67.10
N VAL M 146 22.80 -19.45 66.78
CA VAL M 146 22.81 -18.92 65.41
C VAL M 146 23.34 -19.97 64.45
N ALA M 147 24.29 -20.78 64.89
CA ALA M 147 24.71 -21.91 64.07
C ALA M 147 23.62 -22.97 63.99
N ALA M 148 22.65 -22.92 64.91
CA ALA M 148 21.54 -23.86 64.93
C ALA M 148 20.28 -23.30 64.28
N VAL M 149 20.39 -22.20 63.53
CA VAL M 149 19.24 -21.62 62.84
C VAL M 149 19.61 -21.54 61.36
N SER M 150 18.76 -20.87 60.57
CA SER M 150 18.73 -21.03 59.13
C SER M 150 18.41 -22.48 58.83
N SER M 151 19.33 -23.20 58.18
CA SER M 151 19.14 -24.64 58.11
C SER M 151 19.69 -25.27 59.38
N GLY M 152 21.01 -25.22 59.55
CA GLY M 152 21.68 -25.45 60.81
C GLY M 152 21.35 -26.71 61.59
N SER M 153 20.52 -27.58 61.00
CA SER M 153 19.87 -28.71 61.68
C SER M 153 19.76 -28.46 63.18
N ASP M 154 20.38 -29.32 63.96
CA ASP M 154 20.65 -29.05 65.37
C ASP M 154 22.09 -29.31 65.75
N LYS M 155 22.70 -30.37 65.22
CA LYS M 155 24.06 -30.72 65.60
C LYS M 155 25.06 -29.71 65.08
N VAL M 156 24.76 -29.06 63.95
CA VAL M 156 25.68 -28.10 63.37
C VAL M 156 25.95 -26.96 64.34
N GLY M 157 24.95 -26.62 65.17
CA GLY M 157 25.17 -25.57 66.15
C GLY M 157 26.31 -25.90 67.12
N HIS M 158 26.23 -27.08 67.75
CA HIS M 158 27.30 -27.49 68.66
C HIS M 158 28.60 -27.71 67.92
N LEU M 159 28.54 -28.27 66.71
CA LEU M 159 29.76 -28.51 65.95
C LEU M 159 30.49 -27.21 65.67
N ILE M 160 29.76 -26.20 65.19
CA ILE M 160 30.37 -24.91 64.88
C ILE M 160 30.85 -24.23 66.15
N ALA M 161 30.08 -24.35 67.23
CA ALA M 161 30.49 -23.75 68.50
C ALA M 161 31.84 -24.32 68.95
N ASP M 162 31.96 -25.64 68.98
CA ASP M 162 33.22 -26.26 69.35
C ASP M 162 34.33 -25.87 68.38
N ALA M 163 34.02 -25.83 67.08
CA ALA M 163 35.04 -25.53 66.09
C ALA M 163 35.62 -24.13 66.30
N MET M 164 34.75 -23.12 66.37
CA MET M 164 35.27 -21.76 66.46
C MET M 164 35.74 -21.43 67.88
N GLU M 165 35.37 -22.25 68.86
CA GLU M 165 36.02 -22.15 70.17
C GLU M 165 37.43 -22.69 70.11
N LYS M 166 37.64 -23.79 69.38
CA LYS M 166 38.97 -24.37 69.29
C LYS M 166 39.91 -23.52 68.45
N VAL M 167 39.43 -22.98 67.32
CA VAL M 167 40.28 -22.26 66.39
C VAL M 167 40.14 -20.76 66.53
N GLY M 168 39.23 -20.27 67.37
CA GLY M 168 38.98 -18.85 67.49
C GLY M 168 37.95 -18.36 66.49
N ASN M 169 37.53 -17.12 66.69
CA ASN M 169 36.53 -16.52 65.81
C ASN M 169 37.04 -16.40 64.38
N ASP M 170 38.30 -16.01 64.22
CA ASP M 170 38.90 -15.87 62.90
C ASP M 170 39.60 -17.14 62.43
N GLY M 171 39.52 -18.22 63.21
CA GLY M 171 40.16 -19.46 62.82
C GLY M 171 39.53 -20.08 61.58
N VAL M 172 40.34 -20.82 60.87
CA VAL M 172 39.92 -21.47 59.63
C VAL M 172 39.12 -22.72 59.96
N ILE M 173 37.91 -22.82 59.40
CA ILE M 173 37.05 -23.97 59.57
C ILE M 173 36.77 -24.56 58.20
N THR M 174 37.05 -25.86 58.04
CA THR M 174 36.86 -26.55 56.77
C THR M 174 35.83 -27.65 56.92
N ILE M 175 35.12 -27.91 55.83
CA ILE M 175 34.05 -28.89 55.80
C ILE M 175 34.43 -29.98 54.81
N GLU M 176 34.35 -31.24 55.25
CA GLU M 176 34.73 -32.37 54.43
C GLU M 176 33.65 -33.45 54.52
N GLU M 177 33.70 -34.38 53.56
CA GLU M 177 32.74 -35.47 53.50
C GLU M 177 33.37 -36.72 54.11
N SER M 178 32.91 -37.10 55.30
CA SER M 178 33.38 -38.32 55.93
C SER M 178 32.80 -39.53 55.22
N LYS M 179 33.63 -40.57 55.06
CA LYS M 179 33.15 -41.80 54.45
C LYS M 179 32.16 -42.53 55.34
N GLY M 180 32.15 -42.25 56.64
CA GLY M 180 31.21 -42.86 57.56
C GLY M 180 29.86 -42.19 57.51
N ILE M 181 29.00 -42.60 58.45
CA ILE M 181 27.65 -42.05 58.53
C ILE M 181 27.54 -40.92 59.54
N GLU M 182 28.59 -40.64 60.29
CA GLU M 182 28.57 -39.62 61.33
C GLU M 182 29.41 -38.42 60.93
N THR M 183 28.95 -37.23 61.30
CA THR M 183 29.70 -36.00 61.08
C THR M 183 30.62 -35.75 62.27
N GLU M 184 31.90 -35.51 61.98
CA GLU M 184 32.90 -35.36 63.02
C GLU M 184 33.68 -34.07 62.81
N LEU M 185 34.15 -33.51 63.92
CA LEU M 185 34.95 -32.29 63.91
C LEU M 185 36.39 -32.61 64.27
N ASP M 186 37.31 -32.10 63.46
CA ASP M 186 38.73 -32.35 63.66
C ASP M 186 39.50 -31.05 63.55
N VAL M 187 40.56 -30.92 64.36
CA VAL M 187 41.45 -29.77 64.32
C VAL M 187 42.84 -30.27 63.98
N VAL M 188 43.39 -29.77 62.87
CA VAL M 188 44.69 -30.19 62.37
C VAL M 188 45.53 -28.95 62.08
N GLU M 189 46.78 -29.19 61.70
CA GLU M 189 47.67 -28.12 61.31
C GLU M 189 47.39 -27.73 59.87
N GLY M 190 47.07 -26.45 59.64
CA GLY M 190 46.67 -26.03 58.33
C GLY M 190 46.99 -24.57 58.10
N MET M 191 46.98 -24.17 56.84
CA MET M 191 47.39 -22.82 56.49
C MET M 191 46.38 -22.25 55.51
N GLN M 192 45.86 -21.06 55.82
CA GLN M 192 45.05 -20.32 54.86
C GLN M 192 45.59 -18.91 54.77
N PHE M 193 45.76 -18.42 53.55
CA PHE M 193 46.27 -17.09 53.30
C PHE M 193 45.50 -16.47 52.14
N ASP M 194 45.42 -15.13 52.16
CA ASP M 194 44.61 -14.39 51.20
C ASP M 194 45.33 -14.29 49.86
N ARG M 195 45.39 -15.44 49.17
CA ARG M 195 45.93 -15.51 47.82
C ARG M 195 45.08 -16.49 47.03
N GLY M 196 44.29 -15.98 46.09
CA GLY M 196 43.48 -16.82 45.24
C GLY M 196 44.25 -17.35 44.06
N TYR M 197 43.55 -18.14 43.24
CA TYR M 197 44.15 -18.69 42.05
C TYR M 197 44.48 -17.59 41.05
N LEU M 198 45.49 -17.84 40.22
CA LEU M 198 45.87 -16.87 39.19
C LEU M 198 44.94 -16.90 37.99
N SER M 199 44.18 -17.97 37.81
CA SER M 199 43.25 -18.07 36.69
C SER M 199 42.09 -18.99 37.07
N GLN M 200 40.95 -18.76 36.42
CA GLN M 200 39.76 -19.56 36.67
C GLN M 200 39.75 -20.87 35.89
N TYR M 201 40.65 -21.05 34.94
CA TYR M 201 40.68 -22.27 34.14
C TYR M 201 41.10 -23.49 34.95
N MET M 202 41.86 -23.30 36.02
CA MET M 202 42.33 -24.39 36.86
C MET M 202 41.40 -24.66 38.03
N VAL M 203 40.19 -24.08 38.03
CA VAL M 203 39.23 -24.34 39.08
C VAL M 203 38.72 -25.76 38.97
N THR M 204 38.82 -26.52 40.07
CA THR M 204 38.38 -27.90 40.08
C THR M 204 36.87 -28.02 40.30
N ASP M 205 36.32 -27.24 41.22
CA ASP M 205 34.90 -27.26 41.53
C ASP M 205 34.26 -26.01 40.93
N ASN M 206 33.65 -26.16 39.76
CA ASN M 206 33.04 -25.02 39.08
C ASN M 206 31.87 -24.46 39.89
N ASP M 207 31.05 -25.33 40.48
CA ASP M 207 29.91 -24.87 41.26
C ASP M 207 30.35 -24.04 42.46
N LYS M 208 31.36 -24.51 43.18
CA LYS M 208 31.89 -23.77 44.32
C LYS M 208 32.99 -22.80 43.94
N MET M 209 33.42 -22.79 42.68
CA MET M 209 34.41 -21.83 42.16
C MET M 209 35.78 -22.12 42.78
N GLU M 210 35.83 -23.01 43.76
CA GLU M 210 37.06 -23.30 44.48
C GLU M 210 37.89 -24.34 43.74
N ALA M 211 39.20 -24.27 43.93
CA ALA M 211 40.13 -25.26 43.42
C ALA M 211 40.47 -26.23 44.54
N VAL M 212 40.23 -27.52 44.31
CA VAL M 212 40.41 -28.56 45.31
C VAL M 212 41.50 -29.51 44.85
N LEU M 213 42.52 -29.70 45.69
CA LEU M 213 43.60 -30.63 45.41
C LEU M 213 43.72 -31.60 46.58
N GLU M 214 43.81 -32.89 46.26
CA GLU M 214 43.92 -33.95 47.26
C GLU M 214 45.33 -34.52 47.23
N ASN M 215 46.00 -34.47 48.36
CA ASN M 215 47.39 -34.89 48.49
C ASN M 215 48.27 -34.29 47.38
N PRO M 216 48.33 -32.97 47.27
CA PRO M 216 49.11 -32.36 46.20
C PRO M 216 50.55 -32.06 46.62
N TYR M 217 51.40 -31.92 45.61
CA TYR M 217 52.75 -31.42 45.83
C TYR M 217 52.73 -29.90 45.86
N ILE M 218 53.55 -29.32 46.74
CA ILE M 218 53.53 -27.89 46.99
C ILE M 218 54.89 -27.32 46.59
N LEU M 219 54.88 -26.38 45.66
CA LEU M 219 56.08 -25.66 45.25
C LEU M 219 56.12 -24.33 45.98
N ILE M 220 57.18 -24.11 46.75
CA ILE M 220 57.34 -22.91 47.58
C ILE M 220 58.58 -22.18 47.10
N THR M 221 58.39 -20.94 46.63
CA THR M 221 59.50 -20.14 46.13
C THR M 221 59.11 -18.67 46.17
N ASP M 222 60.11 -17.82 46.32
CA ASP M 222 59.93 -16.37 46.27
C ASP M 222 60.26 -15.79 44.89
N LYS M 223 60.73 -16.61 43.96
CA LYS M 223 61.13 -16.13 42.66
C LYS M 223 59.91 -15.95 41.76
N LYS M 224 60.11 -15.23 40.66
CA LYS M 224 59.08 -15.03 39.66
C LYS M 224 59.23 -16.07 38.55
N ILE M 225 58.13 -16.74 38.24
CA ILE M 225 58.13 -17.84 37.28
C ILE M 225 57.45 -17.34 36.01
N SER M 226 58.26 -16.89 35.04
CA SER M 226 57.74 -16.49 33.74
C SER M 226 58.11 -17.44 32.62
N ASN M 227 59.03 -18.37 32.85
CA ASN M 227 59.45 -19.35 31.86
C ASN M 227 59.03 -20.74 32.31
N ILE M 228 58.36 -21.48 31.42
CA ILE M 228 57.98 -22.85 31.72
C ILE M 228 59.19 -23.77 31.75
N GLN M 229 60.29 -23.37 31.11
CA GLN M 229 61.48 -24.23 31.07
C GLN M 229 62.10 -24.39 32.45
N ASP M 230 61.91 -23.41 33.33
CA ASP M 230 62.51 -23.46 34.66
C ASP M 230 61.95 -24.59 35.51
N ILE M 231 60.79 -25.12 35.15
CA ILE M 231 60.11 -26.13 35.96
C ILE M 231 59.81 -27.41 35.20
N LEU M 232 60.29 -27.53 33.95
CA LEU M 232 59.98 -28.72 33.17
C LEU M 232 60.46 -30.02 33.81
N PRO M 233 61.69 -30.13 34.34
CA PRO M 233 62.06 -31.39 35.03
C PRO M 233 61.15 -31.72 36.20
N LEU M 234 60.79 -30.72 37.00
CA LEU M 234 59.89 -30.97 38.13
C LEU M 234 58.49 -31.32 37.63
N LEU M 235 58.04 -30.68 36.55
CA LEU M 235 56.76 -31.04 35.97
C LEU M 235 56.75 -32.49 35.51
N GLU M 236 57.84 -32.93 34.87
CA GLU M 236 57.92 -34.32 34.44
C GLU M 236 57.94 -35.26 35.63
N GLN M 237 58.67 -34.90 36.70
CA GLN M 237 58.70 -35.73 37.90
C GLN M 237 57.31 -35.88 38.49
N ILE M 238 56.56 -34.78 38.58
CA ILE M 238 55.23 -34.82 39.17
C ILE M 238 54.27 -35.58 38.27
N LEU M 239 54.41 -35.43 36.94
CA LEU M 239 53.62 -36.22 36.02
C LEU M 239 53.89 -37.71 36.19
N GLN M 240 55.16 -38.07 36.43
CA GLN M 240 55.47 -39.46 36.76
C GLN M 240 54.78 -39.88 38.05
N GLN M 241 54.78 -39.01 39.06
CA GLN M 241 54.07 -39.28 40.30
C GLN M 241 52.56 -39.19 40.14
N SER M 242 52.07 -38.52 39.09
CA SER M 242 50.64 -38.37 38.82
C SER M 242 49.89 -37.77 40.01
N ARG M 243 50.49 -36.78 40.66
CA ARG M 243 49.89 -36.10 41.79
C ARG M 243 49.63 -34.63 41.47
N PRO M 244 48.66 -34.00 42.13
CA PRO M 244 48.46 -32.56 41.93
C PRO M 244 49.65 -31.76 42.43
N LEU M 245 49.84 -30.59 41.83
CA LEU M 245 50.93 -29.70 42.20
C LEU M 245 50.37 -28.33 42.58
N LEU M 246 50.86 -27.80 43.71
CA LEU M 246 50.56 -26.45 44.12
C LEU M 246 51.82 -25.60 43.98
N ILE M 247 51.67 -24.43 43.37
CA ILE M 247 52.79 -23.52 43.13
C ILE M 247 52.57 -22.25 43.94
N ILE M 248 53.52 -21.93 44.80
CA ILE M 248 53.52 -20.69 45.57
C ILE M 248 54.75 -19.91 45.15
N ALA M 249 54.55 -18.86 44.36
CA ALA M 249 55.65 -18.06 43.84
C ALA M 249 55.29 -16.59 43.95
N ASP M 250 56.28 -15.74 43.70
CA ASP M 250 56.04 -14.30 43.69
C ASP M 250 55.03 -13.94 42.61
N ASP M 251 55.20 -14.49 41.41
CA ASP M 251 54.28 -14.25 40.31
C ASP M 251 54.57 -15.26 39.21
N VAL M 252 53.51 -15.83 38.65
CA VAL M 252 53.60 -16.75 37.51
C VAL M 252 52.91 -16.07 36.35
N ASP M 253 53.68 -15.76 35.31
CA ASP M 253 53.19 -15.01 34.17
C ASP M 253 54.01 -15.41 32.95
N GLY M 254 53.94 -14.59 31.90
CA GLY M 254 54.74 -14.87 30.72
C GLY M 254 54.17 -16.01 29.91
N GLU M 255 55.04 -16.94 29.51
CA GLU M 255 54.60 -18.11 28.77
C GLU M 255 54.29 -19.30 29.66
N ALA M 256 54.85 -19.34 30.87
CA ALA M 256 54.61 -20.47 31.76
C ALA M 256 53.15 -20.57 32.16
N LEU M 257 52.51 -19.43 32.46
CA LEU M 257 51.12 -19.44 32.89
C LEU M 257 50.18 -19.97 31.82
N PRO M 258 50.20 -19.49 30.56
CA PRO M 258 49.32 -20.11 29.55
C PRO M 258 49.62 -21.57 29.31
N THR M 259 50.89 -21.97 29.39
CA THR M 259 51.24 -23.38 29.21
C THR M 259 50.61 -24.24 30.30
N LEU M 260 50.71 -23.78 31.55
CA LEU M 260 50.10 -24.51 32.65
C LEU M 260 48.59 -24.53 32.53
N VAL M 261 47.99 -23.42 32.10
CA VAL M 261 46.55 -23.37 31.91
C VAL M 261 46.11 -24.37 30.86
N LEU M 262 46.83 -24.44 29.74
CA LEU M 262 46.51 -25.40 28.69
C LEU M 262 46.67 -26.83 29.18
N ASN M 263 47.74 -27.09 29.94
CA ASN M 263 47.95 -28.44 30.47
C ASN M 263 46.82 -28.84 31.41
N LYS M 264 46.39 -27.91 32.27
CA LYS M 264 45.30 -28.21 33.19
C LYS M 264 43.99 -28.43 32.44
N ILE M 265 43.73 -27.62 31.41
CA ILE M 265 42.51 -27.79 30.62
C ILE M 265 42.52 -29.15 29.94
N ARG M 266 43.65 -29.54 29.35
CA ARG M 266 43.77 -30.85 28.74
C ARG M 266 43.82 -31.98 29.76
N GLY M 267 43.94 -31.66 31.04
CA GLY M 267 44.04 -32.67 32.07
C GLY M 267 45.41 -33.29 32.25
N THR M 268 46.42 -32.81 31.51
CA THR M 268 47.75 -33.36 31.63
C THR M 268 48.32 -33.14 33.03
N PHE M 269 48.10 -31.96 33.60
CA PHE M 269 48.65 -31.61 34.90
C PHE M 269 47.57 -31.02 35.77
N ASN M 270 47.48 -31.50 37.02
CA ASN M 270 46.56 -30.94 38.01
C ASN M 270 47.32 -29.93 38.87
N VAL M 271 47.72 -28.84 38.22
CA VAL M 271 48.60 -27.84 38.81
C VAL M 271 47.79 -26.59 39.14
N VAL M 272 48.11 -25.98 40.28
CA VAL M 272 47.51 -24.72 40.70
C VAL M 272 48.65 -23.80 41.14
N ALA M 273 48.68 -22.58 40.60
CA ALA M 273 49.70 -21.59 40.92
C ALA M 273 49.03 -20.38 41.55
N VAL M 274 49.56 -19.93 42.69
CA VAL M 274 49.05 -18.76 43.39
C VAL M 274 50.22 -17.87 43.76
N LYS M 275 49.92 -16.60 44.00
CA LYS M 275 50.94 -15.64 44.40
C LYS M 275 51.37 -15.87 45.83
N ALA M 276 52.60 -15.47 46.14
CA ALA M 276 53.14 -15.62 47.49
C ALA M 276 52.57 -14.53 48.39
N PRO M 277 52.01 -14.88 49.55
CA PRO M 277 51.54 -13.86 50.48
C PRO M 277 52.68 -13.07 51.11
N GLY M 278 52.38 -11.81 51.40
CA GLY M 278 53.37 -10.92 51.99
C GLY M 278 54.26 -10.28 50.95
N PHE M 279 54.97 -9.23 51.37
CA PHE M 279 55.84 -8.49 50.47
C PHE M 279 57.14 -8.14 51.20
N GLY M 280 58.19 -7.93 50.42
CA GLY M 280 59.48 -7.59 51.00
C GLY M 280 59.99 -8.72 51.86
N ASP M 281 60.67 -8.34 52.95
CA ASP M 281 61.19 -9.33 53.90
C ASP M 281 60.07 -10.12 54.56
N ARG M 282 58.87 -9.54 54.65
CA ARG M 282 57.77 -10.23 55.27
C ARG M 282 57.37 -11.47 54.49
N ARG M 283 57.40 -11.39 53.16
CA ARG M 283 56.99 -12.52 52.32
C ARG M 283 57.76 -13.78 52.66
N LYS M 284 59.08 -13.67 52.82
CA LYS M 284 59.90 -14.82 53.19
C LYS M 284 59.52 -15.38 54.55
N ALA M 285 58.95 -14.56 55.44
CA ALA M 285 58.58 -15.05 56.77
C ALA M 285 57.55 -16.17 56.68
N MET M 286 56.35 -15.88 56.17
CA MET M 286 55.38 -16.96 56.03
C MET M 286 55.68 -17.87 54.84
N LEU M 287 56.59 -17.52 53.93
CA LEU M 287 57.09 -18.54 53.02
C LEU M 287 57.84 -19.65 53.77
N GLU M 288 58.71 -19.26 54.70
CA GLU M 288 59.39 -20.23 55.55
C GLU M 288 58.39 -20.95 56.45
N ASP M 289 57.38 -20.23 56.93
CA ASP M 289 56.36 -20.88 57.75
C ASP M 289 55.63 -21.97 56.96
N ILE M 290 55.27 -21.68 55.70
CA ILE M 290 54.61 -22.67 54.86
C ILE M 290 55.55 -23.84 54.60
N ALA M 291 56.83 -23.56 54.35
CA ALA M 291 57.80 -24.63 54.13
C ALA M 291 57.90 -25.54 55.36
N ILE M 292 57.92 -24.95 56.55
CA ILE M 292 57.99 -25.74 57.77
C ILE M 292 56.72 -26.57 57.95
N LEU M 293 55.56 -25.96 57.70
CA LEU M 293 54.30 -26.66 57.93
C LEU M 293 54.11 -27.82 56.95
N THR M 294 54.51 -27.63 55.69
CA THR M 294 54.31 -28.64 54.67
C THR M 294 55.49 -29.58 54.51
N GLY M 295 56.62 -29.29 55.16
CA GLY M 295 57.82 -30.07 55.00
C GLY M 295 58.64 -29.76 53.78
N GLY M 296 58.20 -28.81 52.95
CA GLY M 296 58.93 -28.42 51.77
C GLY M 296 60.04 -27.43 52.06
N THR M 297 60.65 -26.93 51.00
CA THR M 297 61.74 -25.97 51.10
C THR M 297 61.45 -24.78 50.19
N VAL M 298 61.71 -23.59 50.70
CA VAL M 298 61.53 -22.37 49.91
C VAL M 298 62.67 -22.27 48.91
N ILE M 299 62.32 -22.10 47.63
CA ILE M 299 63.30 -21.98 46.56
C ILE M 299 63.59 -20.49 46.39
N THR M 300 64.72 -20.05 46.96
CA THR M 300 65.10 -18.65 46.91
C THR M 300 66.57 -18.54 46.52
N ASP M 301 66.91 -17.39 45.94
CA ASP M 301 68.29 -17.13 45.55
C ASP M 301 69.22 -17.01 46.76
N ASP M 302 68.67 -16.69 47.93
CA ASP M 302 69.49 -16.61 49.13
C ASP M 302 70.07 -17.98 49.49
N LEU M 303 69.27 -19.03 49.33
CA LEU M 303 69.71 -20.39 49.63
C LEU M 303 70.44 -21.04 48.47
N GLY M 304 70.57 -20.36 47.34
CA GLY M 304 71.26 -20.94 46.20
C GLY M 304 70.48 -22.02 45.48
N LEU M 305 69.16 -22.04 45.62
CA LEU M 305 68.32 -23.05 44.98
C LEU M 305 67.72 -22.46 43.71
N GLU M 306 67.83 -23.20 42.62
CA GLU M 306 67.29 -22.79 41.33
C GLU M 306 66.03 -23.59 41.02
N LEU M 307 65.16 -22.98 40.20
CA LEU M 307 63.89 -23.61 39.86
C LEU M 307 64.11 -24.92 39.11
N LYS M 308 65.06 -24.95 38.18
CA LYS M 308 65.35 -26.17 37.45
C LYS M 308 65.95 -27.26 38.33
N ASP M 309 66.52 -26.89 39.48
CA ASP M 309 67.13 -27.85 40.39
C ASP M 309 66.17 -28.35 41.45
N VAL M 310 64.90 -27.92 41.41
CA VAL M 310 63.93 -28.35 42.41
C VAL M 310 63.55 -29.80 42.14
N THR M 311 63.60 -30.62 43.18
CA THR M 311 63.23 -32.03 43.10
C THR M 311 61.92 -32.27 43.86
N ILE M 312 61.48 -33.52 43.84
CA ILE M 312 60.25 -33.89 44.54
C ILE M 312 60.43 -33.73 46.05
N GLU M 313 61.64 -34.00 46.55
CA GLU M 313 61.87 -33.94 47.99
C GLU M 313 61.66 -32.54 48.54
N ASN M 314 62.13 -31.52 47.83
CA ASN M 314 62.01 -30.14 48.29
C ASN M 314 60.58 -29.63 48.27
N LEU M 315 59.65 -30.34 47.64
CA LEU M 315 58.28 -29.89 47.54
C LEU M 315 57.52 -30.16 48.82
N GLY M 316 56.68 -29.20 49.22
CA GLY M 316 55.80 -29.39 50.34
C GLY M 316 54.69 -30.38 50.03
N ASN M 317 54.16 -30.98 51.08
CA ASN M 317 53.10 -31.97 50.96
C ASN M 317 52.01 -31.71 51.98
N ALA M 318 50.77 -31.96 51.59
CA ALA M 318 49.63 -31.80 52.48
C ALA M 318 48.54 -32.76 52.01
N SER M 319 47.59 -33.04 52.92
CA SER M 319 46.50 -33.95 52.58
C SER M 319 45.55 -33.31 51.57
N LYS M 320 45.22 -32.04 51.76
CA LYS M 320 44.24 -31.37 50.90
C LYS M 320 44.54 -29.88 50.87
N VAL M 321 44.33 -29.28 49.71
CA VAL M 321 44.50 -27.84 49.52
C VAL M 321 43.25 -27.30 48.82
N VAL M 322 42.69 -26.23 49.37
CA VAL M 322 41.52 -25.57 48.80
C VAL M 322 41.91 -24.16 48.41
N VAL M 323 41.68 -23.80 47.16
CA VAL M 323 42.01 -22.48 46.63
C VAL M 323 40.73 -21.86 46.09
N ASP M 324 40.32 -20.76 46.69
CA ASP M 324 39.18 -19.99 46.21
C ASP M 324 39.69 -18.82 45.36
N LYS M 325 38.78 -17.91 45.02
CA LYS M 325 39.16 -16.77 44.18
C LYS M 325 40.15 -15.86 44.89
N ASP M 326 40.10 -15.79 46.22
CA ASP M 326 40.89 -14.83 46.96
C ASP M 326 41.81 -15.44 48.01
N ASN M 327 41.56 -16.68 48.44
CA ASN M 327 42.35 -17.30 49.50
C ASN M 327 42.74 -18.71 49.11
N THR M 328 43.84 -19.17 49.67
CA THR M 328 44.33 -20.53 49.49
C THR M 328 44.44 -21.19 50.85
N THR M 329 43.81 -22.36 51.00
CA THR M 329 43.75 -23.07 52.26
C THR M 329 44.52 -24.38 52.15
N ILE M 330 45.35 -24.66 53.15
CA ILE M 330 46.14 -25.88 53.22
C ILE M 330 45.64 -26.70 54.38
N VAL M 331 45.45 -28.01 54.15
CA VAL M 331 44.93 -28.92 55.17
C VAL M 331 45.96 -30.01 55.40
N GLU M 332 46.33 -30.21 56.67
CA GLU M 332 47.18 -31.32 57.10
C GLU M 332 48.52 -31.32 56.36
N GLY M 333 49.30 -30.25 56.61
CA GLY M 333 50.63 -30.19 56.06
C GLY M 333 51.51 -31.30 56.60
N SER M 334 52.45 -31.74 55.77
CA SER M 334 53.30 -32.88 56.09
C SER M 334 54.56 -32.50 56.86
N GLY M 335 54.73 -31.22 57.21
CA GLY M 335 55.90 -30.81 57.95
C GLY M 335 55.90 -31.34 59.37
N GLU M 336 57.10 -31.37 59.95
CA GLU M 336 57.27 -31.89 61.29
C GLU M 336 56.57 -30.99 62.31
N LYS M 337 55.90 -31.61 63.28
CA LYS M 337 55.24 -30.85 64.34
C LYS M 337 56.27 -30.07 65.16
N GLU M 338 57.42 -30.68 65.44
CA GLU M 338 58.43 -30.02 66.26
C GLU M 338 58.98 -28.77 65.58
N ALA M 339 59.21 -28.84 64.26
CA ALA M 339 59.68 -27.67 63.54
C ALA M 339 58.65 -26.55 63.57
N ILE M 340 57.38 -26.90 63.40
CA ILE M 340 56.31 -25.90 63.48
C ILE M 340 56.27 -25.28 64.87
N GLU M 341 56.45 -26.10 65.90
CA GLU M 341 56.47 -25.59 67.27
C GLU M 341 57.65 -24.64 67.48
N ALA M 342 58.82 -24.99 66.93
CA ALA M 342 59.98 -24.12 67.06
C ALA M 342 59.75 -22.79 66.34
N ARG M 343 59.14 -22.84 65.15
CA ARG M 343 58.81 -21.61 64.45
C ARG M 343 57.82 -20.78 65.24
N VAL M 344 56.83 -21.43 65.85
CA VAL M 344 55.84 -20.72 66.67
C VAL M 344 56.52 -20.05 67.86
N GLN M 345 57.45 -20.77 68.51
CA GLN M 345 58.16 -20.19 69.64
C GLN M 345 59.03 -19.02 69.20
N LEU M 346 59.66 -19.13 68.03
CA LEU M 346 60.44 -18.03 67.49
C LEU M 346 59.58 -16.80 67.24
N ILE M 347 58.39 -17.01 66.67
CA ILE M 347 57.49 -15.89 66.41
C ILE M 347 57.00 -15.29 67.73
N LYS M 348 56.75 -16.12 68.73
CA LYS M 348 56.35 -15.61 70.03
C LYS M 348 57.45 -14.78 70.66
N ASN M 349 58.70 -15.24 70.54
CA ASN M 349 59.83 -14.46 71.04
C ASN M 349 59.94 -13.13 70.30
N GLN M 350 59.76 -13.15 68.98
CA GLN M 350 59.79 -11.92 68.21
C GLN M 350 58.70 -10.96 68.66
N ILE M 351 57.50 -11.48 68.91
CA ILE M 351 56.39 -10.65 69.39
C ILE M 351 56.74 -10.04 70.73
N ALA M 352 57.28 -10.84 71.65
CA ALA M 352 57.68 -10.32 72.94
C ALA M 352 58.84 -9.34 72.84
N GLU M 353 59.58 -9.39 71.73
CA GLU M 353 60.74 -8.53 71.54
C GLU M 353 60.46 -7.32 70.65
N THR M 354 59.57 -7.45 69.67
CA THR M 354 59.30 -6.35 68.76
C THR M 354 58.66 -5.18 69.50
N THR M 355 58.97 -3.97 69.04
CA THR M 355 58.42 -2.75 69.63
C THR M 355 57.43 -2.03 68.72
N SER M 356 57.42 -2.35 67.43
CA SER M 356 56.49 -1.74 66.49
C SER M 356 55.16 -2.45 66.56
N ASP M 357 54.09 -1.69 66.81
CA ASP M 357 52.76 -2.29 66.89
C ASP M 357 52.34 -2.87 65.55
N PHE M 358 52.79 -2.28 64.45
CA PHE M 358 52.51 -2.85 63.13
C PHE M 358 53.24 -4.18 62.94
N ASP M 359 54.54 -4.20 63.26
CA ASP M 359 55.30 -5.45 63.17
C ASP M 359 54.79 -6.47 64.17
N ARG M 360 54.44 -6.04 65.38
CA ARG M 360 53.86 -6.95 66.35
C ARG M 360 52.55 -7.53 65.85
N GLU M 361 51.73 -6.71 65.20
CA GLU M 361 50.46 -7.20 64.66
C GLU M 361 50.69 -8.21 63.54
N LYS M 362 51.66 -7.95 62.67
CA LYS M 362 51.95 -8.90 61.60
C LYS M 362 52.48 -10.22 62.16
N LEU M 363 53.38 -10.14 63.15
CA LEU M 363 53.89 -11.35 63.77
C LEU M 363 52.78 -12.10 64.51
N GLN M 364 51.86 -11.37 65.13
CA GLN M 364 50.72 -11.99 65.79
C GLN M 364 49.82 -12.68 64.78
N GLU M 365 49.63 -12.07 63.61
CA GLU M 365 48.86 -12.71 62.55
C GLU M 365 49.51 -14.01 62.13
N ARG M 366 50.83 -13.99 61.93
CA ARG M 366 51.54 -15.22 61.58
C ARG M 366 51.40 -16.27 62.68
N LEU M 367 51.56 -15.84 63.94
CA LEU M 367 51.48 -16.77 65.05
C LEU M 367 50.09 -17.40 65.16
N ALA M 368 49.05 -16.59 65.01
CA ALA M 368 47.69 -17.10 65.08
C ALA M 368 47.39 -18.05 63.92
N LYS M 369 47.87 -17.71 62.72
CA LYS M 369 47.67 -18.59 61.59
C LYS M 369 48.37 -19.93 61.81
N LEU M 370 49.57 -19.90 62.38
CA LEU M 370 50.33 -21.12 62.59
C LEU M 370 49.74 -21.97 63.71
N ALA M 371 49.32 -21.34 64.80
CA ALA M 371 48.95 -22.07 66.00
C ALA M 371 47.46 -22.41 66.08
N GLY M 372 46.59 -21.61 65.47
CA GLY M 372 45.17 -21.87 65.58
C GLY M 372 44.74 -23.13 64.85
N GLY M 373 45.53 -23.56 63.87
CA GLY M 373 45.19 -24.75 63.13
C GLY M 373 43.98 -24.52 62.23
N VAL M 374 43.46 -25.63 61.72
CA VAL M 374 42.30 -25.62 60.84
C VAL M 374 41.27 -26.59 61.40
N ALA M 375 40.03 -26.10 61.55
CA ALA M 375 38.93 -26.96 61.95
C ALA M 375 38.43 -27.74 60.73
N VAL M 376 38.36 -29.05 60.86
CA VAL M 376 37.91 -29.92 59.78
C VAL M 376 36.61 -30.58 60.21
N VAL M 377 35.58 -30.41 59.40
CA VAL M 377 34.27 -30.98 59.66
C VAL M 377 34.07 -32.10 58.64
N LYS M 378 34.23 -33.35 59.09
CA LYS M 378 34.06 -34.51 58.22
C LYS M 378 32.60 -34.94 58.28
N VAL M 379 31.81 -34.49 57.32
CA VAL M 379 30.37 -34.75 57.32
C VAL M 379 30.13 -36.19 56.89
N GLY M 380 29.35 -36.91 57.69
CA GLY M 380 28.97 -38.27 57.36
C GLY M 380 27.46 -38.41 57.35
N ALA M 381 26.96 -39.20 56.39
CA ALA M 381 25.53 -39.42 56.26
C ALA M 381 25.31 -40.75 55.53
N ALA M 382 24.08 -41.25 55.61
CA ALA M 382 23.77 -42.56 55.05
C ALA M 382 23.89 -42.56 53.53
N THR M 383 23.40 -41.53 52.87
CA THR M 383 23.35 -41.49 51.42
C THR M 383 24.10 -40.28 50.90
N GLU M 384 24.52 -40.38 49.63
CA GLU M 384 25.22 -39.26 48.99
C GLU M 384 24.32 -38.04 48.90
N THR M 385 23.03 -38.24 48.64
CA THR M 385 22.10 -37.12 48.66
C THR M 385 22.04 -36.49 50.04
N GLU M 386 21.98 -37.31 51.09
CA GLU M 386 22.00 -36.80 52.45
C GLU M 386 23.31 -36.08 52.73
N LEU M 387 24.43 -36.65 52.29
CA LEU M 387 25.72 -36.02 52.52
C LEU M 387 25.81 -34.65 51.86
N LYS M 388 25.35 -34.56 50.61
CA LYS M 388 25.39 -33.28 49.90
C LYS M 388 24.46 -32.27 50.54
N GLU M 389 23.25 -32.70 50.92
CA GLU M 389 22.33 -31.78 51.58
C GLU M 389 22.92 -31.26 52.88
N LEU M 390 23.51 -32.16 53.68
CA LEU M 390 24.12 -31.73 54.93
C LEU M 390 25.29 -30.79 54.69
N LYS M 391 26.10 -31.06 53.66
CA LYS M 391 27.21 -30.19 53.34
C LYS M 391 26.73 -28.78 53.00
N LEU M 392 25.72 -28.70 52.12
CA LEU M 392 25.17 -27.40 51.76
C LEU M 392 24.56 -26.70 52.96
N ARG M 393 23.86 -27.46 53.81
CA ARG M 393 23.25 -26.89 55.00
C ARG M 393 24.30 -26.33 55.95
N ILE M 394 25.43 -27.04 56.10
CA ILE M 394 26.49 -26.57 56.98
C ILE M 394 27.19 -25.35 56.39
N GLU M 395 27.32 -25.27 55.06
CA GLU M 395 28.04 -24.15 54.46
C GLU M 395 27.40 -22.82 54.80
N ASP M 396 26.12 -22.65 54.46
CA ASP M 396 25.46 -21.37 54.72
C ASP M 396 25.29 -21.14 56.21
N ALA M 397 25.13 -22.21 56.98
CA ALA M 397 25.05 -22.06 58.43
C ALA M 397 26.34 -21.45 58.98
N LEU M 398 27.48 -21.95 58.53
CA LEU M 398 28.76 -21.40 58.96
C LEU M 398 28.91 -19.95 58.51
N ASN M 399 28.53 -19.67 57.27
CA ASN M 399 28.66 -18.30 56.76
C ASN M 399 27.82 -17.33 57.59
N ALA M 400 26.56 -17.70 57.86
CA ALA M 400 25.68 -16.85 58.65
C ALA M 400 26.19 -16.74 60.09
N THR M 401 26.74 -17.82 60.63
CA THR M 401 27.27 -17.78 61.98
C THR M 401 28.42 -16.79 62.09
N ARG M 402 29.34 -16.82 61.12
CA ARG M 402 30.43 -15.85 61.12
C ARG M 402 29.89 -14.44 60.96
N ALA M 403 28.93 -14.24 60.05
CA ALA M 403 28.37 -12.92 59.82
C ALA M 403 27.72 -12.36 61.09
N ALA M 404 27.00 -13.21 61.82
CA ALA M 404 26.43 -12.80 63.08
C ALA M 404 27.51 -12.52 64.12
N VAL M 405 28.58 -13.32 64.12
CA VAL M 405 29.63 -13.13 65.11
C VAL M 405 30.29 -11.77 64.95
N GLU M 406 30.58 -11.38 63.71
CA GLU M 406 31.28 -10.11 63.50
C GLU M 406 30.39 -8.91 63.81
N GLU M 407 29.16 -8.90 63.29
CA GLU M 407 28.31 -7.73 63.41
C GLU M 407 27.28 -7.88 64.52
N GLY M 408 26.45 -8.90 64.43
CA GLY M 408 25.41 -9.12 65.41
C GLY M 408 24.16 -9.63 64.74
N MET M 409 23.06 -9.56 65.50
CA MET M 409 21.76 -10.03 65.03
C MET M 409 20.73 -8.93 65.21
N VAL M 410 19.83 -8.79 64.24
CA VAL M 410 18.75 -7.82 64.30
C VAL M 410 17.46 -8.48 63.81
N SER M 411 16.37 -7.74 63.93
CA SER M 411 15.06 -8.24 63.54
C SER M 411 15.03 -8.55 62.05
N GLY M 412 14.47 -9.71 61.71
CA GLY M 412 14.37 -10.12 60.32
C GLY M 412 13.12 -9.59 59.64
N GLY M 413 12.95 -10.00 58.39
CA GLY M 413 11.78 -9.60 57.63
C GLY M 413 11.69 -8.13 57.33
N GLY M 414 12.81 -7.42 57.34
CA GLY M 414 12.80 -5.99 57.07
C GLY M 414 12.33 -5.13 58.22
N THR M 415 12.02 -5.71 59.38
CA THR M 415 11.55 -4.93 60.52
C THR M 415 12.61 -3.94 60.98
N ALA M 416 13.88 -4.36 60.95
CA ALA M 416 14.97 -3.47 61.36
C ALA M 416 15.01 -2.22 60.49
N LEU M 417 14.74 -2.37 59.19
CA LEU M 417 14.76 -1.21 58.30
C LEU M 417 13.74 -0.17 58.71
N VAL M 418 12.52 -0.60 59.03
CA VAL M 418 11.51 0.35 59.48
C VAL M 418 11.88 0.90 60.85
N ASN M 419 12.49 0.08 61.70
CA ASN M 419 12.81 0.51 63.06
C ASN M 419 13.77 1.69 63.07
N VAL M 420 14.51 1.94 61.99
CA VAL M 420 15.44 3.06 61.93
C VAL M 420 14.87 4.26 61.19
N ILE M 421 13.59 4.22 60.80
CA ILE M 421 13.02 5.32 60.03
C ILE M 421 13.02 6.60 60.86
N SER M 422 12.68 6.51 62.14
CA SER M 422 12.57 7.71 62.97
C SER M 422 13.89 8.46 63.04
N LYS M 423 14.99 7.73 63.25
CA LYS M 423 16.29 8.39 63.35
C LYS M 423 16.65 9.08 62.05
N VAL M 424 16.36 8.46 60.90
CA VAL M 424 16.65 9.08 59.62
C VAL M 424 15.82 10.34 59.43
N SER M 425 14.53 10.28 59.78
CA SER M 425 13.69 11.46 59.70
C SER M 425 14.16 12.56 60.63
N ALA M 426 14.85 12.20 61.72
CA ALA M 426 15.36 13.19 62.65
C ALA M 426 16.55 13.97 62.11
N VAL M 427 17.12 13.55 60.98
CA VAL M 427 18.27 14.26 60.41
C VAL M 427 17.81 15.59 59.85
N GLU M 428 18.55 16.65 60.18
CA GLU M 428 18.18 18.00 59.77
C GLU M 428 18.86 18.36 58.45
N ALA M 429 18.08 18.83 57.49
CA ALA M 429 18.60 19.26 56.20
C ALA M 429 17.58 20.19 55.56
N GLU M 430 18.01 20.84 54.48
CA GLU M 430 17.19 21.79 53.75
C GLU M 430 17.33 21.55 52.26
N GLY M 431 16.32 21.99 51.52
CA GLY M 431 16.37 21.95 50.07
C GLY M 431 16.45 20.53 49.53
N ASP M 432 17.25 20.36 48.49
CA ASP M 432 17.37 19.05 47.86
C ASP M 432 17.94 18.00 48.81
N VAL M 433 18.73 18.43 49.79
CA VAL M 433 19.21 17.49 50.79
C VAL M 433 18.04 16.92 51.58
N ALA M 434 17.13 17.79 52.02
CA ALA M 434 15.93 17.32 52.71
C ALA M 434 15.06 16.48 51.79
N THR M 435 15.01 16.83 50.51
CA THR M 435 14.24 16.04 49.55
C THR M 435 14.79 14.62 49.45
N GLY M 436 16.11 14.49 49.36
CA GLY M 436 16.70 13.17 49.34
C GLY M 436 16.50 12.41 50.64
N ILE M 437 16.50 13.13 51.76
CA ILE M 437 16.21 12.48 53.04
C ILE M 437 14.80 11.90 53.01
N LYS M 438 13.82 12.68 52.53
CA LYS M 438 12.46 12.16 52.42
C LYS M 438 12.39 11.00 51.45
N ILE M 439 13.20 11.06 50.39
CA ILE M 439 13.24 9.97 49.41
C ILE M 439 13.64 8.67 50.09
N VAL M 440 14.73 8.73 50.86
CA VAL M 440 15.21 7.53 51.54
C VAL M 440 14.19 7.07 52.58
N VAL M 441 13.57 8.02 53.29
CA VAL M 441 12.58 7.65 54.29
C VAL M 441 11.42 6.89 53.65
N ARG M 442 10.95 7.38 52.52
CA ARG M 442 9.87 6.70 51.80
C ARG M 442 10.32 5.34 51.29
N ALA M 443 11.54 5.25 50.77
CA ALA M 443 11.98 4.01 50.14
C ALA M 443 12.27 2.92 51.15
N LEU M 444 12.63 3.30 52.39
CA LEU M 444 12.99 2.29 53.38
C LEU M 444 11.85 1.34 53.71
N GLU M 445 10.61 1.70 53.39
CA GLU M 445 9.47 0.84 53.67
C GLU M 445 9.25 -0.22 52.60
N GLU M 446 10.01 -0.20 51.51
CA GLU M 446 9.73 -1.10 50.40
C GLU M 446 9.86 -2.58 50.74
N PRO M 447 10.89 -3.05 51.43
CA PRO M 447 10.99 -4.50 51.67
C PRO M 447 9.81 -5.08 52.44
N ILE M 448 9.44 -4.44 53.56
CA ILE M 448 8.36 -4.98 54.38
C ILE M 448 7.04 -4.92 53.62
N ARG M 449 6.80 -3.81 52.92
CA ARG M 449 5.56 -3.68 52.15
C ARG M 449 5.48 -4.74 51.07
N GLN M 450 6.58 -4.99 50.37
CA GLN M 450 6.61 -5.99 49.32
C GLN M 450 6.39 -7.38 49.90
N ILE M 451 7.00 -7.68 51.04
CA ILE M 451 6.80 -8.98 51.67
C ILE M 451 5.35 -9.16 52.06
N ALA M 452 4.73 -8.13 52.63
CA ALA M 452 3.32 -8.22 53.00
C ALA M 452 2.46 -8.43 51.77
N GLU M 453 2.75 -7.74 50.68
CA GLU M 453 1.96 -7.91 49.47
C GLU M 453 2.10 -9.31 48.90
N ASN M 454 3.32 -9.87 48.95
CA ASN M 454 3.52 -11.22 48.44
C ASN M 454 2.71 -12.25 49.22
N ALA M 455 2.47 -11.99 50.49
CA ALA M 455 1.66 -12.88 51.31
C ALA M 455 0.18 -12.57 51.23
N GLY M 456 -0.20 -11.58 50.44
CA GLY M 456 -1.60 -11.23 50.27
C GLY M 456 -2.13 -10.18 51.21
N TYR M 457 -1.33 -9.74 52.18
CA TYR M 457 -1.76 -8.70 53.11
C TYR M 457 -1.48 -7.32 52.52
N GLU M 458 -2.31 -6.36 52.92
CA GLU M 458 -2.13 -4.99 52.43
C GLU M 458 -0.85 -4.39 53.01
N GLY M 459 0.02 -3.90 52.14
CA GLY M 459 1.30 -3.39 52.59
C GLY M 459 1.18 -2.15 53.45
N SER M 460 0.31 -1.21 53.05
CA SER M 460 0.20 0.04 53.77
C SER M 460 -0.27 -0.18 55.20
N VAL M 461 -1.24 -1.08 55.39
CA VAL M 461 -1.72 -1.38 56.73
C VAL M 461 -0.60 -1.93 57.60
N ILE M 462 0.18 -2.87 57.04
CA ILE M 462 1.28 -3.47 57.80
C ILE M 462 2.31 -2.41 58.17
N VAL M 463 2.65 -1.54 57.22
CA VAL M 463 3.65 -0.51 57.50
C VAL M 463 3.16 0.42 58.59
N ASP M 464 1.91 0.87 58.49
CA ASP M 464 1.38 1.81 59.47
C ASP M 464 1.32 1.17 60.85
N LYS M 465 0.86 -0.08 60.93
CA LYS M 465 0.79 -0.74 62.23
C LYS M 465 2.18 -0.96 62.81
N LEU M 466 3.15 -1.33 61.96
CA LEU M 466 4.51 -1.57 62.45
C LEU M 466 5.12 -0.29 62.97
N LYS M 467 4.82 0.85 62.35
CA LYS M 467 5.38 2.11 62.81
C LYS M 467 4.91 2.48 64.21
N ASN M 468 3.85 1.84 64.71
CA ASN M 468 3.25 2.23 65.99
C ASN M 468 3.28 1.11 67.02
N VAL M 469 4.00 0.02 66.77
CA VAL M 469 4.15 -1.04 67.74
C VAL M 469 5.50 -0.92 68.43
N GLU M 470 5.66 -1.64 69.53
CA GLU M 470 6.90 -1.59 70.29
C GLU M 470 8.06 -2.18 69.48
N LEU M 471 9.25 -1.65 69.72
CA LEU M 471 10.45 -2.17 69.09
C LEU M 471 10.66 -3.63 69.47
N GLY M 472 11.11 -4.43 68.51
CA GLY M 472 11.30 -5.85 68.71
C GLY M 472 10.12 -6.70 68.29
N THR M 473 8.97 -6.10 68.02
CA THR M 473 7.79 -6.81 67.55
C THR M 473 7.50 -6.37 66.13
N GLY M 474 7.41 -7.34 65.22
CA GLY M 474 7.14 -7.04 63.83
C GLY M 474 6.00 -7.87 63.28
N PHE M 475 6.01 -8.11 61.98
CA PHE M 475 4.96 -8.86 61.31
C PHE M 475 5.52 -10.18 60.80
N ASN M 476 4.90 -11.28 61.23
CA ASN M 476 5.28 -12.60 60.75
C ASN M 476 4.51 -12.87 59.46
N ALA M 477 5.20 -12.76 58.32
CA ALA M 477 4.54 -12.97 57.04
C ALA M 477 4.06 -14.41 56.88
N ALA M 478 4.73 -15.37 57.53
CA ALA M 478 4.33 -16.76 57.40
C ALA M 478 2.95 -17.00 58.00
N THR M 479 2.65 -16.35 59.12
CA THR M 479 1.40 -16.59 59.83
C THR M 479 0.44 -15.41 59.83
N GLY M 480 0.92 -14.20 59.50
CA GLY M 480 0.07 -13.05 59.57
C GLY M 480 -0.21 -12.55 60.97
N GLU M 481 0.62 -12.93 61.93
CA GLU M 481 0.45 -12.55 63.33
C GLU M 481 1.60 -11.69 63.80
N TRP M 482 1.27 -10.69 64.62
CA TRP M 482 2.26 -9.76 65.14
C TRP M 482 2.86 -10.36 66.40
N VAL M 483 4.09 -10.86 66.29
CA VAL M 483 4.78 -11.52 67.38
C VAL M 483 6.18 -10.93 67.50
N ASN M 484 6.91 -11.40 68.50
CA ASN M 484 8.31 -11.00 68.70
C ASN M 484 9.18 -11.77 67.71
N MET M 485 9.82 -11.05 66.79
CA MET M 485 10.65 -11.70 65.79
C MET M 485 11.83 -12.42 66.43
N VAL M 486 12.43 -11.81 67.46
CA VAL M 486 13.55 -12.46 68.14
C VAL M 486 13.07 -13.76 68.79
N GLU M 487 11.92 -13.74 69.44
CA GLU M 487 11.38 -14.94 70.04
C GLU M 487 10.94 -15.93 68.97
N ALA M 488 10.38 -15.43 67.87
CA ALA M 488 9.89 -16.30 66.80
C ALA M 488 10.99 -16.75 65.85
N GLY M 489 12.22 -16.28 66.03
CA GLY M 489 13.32 -16.72 65.20
C GLY M 489 13.42 -16.02 63.86
N ILE M 490 12.62 -15.00 63.61
CA ILE M 490 12.70 -14.25 62.34
C ILE M 490 13.77 -13.19 62.54
N VAL M 491 15.02 -13.59 62.33
CA VAL M 491 16.17 -12.74 62.59
C VAL M 491 17.09 -12.77 61.37
N ASP M 492 17.69 -11.62 61.08
CA ASP M 492 18.59 -11.47 59.94
C ASP M 492 19.90 -10.86 60.41
N PRO M 493 21.02 -11.24 59.79
CA PRO M 493 22.30 -10.66 60.17
C PRO M 493 22.35 -9.17 59.89
N THR M 494 23.01 -8.44 60.79
CA THR M 494 23.17 -7.00 60.61
C THR M 494 23.99 -6.69 59.37
N LYS M 495 25.04 -7.49 59.14
CA LYS M 495 25.93 -7.24 58.02
C LYS M 495 25.19 -7.28 56.70
N VAL M 496 24.31 -8.26 56.52
CA VAL M 496 23.59 -8.40 55.25
C VAL M 496 22.75 -7.16 54.98
N THR M 497 21.96 -6.75 55.96
CA THR M 497 21.08 -5.60 55.78
C THR M 497 21.87 -4.33 55.52
N ARG M 498 22.91 -4.09 56.32
CA ARG M 498 23.66 -2.85 56.14
C ARG M 498 24.42 -2.84 54.82
N SER M 499 24.95 -3.99 54.39
CA SER M 499 25.64 -4.04 53.10
C SER M 499 24.67 -3.81 51.96
N ALA M 500 23.48 -4.41 52.03
CA ALA M 500 22.49 -4.19 50.99
C ALA M 500 22.11 -2.72 50.91
N LEU M 501 21.88 -2.09 52.07
CA LEU M 501 21.51 -0.69 52.08
C LEU M 501 22.62 0.18 51.51
N GLN M 502 23.86 -0.08 51.91
CA GLN M 502 24.98 0.73 51.42
C GLN M 502 25.13 0.59 49.91
N ASN M 503 25.08 -0.64 49.41
CA ASN M 503 25.23 -0.85 47.97
C ASN M 503 24.10 -0.18 47.20
N ALA M 504 22.86 -0.35 47.65
CA ALA M 504 21.73 0.26 46.96
C ALA M 504 21.86 1.77 46.94
N ALA M 505 22.21 2.37 48.08
CA ALA M 505 22.33 3.82 48.14
C ALA M 505 23.44 4.32 47.23
N SER M 506 24.60 3.68 47.27
CA SER M 506 25.72 4.13 46.45
C SER M 506 25.37 4.06 44.97
N VAL M 507 24.78 2.94 44.55
CA VAL M 507 24.51 2.78 43.12
C VAL M 507 23.37 3.68 42.68
N SER M 508 22.38 3.89 43.53
CA SER M 508 21.33 4.84 43.21
C SER M 508 21.89 6.25 43.06
N ALA M 509 22.82 6.63 43.94
CA ALA M 509 23.46 7.93 43.81
C ALA M 509 24.23 8.05 42.51
N LEU M 510 24.97 6.99 42.13
CA LEU M 510 25.70 7.03 40.88
C LEU M 510 24.76 7.16 39.69
N LEU M 511 23.63 6.43 39.72
CA LEU M 511 22.72 6.44 38.58
C LEU M 511 21.98 7.77 38.46
N LEU M 512 21.59 8.35 39.60
CA LEU M 512 20.80 9.59 39.55
C LEU M 512 21.59 10.74 38.94
N THR M 513 22.92 10.70 39.05
CA THR M 513 23.76 11.75 38.48
C THR M 513 24.11 11.50 37.02
N THR M 514 23.63 10.42 36.43
CA THR M 514 23.91 10.14 35.03
C THR M 514 23.25 11.19 34.16
N GLU M 515 23.99 11.66 33.15
CA GLU M 515 23.48 12.68 32.24
C GLU M 515 23.49 12.25 30.79
N ALA M 516 24.49 11.47 30.36
CA ALA M 516 24.56 10.98 28.99
C ALA M 516 24.94 9.52 29.02
N VAL M 517 24.31 8.72 28.15
CA VAL M 517 24.55 7.30 28.06
C VAL M 517 25.04 6.97 26.66
N VAL M 518 26.18 6.31 26.57
CA VAL M 518 26.74 5.85 25.31
C VAL M 518 26.47 4.36 25.21
N ALA M 519 25.78 3.95 24.15
CA ALA M 519 25.43 2.55 23.96
C ALA M 519 25.78 2.12 22.55
N ASP M 520 26.04 0.83 22.40
CA ASP M 520 26.32 0.28 21.09
C ASP M 520 25.02 0.17 20.29
N LYS M 521 24.97 0.83 19.14
CA LYS M 521 23.76 0.81 18.34
C LYS M 521 23.50 -0.61 17.83
N PRO M 522 22.27 -1.11 17.94
CA PRO M 522 21.99 -2.47 17.46
C PRO M 522 22.28 -2.59 15.97
N GLU M 523 22.84 -3.73 15.59
CA GLU M 523 23.16 -3.96 14.19
C GLU M 523 21.92 -4.36 13.42
N PRO M 524 21.55 -3.64 12.36
CA PRO M 524 20.37 -3.95 11.55
C PRO M 524 20.55 -5.21 10.72
N MET N 1 -22.95 15.91 22.02
CA MET N 1 -22.24 15.09 21.05
C MET N 1 -21.14 14.34 21.80
N ALA N 2 -20.52 13.36 21.15
CA ALA N 2 -19.65 12.41 21.82
C ALA N 2 -18.57 13.10 22.64
N LYS N 3 -18.39 12.63 23.87
CA LYS N 3 -17.36 13.16 24.74
C LYS N 3 -16.06 12.37 24.59
N GLU N 4 -14.98 12.92 25.10
CA GLU N 4 -13.64 12.34 25.01
C GLU N 4 -12.97 12.34 26.37
N LEU N 5 -13.68 11.83 27.37
CA LEU N 5 -13.22 11.86 28.76
C LEU N 5 -11.76 11.45 28.87
N LYS N 6 -10.98 12.28 29.55
CA LYS N 6 -9.56 12.05 29.75
C LYS N 6 -9.19 12.44 31.17
N PHE N 7 -8.34 11.64 31.80
CA PHE N 7 -8.02 11.85 33.21
C PHE N 7 -6.53 11.97 33.45
N ALA N 8 -6.14 11.97 34.73
CA ALA N 8 -4.74 11.94 35.16
C ALA N 8 -3.92 13.06 34.55
N GLU N 9 -2.65 12.79 34.29
CA GLU N 9 -1.72 13.82 33.83
C GLU N 9 -1.93 14.21 32.37
N ASP N 10 -2.54 13.34 31.57
CA ASP N 10 -2.71 13.64 30.16
C ASP N 10 -3.61 14.86 29.96
N ALA N 11 -4.73 14.91 30.67
CA ALA N 11 -5.60 16.07 30.59
C ALA N 11 -4.88 17.33 31.05
N ARG N 12 -4.18 17.23 32.19
CA ARG N 12 -3.43 18.37 32.68
C ARG N 12 -2.32 18.75 31.72
N ALA N 13 -1.71 17.76 31.06
CA ALA N 13 -0.70 18.06 30.06
C ALA N 13 -1.29 18.85 28.91
N ALA N 14 -2.50 18.48 28.48
CA ALA N 14 -3.16 19.23 27.41
C ALA N 14 -3.48 20.65 27.84
N MET N 15 -3.99 20.83 29.06
CA MET N 15 -4.25 22.18 29.55
C MET N 15 -2.96 22.98 29.62
N LEU N 16 -1.87 22.36 30.06
CA LEU N 16 -0.58 23.05 30.11
C LEU N 16 -0.14 23.47 28.72
N ARG N 17 -0.33 22.60 27.73
CA ARG N 17 0.04 22.95 26.36
C ARG N 17 -0.76 24.15 25.87
N GLY N 18 -2.07 24.14 26.11
CA GLY N 18 -2.88 25.28 25.69
C GLY N 18 -2.47 26.57 26.36
N VAL N 19 -2.25 26.52 27.68
CA VAL N 19 -1.86 27.72 28.41
C VAL N 19 -0.49 28.20 27.94
N ASP N 20 0.41 27.27 27.64
CA ASP N 20 1.72 27.66 27.13
C ASP N 20 1.61 28.34 25.78
N LYS N 21 0.74 27.83 24.91
CA LYS N 21 0.53 28.49 23.63
C LYS N 21 0.03 29.91 23.82
N LEU N 22 -1.00 30.08 24.67
CA LEU N 22 -1.54 31.41 24.89
C LEU N 22 -0.51 32.35 25.51
N ALA N 23 0.27 31.85 26.48
CA ALA N 23 1.27 32.68 27.12
C ALA N 23 2.38 33.06 26.16
N ASP N 24 2.83 32.12 25.33
CA ASP N 24 3.86 32.44 24.35
C ASP N 24 3.34 33.45 23.32
N THR N 25 2.03 33.45 23.07
CA THR N 25 1.49 34.46 22.17
C THR N 25 1.36 35.82 22.86
N VAL N 26 1.05 35.85 24.15
CA VAL N 26 0.73 37.12 24.81
C VAL N 26 1.98 37.78 25.40
N LYS N 27 2.75 37.04 26.19
CA LYS N 27 3.79 37.66 27.03
C LYS N 27 4.85 38.40 26.24
N VAL N 28 4.98 38.12 24.94
CA VAL N 28 5.98 38.80 24.13
C VAL N 28 5.73 40.29 24.04
N THR N 29 4.51 40.74 24.34
CA THR N 29 4.18 42.16 24.33
C THR N 29 4.36 42.83 25.68
N LEU N 30 4.78 42.09 26.70
CA LEU N 30 4.90 42.65 28.03
C LEU N 30 6.06 43.63 28.11
N GLY N 31 5.87 44.71 28.87
CA GLY N 31 6.92 45.67 29.11
C GLY N 31 6.93 46.81 28.12
N PRO N 32 7.61 47.90 28.46
CA PRO N 32 7.70 49.02 27.53
C PRO N 32 8.39 48.67 26.23
N LYS N 33 9.38 47.78 26.26
CA LYS N 33 10.08 47.36 25.06
C LYS N 33 9.45 46.12 24.42
N GLY N 34 8.14 45.95 24.58
CA GLY N 34 7.50 44.78 24.03
C GLY N 34 7.55 44.74 22.52
N ARG N 35 7.57 43.53 21.97
CA ARG N 35 7.60 43.33 20.53
C ARG N 35 6.18 43.18 20.00
N ASN N 36 6.04 43.43 18.69
CA ASN N 36 4.73 43.50 18.06
C ASN N 36 4.32 42.15 17.48
N VAL N 37 3.03 41.85 17.61
CA VAL N 37 2.45 40.60 17.14
C VAL N 37 1.44 40.90 16.04
N VAL N 38 1.42 40.06 15.01
CA VAL N 38 0.54 40.23 13.86
C VAL N 38 -0.67 39.31 14.04
N LEU N 39 -1.86 39.86 13.89
CA LEU N 39 -3.10 39.10 13.97
C LEU N 39 -3.77 39.09 12.61
N GLU N 40 -4.39 37.96 12.27
CA GLU N 40 -5.10 37.83 11.02
C GLU N 40 -6.48 38.47 11.11
N LYS N 41 -6.93 39.03 10.00
CA LYS N 41 -8.27 39.59 9.87
C LYS N 41 -8.94 39.04 8.63
N SER N 42 -10.26 38.89 8.69
CA SER N 42 -11.01 38.35 7.57
C SER N 42 -10.95 39.28 6.37
N TYR N 43 -11.08 40.59 6.59
CA TYR N 43 -11.08 41.57 5.53
C TYR N 43 -10.12 42.70 5.87
N GLY N 44 -9.63 43.38 4.83
CA GLY N 44 -8.78 44.53 5.01
C GLY N 44 -7.37 44.14 5.38
N SER N 45 -6.56 45.16 5.61
CA SER N 45 -5.18 44.94 6.01
C SER N 45 -5.14 44.27 7.37
N PRO N 46 -4.20 43.35 7.58
CA PRO N 46 -4.04 42.74 8.90
C PRO N 46 -3.62 43.77 9.94
N LEU N 47 -4.03 43.51 11.19
CA LEU N 47 -3.70 44.40 12.29
C LEU N 47 -2.44 43.92 12.99
N ILE N 48 -1.47 44.81 13.15
CA ILE N 48 -0.25 44.55 13.91
C ILE N 48 -0.34 45.35 15.20
N THR N 49 -0.17 44.68 16.33
CA THR N 49 -0.33 45.34 17.62
C THR N 49 0.53 44.68 18.66
N ASN N 50 0.77 45.43 19.74
CA ASN N 50 1.42 44.92 20.94
C ASN N 50 0.49 45.01 22.15
N ASP N 51 -0.81 45.12 21.92
CA ASP N 51 -1.80 45.19 22.98
C ASP N 51 -2.17 43.77 23.40
N GLY N 52 -1.96 43.45 24.67
CA GLY N 52 -2.14 42.08 25.12
C GLY N 52 -3.57 41.60 25.05
N VAL N 53 -4.51 42.43 25.51
CA VAL N 53 -5.89 41.96 25.68
C VAL N 53 -6.51 41.60 24.33
N THR N 54 -6.24 42.41 23.29
CA THR N 54 -6.79 42.11 21.97
C THR N 54 -6.27 40.78 21.45
N ILE N 55 -4.96 40.56 21.58
CA ILE N 55 -4.37 39.31 21.10
C ILE N 55 -4.95 38.13 21.86
N ALA N 56 -5.09 38.26 23.18
CA ALA N 56 -5.68 37.18 23.96
C ALA N 56 -7.11 36.91 23.52
N LYS N 57 -7.87 37.96 23.20
CA LYS N 57 -9.23 37.77 22.73
C LYS N 57 -9.26 37.01 21.41
N GLU N 58 -8.34 37.33 20.50
CA GLU N 58 -8.35 36.74 19.17
C GLU N 58 -7.92 35.28 19.15
N ILE N 59 -7.35 34.76 20.24
CA ILE N 59 -6.78 33.42 20.23
C ILE N 59 -7.88 32.37 20.32
N GLU N 60 -7.80 31.35 19.46
CA GLU N 60 -8.74 30.24 19.49
C GLU N 60 -8.02 29.03 18.90
N LEU N 61 -7.92 27.96 19.67
CA LEU N 61 -7.11 26.80 19.30
C LEU N 61 -7.98 25.66 18.79
N GLU N 62 -7.45 24.91 17.83
CA GLU N 62 -8.19 23.79 17.25
C GLU N 62 -8.33 22.65 18.25
N ASP N 63 -7.23 22.27 18.90
CA ASP N 63 -7.29 21.22 19.91
C ASP N 63 -8.27 21.62 21.00
N HIS N 64 -9.21 20.74 21.30
CA HIS N 64 -10.30 21.10 22.22
C HIS N 64 -9.77 21.41 23.61
N PHE N 65 -8.84 20.59 24.12
CA PHE N 65 -8.35 20.83 25.46
C PHE N 65 -7.46 22.07 25.53
N GLU N 66 -6.62 22.28 24.53
CA GLU N 66 -5.84 23.51 24.48
C GLU N 66 -6.75 24.71 24.36
N ASN N 67 -7.84 24.58 23.59
CA ASN N 67 -8.85 25.64 23.55
C ASN N 67 -9.47 25.86 24.92
N MET N 68 -9.68 24.78 25.67
CA MET N 68 -10.20 24.87 27.02
C MET N 68 -9.29 25.74 27.89
N GLY N 69 -8.00 25.42 27.87
CA GLY N 69 -7.04 26.19 28.66
C GLY N 69 -6.98 27.65 28.22
N ALA N 70 -6.98 27.89 26.91
CA ALA N 70 -6.94 29.25 26.41
C ALA N 70 -8.15 30.04 26.86
N LYS N 71 -9.33 29.45 26.77
CA LYS N 71 -10.54 30.16 27.20
C LYS N 71 -10.51 30.42 28.69
N LEU N 72 -10.02 29.46 29.48
CA LEU N 72 -9.90 29.68 30.91
C LEU N 72 -9.03 30.88 31.21
N VAL N 73 -7.81 30.90 30.66
CA VAL N 73 -6.91 32.01 30.96
C VAL N 73 -7.46 33.33 30.44
N SER N 74 -8.14 33.30 29.29
CA SER N 74 -8.76 34.52 28.78
C SER N 74 -9.82 35.05 29.75
N GLU N 75 -10.64 34.15 30.30
CA GLU N 75 -11.64 34.62 31.25
C GLU N 75 -11.00 35.12 32.54
N VAL N 76 -9.82 34.59 32.89
CA VAL N 76 -9.09 35.16 34.02
C VAL N 76 -8.70 36.59 33.72
N ALA N 77 -8.09 36.81 32.57
CA ALA N 77 -7.64 38.16 32.20
C ALA N 77 -8.84 39.10 32.08
N SER N 78 -10.01 38.55 31.79
CA SER N 78 -11.22 39.36 31.69
C SER N 78 -11.52 40.09 32.98
N LYS N 79 -11.33 39.41 34.13
CA LYS N 79 -11.61 40.02 35.42
C LYS N 79 -10.66 41.16 35.74
N THR N 80 -9.56 41.30 34.99
CA THR N 80 -8.52 42.25 35.35
C THR N 80 -8.35 43.38 34.35
N ASN N 81 -8.66 43.17 33.07
CA ASN N 81 -8.43 44.22 32.08
C ASN N 81 -9.32 45.44 32.32
N ASP N 82 -10.34 45.29 33.16
CA ASP N 82 -11.27 46.39 33.41
C ASP N 82 -10.53 47.62 33.92
N ILE N 83 -9.63 47.42 34.88
CA ILE N 83 -8.82 48.52 35.39
C ILE N 83 -7.51 48.58 34.61
N ALA N 84 -7.09 49.81 34.29
CA ALA N 84 -5.91 50.05 33.47
C ALA N 84 -5.94 49.25 32.17
N GLY N 85 -4.77 48.92 31.64
CA GLY N 85 -4.69 48.16 30.42
C GLY N 85 -3.53 47.19 30.38
N ASP N 86 -2.83 47.02 31.50
CA ASP N 86 -1.68 46.14 31.56
C ASP N 86 -1.88 44.96 32.51
N GLY N 87 -2.90 44.97 33.34
CA GLY N 87 -3.12 43.88 34.26
C GLY N 87 -3.65 42.61 33.63
N THR N 88 -4.02 42.67 32.36
CA THR N 88 -4.51 41.51 31.63
C THR N 88 -3.40 40.65 31.07
N THR N 89 -2.15 41.05 31.25
CA THR N 89 -1.00 40.31 30.73
C THR N 89 -0.17 39.67 31.82
N THR N 90 0.17 40.42 32.87
CA THR N 90 0.96 39.86 33.96
C THR N 90 0.28 38.66 34.57
N ALA N 91 -1.05 38.69 34.65
CA ALA N 91 -1.81 37.57 35.18
C ALA N 91 -1.56 36.32 34.36
N THR N 92 -1.54 36.44 33.04
CA THR N 92 -1.30 35.28 32.18
C THR N 92 0.09 34.71 32.40
N VAL N 93 1.10 35.58 32.50
CA VAL N 93 2.46 35.11 32.70
C VAL N 93 2.59 34.36 34.02
N LEU N 94 2.05 34.95 35.09
CA LEU N 94 2.10 34.31 36.40
C LEU N 94 1.36 32.98 36.37
N THR N 95 0.20 32.94 35.71
CA THR N 95 -0.56 31.70 35.62
C THR N 95 0.23 30.63 34.90
N GLN N 96 0.87 30.98 33.80
CA GLN N 96 1.68 30.01 33.06
C GLN N 96 2.79 29.45 33.94
N ALA N 97 3.54 30.34 34.59
CA ALA N 97 4.67 29.87 35.40
C ALA N 97 4.20 28.97 36.53
N ILE N 98 3.16 29.40 37.26
CA ILE N 98 2.68 28.64 38.39
C ILE N 98 2.18 27.28 37.93
N VAL N 99 1.41 27.25 36.84
CA VAL N 99 0.85 26.00 36.36
C VAL N 99 1.97 25.04 35.95
N ARG N 100 2.97 25.54 35.22
CA ARG N 100 4.04 24.67 34.77
C ARG N 100 4.78 24.05 35.95
N GLU N 101 5.23 24.88 36.88
CA GLU N 101 6.02 24.36 37.99
C GLU N 101 5.18 23.48 38.91
N GLY N 102 3.92 23.84 39.12
CA GLY N 102 3.05 23.02 39.95
C GLY N 102 2.78 21.67 39.34
N LEU N 103 2.56 21.62 38.02
CA LEU N 103 2.37 20.34 37.35
C LEU N 103 3.60 19.48 37.46
N LYS N 104 4.79 20.09 37.27
CA LYS N 104 6.01 19.32 37.39
C LYS N 104 6.17 18.74 38.79
N ASN N 105 5.84 19.54 39.81
CA ASN N 105 5.94 19.04 41.18
C ASN N 105 4.92 17.94 41.46
N VAL N 106 3.69 18.11 40.95
CA VAL N 106 2.63 17.14 41.20
C VAL N 106 2.96 15.81 40.54
N THR N 107 3.64 15.85 39.39
CA THR N 107 3.98 14.61 38.70
C THR N 107 4.81 13.68 39.57
N ALA N 108 5.54 14.24 40.54
CA ALA N 108 6.39 13.47 41.44
C ALA N 108 5.79 13.36 42.84
N GLY N 109 4.48 13.14 42.95
CA GLY N 109 3.84 13.09 44.23
C GLY N 109 3.19 14.41 44.58
N ALA N 110 3.56 14.99 45.72
CA ALA N 110 3.17 16.36 46.04
C ALA N 110 1.67 16.56 45.99
N ASN N 111 0.94 15.99 46.96
CA ASN N 111 -0.50 16.05 47.08
C ASN N 111 -1.01 17.42 46.66
N PRO N 112 -1.86 17.49 45.63
CA PRO N 112 -2.25 18.80 45.08
C PRO N 112 -2.93 19.72 46.08
N LEU N 113 -3.66 19.18 47.05
CA LEU N 113 -4.34 20.03 48.02
C LEU N 113 -3.34 20.84 48.84
N GLY N 114 -2.24 20.22 49.24
CA GLY N 114 -1.20 20.96 49.94
C GLY N 114 -0.61 22.06 49.08
N ILE N 115 -0.44 21.78 47.78
CA ILE N 115 0.07 22.80 46.88
C ILE N 115 -0.89 23.97 46.79
N ARG N 116 -2.19 23.68 46.69
CA ARG N 116 -3.18 24.77 46.63
C ARG N 116 -3.17 25.58 47.92
N ARG N 117 -3.08 24.91 49.07
CA ARG N 117 -3.04 25.62 50.34
C ARG N 117 -1.81 26.53 50.41
N GLY N 118 -0.66 26.00 50.00
CA GLY N 118 0.55 26.82 50.02
C GLY N 118 0.46 28.00 49.08
N ILE N 119 -0.10 27.79 47.89
CA ILE N 119 -0.27 28.89 46.94
C ILE N 119 -1.16 29.97 47.53
N GLU N 120 -2.28 29.56 48.15
CA GLU N 120 -3.18 30.54 48.75
C GLU N 120 -2.50 31.30 49.87
N LEU N 121 -1.75 30.61 50.73
CA LEU N 121 -1.07 31.28 51.83
C LEU N 121 -0.04 32.27 51.31
N ALA N 122 0.75 31.87 50.32
CA ALA N 122 1.76 32.76 49.76
C ALA N 122 1.10 33.98 49.11
N THR N 123 0.01 33.76 48.39
CA THR N 123 -0.68 34.88 47.75
C THR N 123 -1.25 35.84 48.78
N LYS N 124 -1.83 35.32 49.86
CA LYS N 124 -2.35 36.18 50.91
C LYS N 124 -1.24 37.00 51.54
N ALA N 125 -0.10 36.36 51.83
CA ALA N 125 1.02 37.09 52.41
C ALA N 125 1.53 38.16 51.44
N ALA N 126 1.60 37.84 50.15
CA ALA N 126 2.06 38.81 49.17
C ALA N 126 1.11 40.00 49.07
N VAL N 127 -0.19 39.75 49.08
CA VAL N 127 -1.15 40.83 49.04
C VAL N 127 -1.02 41.71 50.28
N GLU N 128 -0.84 41.09 51.44
CA GLU N 128 -0.65 41.85 52.67
C GLU N 128 0.60 42.73 52.57
N GLU N 129 1.70 42.18 52.05
CA GLU N 129 2.92 42.95 51.91
C GLU N 129 2.74 44.10 50.92
N LEU N 130 2.04 43.86 49.81
CA LEU N 130 1.80 44.92 48.84
C LEU N 130 1.00 46.05 49.45
N HIS N 131 -0.04 45.71 50.22
CA HIS N 131 -0.77 46.75 50.93
C HIS N 131 0.08 47.41 52.00
N ASN N 132 1.14 46.74 52.47
CA ASN N 132 2.03 47.33 53.46
C ASN N 132 2.92 48.39 52.83
N ILE N 133 3.73 48.01 51.85
CA ILE N 133 4.61 48.96 51.19
C ILE N 133 3.87 49.58 49.99
N SER N 134 3.64 50.89 50.06
CA SER N 134 2.95 51.61 49.00
C SER N 134 3.04 53.09 49.28
N THR N 135 3.04 53.87 48.22
CA THR N 135 2.99 55.33 48.32
C THR N 135 1.53 55.74 48.28
N VAL N 136 0.96 56.06 49.44
CA VAL N 136 -0.44 56.41 49.51
C VAL N 136 -0.68 57.70 48.75
N VAL N 137 -1.60 57.64 47.78
CA VAL N 137 -1.91 58.80 46.95
C VAL N 137 -3.26 59.36 47.39
N ASP N 138 -3.21 60.34 48.29
CA ASP N 138 -4.42 61.01 48.76
C ASP N 138 -4.34 62.53 48.68
N SER N 139 -3.15 63.10 48.62
CA SER N 139 -3.02 64.55 48.48
C SER N 139 -3.53 65.01 47.12
N LYS N 140 -4.05 66.24 47.09
CA LYS N 140 -4.56 66.78 45.84
C LYS N 140 -3.46 66.90 44.79
N GLU N 141 -2.27 67.33 45.21
CA GLU N 141 -1.16 67.46 44.27
C GLU N 141 -0.76 66.12 43.69
N ALA N 142 -0.68 65.09 44.55
CA ALA N 142 -0.33 63.76 44.05
C ALA N 142 -1.41 63.23 43.11
N ILE N 143 -2.68 63.47 43.43
CA ILE N 143 -3.76 63.04 42.56
C ILE N 143 -3.66 63.72 41.21
N ALA N 144 -3.37 65.03 41.22
CA ALA N 144 -3.20 65.76 39.97
C ALA N 144 -2.02 65.22 39.18
N GLN N 145 -0.93 64.88 39.88
CA GLN N 145 0.24 64.32 39.20
C GLN N 145 -0.11 63.00 38.53
N VAL N 146 -0.80 62.11 39.25
CA VAL N 146 -1.17 60.82 38.68
C VAL N 146 -2.12 60.99 37.52
N ALA N 147 -3.02 61.98 37.61
CA ALA N 147 -3.84 62.31 36.45
C ALA N 147 -2.99 62.91 35.33
N ALA N 148 -1.80 63.40 35.67
CA ALA N 148 -0.89 63.98 34.69
C ALA N 148 0.17 62.99 34.21
N VAL N 149 -0.01 61.69 34.47
CA VAL N 149 0.92 60.68 34.01
C VAL N 149 0.13 59.66 33.20
N SER N 150 0.78 58.55 32.83
CA SER N 150 0.30 57.69 31.74
C SER N 150 0.29 58.52 30.47
N SER N 151 -0.87 58.71 29.86
CA SER N 151 -0.93 59.69 28.79
C SER N 151 -1.13 61.07 29.41
N GLY N 152 -2.31 61.30 29.98
CA GLY N 152 -2.57 62.40 30.89
C GLY N 152 -2.19 63.80 30.46
N SER N 153 -1.75 63.95 29.20
CA SER N 153 -1.06 65.14 28.70
C SER N 153 -0.44 65.95 29.83
N ASP N 154 -0.88 67.18 30.00
CA ASP N 154 -0.64 67.94 31.20
C ASP N 154 -1.91 68.57 31.77
N LYS N 155 -2.80 69.05 30.91
CA LYS N 155 -4.01 69.72 31.38
C LYS N 155 -4.96 68.74 32.04
N VAL N 156 -4.95 67.48 31.62
CA VAL N 156 -5.86 66.49 32.18
C VAL N 156 -5.64 66.34 33.67
N GLY N 157 -4.40 66.53 34.12
CA GLY N 157 -4.13 66.45 35.55
C GLY N 157 -4.94 67.45 36.35
N HIS N 158 -4.83 68.73 35.97
CA HIS N 158 -5.60 69.77 36.66
C HIS N 158 -7.08 69.58 36.46
N LEU N 159 -7.50 69.18 35.25
CA LEU N 159 -8.91 68.99 34.97
C LEU N 159 -9.50 67.93 35.90
N ILE N 160 -8.82 66.79 36.01
CA ILE N 160 -9.29 65.71 36.87
C ILE N 160 -9.23 66.11 38.33
N ALA N 161 -8.18 66.84 38.72
CA ALA N 161 -8.08 67.30 40.10
C ALA N 161 -9.27 68.17 40.48
N ASP N 162 -9.56 69.18 39.67
CA ASP N 162 -10.71 70.03 39.93
C ASP N 162 -12.01 69.22 39.90
N ALA N 163 -12.12 68.31 38.94
CA ALA N 163 -13.36 67.54 38.81
C ALA N 163 -13.65 66.73 40.06
N MET N 164 -12.68 65.92 40.50
CA MET N 164 -12.95 65.04 41.63
C MET N 164 -12.97 65.83 42.94
N GLU N 165 -12.34 67.00 42.98
CA GLU N 165 -12.52 67.88 44.12
C GLU N 165 -13.95 68.42 44.18
N LYS N 166 -14.52 68.77 43.03
CA LYS N 166 -15.88 69.28 43.01
C LYS N 166 -16.90 68.21 43.32
N VAL N 167 -16.73 67.01 42.77
CA VAL N 167 -17.73 65.94 42.89
C VAL N 167 -17.37 64.91 43.94
N GLY N 168 -16.19 65.02 44.55
CA GLY N 168 -15.74 64.01 45.49
C GLY N 168 -15.01 62.87 44.80
N ASN N 169 -14.37 62.04 45.61
CA ASN N 169 -13.62 60.91 45.07
C ASN N 169 -14.54 59.92 44.36
N ASP N 170 -15.72 59.68 44.91
CA ASP N 170 -16.70 58.78 44.31
C ASP N 170 -17.66 59.49 43.38
N GLY N 171 -17.50 60.80 43.18
CA GLY N 171 -18.39 61.52 42.31
C GLY N 171 -18.25 61.10 40.87
N VAL N 172 -19.36 61.21 40.14
CA VAL N 172 -19.42 60.80 38.75
C VAL N 172 -18.78 61.86 37.88
N ILE N 173 -17.82 61.45 37.06
CA ILE N 173 -17.14 62.33 36.12
C ILE N 173 -17.38 61.81 34.71
N THR N 174 -17.88 62.68 33.84
CA THR N 174 -18.21 62.32 32.47
C THR N 174 -17.35 63.10 31.49
N ILE N 175 -17.08 62.49 30.34
CA ILE N 175 -16.23 63.06 29.32
C ILE N 175 -17.06 63.24 28.06
N GLU N 176 -17.02 64.44 27.49
CA GLU N 176 -17.80 64.77 26.31
C GLU N 176 -16.92 65.49 25.30
N GLU N 177 -17.40 65.51 24.06
CA GLU N 177 -16.68 66.16 22.96
C GLU N 177 -17.26 67.56 22.76
N SER N 178 -16.49 68.58 23.11
CA SER N 178 -16.91 69.95 22.89
C SER N 178 -16.78 70.31 21.41
N LYS N 179 -17.75 71.08 20.90
CA LYS N 179 -17.68 71.53 19.52
C LYS N 179 -16.59 72.56 19.30
N GLY N 180 -16.07 73.17 20.37
CA GLY N 180 -14.99 74.11 20.26
C GLY N 180 -13.63 73.43 20.23
N ILE N 181 -12.59 74.25 20.31
CA ILE N 181 -11.23 73.75 20.29
C ILE N 181 -10.63 73.59 21.69
N GLU N 182 -11.34 74.02 22.73
CA GLU N 182 -10.84 73.97 24.09
C GLU N 182 -11.59 72.91 24.90
N THR N 183 -10.86 72.23 25.78
CA THR N 183 -11.46 71.27 26.70
C THR N 183 -11.91 72.00 27.96
N GLU N 184 -13.15 71.78 28.36
CA GLU N 184 -13.75 72.48 29.49
C GLU N 184 -14.35 71.49 30.47
N LEU N 185 -14.36 71.88 31.74
CA LEU N 185 -14.92 71.08 32.81
C LEU N 185 -16.20 71.71 33.32
N ASP N 186 -17.26 70.92 33.44
CA ASP N 186 -18.56 71.40 33.87
C ASP N 186 -19.14 70.46 34.92
N VAL N 187 -19.87 71.03 35.88
CA VAL N 187 -20.56 70.27 36.91
C VAL N 187 -22.05 70.58 36.80
N VAL N 188 -22.85 69.55 36.56
CA VAL N 188 -24.29 69.69 36.37
C VAL N 188 -25.00 68.70 37.28
N GLU N 189 -26.33 68.79 37.27
CA GLU N 189 -27.16 67.84 37.99
C GLU N 189 -27.23 66.53 37.20
N GLY N 190 -26.85 65.44 37.85
CA GLY N 190 -26.83 64.16 37.18
C GLY N 190 -27.06 63.04 38.16
N MET N 191 -27.16 61.82 37.62
CA MET N 191 -27.45 60.65 38.43
C MET N 191 -26.87 59.42 37.76
N GLN N 192 -26.00 58.71 38.47
CA GLN N 192 -25.50 57.42 38.01
C GLN N 192 -25.84 56.37 39.05
N PHE N 193 -26.43 55.26 38.60
CA PHE N 193 -26.81 54.18 39.49
C PHE N 193 -26.39 52.85 38.87
N ASP N 194 -26.13 51.88 39.74
CA ASP N 194 -25.59 50.58 39.34
C ASP N 194 -26.65 49.69 38.70
N ARG N 195 -27.09 50.12 37.51
CA ARG N 195 -28.04 49.35 36.71
C ARG N 195 -27.62 49.44 35.25
N GLY N 196 -27.15 48.33 34.70
CA GLY N 196 -26.76 48.27 33.30
C GLY N 196 -27.93 47.95 32.38
N TYR N 197 -27.64 47.89 31.10
CA TYR N 197 -28.66 47.54 30.13
C TYR N 197 -29.11 46.10 30.32
N LEU N 198 -30.36 45.84 29.91
CA LEU N 198 -30.90 44.49 30.00
C LEU N 198 -30.36 43.57 28.92
N SER N 199 -29.83 44.11 27.84
CA SER N 199 -29.31 43.30 26.75
C SER N 199 -28.26 44.11 25.98
N GLN N 200 -27.39 43.39 25.30
CA GLN N 200 -26.33 44.03 24.52
C GLN N 200 -26.80 44.51 23.15
N TYR N 201 -28.02 44.16 22.76
CA TYR N 201 -28.52 44.54 21.43
C TYR N 201 -28.81 46.02 21.30
N MET N 202 -29.17 46.70 22.38
CA MET N 202 -29.46 48.12 22.36
C MET N 202 -28.22 48.97 22.64
N VAL N 203 -27.03 48.36 22.68
CA VAL N 203 -25.81 49.12 22.88
C VAL N 203 -25.57 50.02 21.68
N THR N 204 -25.42 51.31 21.95
CA THR N 204 -25.21 52.28 20.88
C THR N 204 -23.75 52.38 20.45
N ASP N 205 -22.83 52.30 21.40
CA ASP N 205 -21.40 52.37 21.13
C ASP N 205 -20.82 50.97 21.33
N ASN N 206 -20.63 50.25 20.22
CA ASN N 206 -20.11 48.89 20.30
C ASN N 206 -18.68 48.87 20.84
N ASP N 207 -17.85 49.82 20.40
CA ASP N 207 -16.47 49.86 20.86
C ASP N 207 -16.40 50.10 22.36
N LYS N 208 -17.20 51.03 22.88
CA LYS N 208 -17.22 51.31 24.30
C LYS N 208 -18.23 50.46 25.06
N MET N 209 -19.03 49.65 24.37
CA MET N 209 -19.99 48.74 24.99
C MET N 209 -21.13 49.53 25.65
N GLU N 210 -20.99 50.85 25.71
CA GLU N 210 -21.94 51.69 26.41
C GLU N 210 -23.10 52.06 25.49
N ALA N 211 -24.26 52.30 26.10
CA ALA N 211 -25.43 52.79 25.40
C ALA N 211 -25.52 54.29 25.63
N VAL N 212 -25.55 55.06 24.54
CA VAL N 212 -25.52 56.51 24.59
C VAL N 212 -26.83 57.04 24.00
N LEU N 213 -27.54 57.85 24.77
CA LEU N 213 -28.77 58.48 24.33
C LEU N 213 -28.65 59.99 24.51
N GLU N 214 -29.02 60.73 23.48
CA GLU N 214 -28.93 62.20 23.49
C GLU N 214 -30.34 62.77 23.55
N ASN N 215 -30.61 63.57 24.57
CA ASN N 215 -31.93 64.12 24.83
C ASN N 215 -33.03 63.05 24.76
N PRO N 216 -32.94 62.01 25.59
CA PRO N 216 -33.92 60.93 25.52
C PRO N 216 -35.10 61.16 26.47
N TYR N 217 -36.19 60.47 26.16
CA TYR N 217 -37.32 60.41 27.09
C TYR N 217 -37.08 59.31 28.11
N ILE N 218 -37.44 59.58 29.36
CA ILE N 218 -37.14 58.69 30.47
C ILE N 218 -38.45 58.17 31.03
N LEU N 219 -38.60 56.84 31.05
CA LEU N 219 -39.76 56.18 31.64
C LEU N 219 -39.39 55.71 33.04
N ILE N 220 -40.12 56.18 34.04
CA ILE N 220 -39.84 55.89 35.44
C ILE N 220 -41.05 55.18 36.02
N THR N 221 -40.84 53.94 36.48
CA THR N 221 -41.92 53.16 37.06
C THR N 221 -41.33 52.07 37.94
N ASP N 222 -42.13 51.60 38.89
CA ASP N 222 -41.78 50.48 39.75
C ASP N 222 -42.44 49.18 39.32
N LYS N 223 -43.28 49.22 38.28
CA LYS N 223 -44.00 48.04 37.84
C LYS N 223 -43.12 47.17 36.94
N LYS N 224 -43.57 45.93 36.73
CA LYS N 224 -42.89 45.00 35.85
C LYS N 224 -43.53 45.05 34.47
N ILE N 225 -42.70 45.23 33.45
CA ILE N 225 -43.18 45.37 32.08
C ILE N 225 -42.90 44.05 31.36
N SER N 226 -43.92 43.19 31.32
CA SER N 226 -43.84 41.93 30.60
C SER N 226 -44.62 41.92 29.29
N ASN N 227 -45.53 42.88 29.11
CA ASN N 227 -46.34 42.98 27.91
C ASN N 227 -46.02 44.27 27.18
N ILE N 228 -45.74 44.15 25.87
CA ILE N 228 -45.49 45.34 25.06
C ILE N 228 -46.75 46.16 24.85
N GLN N 229 -47.93 45.55 25.03
CA GLN N 229 -49.18 46.28 24.83
C GLN N 229 -49.35 47.38 25.85
N ASP N 230 -48.76 47.23 27.03
CA ASP N 230 -48.90 48.23 28.09
C ASP N 230 -48.27 49.56 27.73
N ILE N 231 -47.37 49.58 26.75
CA ILE N 231 -46.61 50.79 26.41
C ILE N 231 -46.77 51.18 24.96
N LEU N 232 -47.62 50.50 24.19
CA LEU N 232 -47.76 50.82 22.78
C LEU N 232 -48.18 52.26 22.50
N PRO N 233 -49.18 52.84 23.19
CA PRO N 233 -49.47 54.26 22.93
C PRO N 233 -48.30 55.18 23.21
N LEU N 234 -47.57 54.94 24.30
CA LEU N 234 -46.39 55.74 24.59
C LEU N 234 -45.29 55.53 23.57
N LEU N 235 -45.12 54.28 23.11
CA LEU N 235 -44.15 54.01 22.05
C LEU N 235 -44.50 54.77 20.79
N GLU N 236 -45.78 54.80 20.43
CA GLU N 236 -46.21 55.54 19.25
C GLU N 236 -45.98 57.04 19.43
N GLN N 237 -46.27 57.56 20.63
CA GLN N 237 -46.03 58.98 20.89
C GLN N 237 -44.56 59.32 20.73
N ILE N 238 -43.68 58.49 21.27
CA ILE N 238 -42.25 58.75 21.20
C ILE N 238 -41.75 58.60 19.77
N LEU N 239 -42.28 57.63 19.03
CA LEU N 239 -41.93 57.49 17.62
C LEU N 239 -42.35 58.73 16.83
N GLN N 240 -43.52 59.29 17.15
CA GLN N 240 -43.92 60.56 16.56
C GLN N 240 -42.92 61.66 16.92
N GLN N 241 -42.49 61.70 18.18
CA GLN N 241 -41.46 62.65 18.59
C GLN N 241 -40.08 62.29 18.05
N SER N 242 -39.87 61.03 17.65
CA SER N 242 -38.59 60.58 17.09
C SER N 242 -37.43 60.85 18.03
N ARG N 243 -37.63 60.62 19.33
CA ARG N 243 -36.60 60.80 20.34
C ARG N 243 -36.25 59.48 21.00
N PRO N 244 -35.05 59.35 21.55
CA PRO N 244 -34.71 58.13 22.29
C PRO N 244 -35.54 58.01 23.56
N LEU N 245 -35.74 56.76 23.98
CA LEU N 245 -36.52 56.46 25.18
C LEU N 245 -35.67 55.68 26.17
N LEU N 246 -35.70 56.10 27.42
CA LEU N 246 -35.08 55.37 28.52
C LEU N 246 -36.17 54.79 29.40
N ILE N 247 -36.05 53.51 29.72
CA ILE N 247 -37.05 52.81 30.53
C ILE N 247 -36.39 52.39 31.84
N ILE N 248 -36.99 52.81 32.95
CA ILE N 248 -36.56 52.42 34.28
C ILE N 248 -37.75 51.74 34.96
N ALA N 249 -37.70 50.42 35.04
CA ALA N 249 -38.79 49.65 35.62
C ALA N 249 -38.22 48.59 36.54
N ASP N 250 -39.12 47.89 37.24
CA ASP N 250 -38.70 46.78 38.09
C ASP N 250 -38.06 45.68 37.26
N ASP N 251 -38.69 45.33 36.14
CA ASP N 251 -38.15 44.30 35.24
C ASP N 251 -38.91 44.37 33.93
N VAL N 252 -38.17 44.27 32.83
CA VAL N 252 -38.75 44.20 31.48
C VAL N 252 -38.38 42.85 30.91
N ASP N 253 -39.38 42.01 30.69
CA ASP N 253 -39.16 40.64 30.23
C ASP N 253 -40.38 40.20 29.44
N GLY N 254 -40.52 38.90 29.25
CA GLY N 254 -41.69 38.39 28.54
C GLY N 254 -41.55 38.60 27.03
N GLU N 255 -42.60 39.17 26.45
CA GLU N 255 -42.58 39.49 25.01
C GLU N 255 -42.20 40.93 24.74
N ALA N 256 -42.36 41.82 25.73
CA ALA N 256 -42.02 43.23 25.51
C ALA N 256 -40.53 43.40 25.25
N LEU N 257 -39.69 42.70 26.00
CA LEU N 257 -38.24 42.84 25.83
C LEU N 257 -37.76 42.40 24.45
N PRO N 258 -38.12 41.21 23.93
CA PRO N 258 -37.71 40.87 22.57
C PRO N 258 -38.28 41.82 21.53
N THR N 259 -39.50 42.33 21.73
CA THR N 259 -40.08 43.27 20.79
C THR N 259 -39.26 44.55 20.74
N LEU N 260 -38.88 45.08 21.91
CA LEU N 260 -38.06 46.28 21.96
C LEU N 260 -36.68 46.02 21.38
N VAL N 261 -36.12 44.85 21.62
CA VAL N 261 -34.81 44.51 21.06
C VAL N 261 -34.88 44.49 19.54
N LEU N 262 -35.93 43.88 18.98
CA LEU N 262 -36.08 43.83 17.54
C LEU N 262 -36.29 45.23 16.96
N ASN N 263 -37.09 46.06 17.64
CA ASN N 263 -37.30 47.42 17.18
C ASN N 263 -35.99 48.21 17.17
N LYS N 264 -35.18 48.04 18.21
CA LYS N 264 -33.89 48.73 18.28
C LYS N 264 -32.96 48.24 17.19
N ILE N 265 -32.93 46.93 16.95
CA ILE N 265 -32.08 46.38 15.90
C ILE N 265 -32.50 46.92 14.54
N ARG N 266 -33.79 46.95 14.26
CA ARG N 266 -34.29 47.52 13.01
C ARG N 266 -34.17 49.04 12.96
N GLY N 267 -33.83 49.68 14.08
CA GLY N 267 -33.73 51.12 14.13
C GLY N 267 -35.04 51.84 14.29
N THR N 268 -36.15 51.10 14.46
CA THR N 268 -37.45 51.75 14.63
C THR N 268 -37.49 52.59 15.90
N PHE N 269 -36.94 52.07 16.99
CA PHE N 269 -37.00 52.74 18.28
C PHE N 269 -35.60 52.76 18.91
N ASN N 270 -35.18 53.94 19.35
CA ASN N 270 -33.92 54.08 20.09
C ASN N 270 -34.22 54.02 21.58
N VAL N 271 -34.61 52.82 22.02
CA VAL N 271 -35.10 52.58 23.36
C VAL N 271 -34.07 51.79 24.15
N VAL N 272 -33.88 52.16 25.42
CA VAL N 272 -33.02 51.44 26.35
C VAL N 272 -33.79 51.22 27.63
N ALA N 273 -33.82 49.97 28.11
CA ALA N 273 -34.53 49.60 29.33
C ALA N 273 -33.55 49.06 30.34
N VAL N 274 -33.64 49.56 31.58
CA VAL N 274 -32.79 49.12 32.67
C VAL N 274 -33.65 48.86 33.90
N LYS N 275 -33.12 48.07 34.82
CA LYS N 275 -33.83 47.74 36.05
C LYS N 275 -33.82 48.92 37.01
N ALA N 276 -34.81 48.93 37.90
CA ALA N 276 -34.94 50.00 38.88
C ALA N 276 -33.99 49.76 40.05
N PRO N 277 -33.10 50.71 40.37
CA PRO N 277 -32.23 50.54 41.53
C PRO N 277 -33.01 50.59 42.85
N GLY N 278 -32.47 49.90 43.84
CA GLY N 278 -33.12 49.79 45.12
C GLY N 278 -34.17 48.70 45.13
N PHE N 279 -34.55 48.28 46.34
CA PHE N 279 -35.52 47.22 46.50
C PHE N 279 -36.48 47.57 47.64
N GLY N 280 -37.68 47.00 47.57
CA GLY N 280 -38.67 47.23 48.60
C GLY N 280 -39.07 48.68 48.66
N ASP N 281 -39.31 49.17 49.88
CA ASP N 281 -39.63 50.58 50.07
C ASP N 281 -38.48 51.47 49.64
N ARG N 282 -37.26 50.96 49.68
CA ARG N 282 -36.11 51.76 49.29
C ARG N 282 -36.17 52.12 47.81
N ARG N 283 -36.59 51.19 46.96
CA ARG N 283 -36.55 51.40 45.51
C ARG N 283 -37.31 52.66 45.11
N LYS N 284 -38.50 52.85 45.66
CA LYS N 284 -39.28 54.03 45.37
C LYS N 284 -38.59 55.31 45.81
N ALA N 285 -37.66 55.23 46.75
CA ALA N 285 -36.93 56.43 47.18
C ALA N 285 -36.12 57.02 46.03
N MET N 286 -35.15 56.25 45.50
CA MET N 286 -34.42 56.81 44.36
C MET N 286 -35.28 56.86 43.11
N LEU N 287 -36.39 56.12 43.03
CA LEU N 287 -37.29 56.32 41.91
C LEU N 287 -37.89 57.73 41.93
N GLU N 288 -38.36 58.17 43.09
CA GLU N 288 -38.86 59.53 43.23
C GLU N 288 -37.75 60.55 43.03
N ASP N 289 -36.55 60.24 43.51
CA ASP N 289 -35.41 61.14 43.29
C ASP N 289 -35.15 61.32 41.80
N ILE N 290 -35.17 60.23 41.04
CA ILE N 290 -34.96 60.31 39.59
C ILE N 290 -36.09 61.09 38.93
N ALA N 291 -37.33 60.87 39.37
CA ALA N 291 -38.45 61.63 38.82
C ALA N 291 -38.28 63.12 39.07
N ILE N 292 -37.83 63.49 40.27
CA ILE N 292 -37.61 64.89 40.59
C ILE N 292 -36.48 65.47 39.75
N LEU N 293 -35.38 64.72 39.61
CA LEU N 293 -34.23 65.23 38.87
C LEU N 293 -34.54 65.39 37.39
N THR N 294 -35.29 64.45 36.81
CA THR N 294 -35.58 64.47 35.38
C THR N 294 -36.89 65.17 35.05
N GLY N 295 -37.69 65.54 36.05
CA GLY N 295 -38.98 66.15 35.81
C GLY N 295 -40.08 65.19 35.44
N GLY N 296 -39.80 63.89 35.42
CA GLY N 296 -40.80 62.89 35.11
C GLY N 296 -41.62 62.50 36.32
N THR N 297 -42.45 61.48 36.14
CA THR N 297 -43.31 60.96 37.20
C THR N 297 -43.17 59.46 37.29
N VAL N 298 -43.09 58.95 38.52
CA VAL N 298 -43.00 57.51 38.74
C VAL N 298 -44.37 56.89 38.51
N ILE N 299 -44.42 55.88 37.64
CA ILE N 299 -45.67 55.19 37.33
C ILE N 299 -45.78 54.03 38.31
N THR N 300 -46.55 54.23 39.37
CA THR N 300 -46.72 53.22 40.40
C THR N 300 -48.21 53.06 40.70
N ASP N 301 -48.56 51.87 41.18
CA ASP N 301 -49.95 51.60 41.53
C ASP N 301 -50.42 52.43 42.71
N ASP N 302 -49.48 52.92 43.54
CA ASP N 302 -49.87 53.77 44.67
C ASP N 302 -50.47 55.08 44.19
N LEU N 303 -49.95 55.62 43.08
CA LEU N 303 -50.44 56.87 42.52
C LEU N 303 -51.60 56.66 41.54
N GLY N 304 -52.00 55.41 41.30
CA GLY N 304 -53.10 55.15 40.39
C GLY N 304 -52.76 55.37 38.93
N LEU N 305 -51.48 55.31 38.56
CA LEU N 305 -51.05 55.52 37.18
C LEU N 305 -50.81 54.18 36.51
N GLU N 306 -51.32 54.02 35.30
CA GLU N 306 -51.16 52.80 34.53
C GLU N 306 -50.19 53.02 33.38
N LEU N 307 -49.56 51.94 32.94
CA LEU N 307 -48.57 52.02 31.87
C LEU N 307 -49.19 52.52 30.58
N LYS N 308 -50.39 52.03 30.25
CA LYS N 308 -51.07 52.47 29.04
C LYS N 308 -51.51 53.93 29.11
N ASP N 309 -51.65 54.48 30.31
CA ASP N 309 -52.06 55.87 30.50
C ASP N 309 -50.88 56.82 30.55
N VAL N 310 -49.65 56.33 30.39
CA VAL N 310 -48.47 57.20 30.43
C VAL N 310 -48.42 58.03 29.16
N THR N 311 -48.23 59.34 29.34
CA THR N 311 -48.12 60.28 28.24
C THR N 311 -46.69 60.82 28.16
N ILE N 312 -46.47 61.70 27.18
CA ILE N 312 -45.14 62.30 27.00
C ILE N 312 -44.79 63.19 28.18
N GLU N 313 -45.78 63.89 28.75
CA GLU N 313 -45.52 64.82 29.84
C GLU N 313 -44.94 64.11 31.06
N ASN N 314 -45.48 62.94 31.40
CA ASN N 314 -45.04 62.23 32.59
C ASN N 314 -43.64 61.66 32.46
N LEU N 315 -43.06 61.65 31.25
CA LEU N 315 -41.74 61.07 31.03
C LEU N 315 -40.65 62.03 31.48
N GLY N 316 -39.63 61.48 32.12
CA GLY N 316 -38.46 62.27 32.46
C GLY N 316 -37.66 62.66 31.23
N ASN N 317 -36.93 63.76 31.37
CA ASN N 317 -36.11 64.27 30.27
C ASN N 317 -34.74 64.66 30.79
N ALA N 318 -33.73 64.48 29.93
CA ALA N 318 -32.36 64.84 30.27
C ALA N 318 -31.61 65.09 28.97
N SER N 319 -30.46 65.75 29.09
CA SER N 319 -29.66 66.05 27.90
C SER N 319 -29.00 64.81 27.34
N LYS N 320 -28.43 63.97 28.20
CA LYS N 320 -27.69 62.80 27.76
C LYS N 320 -27.78 61.72 28.82
N VAL N 321 -27.87 60.47 28.37
CA VAL N 321 -27.89 59.30 29.26
C VAL N 321 -26.87 58.30 28.74
N VAL N 322 -26.02 57.82 29.64
CA VAL N 322 -25.01 56.82 29.32
C VAL N 322 -25.30 55.57 30.12
N VAL N 323 -25.45 54.44 29.43
CA VAL N 323 -25.73 53.15 30.05
C VAL N 323 -24.61 52.20 29.67
N ASP N 324 -23.87 51.75 30.68
CA ASP N 324 -22.85 50.72 30.48
C ASP N 324 -23.43 49.36 30.83
N LYS N 325 -22.57 48.35 30.90
CA LYS N 325 -23.03 47.00 31.21
C LYS N 325 -23.62 46.91 32.61
N ASP N 326 -23.13 47.73 33.54
CA ASP N 326 -23.51 47.61 34.94
C ASP N 326 -24.13 48.87 35.54
N ASN N 327 -23.93 50.04 34.93
CA ASN N 327 -24.42 51.28 35.50
C ASN N 327 -25.09 52.13 34.43
N THR N 328 -26.01 52.97 34.88
CA THR N 328 -26.71 53.92 34.02
C THR N 328 -26.47 55.33 34.55
N THR N 329 -26.00 56.22 33.68
CA THR N 329 -25.66 57.58 34.06
C THR N 329 -26.60 58.56 33.37
N ILE N 330 -27.10 59.54 34.12
CA ILE N 330 -27.99 60.57 33.61
C ILE N 330 -27.28 61.90 33.68
N VAL N 331 -27.32 62.66 32.60
CA VAL N 331 -26.64 63.94 32.49
C VAL N 331 -27.67 65.03 32.24
N GLU N 332 -27.65 66.07 33.07
CA GLU N 332 -28.47 67.26 32.90
C GLU N 332 -29.96 66.91 32.85
N GLY N 333 -30.46 66.41 33.98
CA GLY N 333 -31.89 66.14 34.09
C GLY N 333 -32.71 67.41 33.98
N SER N 334 -33.91 67.27 33.44
CA SER N 334 -34.78 68.40 33.16
C SER N 334 -35.66 68.78 34.35
N GLY N 335 -35.52 68.10 35.48
CA GLY N 335 -36.32 68.44 36.64
C GLY N 335 -35.94 69.78 37.24
N GLU N 336 -36.88 70.33 38.02
CA GLU N 336 -36.67 71.64 38.62
C GLU N 336 -35.58 71.58 39.68
N LYS N 337 -34.73 72.61 39.70
CA LYS N 337 -33.67 72.69 40.69
C LYS N 337 -34.24 72.77 42.10
N GLU N 338 -35.33 73.54 42.27
CA GLU N 338 -35.91 73.73 43.59
C GLU N 338 -36.46 72.42 44.15
N ALA N 339 -37.10 71.61 43.30
CA ALA N 339 -37.62 70.32 43.75
C ALA N 339 -36.48 69.39 44.16
N ILE N 340 -35.38 69.40 43.40
CA ILE N 340 -34.22 68.58 43.76
C ILE N 340 -33.64 69.06 45.09
N GLU N 341 -33.59 70.38 45.29
CA GLU N 341 -33.11 70.92 46.56
C GLU N 341 -34.00 70.50 47.71
N ALA N 342 -35.31 70.52 47.51
CA ALA N 342 -36.23 70.09 48.55
C ALA N 342 -36.07 68.61 48.87
N ARG N 343 -35.89 67.79 47.84
CA ARG N 343 -35.63 66.37 48.07
C ARG N 343 -34.32 66.16 48.82
N VAL N 344 -33.29 66.94 48.48
CA VAL N 344 -32.01 66.85 49.17
C VAL N 344 -32.17 67.23 50.63
N GLN N 345 -32.91 68.30 50.90
CA GLN N 345 -33.13 68.72 52.28
C GLN N 345 -33.93 67.67 53.05
N LEU N 346 -34.92 67.05 52.40
CA LEU N 346 -35.68 65.98 53.03
C LEU N 346 -34.76 64.81 53.39
N ILE N 347 -33.87 64.44 52.49
CA ILE N 347 -32.94 63.33 52.76
C ILE N 347 -31.99 63.72 53.88
N LYS N 348 -31.55 64.98 53.91
CA LYS N 348 -30.70 65.44 55.00
C LYS N 348 -31.42 65.36 56.34
N ASN N 349 -32.70 65.75 56.37
CA ASN N 349 -33.48 65.65 57.59
C ASN N 349 -33.65 64.20 58.01
N GLN N 350 -33.88 63.30 57.04
CA GLN N 350 -33.97 61.88 57.35
C GLN N 350 -32.66 61.36 57.94
N ILE N 351 -31.54 61.78 57.37
CA ILE N 351 -30.24 61.37 57.88
C ILE N 351 -30.05 61.86 59.31
N ALA N 352 -30.40 63.13 59.57
CA ALA N 352 -30.29 63.66 60.92
C ALA N 352 -31.27 62.99 61.87
N GLU N 353 -32.33 62.37 61.34
CA GLU N 353 -33.35 61.74 62.17
C GLU N 353 -33.18 60.24 62.30
N THR N 354 -32.67 59.57 61.26
CA THR N 354 -32.55 58.12 61.29
C THR N 354 -31.55 57.68 62.35
N THR N 355 -31.82 56.52 62.95
CA THR N 355 -30.95 55.94 63.96
C THR N 355 -30.21 54.70 63.49
N SER N 356 -30.67 54.05 62.42
CA SER N 356 -30.02 52.86 61.89
C SER N 356 -28.84 53.28 61.04
N ASP N 357 -27.65 52.75 61.36
CA ASP N 357 -26.47 53.09 60.58
C ASP N 357 -26.58 52.58 59.15
N PHE N 358 -27.28 51.46 58.96
CA PHE N 358 -27.51 50.96 57.60
C PHE N 358 -28.43 51.91 56.83
N ASP N 359 -29.55 52.29 57.44
CA ASP N 359 -30.47 53.23 56.80
C ASP N 359 -29.81 54.60 56.64
N ARG N 360 -29.03 55.03 57.63
CA ARG N 360 -28.31 56.29 57.50
C ARG N 360 -27.33 56.23 56.34
N GLU N 361 -26.64 55.10 56.18
CA GLU N 361 -25.71 54.96 55.07
C GLU N 361 -26.43 54.98 53.72
N LYS N 362 -27.58 54.31 53.63
CA LYS N 362 -28.34 54.34 52.38
C LYS N 362 -28.83 55.75 52.06
N LEU N 363 -29.32 56.47 53.08
CA LEU N 363 -29.78 57.84 52.86
C LEU N 363 -28.61 58.74 52.49
N GLN N 364 -27.44 58.51 53.09
CA GLN N 364 -26.24 59.27 52.74
C GLN N 364 -25.83 58.99 51.29
N GLU N 365 -25.96 57.74 50.85
CA GLU N 365 -25.66 57.41 49.47
C GLU N 365 -26.60 58.15 48.53
N ARG N 366 -27.90 58.15 48.85
CA ARG N 366 -28.86 58.90 48.04
C ARG N 366 -28.53 60.39 48.02
N LEU N 367 -28.19 60.94 49.18
CA LEU N 367 -27.87 62.36 49.28
C LEU N 367 -26.64 62.70 48.45
N ALA N 368 -25.60 61.87 48.55
CA ALA N 368 -24.38 62.12 47.78
C ALA N 368 -24.64 62.01 46.28
N LYS N 369 -25.41 61.00 45.88
CA LYS N 369 -25.73 60.84 44.46
C LYS N 369 -26.53 62.04 43.94
N LEU N 370 -27.45 62.55 44.75
CA LEU N 370 -28.28 63.66 44.29
C LEU N 370 -27.52 64.98 44.29
N ALA N 371 -26.67 65.21 45.30
CA ALA N 371 -26.09 66.53 45.52
C ALA N 371 -24.72 66.69 44.90
N GLY N 372 -23.93 65.61 44.79
CA GLY N 372 -22.59 65.74 44.25
C GLY N 372 -22.56 66.13 42.79
N GLY N 373 -23.65 65.90 42.08
CA GLY N 373 -23.71 66.25 40.67
C GLY N 373 -22.83 65.33 39.84
N VAL N 374 -22.64 65.75 38.60
CA VAL N 374 -21.83 65.01 37.64
C VAL N 374 -20.82 65.97 37.01
N ALA N 375 -19.55 65.58 37.02
CA ALA N 375 -18.52 66.36 36.36
C ALA N 375 -18.52 66.05 34.87
N VAL N 376 -18.64 67.09 34.06
CA VAL N 376 -18.69 66.94 32.60
C VAL N 376 -17.43 67.56 32.02
N VAL N 377 -16.71 66.77 31.23
CA VAL N 377 -15.48 67.21 30.59
C VAL N 377 -15.80 67.32 29.10
N LYS N 378 -15.98 68.55 28.62
CA LYS N 378 -16.26 68.78 27.20
C LYS N 378 -14.92 68.97 26.48
N VAL N 379 -14.44 67.91 25.86
CA VAL N 379 -13.14 67.93 25.20
C VAL N 379 -13.24 68.67 23.88
N GLY N 380 -12.37 69.66 23.69
CA GLY N 380 -12.31 70.40 22.45
C GLY N 380 -10.94 70.29 21.82
N ALA N 381 -10.91 70.20 20.49
CA ALA N 381 -9.66 70.12 19.74
C ALA N 381 -9.93 70.56 18.31
N ALA N 382 -8.84 70.87 17.61
CA ALA N 382 -8.96 71.40 16.25
C ALA N 382 -9.52 70.36 15.29
N THR N 383 -9.04 69.12 15.36
CA THR N 383 -9.41 68.09 14.42
C THR N 383 -10.10 66.95 15.14
N GLU N 384 -10.94 66.22 14.39
CA GLU N 384 -11.64 65.08 14.97
C GLU N 384 -10.67 64.00 15.42
N THR N 385 -9.57 63.82 14.67
CA THR N 385 -8.53 62.89 15.11
C THR N 385 -7.95 63.33 16.45
N GLU N 386 -7.67 64.64 16.58
CA GLU N 386 -7.17 65.17 17.85
C GLU N 386 -8.21 64.98 18.95
N LEU N 387 -9.49 65.23 18.65
CA LEU N 387 -10.53 65.08 19.65
C LEU N 387 -10.62 63.64 20.14
N LYS N 388 -10.59 62.68 19.20
CA LYS N 388 -10.67 61.28 19.58
C LYS N 388 -9.45 60.84 20.38
N GLU N 389 -8.26 61.28 19.95
CA GLU N 389 -7.05 60.93 20.69
C GLU N 389 -7.10 61.50 22.10
N LEU N 390 -7.54 62.75 22.24
CA LEU N 390 -7.65 63.35 23.57
C LEU N 390 -8.68 62.64 24.42
N LYS N 391 -9.80 62.25 23.82
CA LYS N 391 -10.83 61.52 24.55
C LYS N 391 -10.28 60.20 25.09
N LEU N 392 -9.61 59.44 24.23
CA LEU N 392 -9.03 58.17 24.66
C LEU N 392 -7.97 58.39 25.72
N ARG N 393 -7.15 59.43 25.57
CA ARG N 393 -6.11 59.73 26.54
C ARG N 393 -6.71 60.09 27.89
N ILE N 394 -7.82 60.83 27.89
CA ILE N 394 -8.46 61.20 29.15
C ILE N 394 -9.12 60.00 29.80
N GLU N 395 -9.67 59.07 29.01
CA GLU N 395 -10.39 57.94 29.58
C GLU N 395 -9.49 57.10 30.49
N ASP N 396 -8.36 56.63 29.95
CA ASP N 396 -7.48 55.78 30.74
C ASP N 396 -6.82 56.57 31.85
N ALA N 397 -6.57 57.86 31.61
CA ALA N 397 -6.01 58.71 32.66
C ALA N 397 -6.96 58.79 33.85
N LEU N 398 -8.25 58.97 33.58
CA LEU N 398 -9.23 59.00 34.66
C LEU N 398 -9.31 57.65 35.36
N ASN N 399 -9.30 56.57 34.59
CA ASN N 399 -9.37 55.24 35.21
C ASN N 399 -8.18 55.01 36.13
N ALA N 400 -6.97 55.32 35.65
CA ALA N 400 -5.78 55.13 36.46
C ALA N 400 -5.76 56.06 37.65
N THR N 401 -6.27 57.28 37.49
CA THR N 401 -6.33 58.23 38.61
C THR N 401 -7.24 57.69 39.70
N ARG N 402 -8.40 57.17 39.33
CA ARG N 402 -9.30 56.59 40.33
C ARG N 402 -8.64 55.38 41.00
N ALA N 403 -7.98 54.53 40.20
CA ALA N 403 -7.33 53.36 40.76
C ALA N 403 -6.25 53.75 41.75
N ALA N 404 -5.49 54.79 41.44
CA ALA N 404 -4.50 55.31 42.38
C ALA N 404 -5.17 55.87 43.62
N VAL N 405 -6.29 56.57 43.45
CA VAL N 405 -6.96 57.20 44.58
C VAL N 405 -7.42 56.15 45.57
N GLU N 406 -8.01 55.06 45.09
CA GLU N 406 -8.53 54.06 46.01
C GLU N 406 -7.41 53.30 46.73
N GLU N 407 -6.49 52.72 45.96
CA GLU N 407 -5.47 51.86 46.56
C GLU N 407 -4.16 52.60 46.82
N GLY N 408 -3.55 53.13 45.78
CA GLY N 408 -2.31 53.85 45.92
C GLY N 408 -1.38 53.56 44.76
N MET N 409 -0.11 53.93 44.95
CA MET N 409 0.92 53.78 43.92
C MET N 409 2.06 52.96 44.49
N VAL N 410 2.64 52.11 43.63
CA VAL N 410 3.81 51.31 43.97
C VAL N 410 4.77 51.34 42.79
N SER N 411 5.93 50.73 42.99
CA SER N 411 6.95 50.71 41.95
C SER N 411 6.46 49.92 40.74
N GLY N 412 6.71 50.46 39.55
CA GLY N 412 6.27 49.84 38.32
C GLY N 412 7.29 48.86 37.76
N GLY N 413 6.95 48.32 36.59
CA GLY N 413 7.84 47.39 35.91
C GLY N 413 8.07 46.08 36.64
N GLY N 414 7.15 45.68 37.51
CA GLY N 414 7.30 44.45 38.25
C GLY N 414 8.23 44.52 39.43
N THR N 415 8.81 45.69 39.72
CA THR N 415 9.72 45.82 40.84
C THR N 415 9.02 45.53 42.16
N ALA N 416 7.76 45.95 42.28
CA ALA N 416 7.00 45.69 43.49
C ALA N 416 6.86 44.20 43.74
N LEU N 417 6.69 43.42 42.67
CA LEU N 417 6.53 41.99 42.83
C LEU N 417 7.76 41.35 43.45
N VAL N 418 8.95 41.73 42.98
CA VAL N 418 10.17 41.20 43.58
C VAL N 418 10.35 41.74 44.99
N ASN N 419 9.96 43.00 45.23
CA ASN N 419 10.16 43.61 46.53
C ASN N 419 9.42 42.88 47.65
N VAL N 420 8.40 42.08 47.32
CA VAL N 420 7.66 41.34 48.35
C VAL N 420 8.12 39.89 48.46
N ILE N 421 9.18 39.50 47.76
CA ILE N 421 9.63 38.12 47.79
C ILE N 421 10.07 37.72 49.19
N SER N 422 10.78 38.61 49.88
CA SER N 422 11.32 38.28 51.20
C SER N 422 10.20 37.94 52.18
N LYS N 423 9.14 38.75 52.20
CA LYS N 423 8.05 38.49 53.12
C LYS N 423 7.39 37.15 52.83
N VAL N 424 7.22 36.82 51.55
CA VAL N 424 6.62 35.53 51.20
C VAL N 424 7.51 34.39 51.65
N SER N 425 8.82 34.50 51.43
CA SER N 425 9.74 33.48 51.91
C SER N 425 9.74 33.36 53.42
N ALA N 426 9.40 34.44 54.13
CA ALA N 426 9.35 34.40 55.58
C ALA N 426 8.18 33.60 56.12
N VAL N 427 7.23 33.21 55.28
CA VAL N 427 6.06 32.46 55.74
C VAL N 427 6.49 31.05 56.12
N GLU N 428 6.09 30.61 57.30
CA GLU N 428 6.48 29.31 57.80
C GLU N 428 5.46 28.25 57.38
N ALA N 429 5.96 27.17 56.79
CA ALA N 429 5.10 26.06 56.38
C ALA N 429 5.96 24.81 56.24
N GLU N 430 5.28 23.67 56.10
CA GLU N 430 5.95 22.38 55.97
C GLU N 430 5.28 21.57 54.87
N GLY N 431 6.04 20.63 54.32
CA GLY N 431 5.50 19.70 53.34
C GLY N 431 5.05 20.40 52.08
N ASP N 432 3.92 19.94 51.53
CA ASP N 432 3.42 20.49 50.28
C ASP N 432 3.06 21.96 50.42
N VAL N 433 2.70 22.41 51.62
CA VAL N 433 2.46 23.83 51.82
C VAL N 433 3.73 24.62 51.57
N ALA N 434 4.85 24.16 52.13
CA ALA N 434 6.13 24.81 51.86
C ALA N 434 6.51 24.70 50.40
N THR N 435 6.17 23.57 49.77
CA THR N 435 6.45 23.41 48.35
C THR N 435 5.71 24.45 47.52
N GLY N 436 4.43 24.66 47.81
CA GLY N 436 3.68 25.70 47.13
C GLY N 436 4.21 27.08 47.42
N ILE N 437 4.67 27.32 48.64
CA ILE N 437 5.30 28.60 48.96
C ILE N 437 6.52 28.84 48.08
N LYS N 438 7.38 27.82 47.94
CA LYS N 438 8.53 27.95 47.06
C LYS N 438 8.09 28.13 45.61
N ILE N 439 6.99 27.48 45.22
CA ILE N 439 6.46 27.63 43.87
C ILE N 439 6.14 29.09 43.60
N VAL N 440 5.39 29.71 44.51
CA VAL N 440 5.02 31.11 44.32
C VAL N 440 6.25 32.01 44.37
N VAL N 441 7.20 31.70 45.25
CA VAL N 441 8.42 32.50 45.35
C VAL N 441 9.17 32.48 44.03
N ARG N 442 9.30 31.30 43.43
CA ARG N 442 9.97 31.20 42.13
C ARG N 442 9.18 31.92 41.04
N ALA N 443 7.86 31.78 41.05
CA ALA N 443 7.06 32.32 39.95
C ALA N 443 6.97 33.84 39.99
N LEU N 444 7.09 34.44 41.18
CA LEU N 444 6.93 35.89 41.29
C LEU N 444 7.97 36.66 40.49
N GLU N 445 9.07 36.03 40.10
CA GLU N 445 10.10 36.70 39.34
C GLU N 445 9.81 36.74 37.84
N GLU N 446 8.75 36.09 37.38
CA GLU N 446 8.51 35.98 35.94
C GLU N 446 8.32 37.31 35.23
N PRO N 447 7.50 38.25 35.71
CA PRO N 447 7.29 39.49 34.93
C PRO N 447 8.57 40.27 34.69
N ILE N 448 9.36 40.51 35.72
CA ILE N 448 10.58 41.30 35.56
C ILE N 448 11.57 40.59 34.65
N ARG N 449 11.71 39.27 34.83
CA ARG N 449 12.62 38.51 33.97
C ARG N 449 12.18 38.57 32.52
N GLN N 450 10.89 38.43 32.28
CA GLN N 450 10.38 38.49 30.91
C GLN N 450 10.60 39.85 30.29
N ILE N 451 10.34 40.92 31.06
CA ILE N 451 10.55 42.27 30.55
C ILE N 451 12.02 42.48 30.22
N ALA N 452 12.91 42.02 31.09
CA ALA N 452 14.34 42.17 30.82
C ALA N 452 14.75 41.40 29.57
N GLU N 453 14.20 40.19 29.38
CA GLU N 453 14.55 39.40 28.22
C GLU N 453 14.04 40.03 26.93
N ASN N 454 12.86 40.64 26.98
CA ASN N 454 12.32 41.29 25.80
C ASN N 454 13.21 42.44 25.33
N ALA N 455 13.86 43.13 26.26
CA ALA N 455 14.77 44.20 25.92
C ALA N 455 16.17 43.69 25.58
N GLY N 456 16.38 42.39 25.61
CA GLY N 456 17.66 41.79 25.28
C GLY N 456 18.61 41.62 26.43
N TYR N 457 18.27 42.12 27.62
CA TYR N 457 19.10 41.94 28.80
C TYR N 457 18.85 40.56 29.41
N GLU N 458 19.86 40.06 30.11
CA GLU N 458 19.73 38.75 30.76
C GLU N 458 18.81 38.86 31.97
N GLY N 459 17.75 38.05 31.98
CA GLY N 459 16.78 38.13 33.06
C GLY N 459 17.35 37.75 34.41
N SER N 460 18.16 36.69 34.45
CA SER N 460 18.70 36.21 35.72
C SER N 460 19.58 37.26 36.37
N VAL N 461 20.42 37.94 35.57
CA VAL N 461 21.27 39.00 36.10
C VAL N 461 20.43 40.11 36.68
N ILE N 462 19.37 40.50 35.97
CA ILE N 462 18.49 41.57 36.46
C ILE N 462 17.84 41.16 37.77
N VAL N 463 17.37 39.93 37.86
CA VAL N 463 16.72 39.46 39.08
C VAL N 463 17.70 39.48 40.25
N ASP N 464 18.91 38.95 40.01
CA ASP N 464 19.88 38.88 41.10
C ASP N 464 20.28 40.27 41.57
N LYS N 465 20.51 41.19 40.64
CA LYS N 465 20.87 42.54 41.05
C LYS N 465 19.71 43.24 41.75
N LEU N 466 18.49 43.05 41.27
CA LEU N 466 17.34 43.69 41.89
C LEU N 466 17.13 43.20 43.30
N LYS N 467 17.41 41.92 43.56
CA LYS N 467 17.24 41.39 44.90
C LYS N 467 18.22 41.99 45.90
N ASN N 468 19.24 42.71 45.43
CA ASN N 468 20.29 43.23 46.31
C ASN N 468 20.42 44.74 46.26
N VAL N 469 19.44 45.45 45.74
CA VAL N 469 19.46 46.90 45.72
C VAL N 469 18.46 47.43 46.75
N GLU N 470 18.55 48.72 47.03
CA GLU N 470 17.66 49.36 48.00
C GLU N 470 16.22 49.36 47.48
N LEU N 471 15.28 49.23 48.41
CA LEU N 471 13.87 49.31 48.06
C LEU N 471 13.56 50.66 47.44
N GLY N 472 12.73 50.64 46.39
CA GLY N 472 12.40 51.83 45.64
C GLY N 472 13.26 52.07 44.42
N THR N 473 14.35 51.33 44.27
CA THR N 473 15.21 51.41 43.10
C THR N 473 15.08 50.12 42.31
N GLY N 474 14.69 50.24 41.06
CA GLY N 474 14.50 49.06 40.22
C GLY N 474 15.28 49.14 38.94
N PHE N 475 14.79 48.45 37.90
CA PHE N 475 15.46 48.40 36.61
C PHE N 475 14.60 49.10 35.56
N ASN N 476 15.19 50.08 34.87
CA ASN N 476 14.52 50.75 33.77
C ASN N 476 14.80 49.97 32.50
N ALA N 477 13.79 49.25 32.01
CA ALA N 477 13.96 48.46 30.79
C ALA N 477 14.20 49.34 29.58
N ALA N 478 13.65 50.56 29.58
CA ALA N 478 13.82 51.44 28.43
C ALA N 478 15.28 51.84 28.23
N THR N 479 15.99 52.09 29.32
CA THR N 479 17.36 52.59 29.23
C THR N 479 18.42 51.61 29.70
N GLY N 480 18.03 50.57 30.45
CA GLY N 480 19.02 49.68 31.01
C GLY N 480 19.77 50.24 32.20
N GLU N 481 19.24 51.29 32.82
CA GLU N 481 19.87 51.92 33.97
C GLU N 481 19.04 51.70 35.22
N TRP N 482 19.74 51.53 36.34
CA TRP N 482 19.10 51.28 37.62
C TRP N 482 18.87 52.60 38.32
N VAL N 483 17.61 53.06 38.32
CA VAL N 483 17.25 54.37 38.84
C VAL N 483 16.07 54.21 39.79
N ASN N 484 15.68 55.32 40.39
CA ASN N 484 14.51 55.35 41.27
C ASN N 484 13.27 55.41 40.39
N MET N 485 12.47 54.33 40.43
CA MET N 485 11.27 54.27 39.58
C MET N 485 10.28 55.37 39.92
N VAL N 486 10.12 55.66 41.21
CA VAL N 486 9.24 56.75 41.61
C VAL N 486 9.74 58.07 41.04
N GLU N 487 11.05 58.31 41.14
CA GLU N 487 11.62 59.51 40.53
C GLU N 487 11.57 59.45 39.01
N ALA N 488 11.79 58.26 38.44
CA ALA N 488 11.79 58.10 37.00
C ALA N 488 10.38 58.00 36.42
N GLY N 489 9.35 57.94 37.25
CA GLY N 489 7.99 57.88 36.76
C GLY N 489 7.52 56.51 36.33
N ILE N 490 8.30 55.46 36.55
CA ILE N 490 7.88 54.10 36.20
C ILE N 490 7.12 53.58 37.40
N VAL N 491 5.83 53.90 37.44
CA VAL N 491 4.96 53.57 38.56
C VAL N 491 3.72 52.87 38.04
N ASP N 492 3.23 51.89 38.81
CA ASP N 492 2.04 51.14 38.47
C ASP N 492 1.07 51.13 39.64
N PRO N 493 -0.23 51.14 39.36
CA PRO N 493 -1.21 51.11 40.45
C PRO N 493 -1.12 49.84 41.26
N THR N 494 -1.31 50.00 42.58
CA THR N 494 -1.30 48.85 43.47
C THR N 494 -2.43 47.90 43.14
N LYS N 495 -3.60 48.44 42.81
CA LYS N 495 -4.77 47.61 42.53
C LYS N 495 -4.53 46.69 41.35
N VAL N 496 -3.90 47.19 40.29
CA VAL N 496 -3.66 46.37 39.10
C VAL N 496 -2.84 45.15 39.45
N THR N 497 -1.70 45.36 40.12
CA THR N 497 -0.81 44.26 40.44
C THR N 497 -1.48 43.28 41.40
N ARG N 498 -2.14 43.79 42.44
CA ARG N 498 -2.75 42.88 43.40
C ARG N 498 -3.89 42.09 42.78
N SER N 499 -4.69 42.71 41.91
CA SER N 499 -5.77 42.00 41.25
C SER N 499 -5.22 40.93 40.30
N ALA N 500 -4.18 41.27 39.54
CA ALA N 500 -3.59 40.27 38.67
C ALA N 500 -3.05 39.09 39.45
N LEU N 501 -2.35 39.37 40.56
CA LEU N 501 -1.80 38.28 41.36
C LEU N 501 -2.91 37.42 41.95
N GLN N 502 -3.97 38.05 42.48
CA GLN N 502 -5.06 37.28 43.07
C GLN N 502 -5.73 36.40 42.04
N ASN N 503 -6.04 36.95 40.86
CA ASN N 503 -6.70 36.17 39.83
C ASN N 503 -5.83 35.01 39.37
N ALA N 504 -4.55 35.28 39.13
CA ALA N 504 -3.65 34.22 38.68
C ALA N 504 -3.54 33.12 39.72
N ALA N 505 -3.39 33.49 40.98
CA ALA N 505 -3.27 32.49 42.03
C ALA N 505 -4.53 31.65 42.14
N SER N 506 -5.70 32.30 42.15
CA SER N 506 -6.95 31.56 42.28
C SER N 506 -7.13 30.58 41.13
N VAL N 507 -6.89 31.04 39.90
CA VAL N 507 -7.15 30.18 38.76
C VAL N 507 -6.11 29.07 38.67
N SER N 508 -4.86 29.36 39.03
CA SER N 508 -3.86 28.30 39.09
C SER N 508 -4.22 27.26 40.13
N ALA N 509 -4.74 27.69 41.28
CA ALA N 509 -5.19 26.73 42.29
C ALA N 509 -6.32 25.86 41.75
N LEU N 510 -7.26 26.47 41.03
CA LEU N 510 -8.36 25.70 40.47
C LEU N 510 -7.87 24.70 39.45
N LEU N 511 -6.93 25.10 38.59
CA LEU N 511 -6.47 24.21 37.52
C LEU N 511 -5.60 23.08 38.07
N LEU N 512 -4.75 23.37 39.06
CA LEU N 512 -3.86 22.35 39.60
C LEU N 512 -4.65 21.22 40.26
N THR N 513 -5.86 21.48 40.73
CA THR N 513 -6.66 20.46 41.37
C THR N 513 -7.49 19.65 40.38
N THR N 514 -7.48 20.02 39.10
CA THR N 514 -8.25 19.29 38.11
C THR N 514 -7.71 17.89 37.92
N GLU N 515 -8.61 16.92 37.80
CA GLU N 515 -8.24 15.51 37.65
C GLU N 515 -8.90 14.83 36.47
N ALA N 516 -10.03 15.34 35.99
CA ALA N 516 -10.74 14.76 34.86
C ALA N 516 -11.37 15.87 34.03
N VAL N 517 -11.17 15.81 32.72
CA VAL N 517 -11.65 16.84 31.81
C VAL N 517 -12.65 16.21 30.86
N VAL N 518 -13.83 16.81 30.78
CA VAL N 518 -14.87 16.37 29.84
C VAL N 518 -14.85 17.35 28.68
N ALA N 519 -14.59 16.83 27.48
CA ALA N 519 -14.47 17.67 26.29
C ALA N 519 -15.26 17.06 25.15
N ASP N 520 -15.49 17.88 24.13
CA ASP N 520 -16.21 17.45 22.94
C ASP N 520 -15.25 16.86 21.92
N LYS N 521 -15.52 15.63 21.50
CA LYS N 521 -14.64 14.95 20.56
C LYS N 521 -14.69 15.65 19.21
N PRO N 522 -13.55 15.92 18.58
CA PRO N 522 -13.56 16.54 17.25
C PRO N 522 -14.30 15.67 16.26
N GLU N 523 -15.10 16.33 15.41
CA GLU N 523 -15.91 15.60 14.45
C GLU N 523 -15.07 15.22 13.24
N PRO N 524 -15.01 13.93 12.88
CA PRO N 524 -14.24 13.48 11.71
C PRO N 524 -14.87 13.91 10.39
#